data_9DAE
#
_entry.id   9DAE
#
_cell.length_a   1.00
_cell.length_b   1.00
_cell.length_c   1.00
_cell.angle_alpha   90.00
_cell.angle_beta   90.00
_cell.angle_gamma   90.00
#
_symmetry.space_group_name_H-M   'P 1'
#
loop_
_entity.id
_entity.type
_entity.pdbx_description
1 polymer 'Phosphoenolpyruvate synthase'
2 non-polymer 'MAGNESIUM ION'
#
_entity_poly.entity_id   1
_entity_poly.type   'polypeptide(L)'
_entity_poly.pdbx_seq_one_letter_code
;MGSSHHHHHHSSGSNVPKEKRFIVWLDEVTKDDVVLVGGKNANLGEMIRAGIPVPPGFAVTAYAYKYFIEKTGLKDKIYP
LLNSIDVNDKKVLDETTAKIRQWIMDTPMPPEVEEEIRKYYRELAKKIGMEPEKLRVAVRSSATAEDMPEASFAGQQDTY
LNVYGEDNVVYYVKRCWASLFTSRAVFYRVAQGIPHEKSLMSVTVQKMVNSRTAGVMFTLHPVTGDEKVVVIEASWGLGE
SVVGGKVTPDEWVVDKQTLQIVDQKIHHKTLAIVFDPKKGKNVEIRWDENKQAWVSEEGPVDIEMVKHFHPDKPALKEEE
VKRLAELALLIEKHYGRHMDIEWAVDYDIPFPDNVFIVQARLETVWSVRKEKEKAEKKAEIKGKNIVKLSEAKVLVRGLP
ASPGIGAGVAKVIFDPHSKEAQEFKEGEVLVTKMTDPDWVPLMKKAVAIVTDEGGMTSHAAIVSRELGIPAIVGTGNATQ
VIKSGIEVTVDGSRGVVYEGIVEDLVKPKEEVKAEVAGVGISPEQLLPLYPVTATKIYMNLGEPDAIEKYKDLPFDGIGL
MRIEFIITDWVQYHPLYLIEQGKESLFIDKLAEGIAKVAQAIYPRPVVVRFSDFKTNEYRGLKGGEKYEPEERNPMIGWR
GVSRYIHPKYEPAFRLEVRAIKKVREEMGLTNVWVMFPFVRTTWELERALKIMEEEGLKRGKDFKVWAMAEVPSIVLLAD
KFAEYVDGFSIGSNDLTQLILGADRDSNILAEMGYFDERDPAVLAGIKMIIEKAHSKGATVSICGQAPSVYPEIVEFLVE
AGIDSISVNPDAVIATRRLVASIERKIMLKRLNKIMDKLNKLELGF
;
_entity_poly.pdbx_strand_id   A,C,E,G,I,K,M,O,Q,S,V,X,Z,BA,DA,FA,HA,JA,LA,NA,PA,RA,TA,VA
#
loop_
_chem_comp.id
_chem_comp.type
_chem_comp.name
_chem_comp.formula
MG non-polymer 'MAGNESIUM ION' 'Mg 2'
#
# COMPACT_ATOMS: atom_id res chain seq x y z
N SER A 522 20.61 -44.07 -55.42
CA SER A 522 21.66 -43.08 -55.25
C SER A 522 21.58 -42.43 -53.88
N PRO A 523 22.16 -43.09 -52.87
CA PRO A 523 22.04 -42.57 -51.49
C PRO A 523 22.76 -41.25 -51.25
N GLU A 524 23.70 -40.86 -52.11
CA GLU A 524 24.51 -39.68 -51.82
C GLU A 524 23.70 -38.39 -51.88
N GLN A 525 22.59 -38.37 -52.62
CA GLN A 525 21.72 -37.20 -52.58
C GLN A 525 20.66 -37.29 -51.49
N LEU A 526 20.60 -38.40 -50.75
CA LEU A 526 19.63 -38.55 -49.66
C LEU A 526 20.12 -37.97 -48.35
N LEU A 527 21.40 -37.58 -48.27
CA LEU A 527 21.91 -36.98 -47.03
C LEU A 527 21.17 -35.71 -46.62
N PRO A 528 20.95 -34.72 -47.51
CA PRO A 528 20.24 -33.51 -47.06
C PRO A 528 18.80 -33.75 -46.68
N LEU A 529 18.19 -34.85 -47.11
CA LEU A 529 16.78 -35.12 -46.83
C LEU A 529 16.56 -35.79 -45.48
N TYR A 530 17.62 -36.11 -44.75
CA TYR A 530 17.47 -36.70 -43.43
C TYR A 530 16.90 -35.69 -42.45
N PRO A 531 16.22 -36.14 -41.40
CA PRO A 531 15.61 -35.20 -40.45
C PRO A 531 16.64 -34.29 -39.81
N VAL A 532 16.24 -33.05 -39.58
CA VAL A 532 17.10 -32.03 -38.99
C VAL A 532 16.93 -32.07 -37.48
N THR A 533 18.06 -32.16 -36.76
CA THR A 533 18.06 -32.23 -35.31
C THR A 533 18.83 -31.06 -34.73
N ALA A 534 18.27 -30.45 -33.68
CA ALA A 534 18.99 -29.42 -32.96
C ALA A 534 20.26 -29.98 -32.31
N THR A 535 20.15 -31.15 -31.70
CA THR A 535 21.32 -31.80 -31.13
C THR A 535 22.17 -32.42 -32.23
N LYS A 536 23.47 -32.16 -32.19
CA LYS A 536 24.37 -32.70 -33.20
C LYS A 536 24.55 -34.20 -33.01
N ILE A 537 24.47 -34.94 -34.11
CA ILE A 537 24.61 -36.38 -34.10
C ILE A 537 26.02 -36.70 -34.57
N TYR A 538 26.89 -37.06 -33.64
CA TYR A 538 28.27 -37.41 -33.96
C TYR A 538 28.40 -38.92 -34.12
N MET A 539 29.56 -39.34 -34.64
CA MET A 539 29.82 -40.75 -34.90
C MET A 539 31.11 -41.17 -34.20
N ASN A 540 31.13 -42.41 -33.73
CA ASN A 540 32.33 -42.99 -33.12
C ASN A 540 33.09 -43.79 -34.16
N LEU A 541 34.38 -43.51 -34.28
CA LEU A 541 35.24 -44.18 -35.25
C LEU A 541 36.49 -44.69 -34.55
N GLY A 542 36.85 -45.95 -34.84
CA GLY A 542 38.05 -46.53 -34.30
C GLY A 542 39.08 -46.87 -35.36
N GLU A 543 38.60 -47.22 -36.55
CA GLU A 543 39.46 -47.56 -37.67
C GLU A 543 39.37 -46.47 -38.73
N PRO A 544 40.47 -45.79 -39.08
CA PRO A 544 40.39 -44.76 -40.11
C PRO A 544 39.87 -45.27 -41.44
N ASP A 545 40.27 -46.47 -41.84
CA ASP A 545 39.85 -47.01 -43.14
C ASP A 545 38.35 -47.26 -43.20
N ALA A 546 37.66 -47.25 -42.08
CA ALA A 546 36.20 -47.40 -42.05
C ALA A 546 35.48 -46.09 -42.32
N ILE A 547 36.19 -44.97 -42.47
CA ILE A 547 35.50 -43.71 -42.73
C ILE A 547 34.84 -43.72 -44.10
N GLU A 548 35.40 -44.47 -45.06
CA GLU A 548 34.81 -44.52 -46.39
C GLU A 548 33.54 -45.37 -46.41
N LYS A 549 33.43 -46.34 -45.50
CA LYS A 549 32.22 -47.14 -45.42
C LYS A 549 31.04 -46.32 -44.92
N TYR A 550 31.29 -45.40 -43.99
CA TYR A 550 30.24 -44.64 -43.33
C TYR A 550 30.19 -43.19 -43.80
N LYS A 551 30.79 -42.88 -44.96
CA LYS A 551 30.76 -41.52 -45.48
C LYS A 551 29.36 -41.06 -45.87
N ASP A 552 28.44 -42.00 -46.10
CA ASP A 552 27.08 -41.67 -46.50
C ASP A 552 26.10 -41.66 -45.33
N LEU A 553 26.60 -41.61 -44.10
CA LEU A 553 25.69 -41.51 -42.98
C LEU A 553 25.46 -40.06 -42.59
N PRO A 554 24.26 -39.72 -42.09
CA PRO A 554 23.98 -38.32 -41.70
C PRO A 554 24.52 -37.99 -40.31
N PHE A 555 25.83 -37.88 -40.22
CA PHE A 555 26.49 -37.50 -38.98
C PHE A 555 27.11 -36.11 -39.13
N ASP A 556 27.08 -35.33 -38.06
CA ASP A 556 27.61 -33.98 -38.06
C ASP A 556 29.09 -33.94 -37.73
N GLY A 557 29.72 -35.07 -37.52
CA GLY A 557 31.14 -35.12 -37.23
C GLY A 557 31.49 -36.39 -36.49
N ILE A 558 32.78 -36.53 -36.22
CA ILE A 558 33.31 -37.65 -35.45
C ILE A 558 33.51 -37.15 -34.03
N GLY A 559 32.55 -37.47 -33.15
CA GLY A 559 32.65 -37.06 -31.77
C GLY A 559 33.64 -37.85 -30.95
N LEU A 560 34.14 -38.97 -31.48
CA LEU A 560 35.13 -39.78 -30.76
C LEU A 560 35.92 -40.57 -31.79
N MET A 561 37.18 -40.20 -31.97
CA MET A 561 38.11 -40.95 -32.81
C MET A 561 39.09 -41.68 -31.90
N ARG A 562 39.07 -43.00 -31.96
CA ARG A 562 39.93 -43.83 -31.13
C ARG A 562 41.24 -44.10 -31.89
N ILE A 563 42.36 -43.65 -31.32
CA ILE A 563 43.66 -43.84 -31.93
C ILE A 563 44.29 -45.12 -31.39
N GLU A 564 43.53 -45.85 -30.56
CA GLU A 564 44.04 -47.11 -30.02
C GLU A 564 44.31 -48.11 -31.14
N PHE A 565 43.42 -48.17 -32.12
CA PHE A 565 43.62 -49.09 -33.25
C PHE A 565 44.84 -48.71 -34.06
N ILE A 566 45.08 -47.40 -34.24
CA ILE A 566 46.24 -46.96 -35.02
C ILE A 566 47.53 -47.37 -34.31
N ILE A 567 47.60 -47.14 -32.99
CA ILE A 567 48.81 -47.49 -32.26
C ILE A 567 49.01 -49.00 -32.22
N THR A 568 47.91 -49.75 -32.09
CA THR A 568 48.02 -51.20 -31.97
C THR A 568 48.42 -51.86 -33.30
N ASP A 569 47.78 -51.44 -34.39
CA ASP A 569 47.91 -52.16 -35.67
C ASP A 569 48.76 -51.41 -36.70
N TRP A 570 48.91 -50.10 -36.59
CA TRP A 570 49.75 -49.37 -37.52
C TRP A 570 51.14 -49.06 -36.97
N VAL A 571 51.31 -49.13 -35.65
CA VAL A 571 52.59 -48.87 -35.01
C VAL A 571 53.19 -50.13 -34.39
N GLN A 572 52.37 -50.90 -33.66
CA GLN A 572 52.77 -52.12 -32.96
C GLN A 572 53.83 -51.89 -31.88
N TYR A 573 54.27 -50.65 -31.69
CA TYR A 573 55.38 -50.38 -30.79
C TYR A 573 54.98 -49.36 -29.73
N HIS A 574 55.52 -49.55 -28.53
CA HIS A 574 55.34 -48.58 -27.47
C HIS A 574 56.00 -47.26 -27.84
N PRO A 575 55.32 -46.13 -27.69
CA PRO A 575 55.93 -44.85 -28.08
C PRO A 575 57.24 -44.56 -27.36
N LEU A 576 57.33 -44.90 -26.07
CA LEU A 576 58.59 -44.71 -25.36
C LEU A 576 59.69 -45.59 -25.93
N TYR A 577 59.36 -46.82 -26.34
CA TYR A 577 60.35 -47.67 -26.99
C TYR A 577 60.83 -47.06 -28.30
N LEU A 578 59.92 -46.48 -29.08
CA LEU A 578 60.32 -45.83 -30.31
C LEU A 578 61.20 -44.61 -30.03
N ILE A 579 60.90 -43.87 -28.97
CA ILE A 579 61.75 -42.74 -28.58
C ILE A 579 63.14 -43.24 -28.20
N GLU A 580 63.22 -44.34 -27.46
CA GLU A 580 64.51 -44.90 -27.10
C GLU A 580 65.28 -45.35 -28.34
N GLN A 581 64.60 -45.96 -29.30
CA GLN A 581 65.21 -46.34 -30.56
C GLN A 581 65.29 -45.18 -31.55
N GLY A 582 64.82 -44.00 -31.18
CA GLY A 582 64.85 -42.86 -32.09
C GLY A 582 63.93 -43.01 -33.29
N LYS A 583 62.74 -43.57 -33.08
CA LYS A 583 61.79 -43.74 -34.18
C LYS A 583 60.48 -43.02 -33.89
N GLU A 584 60.58 -41.79 -33.36
CA GLU A 584 59.40 -40.98 -33.13
C GLU A 584 58.68 -40.67 -34.44
N SER A 585 59.44 -40.59 -35.54
CA SER A 585 58.87 -40.23 -36.83
C SER A 585 57.81 -41.24 -37.27
N LEU A 586 58.07 -42.53 -37.07
CA LEU A 586 57.10 -43.55 -37.47
C LEU A 586 55.77 -43.38 -36.73
N PHE A 587 55.82 -43.26 -35.41
CA PHE A 587 54.61 -43.10 -34.61
C PHE A 587 53.86 -41.83 -35.00
N ILE A 588 54.58 -40.71 -35.10
CA ILE A 588 53.95 -39.44 -35.43
C ILE A 588 53.31 -39.51 -36.81
N ASP A 589 54.03 -40.09 -37.79
CA ASP A 589 53.52 -40.15 -39.15
C ASP A 589 52.32 -41.06 -39.28
N LYS A 590 52.32 -42.19 -38.57
CA LYS A 590 51.15 -43.08 -38.64
C LYS A 590 49.92 -42.42 -38.02
N LEU A 591 50.08 -41.79 -36.85
CA LEU A 591 48.95 -41.07 -36.27
C LEU A 591 48.48 -39.95 -37.19
N ALA A 592 49.43 -39.21 -37.78
CA ALA A 592 49.07 -38.12 -38.68
C ALA A 592 48.33 -38.64 -39.90
N GLU A 593 48.78 -39.76 -40.46
CA GLU A 593 48.12 -40.32 -41.63
C GLU A 593 46.68 -40.72 -41.32
N GLY A 594 46.48 -41.44 -40.20
CA GLY A 594 45.13 -41.84 -39.85
C GLY A 594 44.22 -40.65 -39.58
N ILE A 595 44.69 -39.70 -38.77
CA ILE A 595 43.86 -38.55 -38.40
C ILE A 595 43.58 -37.68 -39.62
N ALA A 596 44.58 -37.52 -40.50
CA ALA A 596 44.39 -36.72 -41.71
C ALA A 596 43.40 -37.37 -42.65
N LYS A 597 43.48 -38.71 -42.80
CA LYS A 597 42.49 -39.40 -43.62
C LYS A 597 41.09 -39.19 -43.09
N VAL A 598 40.90 -39.37 -41.78
CA VAL A 598 39.57 -39.19 -41.21
C VAL A 598 39.09 -37.76 -41.36
N ALA A 599 39.96 -36.78 -41.11
CA ALA A 599 39.55 -35.38 -41.16
C ALA A 599 39.23 -34.94 -42.59
N GLN A 600 40.06 -35.34 -43.56
CA GLN A 600 39.82 -34.96 -44.95
C GLN A 600 38.60 -35.67 -45.50
N ALA A 601 38.29 -36.88 -45.01
CA ALA A 601 37.13 -37.59 -45.52
C ALA A 601 35.82 -36.88 -45.17
N ILE A 602 35.79 -36.12 -44.08
CA ILE A 602 34.56 -35.50 -43.62
C ILE A 602 34.71 -33.99 -43.44
N TYR A 603 35.71 -33.38 -44.08
CA TYR A 603 35.89 -31.95 -43.95
C TYR A 603 34.66 -31.22 -44.49
N PRO A 604 34.21 -30.14 -43.82
CA PRO A 604 34.77 -29.51 -42.63
C PRO A 604 34.17 -29.97 -41.31
N ARG A 605 33.52 -31.13 -41.27
CA ARG A 605 32.94 -31.60 -40.02
C ARG A 605 34.05 -31.92 -39.02
N PRO A 606 33.87 -31.58 -37.75
CA PRO A 606 34.95 -31.76 -36.77
C PRO A 606 35.25 -33.23 -36.52
N VAL A 607 36.52 -33.50 -36.22
CA VAL A 607 36.99 -34.82 -35.81
C VAL A 607 37.61 -34.66 -34.43
N VAL A 608 36.96 -35.20 -33.41
CA VAL A 608 37.45 -35.10 -32.03
C VAL A 608 38.30 -36.34 -31.77
N VAL A 609 39.61 -36.18 -31.86
CA VAL A 609 40.55 -37.27 -31.63
C VAL A 609 40.76 -37.43 -30.14
N ARG A 610 40.60 -38.67 -29.65
CA ARG A 610 40.90 -38.99 -28.27
C ARG A 610 42.36 -39.40 -28.13
N PHE A 611 43.02 -38.86 -27.10
CA PHE A 611 44.39 -39.23 -26.83
C PHE A 611 44.44 -40.69 -26.38
N SER A 612 45.66 -41.18 -26.12
CA SER A 612 45.87 -42.59 -25.81
C SER A 612 45.07 -43.02 -24.58
N ASP A 613 44.08 -43.88 -24.81
CA ASP A 613 43.20 -44.37 -23.75
C ASP A 613 43.63 -45.74 -23.23
N PHE A 614 44.82 -46.20 -23.59
CA PHE A 614 45.28 -47.52 -23.18
C PHE A 614 45.48 -47.58 -21.66
N LYS A 615 45.33 -48.78 -21.12
CA LYS A 615 45.71 -49.06 -19.75
C LYS A 615 47.14 -49.62 -19.74
N THR A 616 47.69 -49.80 -18.53
CA THR A 616 49.06 -50.30 -18.42
C THR A 616 49.15 -51.72 -19.01
N ASN A 617 48.17 -52.57 -18.72
CA ASN A 617 48.16 -53.90 -19.30
C ASN A 617 47.98 -53.85 -20.82
N GLU A 618 47.14 -52.94 -21.31
CA GLU A 618 47.01 -52.76 -22.75
C GLU A 618 48.29 -52.18 -23.36
N TYR A 619 48.97 -51.31 -22.62
CA TYR A 619 50.24 -50.77 -23.09
C TYR A 619 51.29 -51.85 -23.20
N ARG A 620 51.30 -52.80 -22.25
CA ARG A 620 52.27 -53.88 -22.30
C ARG A 620 52.10 -54.76 -23.53
N GLY A 621 50.91 -54.78 -24.14
CA GLY A 621 50.72 -55.52 -25.37
C GLY A 621 51.53 -55.01 -26.53
N LEU A 622 51.92 -53.74 -26.50
CA LEU A 622 52.78 -53.18 -27.53
C LEU A 622 54.19 -53.75 -27.41
N LYS A 623 54.90 -53.75 -28.54
CA LYS A 623 56.26 -54.26 -28.56
C LYS A 623 57.18 -53.35 -27.77
N GLY A 624 57.98 -53.93 -26.87
CA GLY A 624 58.89 -53.17 -26.07
C GLY A 624 58.27 -52.40 -24.93
N GLY A 625 56.98 -52.59 -24.66
CA GLY A 625 56.29 -51.88 -23.61
C GLY A 625 56.45 -52.45 -22.22
N GLU A 626 57.07 -53.62 -22.08
CA GLU A 626 57.23 -54.21 -20.76
C GLU A 626 58.18 -53.39 -19.89
N LYS A 627 59.16 -52.72 -20.50
CA LYS A 627 60.13 -51.96 -19.73
C LYS A 627 59.57 -50.65 -19.19
N TYR A 628 58.51 -50.13 -19.79
CA TYR A 628 57.98 -48.82 -19.43
C TYR A 628 56.66 -48.88 -18.68
N GLU A 629 56.01 -50.04 -18.62
CA GLU A 629 54.71 -50.17 -18.00
C GLU A 629 54.82 -51.01 -16.73
N PRO A 630 54.63 -50.43 -15.55
CA PRO A 630 54.66 -51.23 -14.33
C PRO A 630 53.42 -52.11 -14.21
N GLU A 631 53.59 -53.23 -13.54
CA GLU A 631 52.46 -54.12 -13.28
C GLU A 631 51.54 -53.50 -12.25
N GLU A 632 50.30 -53.26 -12.62
CA GLU A 632 49.36 -52.58 -11.74
C GLU A 632 48.23 -53.51 -11.35
N ARG A 633 47.88 -53.44 -10.07
CA ARG A 633 46.77 -54.20 -9.52
C ARG A 633 45.44 -53.71 -10.10
N ASN A 634 45.24 -52.40 -10.23
CA ASN A 634 44.03 -51.86 -10.87
C ASN A 634 44.38 -50.81 -11.92
N PRO A 635 44.81 -51.24 -13.11
CA PRO A 635 45.02 -50.26 -14.19
C PRO A 635 43.75 -49.54 -14.60
N MET A 636 42.57 -50.13 -14.35
CA MET A 636 41.31 -49.48 -14.67
C MET A 636 41.19 -48.14 -13.98
N ILE A 637 41.66 -48.05 -12.74
CA ILE A 637 41.73 -46.78 -12.03
C ILE A 637 43.20 -46.50 -11.73
N GLY A 638 44.08 -46.95 -12.61
CA GLY A 638 45.51 -46.80 -12.42
C GLY A 638 46.09 -45.63 -13.19
N TRP A 639 47.36 -45.76 -13.53
CA TRP A 639 48.12 -44.72 -14.25
C TRP A 639 47.68 -44.71 -15.70
N ARG A 640 46.72 -43.85 -16.03
CA ARG A 640 46.20 -43.75 -17.38
C ARG A 640 45.62 -42.37 -17.59
N GLY A 641 45.41 -42.02 -18.85
CA GLY A 641 44.79 -40.74 -19.16
C GLY A 641 45.74 -39.59 -18.93
N VAL A 642 45.17 -38.47 -18.46
CA VAL A 642 45.95 -37.26 -18.26
C VAL A 642 47.04 -37.48 -17.22
N SER A 643 46.73 -38.26 -16.19
CA SER A 643 47.75 -38.60 -15.18
C SER A 643 48.96 -39.23 -15.84
N ARG A 644 48.77 -40.00 -16.91
CA ARG A 644 49.89 -40.56 -17.64
C ARG A 644 50.59 -39.50 -18.49
N TYR A 645 49.83 -38.59 -19.09
CA TYR A 645 50.41 -37.64 -20.03
C TYR A 645 51.32 -36.65 -19.32
N ILE A 646 50.90 -36.12 -18.16
CA ILE A 646 51.69 -35.13 -17.45
C ILE A 646 52.86 -35.74 -16.69
N HIS A 647 52.88 -37.06 -16.52
CA HIS A 647 54.00 -37.69 -15.84
C HIS A 647 55.26 -37.57 -16.68
N PRO A 648 56.40 -37.27 -16.07
CA PRO A 648 57.63 -37.09 -16.86
C PRO A 648 58.04 -38.32 -17.65
N LYS A 649 57.70 -39.51 -17.18
CA LYS A 649 58.11 -40.74 -17.88
C LYS A 649 57.42 -40.86 -19.23
N TYR A 650 56.10 -40.65 -19.26
CA TYR A 650 55.33 -40.77 -20.49
C TYR A 650 55.17 -39.44 -21.21
N GLU A 651 55.64 -38.34 -20.63
CA GLU A 651 55.48 -37.04 -21.27
C GLU A 651 56.01 -36.98 -22.70
N PRO A 652 57.16 -37.57 -23.04
CA PRO A 652 57.57 -37.57 -24.46
C PRO A 652 56.57 -38.22 -25.39
N ALA A 653 55.90 -39.30 -24.96
CA ALA A 653 54.91 -39.93 -25.82
C ALA A 653 53.70 -39.04 -26.03
N PHE A 654 53.24 -38.36 -24.99
CA PHE A 654 52.15 -37.40 -25.14
C PHE A 654 52.58 -36.26 -26.06
N ARG A 655 53.85 -35.84 -25.95
CA ARG A 655 54.36 -34.82 -26.86
C ARG A 655 54.38 -35.31 -28.30
N LEU A 656 54.68 -36.60 -28.52
CA LEU A 656 54.61 -37.16 -29.87
C LEU A 656 53.17 -37.12 -30.39
N GLU A 657 52.21 -37.46 -29.54
CA GLU A 657 50.81 -37.41 -29.97
C GLU A 657 50.40 -35.97 -30.30
N VAL A 658 50.80 -35.00 -29.48
CA VAL A 658 50.48 -33.61 -29.75
C VAL A 658 51.16 -33.13 -31.02
N ARG A 659 52.38 -33.61 -31.27
CA ARG A 659 53.08 -33.27 -32.50
C ARG A 659 52.35 -33.82 -33.72
N ALA A 660 51.84 -35.04 -33.62
CA ALA A 660 51.05 -35.60 -34.72
C ALA A 660 49.79 -34.78 -34.97
N ILE A 661 49.10 -34.38 -33.90
CA ILE A 661 47.91 -33.54 -34.05
C ILE A 661 48.28 -32.20 -34.69
N LYS A 662 49.38 -31.60 -34.25
CA LYS A 662 49.81 -30.33 -34.82
C LYS A 662 50.17 -30.46 -36.29
N LYS A 663 50.83 -31.57 -36.66
CA LYS A 663 51.16 -31.82 -38.05
C LYS A 663 49.90 -31.95 -38.90
N VAL A 664 48.89 -32.66 -38.38
CA VAL A 664 47.62 -32.75 -39.10
C VAL A 664 46.99 -31.38 -39.25
N ARG A 665 47.00 -30.57 -38.18
CA ARG A 665 46.30 -29.30 -38.22
C ARG A 665 47.03 -28.25 -39.06
N GLU A 666 48.34 -28.38 -39.22
CA GLU A 666 49.15 -27.36 -39.88
C GLU A 666 49.70 -27.80 -41.22
N GLU A 667 50.40 -28.94 -41.28
CA GLU A 667 50.99 -29.38 -42.53
C GLU A 667 49.90 -29.69 -43.57
N MET A 668 48.84 -30.36 -43.14
CA MET A 668 47.71 -30.63 -44.02
C MET A 668 46.62 -29.57 -43.93
N GLY A 669 46.75 -28.60 -43.02
CA GLY A 669 45.77 -27.54 -42.90
C GLY A 669 44.39 -27.99 -42.49
N LEU A 670 44.28 -29.15 -41.86
CA LEU A 670 42.97 -29.68 -41.44
C LEU A 670 42.60 -29.05 -40.11
N THR A 671 41.92 -27.91 -40.19
CA THR A 671 41.55 -27.18 -38.99
C THR A 671 40.51 -27.93 -38.16
N ASN A 672 39.71 -28.77 -38.80
CA ASN A 672 38.59 -29.44 -38.14
C ASN A 672 39.03 -30.51 -37.12
N VAL A 673 40.30 -30.64 -36.78
CA VAL A 673 40.75 -31.65 -35.84
C VAL A 673 40.80 -31.03 -34.44
N TRP A 674 40.02 -31.59 -33.53
CA TRP A 674 40.01 -31.22 -32.12
C TRP A 674 40.53 -32.39 -31.31
N VAL A 675 40.83 -32.14 -30.04
CA VAL A 675 41.36 -33.18 -29.16
C VAL A 675 40.50 -33.28 -27.92
N MET A 676 40.44 -34.48 -27.36
CA MET A 676 39.81 -34.70 -26.06
C MET A 676 40.77 -35.47 -25.15
N PHE A 677 40.82 -35.05 -23.89
CA PHE A 677 41.67 -35.67 -22.90
C PHE A 677 40.91 -36.77 -22.19
N PRO A 678 41.32 -38.03 -22.30
CA PRO A 678 40.58 -39.11 -21.65
C PRO A 678 40.95 -39.25 -20.19
N PHE A 679 39.94 -39.59 -19.38
CA PHE A 679 40.11 -39.95 -17.97
C PHE A 679 40.77 -38.81 -17.19
N VAL A 680 40.10 -37.67 -17.19
CA VAL A 680 40.58 -36.49 -16.47
C VAL A 680 40.19 -36.61 -15.01
N ARG A 681 41.15 -36.42 -14.12
CA ARG A 681 40.95 -36.60 -12.69
C ARG A 681 40.89 -35.28 -11.92
N THR A 682 41.88 -34.41 -12.10
CA THR A 682 41.99 -33.19 -11.33
C THR A 682 42.25 -32.00 -12.25
N THR A 683 41.95 -30.80 -11.74
CA THR A 683 42.12 -29.59 -12.53
C THR A 683 43.58 -29.29 -12.80
N TRP A 684 44.46 -29.51 -11.80
CA TRP A 684 45.87 -29.18 -11.98
C TRP A 684 46.51 -30.09 -13.03
N GLU A 685 46.12 -31.36 -13.07
CA GLU A 685 46.63 -32.24 -14.13
C GLU A 685 46.16 -31.78 -15.50
N LEU A 686 44.91 -31.29 -15.60
CA LEU A 686 44.40 -30.79 -16.86
C LEU A 686 45.16 -29.54 -17.31
N GLU A 687 45.45 -28.64 -16.38
CA GLU A 687 46.21 -27.45 -16.74
C GLU A 687 47.65 -27.78 -17.09
N ARG A 688 48.23 -28.79 -16.44
CA ARG A 688 49.58 -29.22 -16.81
C ARG A 688 49.59 -29.83 -18.22
N ALA A 689 48.59 -30.63 -18.55
CA ALA A 689 48.48 -31.15 -19.91
C ALA A 689 48.28 -30.02 -20.92
N LEU A 690 47.48 -29.01 -20.57
CA LEU A 690 47.26 -27.88 -21.46
C LEU A 690 48.54 -27.10 -21.69
N LYS A 691 49.32 -26.86 -20.64
CA LYS A 691 50.59 -26.15 -20.83
C LYS A 691 51.61 -26.99 -21.58
N ILE A 692 51.59 -28.32 -21.43
CA ILE A 692 52.43 -29.17 -22.25
C ILE A 692 52.04 -29.05 -23.71
N MET A 693 50.73 -29.03 -24.00
CA MET A 693 50.27 -28.84 -25.37
C MET A 693 50.69 -27.48 -25.91
N GLU A 694 50.60 -26.44 -25.08
CA GLU A 694 51.03 -25.11 -25.50
C GLU A 694 52.52 -25.07 -25.82
N GLU A 695 53.33 -25.78 -25.01
CA GLU A 695 54.76 -25.85 -25.29
C GLU A 695 55.04 -26.49 -26.64
N GLU A 696 54.13 -27.32 -27.13
CA GLU A 696 54.26 -27.94 -28.44
C GLU A 696 53.61 -27.13 -29.55
N GLY A 697 53.12 -25.93 -29.25
CA GLY A 697 52.49 -25.09 -30.23
C GLY A 697 51.03 -25.35 -30.48
N LEU A 698 50.41 -26.26 -29.74
CA LEU A 698 48.99 -26.57 -29.87
C LEU A 698 48.25 -25.82 -28.76
N LYS A 699 47.57 -24.76 -29.13
CA LYS A 699 46.90 -23.88 -28.18
C LYS A 699 45.40 -23.84 -28.43
N ARG A 700 44.63 -23.86 -27.35
CA ARG A 700 43.18 -23.75 -27.45
C ARG A 700 42.80 -22.40 -28.02
N GLY A 701 41.88 -22.40 -28.98
CA GLY A 701 41.47 -21.18 -29.63
C GLY A 701 40.14 -21.34 -30.34
N LYS A 702 39.86 -20.37 -31.22
CA LYS A 702 38.61 -20.40 -31.96
C LYS A 702 38.58 -21.54 -32.97
N ASP A 703 39.73 -21.91 -33.54
CA ASP A 703 39.82 -22.96 -34.52
C ASP A 703 40.26 -24.30 -33.92
N PHE A 704 40.47 -24.35 -32.60
CA PHE A 704 40.93 -25.57 -31.94
C PHE A 704 40.15 -25.74 -30.64
N LYS A 705 39.41 -26.83 -30.54
CA LYS A 705 38.61 -27.12 -29.36
C LYS A 705 39.27 -28.25 -28.55
N VAL A 706 39.26 -28.10 -27.23
CA VAL A 706 39.80 -29.09 -26.31
C VAL A 706 38.66 -29.57 -25.42
N TRP A 707 38.45 -30.88 -25.39
CA TRP A 707 37.42 -31.49 -24.58
C TRP A 707 38.05 -32.34 -23.47
N ALA A 708 37.25 -32.63 -22.45
CA ALA A 708 37.67 -33.49 -21.35
C ALA A 708 36.64 -34.59 -21.18
N MET A 709 37.11 -35.84 -21.10
CA MET A 709 36.19 -36.95 -20.85
C MET A 709 35.61 -36.86 -19.45
N ALA A 710 34.29 -36.88 -19.37
CA ALA A 710 33.59 -36.84 -18.09
C ALA A 710 33.24 -38.26 -17.65
N GLU A 711 34.29 -39.05 -17.39
CA GLU A 711 34.14 -40.41 -16.94
C GLU A 711 34.61 -40.64 -15.52
N VAL A 712 35.00 -39.60 -14.81
CA VAL A 712 35.45 -39.70 -13.42
C VAL A 712 34.49 -38.90 -12.55
N PRO A 713 34.08 -39.42 -11.39
CA PRO A 713 33.13 -38.67 -10.54
C PRO A 713 33.65 -37.32 -10.08
N SER A 714 34.97 -37.12 -10.05
CA SER A 714 35.49 -35.79 -9.76
C SER A 714 35.05 -34.78 -10.80
N ILE A 715 34.97 -35.18 -12.07
CA ILE A 715 34.43 -34.31 -13.10
C ILE A 715 32.96 -34.03 -12.83
N VAL A 716 32.23 -35.04 -12.36
CA VAL A 716 30.82 -34.85 -12.02
C VAL A 716 30.67 -33.79 -10.94
N LEU A 717 31.50 -33.86 -9.91
CA LEU A 717 31.36 -32.95 -8.78
C LEU A 717 31.90 -31.56 -9.09
N LEU A 718 32.88 -31.44 -9.97
CA LEU A 718 33.55 -30.17 -10.24
C LEU A 718 33.57 -29.84 -11.73
N ALA A 719 32.46 -30.12 -12.44
CA ALA A 719 32.41 -29.80 -13.86
C ALA A 719 32.52 -28.31 -14.10
N ASP A 720 31.86 -27.50 -13.27
CA ASP A 720 31.93 -26.05 -13.41
C ASP A 720 33.35 -25.54 -13.21
N LYS A 721 34.14 -26.21 -12.36
CA LYS A 721 35.53 -25.82 -12.16
C LYS A 721 36.39 -26.25 -13.34
N PHE A 722 36.14 -27.44 -13.89
CA PHE A 722 36.89 -27.92 -15.03
C PHE A 722 36.59 -27.14 -16.31
N ALA A 723 35.42 -26.49 -16.38
CA ALA A 723 35.02 -25.82 -17.61
C ALA A 723 35.91 -24.64 -17.96
N GLU A 724 36.67 -24.10 -17.00
CA GLU A 724 37.56 -22.97 -17.31
C GLU A 724 38.76 -23.40 -18.15
N TYR A 725 39.03 -24.70 -18.24
CA TYR A 725 40.20 -25.19 -18.95
C TYR A 725 39.89 -25.81 -20.30
N VAL A 726 38.66 -26.26 -20.53
CA VAL A 726 38.30 -26.97 -21.75
C VAL A 726 37.11 -26.28 -22.40
N ASP A 727 36.96 -26.48 -23.71
CA ASP A 727 35.83 -25.91 -24.42
C ASP A 727 34.55 -26.69 -24.14
N GLY A 728 34.66 -27.98 -23.86
CA GLY A 728 33.49 -28.78 -23.57
C GLY A 728 33.86 -30.09 -22.92
N PHE A 729 32.83 -30.88 -22.61
CA PHE A 729 33.01 -32.17 -21.98
C PHE A 729 32.36 -33.26 -22.83
N SER A 730 33.00 -34.43 -22.83
CA SER A 730 32.44 -35.62 -23.47
C SER A 730 32.20 -36.66 -22.37
N ILE A 731 30.94 -37.05 -22.21
CA ILE A 731 30.56 -37.97 -21.14
C ILE A 731 30.83 -39.40 -21.61
N GLY A 732 31.83 -40.03 -21.01
CA GLY A 732 32.11 -41.42 -21.28
C GLY A 732 31.23 -42.33 -20.46
N SER A 733 29.96 -42.47 -20.88
CA SER A 733 28.97 -43.16 -20.08
C SER A 733 29.39 -44.57 -19.70
N ASN A 734 30.12 -45.26 -20.59
CA ASN A 734 30.59 -46.60 -20.29
C ASN A 734 31.50 -46.60 -19.06
N ASP A 735 32.51 -45.72 -19.06
CA ASP A 735 33.40 -45.61 -17.91
C ASP A 735 32.78 -44.83 -16.77
N LEU A 736 31.91 -43.86 -17.08
CA LEU A 736 31.28 -43.07 -16.02
C LEU A 736 30.38 -43.93 -15.15
N THR A 737 29.61 -44.83 -15.76
CA THR A 737 28.78 -45.74 -14.98
C THR A 737 29.63 -46.64 -14.11
N GLN A 738 30.74 -47.15 -14.66
CA GLN A 738 31.63 -48.03 -13.92
C GLN A 738 32.20 -47.32 -12.70
N LEU A 739 32.64 -46.07 -12.87
CA LEU A 739 33.27 -45.36 -11.76
C LEU A 739 32.25 -44.85 -10.75
N ILE A 740 31.07 -44.42 -11.21
CA ILE A 740 30.03 -43.96 -10.30
C ILE A 740 29.53 -45.11 -9.44
N LEU A 741 29.28 -46.27 -10.06
CA LEU A 741 28.82 -47.43 -9.32
C LEU A 741 29.95 -48.22 -8.69
N GLY A 742 31.20 -47.94 -9.04
CA GLY A 742 32.31 -48.70 -8.49
C GLY A 742 32.29 -50.17 -8.87
N ALA A 743 31.92 -50.47 -10.11
CA ALA A 743 31.85 -51.84 -10.60
C ALA A 743 32.54 -51.93 -11.96
N ASP A 744 33.16 -53.07 -12.22
CA ASP A 744 33.94 -53.29 -13.44
C ASP A 744 33.22 -54.32 -14.31
N ARG A 745 33.08 -54.00 -15.60
CA ARG A 745 32.15 -54.72 -16.47
C ARG A 745 32.59 -56.14 -16.79
N ASP A 746 33.88 -56.39 -17.02
CA ASP A 746 34.32 -57.71 -17.45
C ASP A 746 34.09 -58.78 -16.39
N SER A 747 33.83 -58.38 -15.15
CA SER A 747 33.42 -59.33 -14.11
C SER A 747 32.02 -59.83 -14.44
N ASN A 748 31.92 -61.12 -14.79
CA ASN A 748 30.64 -61.66 -15.20
C ASN A 748 29.62 -61.67 -14.07
N ILE A 749 30.08 -61.81 -12.83
CA ILE A 749 29.17 -61.84 -11.69
C ILE A 749 28.43 -60.52 -11.56
N LEU A 750 29.18 -59.41 -11.62
CA LEU A 750 28.55 -58.10 -11.51
C LEU A 750 27.64 -57.81 -12.69
N ALA A 751 28.05 -58.25 -13.89
CA ALA A 751 27.22 -58.04 -15.08
C ALA A 751 25.91 -58.81 -14.99
N GLU A 752 25.94 -60.02 -14.44
CA GLU A 752 24.74 -60.84 -14.35
C GLU A 752 23.69 -60.18 -13.44
N MET A 753 24.13 -59.54 -12.36
CA MET A 753 23.19 -58.88 -11.46
C MET A 753 22.53 -57.65 -12.06
N GLY A 754 23.00 -57.18 -13.20
CA GLY A 754 22.41 -56.02 -13.83
C GLY A 754 22.91 -54.69 -13.32
N TYR A 755 24.11 -54.66 -12.74
CA TYR A 755 24.66 -53.40 -12.23
C TYR A 755 24.90 -52.41 -13.36
N PHE A 756 25.40 -52.88 -14.50
CA PHE A 756 25.88 -51.99 -15.55
C PHE A 756 24.72 -51.56 -16.45
N ASP A 757 23.75 -50.93 -15.82
CA ASP A 757 22.63 -50.28 -16.49
C ASP A 757 22.86 -48.78 -16.45
N GLU A 758 23.05 -48.18 -17.62
CA GLU A 758 23.27 -46.74 -17.69
C GLU A 758 22.01 -45.95 -17.37
N ARG A 759 20.86 -46.61 -17.24
CA ARG A 759 19.64 -45.99 -16.75
C ARG A 759 19.61 -45.90 -15.22
N ASP A 760 20.72 -46.20 -14.56
CA ASP A 760 20.76 -46.15 -13.10
C ASP A 760 20.51 -44.73 -12.63
N PRO A 761 19.77 -44.54 -11.53
CA PRO A 761 19.50 -43.16 -11.05
C PRO A 761 20.77 -42.39 -10.71
N ALA A 762 21.80 -43.05 -10.18
CA ALA A 762 23.04 -42.35 -9.86
C ALA A 762 23.73 -41.85 -11.12
N VAL A 763 23.79 -42.67 -12.16
CA VAL A 763 24.42 -42.24 -13.41
C VAL A 763 23.64 -41.10 -14.04
N LEU A 764 22.31 -41.18 -14.01
CA LEU A 764 21.49 -40.11 -14.56
C LEU A 764 21.68 -38.81 -13.78
N ALA A 765 21.74 -38.90 -12.46
CA ALA A 765 21.98 -37.70 -11.65
C ALA A 765 23.35 -37.11 -11.93
N GLY A 766 24.37 -37.95 -12.09
CA GLY A 766 25.69 -37.44 -12.41
C GLY A 766 25.72 -36.76 -13.77
N ILE A 767 25.07 -37.36 -14.77
CA ILE A 767 25.01 -36.76 -16.10
C ILE A 767 24.28 -35.41 -16.04
N LYS A 768 23.16 -35.37 -15.30
CA LYS A 768 22.42 -34.12 -15.16
C LYS A 768 23.27 -33.05 -14.51
N MET A 769 24.02 -33.41 -13.46
CA MET A 769 24.88 -32.45 -12.79
C MET A 769 25.98 -31.94 -13.73
N ILE A 770 26.59 -32.85 -14.50
CA ILE A 770 27.61 -32.45 -15.46
C ILE A 770 27.04 -31.46 -16.46
N ILE A 771 25.87 -31.78 -17.01
CA ILE A 771 25.26 -30.91 -18.02
C ILE A 771 24.93 -29.54 -17.44
N GLU A 772 24.35 -29.52 -16.24
CA GLU A 772 23.98 -28.26 -15.61
C GLU A 772 25.20 -27.41 -15.33
N LYS A 773 26.27 -28.00 -14.77
CA LYS A 773 27.46 -27.23 -14.46
C LYS A 773 28.13 -26.71 -15.73
N ALA A 774 28.26 -27.56 -16.75
CA ALA A 774 28.92 -27.14 -17.97
C ALA A 774 28.16 -26.03 -18.67
N HIS A 775 26.82 -26.12 -18.71
CA HIS A 775 26.04 -25.06 -19.32
C HIS A 775 26.00 -23.80 -18.46
N SER A 776 26.13 -23.93 -17.14
CA SER A 776 26.29 -22.74 -16.31
C SER A 776 27.60 -22.04 -16.57
N LYS A 777 28.66 -22.78 -16.91
CA LYS A 777 29.93 -22.19 -17.26
C LYS A 777 30.13 -22.06 -18.77
N GLY A 778 29.08 -22.29 -19.56
CA GLY A 778 29.15 -22.07 -20.99
C GLY A 778 29.95 -23.09 -21.77
N ALA A 779 30.11 -24.30 -21.23
CA ALA A 779 30.84 -25.36 -21.91
C ALA A 779 29.86 -26.34 -22.54
N THR A 780 30.21 -26.83 -23.74
CA THR A 780 29.38 -27.80 -24.43
C THR A 780 29.49 -29.17 -23.76
N VAL A 781 28.44 -29.97 -23.91
CA VAL A 781 28.38 -31.31 -23.34
C VAL A 781 28.11 -32.30 -24.46
N SER A 782 28.91 -33.37 -24.50
CA SER A 782 28.72 -34.45 -25.45
C SER A 782 28.73 -35.77 -24.69
N ILE A 783 28.17 -36.80 -25.31
CA ILE A 783 28.18 -38.15 -24.76
C ILE A 783 28.63 -39.12 -25.85
N CYS A 784 29.58 -39.99 -25.52
CA CYS A 784 30.12 -40.98 -26.45
C CYS A 784 30.14 -42.32 -25.72
N GLY A 785 29.04 -43.05 -25.81
CA GLY A 785 28.93 -44.34 -25.16
C GLY A 785 27.84 -45.17 -25.80
N GLN A 786 27.62 -46.35 -25.22
CA GLN A 786 26.61 -47.26 -25.75
C GLN A 786 25.21 -46.96 -25.22
N ALA A 787 25.08 -46.06 -24.23
CA ALA A 787 23.76 -45.75 -23.69
C ALA A 787 22.81 -45.16 -24.73
N PRO A 788 23.17 -44.14 -25.50
CA PRO A 788 22.23 -43.63 -26.51
C PRO A 788 21.96 -44.60 -27.64
N SER A 789 22.84 -45.58 -27.86
CA SER A 789 22.68 -46.50 -28.98
C SER A 789 21.58 -47.52 -28.73
N VAL A 790 21.31 -47.88 -27.47
CA VAL A 790 20.41 -48.96 -27.14
C VAL A 790 19.16 -48.49 -26.40
N TYR A 791 19.29 -47.48 -25.52
CA TYR A 791 18.17 -47.08 -24.69
C TYR A 791 17.58 -45.77 -25.20
N PRO A 792 16.37 -45.78 -25.76
CA PRO A 792 15.73 -44.52 -26.18
C PRO A 792 15.47 -43.56 -25.03
N GLU A 793 15.17 -44.07 -23.83
CA GLU A 793 14.90 -43.20 -22.70
C GLU A 793 16.13 -42.42 -22.27
N ILE A 794 17.32 -43.00 -22.40
CA ILE A 794 18.56 -42.25 -22.16
C ILE A 794 18.65 -41.07 -23.12
N VAL A 795 18.33 -41.31 -24.40
CA VAL A 795 18.37 -40.23 -25.38
C VAL A 795 17.36 -39.15 -25.03
N GLU A 796 16.15 -39.55 -24.63
CA GLU A 796 15.13 -38.58 -24.26
C GLU A 796 15.58 -37.74 -23.07
N PHE A 797 16.15 -38.38 -22.05
CA PHE A 797 16.63 -37.65 -20.89
C PHE A 797 17.76 -36.71 -21.25
N LEU A 798 18.69 -37.15 -22.11
CA LEU A 798 19.80 -36.30 -22.52
C LEU A 798 19.31 -35.07 -23.29
N VAL A 799 18.38 -35.27 -24.22
CA VAL A 799 17.87 -34.15 -24.99
C VAL A 799 17.08 -33.20 -24.12
N GLU A 800 16.32 -33.73 -23.16
CA GLU A 800 15.59 -32.88 -22.22
C GLU A 800 16.56 -32.06 -21.37
N ALA A 801 17.64 -32.67 -20.91
CA ALA A 801 18.65 -31.95 -20.15
C ALA A 801 19.34 -30.87 -20.98
N GLY A 802 19.32 -30.99 -22.30
CA GLY A 802 19.91 -29.98 -23.16
C GLY A 802 21.33 -30.29 -23.58
N ILE A 803 21.62 -31.57 -23.80
CA ILE A 803 22.97 -31.95 -24.22
C ILE A 803 23.24 -31.40 -25.60
N ASP A 804 24.48 -30.96 -25.83
CA ASP A 804 24.82 -30.29 -27.08
C ASP A 804 24.96 -31.27 -28.24
N SER A 805 25.54 -32.44 -28.00
CA SER A 805 25.73 -33.41 -29.07
C SER A 805 25.73 -34.81 -28.48
N ILE A 806 25.44 -35.78 -29.34
CA ILE A 806 25.43 -37.20 -28.98
C ILE A 806 26.26 -37.94 -30.01
N SER A 807 27.27 -38.69 -29.54
CA SER A 807 28.14 -39.47 -30.39
C SER A 807 27.79 -40.94 -30.24
N VAL A 808 27.46 -41.60 -31.35
CA VAL A 808 27.02 -42.99 -31.35
C VAL A 808 27.82 -43.76 -32.37
N ASN A 809 27.64 -45.09 -32.35
CA ASN A 809 28.25 -45.96 -33.33
C ASN A 809 27.63 -45.70 -34.70
N PRO A 810 28.36 -46.00 -35.79
CA PRO A 810 27.80 -45.74 -37.13
C PRO A 810 26.47 -46.42 -37.38
N ASP A 811 26.34 -47.70 -37.02
CA ASP A 811 25.09 -48.42 -37.28
C ASP A 811 23.91 -47.84 -36.51
N ALA A 812 24.17 -47.05 -35.47
CA ALA A 812 23.11 -46.42 -34.69
C ALA A 812 22.95 -44.94 -35.03
N VAL A 813 23.59 -44.45 -36.09
CA VAL A 813 23.51 -43.03 -36.41
C VAL A 813 22.11 -42.66 -36.85
N ILE A 814 21.64 -43.26 -37.96
CA ILE A 814 20.40 -42.82 -38.59
C ILE A 814 19.24 -42.88 -37.60
N ALA A 815 19.07 -44.03 -36.94
CA ALA A 815 18.00 -44.16 -35.95
C ALA A 815 18.08 -43.05 -34.91
N THR A 816 19.28 -42.82 -34.38
CA THR A 816 19.44 -41.74 -33.39
C THR A 816 18.99 -40.41 -33.98
N ARG A 817 19.42 -40.12 -35.21
CA ARG A 817 19.02 -38.87 -35.84
C ARG A 817 17.51 -38.76 -35.93
N ARG A 818 16.82 -39.88 -36.18
CA ARG A 818 15.37 -39.86 -36.09
C ARG A 818 14.92 -39.62 -34.67
N LEU A 819 15.41 -40.45 -33.73
CA LEU A 819 14.88 -40.43 -32.37
C LEU A 819 15.03 -39.06 -31.74
N VAL A 820 16.26 -38.52 -31.75
CA VAL A 820 16.50 -37.20 -31.18
C VAL A 820 15.53 -36.20 -31.77
N ALA A 821 15.38 -36.21 -33.10
CA ALA A 821 14.47 -35.26 -33.74
C ALA A 821 13.09 -35.36 -33.12
N SER A 822 12.52 -36.56 -33.06
CA SER A 822 11.20 -36.73 -32.48
C SER A 822 11.19 -36.19 -31.06
N ILE A 823 12.18 -36.56 -30.26
CA ILE A 823 12.23 -36.10 -28.88
C ILE A 823 12.23 -34.58 -28.83
N GLU A 824 13.07 -33.96 -29.67
CA GLU A 824 13.09 -32.51 -29.72
C GLU A 824 11.70 -31.95 -29.99
N ARG A 825 11.04 -32.49 -31.01
CA ARG A 825 9.69 -32.04 -31.32
C ARG A 825 8.79 -32.23 -30.12
N LYS A 826 8.87 -33.39 -29.47
CA LYS A 826 8.07 -33.61 -28.27
C LYS A 826 8.36 -32.57 -27.21
N ILE A 827 9.65 -32.33 -26.96
CA ILE A 827 10.01 -31.30 -25.98
C ILE A 827 9.44 -29.96 -26.40
N MET A 828 9.52 -29.67 -27.71
CA MET A 828 9.09 -28.36 -28.19
C MET A 828 7.60 -28.18 -27.97
N LEU A 829 6.85 -29.29 -27.88
CA LEU A 829 5.47 -29.21 -27.42
C LEU A 829 5.40 -29.00 -25.91
N LYS A 830 6.06 -29.88 -25.15
CA LYS A 830 5.86 -29.93 -23.71
C LYS A 830 6.17 -28.58 -23.07
N ARG A 831 7.35 -28.02 -23.38
CA ARG A 831 7.72 -26.71 -22.85
C ARG A 831 6.63 -25.69 -23.09
N LEU A 832 6.09 -25.65 -24.31
CA LEU A 832 5.00 -24.71 -24.61
C LEU A 832 3.88 -24.86 -23.61
N ASN A 833 3.39 -26.10 -23.42
CA ASN A 833 2.35 -26.33 -22.43
C ASN A 833 2.75 -25.77 -21.08
N LYS A 834 3.95 -26.13 -20.61
CA LYS A 834 4.40 -25.62 -19.32
C LYS A 834 4.31 -24.11 -19.27
N ILE A 835 4.80 -23.45 -20.32
CA ILE A 835 4.77 -21.99 -20.34
C ILE A 835 3.35 -21.50 -20.14
N MET A 836 2.39 -22.06 -20.89
CA MET A 836 1.00 -21.66 -20.72
C MET A 836 0.56 -21.88 -19.28
N ASP A 837 0.84 -23.06 -18.74
CA ASP A 837 0.49 -23.32 -17.35
C ASP A 837 1.16 -22.31 -16.44
N LYS A 838 2.45 -22.05 -16.66
CA LYS A 838 3.15 -21.05 -15.88
C LYS A 838 2.44 -19.71 -15.99
N LEU A 839 2.09 -19.33 -17.22
CA LEU A 839 1.41 -18.06 -17.42
C LEU A 839 0.09 -18.02 -16.65
N ASN A 840 -0.61 -19.16 -16.60
CA ASN A 840 -1.84 -19.20 -15.83
C ASN A 840 -1.60 -18.81 -14.38
N LYS A 841 -0.54 -19.37 -13.78
CA LYS A 841 -0.26 -19.08 -12.38
C LYS A 841 0.07 -17.60 -12.18
N LEU A 842 0.51 -16.93 -13.25
CA LEU A 842 0.78 -15.50 -13.13
C LEU A 842 -0.52 -14.70 -13.07
N GLU A 843 -1.56 -15.13 -13.79
CA GLU A 843 -2.78 -14.35 -13.83
C GLU A 843 -3.68 -14.65 -12.63
N LEU A 844 -3.38 -15.70 -11.89
CA LEU A 844 -4.18 -16.05 -10.72
C LEU A 844 -3.35 -16.04 -9.45
N SER B 522 49.21 -32.69 44.13
CA SER B 522 49.80 -31.43 43.69
C SER B 522 48.73 -30.48 43.18
N PRO B 523 48.09 -29.75 44.10
CA PRO B 523 46.98 -28.88 43.69
C PRO B 523 47.39 -27.70 42.82
N GLU B 524 48.67 -27.33 42.79
CA GLU B 524 49.07 -26.11 42.09
C GLU B 524 48.91 -26.24 40.58
N GLN B 525 48.94 -27.45 40.03
CA GLN B 525 48.65 -27.61 38.62
C GLN B 525 47.17 -27.82 38.33
N LEU B 526 46.33 -27.90 39.37
CA LEU B 526 44.89 -28.07 39.18
C LEU B 526 44.16 -26.75 38.97
N LEU B 527 44.83 -25.61 39.16
CA LEU B 527 44.19 -24.32 38.93
C LEU B 527 43.68 -24.14 37.51
N PRO B 528 44.46 -24.42 36.45
CA PRO B 528 43.93 -24.21 35.09
C PRO B 528 42.80 -25.16 34.73
N LEU B 529 42.65 -26.27 35.44
CA LEU B 529 41.62 -27.26 35.11
C LEU B 529 40.27 -26.94 35.72
N TYR B 530 40.17 -25.87 36.52
CA TYR B 530 38.89 -25.49 37.10
C TYR B 530 37.95 -24.98 36.01
N PRO B 531 36.64 -25.07 36.22
CA PRO B 531 35.69 -24.63 35.19
C PRO B 531 35.86 -23.16 34.85
N VAL B 532 35.68 -22.84 33.58
CA VAL B 532 35.82 -21.48 33.07
C VAL B 532 34.48 -20.79 33.15
N THR B 533 34.46 -19.60 33.77
CA THR B 533 33.25 -18.82 33.95
C THR B 533 33.38 -17.48 33.26
N ALA B 534 32.32 -17.07 32.55
CA ALA B 534 32.28 -15.73 31.98
C ALA B 534 32.32 -14.67 33.07
N THR B 535 31.55 -14.86 34.13
CA THR B 535 31.58 -13.94 35.25
C THR B 535 32.84 -14.16 36.09
N LYS B 536 33.54 -13.09 36.40
CA LYS B 536 34.76 -13.19 37.18
C LYS B 536 34.44 -13.54 38.63
N ILE B 537 35.18 -14.50 39.18
CA ILE B 537 34.99 -14.95 40.55
C ILE B 537 36.08 -14.30 41.39
N TYR B 538 35.70 -13.28 42.15
CA TYR B 538 36.64 -12.58 43.02
C TYR B 538 36.58 -13.16 44.43
N MET B 539 37.55 -12.77 45.26
CA MET B 539 37.66 -13.27 46.62
C MET B 539 37.69 -12.10 47.60
N ASN B 540 37.10 -12.30 48.77
CA ASN B 540 37.12 -11.31 49.84
C ASN B 540 38.25 -11.64 50.80
N LEU B 541 39.09 -10.65 51.09
CA LEU B 541 40.22 -10.81 51.97
C LEU B 541 40.22 -9.71 53.02
N GLY B 542 40.43 -10.09 54.28
CA GLY B 542 40.52 -9.13 55.36
C GLY B 542 41.88 -9.10 56.01
N GLU B 543 42.56 -10.25 56.03
CA GLU B 543 43.88 -10.37 56.61
C GLU B 543 44.90 -10.59 55.50
N PRO B 544 45.89 -9.71 55.33
CA PRO B 544 46.88 -9.93 54.27
C PRO B 544 47.63 -11.25 54.41
N ASP B 545 47.96 -11.65 55.64
CA ASP B 545 48.72 -12.89 55.85
C ASP B 545 47.94 -14.13 55.44
N ALA B 546 46.64 -14.00 55.22
CA ALA B 546 45.82 -15.12 54.75
C ALA B 546 45.88 -15.29 53.24
N ILE B 547 46.58 -14.41 52.52
CA ILE B 547 46.65 -14.57 51.07
C ILE B 547 47.44 -15.82 50.70
N GLU B 548 48.40 -16.23 51.53
CA GLU B 548 49.18 -17.42 51.23
C GLU B 548 48.38 -18.70 51.46
N LYS B 549 47.40 -18.66 52.36
CA LYS B 549 46.54 -19.82 52.58
C LYS B 549 45.65 -20.09 51.38
N TYR B 550 45.16 -19.03 50.73
CA TYR B 550 44.20 -19.14 49.65
C TYR B 550 44.81 -18.87 48.28
N LYS B 551 46.15 -18.95 48.16
CA LYS B 551 46.80 -18.72 46.88
C LYS B 551 46.46 -19.79 45.84
N ASP B 552 45.99 -20.97 46.29
CA ASP B 552 45.67 -22.06 45.39
C ASP B 552 44.18 -22.12 45.06
N LEU B 553 43.43 -21.05 45.32
CA LEU B 553 42.03 -21.07 44.94
C LEU B 553 41.84 -20.46 43.55
N PRO B 554 40.86 -20.93 42.79
CA PRO B 554 40.63 -20.38 41.44
C PRO B 554 39.82 -19.09 41.47
N PHE B 555 40.45 -18.02 41.93
CA PHE B 555 39.85 -16.70 41.96
C PHE B 555 40.54 -15.79 40.95
N ASP B 556 39.77 -14.92 40.32
CA ASP B 556 40.28 -14.00 39.33
C ASP B 556 40.81 -12.70 39.93
N GLY B 557 40.77 -12.57 41.24
CA GLY B 557 41.27 -11.38 41.90
C GLY B 557 40.63 -11.21 43.26
N ILE B 558 41.06 -10.17 43.95
CA ILE B 558 40.51 -9.80 45.24
C ILE B 558 39.52 -8.66 44.98
N GLY B 559 38.23 -9.01 44.94
CA GLY B 559 37.21 -8.01 44.72
C GLY B 559 36.91 -7.14 45.92
N LEU B 560 37.42 -7.49 47.09
CA LEU B 560 37.21 -6.69 48.30
C LEU B 560 38.34 -6.98 49.27
N MET B 561 39.23 -6.02 49.45
CA MET B 561 40.28 -6.09 50.45
C MET B 561 39.93 -5.15 51.60
N ARG B 562 39.73 -5.71 52.78
CA ARG B 562 39.36 -4.94 53.95
C ARG B 562 40.62 -4.50 54.69
N ILE B 563 40.83 -3.19 54.80
CA ILE B 563 42.00 -2.65 55.47
C ILE B 563 41.66 -2.38 56.93
N GLU B 564 40.45 -2.77 57.34
CA GLU B 564 40.05 -2.59 58.74
C GLU B 564 40.95 -3.40 59.66
N PHE B 565 41.27 -4.63 59.27
CA PHE B 565 42.15 -5.46 60.09
C PHE B 565 43.55 -4.86 60.20
N ILE B 566 44.05 -4.27 59.10
CA ILE B 566 45.38 -3.67 59.13
C ILE B 566 45.41 -2.50 60.10
N ILE B 567 44.40 -1.62 60.03
CA ILE B 567 44.37 -0.46 60.91
C ILE B 567 44.18 -0.89 62.36
N THR B 568 43.36 -1.91 62.59
CA THR B 568 43.06 -2.34 63.96
C THR B 568 44.26 -3.03 64.61
N ASP B 569 44.90 -3.95 63.88
CA ASP B 569 45.90 -4.83 64.48
C ASP B 569 47.33 -4.49 64.08
N TRP B 570 47.55 -3.80 62.97
CA TRP B 570 48.90 -3.42 62.59
C TRP B 570 49.23 -1.97 62.93
N VAL B 571 48.22 -1.14 63.18
CA VAL B 571 48.41 0.26 63.53
C VAL B 571 48.00 0.55 64.97
N GLN B 572 46.82 0.05 65.37
CA GLN B 572 46.24 0.25 66.70
C GLN B 572 45.95 1.72 67.03
N TYR B 573 46.24 2.63 66.11
CA TYR B 573 46.12 4.06 66.40
C TYR B 573 45.21 4.75 65.39
N HIS B 574 44.47 5.73 65.88
CA HIS B 574 43.66 6.56 65.02
C HIS B 574 44.55 7.36 64.07
N PRO B 575 44.26 7.38 62.77
CA PRO B 575 45.14 8.12 61.84
C PRO B 575 45.28 9.60 62.19
N LEU B 576 44.21 10.24 62.64
CA LEU B 576 44.31 11.63 63.06
C LEU B 576 45.22 11.79 64.27
N TYR B 577 45.17 10.84 65.20
CA TYR B 577 46.08 10.88 66.34
C TYR B 577 47.53 10.75 65.88
N LEU B 578 47.79 9.86 64.92
CA LEU B 578 49.15 9.73 64.40
C LEU B 578 49.59 11.01 63.69
N ILE B 579 48.69 11.67 62.98
CA ILE B 579 49.00 12.95 62.35
C ILE B 579 49.35 13.99 63.41
N GLU B 580 48.58 14.03 64.50
CA GLU B 580 48.87 14.96 65.57
C GLU B 580 50.23 14.66 66.21
N GLN B 581 50.55 13.39 66.40
CA GLN B 581 51.86 12.99 66.90
C GLN B 581 52.93 12.96 65.82
N GLY B 582 52.57 13.27 64.57
CA GLY B 582 53.54 13.24 63.48
C GLY B 582 54.02 11.85 63.13
N LYS B 583 53.12 10.86 63.16
CA LYS B 583 53.50 9.50 62.83
C LYS B 583 52.69 8.97 61.64
N GLU B 584 52.52 9.82 60.62
CA GLU B 584 51.84 9.39 59.41
C GLU B 584 52.60 8.26 58.72
N SER B 585 53.93 8.24 58.88
CA SER B 585 54.76 7.25 58.21
C SER B 585 54.38 5.83 58.65
N LEU B 586 54.13 5.63 59.94
CA LEU B 586 53.78 4.29 60.42
C LEU B 586 52.49 3.79 59.77
N PHE B 587 51.44 4.61 59.79
CA PHE B 587 50.16 4.22 59.19
C PHE B 587 50.31 3.95 57.70
N ILE B 588 50.96 4.86 56.98
CA ILE B 588 51.13 4.71 55.54
C ILE B 588 51.93 3.45 55.23
N ASP B 589 53.01 3.21 55.98
CA ASP B 589 53.86 2.07 55.71
C ASP B 589 53.18 0.75 56.02
N LYS B 590 52.39 0.70 57.10
CA LYS B 590 51.67 -0.55 57.40
C LYS B 590 50.62 -0.85 56.34
N LEU B 591 49.84 0.16 55.93
CA LEU B 591 48.89 -0.07 54.85
C LEU B 591 49.60 -0.49 53.57
N ALA B 592 50.72 0.17 53.25
CA ALA B 592 51.46 -0.16 52.04
C ALA B 592 51.99 -1.58 52.11
N GLU B 593 52.51 -2.00 53.26
CA GLU B 593 53.02 -3.36 53.40
C GLU B 593 51.93 -4.39 53.18
N GLY B 594 50.78 -4.21 53.84
CA GLY B 594 49.69 -5.16 53.66
C GLY B 594 49.20 -5.22 52.22
N ILE B 595 48.94 -4.05 51.62
CA ILE B 595 48.40 -4.01 50.27
C ILE B 595 49.41 -4.55 49.27
N ALA B 596 50.70 -4.24 49.47
CA ALA B 596 51.74 -4.73 48.57
C ALA B 596 51.88 -6.24 48.67
N LYS B 597 51.81 -6.78 49.90
CA LYS B 597 51.85 -8.24 50.04
C LYS B 597 50.70 -8.89 49.30
N VAL B 598 49.48 -8.38 49.49
CA VAL B 598 48.33 -8.97 48.81
C VAL B 598 48.45 -8.85 47.30
N ALA B 599 48.89 -7.69 46.81
CA ALA B 599 48.95 -7.47 45.37
C ALA B 599 50.04 -8.32 44.72
N GLN B 600 51.22 -8.40 45.35
CA GLN B 600 52.31 -9.20 44.80
C GLN B 600 52.00 -10.69 44.89
N ALA B 601 51.22 -11.11 45.89
CA ALA B 601 50.90 -12.53 46.00
C ALA B 601 50.04 -13.02 44.84
N ILE B 602 49.25 -12.14 44.23
CA ILE B 602 48.33 -12.55 43.18
C ILE B 602 48.52 -11.75 41.90
N TYR B 603 49.68 -11.13 41.71
CA TYR B 603 49.92 -10.36 40.50
C TYR B 603 49.84 -11.28 39.29
N PRO B 604 49.24 -10.82 38.18
CA PRO B 604 48.66 -9.50 37.93
C PRO B 604 47.16 -9.40 38.20
N ARG B 605 46.58 -10.31 38.98
CA ARG B 605 45.15 -10.23 39.26
C ARG B 605 44.86 -8.98 40.10
N PRO B 606 43.77 -8.28 39.81
CA PRO B 606 43.50 -7.01 40.51
C PRO B 606 43.19 -7.23 41.98
N VAL B 607 43.58 -6.24 42.78
CA VAL B 607 43.25 -6.18 44.20
C VAL B 607 42.47 -4.89 44.43
N VAL B 608 41.18 -5.02 44.73
CA VAL B 608 40.31 -3.86 44.95
C VAL B 608 40.33 -3.57 46.45
N VAL B 609 41.13 -2.60 46.85
CA VAL B 609 41.25 -2.20 48.25
C VAL B 609 40.09 -1.29 48.60
N ARG B 610 39.39 -1.62 49.69
CA ARG B 610 38.34 -0.76 50.21
C ARG B 610 38.93 0.23 51.21
N PHE B 611 38.52 1.49 51.08
CA PHE B 611 38.97 2.50 52.02
C PHE B 611 38.36 2.23 53.39
N SER B 612 38.71 3.07 54.37
CA SER B 612 38.31 2.85 55.75
C SER B 612 36.80 2.77 55.90
N ASP B 613 36.30 1.58 56.24
CA ASP B 613 34.87 1.34 56.40
C ASP B 613 34.44 1.40 57.86
N PHE B 614 35.29 1.89 58.75
CA PHE B 614 34.96 1.95 60.16
C PHE B 614 33.80 2.90 60.43
N LYS B 615 33.06 2.63 61.49
CA LYS B 615 32.07 3.56 62.01
C LYS B 615 32.72 4.40 63.11
N THR B 616 31.98 5.40 63.61
CA THR B 616 32.53 6.27 64.65
C THR B 616 32.82 5.46 65.92
N ASN B 617 31.90 4.57 66.29
CA ASN B 617 32.15 3.72 67.45
C ASN B 617 33.32 2.77 67.21
N GLU B 618 33.45 2.23 65.99
CA GLU B 618 34.60 1.41 65.66
C GLU B 618 35.89 2.24 65.63
N TYR B 619 35.79 3.49 65.19
CA TYR B 619 36.95 4.37 65.20
C TYR B 619 37.41 4.67 66.61
N ARG B 620 36.46 4.83 67.54
CA ARG B 620 36.82 5.09 68.93
C ARG B 620 37.60 3.94 69.55
N GLY B 621 37.47 2.73 69.02
CA GLY B 621 38.26 1.62 69.51
C GLY B 621 39.75 1.77 69.30
N LEU B 622 40.15 2.57 68.31
CA LEU B 622 41.56 2.85 68.09
C LEU B 622 42.10 3.73 69.21
N LYS B 623 43.42 3.63 69.42
CA LYS B 623 44.07 4.42 70.45
C LYS B 623 44.06 5.89 70.08
N GLY B 624 43.63 6.74 71.01
CA GLY B 624 43.59 8.16 70.77
C GLY B 624 42.45 8.63 69.90
N GLY B 625 41.51 7.76 69.56
CA GLY B 625 40.40 8.11 68.70
C GLY B 625 39.23 8.77 69.39
N GLU B 626 39.23 8.85 70.72
CA GLU B 626 38.12 9.47 71.43
C GLU B 626 38.05 10.97 71.16
N LYS B 627 39.19 11.61 70.92
CA LYS B 627 39.20 13.05 70.70
C LYS B 627 38.69 13.45 69.32
N TYR B 628 38.71 12.54 68.35
CA TYR B 628 38.36 12.86 66.98
C TYR B 628 37.03 12.28 66.54
N GLU B 629 36.43 11.38 67.32
CA GLU B 629 35.20 10.71 66.93
C GLU B 629 34.06 11.17 67.84
N PRO B 630 33.08 11.90 67.33
CA PRO B 630 31.94 12.29 68.16
C PRO B 630 31.04 11.10 68.45
N GLU B 631 30.37 11.16 69.59
CA GLU B 631 29.40 10.12 69.93
C GLU B 631 28.16 10.27 69.06
N GLU B 632 27.86 9.24 68.29
CA GLU B 632 26.75 9.30 67.36
C GLU B 632 25.66 8.32 67.75
N ARG B 633 24.43 8.80 67.64
CA ARG B 633 23.25 7.99 67.91
C ARG B 633 23.11 6.88 66.86
N ASN B 634 23.34 7.17 65.58
CA ASN B 634 23.33 6.14 64.53
C ASN B 634 24.56 6.22 63.65
N PRO B 635 25.70 5.71 64.12
CA PRO B 635 26.89 5.65 63.24
C PRO B 635 26.68 4.78 62.02
N MET B 636 25.74 3.81 62.08
CA MET B 636 25.45 2.96 60.94
C MET B 636 25.05 3.79 59.73
N ILE B 637 24.29 4.85 59.94
CA ILE B 637 23.95 5.79 58.89
C ILE B 637 24.53 7.14 59.27
N GLY B 638 25.65 7.13 59.99
CA GLY B 638 26.27 8.35 60.46
C GLY B 638 27.43 8.80 59.59
N TRP B 639 28.36 9.50 60.22
CA TRP B 639 29.54 10.06 59.53
C TRP B 639 30.52 8.95 59.23
N ARG B 640 30.43 8.39 58.02
CA ARG B 640 31.29 7.30 57.61
C ARG B 640 31.39 7.30 56.09
N GLY B 641 32.39 6.58 55.59
CA GLY B 641 32.56 6.45 54.16
C GLY B 641 33.05 7.73 53.53
N VAL B 642 32.57 8.01 52.31
CA VAL B 642 33.03 9.17 51.56
C VAL B 642 32.70 10.46 52.30
N SER B 643 31.54 10.50 52.95
CA SER B 643 31.19 11.67 53.77
C SER B 643 32.27 11.96 54.80
N ARG B 644 32.92 10.92 55.33
CA ARG B 644 34.02 11.13 56.25
C ARG B 644 35.28 11.58 55.52
N TYR B 645 35.53 11.04 54.33
CA TYR B 645 36.79 11.32 53.64
C TYR B 645 36.86 12.78 53.19
N ILE B 646 35.76 13.31 52.62
CA ILE B 646 35.77 14.67 52.12
C ILE B 646 35.65 15.72 53.22
N HIS B 647 35.29 15.31 54.43
CA HIS B 647 35.21 16.26 55.52
C HIS B 647 36.60 16.77 55.89
N PRO B 648 36.75 18.07 56.14
CA PRO B 648 38.10 18.60 56.43
C PRO B 648 38.75 17.99 57.65
N LYS B 649 37.97 17.53 58.62
CA LYS B 649 38.55 16.97 59.85
C LYS B 649 39.28 15.67 59.56
N TYR B 650 38.65 14.76 58.82
CA TYR B 650 39.24 13.47 58.51
C TYR B 650 39.98 13.47 57.18
N GLU B 651 39.94 14.57 56.43
CA GLU B 651 40.61 14.60 55.13
C GLU B 651 42.09 14.22 55.19
N PRO B 652 42.88 14.66 56.18
CA PRO B 652 44.28 14.18 56.24
C PRO B 652 44.40 12.67 56.34
N ALA B 653 43.50 11.99 57.06
CA ALA B 653 43.58 10.54 57.15
C ALA B 653 43.28 9.87 55.82
N PHE B 654 42.27 10.38 55.10
CA PHE B 654 42.00 9.87 53.75
C PHE B 654 43.18 10.13 52.83
N ARG B 655 43.84 11.28 53.00
CA ARG B 655 45.04 11.55 52.21
C ARG B 655 46.16 10.58 52.55
N LEU B 656 46.28 10.18 53.83
CA LEU B 656 47.26 9.16 54.20
C LEU B 656 46.94 7.83 53.52
N GLU B 657 45.66 7.45 53.49
CA GLU B 657 45.29 6.22 52.82
C GLU B 657 45.60 6.28 51.32
N VAL B 658 45.30 7.42 50.68
CA VAL B 658 45.58 7.58 49.26
C VAL B 658 47.09 7.56 49.02
N ARG B 659 47.86 8.13 49.94
CA ARG B 659 49.31 8.10 49.83
C ARG B 659 49.84 6.68 49.93
N ALA B 660 49.27 5.88 50.82
CA ALA B 660 49.67 4.47 50.91
C ALA B 660 49.35 3.73 49.62
N ILE B 661 48.17 3.96 49.05
CA ILE B 661 47.81 3.33 47.78
C ILE B 661 48.76 3.77 46.68
N LYS B 662 49.09 5.06 46.63
CA LYS B 662 50.02 5.56 45.61
C LYS B 662 51.40 4.97 45.78
N LYS B 663 51.86 4.81 47.03
CA LYS B 663 53.15 4.19 47.28
C LYS B 663 53.16 2.74 46.80
N VAL B 664 52.07 2.01 47.05
CA VAL B 664 51.98 0.64 46.55
C VAL B 664 52.01 0.62 45.03
N ARG B 665 51.27 1.54 44.39
CA ARG B 665 51.15 1.50 42.94
C ARG B 665 52.42 1.98 42.23
N GLU B 666 53.22 2.81 42.89
CA GLU B 666 54.38 3.44 42.26
C GLU B 666 55.71 2.93 42.78
N GLU B 667 55.92 2.97 44.09
CA GLU B 667 57.20 2.53 44.65
C GLU B 667 57.43 1.04 44.39
N MET B 668 56.40 0.24 44.58
CA MET B 668 56.48 -1.19 44.28
C MET B 668 56.01 -1.52 42.87
N GLY B 669 55.50 -0.55 42.12
CA GLY B 669 55.07 -0.79 40.76
C GLY B 669 53.92 -1.75 40.62
N LEU B 670 53.13 -1.94 41.67
CA LEU B 670 52.00 -2.88 41.63
C LEU B 670 50.80 -2.17 41.01
N THR B 671 50.71 -2.27 39.69
CA THR B 671 49.64 -1.60 38.96
C THR B 671 48.27 -2.19 39.27
N ASN B 672 48.23 -3.46 39.64
CA ASN B 672 46.97 -4.19 39.84
C ASN B 672 46.17 -3.72 41.06
N VAL B 673 46.55 -2.64 41.74
CA VAL B 673 45.82 -2.18 42.92
C VAL B 673 44.80 -1.14 42.49
N TRP B 674 43.53 -1.43 42.74
CA TRP B 674 42.42 -0.51 42.51
C TRP B 674 41.82 -0.14 43.85
N VAL B 675 40.97 0.89 43.85
CA VAL B 675 40.34 1.36 45.09
C VAL B 675 38.83 1.37 44.91
N MET B 676 38.13 1.17 46.02
CA MET B 676 36.68 1.33 46.05
C MET B 676 36.31 2.25 47.22
N PHE B 677 35.36 3.14 46.96
CA PHE B 677 34.88 4.08 47.96
C PHE B 677 33.69 3.47 48.69
N PRO B 678 33.79 3.23 49.99
CA PRO B 678 32.66 2.62 50.71
C PRO B 678 31.62 3.65 51.11
N PHE B 679 30.36 3.22 51.05
CA PHE B 679 29.22 3.98 51.56
C PHE B 679 29.11 5.34 50.87
N VAL B 680 28.96 5.30 49.56
CA VAL B 680 28.82 6.50 48.75
C VAL B 680 27.38 6.98 48.81
N ARG B 681 27.18 8.25 49.11
CA ARG B 681 25.86 8.82 49.30
C ARG B 681 25.43 9.72 48.14
N THR B 682 26.25 10.69 47.76
CA THR B 682 25.88 11.68 46.76
C THR B 682 26.99 11.82 45.73
N THR B 683 26.62 12.36 44.56
CA THR B 683 27.57 12.51 43.47
C THR B 683 28.63 13.56 43.79
N TRP B 684 28.22 14.67 44.44
CA TRP B 684 29.18 15.74 44.73
C TRP B 684 30.23 15.28 45.72
N GLU B 685 29.84 14.47 46.71
CA GLU B 685 30.83 13.91 47.63
C GLU B 685 31.80 12.99 46.91
N LEU B 686 31.30 12.20 45.94
CA LEU B 686 32.17 11.33 45.18
C LEU B 686 33.17 12.13 44.33
N GLU B 687 32.70 13.21 43.71
CA GLU B 687 33.61 14.03 42.92
C GLU B 687 34.61 14.77 43.80
N ARG B 688 34.20 15.16 45.01
CA ARG B 688 35.16 15.78 45.94
C ARG B 688 36.22 14.77 46.38
N ALA B 689 35.82 13.54 46.66
CA ALA B 689 36.80 12.50 46.97
C ALA B 689 37.73 12.24 45.79
N LEU B 690 37.18 12.24 44.57
CA LEU B 690 38.01 12.02 43.38
C LEU B 690 39.02 13.15 43.20
N LYS B 691 38.60 14.40 43.40
CA LYS B 691 39.55 15.50 43.27
C LYS B 691 40.57 15.51 44.40
N ILE B 692 40.20 15.06 45.60
CA ILE B 692 41.18 14.89 46.66
C ILE B 692 42.21 13.84 46.27
N MET B 693 41.75 12.73 45.68
CA MET B 693 42.68 11.71 45.20
C MET B 693 43.59 12.25 44.11
N GLU B 694 43.03 13.05 43.20
CA GLU B 694 43.84 13.65 42.14
C GLU B 694 44.90 14.59 42.71
N GLU B 695 44.54 15.35 43.76
CA GLU B 695 45.52 16.23 44.40
C GLU B 695 46.68 15.43 44.99
N GLU B 696 46.45 14.17 45.32
CA GLU B 696 47.50 13.30 45.83
C GLU B 696 48.22 12.53 44.74
N GLY B 697 47.92 12.79 43.47
CA GLY B 697 48.55 12.12 42.37
C GLY B 697 47.93 10.80 41.97
N LEU B 698 46.83 10.40 42.60
CA LEU B 698 46.13 9.16 42.26
C LEU B 698 44.95 9.53 41.36
N LYS B 699 45.08 9.23 40.08
CA LYS B 699 44.09 9.61 39.08
C LYS B 699 43.51 8.38 38.40
N ARG B 700 42.20 8.40 38.18
CA ARG B 700 41.53 7.33 37.46
C ARG B 700 42.04 7.26 36.03
N GLY B 701 42.35 6.05 35.58
CA GLY B 701 42.89 5.87 34.24
C GLY B 701 42.74 4.44 33.78
N LYS B 702 43.48 4.12 32.72
CA LYS B 702 43.43 2.77 32.16
C LYS B 702 44.06 1.75 33.10
N ASP B 703 45.07 2.14 33.86
CA ASP B 703 45.75 1.25 34.78
C ASP B 703 45.26 1.39 36.22
N PHE B 704 44.27 2.25 36.46
CA PHE B 704 43.75 2.48 37.80
C PHE B 704 42.23 2.56 37.73
N LYS B 705 41.56 1.64 38.41
CA LYS B 705 40.10 1.59 38.44
C LYS B 705 39.59 2.08 39.79
N VAL B 706 38.52 2.86 39.76
CA VAL B 706 37.86 3.38 40.96
C VAL B 706 36.43 2.85 40.98
N TRP B 707 36.07 2.20 42.08
CA TRP B 707 34.74 1.65 42.26
C TRP B 707 34.01 2.39 43.38
N ALA B 708 32.69 2.26 43.39
CA ALA B 708 31.85 2.84 44.43
C ALA B 708 30.97 1.74 45.00
N MET B 709 30.93 1.65 46.33
CA MET B 709 30.05 0.67 46.98
C MET B 709 28.60 1.05 46.77
N ALA B 710 27.82 0.12 46.23
CA ALA B 710 26.40 0.33 46.00
C ALA B 710 25.59 -0.24 47.17
N GLU B 711 25.80 0.37 48.34
CA GLU B 711 25.12 -0.04 49.56
C GLU B 711 24.15 1.01 50.07
N VAL B 712 23.94 2.10 49.34
CA VAL B 712 23.01 3.16 49.73
C VAL B 712 21.92 3.25 48.67
N PRO B 713 20.65 3.39 49.07
CA PRO B 713 19.57 3.45 48.06
C PRO B 713 19.70 4.61 47.09
N SER B 714 20.41 5.68 47.46
CA SER B 714 20.68 6.75 46.50
C SER B 714 21.48 6.24 45.32
N ILE B 715 22.43 5.32 45.56
CA ILE B 715 23.15 4.69 44.46
C ILE B 715 22.20 3.87 43.61
N VAL B 716 21.24 3.19 44.25
CA VAL B 716 20.25 2.42 43.52
C VAL B 716 19.46 3.31 42.58
N LEU B 717 19.02 4.47 43.07
CA LEU B 717 18.17 5.35 42.27
C LEU B 717 18.95 6.13 41.21
N LEU B 718 20.23 6.41 41.45
CA LEU B 718 21.03 7.24 40.57
C LEU B 718 22.33 6.56 40.16
N ALA B 719 22.28 5.25 39.90
CA ALA B 719 23.49 4.55 39.48
C ALA B 719 24.01 5.08 38.15
N ASP B 720 23.11 5.37 37.21
CA ASP B 720 23.52 5.91 35.92
C ASP B 720 24.20 7.27 36.07
N LYS B 721 23.78 8.05 37.07
CA LYS B 721 24.43 9.33 37.32
C LYS B 721 25.79 9.15 37.98
N PHE B 722 25.91 8.20 38.91
CA PHE B 722 27.17 7.93 39.57
C PHE B 722 28.20 7.31 38.63
N ALA B 723 27.75 6.67 37.55
CA ALA B 723 28.68 5.95 36.67
C ALA B 723 29.65 6.88 35.96
N GLU B 724 29.34 8.18 35.85
CA GLU B 724 30.28 9.10 35.20
C GLU B 724 31.54 9.35 36.02
N TYR B 725 31.53 8.99 37.30
CA TYR B 725 32.65 9.28 38.18
C TYR B 725 33.50 8.05 38.51
N VAL B 726 32.96 6.84 38.37
CA VAL B 726 33.66 5.63 38.77
C VAL B 726 33.68 4.66 37.60
N ASP B 727 34.66 3.75 37.61
CA ASP B 727 34.75 2.74 36.57
C ASP B 727 33.69 1.66 36.75
N GLY B 728 33.29 1.39 37.99
CA GLY B 728 32.30 0.37 38.24
C GLY B 728 31.73 0.50 39.63
N PHE B 729 30.78 -0.40 39.93
CA PHE B 729 30.13 -0.43 41.23
C PHE B 729 30.30 -1.79 41.87
N SER B 730 30.43 -1.79 43.20
CA SER B 730 30.46 -3.01 43.99
C SER B 730 29.24 -2.99 44.91
N ILE B 731 28.37 -3.98 44.75
CA ILE B 731 27.12 -4.03 45.50
C ILE B 731 27.41 -4.65 46.87
N GLY B 732 27.33 -3.83 47.91
CA GLY B 732 27.46 -4.31 49.27
C GLY B 732 26.15 -4.86 49.78
N SER B 733 25.80 -6.08 49.34
CA SER B 733 24.49 -6.64 49.61
C SER B 733 24.16 -6.67 51.09
N ASN B 734 25.16 -6.90 51.95
CA ASN B 734 24.93 -6.91 53.38
C ASN B 734 24.39 -5.56 53.86
N ASP B 735 25.08 -4.47 53.49
CA ASP B 735 24.62 -3.14 53.86
C ASP B 735 23.48 -2.66 52.98
N LEU B 736 23.43 -3.08 51.71
CA LEU B 736 22.37 -2.66 50.82
C LEU B 736 21.01 -3.18 51.29
N THR B 737 20.96 -4.44 51.72
CA THR B 737 19.72 -4.97 52.26
C THR B 737 19.29 -4.21 53.51
N GLN B 738 20.25 -3.91 54.39
CA GLN B 738 19.93 -3.18 55.61
C GLN B 738 19.35 -1.81 55.31
N LEU B 739 19.95 -1.09 54.35
CA LEU B 739 19.49 0.26 54.06
C LEU B 739 18.20 0.27 53.25
N ILE B 740 18.03 -0.69 52.33
CA ILE B 740 16.80 -0.76 51.55
C ILE B 740 15.62 -1.11 52.45
N LEU B 741 15.80 -2.09 53.34
CA LEU B 741 14.74 -2.48 54.25
C LEU B 741 14.68 -1.60 55.50
N GLY B 742 15.68 -0.76 55.74
CA GLY B 742 15.68 0.06 56.94
C GLY B 742 15.73 -0.74 58.22
N ALA B 743 16.51 -1.82 58.24
CA ALA B 743 16.64 -2.68 59.41
C ALA B 743 18.12 -2.95 59.68
N ASP B 744 18.47 -3.09 60.95
CA ASP B 744 19.85 -3.27 61.38
C ASP B 744 20.02 -4.68 61.94
N ARG B 745 21.07 -5.38 61.49
CA ARG B 745 21.17 -6.82 61.68
C ARG B 745 21.42 -7.23 63.12
N ASP B 746 22.25 -6.50 63.87
CA ASP B 746 22.61 -6.94 65.22
C ASP B 746 21.42 -6.93 66.17
N SER B 747 20.32 -6.28 65.80
CA SER B 747 19.08 -6.38 66.57
C SER B 747 18.53 -7.79 66.41
N ASN B 748 18.54 -8.56 67.50
CA ASN B 748 18.10 -9.95 67.42
C ASN B 748 16.63 -10.07 67.08
N ILE B 749 15.82 -9.10 67.51
CA ILE B 749 14.38 -9.16 67.25
C ILE B 749 14.12 -9.11 65.74
N LEU B 750 14.75 -8.16 65.05
CA LEU B 750 14.55 -8.05 63.61
C LEU B 750 15.11 -9.27 62.88
N ALA B 751 16.24 -9.80 63.35
CA ALA B 751 16.82 -10.98 62.72
C ALA B 751 15.92 -12.19 62.86
N GLU B 752 15.27 -12.34 64.02
CA GLU B 752 14.41 -13.50 64.26
C GLU B 752 13.22 -13.51 63.30
N MET B 753 12.67 -12.34 62.99
CA MET B 753 11.53 -12.27 62.07
C MET B 753 11.90 -12.61 60.63
N GLY B 754 13.18 -12.71 60.31
CA GLY B 754 13.59 -13.04 58.97
C GLY B 754 13.66 -11.87 58.02
N TYR B 755 13.82 -10.65 58.54
CA TYR B 755 13.91 -9.47 57.67
C TYR B 755 15.14 -9.53 56.79
N PHE B 756 16.27 -9.98 57.33
CA PHE B 756 17.56 -9.86 56.65
C PHE B 756 17.77 -11.04 55.70
N ASP B 757 16.84 -11.16 54.77
CA ASP B 757 16.91 -12.11 53.66
C ASP B 757 17.26 -11.32 52.41
N GLU B 758 18.44 -11.60 51.85
CA GLU B 758 18.86 -10.91 50.64
C GLU B 758 18.07 -11.35 49.41
N ARG B 759 17.23 -12.39 49.54
CA ARG B 759 16.28 -12.77 48.51
C ARG B 759 15.01 -11.92 48.54
N ASP B 760 15.00 -10.85 49.33
CA ASP B 760 13.82 -10.00 49.41
C ASP B 760 13.54 -9.35 48.05
N PRO B 761 12.28 -9.22 47.66
CA PRO B 761 11.98 -8.62 46.34
C PRO B 761 12.51 -7.20 46.20
N ALA B 762 12.50 -6.40 47.28
CA ALA B 762 13.01 -5.04 47.19
C ALA B 762 14.51 -5.03 46.92
N VAL B 763 15.26 -5.89 47.61
CA VAL B 763 16.71 -5.94 47.39
C VAL B 763 17.02 -6.42 45.98
N LEU B 764 16.27 -7.42 45.50
CA LEU B 764 16.48 -7.90 44.14
C LEU B 764 16.16 -6.82 43.11
N ALA B 765 15.08 -6.08 43.32
CA ALA B 765 14.74 -4.99 42.40
C ALA B 765 15.81 -3.91 42.42
N GLY B 766 16.33 -3.57 43.59
CA GLY B 766 17.39 -2.59 43.67
C GLY B 766 18.65 -3.04 42.96
N ILE B 767 19.03 -4.31 43.15
CA ILE B 767 20.21 -4.85 42.47
C ILE B 767 20.01 -4.84 40.96
N LYS B 768 18.81 -5.23 40.50
CA LYS B 768 18.52 -5.21 39.08
C LYS B 768 18.62 -3.80 38.51
N MET B 769 18.08 -2.81 39.24
CA MET B 769 18.15 -1.43 38.79
C MET B 769 19.59 -0.94 38.71
N ILE B 770 20.40 -1.28 39.73
CA ILE B 770 21.81 -0.90 39.72
C ILE B 770 22.51 -1.49 38.51
N ILE B 771 22.29 -2.78 38.26
CA ILE B 771 22.96 -3.45 37.14
C ILE B 771 22.54 -2.83 35.81
N GLU B 772 21.23 -2.59 35.65
CA GLU B 772 20.74 -2.03 34.40
C GLU B 772 21.31 -0.64 34.16
N LYS B 773 21.30 0.23 35.19
CA LYS B 773 21.81 1.58 35.02
C LYS B 773 23.31 1.57 34.73
N ALA B 774 24.08 0.77 35.48
CA ALA B 774 25.52 0.75 35.28
C ALA B 774 25.89 0.23 33.90
N HIS B 775 25.19 -0.81 33.42
CA HIS B 775 25.47 -1.31 32.08
C HIS B 775 24.95 -0.37 30.99
N SER B 776 23.91 0.41 31.27
CA SER B 776 23.51 1.45 30.32
C SER B 776 24.54 2.55 30.22
N LYS B 777 25.25 2.85 31.31
CA LYS B 777 26.33 3.82 31.28
C LYS B 777 27.70 3.18 31.13
N GLY B 778 27.76 1.88 30.83
CA GLY B 778 29.03 1.23 30.56
C GLY B 778 29.91 0.98 31.75
N ALA B 779 29.34 0.92 32.95
CA ALA B 779 30.11 0.67 34.16
C ALA B 779 29.94 -0.78 34.59
N THR B 780 31.04 -1.37 35.08
CA THR B 780 31.00 -2.75 35.56
C THR B 780 30.27 -2.83 36.89
N VAL B 781 29.69 -4.00 37.17
CA VAL B 781 28.95 -4.25 38.39
C VAL B 781 29.56 -5.45 39.09
N SER B 782 29.84 -5.31 40.38
CA SER B 782 30.34 -6.39 41.21
C SER B 782 29.48 -6.48 42.47
N ILE B 783 29.52 -7.64 43.12
CA ILE B 783 28.83 -7.85 44.38
C ILE B 783 29.81 -8.50 45.36
N CYS B 784 29.88 -7.96 46.57
CA CYS B 784 30.77 -8.46 47.62
C CYS B 784 29.94 -8.57 48.90
N GLY B 785 29.31 -9.72 49.09
CA GLY B 785 28.48 -9.94 50.26
C GLY B 785 28.29 -11.42 50.50
N GLN B 786 27.49 -11.73 51.52
CA GLN B 786 27.23 -13.12 51.87
C GLN B 786 26.10 -13.73 51.06
N ALA B 787 25.37 -12.93 50.27
CA ALA B 787 24.27 -13.49 49.48
C ALA B 787 24.73 -14.52 48.46
N PRO B 788 25.75 -14.29 47.63
CA PRO B 788 26.17 -15.34 46.69
C PRO B 788 26.80 -16.54 47.37
N SER B 789 27.28 -16.40 48.60
CA SER B 789 27.95 -17.49 49.28
C SER B 789 26.99 -18.57 49.76
N VAL B 790 25.74 -18.21 50.07
CA VAL B 790 24.79 -19.11 50.69
C VAL B 790 23.60 -19.43 49.80
N TYR B 791 23.12 -18.46 49.02
CA TYR B 791 21.90 -18.67 48.25
C TYR B 791 22.24 -18.87 46.78
N PRO B 792 22.07 -20.08 46.23
CA PRO B 792 22.29 -20.29 44.80
C PRO B 792 21.37 -19.47 43.91
N GLU B 793 20.13 -19.23 44.34
CA GLU B 793 19.19 -18.46 43.52
C GLU B 793 19.63 -17.01 43.37
N ILE B 794 20.27 -16.43 44.38
CA ILE B 794 20.85 -15.10 44.24
C ILE B 794 21.91 -15.11 43.14
N VAL B 795 22.76 -16.14 43.12
CA VAL B 795 23.78 -16.23 42.09
C VAL B 795 23.14 -16.36 40.72
N GLU B 796 22.10 -17.18 40.60
CA GLU B 796 21.42 -17.35 39.32
C GLU B 796 20.82 -16.03 38.84
N PHE B 797 20.16 -15.30 39.74
CA PHE B 797 19.57 -14.02 39.37
C PHE B 797 20.65 -13.02 38.97
N LEU B 798 21.77 -12.98 39.69
CA LEU B 798 22.85 -12.06 39.36
C LEU B 798 23.44 -12.36 37.99
N VAL B 799 23.68 -13.64 37.70
CA VAL B 799 24.26 -14.01 36.41
C VAL B 799 23.27 -13.73 35.29
N GLU B 800 21.98 -13.97 35.53
CA GLU B 800 20.97 -13.66 34.52
C GLU B 800 20.92 -12.16 34.26
N ALA B 801 21.01 -11.34 35.30
CA ALA B 801 21.03 -9.90 35.13
C ALA B 801 22.27 -9.42 34.38
N GLY B 802 23.34 -10.22 34.38
CA GLY B 802 24.54 -9.87 33.65
C GLY B 802 25.59 -9.17 34.49
N ILE B 803 25.71 -9.58 35.75
CA ILE B 803 26.70 -8.97 36.63
C ILE B 803 28.10 -9.32 36.15
N ASP B 804 29.01 -8.36 36.25
CA ASP B 804 30.35 -8.53 35.68
C ASP B 804 31.21 -9.46 36.53
N SER B 805 31.12 -9.36 37.86
CA SER B 805 31.93 -10.19 38.72
C SER B 805 31.20 -10.41 40.03
N ILE B 806 31.59 -11.48 40.73
CA ILE B 806 31.04 -11.84 42.03
C ILE B 806 32.20 -12.08 42.97
N SER B 807 32.21 -11.38 44.11
CA SER B 807 33.25 -11.51 45.11
C SER B 807 32.68 -12.26 46.31
N VAL B 808 33.31 -13.37 46.67
CA VAL B 808 32.83 -14.24 47.74
C VAL B 808 33.98 -14.52 48.71
N ASN B 809 33.63 -15.16 49.83
CA ASN B 809 34.62 -15.59 50.79
C ASN B 809 35.47 -16.71 50.19
N PRO B 810 36.70 -16.89 50.68
CA PRO B 810 37.56 -17.93 50.11
C PRO B 810 36.95 -19.32 50.14
N ASP B 811 36.36 -19.72 51.27
CA ASP B 811 35.79 -21.06 51.38
C ASP B 811 34.62 -21.28 50.42
N ALA B 812 34.03 -20.20 49.90
CA ALA B 812 32.94 -20.30 48.94
C ALA B 812 33.39 -20.03 47.51
N VAL B 813 34.69 -19.95 47.26
CA VAL B 813 35.16 -19.63 45.91
C VAL B 813 34.85 -20.77 44.95
N ILE B 814 35.42 -21.96 45.21
CA ILE B 814 35.36 -23.05 44.24
C ILE B 814 33.92 -23.38 43.89
N ALA B 815 33.07 -23.59 44.90
CA ALA B 815 31.67 -23.88 44.65
C ALA B 815 31.04 -22.81 43.76
N THR B 816 31.27 -21.55 44.10
CA THR B 816 30.73 -20.46 43.27
C THR B 816 31.21 -20.60 41.84
N ARG B 817 32.51 -20.85 41.65
CA ARG B 817 33.04 -21.00 40.31
C ARG B 817 32.33 -22.12 39.57
N ARG B 818 31.98 -23.21 40.27
CA ARG B 818 31.14 -24.22 39.65
C ARG B 818 29.76 -23.66 39.35
N LEU B 819 29.10 -23.11 40.38
CA LEU B 819 27.69 -22.74 40.25
C LEU B 819 27.49 -21.74 39.12
N VAL B 820 28.24 -20.64 39.15
CA VAL B 820 28.13 -19.63 38.11
C VAL B 820 28.28 -20.28 36.75
N ALA B 821 29.30 -21.13 36.58
CA ALA B 821 29.51 -21.78 35.30
C ALA B 821 28.25 -22.49 34.85
N SER B 822 27.69 -23.35 35.71
CA SER B 822 26.48 -24.06 35.35
C SER B 822 25.39 -23.08 34.96
N ILE B 823 25.19 -22.04 35.78
CA ILE B 823 24.14 -21.07 35.50
C ILE B 823 24.37 -20.45 34.13
N GLU B 824 25.62 -20.06 33.85
CA GLU B 824 25.92 -19.49 32.54
C GLU B 824 25.51 -20.45 31.44
N ARG B 825 25.91 -21.71 31.57
CA ARG B 825 25.53 -22.71 30.57
C ARG B 825 24.02 -22.77 30.45
N LYS B 826 23.32 -22.81 31.59
CA LYS B 826 21.86 -22.83 31.55
C LYS B 826 21.32 -21.62 30.81
N ILE B 827 21.84 -20.43 31.15
CA ILE B 827 21.40 -19.23 30.45
C ILE B 827 21.68 -19.35 28.97
N MET B 828 22.86 -19.90 28.63
CA MET B 828 23.26 -19.98 27.23
C MET B 828 22.31 -20.88 26.46
N LEU B 829 21.66 -21.82 27.16
CA LEU B 829 20.55 -22.55 26.54
C LEU B 829 19.30 -21.68 26.44
N LYS B 830 18.87 -21.12 27.58
CA LYS B 830 17.55 -20.48 27.65
C LYS B 830 17.43 -19.38 26.61
N ARG B 831 18.40 -18.46 26.57
CA ARG B 831 18.39 -17.39 25.59
C ARG B 831 18.18 -17.92 24.19
N LEU B 832 18.92 -18.98 23.82
CA LEU B 832 18.75 -19.57 22.50
C LEU B 832 17.29 -19.91 22.23
N ASN B 833 16.67 -20.65 23.17
CA ASN B 833 15.25 -20.96 23.02
C ASN B 833 14.44 -19.70 22.79
N LYS B 834 14.63 -18.69 23.65
CA LYS B 834 13.88 -17.45 23.49
C LYS B 834 14.06 -16.90 22.09
N ILE B 835 15.31 -16.86 21.61
CA ILE B 835 15.57 -16.33 20.28
C ILE B 835 14.73 -17.07 19.26
N MET B 836 14.75 -18.41 19.30
CA MET B 836 13.94 -19.18 18.36
C MET B 836 12.48 -18.79 18.49
N ASP B 837 11.96 -18.75 19.72
CA ASP B 837 10.58 -18.34 19.92
C ASP B 837 10.35 -16.95 19.36
N LYS B 838 11.27 -16.02 19.65
CA LYS B 838 11.17 -14.69 19.10
C LYS B 838 11.12 -14.74 17.58
N LEU B 839 12.02 -15.54 16.99
CA LEU B 839 12.04 -15.65 15.54
C LEU B 839 10.72 -16.18 15.02
N ASN B 840 10.10 -17.11 15.75
CA ASN B 840 8.80 -17.61 15.33
C ASN B 840 7.80 -16.47 15.19
N LYS B 841 7.77 -15.58 16.19
CA LYS B 841 6.80 -14.49 16.16
C LYS B 841 7.07 -13.56 14.97
N LEU B 842 8.31 -13.56 14.47
CA LEU B 842 8.61 -12.74 13.30
C LEU B 842 8.00 -13.35 12.04
N GLU B 843 7.98 -14.68 11.94
CA GLU B 843 7.49 -15.30 10.71
C GLU B 843 5.97 -15.42 10.70
N LEU B 844 5.33 -15.20 11.83
CA LEU B 844 3.87 -15.27 11.90
C LEU B 844 3.27 -13.96 12.35
N SER C 522 -16.21 47.85 53.72
CA SER C 522 -15.31 48.53 52.80
C SER C 522 -15.29 47.83 51.45
N PRO C 523 -16.26 48.15 50.59
CA PRO C 523 -16.36 47.45 49.30
C PRO C 523 -15.21 47.73 48.35
N GLU C 524 -14.45 48.80 48.54
CA GLU C 524 -13.44 49.18 47.56
C GLU C 524 -12.29 48.18 47.48
N GLN C 525 -12.03 47.43 48.55
CA GLN C 525 -11.05 46.37 48.46
C GLN C 525 -11.63 45.04 48.01
N LEU C 526 -12.95 44.96 47.80
CA LEU C 526 -13.59 43.73 47.33
C LEU C 526 -13.57 43.59 45.82
N LEU C 527 -13.17 44.64 45.09
CA LEU C 527 -13.10 44.54 43.63
C LEU C 527 -12.16 43.45 43.15
N PRO C 528 -10.91 43.34 43.64
CA PRO C 528 -10.03 42.27 43.13
C PRO C 528 -10.49 40.87 43.48
N LEU C 529 -11.36 40.72 44.48
CA LEU C 529 -11.80 39.40 44.91
C LEU C 529 -12.98 38.87 44.09
N TYR C 530 -13.50 39.65 43.16
CA TYR C 530 -14.59 39.18 42.32
C TYR C 530 -14.10 38.09 41.38
N PRO C 531 -14.98 37.20 40.93
CA PRO C 531 -14.56 36.10 40.05
C PRO C 531 -13.93 36.62 38.76
N VAL C 532 -12.91 35.90 38.30
CA VAL C 532 -12.18 36.26 37.09
C VAL C 532 -12.84 35.58 35.90
N THR C 533 -13.15 36.38 34.87
CA THR C 533 -13.81 35.88 33.67
C THR C 533 -12.92 36.12 32.46
N ALA C 534 -12.84 35.12 31.59
CA ALA C 534 -12.15 35.29 30.32
C ALA C 534 -12.84 36.34 29.46
N THR C 535 -14.16 36.28 29.39
CA THR C 535 -14.92 37.28 28.65
C THR C 535 -14.99 38.59 29.46
N LYS C 536 -14.68 39.69 28.80
CA LYS C 536 -14.71 40.98 29.47
C LYS C 536 -16.14 41.41 29.77
N ILE C 537 -16.37 41.89 30.99
CA ILE C 537 -17.68 42.33 31.42
C ILE C 537 -17.69 43.85 31.36
N TYR C 538 -18.34 44.39 30.34
CA TYR C 538 -18.45 45.83 30.17
C TYR C 538 -19.75 46.35 30.79
N MET C 539 -19.85 47.66 30.90
CA MET C 539 -21.01 48.31 31.51
C MET C 539 -21.60 49.33 30.54
N ASN C 540 -22.92 49.46 30.57
CA ASN C 540 -23.63 50.46 29.77
C ASN C 540 -23.88 51.69 30.61
N LEU C 541 -23.50 52.85 30.09
CA LEU C 541 -23.66 54.11 30.78
C LEU C 541 -24.34 55.12 29.87
N GLY C 542 -25.34 55.82 30.41
CA GLY C 542 -26.02 56.86 29.66
C GLY C 542 -25.83 58.24 30.25
N GLU C 543 -25.69 58.30 31.58
CA GLU C 543 -25.49 59.55 32.29
C GLU C 543 -24.07 59.59 32.83
N PRO C 544 -23.25 60.57 32.44
CA PRO C 544 -21.88 60.63 32.97
C PRO C 544 -21.84 60.74 34.49
N ASP C 545 -22.74 61.51 35.09
CA ASP C 545 -22.73 61.70 36.54
C ASP C 545 -23.03 60.42 37.30
N ALA C 546 -23.51 59.38 36.62
CA ALA C 546 -23.75 58.08 37.25
C ALA C 546 -22.50 57.23 37.32
N ILE C 547 -21.37 57.69 36.76
CA ILE C 547 -20.16 56.88 36.82
C ILE C 547 -19.65 56.76 38.25
N GLU C 548 -19.90 57.77 39.08
CA GLU C 548 -19.44 57.71 40.46
C GLU C 548 -20.29 56.75 41.30
N LYS C 549 -21.55 56.55 40.92
CA LYS C 549 -22.38 55.58 41.63
C LYS C 549 -21.91 54.16 41.40
N TYR C 550 -21.44 53.85 40.19
CA TYR C 550 -21.08 52.50 39.80
C TYR C 550 -19.57 52.30 39.71
N LYS C 551 -18.78 53.19 40.33
CA LYS C 551 -17.33 53.05 40.30
C LYS C 551 -16.83 51.81 41.04
N ASP C 552 -17.66 51.25 41.94
CA ASP C 552 -17.28 50.09 42.72
C ASP C 552 -17.80 48.79 42.13
N LEU C 553 -18.23 48.80 40.87
CA LEU C 553 -18.65 47.55 40.26
C LEU C 553 -17.50 46.88 39.52
N PRO C 554 -17.48 45.55 39.47
CA PRO C 554 -16.38 44.85 38.77
C PRO C 554 -16.61 44.78 37.27
N PHE C 555 -16.47 45.92 36.61
CA PHE C 555 -16.59 46.00 35.16
C PHE C 555 -15.22 46.31 34.55
N ASP C 556 -14.96 45.73 33.39
CA ASP C 556 -13.70 45.92 32.69
C ASP C 556 -13.69 47.14 31.80
N GLY C 557 -14.78 47.90 31.76
CA GLY C 557 -14.85 49.09 30.95
C GLY C 557 -16.29 49.44 30.63
N ILE C 558 -16.45 50.55 29.92
CA ILE C 558 -17.75 51.00 29.46
C ILE C 558 -17.86 50.57 28.00
N GLY C 559 -18.57 49.47 27.76
CA GLY C 559 -18.76 48.98 26.41
C GLY C 559 -19.76 49.77 25.59
N LEU C 560 -20.52 50.65 26.22
CA LEU C 560 -21.49 51.47 25.50
C LEU C 560 -21.75 52.73 26.32
N MET C 561 -21.26 53.87 25.84
CA MET C 561 -21.54 55.16 26.42
C MET C 561 -22.52 55.90 25.51
N ARG C 562 -23.70 56.19 26.04
CA ARG C 562 -24.74 56.87 25.27
C ARG C 562 -24.60 58.37 25.47
N ILE C 563 -24.35 59.10 24.38
CA ILE C 563 -24.19 60.54 24.43
C ILE C 563 -25.54 61.21 24.16
N GLU C 564 -26.59 60.39 24.03
CA GLU C 564 -27.93 60.94 23.81
C GLU C 564 -28.36 61.80 25.00
N PHE C 565 -28.08 61.34 26.21
CA PHE C 565 -28.44 62.12 27.40
C PHE C 565 -27.68 63.43 27.45
N ILE C 566 -26.41 63.43 27.04
CA ILE C 566 -25.62 64.66 27.06
C ILE C 566 -26.20 65.67 26.09
N ILE C 567 -26.52 65.23 24.87
CA ILE C 567 -27.07 66.15 23.88
C ILE C 567 -28.45 66.64 24.30
N THR C 568 -29.25 65.76 24.90
CA THR C 568 -30.62 66.14 25.26
C THR C 568 -30.64 67.11 26.45
N ASP C 569 -29.86 66.82 27.49
CA ASP C 569 -29.98 67.54 28.75
C ASP C 569 -28.83 68.51 29.02
N TRP C 570 -27.67 68.33 28.40
CA TRP C 570 -26.57 69.26 28.59
C TRP C 570 -26.43 70.26 27.44
N VAL C 571 -27.03 69.97 26.29
CA VAL C 571 -26.97 70.86 25.13
C VAL C 571 -28.34 71.46 24.81
N GLN C 572 -29.38 70.62 24.80
CA GLN C 572 -30.76 71.01 24.48
C GLN C 572 -30.92 71.54 23.06
N TYR C 573 -29.85 71.61 22.28
CA TYR C 573 -29.90 72.24 20.96
C TYR C 573 -29.43 71.28 19.88
N HIS C 574 -30.06 71.40 18.72
CA HIS C 574 -29.63 70.64 17.56
C HIS C 574 -28.23 71.09 17.14
N PRO C 575 -27.30 70.17 16.89
CA PRO C 575 -25.94 70.59 16.52
C PRO C 575 -25.89 71.46 15.27
N LEU C 576 -26.72 71.16 14.28
CA LEU C 576 -26.77 72.02 13.09
C LEU C 576 -27.27 73.42 13.43
N TYR C 577 -28.23 73.53 14.34
CA TYR C 577 -28.68 74.84 14.78
C TYR C 577 -27.56 75.61 15.47
N LEU C 578 -26.78 74.92 16.30
CA LEU C 578 -25.65 75.58 16.95
C LEU C 578 -24.61 76.02 15.93
N ILE C 579 -24.38 75.21 14.89
CA ILE C 579 -23.47 75.60 13.82
C ILE C 579 -23.98 76.84 13.11
N GLU C 580 -25.29 76.89 12.83
CA GLU C 580 -25.86 78.06 12.20
C GLU C 580 -25.72 79.30 13.09
N GLN C 581 -25.92 79.15 14.39
CA GLN C 581 -25.72 80.23 15.34
C GLN C 581 -24.26 80.40 15.74
N GLY C 582 -23.36 79.58 15.20
CA GLY C 582 -21.95 79.68 15.55
C GLY C 582 -21.65 79.30 16.98
N LYS C 583 -22.32 78.26 17.50
CA LYS C 583 -22.08 77.82 18.87
C LYS C 583 -21.62 76.37 18.91
N GLU C 584 -20.71 76.01 17.99
CA GLU C 584 -20.14 74.67 18.00
C GLU C 584 -19.37 74.41 19.29
N SER C 585 -18.80 75.47 19.88
CA SER C 585 -17.98 75.32 21.07
C SER C 585 -18.78 74.73 22.22
N LEU C 586 -20.02 75.18 22.40
CA LEU C 586 -20.84 74.66 23.50
C LEU C 586 -21.07 73.16 23.36
N PHE C 587 -21.50 72.71 22.18
CA PHE C 587 -21.76 71.29 21.95
C PHE C 587 -20.49 70.47 22.14
N ILE C 588 -19.38 70.91 21.53
CA ILE C 588 -18.13 70.18 21.63
C ILE C 588 -17.67 70.10 23.07
N ASP C 589 -17.75 71.22 23.81
CA ASP C 589 -17.28 71.25 25.18
C ASP C 589 -18.13 70.40 26.10
N LYS C 590 -19.45 70.40 25.90
CA LYS C 590 -20.30 69.55 26.75
C LYS C 590 -20.03 68.07 26.50
N LEU C 591 -19.92 67.67 25.23
CA LEU C 591 -19.57 66.28 24.95
C LEU C 591 -18.21 65.93 25.52
N ALA C 592 -17.24 66.84 25.37
CA ALA C 592 -15.90 66.59 25.89
C ALA C 592 -15.92 66.46 27.41
N GLU C 593 -16.68 67.31 28.09
CA GLU C 593 -16.75 67.24 29.54
C GLU C 593 -17.34 65.91 30.00
N GLY C 594 -18.46 65.49 29.40
CA GLY C 594 -19.05 64.22 29.80
C GLY C 594 -18.13 63.04 29.52
N ILE C 595 -17.56 62.97 28.31
CA ILE C 595 -16.72 61.84 27.94
C ILE C 595 -15.46 61.83 28.78
N ALA C 596 -14.88 63.01 29.05
CA ALA C 596 -13.67 63.08 29.86
C ALA C 596 -13.94 62.65 31.30
N LYS C 597 -15.09 63.07 31.86
CA LYS C 597 -15.44 62.61 33.20
C LYS C 597 -15.55 61.10 33.24
N VAL C 598 -16.26 60.50 32.28
CA VAL C 598 -16.42 59.06 32.29
C VAL C 598 -15.08 58.36 32.11
N ALA C 599 -14.24 58.85 31.20
CA ALA C 599 -12.97 58.19 30.92
C ALA C 599 -12.01 58.31 32.10
N GLN C 600 -11.92 59.49 32.71
CA GLN C 600 -11.02 59.68 33.84
C GLN C 600 -11.52 58.91 35.06
N ALA C 601 -12.83 58.73 35.20
CA ALA C 601 -13.34 58.00 36.36
C ALA C 601 -12.92 56.54 36.35
N ILE C 602 -12.68 55.95 35.17
CA ILE C 602 -12.37 54.53 35.07
C ILE C 602 -11.07 54.28 34.32
N TYR C 603 -10.19 55.28 34.24
CA TYR C 603 -8.93 55.09 33.55
C TYR C 603 -8.12 54.00 34.26
N PRO C 604 -7.44 53.12 33.50
CA PRO C 604 -7.31 53.07 32.04
C PRO C 604 -8.31 52.16 31.34
N ARG C 605 -9.42 51.81 31.98
CA ARG C 605 -10.40 50.94 31.33
C ARG C 605 -11.03 51.67 30.14
N PRO C 606 -11.25 50.99 29.03
CA PRO C 606 -11.75 51.67 27.83
C PRO C 606 -13.18 52.17 28.01
N VAL C 607 -13.46 53.29 27.33
CA VAL C 607 -14.80 53.86 27.26
C VAL C 607 -15.18 53.91 25.78
N VAL C 608 -16.13 53.08 25.38
CA VAL C 608 -16.58 53.02 23.99
C VAL C 608 -17.76 53.97 23.85
N VAL C 609 -17.50 55.16 23.34
CA VAL C 609 -18.53 56.18 23.14
C VAL C 609 -19.27 55.87 21.86
N ARG C 610 -20.60 55.83 21.95
CA ARG C 610 -21.45 55.68 20.77
C ARG C 610 -21.78 57.04 20.20
N PHE C 611 -21.68 57.18 18.88
CA PHE C 611 -22.05 58.42 18.23
C PHE C 611 -23.55 58.62 18.33
N SER C 612 -24.03 59.75 17.79
CA SER C 612 -25.43 60.13 17.93
C SER C 612 -26.36 59.07 17.37
N ASP C 613 -27.12 58.43 18.27
CA ASP C 613 -28.05 57.37 17.91
C ASP C 613 -29.48 57.88 17.79
N PHE C 614 -29.69 59.19 17.76
CA PHE C 614 -31.02 59.76 17.69
C PHE C 614 -31.69 59.42 16.35
N LYS C 615 -33.01 59.36 16.37
CA LYS C 615 -33.81 59.28 15.16
C LYS C 615 -34.23 60.69 14.76
N THR C 616 -34.86 60.81 13.58
CA THR C 616 -35.27 62.13 13.12
C THR C 616 -36.32 62.73 14.06
N ASN C 617 -37.27 61.92 14.52
CA ASN C 617 -38.25 62.40 15.48
C ASN C 617 -37.59 62.76 16.81
N GLU C 618 -36.61 61.97 17.25
CA GLU C 618 -35.87 62.32 18.45
C GLU C 618 -35.02 63.57 18.24
N TYR C 619 -34.48 63.75 17.04
CA TYR C 619 -33.72 64.95 16.72
C TYR C 619 -34.60 66.18 16.76
N ARG C 620 -35.84 66.06 16.29
CA ARG C 620 -36.76 67.20 16.32
C ARG C 620 -37.06 67.66 17.73
N GLY C 621 -36.90 66.80 18.74
CA GLY C 621 -37.09 67.22 20.11
C GLY C 621 -36.09 68.26 20.58
N LEU C 622 -34.92 68.32 19.94
CA LEU C 622 -33.94 69.34 20.27
C LEU C 622 -34.42 70.71 19.79
N LYS C 623 -33.92 71.75 20.45
CA LYS C 623 -34.29 73.11 20.09
C LYS C 623 -33.73 73.47 18.73
N GLY C 624 -34.58 74.01 17.85
CA GLY C 624 -34.16 74.40 16.53
C GLY C 624 -33.96 73.26 15.56
N GLY C 625 -34.33 72.03 15.93
CA GLY C 625 -34.15 70.88 15.08
C GLY C 625 -35.22 70.66 14.04
N GLU C 626 -36.31 71.43 14.08
CA GLU C 626 -37.38 71.25 13.10
C GLU C 626 -36.93 71.63 11.70
N LYS C 627 -36.02 72.59 11.58
CA LYS C 627 -35.58 73.04 10.26
C LYS C 627 -34.64 72.05 9.58
N TYR C 628 -33.98 71.18 10.34
CA TYR C 628 -32.98 70.29 9.79
C TYR C 628 -33.41 68.84 9.72
N GLU C 629 -34.53 68.48 10.34
CA GLU C 629 -34.98 67.09 10.39
C GLU C 629 -36.26 66.93 9.58
N PRO C 630 -36.23 66.22 8.46
CA PRO C 630 -37.45 65.99 7.69
C PRO C 630 -38.38 65.02 8.41
N GLU C 631 -39.67 65.18 8.17
CA GLU C 631 -40.65 64.26 8.72
C GLU C 631 -40.56 62.92 8.01
N GLU C 632 -40.26 61.87 8.75
CA GLU C 632 -40.07 60.56 8.15
C GLU C 632 -41.14 59.60 8.61
N ARG C 633 -41.62 58.81 7.66
CA ARG C 633 -42.60 57.77 7.91
C ARG C 633 -42.00 56.66 8.77
N ASN C 634 -40.77 56.24 8.51
CA ASN C 634 -40.09 55.25 9.35
C ASN C 634 -38.69 55.70 9.72
N PRO C 635 -38.56 56.60 10.70
CA PRO C 635 -37.21 56.96 11.19
C PRO C 635 -36.46 55.78 11.80
N MET C 636 -37.18 54.76 12.27
CA MET C 636 -36.53 53.58 12.83
C MET C 636 -35.60 52.94 11.82
N ILE C 637 -36.00 52.91 10.56
CA ILE C 637 -35.13 52.45 9.48
C ILE C 637 -34.91 53.61 8.53
N GLY C 638 -34.91 54.83 9.07
CA GLY C 638 -34.76 56.02 8.27
C GLY C 638 -33.34 56.57 8.29
N TRP C 639 -33.25 57.88 8.09
CA TRP C 639 -31.96 58.59 8.02
C TRP C 639 -31.38 58.70 9.42
N ARG C 640 -30.52 57.75 9.78
CA ARG C 640 -29.91 57.73 11.11
C ARG C 640 -28.60 56.97 11.03
N GLY C 641 -27.78 57.15 12.06
CA GLY C 641 -26.53 56.42 12.13
C GLY C 641 -25.52 56.94 11.13
N VAL C 642 -24.72 56.02 10.58
CA VAL C 642 -23.65 56.40 9.67
C VAL C 642 -24.22 57.07 8.42
N SER C 643 -25.36 56.59 7.95
CA SER C 643 -26.03 57.24 6.81
C SER C 643 -26.25 58.72 7.08
N ARG C 644 -26.53 59.09 8.33
CA ARG C 644 -26.67 60.48 8.69
C ARG C 644 -25.32 61.18 8.74
N TYR C 645 -24.29 60.50 9.25
CA TYR C 645 -23.01 61.15 9.47
C TYR C 645 -22.34 61.52 8.15
N ILE C 646 -22.36 60.61 7.16
CA ILE C 646 -21.70 60.87 5.89
C ILE C 646 -22.49 61.80 4.98
N HIS C 647 -23.76 62.05 5.30
CA HIS C 647 -24.54 62.96 4.49
C HIS C 647 -24.02 64.39 4.64
N PRO C 648 -23.92 65.14 3.55
CA PRO C 648 -23.36 66.51 3.66
C PRO C 648 -24.13 67.42 4.58
N LYS C 649 -25.43 67.20 4.75
CA LYS C 649 -26.24 68.09 5.59
C LYS C 649 -25.84 67.96 7.06
N TYR C 650 -25.72 66.73 7.55
CA TYR C 650 -25.37 66.49 8.94
C TYR C 650 -23.87 66.30 9.15
N GLU C 651 -23.08 66.28 8.08
CA GLU C 651 -21.64 66.08 8.23
C GLU C 651 -20.97 67.05 9.20
N PRO C 652 -21.30 68.35 9.21
CA PRO C 652 -20.69 69.22 10.24
C PRO C 652 -20.97 68.78 11.67
N ALA C 653 -22.16 68.25 11.96
CA ALA C 653 -22.45 67.79 13.31
C ALA C 653 -21.62 66.57 13.68
N PHE C 654 -21.47 65.63 12.74
CA PHE C 654 -20.59 64.49 12.98
C PHE C 654 -19.15 64.95 13.16
N ARG C 655 -18.74 65.97 12.42
CA ARG C 655 -17.40 66.53 12.62
C ARG C 655 -17.26 67.16 14.00
N LEU C 656 -18.33 67.80 14.50
CA LEU C 656 -18.29 68.33 15.87
C LEU C 656 -18.13 67.20 16.88
N GLU C 657 -18.85 66.09 16.68
CA GLU C 657 -18.70 64.96 17.59
C GLU C 657 -17.29 64.39 17.55
N VAL C 658 -16.72 64.26 16.34
CA VAL C 658 -15.36 63.75 16.20
C VAL C 658 -14.36 64.71 16.83
N ARG C 659 -14.62 66.01 16.72
CA ARG C 659 -13.76 67.01 17.35
C ARG C 659 -13.81 66.90 18.86
N ALA C 660 -14.99 66.65 19.42
CA ALA C 660 -15.10 66.45 20.86
C ALA C 660 -14.33 65.21 21.30
N ILE C 661 -14.45 64.12 20.54
CA ILE C 661 -13.69 62.91 20.86
C ILE C 661 -12.19 63.17 20.78
N LYS C 662 -11.75 63.89 19.75
CA LYS C 662 -10.34 64.21 19.60
C LYS C 662 -9.84 65.08 20.74
N LYS C 663 -10.66 66.05 21.17
CA LYS C 663 -10.28 66.89 22.30
C LYS C 663 -10.14 66.07 23.57
N VAL C 664 -11.06 65.12 23.79
CA VAL C 664 -10.93 64.24 24.95
C VAL C 664 -9.65 63.42 24.87
N ARG C 665 -9.36 62.88 23.67
CA ARG C 665 -8.22 61.97 23.54
C ARG C 665 -6.88 62.70 23.59
N GLU C 666 -6.85 63.98 23.23
CA GLU C 666 -5.61 64.73 23.09
C GLU C 666 -5.42 65.80 24.15
N GLU C 667 -6.39 66.70 24.31
CA GLU C 667 -6.25 67.77 25.28
C GLU C 667 -6.17 67.22 26.71
N MET C 668 -7.02 66.25 27.02
CA MET C 668 -6.98 65.58 28.32
C MET C 668 -6.11 64.33 28.31
N GLY C 669 -5.60 63.92 27.16
CA GLY C 669 -4.74 62.75 27.09
C GLY C 669 -5.40 61.45 27.46
N LEU C 670 -6.72 61.38 27.38
CA LEU C 670 -7.46 60.16 27.76
C LEU C 670 -7.45 59.22 26.56
N THR C 671 -6.42 58.38 26.51
CA THR C 671 -6.26 57.45 25.39
C THR C 671 -7.35 56.38 25.38
N ASN C 672 -7.91 56.06 26.54
CA ASN C 672 -8.86 54.96 26.68
C ASN C 672 -10.21 55.23 26.01
N VAL C 673 -10.40 56.31 25.26
CA VAL C 673 -11.68 56.60 24.63
C VAL C 673 -11.68 56.02 23.22
N TRP C 674 -12.62 55.11 22.96
CA TRP C 674 -12.85 54.52 21.65
C TRP C 674 -14.22 54.97 21.17
N VAL C 675 -14.49 54.74 19.89
CA VAL C 675 -15.77 55.15 19.29
C VAL C 675 -16.42 53.95 18.64
N MET C 676 -17.74 53.96 18.61
CA MET C 676 -18.51 52.98 17.85
C MET C 676 -19.51 53.70 16.97
N PHE C 677 -19.65 53.21 15.73
CA PHE C 677 -20.57 53.78 14.77
C PHE C 677 -21.91 53.07 14.87
N PRO C 678 -22.98 53.76 15.23
CA PRO C 678 -24.28 53.10 15.37
C PRO C 678 -24.99 52.96 14.03
N PHE C 679 -25.68 51.83 13.88
CA PHE C 679 -26.58 51.56 12.76
C PHE C 679 -25.83 51.64 11.42
N VAL C 680 -24.82 50.78 11.30
CA VAL C 680 -24.02 50.70 10.09
C VAL C 680 -24.74 49.86 9.06
N ARG C 681 -24.88 50.38 7.85
CA ARG C 681 -25.64 49.74 6.79
C ARG C 681 -24.75 49.13 5.70
N THR C 682 -23.83 49.90 5.14
CA THR C 682 -23.02 49.46 4.02
C THR C 682 -21.55 49.76 4.27
N THR C 683 -20.69 49.05 3.54
CA THR C 683 -19.25 49.21 3.72
C THR C 683 -18.78 50.58 3.23
N TRP C 684 -19.33 51.07 2.11
CA TRP C 684 -18.88 52.35 1.57
C TRP C 684 -19.23 53.50 2.51
N GLU C 685 -20.39 53.44 3.16
CA GLU C 685 -20.73 54.46 4.15
C GLU C 685 -19.78 54.41 5.33
N LEU C 686 -19.38 53.21 5.75
CA LEU C 686 -18.43 53.08 6.85
C LEU C 686 -17.07 53.66 6.48
N GLU C 687 -16.61 53.40 5.26
CA GLU C 687 -15.33 53.95 4.84
C GLU C 687 -15.40 55.46 4.66
N ARG C 688 -16.55 55.98 4.23
CA ARG C 688 -16.71 57.44 4.15
C ARG C 688 -16.68 58.07 5.54
N ALA C 689 -17.34 57.44 6.50
CA ALA C 689 -17.26 57.94 7.88
C ALA C 689 -15.83 57.87 8.41
N LEU C 690 -15.11 56.79 8.09
CA LEU C 690 -13.73 56.66 8.54
C LEU C 690 -12.84 57.74 7.93
N LYS C 691 -13.01 58.03 6.64
CA LYS C 691 -12.21 59.09 6.03
C LYS C 691 -12.60 60.47 6.55
N ILE C 692 -13.87 60.68 6.89
CA ILE C 692 -14.27 61.93 7.54
C ILE C 692 -13.58 62.05 8.89
N MET C 693 -13.53 60.96 9.66
CA MET C 693 -12.82 60.98 10.93
C MET C 693 -11.34 61.26 10.74
N GLU C 694 -10.73 60.66 9.71
CA GLU C 694 -9.32 60.90 9.43
C GLU C 694 -9.07 62.36 9.07
N GLU C 695 -9.99 62.97 8.31
CA GLU C 695 -9.85 64.39 7.98
C GLU C 695 -9.87 65.26 9.22
N GLU C 696 -10.47 64.78 10.30
CA GLU C 696 -10.50 65.50 11.57
C GLU C 696 -9.35 65.12 12.48
N GLY C 697 -8.41 64.30 12.02
CA GLY C 697 -7.28 63.89 12.81
C GLY C 697 -7.50 62.70 13.70
N LEU C 698 -8.68 62.08 13.65
CA LEU C 698 -8.99 60.90 14.45
C LEU C 698 -8.81 59.67 13.55
N LYS C 699 -7.72 58.94 13.78
CA LYS C 699 -7.35 57.82 12.93
C LYS C 699 -7.31 56.53 13.75
N ARG C 700 -7.82 55.45 13.16
CA ARG C 700 -7.77 54.14 13.80
C ARG C 700 -6.32 53.70 13.96
N GLY C 701 -5.99 53.20 15.14
CA GLY C 701 -4.64 52.80 15.43
C GLY C 701 -4.57 51.86 16.62
N LYS C 702 -3.35 51.70 17.14
CA LYS C 702 -3.15 50.83 18.29
C LYS C 702 -3.78 51.41 19.56
N ASP C 703 -3.81 52.73 19.69
CA ASP C 703 -4.36 53.39 20.85
C ASP C 703 -5.80 53.88 20.63
N PHE C 704 -6.37 53.61 19.46
CA PHE C 704 -7.72 54.07 19.13
C PHE C 704 -8.45 52.94 18.42
N LYS C 705 -9.53 52.47 19.02
CA LYS C 705 -10.34 51.39 18.46
C LYS C 705 -11.65 51.95 17.91
N VAL C 706 -12.05 51.45 16.74
CA VAL C 706 -13.30 51.83 16.10
C VAL C 706 -14.17 50.58 15.98
N TRP C 707 -15.39 50.67 16.50
CA TRP C 707 -16.34 49.58 16.45
C TRP C 707 -17.52 49.94 15.57
N ALA C 708 -18.25 48.93 15.13
CA ALA C 708 -19.46 49.12 14.33
C ALA C 708 -20.60 48.35 15.00
N MET C 709 -21.74 49.02 15.17
CA MET C 709 -22.91 48.35 15.73
C MET C 709 -23.44 47.32 14.76
N ALA C 710 -23.57 46.08 15.24
CA ALA C 710 -24.10 44.99 14.43
C ALA C 710 -25.59 44.82 14.70
N GLU C 711 -26.35 45.86 14.33
CA GLU C 711 -27.78 45.87 14.51
C GLU C 711 -28.55 45.85 13.19
N VAL C 712 -27.86 45.72 12.06
CA VAL C 712 -28.50 45.66 10.74
C VAL C 712 -28.18 44.31 10.12
N PRO C 713 -29.16 43.65 9.49
CA PRO C 713 -28.88 42.32 8.90
C PRO C 713 -27.81 42.34 7.83
N SER C 714 -27.55 43.48 7.20
CA SER C 714 -26.43 43.56 6.26
C SER C 714 -25.11 43.30 6.97
N ILE C 715 -24.97 43.77 8.21
CA ILE C 715 -23.78 43.45 9.00
C ILE C 715 -23.73 41.96 9.28
N VAL C 716 -24.89 41.34 9.53
CA VAL C 716 -24.94 39.91 9.76
C VAL C 716 -24.42 39.16 8.54
N LEU C 717 -24.86 39.56 7.35
CA LEU C 717 -24.49 38.83 6.14
C LEU C 717 -23.07 39.12 5.68
N LEU C 718 -22.54 40.31 5.99
CA LEU C 718 -21.24 40.73 5.50
C LEU C 718 -20.32 41.20 6.63
N ALA C 719 -20.36 40.51 7.77
CA ALA C 719 -19.49 40.89 8.88
C ALA C 719 -18.02 40.75 8.51
N ASP C 720 -17.67 39.68 7.80
CA ASP C 720 -16.29 39.48 7.38
C ASP C 720 -15.82 40.59 6.45
N LYS C 721 -16.73 41.15 5.65
CA LYS C 721 -16.37 42.26 4.78
C LYS C 721 -16.23 43.55 5.57
N PHE C 722 -17.10 43.78 6.55
CA PHE C 722 -17.02 44.97 7.37
C PHE C 722 -15.81 44.97 8.30
N ALA C 723 -15.26 43.79 8.60
CA ALA C 723 -14.17 43.71 9.57
C ALA C 723 -12.90 44.39 9.09
N GLU C 724 -12.75 44.62 7.77
CA GLU C 724 -11.55 45.30 7.28
C GLU C 724 -11.51 46.77 7.66
N TYR C 725 -12.65 47.34 8.07
CA TYR C 725 -12.73 48.76 8.36
C TYR C 725 -12.77 49.09 9.84
N VAL C 726 -13.15 48.14 10.70
CA VAL C 726 -13.32 48.41 12.12
C VAL C 726 -12.51 47.39 12.91
N ASP C 727 -12.16 47.77 14.14
CA ASP C 727 -11.42 46.87 15.02
C ASP C 727 -12.32 45.76 15.57
N GLY C 728 -13.61 46.05 15.74
CA GLY C 728 -14.52 45.06 16.26
C GLY C 728 -15.96 45.45 16.02
N PHE C 729 -16.87 44.58 16.46
CA PHE C 729 -18.29 44.80 16.31
C PHE C 729 -18.98 44.75 17.67
N SER C 730 -20.00 45.58 17.82
CA SER C 730 -20.86 45.56 19.00
C SER C 730 -22.26 45.18 18.54
N ILE C 731 -22.77 44.06 19.06
CA ILE C 731 -24.06 43.54 18.63
C ILE C 731 -25.15 44.27 19.42
N GLY C 732 -25.91 45.10 18.73
CA GLY C 732 -27.06 45.76 19.33
C GLY C 732 -28.27 44.86 19.32
N SER C 733 -28.30 43.89 20.24
CA SER C 733 -29.32 42.86 20.21
C SER C 733 -30.73 43.42 20.22
N ASN C 734 -30.95 44.55 20.91
CA ASN C 734 -32.27 45.16 20.93
C ASN C 734 -32.71 45.56 19.53
N ASP C 735 -31.85 46.28 18.81
CA ASP C 735 -32.16 46.67 17.43
C ASP C 735 -31.96 45.53 16.45
N LEU C 736 -31.01 44.63 16.72
CA LEU C 736 -30.75 43.52 15.82
C LEU C 736 -31.95 42.58 15.75
N THR C 737 -32.56 42.29 16.90
CA THR C 737 -33.76 41.46 16.90
C THR C 737 -34.89 42.13 16.14
N GLN C 738 -35.06 43.45 16.34
CA GLN C 738 -36.11 44.18 15.64
C GLN C 738 -35.93 44.12 14.13
N LEU C 739 -34.69 44.30 13.66
CA LEU C 739 -34.46 44.33 12.23
C LEU C 739 -34.48 42.94 11.61
N ILE C 740 -33.96 41.93 12.33
CA ILE C 740 -33.98 40.57 11.82
C ILE C 740 -35.41 40.06 11.71
N LEU C 741 -36.23 40.30 12.73
CA LEU C 741 -37.61 39.88 12.72
C LEU C 741 -38.53 40.86 12.00
N GLY C 742 -38.05 42.06 11.68
CA GLY C 742 -38.90 43.04 11.03
C GLY C 742 -40.08 43.48 11.88
N ALA C 743 -39.87 43.64 13.18
CA ALA C 743 -40.92 44.05 14.10
C ALA C 743 -40.41 45.18 14.99
N ASP C 744 -41.30 46.08 15.36
CA ASP C 744 -40.96 47.27 16.15
C ASP C 744 -41.58 47.15 17.53
N ARG C 745 -40.77 47.40 18.57
CA ARG C 745 -41.13 47.02 19.93
C ARG C 745 -42.27 47.85 20.51
N ASP C 746 -42.31 49.15 20.27
CA ASP C 746 -43.32 49.99 20.92
C ASP C 746 -44.74 49.64 20.49
N SER C 747 -44.90 48.88 19.41
CA SER C 747 -46.21 48.35 19.04
C SER C 747 -46.62 47.31 20.07
N ASN C 748 -47.65 47.62 20.86
CA ASN C 748 -48.06 46.71 21.92
C ASN C 748 -48.59 45.39 21.38
N ILE C 749 -49.20 45.41 20.20
CA ILE C 749 -49.75 44.19 19.63
C ILE C 749 -48.64 43.18 19.35
N LEU C 750 -47.56 43.63 18.70
CA LEU C 750 -46.45 42.73 18.41
C LEU C 750 -45.76 42.27 19.69
N ALA C 751 -45.65 43.15 20.68
CA ALA C 751 -45.02 42.77 21.94
C ALA C 751 -45.83 41.70 22.67
N GLU C 752 -47.16 41.81 22.62
CA GLU C 752 -48.02 40.86 23.32
C GLU C 752 -47.85 39.44 22.76
N MET C 753 -47.68 39.33 21.44
CA MET C 753 -47.52 38.01 20.83
C MET C 753 -46.19 37.35 21.18
N GLY C 754 -45.26 38.08 21.78
CA GLY C 754 -43.98 37.50 22.15
C GLY C 754 -42.96 37.49 21.04
N TYR C 755 -43.09 38.38 20.06
CA TYR C 755 -42.11 38.42 18.96
C TYR C 755 -40.74 38.82 19.46
N PHE C 756 -40.67 39.78 20.38
CA PHE C 756 -39.40 40.39 20.76
C PHE C 756 -38.71 39.56 21.84
N ASP C 757 -38.45 38.31 21.48
CA ASP C 757 -37.66 37.38 22.28
C ASP C 757 -36.29 37.25 21.62
N GLU C 758 -35.26 37.70 22.33
CA GLU C 758 -33.90 37.62 21.79
C GLU C 758 -33.39 36.18 21.75
N ARG C 759 -34.12 35.23 22.35
CA ARG C 759 -33.83 33.82 22.21
C ARG C 759 -34.38 33.23 20.91
N ASP C 760 -34.85 34.08 20.00
CA ASP C 760 -35.40 33.59 18.74
C ASP C 760 -34.31 32.88 17.94
N PRO C 761 -34.63 31.78 17.26
CA PRO C 761 -33.60 31.08 16.48
C PRO C 761 -32.95 31.94 15.41
N ALA C 762 -33.70 32.84 14.77
CA ALA C 762 -33.12 33.70 13.75
C ALA C 762 -32.10 34.66 14.35
N VAL C 763 -32.43 35.26 15.49
CA VAL C 763 -31.49 36.18 16.13
C VAL C 763 -30.24 35.44 16.59
N LEU C 764 -30.41 34.23 17.13
CA LEU C 764 -29.25 33.44 17.55
C LEU C 764 -28.38 33.06 16.36
N ALA C 765 -29.00 32.68 15.25
CA ALA C 765 -28.23 32.34 14.05
C ALA C 765 -27.48 33.56 13.52
N GLY C 766 -28.12 34.72 13.53
CA GLY C 766 -27.45 35.93 13.09
C GLY C 766 -26.27 36.29 13.98
N ILE C 767 -26.45 36.17 15.30
CA ILE C 767 -25.36 36.46 16.23
C ILE C 767 -24.21 35.48 16.02
N LYS C 768 -24.53 34.19 15.83
CA LYS C 768 -23.50 33.20 15.58
C LYS C 768 -22.74 33.51 14.30
N MET C 769 -23.45 33.90 13.24
CA MET C 769 -22.80 34.24 11.99
C MET C 769 -21.88 35.45 12.14
N ILE C 770 -22.36 36.48 12.87
CA ILE C 770 -21.54 37.66 13.11
C ILE C 770 -20.26 37.27 13.85
N ILE C 771 -20.40 36.48 14.90
CA ILE C 771 -19.23 36.08 15.70
C ILE C 771 -18.25 35.28 14.86
N GLU C 772 -18.76 34.32 14.08
CA GLU C 772 -17.89 33.49 13.26
C GLU C 772 -17.15 34.32 12.23
N LYS C 773 -17.85 35.22 11.53
CA LYS C 773 -17.20 36.03 10.51
C LYS C 773 -16.17 36.97 11.12
N ALA C 774 -16.52 37.64 12.22
CA ALA C 774 -15.60 38.58 12.84
C ALA C 774 -14.35 37.88 13.36
N HIS C 775 -14.50 36.70 13.96
CA HIS C 775 -13.33 35.97 14.42
C HIS C 775 -12.54 35.35 13.28
N SER C 776 -13.18 35.04 12.15
CA SER C 776 -12.43 34.63 10.97
C SER C 776 -11.61 35.77 10.40
N LYS C 777 -12.08 37.01 10.52
CA LYS C 777 -11.32 38.16 10.09
C LYS C 777 -10.58 38.84 11.23
N GLY C 778 -10.52 38.21 12.40
CA GLY C 778 -9.74 38.74 13.50
C GLY C 778 -10.30 39.95 14.19
N ALA C 779 -11.61 40.18 14.10
CA ALA C 779 -12.25 41.31 14.75
C ALA C 779 -12.95 40.86 16.03
N THR C 780 -12.88 41.70 17.06
CA THR C 780 -13.53 41.41 18.32
C THR C 780 -15.04 41.57 18.19
N VAL C 781 -15.78 40.84 19.03
CA VAL C 781 -17.23 40.87 19.05
C VAL C 781 -17.70 41.24 20.44
N SER C 782 -18.60 42.22 20.53
CA SER C 782 -19.21 42.61 21.78
C SER C 782 -20.72 42.65 21.60
N ILE C 783 -21.44 42.58 22.72
CA ILE C 783 -22.89 42.68 22.72
C ILE C 783 -23.30 43.69 23.80
N CYS C 784 -24.17 44.63 23.43
CA CYS C 784 -24.66 45.67 24.34
C CYS C 784 -26.18 45.72 24.19
N GLY C 785 -26.87 44.92 24.98
CA GLY C 785 -28.32 44.87 24.93
C GLY C 785 -28.88 44.28 26.20
N GLN C 786 -30.20 44.14 26.22
CA GLN C 786 -30.88 43.59 27.39
C GLN C 786 -30.90 42.07 27.41
N ALA C 787 -30.50 41.41 26.32
CA ALA C 787 -30.52 39.95 26.30
C ALA C 787 -29.62 39.33 27.34
N PRO C 788 -28.34 39.70 27.50
CA PRO C 788 -27.53 39.08 28.55
C PRO C 788 -27.96 39.45 29.95
N SER C 789 -28.71 40.54 30.12
CA SER C 789 -29.10 40.98 31.45
C SER C 789 -30.20 40.12 32.06
N VAL C 790 -31.06 39.51 31.23
CA VAL C 790 -32.23 38.81 31.70
C VAL C 790 -32.18 37.31 31.42
N TYR C 791 -31.62 36.91 30.27
CA TYR C 791 -31.66 35.50 29.89
C TYR C 791 -30.30 34.86 30.10
N PRO C 792 -30.15 33.96 31.07
CA PRO C 792 -28.87 33.25 31.24
C PRO C 792 -28.48 32.40 30.04
N GLU C 793 -29.46 31.81 29.34
CA GLU C 793 -29.14 30.97 28.19
C GLU C 793 -28.52 31.77 27.05
N ILE C 794 -28.93 33.04 26.88
CA ILE C 794 -28.27 33.91 25.90
C ILE C 794 -26.81 34.07 26.27
N VAL C 795 -26.52 34.28 27.55
CA VAL C 795 -25.13 34.43 27.99
C VAL C 795 -24.35 33.15 27.73
N GLU C 796 -24.95 32.00 28.02
CA GLU C 796 -24.28 30.73 27.79
C GLU C 796 -23.97 30.54 26.31
N PHE C 797 -24.95 30.83 25.44
CA PHE C 797 -24.72 30.70 24.00
C PHE C 797 -23.65 31.66 23.52
N LEU C 798 -23.64 32.89 24.02
CA LEU C 798 -22.64 33.87 23.62
C LEU C 798 -21.24 33.43 24.02
N VAL C 799 -21.09 32.94 25.26
CA VAL C 799 -19.78 32.51 25.73
C VAL C 799 -19.32 31.27 24.98
N GLU C 800 -20.25 30.36 24.67
CA GLU C 800 -19.90 29.18 23.89
C GLU C 800 -19.44 29.58 22.48
N ALA C 801 -20.12 30.55 21.87
CA ALA C 801 -19.71 31.03 20.56
C ALA C 801 -18.35 31.72 20.59
N GLY C 802 -17.92 32.19 21.76
CA GLY C 802 -16.61 32.81 21.89
C GLY C 802 -16.64 34.32 21.77
N ILE C 803 -17.69 34.94 22.29
CA ILE C 803 -17.78 36.40 22.22
C ILE C 803 -16.70 37.02 23.09
N ASP C 804 -16.14 38.13 22.61
CA ASP C 804 -14.99 38.73 23.29
C ASP C 804 -15.40 39.47 24.55
N SER C 805 -16.53 40.18 24.53
CA SER C 805 -16.96 40.93 25.69
C SER C 805 -18.47 41.03 25.69
N ILE C 806 -19.03 41.28 26.87
CA ILE C 806 -20.47 41.46 27.07
C ILE C 806 -20.67 42.74 27.85
N SER C 807 -21.48 43.65 27.31
CA SER C 807 -21.79 44.92 27.95
C SER C 807 -23.22 44.87 28.48
N VAL C 808 -23.38 45.10 29.77
CA VAL C 808 -24.67 45.00 30.44
C VAL C 808 -24.91 46.27 31.25
N ASN C 809 -26.14 46.38 31.77
CA ASN C 809 -26.49 47.47 32.66
C ASN C 809 -25.74 47.33 33.97
N PRO C 810 -25.52 48.44 34.69
CA PRO C 810 -24.77 48.34 35.96
C PRO C 810 -25.36 47.37 36.95
N ASP C 811 -26.69 47.40 37.15
CA ASP C 811 -27.31 46.52 38.13
C ASP C 811 -27.17 45.04 37.77
N ALA C 812 -26.86 44.74 36.51
CA ALA C 812 -26.67 43.37 36.06
C ALA C 812 -25.19 43.02 35.89
N VAL C 813 -24.28 43.87 36.35
CA VAL C 813 -22.85 43.59 36.15
C VAL C 813 -22.42 42.38 36.98
N ILE C 814 -22.54 42.48 38.30
CA ILE C 814 -21.96 41.48 39.19
C ILE C 814 -22.49 40.10 38.86
N ALA C 815 -23.82 39.95 38.77
CA ALA C 815 -24.41 38.66 38.42
C ALA C 815 -23.82 38.13 37.12
N THR C 816 -23.75 38.98 36.10
CA THR C 816 -23.17 38.54 34.83
C THR C 816 -21.74 38.05 35.04
N ARG C 817 -20.95 38.81 35.80
CA ARG C 817 -19.57 38.40 36.06
C ARG C 817 -19.53 37.03 36.71
N ARG C 818 -20.49 36.73 37.60
CA ARG C 818 -20.60 35.38 38.11
C ARG C 818 -20.99 34.42 37.00
N LEU C 819 -22.09 34.71 36.31
CA LEU C 819 -22.67 33.75 35.37
C LEU C 819 -21.66 33.37 34.30
N VAL C 820 -21.10 34.37 33.61
CA VAL C 820 -20.12 34.10 32.57
C VAL C 820 -19.02 33.20 33.12
N ALA C 821 -18.49 33.53 34.30
CA ALA C 821 -17.43 32.73 34.88
C ALA C 821 -17.85 31.27 34.96
N SER C 822 -19.01 31.00 35.56
CA SER C 822 -19.48 29.63 35.67
C SER C 822 -19.56 29.00 34.29
N ILE C 823 -20.17 29.71 33.34
CA ILE C 823 -20.31 29.16 31.99
C ILE C 823 -18.95 28.82 31.42
N GLU C 824 -17.99 29.74 31.57
CA GLU C 824 -16.65 29.46 31.07
C GLU C 824 -16.12 28.17 31.68
N ARG C 825 -16.23 28.04 33.01
CA ARG C 825 -15.78 26.82 33.67
C ARG C 825 -16.49 25.61 33.09
N LYS C 826 -17.81 25.72 32.92
CA LYS C 826 -18.55 24.61 32.31
C LYS C 826 -18.02 24.28 30.94
N ILE C 827 -17.82 25.31 30.11
CA ILE C 827 -17.27 25.08 28.78
C ILE C 827 -15.91 24.41 28.89
N MET C 828 -15.10 24.88 29.86
CA MET C 828 -13.74 24.37 29.99
C MET C 828 -13.76 22.89 30.34
N LEU C 829 -14.85 22.43 30.97
CA LEU C 829 -15.04 20.98 31.12
C LEU C 829 -15.48 20.35 29.80
N LYS C 830 -16.55 20.88 29.19
CA LYS C 830 -17.20 20.20 28.08
C LYS C 830 -16.21 19.97 26.94
N ARG C 831 -15.50 21.02 26.52
CA ARG C 831 -14.51 20.89 25.46
C ARG C 831 -13.54 19.75 25.75
N LEU C 832 -13.04 19.68 26.99
CA LEU C 832 -12.13 18.59 27.35
C LEU C 832 -12.74 17.24 27.02
N ASN C 833 -13.98 17.01 27.50
CA ASN C 833 -14.65 15.76 27.18
C ASN C 833 -14.68 15.53 25.68
N LYS C 834 -15.12 16.54 24.91
CA LYS C 834 -15.16 16.39 23.46
C LYS C 834 -13.81 15.96 22.93
N ILE C 835 -12.75 16.63 23.38
CA ILE C 835 -11.41 16.29 22.90
C ILE C 835 -11.14 14.82 23.14
N MET C 836 -11.40 14.33 24.36
CA MET C 836 -11.18 12.92 24.64
C MET C 836 -12.00 12.06 23.69
N ASP C 837 -13.28 12.38 23.53
CA ASP C 837 -14.11 11.63 22.60
C ASP C 837 -13.52 11.70 21.20
N LYS C 838 -13.12 12.90 20.77
CA LYS C 838 -12.48 13.04 19.48
C LYS C 838 -11.26 12.15 19.39
N LEU C 839 -10.43 12.17 20.43
CA LEU C 839 -9.23 11.34 20.43
C LEU C 839 -9.59 9.87 20.32
N ASN C 840 -10.69 9.46 20.96
CA ASN C 840 -11.12 8.08 20.83
C ASN C 840 -11.34 7.71 19.37
N LYS C 841 -12.03 8.58 18.63
CA LYS C 841 -12.32 8.28 17.23
C LYS C 841 -11.04 8.18 16.41
N LEU C 842 -9.96 8.82 16.89
CA LEU C 842 -8.69 8.71 16.18
C LEU C 842 -8.07 7.33 16.38
N GLU C 843 -8.23 6.73 17.57
CA GLU C 843 -7.58 5.46 17.82
C GLU C 843 -8.39 4.28 17.29
N LEU C 844 -9.64 4.52 16.91
CA LEU C 844 -10.49 3.46 16.37
C LEU C 844 -10.95 3.78 14.96
N SER D 522 -45.03 42.43 -40.13
CA SER D 522 -44.77 43.14 -38.88
C SER D 522 -43.53 42.60 -38.20
N PRO D 523 -42.36 43.10 -38.61
CA PRO D 523 -41.10 42.56 -38.07
C PRO D 523 -40.88 42.85 -36.59
N GLU D 524 -41.58 43.83 -36.01
CA GLU D 524 -41.28 44.24 -34.64
C GLU D 524 -41.63 43.15 -33.63
N GLN D 525 -42.58 42.27 -33.94
CA GLN D 525 -42.83 41.14 -33.06
C GLN D 525 -41.96 39.93 -33.36
N LEU D 526 -41.13 39.99 -34.40
CA LEU D 526 -40.24 38.89 -34.74
C LEU D 526 -38.93 38.92 -33.97
N LEU D 527 -38.65 40.01 -33.24
CA LEU D 527 -37.42 40.08 -32.46
C LEU D 527 -37.30 38.97 -31.41
N PRO D 528 -38.33 38.70 -30.58
CA PRO D 528 -38.16 37.63 -29.58
C PRO D 528 -38.04 36.25 -30.18
N LEU D 529 -38.45 36.05 -31.42
CA LEU D 529 -38.42 34.72 -32.04
C LEU D 529 -37.06 34.40 -32.66
N TYR D 530 -36.11 35.32 -32.64
CA TYR D 530 -34.79 35.04 -33.17
C TYR D 530 -34.06 34.03 -32.29
N PRO D 531 -33.11 33.29 -32.85
CA PRO D 531 -32.41 32.27 -32.06
C PRO D 531 -31.69 32.87 -30.86
N VAL D 532 -31.69 32.13 -29.76
CA VAL D 532 -31.06 32.57 -28.52
C VAL D 532 -29.62 32.09 -28.51
N THR D 533 -28.70 33.02 -28.25
CA THR D 533 -27.27 32.73 -28.23
C THR D 533 -26.70 33.03 -26.86
N ALA D 534 -25.85 32.13 -26.36
CA ALA D 534 -25.12 32.40 -25.13
C ALA D 534 -24.19 33.59 -25.29
N THR D 535 -23.48 33.66 -26.40
CA THR D 535 -22.62 34.80 -26.69
C THR D 535 -23.46 36.00 -27.12
N LYS D 536 -23.20 37.15 -26.50
CA LYS D 536 -23.95 38.34 -26.85
C LYS D 536 -23.56 38.85 -28.23
N ILE D 537 -24.57 39.20 -29.03
CA ILE D 537 -24.36 39.70 -30.38
C ILE D 537 -24.51 41.21 -30.33
N TYR D 538 -23.40 41.93 -30.37
CA TYR D 538 -23.41 43.38 -30.38
C TYR D 538 -23.37 43.92 -31.80
N MET D 539 -23.61 45.22 -31.92
CA MET D 539 -23.65 45.88 -33.22
C MET D 539 -22.67 47.06 -33.22
N ASN D 540 -22.07 47.29 -34.39
CA ASN D 540 -21.17 48.43 -34.59
C ASN D 540 -21.95 49.57 -35.21
N LEU D 541 -21.85 50.75 -34.61
CA LEU D 541 -22.55 51.93 -35.07
C LEU D 541 -21.58 53.09 -35.19
N GLY D 542 -21.65 53.81 -36.32
CA GLY D 542 -20.82 54.97 -36.52
C GLY D 542 -21.62 56.25 -36.64
N GLU D 543 -22.83 56.14 -37.18
CA GLU D 543 -23.72 57.29 -37.33
C GLU D 543 -24.90 57.15 -36.37
N PRO D 544 -25.10 58.09 -35.45
CA PRO D 544 -26.25 57.98 -34.54
C PRO D 544 -27.58 57.91 -35.24
N ASP D 545 -27.76 58.67 -36.32
CA ASP D 545 -29.04 58.69 -37.03
C ASP D 545 -29.36 57.35 -37.68
N ALA D 546 -28.40 56.45 -37.78
CA ALA D 546 -28.63 55.11 -38.32
C ALA D 546 -29.18 54.16 -37.28
N ILE D 547 -29.32 54.58 -36.02
CA ILE D 547 -29.85 53.67 -35.01
C ILE D 547 -31.31 53.35 -35.28
N GLU D 548 -32.05 54.26 -35.90
CA GLU D 548 -33.46 54.01 -36.19
C GLU D 548 -33.63 53.03 -37.35
N LYS D 549 -32.64 52.98 -38.26
CA LYS D 549 -32.71 52.01 -39.35
C LYS D 549 -32.55 50.59 -38.84
N TYR D 550 -31.69 50.39 -37.84
CA TYR D 550 -31.34 49.07 -37.35
C TYR D 550 -31.97 48.75 -36.00
N LYS D 551 -33.02 49.49 -35.62
CA LYS D 551 -33.69 49.23 -34.34
C LYS D 551 -34.39 47.88 -34.30
N ASP D 552 -34.68 47.29 -35.47
CA ASP D 552 -35.37 46.02 -35.54
C ASP D 552 -34.42 44.84 -35.72
N LEU D 553 -33.13 45.04 -35.47
CA LEU D 553 -32.22 43.91 -35.55
C LEU D 553 -32.05 43.24 -34.19
N PRO D 554 -31.84 41.92 -34.16
CA PRO D 554 -31.67 41.22 -32.87
C PRO D 554 -30.26 41.34 -32.32
N PHE D 555 -29.92 42.54 -31.85
CA PHE D 555 -28.63 42.80 -31.24
C PHE D 555 -28.82 43.07 -29.75
N ASP D 556 -27.87 42.61 -28.94
CA ASP D 556 -27.92 42.77 -27.50
C ASP D 556 -27.33 44.08 -27.03
N GLY D 557 -26.87 44.93 -27.95
CA GLY D 557 -26.31 46.21 -27.59
C GLY D 557 -25.38 46.71 -28.67
N ILE D 558 -24.85 47.90 -28.45
CA ILE D 558 -23.87 48.51 -29.33
C ILE D 558 -22.50 48.27 -28.71
N GLY D 559 -21.80 47.26 -29.22
CA GLY D 559 -20.47 46.96 -28.72
C GLY D 559 -19.39 47.91 -29.17
N LEU D 560 -19.69 48.78 -30.14
CA LEU D 560 -18.71 49.76 -30.60
C LEU D 560 -19.46 50.93 -31.21
N MET D 561 -19.45 52.06 -30.53
CA MET D 561 -20.00 53.30 -31.05
C MET D 561 -18.85 54.22 -31.43
N ARG D 562 -18.75 54.54 -32.71
CA ARG D 562 -17.69 55.40 -33.22
C ARG D 562 -18.14 56.85 -33.18
N ILE D 563 -17.42 57.67 -32.41
CA ILE D 563 -17.75 59.08 -32.28
C ILE D 563 -16.95 59.88 -33.30
N GLU D 564 -16.21 59.17 -34.16
CA GLU D 564 -15.44 59.86 -35.20
C GLU D 564 -16.37 60.60 -36.16
N PHE D 565 -17.49 59.98 -36.52
CA PHE D 565 -18.44 60.65 -37.42
C PHE D 565 -19.04 61.88 -36.77
N ILE D 566 -19.32 61.82 -35.46
CA ILE D 566 -19.91 62.97 -34.76
C ILE D 566 -18.93 64.13 -34.77
N ILE D 567 -17.65 63.86 -34.45
CA ILE D 567 -16.67 64.93 -34.41
C ILE D 567 -16.42 65.49 -35.82
N THR D 568 -16.42 64.62 -36.82
CA THR D 568 -16.11 65.06 -38.18
C THR D 568 -17.25 65.88 -38.78
N ASP D 569 -18.49 65.41 -38.62
CA ASP D 569 -19.63 65.99 -39.34
C ASP D 569 -20.56 66.82 -38.47
N TRP D 570 -20.57 66.61 -37.16
CA TRP D 570 -21.40 67.42 -36.29
C TRP D 570 -20.63 68.53 -35.58
N VAL D 571 -19.30 68.43 -35.53
CA VAL D 571 -18.46 69.44 -34.89
C VAL D 571 -17.60 70.19 -35.91
N GLN D 572 -16.96 69.45 -36.82
CA GLN D 572 -16.06 69.98 -37.84
C GLN D 572 -14.84 70.69 -37.27
N TYR D 573 -14.70 70.75 -35.95
CA TYR D 573 -13.64 71.54 -35.33
C TYR D 573 -12.80 70.68 -34.40
N HIS D 574 -11.51 70.98 -34.36
CA HIS D 574 -10.62 70.33 -33.42
C HIS D 574 -11.01 70.71 -31.99
N PRO D 575 -11.12 69.75 -31.08
CA PRO D 575 -11.54 70.10 -29.70
C PRO D 575 -10.61 71.10 -29.03
N LEU D 576 -9.30 70.99 -29.26
CA LEU D 576 -8.38 71.98 -28.70
C LEU D 576 -8.63 73.36 -29.28
N TYR D 577 -8.96 73.45 -30.57
CA TYR D 577 -9.30 74.73 -31.17
C TYR D 577 -10.55 75.32 -30.52
N LEU D 578 -11.56 74.47 -30.26
CA LEU D 578 -12.76 74.96 -29.60
C LEU D 578 -12.46 75.42 -28.18
N ILE D 579 -11.56 74.73 -27.48
CA ILE D 579 -11.15 75.16 -26.14
C ILE D 579 -10.46 76.52 -26.22
N GLU D 580 -9.59 76.70 -27.21
CA GLU D 580 -8.93 77.99 -27.38
C GLU D 580 -9.94 79.09 -27.68
N GLN D 581 -10.94 78.81 -28.51
CA GLN D 581 -12.01 79.76 -28.79
C GLN D 581 -13.08 79.75 -27.71
N GLY D 582 -12.96 78.93 -26.68
CA GLY D 582 -13.96 78.87 -25.64
C GLY D 582 -15.29 78.30 -26.09
N LYS D 583 -15.26 77.27 -26.94
CA LYS D 583 -16.48 76.65 -27.43
C LYS D 583 -16.53 75.18 -27.07
N GLU D 584 -16.14 74.85 -25.83
CA GLU D 584 -16.24 73.47 -25.36
C GLU D 584 -17.69 73.00 -25.33
N SER D 585 -18.62 73.93 -25.12
CA SER D 585 -20.03 73.58 -25.00
C SER D 585 -20.54 72.93 -26.28
N LEU D 586 -20.15 73.45 -27.44
CA LEU D 586 -20.62 72.88 -28.71
C LEU D 586 -20.17 71.43 -28.86
N PHE D 587 -18.88 71.16 -28.65
CA PHE D 587 -18.36 69.80 -28.78
C PHE D 587 -19.02 68.86 -27.78
N ILE D 588 -19.11 69.28 -26.52
CA ILE D 588 -19.70 68.43 -25.48
C ILE D 588 -21.16 68.15 -25.81
N ASP D 589 -21.90 69.17 -26.24
CA ASP D 589 -23.32 69.01 -26.50
C ASP D 589 -23.58 68.14 -27.72
N LYS D 590 -22.75 68.26 -28.76
CA LYS D 590 -22.95 67.40 -29.93
C LYS D 590 -22.65 65.94 -29.59
N LEU D 591 -21.56 65.68 -28.87
CA LEU D 591 -21.29 64.31 -28.45
C LEU D 591 -22.40 63.78 -27.56
N ALA D 592 -22.88 64.62 -26.63
CA ALA D 592 -23.95 64.20 -25.73
C ALA D 592 -25.22 63.90 -26.50
N GLU D 593 -25.55 64.72 -27.49
CA GLU D 593 -26.76 64.49 -28.28
C GLU D 593 -26.67 63.17 -29.03
N GLY D 594 -25.55 62.92 -29.71
CA GLY D 594 -25.42 61.67 -30.43
C GLY D 594 -25.46 60.45 -29.52
N ILE D 595 -24.69 60.48 -28.43
CA ILE D 595 -24.63 59.33 -27.53
C ILE D 595 -25.96 59.12 -26.85
N ALA D 596 -26.65 60.20 -26.47
CA ALA D 596 -27.96 60.08 -25.82
C ALA D 596 -28.99 59.51 -26.78
N LYS D 597 -28.97 59.95 -28.05
CA LYS D 597 -29.88 59.38 -29.03
C LYS D 597 -29.66 57.88 -29.17
N VAL D 598 -28.39 57.46 -29.32
CA VAL D 598 -28.11 56.04 -29.47
C VAL D 598 -28.51 55.26 -28.23
N ALA D 599 -28.22 55.79 -27.04
CA ALA D 599 -28.51 55.07 -25.80
C ALA D 599 -30.01 54.95 -25.56
N GLN D 600 -30.75 56.04 -25.78
CA GLN D 600 -32.19 56.02 -25.56
C GLN D 600 -32.88 55.16 -26.61
N ALA D 601 -32.33 55.08 -27.82
CA ALA D 601 -32.96 54.26 -28.86
C ALA D 601 -32.96 52.78 -28.50
N ILE D 602 -31.98 52.32 -27.72
CA ILE D 602 -31.85 50.90 -27.42
C ILE D 602 -31.81 50.63 -25.92
N TYR D 603 -32.31 51.56 -25.10
CA TYR D 603 -32.31 51.34 -23.67
C TYR D 603 -33.16 50.11 -23.33
N PRO D 604 -32.72 49.27 -22.38
CA PRO D 604 -31.52 49.39 -21.54
C PRO D 604 -30.30 48.65 -22.07
N ARG D 605 -30.25 48.32 -23.36
CA ARG D 605 -29.08 47.62 -23.89
C ARG D 605 -27.86 48.53 -23.85
N PRO D 606 -26.70 48.01 -23.48
CA PRO D 606 -25.52 48.87 -23.31
C PRO D 606 -25.04 49.46 -24.63
N VAL D 607 -24.49 50.67 -24.52
CA VAL D 607 -23.84 51.35 -25.64
C VAL D 607 -22.39 51.61 -25.23
N VAL D 608 -21.46 50.91 -25.87
CA VAL D 608 -20.04 51.05 -25.56
C VAL D 608 -19.48 52.10 -26.51
N VAL D 609 -19.33 53.32 -26.01
CA VAL D 609 -18.81 54.44 -26.79
C VAL D 609 -17.29 54.35 -26.80
N ARG D 610 -16.71 54.41 -28.00
CA ARG D 610 -15.26 54.47 -28.15
C ARG D 610 -14.81 55.91 -28.13
N PHE D 611 -13.74 56.19 -27.38
CA PHE D 611 -13.17 57.52 -27.35
C PHE D 611 -12.55 57.84 -28.71
N SER D 612 -12.01 59.05 -28.84
CA SER D 612 -11.50 59.54 -30.12
C SER D 612 -10.41 58.63 -30.67
N ASP D 613 -10.72 57.96 -31.78
CA ASP D 613 -9.80 57.03 -32.42
C ASP D 613 -9.06 57.66 -33.60
N PHE D 614 -9.13 58.98 -33.74
CA PHE D 614 -8.49 59.66 -34.85
C PHE D 614 -6.96 59.54 -34.76
N LYS D 615 -6.33 59.58 -35.93
CA LYS D 615 -4.88 59.71 -36.01
C LYS D 615 -4.53 61.20 -36.16
N THR D 616 -3.23 61.51 -36.11
CA THR D 616 -2.82 62.89 -36.22
C THR D 616 -3.20 63.48 -37.59
N ASN D 617 -3.00 62.69 -38.66
CA ASN D 617 -3.42 63.14 -39.98
C ASN D 617 -4.94 63.29 -40.07
N GLU D 618 -5.69 62.37 -39.44
CA GLU D 618 -7.13 62.52 -39.39
C GLU D 618 -7.55 63.71 -38.53
N TYR D 619 -6.80 63.97 -37.46
CA TYR D 619 -7.08 65.13 -36.63
C TYR D 619 -6.86 66.42 -37.40
N ARG D 620 -5.82 66.47 -38.25
CA ARG D 620 -5.56 67.66 -39.03
C ARG D 620 -6.69 67.99 -40.00
N GLY D 621 -7.51 67.00 -40.36
CA GLY D 621 -8.66 67.27 -41.21
C GLY D 621 -9.70 68.16 -40.56
N LEU D 622 -9.74 68.20 -39.24
CA LEU D 622 -10.65 69.09 -38.53
C LEU D 622 -10.19 70.54 -38.69
N LYS D 623 -11.16 71.45 -38.57
CA LYS D 623 -10.86 72.87 -38.69
C LYS D 623 -10.01 73.34 -37.52
N GLY D 624 -8.92 74.04 -37.81
CA GLY D 624 -8.05 74.55 -36.78
C GLY D 624 -7.15 73.52 -36.14
N GLY D 625 -7.11 72.29 -36.66
CA GLY D 625 -6.30 71.24 -36.10
C GLY D 625 -4.85 71.23 -36.52
N GLU D 626 -4.46 72.08 -37.47
CA GLU D 626 -3.07 72.10 -37.91
C GLU D 626 -2.14 72.61 -36.82
N LYS D 627 -2.62 73.49 -35.95
CA LYS D 627 -1.77 74.06 -34.91
C LYS D 627 -1.51 73.08 -33.77
N TYR D 628 -2.36 72.07 -33.59
CA TYR D 628 -2.25 71.17 -32.46
C TYR D 628 -1.77 69.78 -32.82
N GLU D 629 -1.70 69.44 -34.10
CA GLU D 629 -1.33 68.11 -34.54
C GLU D 629 0.02 68.15 -35.25
N PRO D 630 1.07 67.57 -34.67
CA PRO D 630 2.36 67.54 -35.35
C PRO D 630 2.34 66.57 -36.53
N GLU D 631 3.16 66.87 -37.52
CA GLU D 631 3.30 65.97 -38.66
C GLU D 631 4.05 64.73 -38.25
N GLU D 632 3.42 63.57 -38.38
CA GLU D 632 4.03 62.32 -37.93
C GLU D 632 4.30 61.41 -39.10
N ARG D 633 5.47 60.78 -39.06
CA ARG D 633 5.88 59.81 -40.05
C ARG D 633 5.01 58.55 -39.98
N ASN D 634 4.68 58.06 -38.77
CA ASN D 634 3.77 56.93 -38.62
C ASN D 634 2.70 57.22 -37.58
N PRO D 635 1.66 57.98 -37.95
CA PRO D 635 0.54 58.17 -37.01
C PRO D 635 -0.19 56.87 -36.69
N MET D 636 -0.10 55.86 -37.56
CA MET D 636 -0.73 54.57 -37.29
C MET D 636 -0.23 53.98 -35.99
N ILE D 637 1.06 54.13 -35.71
CA ILE D 637 1.62 53.73 -34.43
C ILE D 637 2.16 54.97 -33.74
N GLY D 638 1.52 56.12 -34.00
CA GLY D 638 1.97 57.38 -33.45
C GLY D 638 1.18 57.80 -32.22
N TRP D 639 1.12 59.11 -32.02
CA TRP D 639 0.44 59.71 -30.86
C TRP D 639 -1.06 59.61 -31.06
N ARG D 640 -1.66 58.56 -30.51
CA ARG D 640 -3.09 58.33 -30.64
C ARG D 640 -3.56 57.48 -29.47
N GLY D 641 -4.87 57.47 -29.27
CA GLY D 641 -5.44 56.63 -28.23
C GLY D 641 -5.16 57.18 -26.85
N VAL D 642 -4.95 56.27 -25.90
CA VAL D 642 -4.74 56.66 -24.51
C VAL D 642 -3.49 57.52 -24.37
N SER D 643 -2.46 57.20 -25.14
CA SER D 643 -1.24 58.02 -25.14
C SER D 643 -1.58 59.47 -25.45
N ARG D 644 -2.57 59.71 -26.30
CA ARG D 644 -3.00 61.07 -26.58
C ARG D 644 -3.82 61.64 -25.43
N TYR D 645 -4.66 60.82 -24.80
CA TYR D 645 -5.57 61.33 -23.78
C TYR D 645 -4.81 61.80 -22.54
N ILE D 646 -3.83 61.02 -22.08
CA ILE D 646 -3.09 61.36 -20.87
C ILE D 646 -2.06 62.46 -21.09
N HIS D 647 -1.74 62.77 -22.35
CA HIS D 647 -0.79 63.84 -22.61
C HIS D 647 -1.38 65.18 -22.21
N PRO D 648 -0.61 66.05 -21.57
CA PRO D 648 -1.16 67.33 -21.11
C PRO D 648 -1.72 68.20 -22.23
N LYS D 649 -1.19 68.08 -23.45
CA LYS D 649 -1.64 68.92 -24.56
C LYS D 649 -3.08 68.58 -24.95
N TYR D 650 -3.38 67.30 -25.10
CA TYR D 650 -4.72 66.87 -25.50
C TYR D 650 -5.61 66.54 -24.30
N GLU D 651 -5.07 66.58 -23.08
CA GLU D 651 -5.88 66.24 -21.91
C GLU D 651 -7.18 67.03 -21.80
N PRO D 652 -7.22 68.34 -22.08
CA PRO D 652 -8.52 69.03 -22.05
C PRO D 652 -9.55 68.45 -23.01
N ALA D 653 -9.13 68.00 -24.19
CA ALA D 653 -10.09 67.41 -25.12
C ALA D 653 -10.64 66.08 -24.60
N PHE D 654 -9.78 65.25 -24.02
CA PHE D 654 -10.25 64.02 -23.39
C PHE D 654 -11.19 64.34 -22.24
N ARG D 655 -10.89 65.40 -21.49
CA ARG D 655 -11.80 65.82 -20.42
C ARG D 655 -13.14 66.27 -20.97
N LEU D 656 -13.14 66.93 -22.14
CA LEU D 656 -14.41 67.29 -22.78
C LEU D 656 -15.20 66.04 -23.16
N GLU D 657 -14.52 65.03 -23.70
CA GLU D 657 -15.21 63.79 -24.05
C GLU D 657 -15.78 63.11 -22.80
N VAL D 658 -15.01 63.07 -21.72
CA VAL D 658 -15.49 62.48 -20.48
C VAL D 658 -16.65 63.27 -19.91
N ARG D 659 -16.61 64.60 -20.06
CA ARG D 659 -17.72 65.43 -19.61
C ARG D 659 -18.98 65.15 -20.41
N ALA D 660 -18.85 64.95 -21.72
CA ALA D 660 -20.00 64.58 -22.54
C ALA D 660 -20.58 63.25 -22.09
N ILE D 661 -19.71 62.26 -21.84
CA ILE D 661 -20.19 60.96 -21.36
C ILE D 661 -20.89 61.11 -20.02
N LYS D 662 -20.33 61.90 -19.11
CA LYS D 662 -20.93 62.12 -17.81
C LYS D 662 -22.28 62.80 -17.93
N LYS D 663 -22.39 63.78 -18.84
CA LYS D 663 -23.67 64.45 -19.07
C LYS D 663 -24.71 63.48 -19.59
N VAL D 664 -24.31 62.59 -20.51
CA VAL D 664 -25.25 61.57 -20.99
C VAL D 664 -25.68 60.66 -19.84
N ARG D 665 -24.73 60.25 -19.00
CA ARG D 665 -25.04 59.27 -17.97
C ARG D 665 -25.84 59.87 -16.82
N GLU D 666 -25.73 61.18 -16.60
CA GLU D 666 -26.33 61.83 -15.44
C GLU D 666 -27.49 62.74 -15.80
N GLU D 667 -27.28 63.71 -16.69
CA GLU D 667 -28.34 64.64 -17.05
C GLU D 667 -29.52 63.92 -17.70
N MET D 668 -29.23 62.99 -18.60
CA MET D 668 -30.27 62.18 -19.22
C MET D 668 -30.51 60.87 -18.48
N GLY D 669 -29.71 60.55 -17.47
CA GLY D 669 -29.91 59.33 -16.70
C GLY D 669 -29.72 58.06 -17.48
N LEU D 670 -29.00 58.10 -18.59
CA LEU D 670 -28.78 56.92 -19.43
C LEU D 670 -27.62 56.12 -18.84
N THR D 671 -27.96 55.21 -17.94
CA THR D 671 -26.95 54.41 -17.26
C THR D 671 -26.25 53.44 -18.21
N ASN D 672 -26.93 53.04 -19.27
CA ASN D 672 -26.43 52.01 -20.18
C ASN D 672 -25.22 52.47 -21.02
N VAL D 673 -24.64 53.64 -20.79
CA VAL D 673 -23.51 54.11 -21.58
C VAL D 673 -22.21 53.69 -20.89
N TRP D 674 -21.41 52.91 -21.59
CA TRP D 674 -20.08 52.50 -21.15
C TRP D 674 -19.06 53.11 -22.09
N VAL D 675 -17.79 53.06 -21.69
CA VAL D 675 -16.71 53.64 -22.49
C VAL D 675 -15.65 52.58 -22.74
N MET D 676 -14.98 52.70 -23.89
CA MET D 676 -13.81 51.89 -24.18
C MET D 676 -12.66 52.79 -24.60
N PHE D 677 -11.47 52.46 -24.11
CA PHE D 677 -10.27 53.22 -24.42
C PHE D 677 -9.59 52.62 -25.64
N PRO D 678 -9.48 53.35 -26.74
CA PRO D 678 -8.86 52.78 -27.94
C PRO D 678 -7.34 52.85 -27.90
N PHE D 679 -6.71 51.81 -28.44
CA PHE D 679 -5.27 51.76 -28.66
C PHE D 679 -4.50 51.93 -27.34
N VAL D 680 -4.77 51.01 -26.42
CA VAL D 680 -4.11 51.01 -25.12
C VAL D 680 -2.75 50.35 -25.25
N ARG D 681 -1.72 51.02 -24.75
CA ARG D 681 -0.34 50.57 -24.89
C ARG D 681 0.25 50.02 -23.59
N THR D 682 0.16 50.77 -22.51
CA THR D 682 0.79 50.40 -21.25
C THR D 682 -0.19 50.55 -20.10
N THR D 683 0.12 49.86 -18.99
CA THR D 683 -0.77 49.88 -17.83
C THR D 683 -0.78 51.24 -17.16
N TRP D 684 0.38 51.91 -17.08
CA TRP D 684 0.44 53.20 -16.40
C TRP D 684 -0.36 54.26 -17.16
N GLU D 685 -0.33 54.22 -18.49
CA GLU D 685 -1.16 55.15 -19.26
C GLU D 685 -2.64 54.88 -19.02
N LEU D 686 -3.02 53.61 -18.89
CA LEU D 686 -4.42 53.27 -18.63
C LEU D 686 -4.85 53.77 -17.25
N GLU D 687 -3.99 53.61 -16.26
CA GLU D 687 -4.33 54.10 -14.92
C GLU D 687 -4.36 55.63 -14.88
N ARG D 688 -3.50 56.29 -15.65
CA ARG D 688 -3.56 57.75 -15.72
C ARG D 688 -4.86 58.21 -16.39
N ALA D 689 -5.28 57.54 -17.45
CA ALA D 689 -6.57 57.86 -18.06
C ALA D 689 -7.72 57.61 -17.08
N LEU D 690 -7.64 56.52 -16.31
CA LEU D 690 -8.69 56.22 -15.34
C LEU D 690 -8.76 57.28 -14.25
N LYS D 691 -7.61 57.74 -13.75
CA LYS D 691 -7.63 58.79 -12.74
C LYS D 691 -8.07 60.13 -13.32
N ILE D 692 -7.78 60.41 -14.59
CA ILE D 692 -8.32 61.59 -15.23
C ILE D 692 -9.83 61.50 -15.31
N MET D 693 -10.36 60.33 -15.66
CA MET D 693 -11.81 60.13 -15.69
C MET D 693 -12.41 60.32 -14.30
N GLU D 694 -11.74 59.79 -13.27
CA GLU D 694 -12.22 59.95 -11.90
C GLU D 694 -12.25 61.41 -11.48
N GLU D 695 -11.23 62.18 -11.90
CA GLU D 695 -11.22 63.61 -11.59
C GLU D 695 -12.40 64.33 -12.22
N GLU D 696 -12.96 63.78 -13.28
CA GLU D 696 -14.14 64.34 -13.93
C GLU D 696 -15.44 63.76 -13.39
N GLY D 697 -15.38 62.93 -12.36
CA GLY D 697 -16.56 62.34 -11.77
C GLY D 697 -17.05 61.08 -12.43
N LEU D 698 -16.34 60.57 -13.43
CA LEU D 698 -16.70 59.33 -14.12
C LEU D 698 -15.85 58.21 -13.53
N LYS D 699 -16.47 57.36 -12.71
CA LYS D 699 -15.76 56.32 -11.99
C LYS D 699 -16.30 54.95 -12.38
N ARG D 700 -15.39 53.99 -12.54
CA ARG D 700 -15.78 52.62 -12.83
C ARG D 700 -16.56 52.04 -11.67
N GLY D 701 -17.67 51.38 -11.98
CA GLY D 701 -18.52 50.83 -10.95
C GLY D 701 -19.45 49.76 -11.50
N LYS D 702 -20.47 49.44 -10.71
CA LYS D 702 -21.43 48.43 -11.12
C LYS D 702 -22.29 48.91 -12.28
N ASP D 703 -22.58 50.20 -12.35
CA ASP D 703 -23.40 50.77 -13.41
C ASP D 703 -22.58 51.39 -14.53
N PHE D 704 -21.26 51.32 -14.45
CA PHE D 704 -20.37 51.92 -15.45
C PHE D 704 -19.24 50.94 -15.75
N LYS D 705 -19.16 50.50 -16.99
CA LYS D 705 -18.12 49.56 -17.42
C LYS D 705 -17.09 50.30 -18.27
N VAL D 706 -15.82 49.97 -18.05
CA VAL D 706 -14.70 50.52 -18.81
C VAL D 706 -13.99 49.38 -19.52
N TRP D 707 -13.86 49.50 -20.84
CA TRP D 707 -13.20 48.51 -21.66
C TRP D 707 -11.91 49.07 -22.22
N ALA D 708 -11.02 48.18 -22.66
CA ALA D 708 -9.77 48.56 -23.31
C ALA D 708 -9.67 47.82 -24.64
N MET D 709 -9.36 48.56 -25.70
CA MET D 709 -9.17 47.93 -27.00
C MET D 709 -7.92 47.05 -26.99
N ALA D 710 -8.10 45.79 -27.36
CA ALA D 710 -6.98 44.85 -27.43
C ALA D 710 -6.46 44.78 -28.87
N GLU D 711 -5.92 45.91 -29.32
CA GLU D 711 -5.36 46.01 -30.65
C GLU D 711 -3.85 46.21 -30.66
N VAL D 712 -3.20 46.17 -29.51
CA VAL D 712 -1.75 46.32 -29.40
C VAL D 712 -1.18 45.02 -28.84
N PRO D 713 -0.06 44.52 -29.38
CA PRO D 713 0.49 43.25 -28.87
C PRO D 713 0.89 43.31 -27.40
N SER D 714 1.14 44.50 -26.84
CA SER D 714 1.38 44.59 -25.41
C SER D 714 0.17 44.14 -24.62
N ILE D 715 -1.04 44.44 -25.11
CA ILE D 715 -2.26 43.93 -24.48
C ILE D 715 -2.30 42.42 -24.59
N VAL D 716 -1.87 41.88 -25.73
CA VAL D 716 -1.83 40.43 -25.90
C VAL D 716 -0.93 39.79 -24.86
N LEU D 717 0.25 40.37 -24.64
CA LEU D 717 1.21 39.76 -23.74
C LEU D 717 0.86 39.99 -22.27
N LEU D 718 0.17 41.08 -21.94
CA LEU D 718 -0.11 41.44 -20.57
C LEU D 718 -1.59 41.70 -20.33
N ALA D 719 -2.46 40.88 -20.94
CA ALA D 719 -3.89 41.06 -20.73
C ALA D 719 -4.28 40.83 -19.28
N ASP D 720 -3.69 39.83 -18.64
CA ASP D 720 -3.98 39.57 -17.23
C ASP D 720 -3.57 40.74 -16.34
N LYS D 721 -2.51 41.46 -16.72
CA LYS D 721 -2.10 42.64 -15.96
C LYS D 721 -3.04 43.80 -16.22
N PHE D 722 -3.48 43.99 -17.46
CA PHE D 722 -4.40 45.07 -17.79
C PHE D 722 -5.79 44.85 -17.20
N ALA D 723 -6.15 43.61 -16.89
CA ALA D 723 -7.51 43.32 -16.43
C ALA D 723 -7.81 43.94 -15.07
N GLU D 724 -6.80 44.31 -14.29
CA GLU D 724 -7.05 44.94 -13.00
C GLU D 724 -7.60 46.35 -13.12
N TYR D 725 -7.48 46.96 -14.31
CA TYR D 725 -7.89 48.34 -14.50
C TYR D 725 -9.20 48.50 -15.27
N VAL D 726 -9.61 47.49 -16.04
CA VAL D 726 -10.79 47.61 -16.89
C VAL D 726 -11.72 46.44 -16.60
N ASP D 727 -13.00 46.64 -16.90
CA ASP D 727 -13.99 45.57 -16.71
C ASP D 727 -13.86 44.50 -17.78
N GLY D 728 -13.42 44.87 -18.98
CA GLY D 728 -13.28 43.90 -20.05
C GLY D 728 -12.42 44.44 -21.17
N PHE D 729 -12.22 43.61 -22.17
CA PHE D 729 -11.42 43.96 -23.34
C PHE D 729 -12.25 43.81 -24.61
N SER D 730 -11.99 44.70 -25.56
CA SER D 730 -12.59 44.61 -26.90
C SER D 730 -11.45 44.41 -27.89
N ILE D 731 -11.48 43.28 -28.60
CA ILE D 731 -10.40 42.92 -29.53
C ILE D 731 -10.65 43.64 -30.85
N GLY D 732 -9.80 44.61 -31.15
CA GLY D 732 -9.85 45.29 -32.43
C GLY D 732 -9.11 44.50 -33.49
N SER D 733 -9.75 43.44 -33.99
CA SER D 733 -9.08 42.50 -34.87
C SER D 733 -8.47 43.18 -36.09
N ASN D 734 -9.12 44.23 -36.61
CA ASN D 734 -8.58 44.94 -37.75
C ASN D 734 -7.21 45.54 -37.43
N ASP D 735 -7.12 46.27 -36.32
CA ASP D 735 -5.84 46.84 -35.90
C ASP D 735 -4.94 45.80 -35.25
N LEU D 736 -5.52 44.82 -34.57
CA LEU D 736 -4.70 43.79 -33.92
C LEU D 736 -3.92 42.97 -34.94
N THR D 737 -4.56 42.59 -36.04
CA THR D 737 -3.86 41.88 -37.10
C THR D 737 -2.74 42.72 -37.68
N GLN D 738 -3.01 44.01 -37.91
CA GLN D 738 -2.01 44.91 -38.47
C GLN D 738 -0.80 45.01 -37.56
N LEU D 739 -1.02 45.15 -36.25
CA LEU D 739 0.09 45.32 -35.33
C LEU D 739 0.83 44.02 -35.06
N ILE D 740 0.11 42.89 -34.99
CA ILE D 740 0.75 41.61 -34.77
C ILE D 740 1.62 41.24 -35.96
N LEU D 741 1.10 41.42 -37.17
CA LEU D 741 1.86 41.12 -38.37
C LEU D 741 2.78 42.25 -38.79
N GLY D 742 2.65 43.44 -38.20
CA GLY D 742 3.49 44.56 -38.61
C GLY D 742 3.28 44.99 -40.04
N ALA D 743 2.03 44.98 -40.51
CA ALA D 743 1.70 45.37 -41.87
C ALA D 743 0.52 46.33 -41.85
N ASP D 744 0.51 47.26 -42.80
CA ASP D 744 -0.50 48.31 -42.87
C ASP D 744 -1.37 48.08 -44.11
N ARG D 745 -2.69 48.14 -43.92
CA ARG D 745 -3.63 47.64 -44.91
C ARG D 745 -3.69 48.48 -46.18
N ASP D 746 -3.65 49.80 -46.08
CA ASP D 746 -3.83 50.64 -47.26
C ASP D 746 -2.72 50.47 -48.28
N SER D 747 -1.61 49.86 -47.90
CA SER D 747 -0.56 49.49 -48.85
C SER D 747 -1.09 48.37 -49.74
N ASN D 748 -1.31 48.66 -51.02
CA ASN D 748 -1.89 47.68 -51.91
C ASN D 748 -0.98 46.48 -52.12
N ILE D 749 0.33 46.69 -52.06
CA ILE D 749 1.28 45.59 -52.27
C ILE D 749 1.10 44.53 -51.19
N LEU D 750 1.07 44.97 -49.93
CA LEU D 750 0.90 44.02 -48.82
C LEU D 750 -0.46 43.35 -48.86
N ALA D 751 -1.50 44.10 -49.25
CA ALA D 751 -2.84 43.52 -49.35
C ALA D 751 -2.91 42.45 -50.43
N GLU D 752 -2.24 42.68 -51.55
CA GLU D 752 -2.28 41.72 -52.66
C GLU D 752 -1.68 40.37 -52.26
N MET D 753 -0.61 40.39 -51.46
CA MET D 753 0.02 39.14 -51.04
C MET D 753 -0.84 38.35 -50.06
N GLY D 754 -1.92 38.92 -49.55
CA GLY D 754 -2.77 38.20 -48.63
C GLY D 754 -2.33 38.24 -47.18
N TYR D 755 -1.54 39.23 -46.80
CA TYR D 755 -1.08 39.33 -45.41
C TYR D 755 -2.25 39.54 -44.45
N PHE D 756 -3.21 40.38 -44.84
CA PHE D 756 -4.25 40.84 -43.92
C PHE D 756 -5.40 39.83 -43.87
N ASP D 757 -5.04 38.62 -43.49
CA ASP D 757 -5.98 37.54 -43.21
C ASP D 757 -6.07 37.37 -41.70
N GLU D 758 -7.24 37.65 -41.15
CA GLU D 758 -7.43 37.51 -39.71
C GLU D 758 -7.45 36.05 -39.26
N ARG D 759 -7.47 35.11 -40.20
CA ARG D 759 -7.29 33.70 -39.91
C ARG D 759 -5.82 33.31 -39.74
N ASP D 760 -4.93 34.30 -39.69
CA ASP D 760 -3.51 34.00 -39.54
C ASP D 760 -3.26 33.31 -38.21
N PRO D 761 -2.35 32.33 -38.16
CA PRO D 761 -2.09 31.64 -36.89
C PRO D 761 -1.61 32.56 -35.78
N ALA D 762 -0.82 33.58 -36.11
CA ALA D 762 -0.35 34.50 -35.09
C ALA D 762 -1.51 35.30 -34.49
N VAL D 763 -2.41 35.79 -35.33
CA VAL D 763 -3.56 36.55 -34.82
C VAL D 763 -4.45 35.65 -33.96
N LEU D 764 -4.67 34.42 -34.41
CA LEU D 764 -5.48 33.49 -33.62
C LEU D 764 -4.84 33.18 -32.28
N ALA D 765 -3.52 32.98 -32.27
CA ALA D 765 -2.83 32.72 -31.01
C ALA D 765 -2.91 33.92 -30.08
N GLY D 766 -2.77 35.13 -30.63
CA GLY D 766 -2.90 36.32 -29.80
C GLY D 766 -4.29 36.48 -29.21
N ILE D 767 -5.32 36.22 -30.04
CA ILE D 767 -6.69 36.30 -29.55
C ILE D 767 -6.93 35.26 -28.45
N LYS D 768 -6.43 34.05 -28.66
CA LYS D 768 -6.58 33.00 -27.66
C LYS D 768 -5.90 33.39 -26.35
N MET D 769 -4.69 33.96 -26.44
CA MET D 769 -3.99 34.40 -25.24
C MET D 769 -4.75 35.50 -24.52
N ILE D 770 -5.28 36.46 -25.27
CA ILE D 770 -6.06 37.54 -24.67
C ILE D 770 -7.26 36.96 -23.93
N ILE D 771 -7.99 36.06 -24.58
CA ILE D 771 -9.20 35.48 -23.98
C ILE D 771 -8.84 34.70 -22.72
N GLU D 772 -7.78 33.89 -22.78
CA GLU D 772 -7.39 33.09 -21.63
C GLU D 772 -6.99 33.97 -20.46
N LYS D 773 -6.17 35.00 -20.71
CA LYS D 773 -5.72 35.86 -19.63
C LYS D 773 -6.89 36.64 -19.03
N ALA D 774 -7.76 37.20 -19.88
CA ALA D 774 -8.88 37.98 -19.36
C ALA D 774 -9.83 37.12 -18.54
N HIS D 775 -10.11 35.90 -19.00
CA HIS D 775 -10.98 35.03 -18.22
C HIS D 775 -10.30 34.48 -16.98
N SER D 776 -8.97 34.36 -16.98
CA SER D 776 -8.26 34.03 -15.75
C SER D 776 -8.34 35.15 -14.73
N LYS D 777 -8.39 36.41 -15.18
CA LYS D 777 -8.56 37.54 -14.29
C LYS D 777 -10.00 38.01 -14.21
N GLY D 778 -10.95 37.25 -14.75
CA GLY D 778 -12.35 37.57 -14.61
C GLY D 778 -12.84 38.74 -15.42
N ALA D 779 -12.15 39.08 -16.51
CA ALA D 779 -12.56 40.18 -17.38
C ALA D 779 -13.25 39.64 -18.62
N THR D 780 -14.29 40.35 -19.06
CA THR D 780 -15.00 39.96 -20.26
C THR D 780 -14.18 40.27 -21.51
N VAL D 781 -14.43 39.50 -22.57
CA VAL D 781 -13.74 39.66 -23.84
C VAL D 781 -14.76 39.90 -24.93
N SER D 782 -14.53 40.93 -25.74
CA SER D 782 -15.37 41.23 -26.89
C SER D 782 -14.47 41.41 -28.12
N ILE D 783 -15.06 41.27 -29.29
CA ILE D 783 -14.37 41.50 -30.55
C ILE D 783 -15.24 42.41 -31.43
N CYS D 784 -14.63 43.45 -31.99
CA CYS D 784 -15.32 44.41 -32.85
C CYS D 784 -14.45 44.61 -34.09
N GLY D 785 -14.67 43.78 -35.10
CA GLY D 785 -13.91 43.86 -36.33
C GLY D 785 -14.65 43.17 -37.45
N GLN D 786 -13.99 43.13 -38.61
CA GLN D 786 -14.59 42.52 -39.79
C GLN D 786 -14.38 41.01 -39.85
N ALA D 787 -13.55 40.46 -38.96
CA ALA D 787 -13.31 39.01 -38.99
C ALA D 787 -14.55 38.20 -38.74
N PRO D 788 -15.37 38.44 -37.70
CA PRO D 788 -16.59 37.64 -37.53
C PRO D 788 -17.63 37.88 -38.60
N SER D 789 -17.57 39.00 -39.32
CA SER D 789 -18.58 39.31 -40.31
C SER D 789 -18.44 38.48 -41.58
N VAL D 790 -17.22 38.05 -41.92
CA VAL D 790 -16.94 37.40 -43.19
C VAL D 790 -16.51 35.94 -43.02
N TYR D 791 -15.75 35.63 -41.96
CA TYR D 791 -15.20 34.29 -41.82
C TYR D 791 -15.95 33.51 -40.76
N PRO D 792 -16.73 32.49 -41.13
CA PRO D 792 -17.40 31.66 -40.12
C PRO D 792 -16.44 30.93 -39.20
N GLU D 793 -15.28 30.51 -39.70
CA GLU D 793 -14.32 29.79 -38.86
C GLU D 793 -13.77 30.67 -37.75
N ILE D 794 -13.59 31.97 -38.00
CA ILE D 794 -13.21 32.89 -36.93
C ILE D 794 -14.26 32.89 -35.84
N VAL D 795 -15.54 32.92 -36.23
CA VAL D 795 -16.62 32.91 -35.24
C VAL D 795 -16.59 31.60 -34.45
N GLU D 796 -16.38 30.48 -35.13
CA GLU D 796 -16.33 29.19 -34.45
C GLU D 796 -15.19 29.15 -33.45
N PHE D 797 -14.01 29.63 -33.85
CA PHE D 797 -12.87 29.64 -32.96
C PHE D 797 -13.11 30.56 -31.76
N LEU D 798 -13.73 31.72 -31.99
CA LEU D 798 -14.01 32.64 -30.91
C LEU D 798 -14.98 32.05 -29.90
N VAL D 799 -16.05 31.41 -30.40
CA VAL D 799 -17.03 30.82 -29.50
C VAL D 799 -16.43 29.64 -28.75
N GLU D 800 -15.58 28.85 -29.41
CA GLU D 800 -14.91 27.75 -28.73
C GLU D 800 -13.99 28.27 -27.63
N ALA D 801 -13.27 29.36 -27.90
CA ALA D 801 -12.41 29.96 -26.89
C ALA D 801 -13.21 30.51 -25.72
N GLY D 802 -14.49 30.81 -25.91
CA GLY D 802 -15.33 31.30 -24.84
C GLY D 802 -15.43 32.81 -24.78
N ILE D 803 -15.45 33.45 -25.94
CA ILE D 803 -15.56 34.91 -25.97
C ILE D 803 -16.92 35.32 -25.45
N ASP D 804 -16.94 36.44 -24.71
CA ASP D 804 -18.18 36.86 -24.04
C ASP D 804 -19.17 37.48 -25.02
N SER D 805 -18.69 38.28 -25.97
CA SER D 805 -19.59 38.92 -26.91
C SER D 805 -18.86 39.15 -28.23
N ILE D 806 -19.64 39.31 -29.29
CA ILE D 806 -19.12 39.58 -30.63
C ILE D 806 -19.88 40.78 -31.18
N SER D 807 -19.14 41.80 -31.60
CA SER D 807 -19.72 43.01 -32.17
C SER D 807 -19.47 43.01 -33.67
N VAL D 808 -20.53 43.10 -34.46
CA VAL D 808 -20.46 43.04 -35.91
C VAL D 808 -21.21 44.21 -36.50
N ASN D 809 -21.08 44.37 -37.82
CA ASN D 809 -21.82 45.37 -38.55
C ASN D 809 -23.30 45.02 -38.56
N PRO D 810 -24.18 46.02 -38.71
CA PRO D 810 -25.63 45.71 -38.70
C PRO D 810 -26.05 44.68 -39.72
N ASP D 811 -25.58 44.80 -40.97
CA ASP D 811 -25.99 43.86 -42.01
C ASP D 811 -25.54 42.43 -41.73
N ALA D 812 -24.56 42.25 -40.84
CA ALA D 812 -24.07 40.93 -40.46
C ALA D 812 -24.60 40.47 -39.12
N VAL D 813 -25.57 41.19 -38.53
CA VAL D 813 -26.06 40.82 -37.20
C VAL D 813 -26.81 39.50 -37.25
N ILE D 814 -27.90 39.45 -38.02
CA ILE D 814 -28.81 38.30 -37.97
C ILE D 814 -28.06 37.02 -38.28
N ALA D 815 -27.31 37.00 -39.39
CA ALA D 815 -26.54 35.81 -39.75
C ALA D 815 -25.64 35.38 -38.60
N THR D 816 -24.92 36.34 -38.02
CA THR D 816 -24.05 36.01 -36.88
C THR D 816 -24.86 35.38 -35.76
N ARG D 817 -26.01 35.97 -35.44
CA ARG D 817 -26.84 35.42 -34.38
C ARG D 817 -27.23 33.98 -34.69
N ARG D 818 -27.48 33.67 -35.97
CA ARG D 818 -27.67 32.28 -36.34
C ARG D 818 -26.39 31.49 -36.14
N LEU D 819 -25.30 31.95 -36.75
CA LEU D 819 -24.07 31.16 -36.79
C LEU D 819 -23.59 30.82 -35.39
N VAL D 820 -23.42 31.85 -34.55
CA VAL D 820 -22.97 31.62 -33.18
C VAL D 820 -23.85 30.58 -32.52
N ALA D 821 -25.18 30.72 -32.64
CA ALA D 821 -26.08 29.77 -32.02
C ALA D 821 -25.73 28.35 -32.44
N SER D 822 -25.64 28.11 -33.75
CA SER D 822 -25.31 26.78 -34.23
C SER D 822 -23.99 26.32 -33.63
N ILE D 823 -22.98 27.19 -33.67
CA ILE D 823 -21.67 26.82 -33.13
C ILE D 823 -21.80 26.43 -31.67
N GLU D 824 -22.53 27.24 -30.90
CA GLU D 824 -22.73 26.91 -29.50
C GLU D 824 -23.32 25.52 -29.36
N ARG D 825 -24.39 25.25 -30.11
CA ARG D 825 -25.01 23.92 -30.07
C ARG D 825 -23.98 22.86 -30.41
N LYS D 826 -23.20 23.09 -31.48
CA LYS D 826 -22.16 22.13 -31.84
C LYS D 826 -21.20 21.93 -30.68
N ILE D 827 -20.73 23.02 -30.09
CA ILE D 827 -19.82 22.90 -28.95
C ILE D 827 -20.50 22.12 -27.83
N MET D 828 -21.79 22.39 -27.61
CA MET D 828 -22.49 21.76 -26.50
C MET D 828 -22.58 20.26 -26.72
N LEU D 829 -22.51 19.81 -27.97
CA LEU D 829 -22.34 18.38 -28.25
C LEU D 829 -20.90 17.95 -27.98
N LYS D 830 -19.93 18.64 -28.60
CA LYS D 830 -18.56 18.15 -28.61
C LYS D 830 -18.03 17.97 -27.19
N ARG D 831 -18.17 19.00 -26.35
CA ARG D 831 -17.73 18.91 -24.96
C ARG D 831 -18.29 17.67 -24.29
N LEU D 832 -19.60 17.41 -24.47
CA LEU D 832 -20.20 16.22 -23.87
C LEU D 832 -19.42 14.98 -24.27
N ASN D 833 -19.19 14.79 -25.58
CA ASN D 833 -18.40 13.64 -26.02
C ASN D 833 -17.07 13.60 -25.29
N LYS D 834 -16.34 14.72 -25.28
CA LYS D 834 -15.05 14.74 -24.60
C LYS D 834 -15.19 14.27 -23.17
N ILE D 835 -16.20 14.79 -22.47
CA ILE D 835 -16.40 14.40 -21.07
C ILE D 835 -16.52 12.89 -20.97
N MET D 836 -17.38 12.29 -21.81
CA MET D 836 -17.52 10.84 -21.79
C MET D 836 -16.18 10.17 -22.03
N ASP D 837 -15.46 10.62 -23.06
CA ASP D 837 -14.14 10.05 -23.33
C ASP D 837 -13.24 10.23 -22.12
N LYS D 838 -13.24 11.43 -21.54
CA LYS D 838 -12.46 11.67 -20.34
C LYS D 838 -12.86 10.69 -19.24
N LEU D 839 -14.17 10.53 -19.05
CA LEU D 839 -14.65 9.61 -18.02
C LEU D 839 -14.15 8.19 -18.29
N ASN D 840 -14.11 7.81 -19.57
CA ASN D 840 -13.58 6.49 -19.90
C ASN D 840 -12.17 6.31 -19.37
N LYS D 841 -11.32 7.32 -19.59
CA LYS D 841 -9.93 7.21 -19.15
C LYS D 841 -9.84 7.10 -17.63
N LEU D 842 -10.88 7.58 -16.93
CA LEU D 842 -10.88 7.45 -15.47
C LEU D 842 -11.15 6.01 -15.05
N GLU D 843 -12.01 5.31 -15.79
CA GLU D 843 -12.37 3.95 -15.37
C GLU D 843 -11.34 2.92 -15.83
N LEU D 844 -10.43 3.31 -16.72
CA LEU D 844 -9.41 2.38 -17.21
C LEU D 844 -8.02 2.91 -16.89
N SER E 522 56.18 45.18 -15.49
CA SER E 522 55.72 45.52 -14.15
C SER E 522 54.91 44.38 -13.56
N PRO E 523 55.60 43.40 -12.97
CA PRO E 523 54.89 42.21 -12.46
C PRO E 523 53.98 42.49 -11.27
N GLU E 524 54.15 43.61 -10.57
CA GLU E 524 53.41 43.84 -9.33
C GLU E 524 51.92 44.03 -9.59
N GLN E 525 51.53 44.49 -10.78
CA GLN E 525 50.11 44.56 -11.10
C GLN E 525 49.58 43.28 -11.72
N LEU E 526 50.44 42.28 -11.95
CA LEU E 526 50.00 41.00 -12.51
C LEU E 526 49.50 40.03 -11.46
N LEU E 527 49.68 40.34 -10.17
CA LEU E 527 49.19 39.46 -9.12
C LEU E 527 47.69 39.23 -9.17
N PRO E 528 46.83 40.27 -9.28
CA PRO E 528 45.39 40.01 -9.31
C PRO E 528 44.93 39.27 -10.55
N LEU E 529 45.72 39.24 -11.62
CA LEU E 529 45.31 38.60 -12.86
C LEU E 529 45.61 37.10 -12.88
N TYR E 530 46.25 36.57 -11.84
CA TYR E 530 46.52 35.15 -11.78
C TYR E 530 45.23 34.36 -11.61
N PRO E 531 45.20 33.11 -12.03
CA PRO E 531 43.96 32.32 -11.93
C PRO E 531 43.49 32.18 -10.49
N VAL E 532 42.17 32.20 -10.31
CA VAL E 532 41.56 32.11 -9.00
C VAL E 532 41.30 30.64 -8.69
N THR E 533 41.75 30.20 -7.51
CA THR E 533 41.61 28.82 -7.08
C THR E 533 40.81 28.75 -5.80
N ALA E 534 39.87 27.80 -5.73
CA ALA E 534 39.15 27.55 -4.49
C ALA E 534 40.10 27.09 -3.39
N THR E 535 41.01 26.19 -3.72
CA THR E 535 42.01 25.74 -2.76
C THR E 535 43.09 26.80 -2.59
N LYS E 536 43.39 27.13 -1.34
CA LYS E 536 44.41 28.13 -1.07
C LYS E 536 45.80 27.61 -1.41
N ILE E 537 46.59 28.43 -2.09
CA ILE E 537 47.93 28.08 -2.49
C ILE E 537 48.89 28.76 -1.52
N TYR E 538 49.44 27.99 -0.59
CA TYR E 538 50.40 28.51 0.37
C TYR E 538 51.82 28.29 -0.12
N MET E 539 52.77 28.93 0.58
CA MET E 539 54.17 28.87 0.21
C MET E 539 54.99 28.40 1.41
N ASN E 540 56.04 27.63 1.11
CA ASN E 540 56.98 27.17 2.13
C ASN E 540 58.17 28.12 2.18
N LEU E 541 58.50 28.59 3.38
CA LEU E 541 59.59 29.52 3.58
C LEU E 541 60.49 29.01 4.70
N GLY E 542 61.80 29.04 4.47
CA GLY E 542 62.76 28.65 5.48
C GLY E 542 63.66 29.79 5.91
N GLU E 543 63.94 30.70 4.99
CA GLU E 543 64.77 31.86 5.28
C GLU E 543 63.91 33.12 5.26
N PRO E 544 63.83 33.87 6.37
CA PRO E 544 63.02 35.09 6.36
C PRO E 544 63.44 36.09 5.30
N ASP E 545 64.75 36.25 5.08
CA ASP E 545 65.24 37.23 4.11
C ASP E 545 64.83 36.88 2.69
N ALA E 546 64.36 35.68 2.44
CA ALA E 546 63.87 35.29 1.12
C ALA E 546 62.43 35.71 0.88
N ILE E 547 61.76 36.30 1.86
CA ILE E 547 60.38 36.72 1.64
C ILE E 547 60.31 37.86 0.64
N GLU E 548 61.35 38.69 0.55
CA GLU E 548 61.34 39.79 -0.40
C GLU E 548 61.56 39.31 -1.83
N LYS E 549 62.24 38.18 -2.00
CA LYS E 549 62.43 37.62 -3.34
C LYS E 549 61.12 37.10 -3.91
N TYR E 550 60.27 36.51 -3.06
CA TYR E 550 59.04 35.86 -3.49
C TYR E 550 57.80 36.67 -3.15
N LYS E 551 57.95 37.97 -2.88
CA LYS E 551 56.80 38.80 -2.56
C LYS E 551 55.85 38.98 -3.74
N ASP E 552 56.32 38.74 -4.96
CA ASP E 552 55.51 38.90 -6.16
C ASP E 552 54.91 37.58 -6.64
N LEU E 553 54.90 36.55 -5.80
CA LEU E 553 54.26 35.32 -6.21
C LEU E 553 52.81 35.28 -5.76
N PRO E 554 51.93 34.63 -6.53
CA PRO E 554 50.50 34.56 -6.14
C PRO E 554 50.23 33.47 -5.11
N PHE E 555 50.68 33.71 -3.89
CA PHE E 555 50.44 32.79 -2.78
C PHE E 555 49.49 33.43 -1.78
N ASP E 556 48.62 32.62 -1.19
CA ASP E 556 47.65 33.09 -0.22
C ASP E 556 48.19 33.13 1.20
N GLY E 557 49.44 32.78 1.40
CA GLY E 557 50.05 32.81 2.71
C GLY E 557 51.22 31.87 2.78
N ILE E 558 51.87 31.87 3.94
CA ILE E 558 52.98 30.98 4.23
C ILE E 558 52.40 29.82 5.04
N GLY E 559 52.15 28.70 4.36
CA GLY E 559 51.63 27.53 5.03
C GLY E 559 52.64 26.77 5.85
N LEU E 560 53.93 27.09 5.72
CA LEU E 560 54.97 26.43 6.51
C LEU E 560 56.16 27.36 6.59
N MET E 561 56.40 27.92 7.77
CA MET E 561 57.58 28.71 8.04
C MET E 561 58.52 27.90 8.92
N ARG E 562 59.70 27.60 8.40
CA ARG E 562 60.69 26.81 9.11
C ARG E 562 61.60 27.73 9.91
N ILE E 563 61.59 27.57 11.24
CA ILE E 563 62.41 28.39 12.12
C ILE E 563 63.74 27.69 12.37
N GLU E 564 63.95 26.55 11.69
CA GLU E 564 65.21 25.83 11.84
C GLU E 564 66.38 26.69 11.36
N PHE E 565 66.20 27.39 10.25
CA PHE E 565 67.27 28.25 9.73
C PHE E 565 67.57 29.39 10.69
N ILE E 566 66.53 29.95 11.33
CA ILE E 566 66.74 31.06 12.27
C ILE E 566 67.56 30.58 13.46
N ILE E 567 67.19 29.42 14.02
CA ILE E 567 67.91 28.91 15.19
C ILE E 567 69.34 28.53 14.80
N THR E 568 69.52 27.96 13.61
CA THR E 568 70.85 27.50 13.21
C THR E 568 71.79 28.66 12.90
N ASP E 569 71.31 29.65 12.15
CA ASP E 569 72.19 30.69 11.62
C ASP E 569 72.04 32.04 12.31
N TRP E 570 70.91 32.31 12.96
CA TRP E 570 70.75 33.57 13.67
C TRP E 570 70.99 33.44 15.17
N VAL E 571 70.94 32.22 15.71
CA VAL E 571 71.16 31.98 17.13
C VAL E 571 72.45 31.21 17.38
N GLN E 572 72.68 30.14 16.60
CA GLN E 572 73.84 29.25 16.72
C GLN E 572 73.93 28.53 18.07
N TYR E 573 72.99 28.78 18.97
CA TYR E 573 73.08 28.25 20.33
C TYR E 573 71.85 27.43 20.69
N HIS E 574 72.07 26.38 21.47
CA HIS E 574 70.98 25.59 21.98
C HIS E 574 70.14 26.44 22.94
N PRO E 575 68.81 26.44 22.81
CA PRO E 575 67.99 27.29 23.70
C PRO E 575 68.18 26.97 25.17
N LEU E 576 68.34 25.70 25.52
CA LEU E 576 68.61 25.35 26.92
C LEU E 576 69.94 25.91 27.39
N TYR E 577 70.96 25.91 26.52
CA TYR E 577 72.24 26.51 26.86
C TYR E 577 72.09 28.01 27.11
N LEU E 578 71.29 28.69 26.27
CA LEU E 578 71.06 30.11 26.48
C LEU E 578 70.31 30.36 27.78
N ILE E 579 69.37 29.49 28.13
CA ILE E 579 68.67 29.60 29.41
C ILE E 579 69.65 29.44 30.56
N GLU E 580 70.55 28.47 30.46
CA GLU E 580 71.56 28.28 31.49
C GLU E 580 72.46 29.50 31.62
N GLN E 581 72.86 30.09 30.50
CA GLN E 581 73.65 31.31 30.49
C GLN E 581 72.79 32.55 30.68
N GLY E 582 71.48 32.41 30.82
CA GLY E 582 70.61 33.57 30.98
C GLY E 582 70.52 34.45 29.75
N LYS E 583 70.48 33.84 28.56
CA LYS E 583 70.39 34.61 27.33
C LYS E 583 69.14 34.24 26.54
N GLU E 584 68.02 34.08 27.25
CA GLU E 584 66.75 33.81 26.58
C GLU E 584 66.36 34.96 25.66
N SER E 585 66.77 36.18 26.00
CA SER E 585 66.39 37.36 25.23
C SER E 585 66.90 37.26 23.80
N LEU E 586 68.14 36.80 23.61
CA LEU E 586 68.69 36.70 22.26
C LEU E 586 67.87 35.75 21.39
N PHE E 587 67.59 34.55 21.89
CA PHE E 587 66.81 33.57 21.14
C PHE E 587 65.42 34.09 20.83
N ILE E 588 64.74 34.64 21.84
CA ILE E 588 63.38 35.14 21.65
C ILE E 588 63.37 36.28 20.64
N ASP E 589 64.34 37.20 20.74
CA ASP E 589 64.37 38.35 19.86
C ASP E 589 64.70 37.97 18.43
N LYS E 590 65.60 37.00 18.23
CA LYS E 590 65.90 36.58 16.86
C LYS E 590 64.70 35.89 16.22
N LEU E 591 64.04 34.99 16.96
CA LEU E 591 62.82 34.38 16.42
C LEU E 591 61.76 35.43 16.13
N ALA E 592 61.59 36.39 17.04
CA ALA E 592 60.60 37.43 16.85
C ALA E 592 60.92 38.28 15.63
N GLU E 593 62.19 38.62 15.44
CA GLU E 593 62.58 39.42 14.28
C GLU E 593 62.28 38.70 12.98
N GLY E 594 62.68 37.42 12.89
CA GLY E 594 62.40 36.68 11.67
C GLY E 594 60.92 36.53 11.39
N ILE E 595 60.14 36.12 12.41
CA ILE E 595 58.72 35.89 12.22
C ILE E 595 58.00 37.20 11.91
N ALA E 596 58.40 38.29 12.57
CA ALA E 596 57.78 39.59 12.32
C ALA E 596 58.08 40.08 10.92
N LYS E 597 59.33 39.89 10.45
CA LYS E 597 59.65 40.26 9.08
C LYS E 597 58.78 39.50 8.09
N VAL E 598 58.66 38.18 8.27
CA VAL E 598 57.86 37.39 7.34
C VAL E 598 56.39 37.80 7.41
N ALA E 599 55.86 38.02 8.61
CA ALA E 599 54.44 38.34 8.76
C ALA E 599 54.12 39.72 8.18
N GLN E 600 54.97 40.71 8.46
CA GLN E 600 54.74 42.06 7.96
C GLN E 600 54.93 42.12 6.45
N ALA E 601 55.80 41.28 5.89
CA ALA E 601 56.02 41.30 4.45
C ALA E 601 54.78 40.87 3.68
N ILE E 602 53.92 40.03 4.27
CA ILE E 602 52.77 39.49 3.56
C ILE E 602 51.47 39.74 4.31
N TYR E 603 51.44 40.73 5.21
CA TYR E 603 50.22 41.02 5.94
C TYR E 603 49.12 41.44 4.96
N PRO E 604 47.87 40.99 5.17
CA PRO E 604 47.37 40.17 6.27
C PRO E 604 47.34 38.67 5.98
N ARG E 605 48.09 38.18 5.00
CA ARG E 605 48.08 36.75 4.71
C ARG E 605 48.70 35.98 5.87
N PRO E 606 48.13 34.84 6.24
CA PRO E 606 48.61 34.12 7.43
C PRO E 606 50.02 33.56 7.22
N VAL E 607 50.75 33.51 8.33
CA VAL E 607 52.07 32.88 8.38
C VAL E 607 51.99 31.77 9.42
N VAL E 608 52.05 30.52 8.97
CA VAL E 608 51.97 29.36 9.87
C VAL E 608 53.40 28.99 10.23
N VAL E 609 53.84 29.41 11.41
CA VAL E 609 55.18 29.12 11.91
C VAL E 609 55.19 27.72 12.49
N ARG E 610 56.16 26.91 12.06
CA ARG E 610 56.37 25.59 12.62
C ARG E 610 57.34 25.68 13.80
N PHE E 611 56.99 25.01 14.89
CA PHE E 611 57.87 24.97 16.04
C PHE E 611 59.13 24.18 15.69
N SER E 612 60.05 24.08 16.66
CA SER E 612 61.35 23.47 16.42
C SER E 612 61.21 22.03 15.95
N ASP E 613 61.59 21.79 14.69
CA ASP E 613 61.50 20.46 14.08
C ASP E 613 62.84 19.72 14.10
N PHE E 614 63.80 20.21 14.87
CA PHE E 614 65.11 19.59 14.92
C PHE E 614 65.03 18.19 15.54
N LYS E 615 65.96 17.34 15.14
CA LYS E 615 66.18 16.05 15.79
C LYS E 615 67.28 16.22 16.84
N THR E 616 67.50 15.16 17.64
CA THR E 616 68.52 15.24 18.68
C THR E 616 69.91 15.45 18.07
N ASN E 617 70.20 14.73 16.98
CA ASN E 617 71.48 14.92 16.30
C ASN E 617 71.58 16.32 15.68
N GLU E 618 70.47 16.83 15.13
CA GLU E 618 70.47 18.20 14.64
C GLU E 618 70.59 19.21 15.78
N TYR E 619 69.99 18.90 16.93
CA TYR E 619 70.12 19.77 18.09
C TYR E 619 71.55 19.83 18.58
N ARG E 620 72.26 18.69 18.53
CA ARG E 620 73.65 18.67 18.97
C ARG E 620 74.54 19.56 18.11
N GLY E 621 74.13 19.86 16.87
CA GLY E 621 74.90 20.77 16.04
C GLY E 621 74.95 22.18 16.59
N LEU E 622 73.98 22.58 17.40
CA LEU E 622 74.00 23.88 18.04
C LEU E 622 75.09 23.94 19.10
N LYS E 623 75.56 25.16 19.37
CA LYS E 623 76.60 25.35 20.37
C LYS E 623 76.06 25.05 21.76
N GLY E 624 76.80 24.24 22.52
CA GLY E 624 76.39 23.89 23.85
C GLY E 624 75.27 22.88 23.95
N GLY E 625 74.85 22.29 22.83
CA GLY E 625 73.77 21.33 22.81
C GLY E 625 74.14 19.91 23.18
N GLU E 626 75.43 19.62 23.33
CA GLU E 626 75.84 18.26 23.67
C GLU E 626 75.39 17.87 25.08
N LYS E 627 75.30 18.84 25.99
CA LYS E 627 74.92 18.54 27.36
C LYS E 627 73.43 18.24 27.52
N TYR E 628 72.60 18.70 26.60
CA TYR E 628 71.16 18.59 26.73
C TYR E 628 70.54 17.57 25.78
N GLU E 629 71.28 17.06 24.81
CA GLU E 629 70.75 16.15 23.81
C GLU E 629 71.36 14.77 24.00
N PRO E 630 70.60 13.77 24.41
CA PRO E 630 71.14 12.42 24.52
C PRO E 630 71.39 11.80 23.16
N GLU E 631 72.36 10.91 23.10
CA GLU E 631 72.63 10.19 21.86
C GLU E 631 71.54 9.17 21.61
N GLU E 632 70.84 9.30 20.49
CA GLU E 632 69.71 8.44 20.20
C GLU E 632 70.00 7.58 18.99
N ARG E 633 69.61 6.31 19.10
CA ARG E 633 69.73 5.35 18.03
C ARG E 633 68.81 5.72 16.85
N ASN E 634 67.57 6.15 17.12
CA ASN E 634 66.67 6.62 16.07
C ASN E 634 66.03 7.95 16.43
N PRO E 635 66.77 9.05 16.28
CA PRO E 635 66.14 10.37 16.48
C PRO E 635 65.02 10.65 15.51
N MET E 636 65.00 10.00 14.34
CA MET E 636 63.93 10.19 13.37
C MET E 636 62.58 9.86 13.98
N ILE E 637 62.52 8.83 14.81
CA ILE E 637 61.32 8.50 15.56
C ILE E 637 61.65 8.63 17.04
N GLY E 638 62.56 9.54 17.38
CA GLY E 638 63.01 9.71 18.74
C GLY E 638 62.33 10.88 19.44
N TRP E 639 63.03 11.45 20.40
CA TRP E 639 62.53 12.56 21.22
C TRP E 639 62.55 13.83 20.39
N ARG E 640 61.42 14.15 19.76
CA ARG E 640 61.30 15.33 18.92
C ARG E 640 59.85 15.75 18.85
N GLY E 641 59.63 16.98 18.40
CA GLY E 641 58.27 17.47 18.24
C GLY E 641 57.61 17.76 19.56
N VAL E 642 56.31 17.49 19.63
CA VAL E 642 55.53 17.79 20.82
C VAL E 642 56.04 17.00 22.02
N SER E 643 56.45 15.76 21.78
CA SER E 643 57.05 14.95 22.85
C SER E 643 58.22 15.68 23.49
N ARG E 644 58.98 16.44 22.70
CA ARG E 644 60.06 17.23 23.25
C ARG E 644 59.54 18.46 23.98
N TYR E 645 58.49 19.09 23.46
CA TYR E 645 58.03 20.35 24.03
C TYR E 645 57.43 20.15 25.42
N ILE E 646 56.61 19.11 25.60
CA ILE E 646 55.96 18.87 26.88
C ILE E 646 56.90 18.27 27.92
N HIS E 647 58.06 17.77 27.50
CA HIS E 647 58.99 17.22 28.46
C HIS E 647 59.56 18.32 29.35
N PRO E 648 59.68 18.09 30.65
CA PRO E 648 60.16 19.15 31.55
C PRO E 648 61.55 19.67 31.20
N LYS E 649 62.40 18.84 30.61
CA LYS E 649 63.77 19.26 30.30
C LYS E 649 63.78 20.34 29.22
N TYR E 650 63.04 20.12 28.14
CA TYR E 650 63.00 21.08 27.04
C TYR E 650 61.84 22.07 27.17
N GLU E 651 60.97 21.91 28.16
CA GLU E 651 59.84 22.82 28.30
C GLU E 651 60.22 24.29 28.34
N PRO E 652 61.29 24.72 29.03
CA PRO E 652 61.67 26.15 28.95
C PRO E 652 61.96 26.62 27.53
N ALA E 653 62.57 25.79 26.69
CA ALA E 653 62.84 26.20 25.32
C ALA E 653 61.55 26.37 24.52
N PHE E 654 60.60 25.46 24.69
CA PHE E 654 59.30 25.61 24.05
C PHE E 654 58.60 26.86 24.56
N ARG E 655 58.75 27.16 25.85
CA ARG E 655 58.19 28.39 26.39
C ARG E 655 58.85 29.62 25.77
N LEU E 656 60.16 29.56 25.50
CA LEU E 656 60.82 30.66 24.81
C LEU E 656 60.25 30.84 23.40
N GLU E 657 60.02 29.73 22.69
CA GLU E 657 59.43 29.83 21.36
C GLU E 657 58.03 30.43 21.42
N VAL E 658 57.22 30.00 22.38
CA VAL E 658 55.88 30.54 22.54
C VAL E 658 55.92 32.01 22.91
N ARG E 659 56.91 32.40 23.72
CA ARG E 659 57.08 33.80 24.08
C ARG E 659 57.44 34.64 22.86
N ALA E 660 58.30 34.11 21.99
CA ALA E 660 58.62 34.81 20.75
C ALA E 660 57.38 34.99 19.88
N ILE E 661 56.58 33.93 19.75
CA ILE E 661 55.34 34.02 18.97
C ILE E 661 54.40 35.05 19.58
N LYS E 662 54.27 35.05 20.91
CA LYS E 662 53.39 36.01 21.58
C LYS E 662 53.89 37.43 21.39
N LYS E 663 55.21 37.64 21.44
CA LYS E 663 55.77 38.96 21.20
C LYS E 663 55.48 39.43 19.78
N VAL E 664 55.60 38.53 18.80
CA VAL E 664 55.25 38.90 17.43
C VAL E 664 53.78 39.26 17.33
N ARG E 665 52.90 38.47 17.98
CA ARG E 665 51.47 38.68 17.82
C ARG E 665 50.97 39.91 18.58
N GLU E 666 51.67 40.31 19.63
CA GLU E 666 51.20 41.38 20.51
C GLU E 666 52.02 42.65 20.40
N GLU E 667 53.34 42.57 20.60
CA GLU E 667 54.17 43.76 20.55
C GLU E 667 54.14 44.41 19.16
N MET E 668 54.21 43.60 18.12
CA MET E 668 54.10 44.09 16.75
C MET E 668 52.68 44.04 16.22
N GLY E 669 51.74 43.47 16.97
CA GLY E 669 50.36 43.42 16.54
C GLY E 669 50.11 42.60 15.30
N LEU E 670 51.01 41.68 14.96
CA LEU E 670 50.86 40.86 13.75
C LEU E 670 49.95 39.68 14.08
N THR E 671 48.65 39.90 13.88
CA THR E 671 47.66 38.88 14.20
C THR E 671 47.76 37.67 13.27
N ASN E 672 48.27 37.87 12.06
CA ASN E 672 48.30 36.83 11.04
C ASN E 672 49.28 35.69 11.35
N VAL E 673 49.90 35.63 12.52
CA VAL E 673 50.86 34.58 12.84
C VAL E 673 50.12 33.43 13.54
N TRP E 674 50.15 32.26 12.94
CA TRP E 674 49.61 31.03 13.50
C TRP E 674 50.76 30.08 13.78
N VAL E 675 50.48 29.02 14.54
CA VAL E 675 51.51 28.05 14.89
C VAL E 675 51.05 26.66 14.49
N MET E 676 52.02 25.80 14.16
CA MET E 676 51.75 24.40 13.94
C MET E 676 52.72 23.56 14.79
N PHE E 677 52.18 22.50 15.37
CA PHE E 677 52.96 21.60 16.21
C PHE E 677 53.51 20.47 15.35
N PRO E 678 54.82 20.34 15.22
CA PRO E 678 55.38 19.28 14.37
C PRO E 678 55.46 17.95 15.10
N PHE E 679 55.20 16.88 14.35
CA PHE E 679 55.39 15.50 14.80
C PHE E 679 54.55 15.21 16.04
N VAL E 680 53.24 15.36 15.88
CA VAL E 680 52.29 15.10 16.95
C VAL E 680 52.01 13.61 17.02
N ARG E 681 52.13 13.04 18.21
CA ARG E 681 51.99 11.60 18.42
C ARG E 681 50.68 11.21 19.10
N THR E 682 50.35 11.83 20.22
CA THR E 682 49.20 11.45 21.01
C THR E 682 48.38 12.68 21.39
N THR E 683 47.11 12.45 21.73
CA THR E 683 46.22 13.54 22.08
C THR E 683 46.61 14.20 23.38
N TRP E 684 47.03 13.41 24.38
CA TRP E 684 47.38 13.97 25.68
C TRP E 684 48.61 14.88 25.58
N GLU E 685 49.58 14.49 24.76
CA GLU E 685 50.74 15.37 24.55
C GLU E 685 50.32 16.67 23.88
N LEU E 686 49.37 16.62 22.94
CA LEU E 686 48.89 17.81 22.28
C LEU E 686 48.17 18.73 23.26
N GLU E 687 47.35 18.15 24.14
CA GLU E 687 46.66 18.98 25.13
C GLU E 687 47.63 19.54 26.16
N ARG E 688 48.68 18.80 26.50
CA ARG E 688 49.69 19.34 27.41
C ARG E 688 50.45 20.51 26.75
N ALA E 689 50.78 20.38 25.48
CA ALA E 689 51.39 21.50 24.76
C ALA E 689 50.45 22.70 24.69
N LEU E 690 49.15 22.45 24.47
CA LEU E 690 48.18 23.53 24.41
C LEU E 690 48.06 24.24 25.76
N LYS E 691 48.03 23.50 26.86
CA LYS E 691 47.97 24.14 28.17
C LYS E 691 49.26 24.86 28.52
N ILE E 692 50.41 24.36 28.05
CA ILE E 692 51.66 25.10 28.22
C ILE E 692 51.59 26.42 27.46
N MET E 693 51.06 26.39 26.24
CA MET E 693 50.89 27.62 25.47
C MET E 693 49.94 28.59 26.18
N GLU E 694 48.85 28.06 26.74
CA GLU E 694 47.91 28.90 27.47
C GLU E 694 48.55 29.54 28.70
N GLU E 695 49.42 28.78 29.39
CA GLU E 695 50.13 29.34 30.54
C GLU E 695 51.02 30.51 30.12
N GLU E 696 51.44 30.55 28.87
CA GLU E 696 52.24 31.64 28.35
C GLU E 696 51.40 32.75 27.73
N GLY E 697 50.07 32.67 27.83
CA GLY E 697 49.20 33.67 27.28
C GLY E 697 48.84 33.51 25.83
N LEU E 698 49.29 32.43 25.19
CA LEU E 698 48.97 32.16 23.78
C LEU E 698 47.83 31.14 23.76
N LYS E 699 46.64 31.62 23.44
CA LYS E 699 45.43 30.80 23.48
C LYS E 699 44.80 30.71 22.10
N ARG E 700 44.33 29.52 21.75
CA ARG E 700 43.62 29.31 20.49
C ARG E 700 42.34 30.12 20.48
N GLY E 701 42.09 30.81 19.38
CA GLY E 701 40.91 31.65 19.26
C GLY E 701 40.59 31.97 17.82
N LYS E 702 39.74 32.98 17.65
CA LYS E 702 39.34 33.39 16.31
C LYS E 702 40.49 34.03 15.55
N ASP E 703 41.39 34.73 16.25
CA ASP E 703 42.51 35.40 15.63
C ASP E 703 43.81 34.58 15.72
N PHE E 704 43.76 33.38 16.29
CA PHE E 704 44.94 32.54 16.46
C PHE E 704 44.57 31.11 16.11
N LYS E 705 45.21 30.56 15.09
CA LYS E 705 44.96 29.19 14.65
C LYS E 705 46.12 28.30 15.07
N VAL E 706 45.80 27.09 15.53
CA VAL E 706 46.78 26.09 15.92
C VAL E 706 46.59 24.87 15.02
N TRP E 707 47.67 24.45 14.37
CA TRP E 707 47.66 23.30 13.49
C TRP E 707 48.52 22.18 14.08
N ALA E 708 48.29 20.97 13.59
CA ALA E 708 49.08 19.81 13.99
C ALA E 708 49.59 19.13 12.73
N MET E 709 50.89 18.83 12.71
CA MET E 709 51.46 18.11 11.58
C MET E 709 50.93 16.68 11.54
N ALA E 710 50.37 16.30 10.40
CA ALA E 710 49.85 14.95 10.20
C ALA E 710 50.90 14.09 9.51
N GLU E 711 52.02 13.88 10.22
CA GLU E 711 53.11 13.07 9.72
C GLU E 711 53.31 11.78 10.49
N VAL E 712 52.44 11.47 11.44
CA VAL E 712 52.52 10.24 12.23
C VAL E 712 51.27 9.42 11.96
N PRO E 713 51.39 8.10 11.77
CA PRO E 713 50.19 7.29 11.48
C PRO E 713 49.15 7.32 12.58
N SER E 714 49.52 7.65 13.82
CA SER E 714 48.52 7.83 14.86
C SER E 714 47.57 8.97 14.51
N ILE E 715 48.09 10.04 13.90
CA ILE E 715 47.23 11.12 13.42
C ILE E 715 46.31 10.61 12.33
N VAL E 716 46.83 9.74 11.46
CA VAL E 716 46.01 9.15 10.40
C VAL E 716 44.84 8.38 11.00
N LEU E 717 45.11 7.58 12.02
CA LEU E 717 44.07 6.73 12.58
C LEU E 717 43.10 7.50 13.47
N LEU E 718 43.55 8.58 14.10
CA LEU E 718 42.74 9.31 15.07
C LEU E 718 42.67 10.80 14.74
N ALA E 719 42.55 11.14 13.45
CA ALA E 719 42.45 12.55 13.08
C ALA E 719 41.20 13.19 13.65
N ASP E 720 40.08 12.47 13.63
CA ASP E 720 38.84 13.00 14.18
C ASP E 720 38.95 13.26 15.68
N LYS E 721 39.76 12.46 16.38
CA LYS E 721 39.98 12.70 17.81
C LYS E 721 40.90 13.89 18.03
N PHE E 722 41.94 14.03 17.20
CA PHE E 722 42.86 15.15 17.33
C PHE E 722 42.22 16.48 16.95
N ALA E 723 41.15 16.45 16.15
CA ALA E 723 40.55 17.69 15.66
C ALA E 723 39.93 18.53 16.77
N GLU E 724 39.63 17.95 17.93
CA GLU E 724 39.06 18.72 19.02
C GLU E 724 40.07 19.67 19.66
N TYR E 725 41.36 19.48 19.39
CA TYR E 725 42.40 20.28 20.01
C TYR E 725 43.02 21.32 19.09
N VAL E 726 42.92 21.14 17.77
CA VAL E 726 43.58 22.03 16.83
C VAL E 726 42.56 22.54 15.83
N ASP E 727 42.86 23.69 15.21
CA ASP E 727 41.97 24.25 14.21
C ASP E 727 42.08 23.49 12.89
N GLY E 728 43.24 22.91 12.59
CA GLY E 728 43.41 22.18 11.36
C GLY E 728 44.65 21.31 11.41
N PHE E 729 44.86 20.58 10.33
CA PHE E 729 46.00 19.69 10.19
C PHE E 729 46.82 20.05 8.96
N SER E 730 48.13 19.89 9.09
CA SER E 730 49.06 20.06 7.96
C SER E 730 49.72 18.71 7.71
N ILE E 731 49.50 18.16 6.51
CA ILE E 731 50.01 16.83 6.17
C ILE E 731 51.47 16.97 5.74
N GLY E 732 52.37 16.47 6.57
CA GLY E 732 53.77 16.42 6.22
C GLY E 732 54.08 15.21 5.37
N SER E 733 53.73 15.28 4.08
CA SER E 733 53.80 14.13 3.21
C SER E 733 55.19 13.50 3.17
N ASN E 734 56.25 14.32 3.28
CA ASN E 734 57.60 13.80 3.29
C ASN E 734 57.81 12.85 4.48
N ASP E 735 57.46 13.30 5.68
CA ASP E 735 57.57 12.46 6.86
C ASP E 735 56.44 11.45 6.96
N LEU E 736 55.25 11.80 6.47
CA LEU E 736 54.12 10.87 6.53
C LEU E 736 54.38 9.62 5.69
N THR E 737 54.94 9.79 4.50
CA THR E 737 55.29 8.63 3.68
C THR E 737 56.33 7.77 4.37
N GLN E 738 57.34 8.40 4.97
CA GLN E 738 58.40 7.67 5.66
C GLN E 738 57.83 6.85 6.81
N LEU E 739 56.92 7.43 7.60
CA LEU E 739 56.40 6.72 8.76
C LEU E 739 55.36 5.67 8.37
N ILE E 740 54.54 5.95 7.35
CA ILE E 740 53.55 4.98 6.90
C ILE E 740 54.24 3.76 6.30
N LEU E 741 55.26 3.98 5.46
CA LEU E 741 55.99 2.89 4.86
C LEU E 741 57.09 2.34 5.75
N GLY E 742 57.42 3.02 6.85
CA GLY E 742 58.50 2.56 7.71
C GLY E 742 59.85 2.53 7.03
N ALA E 743 60.14 3.53 6.21
CA ALA E 743 61.41 3.62 5.49
C ALA E 743 61.98 5.03 5.64
N ASP E 744 63.30 5.12 5.68
CA ASP E 744 64.01 6.38 5.90
C ASP E 744 64.75 6.77 4.62
N ARG E 745 64.59 8.03 4.21
CA ARG E 745 64.96 8.45 2.86
C ARG E 745 66.46 8.48 2.62
N ASP E 746 67.26 8.92 3.59
CA ASP E 746 68.70 9.08 3.35
C ASP E 746 69.39 7.75 3.09
N SER E 747 68.75 6.63 3.39
CA SER E 747 69.27 5.32 3.01
C SER E 747 69.17 5.18 1.50
N ASN E 748 70.33 5.15 0.83
CA ASN E 748 70.33 5.11 -0.63
C ASN E 748 69.73 3.82 -1.16
N ILE E 749 69.87 2.72 -0.42
CA ILE E 749 69.35 1.43 -0.88
C ILE E 749 67.83 1.49 -1.00
N LEU E 750 67.17 2.00 0.05
CA LEU E 750 65.71 2.10 0.02
C LEU E 750 65.24 3.09 -1.04
N ALA E 751 65.99 4.19 -1.23
CA ALA E 751 65.62 5.16 -2.24
C ALA E 751 65.72 4.59 -3.65
N GLU E 752 66.74 3.77 -3.89
CA GLU E 752 66.94 3.19 -5.22
C GLU E 752 65.78 2.27 -5.61
N MET E 753 65.24 1.53 -4.66
CA MET E 753 64.12 0.63 -4.96
C MET E 753 62.83 1.38 -5.27
N GLY E 754 62.77 2.68 -5.04
CA GLY E 754 61.57 3.44 -5.32
C GLY E 754 60.53 3.42 -4.23
N TYR E 755 60.93 3.15 -2.99
CA TYR E 755 59.97 3.13 -1.88
C TYR E 755 59.35 4.49 -1.66
N PHE E 756 60.15 5.55 -1.75
CA PHE E 756 59.71 6.89 -1.34
C PHE E 756 58.96 7.58 -2.47
N ASP E 757 57.89 6.93 -2.89
CA ASP E 757 56.93 7.47 -3.85
C ASP E 757 55.69 7.88 -3.08
N GLU E 758 55.40 9.18 -3.06
CA GLU E 758 54.22 9.67 -2.36
C GLU E 758 52.93 9.29 -3.07
N ARG E 759 53.01 8.74 -4.27
CA ARG E 759 51.86 8.16 -4.97
C ARG E 759 51.55 6.74 -4.49
N ASP E 760 52.20 6.29 -3.41
CA ASP E 760 51.95 4.95 -2.91
C ASP E 760 50.51 4.82 -2.45
N PRO E 761 49.87 3.67 -2.69
CA PRO E 761 48.45 3.52 -2.27
C PRO E 761 48.25 3.69 -0.77
N ALA E 762 49.21 3.25 0.05
CA ALA E 762 49.07 3.41 1.49
C ALA E 762 49.10 4.89 1.90
N VAL E 763 50.01 5.66 1.32
CA VAL E 763 50.08 7.08 1.65
C VAL E 763 48.81 7.79 1.18
N LEU E 764 48.32 7.45 -0.01
CA LEU E 764 47.09 8.06 -0.50
C LEU E 764 45.90 7.71 0.39
N ALA E 765 45.81 6.46 0.82
CA ALA E 765 44.73 6.06 1.73
C ALA E 765 44.82 6.79 3.05
N GLY E 766 46.03 6.95 3.59
CA GLY E 766 46.19 7.69 4.83
C GLY E 766 45.79 9.15 4.69
N ILE E 767 46.19 9.78 3.58
CA ILE E 767 45.82 11.17 3.34
C ILE E 767 44.30 11.30 3.21
N LYS E 768 43.68 10.38 2.49
CA LYS E 768 42.23 10.39 2.34
C LYS E 768 41.54 10.25 3.68
N MET E 769 42.03 9.34 4.53
CA MET E 769 41.45 9.16 5.85
C MET E 769 41.60 10.42 6.70
N ILE E 770 42.78 11.04 6.66
CA ILE E 770 43.00 12.28 7.41
C ILE E 770 42.01 13.35 6.95
N ILE E 771 41.88 13.52 5.64
CA ILE E 771 40.99 14.56 5.11
C ILE E 771 39.55 14.29 5.51
N GLU E 772 39.11 13.04 5.38
CA GLU E 772 37.73 12.70 5.72
C GLU E 772 37.45 12.94 7.20
N LYS E 773 38.35 12.49 8.08
CA LYS E 773 38.13 12.67 9.50
C LYS E 773 38.13 14.15 9.88
N ALA E 774 39.10 14.91 9.37
CA ALA E 774 39.18 16.32 9.72
C ALA E 774 37.96 17.09 9.24
N HIS E 775 37.49 16.80 8.03
CA HIS E 775 36.29 17.48 7.54
C HIS E 775 35.03 16.99 8.23
N SER E 776 35.00 15.75 8.72
CA SER E 776 33.89 15.31 9.55
C SER E 776 33.87 16.03 10.88
N LYS E 777 35.03 16.39 11.43
CA LYS E 777 35.09 17.17 12.65
C LYS E 777 35.28 18.66 12.39
N GLY E 778 35.15 19.10 11.15
CA GLY E 778 35.20 20.52 10.85
C GLY E 778 36.56 21.17 10.92
N ALA E 779 37.63 20.39 10.78
CA ALA E 779 38.99 20.91 10.82
C ALA E 779 39.54 21.03 9.40
N THR E 780 40.29 22.10 9.16
CA THR E 780 40.91 22.31 7.86
C THR E 780 42.08 21.35 7.66
N VAL E 781 42.36 21.04 6.40
CA VAL E 781 43.45 20.15 6.03
C VAL E 781 44.39 20.88 5.08
N SER E 782 45.68 20.82 5.38
CA SER E 782 46.71 21.39 4.52
C SER E 782 47.78 20.33 4.28
N ILE E 783 48.55 20.51 3.21
CA ILE E 783 49.67 19.65 2.90
C ILE E 783 50.89 20.53 2.59
N CYS E 784 52.03 20.20 3.20
CA CYS E 784 53.28 20.94 3.03
C CYS E 784 54.38 19.91 2.78
N GLY E 785 54.58 19.56 1.52
CA GLY E 785 55.59 18.59 1.15
C GLY E 785 55.95 18.73 -0.31
N GLN E 786 56.82 17.83 -0.76
CA GLN E 786 57.28 17.85 -2.14
C GLN E 786 56.34 17.12 -3.09
N ALA E 787 55.34 16.40 -2.57
CA ALA E 787 54.42 15.67 -3.44
C ALA E 787 53.64 16.58 -4.38
N PRO E 788 52.99 17.66 -3.93
CA PRO E 788 52.28 18.53 -4.88
C PRO E 788 53.20 19.28 -5.82
N SER E 789 54.48 19.43 -5.48
CA SER E 789 55.39 20.20 -6.31
C SER E 789 55.80 19.45 -7.58
N VAL E 790 55.82 18.12 -7.55
CA VAL E 790 56.36 17.32 -8.64
C VAL E 790 55.29 16.47 -9.32
N TYR E 791 54.32 15.94 -8.56
CA TYR E 791 53.36 15.01 -9.13
C TYR E 791 52.01 15.69 -9.33
N PRO E 792 51.59 15.94 -10.57
CA PRO E 792 50.26 16.52 -10.79
C PRO E 792 49.12 15.63 -10.31
N GLU E 793 49.27 14.31 -10.39
CA GLU E 793 48.21 13.41 -9.95
C GLU E 793 47.98 13.49 -8.45
N ILE E 794 49.03 13.73 -7.66
CA ILE E 794 48.85 13.97 -6.23
C ILE E 794 47.98 15.21 -6.02
N VAL E 795 48.24 16.27 -6.78
CA VAL E 795 47.44 17.48 -6.65
C VAL E 795 45.99 17.21 -7.03
N GLU E 796 45.77 16.46 -8.11
CA GLU E 796 44.41 16.13 -8.53
C GLU E 796 43.69 15.34 -7.46
N PHE E 797 44.35 14.34 -6.87
CA PHE E 797 43.74 13.55 -5.83
C PHE E 797 43.43 14.39 -4.59
N LEU E 798 44.35 15.29 -4.22
CA LEU E 798 44.12 16.14 -3.07
C LEU E 798 42.93 17.07 -3.28
N VAL E 799 42.84 17.69 -4.46
CA VAL E 799 41.74 18.59 -4.73
C VAL E 799 40.42 17.84 -4.80
N GLU E 800 40.44 16.63 -5.37
CA GLU E 800 39.23 15.81 -5.40
C GLU E 800 38.79 15.44 -3.98
N ALA E 801 39.73 15.10 -3.11
CA ALA E 801 39.40 14.79 -1.73
C ALA E 801 38.86 16.00 -0.99
N GLY E 802 39.15 17.21 -1.46
CA GLY E 802 38.63 18.42 -0.84
C GLY E 802 39.57 19.05 0.16
N ILE E 803 40.86 18.99 -0.12
CA ILE E 803 41.84 19.59 0.78
C ILE E 803 41.67 21.09 0.79
N ASP E 804 41.84 21.69 1.97
CA ASP E 804 41.57 23.12 2.13
C ASP E 804 42.67 23.98 1.52
N SER E 805 43.93 23.59 1.68
CA SER E 805 45.02 24.38 1.15
C SER E 805 46.19 23.47 0.82
N ILE E 806 47.06 23.96 -0.07
CA ILE E 806 48.27 23.25 -0.48
C ILE E 806 49.43 24.21 -0.34
N SER E 807 50.46 23.79 0.41
CA SER E 807 51.66 24.59 0.62
C SER E 807 52.80 23.98 -0.19
N VAL E 808 53.40 24.77 -1.06
CA VAL E 808 54.46 24.31 -1.96
C VAL E 808 55.64 25.25 -1.86
N ASN E 809 56.74 24.85 -2.50
CA ASN E 809 57.92 25.69 -2.60
C ASN E 809 57.63 26.90 -3.47
N PRO E 810 58.36 28.00 -3.28
CA PRO E 810 58.09 29.20 -4.09
C PRO E 810 58.16 28.96 -5.59
N ASP E 811 59.20 28.26 -6.06
CA ASP E 811 59.34 28.03 -7.50
C ASP E 811 58.21 27.20 -8.09
N ALA E 812 57.47 26.48 -7.24
CA ALA E 812 56.33 25.68 -7.69
C ALA E 812 55.00 26.34 -7.40
N VAL E 813 54.99 27.61 -6.98
CA VAL E 813 53.73 28.26 -6.63
C VAL E 813 52.87 28.46 -7.86
N ILE E 814 53.36 29.24 -8.83
CA ILE E 814 52.53 29.67 -9.96
C ILE E 814 51.95 28.46 -10.68
N ALA E 815 52.80 27.50 -11.05
CA ALA E 815 52.32 26.30 -11.73
C ALA E 815 51.22 25.63 -10.92
N THR E 816 51.44 25.46 -9.62
CA THR E 816 50.41 24.85 -8.78
C THR E 816 49.11 25.65 -8.86
N ARG E 817 49.21 26.98 -8.77
CA ARG E 817 48.02 27.81 -8.85
C ARG E 817 47.29 27.57 -10.16
N ARG E 818 48.03 27.36 -11.26
CA ARG E 818 47.38 26.96 -12.49
C ARG E 818 46.77 25.59 -12.35
N LEU E 819 47.58 24.60 -11.94
CA LEU E 819 47.14 23.21 -11.97
C LEU E 819 45.89 23.01 -11.13
N VAL E 820 45.93 23.43 -9.86
CA VAL E 820 44.78 23.30 -8.99
C VAL E 820 43.56 23.89 -9.66
N ALA E 821 43.69 25.11 -10.21
CA ALA E 821 42.55 25.75 -10.85
C ALA E 821 41.96 24.83 -11.90
N SER E 822 42.78 24.33 -12.82
CA SER E 822 42.28 23.44 -13.86
C SER E 822 41.58 22.25 -13.23
N ILE E 823 42.22 21.63 -12.24
CA ILE E 823 41.63 20.46 -11.60
C ILE E 823 40.27 20.82 -11.03
N GLU E 824 40.20 21.95 -10.33
CA GLU E 824 38.92 22.38 -9.79
C GLU E 824 37.87 22.46 -10.88
N ARG E 825 38.22 23.13 -11.98
CA ARG E 825 37.28 23.24 -13.10
C ARG E 825 36.89 21.85 -13.58
N LYS E 826 37.87 20.96 -13.74
CA LYS E 826 37.55 19.59 -14.15
C LYS E 826 36.59 18.95 -13.17
N ILE E 827 36.88 19.06 -11.87
CA ILE E 827 35.99 18.49 -10.87
C ILE E 827 34.61 19.11 -11.00
N MET E 828 34.57 20.43 -11.24
CA MET E 828 33.29 21.13 -11.29
C MET E 828 32.46 20.62 -12.46
N LEU E 829 33.11 20.09 -13.50
CA LEU E 829 32.39 19.36 -14.53
C LEU E 829 31.95 17.99 -14.05
N LYS E 830 32.91 17.19 -13.55
CA LYS E 830 32.66 15.78 -13.29
C LYS E 830 31.49 15.60 -12.32
N ARG E 831 31.54 16.30 -11.19
CA ARG E 831 30.45 16.23 -10.21
C ARG E 831 29.11 16.47 -10.87
N LEU E 832 29.02 17.51 -11.71
CA LEU E 832 27.76 17.79 -12.40
C LEU E 832 27.27 16.56 -13.13
N ASN E 833 28.14 15.95 -13.96
CA ASN E 833 27.76 14.72 -14.65
C ASN E 833 27.23 13.69 -13.67
N LYS E 834 28.00 13.43 -12.60
CA LYS E 834 27.55 12.45 -11.62
C LYS E 834 26.16 12.78 -11.12
N ILE E 835 25.93 14.04 -10.78
CA ILE E 835 24.61 14.44 -10.28
C ILE E 835 23.55 14.05 -11.28
N MET E 836 23.74 14.40 -12.55
CA MET E 836 22.76 14.03 -13.57
C MET E 836 22.57 12.53 -13.58
N ASP E 837 23.66 11.77 -13.61
CA ASP E 837 23.54 10.32 -13.58
C ASP E 837 22.80 9.88 -12.34
N LYS E 838 23.15 10.44 -11.18
CA LYS E 838 22.44 10.13 -9.96
C LYS E 838 20.96 10.43 -10.11
N LEU E 839 20.65 11.60 -10.67
CA LEU E 839 19.25 11.97 -10.86
C LEU E 839 18.54 10.96 -11.76
N ASN E 840 19.24 10.46 -12.77
CA ASN E 840 18.65 9.44 -13.63
C ASN E 840 18.19 8.24 -12.81
N LYS E 841 19.06 7.77 -11.91
CA LYS E 841 18.71 6.59 -11.12
C LYS E 841 17.50 6.86 -10.22
N LEU E 842 17.25 8.14 -9.93
CA LEU E 842 16.07 8.47 -9.12
C LEU E 842 14.80 8.32 -9.95
N GLU E 843 14.84 8.66 -11.24
CA GLU E 843 13.63 8.62 -12.04
C GLU E 843 13.34 7.21 -12.56
N LEU E 844 14.29 6.31 -12.46
CA LEU E 844 14.10 4.93 -12.93
C LEU E 844 14.26 3.94 -11.79
N SER F 522 -9.54 44.99 57.64
CA SER F 522 -8.35 44.18 57.92
C SER F 522 -7.80 43.57 56.65
N PRO F 523 -6.99 44.35 55.92
CA PRO F 523 -6.48 43.87 54.62
C PRO F 523 -5.54 42.68 54.72
N GLU F 524 -4.95 42.41 55.88
CA GLU F 524 -3.91 41.39 55.97
C GLU F 524 -4.47 39.99 55.74
N GLN F 525 -5.75 39.76 56.01
CA GLN F 525 -6.34 38.48 55.67
C GLN F 525 -6.90 38.43 54.26
N LEU F 526 -6.85 39.54 53.52
CA LEU F 526 -7.34 39.57 52.14
C LEU F 526 -6.29 39.11 51.13
N LEU F 527 -5.04 38.93 51.56
CA LEU F 527 -4.00 38.46 50.64
C LEU F 527 -4.32 37.11 50.02
N PRO F 528 -4.71 36.07 50.78
CA PRO F 528 -4.99 34.77 50.13
C PRO F 528 -6.19 34.79 49.21
N LEU F 529 -7.08 35.78 49.35
CA LEU F 529 -8.30 35.82 48.54
C LEU F 529 -8.08 36.49 47.18
N TYR F 530 -6.89 37.00 46.91
CA TYR F 530 -6.61 37.60 45.62
C TYR F 530 -6.60 36.54 44.53
N PRO F 531 -6.88 36.92 43.28
CA PRO F 531 -6.93 35.92 42.20
C PRO F 531 -5.60 35.21 42.03
N VAL F 532 -5.68 33.92 41.70
CA VAL F 532 -4.50 33.08 41.52
C VAL F 532 -4.08 33.14 40.06
N THR F 533 -2.80 33.43 39.84
CA THR F 533 -2.25 33.55 38.49
C THR F 533 -1.15 32.52 38.29
N ALA F 534 -1.15 31.87 37.13
CA ALA F 534 -0.05 30.99 36.77
C ALA F 534 1.26 31.76 36.65
N THR F 535 1.21 32.92 36.00
CA THR F 535 2.39 33.76 35.89
C THR F 535 2.65 34.48 37.22
N LYS F 536 3.89 34.42 37.70
CA LYS F 536 4.22 35.07 38.95
C LYS F 536 4.22 36.59 38.80
N ILE F 537 3.61 37.27 39.76
CA ILE F 537 3.52 38.71 39.76
C ILE F 537 4.57 39.24 40.73
N TYR F 538 5.67 39.75 40.20
CA TYR F 538 6.73 40.31 41.00
C TYR F 538 6.56 41.82 41.16
N MET F 539 7.33 42.40 42.07
CA MET F 539 7.25 43.82 42.37
C MET F 539 8.64 44.46 42.21
N ASN F 540 8.64 45.71 41.74
CA ASN F 540 9.86 46.49 41.61
C ASN F 540 10.03 47.36 42.84
N LEU F 541 11.20 47.29 43.46
CA LEU F 541 11.51 48.05 44.66
C LEU F 541 12.83 48.78 44.48
N GLY F 542 12.84 50.07 44.84
CA GLY F 542 14.06 50.85 44.79
C GLY F 542 14.53 51.32 46.15
N GLU F 543 13.57 51.55 47.05
CA GLU F 543 13.88 51.98 48.41
C GLU F 543 13.56 50.86 49.38
N PRO F 544 14.53 50.35 50.15
CA PRO F 544 14.23 49.28 51.10
C PRO F 544 13.17 49.66 52.12
N ASP F 545 13.18 50.90 52.60
CA ASP F 545 12.22 51.33 53.62
C ASP F 545 10.79 51.34 53.10
N ALA F 546 10.60 51.25 51.79
CA ALA F 546 9.26 51.17 51.20
C ALA F 546 8.70 49.76 51.21
N ILE F 547 9.47 48.76 51.66
CA ILE F 547 8.94 47.40 51.68
C ILE F 547 7.82 47.26 52.69
N GLU F 548 7.84 48.05 53.76
CA GLU F 548 6.78 47.97 54.76
C GLU F 548 5.48 48.61 54.27
N LYS F 549 5.59 49.58 53.35
CA LYS F 549 4.38 50.18 52.79
C LYS F 549 3.63 49.19 51.90
N TYR F 550 4.36 48.36 51.16
CA TYR F 550 3.78 47.46 50.18
C TYR F 550 3.78 46.00 50.64
N LYS F 551 3.93 45.76 51.95
CA LYS F 551 3.92 44.40 52.46
C LYS F 551 2.57 43.71 52.30
N ASP F 552 1.49 44.48 52.12
CA ASP F 552 0.16 43.93 51.98
C ASP F 552 -0.28 43.80 50.53
N LEU F 553 0.66 43.87 49.58
CA LEU F 553 0.27 43.67 48.20
C LEU F 553 0.44 42.20 47.80
N PRO F 554 -0.40 41.70 46.89
CA PRO F 554 -0.28 40.29 46.47
C PRO F 554 0.79 40.09 45.41
N PHE F 555 2.04 40.19 45.83
CA PHE F 555 3.17 39.96 44.95
C PHE F 555 3.90 38.68 45.37
N ASP F 556 4.40 37.94 44.39
CA ASP F 556 5.10 36.70 44.64
C ASP F 556 6.58 36.89 44.91
N GLY F 557 7.06 38.12 44.92
CA GLY F 557 8.45 38.40 45.19
C GLY F 557 8.86 39.73 44.61
N ILE F 558 10.11 40.09 44.85
CA ILE F 558 10.70 41.30 44.31
C ILE F 558 11.51 40.88 43.09
N GLY F 559 10.93 41.07 41.91
CA GLY F 559 11.62 40.73 40.68
C GLY F 559 12.71 41.70 40.27
N LEU F 560 12.79 42.85 40.92
CA LEU F 560 13.83 43.83 40.61
C LEU F 560 14.03 44.71 41.84
N MET F 561 15.16 44.54 42.51
CA MET F 561 15.56 45.40 43.61
C MET F 561 16.69 46.30 43.13
N ARG F 562 16.44 47.60 43.13
CA ARG F 562 17.42 48.58 42.68
C ARG F 562 18.27 49.03 43.85
N ILE F 563 19.58 48.79 43.78
CA ILE F 563 20.49 49.16 44.84
C ILE F 563 21.07 50.54 44.55
N GLU F 564 20.59 51.16 43.47
CA GLU F 564 21.06 52.51 43.13
C GLU F 564 20.72 53.50 44.23
N PHE F 565 19.51 53.39 44.79
CA PHE F 565 19.12 54.29 45.88
C PHE F 565 19.98 54.08 47.11
N ILE F 566 20.33 52.83 47.41
CA ILE F 566 21.16 52.55 48.58
C ILE F 566 22.53 53.18 48.42
N ILE F 567 23.15 53.01 47.24
CA ILE F 567 24.48 53.56 47.01
C ILE F 567 24.43 55.09 47.01
N THR F 568 23.36 55.66 46.44
CA THR F 568 23.28 57.12 46.33
C THR F 568 23.02 57.78 47.68
N ASP F 569 22.09 57.24 48.46
CA ASP F 569 21.62 57.92 49.66
C ASP F 569 22.09 57.28 50.96
N TRP F 570 22.49 56.02 50.96
CA TRP F 570 23.01 55.40 52.17
C TRP F 570 24.53 55.33 52.20
N VAL F 571 25.19 55.48 51.04
CA VAL F 571 26.64 55.44 50.96
C VAL F 571 27.22 56.80 50.58
N GLN F 572 26.63 57.45 49.56
CA GLN F 572 27.07 58.74 49.03
C GLN F 572 28.48 58.71 48.45
N TYR F 573 29.16 57.57 48.48
CA TYR F 573 30.56 57.50 48.08
C TYR F 573 30.76 56.47 46.99
N HIS F 574 31.69 56.78 46.08
CA HIS F 574 32.07 55.83 45.06
C HIS F 574 32.75 54.62 45.70
N PRO F 575 32.36 53.40 45.34
CA PRO F 575 32.98 52.22 45.98
C PRO F 575 34.49 52.16 45.82
N LEU F 576 35.01 52.56 44.66
CA LEU F 576 36.46 52.60 44.49
C LEU F 576 37.11 53.62 45.41
N TYR F 577 36.45 54.76 45.63
CA TYR F 577 36.96 55.74 46.57
C TYR F 577 37.00 55.17 47.99
N LEU F 578 35.96 54.43 48.37
CA LEU F 578 35.95 53.81 49.69
C LEU F 578 37.05 52.76 49.81
N ILE F 579 37.31 52.01 48.74
CA ILE F 579 38.41 51.05 48.74
C ILE F 579 39.74 51.77 48.91
N GLU F 580 39.92 52.89 48.22
CA GLU F 580 41.15 53.66 48.37
C GLU F 580 41.30 54.18 49.79
N GLN F 581 40.21 54.65 50.40
CA GLN F 581 40.22 55.09 51.79
C GLN F 581 40.10 53.93 52.77
N GLY F 582 40.00 52.69 52.28
CA GLY F 582 39.86 51.55 53.16
C GLY F 582 38.54 51.50 53.91
N LYS F 583 37.45 51.88 53.25
CA LYS F 583 36.14 51.86 53.89
C LYS F 583 35.18 50.95 53.14
N GLU F 584 35.66 49.77 52.73
CA GLU F 584 34.79 48.79 52.09
C GLU F 584 33.69 48.33 53.03
N SER F 585 33.97 48.34 54.35
CA SER F 585 33.01 47.85 55.32
C SER F 585 31.72 48.66 55.29
N LEU F 586 31.83 49.98 55.16
CA LEU F 586 30.63 50.82 55.13
C LEU F 586 29.74 50.47 53.95
N PHE F 587 30.31 50.40 52.75
CA PHE F 587 29.54 50.08 51.55
C PHE F 587 28.91 48.70 51.66
N ILE F 588 29.70 47.70 52.06
CA ILE F 588 29.20 46.33 52.17
C ILE F 588 28.08 46.26 53.20
N ASP F 589 28.26 46.92 54.35
CA ASP F 589 27.27 46.85 55.41
C ASP F 589 25.99 47.56 55.04
N LYS F 590 26.08 48.69 54.35
CA LYS F 590 24.85 49.38 53.94
C LYS F 590 24.08 48.56 52.91
N LEU F 591 24.76 48.00 51.92
CA LEU F 591 24.08 47.12 50.97
C LEU F 591 23.47 45.92 51.67
N ALA F 592 24.22 45.32 52.61
CA ALA F 592 23.73 44.16 53.33
C ALA F 592 22.50 44.52 54.16
N GLU F 593 22.52 45.67 54.81
CA GLU F 593 21.38 46.09 55.62
C GLU F 593 20.14 46.26 54.76
N GLY F 594 20.26 46.98 53.64
CA GLY F 594 19.11 47.17 52.78
C GLY F 594 18.57 45.86 52.22
N ILE F 595 19.46 45.02 51.68
CA ILE F 595 19.03 43.77 51.06
C ILE F 595 18.45 42.83 52.10
N ALA F 596 19.04 42.79 53.30
CA ALA F 596 18.53 41.93 54.37
C ALA F 596 17.16 42.40 54.84
N LYS F 597 16.96 43.72 54.97
CA LYS F 597 15.64 44.22 55.33
C LYS F 597 14.60 43.80 54.29
N VAL F 598 14.90 43.99 53.01
CA VAL F 598 13.94 43.63 51.98
C VAL F 598 13.67 42.13 51.98
N ALA F 599 14.72 41.31 52.12
CA ALA F 599 14.55 39.86 52.06
C ALA F 599 13.78 39.34 53.26
N GLN F 600 14.10 39.83 54.46
CA GLN F 600 13.41 39.38 55.66
C GLN F 600 11.97 39.86 55.68
N ALA F 601 11.69 41.02 55.08
CA ALA F 601 10.31 41.53 55.07
C ALA F 601 9.38 40.63 54.27
N ILE F 602 9.88 39.91 53.27
CA ILE F 602 9.04 39.11 52.40
C ILE F 602 9.49 37.66 52.34
N TYR F 603 10.25 37.19 53.33
CA TYR F 603 10.69 35.81 53.32
C TYR F 603 9.48 34.88 53.37
N PRO F 604 9.50 33.77 52.62
CA PRO F 604 10.57 33.27 51.75
C PRO F 604 10.45 33.67 50.29
N ARG F 605 9.69 34.71 49.97
CA ARG F 605 9.57 35.13 48.57
C ARG F 605 10.91 35.66 48.06
N PRO F 606 11.30 35.33 46.84
CA PRO F 606 12.63 35.71 46.35
C PRO F 606 12.76 37.22 46.18
N VAL F 607 13.99 37.69 46.39
CA VAL F 607 14.36 39.07 46.14
C VAL F 607 15.49 39.06 45.12
N VAL F 608 15.20 39.52 43.91
CA VAL F 608 16.19 39.55 42.83
C VAL F 608 16.87 40.91 42.87
N VAL F 609 18.05 40.97 43.47
CA VAL F 609 18.82 42.20 43.58
C VAL F 609 19.56 42.44 42.28
N ARG F 610 19.41 43.65 41.73
CA ARG F 610 20.15 44.06 40.56
C ARG F 610 21.47 44.69 40.98
N PHE F 611 22.55 44.30 40.30
CA PHE F 611 23.84 44.90 40.57
C PHE F 611 23.84 46.35 40.12
N SER F 612 24.97 47.04 40.34
CA SER F 612 25.05 48.47 40.08
C SER F 612 24.73 48.80 38.63
N ASP F 613 23.61 49.49 38.43
CA ASP F 613 23.14 49.87 37.10
C ASP F 613 23.50 51.31 36.74
N PHE F 614 24.38 51.94 37.52
CA PHE F 614 24.75 53.32 37.28
C PHE F 614 25.50 53.47 35.96
N LYS F 615 25.39 54.65 35.36
CA LYS F 615 26.21 55.03 34.22
C LYS F 615 27.43 55.80 34.74
N THR F 616 28.37 56.11 33.84
CA THR F 616 29.56 56.82 34.25
C THR F 616 29.22 58.21 34.79
N ASN F 617 28.29 58.91 34.11
CA ASN F 617 27.85 60.21 34.59
C ASN F 617 27.11 60.07 35.92
N GLU F 618 26.30 59.03 36.09
CA GLU F 618 25.66 58.78 37.37
C GLU F 618 26.68 58.40 38.45
N TYR F 619 27.72 57.67 38.06
CA TYR F 619 28.78 57.32 39.00
C TYR F 619 29.52 58.55 39.47
N ARG F 620 29.75 59.52 38.56
CA ARG F 620 30.43 60.74 38.95
C ARG F 620 29.67 61.54 39.98
N GLY F 621 28.35 61.35 40.09
CA GLY F 621 27.58 62.02 41.12
C GLY F 621 27.96 61.60 42.53
N LEU F 622 28.53 60.40 42.69
CA LEU F 622 29.00 59.96 43.99
C LEU F 622 30.24 60.75 44.40
N LYS F 623 30.45 60.83 45.72
CA LYS F 623 31.60 61.55 46.25
C LYS F 623 32.89 60.82 45.90
N GLY F 624 33.86 61.55 45.36
CA GLY F 624 35.13 60.97 44.99
C GLY F 624 35.12 60.14 43.73
N GLY F 625 34.02 60.14 42.98
CA GLY F 625 33.90 59.36 41.77
C GLY F 625 34.49 59.99 40.53
N GLU F 626 34.92 61.25 40.60
CA GLU F 626 35.49 61.90 39.42
C GLU F 626 36.82 61.27 39.02
N LYS F 627 37.58 60.75 39.97
CA LYS F 627 38.88 60.18 39.66
C LYS F 627 38.79 58.81 38.99
N TYR F 628 37.67 58.10 39.15
CA TYR F 628 37.54 56.75 38.66
C TYR F 628 36.61 56.62 37.46
N GLU F 629 35.86 57.66 37.12
CA GLU F 629 34.89 57.60 36.03
C GLU F 629 35.35 58.49 34.88
N PRO F 630 35.72 57.92 33.74
CA PRO F 630 36.09 58.75 32.59
C PRO F 630 34.88 59.43 31.99
N GLU F 631 35.11 60.59 31.39
CA GLU F 631 34.04 61.29 30.69
C GLU F 631 33.70 60.56 29.40
N GLU F 632 32.46 60.12 29.28
CA GLU F 632 32.06 59.34 28.12
C GLU F 632 31.03 60.08 27.30
N ARG F 633 31.21 60.00 25.99
CA ARG F 633 30.30 60.59 25.03
C ARG F 633 28.94 59.88 25.06
N ASN F 634 28.91 58.55 25.16
CA ASN F 634 27.66 57.80 25.30
C ASN F 634 27.74 56.79 26.43
N PRO F 635 27.60 57.24 27.69
CA PRO F 635 27.53 56.27 28.80
C PRO F 635 26.33 55.35 28.71
N MET F 636 25.26 55.76 28.00
CA MET F 636 24.09 54.90 27.84
C MET F 636 24.47 53.58 27.19
N ILE F 637 25.39 53.61 26.24
CA ILE F 637 25.92 52.39 25.65
C ILE F 637 27.42 52.35 25.94
N GLY F 638 27.81 52.92 27.08
CA GLY F 638 29.21 52.99 27.45
C GLY F 638 29.61 51.91 28.44
N TRP F 639 30.63 52.23 29.23
CA TRP F 639 31.20 51.30 30.21
C TRP F 639 30.25 51.18 31.39
N ARG F 640 29.39 50.16 31.35
CA ARG F 640 28.41 49.94 32.40
C ARG F 640 28.02 48.48 32.41
N GLY F 641 27.40 48.06 33.51
CA GLY F 641 26.92 46.69 33.61
C GLY F 641 28.05 45.71 33.78
N VAL F 642 27.90 44.53 33.17
CA VAL F 642 28.87 43.46 33.33
C VAL F 642 30.23 43.89 32.77
N SER F 643 30.22 44.64 31.68
CA SER F 643 31.48 45.17 31.13
C SER F 643 32.23 45.96 32.18
N ARG F 644 31.53 46.66 33.07
CA ARG F 644 32.18 47.36 34.15
C ARG F 644 32.65 46.40 35.24
N TYR F 645 31.87 45.36 35.53
CA TYR F 645 32.19 44.49 36.65
C TYR F 645 33.45 43.68 36.38
N ILE F 646 33.59 43.13 35.17
CA ILE F 646 34.74 42.30 34.85
C ILE F 646 36.00 43.11 34.58
N HIS F 647 35.88 44.42 34.39
CA HIS F 647 37.05 45.24 34.17
C HIS F 647 37.90 45.30 35.43
N PRO F 648 39.22 45.20 35.32
CA PRO F 648 40.06 45.19 36.53
C PRO F 648 39.93 46.44 37.38
N LYS F 649 39.61 47.58 36.77
CA LYS F 649 39.53 48.84 37.53
C LYS F 649 38.35 48.80 38.50
N TYR F 650 37.18 48.40 38.04
CA TYR F 650 35.99 48.35 38.88
C TYR F 650 35.78 46.98 39.52
N GLU F 651 36.60 45.99 39.20
CA GLU F 651 36.42 44.66 39.77
C GLU F 651 36.36 44.64 41.29
N PRO F 652 37.19 45.40 42.03
CA PRO F 652 37.01 45.41 43.50
C PRO F 652 35.64 45.87 43.95
N ALA F 653 35.03 46.84 43.26
CA ALA F 653 33.69 47.28 43.65
C ALA F 653 32.64 46.20 43.43
N PHE F 654 32.74 45.50 42.29
CA PHE F 654 31.85 44.36 42.05
C PHE F 654 32.07 43.28 43.09
N ARG F 655 33.32 43.07 43.50
CA ARG F 655 33.60 42.11 44.57
C ARG F 655 32.98 42.56 45.89
N LEU F 656 32.98 43.87 46.16
CA LEU F 656 32.30 44.37 47.36
C LEU F 656 30.80 44.08 47.30
N GLU F 657 30.19 44.30 46.13
CA GLU F 657 28.77 44.01 45.99
C GLU F 657 28.49 42.52 46.19
N VAL F 658 29.32 41.65 45.60
CA VAL F 658 29.16 40.21 45.77
C VAL F 658 29.36 39.81 47.23
N ARG F 659 30.30 40.47 47.91
CA ARG F 659 30.51 40.20 49.33
C ARG F 659 29.30 40.59 50.16
N ALA F 660 28.67 41.71 49.82
CA ALA F 660 27.44 42.11 50.51
C ALA F 660 26.34 41.09 50.29
N ILE F 661 26.18 40.62 49.05
CA ILE F 661 25.18 39.60 48.76
C ILE F 661 25.47 38.32 49.53
N LYS F 662 26.74 37.91 49.58
CA LYS F 662 27.12 36.71 50.30
C LYS F 662 26.86 36.85 51.79
N LYS F 663 27.14 38.04 52.35
CA LYS F 663 26.86 38.28 53.76
C LYS F 663 25.37 38.20 54.05
N VAL F 664 24.54 38.75 53.16
CA VAL F 664 23.10 38.62 53.33
C VAL F 664 22.67 37.15 53.28
N ARG F 665 23.23 36.39 52.32
CA ARG F 665 22.78 35.02 52.12
C ARG F 665 23.28 34.08 53.21
N GLU F 666 24.40 34.41 53.86
CA GLU F 666 25.04 33.52 54.81
C GLU F 666 24.95 33.99 56.25
N GLU F 667 25.40 35.21 56.53
CA GLU F 667 25.37 35.72 57.90
C GLU F 667 23.94 35.82 58.43
N MET F 668 23.03 36.32 57.61
CA MET F 668 21.62 36.38 57.97
C MET F 668 20.84 35.16 57.51
N GLY F 669 21.46 34.26 56.75
CA GLY F 669 20.78 33.06 56.30
C GLY F 669 19.61 33.30 55.38
N LEU F 670 19.56 34.45 54.71
CA LEU F 670 18.45 34.78 53.81
C LEU F 670 18.73 34.14 52.46
N THR F 671 18.26 32.90 52.30
CA THR F 671 18.50 32.15 51.08
C THR F 671 17.75 32.76 49.88
N ASN F 672 16.65 33.44 50.14
CA ASN F 672 15.77 33.95 49.08
C ASN F 672 16.40 35.10 48.28
N VAL F 673 17.67 35.45 48.45
CA VAL F 673 18.28 36.55 47.72
C VAL F 673 18.95 35.99 46.46
N TRP F 674 18.51 36.45 45.30
CA TRP F 674 19.10 36.12 44.01
C TRP F 674 19.69 37.39 43.43
N VAL F 675 20.50 37.23 42.38
CA VAL F 675 21.15 38.37 41.74
C VAL F 675 20.83 38.37 40.26
N MET F 676 20.80 39.57 39.68
CA MET F 676 20.69 39.72 38.24
C MET F 676 21.79 40.65 37.75
N PHE F 677 22.39 40.29 36.62
CA PHE F 677 23.45 41.07 36.01
C PHE F 677 22.85 42.06 35.03
N PRO F 678 22.99 43.36 35.25
CA PRO F 678 22.39 44.33 34.33
C PRO F 678 23.27 44.58 33.11
N PHE F 679 22.61 44.78 31.97
CA PHE F 679 23.25 45.20 30.73
C PHE F 679 24.34 44.22 30.29
N VAL F 680 23.90 42.98 30.07
CA VAL F 680 24.80 41.91 29.63
C VAL F 680 24.98 42.01 28.13
N ARG F 681 26.23 42.01 27.68
CA ARG F 681 26.57 42.20 26.28
C ARG F 681 27.02 40.91 25.59
N THR F 682 27.99 40.20 26.16
CA THR F 682 28.58 39.04 25.53
C THR F 682 28.65 37.88 26.52
N THR F 683 28.77 36.67 25.97
CA THR F 683 28.80 35.47 26.81
C THR F 683 30.08 35.40 27.62
N TRP F 684 31.23 35.78 27.03
CA TRP F 684 32.49 35.68 27.75
C TRP F 684 32.53 36.64 28.94
N GLU F 685 31.96 37.83 28.79
CA GLU F 685 31.87 38.75 29.93
C GLU F 685 30.99 38.17 31.03
N LEU F 686 29.91 37.49 30.66
CA LEU F 686 29.03 36.88 31.64
C LEU F 686 29.75 35.76 32.39
N GLU F 687 30.51 34.94 31.67
CA GLU F 687 31.25 33.87 32.33
C GLU F 687 32.37 34.42 33.20
N ARG F 688 32.99 35.53 32.79
CA ARG F 688 34.00 36.16 33.65
C ARG F 688 33.38 36.71 34.92
N ALA F 689 32.21 37.33 34.81
CA ALA F 689 31.50 37.78 36.01
C ALA F 689 31.12 36.60 36.91
N LEU F 690 30.68 35.49 36.30
CA LEU F 690 30.32 34.31 37.08
C LEU F 690 31.52 33.74 37.81
N LYS F 691 32.68 33.66 37.15
CA LYS F 691 33.87 33.16 37.83
C LYS F 691 34.37 34.12 38.89
N ILE F 692 34.20 35.43 38.70
CA ILE F 692 34.51 36.38 39.75
C ILE F 692 33.61 36.15 40.95
N MET F 693 32.32 35.92 40.71
CA MET F 693 31.39 35.61 41.80
C MET F 693 31.80 34.32 42.51
N GLU F 694 32.20 33.31 41.75
CA GLU F 694 32.63 32.05 42.34
C GLU F 694 33.87 32.24 43.21
N GLU F 695 34.81 33.09 42.75
CA GLU F 695 35.99 33.37 43.56
C GLU F 695 35.63 34.01 44.89
N GLU F 696 34.48 34.66 44.97
CA GLU F 696 34.00 35.26 46.20
C GLU F 696 33.11 34.32 47.00
N GLY F 697 32.96 33.07 46.58
CA GLY F 697 32.15 32.10 47.27
C GLY F 697 30.68 32.12 46.92
N LEU F 698 30.26 32.95 45.98
CA LEU F 698 28.87 33.02 45.54
C LEU F 698 28.74 32.21 44.26
N LYS F 699 28.14 31.03 44.37
CA LYS F 699 28.05 30.09 43.27
C LYS F 699 26.59 29.81 42.93
N ARG F 700 26.30 29.75 41.63
CA ARG F 700 24.96 29.40 41.16
C ARG F 700 24.61 27.99 41.59
N GLY F 701 23.41 27.82 42.12
CA GLY F 701 22.98 26.53 42.60
C GLY F 701 21.47 26.44 42.74
N LYS F 702 21.03 25.42 43.47
CA LYS F 702 19.60 25.23 43.68
C LYS F 702 19.00 26.32 44.56
N ASP F 703 19.77 26.84 45.52
CA ASP F 703 19.31 27.87 46.42
C ASP F 703 19.74 29.28 45.99
N PHE F 704 20.42 29.40 44.86
CA PHE F 704 20.90 30.69 44.38
C PHE F 704 20.66 30.78 42.88
N LYS F 705 19.86 31.74 42.47
CA LYS F 705 19.54 31.95 41.06
C LYS F 705 20.27 33.18 40.54
N VAL F 706 20.79 33.08 39.32
CA VAL F 706 21.47 34.17 38.65
C VAL F 706 20.71 34.49 37.37
N TRP F 707 20.32 35.76 37.22
CA TRP F 707 19.60 36.22 36.05
C TRP F 707 20.45 37.18 35.25
N ALA F 708 20.08 37.38 33.99
CA ALA F 708 20.75 38.34 33.11
C ALA F 708 19.70 39.26 32.52
N MET F 709 19.97 40.56 32.58
CA MET F 709 19.06 41.53 31.98
C MET F 709 19.08 41.40 30.47
N ALA F 710 17.90 41.21 29.88
CA ALA F 710 17.77 41.10 28.43
C ALA F 710 17.39 42.46 27.84
N GLU F 711 18.32 43.41 27.98
CA GLU F 711 18.13 44.75 27.48
C GLU F 711 19.07 45.10 26.33
N VAL F 712 19.87 44.15 25.85
CA VAL F 712 20.79 44.37 24.74
C VAL F 712 20.38 43.45 23.60
N PRO F 713 20.38 43.94 22.35
CA PRO F 713 19.96 43.07 21.23
C PRO F 713 20.82 41.84 21.04
N SER F 714 22.07 41.84 21.54
CA SER F 714 22.86 40.63 21.50
C SER F 714 22.22 39.52 22.32
N ILE F 715 21.60 39.88 23.46
CA ILE F 715 20.84 38.89 24.23
C ILE F 715 19.66 38.40 23.43
N VAL F 716 19.01 39.29 22.68
CA VAL F 716 17.89 38.89 21.83
C VAL F 716 18.33 37.86 20.82
N LEU F 717 19.48 38.09 20.17
CA LEU F 717 19.92 37.20 19.11
C LEU F 717 20.52 35.90 19.63
N LEU F 718 21.09 35.91 20.84
CA LEU F 718 21.80 34.76 21.38
C LEU F 718 21.29 34.39 22.77
N ALA F 719 19.98 34.47 22.99
CA ALA F 719 19.43 34.10 24.29
C ALA F 719 19.67 32.64 24.61
N ASP F 720 19.52 31.76 23.61
CA ASP F 720 19.76 30.34 23.82
C ASP F 720 21.21 30.06 24.19
N LYS F 721 22.15 30.88 23.68
CA LYS F 721 23.55 30.72 24.06
C LYS F 721 23.81 31.24 25.46
N PHE F 722 23.18 32.36 25.83
CA PHE F 722 23.36 32.92 27.16
C PHE F 722 22.71 32.06 28.24
N ALA F 723 21.73 31.23 27.88
CA ALA F 723 20.99 30.46 28.88
C ALA F 723 21.86 29.43 29.59
N GLU F 724 23.00 29.04 29.00
CA GLU F 724 23.87 28.07 29.67
C GLU F 724 24.56 28.65 30.90
N TYR F 725 24.58 29.97 31.04
CA TYR F 725 25.30 30.62 32.13
C TYR F 725 24.39 31.14 33.24
N VAL F 726 23.11 31.38 32.97
CA VAL F 726 22.21 31.98 33.94
C VAL F 726 20.98 31.10 34.09
N ASP F 727 20.32 31.23 35.24
CA ASP F 727 19.10 30.47 35.49
C ASP F 727 17.92 31.04 34.70
N GLY F 728 17.92 32.34 34.44
CA GLY F 728 16.84 32.95 33.70
C GLY F 728 17.22 34.33 33.20
N PHE F 729 16.29 34.94 32.50
CA PHE F 729 16.48 36.28 31.94
C PHE F 729 15.39 37.22 32.44
N SER F 730 15.78 38.47 32.64
CA SER F 730 14.85 39.54 32.98
C SER F 730 14.88 40.56 31.85
N ILE F 731 13.74 40.75 31.20
CA ILE F 731 13.65 41.64 30.03
C ILE F 731 13.50 43.07 30.53
N GLY F 732 14.53 43.87 30.34
CA GLY F 732 14.47 45.29 30.65
C GLY F 732 13.84 46.06 29.53
N SER F 733 12.50 45.99 29.42
CA SER F 733 11.80 46.54 28.28
C SER F 733 12.10 48.01 28.05
N ASN F 734 12.31 48.78 29.13
CA ASN F 734 12.65 50.18 28.99
C ASN F 734 13.95 50.37 28.21
N ASP F 735 15.00 49.66 28.62
CA ASP F 735 16.27 49.73 27.91
C ASP F 735 16.27 48.90 26.64
N LEU F 736 15.52 47.78 26.62
CA LEU F 736 15.47 46.95 25.43
C LEU F 736 14.85 47.68 24.25
N THR F 737 13.77 48.42 24.49
CA THR F 737 13.17 49.22 23.43
C THR F 737 14.14 50.27 22.92
N GLN F 738 14.85 50.94 23.85
CA GLN F 738 15.81 51.96 23.46
C GLN F 738 16.91 51.39 22.58
N LEU F 739 17.44 50.22 22.95
CA LEU F 739 18.54 49.65 22.20
C LEU F 739 18.09 49.03 20.88
N ILE F 740 16.91 48.40 20.87
CA ILE F 740 16.40 47.81 19.64
C ILE F 740 16.09 48.90 18.62
N LEU F 741 15.44 49.97 19.06
CA LEU F 741 15.11 51.07 18.17
C LEU F 741 16.26 52.06 17.99
N GLY F 742 17.31 51.96 18.80
CA GLY F 742 18.41 52.91 18.69
C GLY F 742 18.01 54.34 19.00
N ALA F 743 17.15 54.54 19.99
CA ALA F 743 16.68 55.87 20.37
C ALA F 743 16.78 56.02 21.88
N ASP F 744 17.06 57.24 22.33
CA ASP F 744 17.26 57.54 23.74
C ASP F 744 16.11 58.41 24.24
N ARG F 745 15.54 58.03 25.39
CA ARG F 745 14.25 58.57 25.81
C ARG F 745 14.30 60.04 26.23
N ASP F 746 15.34 60.47 26.93
CA ASP F 746 15.36 61.83 27.45
C ASP F 746 15.40 62.88 26.35
N SER F 747 15.70 62.48 25.11
CA SER F 747 15.58 63.39 23.97
C SER F 747 14.10 63.66 23.73
N ASN F 748 13.67 64.90 23.97
CA ASN F 748 12.26 65.22 23.84
C ASN F 748 11.77 65.10 22.40
N ILE F 749 12.64 65.35 21.43
CA ILE F 749 12.24 65.29 20.03
C ILE F 749 11.83 63.86 19.67
N LEU F 750 12.66 62.88 20.04
CA LEU F 750 12.35 61.48 19.74
C LEU F 750 11.11 61.03 20.51
N ALA F 751 10.95 61.49 21.74
CA ALA F 751 9.77 61.11 22.52
C ALA F 751 8.49 61.66 21.91
N GLU F 752 8.54 62.88 21.39
CA GLU F 752 7.35 63.50 20.81
C GLU F 752 6.84 62.71 19.59
N MET F 753 7.76 62.18 18.78
CA MET F 753 7.36 61.42 17.60
C MET F 753 6.72 60.08 17.95
N GLY F 754 6.79 59.65 19.20
CA GLY F 754 6.19 58.39 19.59
C GLY F 754 7.07 57.17 19.35
N TYR F 755 8.38 57.36 19.28
CA TYR F 755 9.27 56.21 19.06
C TYR F 755 9.22 55.24 20.22
N PHE F 756 9.16 55.74 21.45
CA PHE F 756 9.33 54.91 22.64
C PHE F 756 8.00 54.27 23.04
N ASP F 757 7.46 53.52 22.10
CA ASP F 757 6.28 52.68 22.31
C ASP F 757 6.75 51.24 22.41
N GLU F 758 6.56 50.64 23.58
CA GLU F 758 6.96 49.25 23.78
C GLU F 758 6.07 48.27 23.02
N ARG F 759 4.97 48.74 22.44
CA ARG F 759 4.15 47.97 21.53
C ARG F 759 4.71 47.92 20.11
N ASP F 760 5.94 48.41 19.92
CA ASP F 760 6.54 48.41 18.59
C ASP F 760 6.72 46.98 18.10
N PRO F 761 6.50 46.71 16.82
CA PRO F 761 6.66 45.34 16.31
C PRO F 761 8.06 44.78 16.52
N ALA F 762 9.09 45.62 16.40
CA ALA F 762 10.45 45.13 16.60
C ALA F 762 10.68 44.70 18.05
N VAL F 763 10.20 45.49 19.00
CA VAL F 763 10.37 45.13 20.41
C VAL F 763 9.59 43.86 20.73
N LEU F 764 8.38 43.73 20.19
CA LEU F 764 7.60 42.52 20.41
C LEU F 764 8.28 41.30 19.81
N ALA F 765 8.83 41.44 18.61
CA ALA F 765 9.54 40.32 17.99
C ALA F 765 10.77 39.93 18.80
N GLY F 766 11.51 40.92 19.31
CA GLY F 766 12.66 40.62 20.13
C GLY F 766 12.29 39.91 21.42
N ILE F 767 11.21 40.37 22.07
CA ILE F 767 10.74 39.72 23.29
C ILE F 767 10.31 38.29 23.01
N LYS F 768 9.59 38.08 21.90
CA LYS F 768 9.16 36.74 21.52
C LYS F 768 10.36 35.83 21.28
N MET F 769 11.38 36.35 20.58
CA MET F 769 12.58 35.55 20.33
C MET F 769 13.29 35.20 21.63
N ILE F 770 13.41 36.17 22.55
CA ILE F 770 14.04 35.90 23.84
C ILE F 770 13.28 34.80 24.57
N ILE F 771 11.96 34.91 24.63
CA ILE F 771 11.15 33.93 25.35
C ILE F 771 11.30 32.55 24.73
N GLU F 772 11.23 32.47 23.40
CA GLU F 772 11.34 31.18 22.72
C GLU F 772 12.69 30.54 22.96
N LYS F 773 13.78 31.32 22.83
CA LYS F 773 15.10 30.76 23.03
C LYS F 773 15.31 30.31 24.47
N ALA F 774 14.90 31.14 25.44
CA ALA F 774 15.10 30.79 26.84
C ALA F 774 14.31 29.56 27.23
N HIS F 775 13.07 29.43 26.74
CA HIS F 775 12.29 28.24 27.04
C HIS F 775 12.78 27.02 26.27
N SER F 776 13.39 27.20 25.10
CA SER F 776 14.04 26.08 24.43
C SER F 776 15.25 25.59 25.19
N LYS F 777 15.96 26.48 25.89
CA LYS F 777 17.08 26.09 26.73
C LYS F 777 16.69 25.95 28.19
N GLY F 778 15.40 25.97 28.51
CA GLY F 778 14.95 25.73 29.87
C GLY F 778 15.21 26.83 30.86
N ALA F 779 15.37 28.07 30.39
CA ALA F 779 15.61 29.21 31.26
C ALA F 779 14.32 30.01 31.44
N THR F 780 14.10 30.50 32.66
CA THR F 780 12.93 31.32 32.95
C THR F 780 13.07 32.70 32.33
N VAL F 781 11.93 33.32 32.04
CA VAL F 781 11.88 34.65 31.45
C VAL F 781 11.05 35.55 32.34
N SER F 782 11.59 36.73 32.66
CA SER F 782 10.88 37.74 33.42
C SER F 782 10.98 39.07 32.68
N ILE F 783 10.06 39.98 33.01
CA ILE F 783 10.07 41.32 32.46
C ILE F 783 9.91 42.31 33.61
N CYS F 784 10.76 43.34 33.64
CA CYS F 784 10.74 44.37 34.67
C CYS F 784 10.83 45.72 33.96
N GLY F 785 9.68 46.26 33.61
CA GLY F 785 9.62 47.54 32.92
C GLY F 785 8.25 48.16 33.07
N GLN F 786 8.08 49.31 32.42
CA GLN F 786 6.82 50.03 32.48
C GLN F 786 5.80 49.53 31.46
N ALA F 787 6.20 48.66 30.53
CA ALA F 787 5.26 48.16 29.53
C ALA F 787 4.10 47.40 30.14
N PRO F 788 4.28 46.42 31.03
CA PRO F 788 3.12 45.73 31.61
C PRO F 788 2.29 46.61 32.52
N SER F 789 2.85 47.71 33.03
CA SER F 789 2.13 48.55 33.97
C SER F 789 1.06 49.40 33.29
N VAL F 790 1.24 49.75 32.01
CA VAL F 790 0.38 50.68 31.32
C VAL F 790 -0.40 50.04 30.18
N TYR F 791 0.22 49.10 29.45
CA TYR F 791 -0.41 48.55 28.27
C TYR F 791 -0.94 47.15 28.54
N PRO F 792 -2.26 46.95 28.60
CA PRO F 792 -2.80 45.60 28.78
C PRO F 792 -2.44 44.64 27.65
N GLU F 793 -2.34 45.14 26.42
CA GLU F 793 -2.02 44.27 25.29
C GLU F 793 -0.61 43.70 25.40
N ILE F 794 0.34 44.46 25.96
CA ILE F 794 1.67 43.93 26.23
C ILE F 794 1.57 42.75 27.19
N VAL F 795 0.75 42.89 28.24
CA VAL F 795 0.58 41.81 29.20
C VAL F 795 -0.03 40.59 28.52
N GLU F 796 -1.04 40.80 27.67
CA GLU F 796 -1.67 39.69 26.97
C GLU F 796 -0.67 38.97 26.08
N PHE F 797 0.14 39.73 25.33
CA PHE F 797 1.13 39.12 24.46
C PHE F 797 2.18 38.36 25.27
N LEU F 798 2.61 38.91 26.40
CA LEU F 798 3.60 38.24 27.23
C LEU F 798 3.07 36.94 27.79
N VAL F 799 1.82 36.94 28.28
CA VAL F 799 1.24 35.73 28.84
C VAL F 799 1.01 34.70 27.76
N GLU F 800 0.60 35.14 26.56
CA GLU F 800 0.43 34.21 25.45
C GLU F 800 1.77 33.58 25.06
N ALA F 801 2.83 34.37 25.04
CA ALA F 801 4.15 33.84 24.74
C ALA F 801 4.63 32.86 25.80
N GLY F 802 4.09 32.93 27.01
CA GLY F 802 4.46 32.00 28.06
C GLY F 802 5.54 32.52 28.99
N ILE F 803 5.52 33.82 29.27
CA ILE F 803 6.52 34.39 30.16
C ILE F 803 6.32 33.85 31.57
N ASP F 804 7.44 33.61 32.25
CA ASP F 804 7.37 32.96 33.56
C ASP F 804 6.89 33.91 34.65
N SER F 805 7.33 35.17 34.62
CA SER F 805 6.94 36.12 35.64
C SER F 805 6.94 37.51 35.06
N ILE F 806 6.19 38.41 35.71
CA ILE F 806 6.10 39.81 35.33
C ILE F 806 6.35 40.64 36.58
N SER F 807 7.32 41.56 36.50
CA SER F 807 7.66 42.44 37.60
C SER F 807 7.17 43.84 37.28
N VAL F 808 6.34 44.40 38.15
CA VAL F 808 5.72 45.70 37.94
C VAL F 808 5.93 46.57 39.17
N ASN F 809 5.57 47.84 39.03
CA ASN F 809 5.60 48.76 40.15
C ASN F 809 4.55 48.37 41.18
N PRO F 810 4.76 48.75 42.45
CA PRO F 810 3.77 48.36 43.48
C PRO F 810 2.36 48.81 43.18
N ASP F 811 2.17 50.06 42.76
CA ASP F 811 0.83 50.57 42.50
C ASP F 811 0.14 49.84 41.35
N ALA F 812 0.90 49.13 40.51
CA ALA F 812 0.34 48.36 39.41
C ALA F 812 0.29 46.87 39.70
N VAL F 813 0.55 46.45 40.95
CA VAL F 813 0.58 45.03 41.25
C VAL F 813 -0.82 44.42 41.14
N ILE F 814 -1.76 44.91 41.96
CA ILE F 814 -3.06 44.26 42.08
C ILE F 814 -3.74 44.17 40.72
N ALA F 815 -3.83 45.29 40.01
CA ALA F 815 -4.44 45.29 38.68
C ALA F 815 -3.79 44.24 37.79
N THR F 816 -2.46 44.21 37.76
CA THR F 816 -1.76 43.21 36.95
C THR F 816 -2.19 41.81 37.36
N ARG F 817 -2.23 41.55 38.67
CA ARG F 817 -2.63 40.23 39.14
C ARG F 817 -4.02 39.88 38.64
N ARG F 818 -4.92 40.87 38.58
CA ARG F 818 -6.21 40.62 37.94
C ARG F 818 -6.02 40.36 36.46
N LEU F 819 -5.36 41.28 35.76
CA LEU F 819 -5.31 41.23 34.29
C LEU F 819 -4.71 39.91 33.82
N VAL F 820 -3.51 39.58 34.31
CA VAL F 820 -2.87 38.34 33.93
C VAL F 820 -3.82 37.17 34.13
N ALA F 821 -4.47 37.11 35.30
CA ALA F 821 -5.39 36.02 35.57
C ALA F 821 -6.43 35.91 34.46
N SER F 822 -7.11 37.01 34.15
CA SER F 822 -8.11 36.99 33.10
C SER F 822 -7.50 36.49 31.80
N ILE F 823 -6.34 37.04 31.44
CA ILE F 823 -5.69 36.64 30.19
C ILE F 823 -5.43 35.14 30.20
N GLU F 824 -4.90 34.64 31.32
CA GLU F 824 -4.65 33.21 31.40
C GLU F 824 -5.93 32.44 31.14
N ARG F 825 -7.02 32.83 31.82
CA ARG F 825 -8.30 32.16 31.60
C ARG F 825 -8.69 32.24 30.14
N LYS F 826 -8.56 33.42 29.53
CA LYS F 826 -8.86 33.55 28.10
C LYS F 826 -8.01 32.59 27.29
N ILE F 827 -6.70 32.57 27.55
CA ILE F 827 -5.84 31.65 26.82
C ILE F 827 -6.30 30.22 27.04
N MET F 828 -6.69 29.90 28.28
CA MET F 828 -7.06 28.53 28.60
C MET F 828 -8.30 28.12 27.83
N LEU F 829 -9.13 29.10 27.43
CA LEU F 829 -10.20 28.81 26.47
C LEU F 829 -9.64 28.65 25.06
N LYS F 830 -8.88 29.65 24.58
CA LYS F 830 -8.52 29.71 23.17
C LYS F 830 -7.78 28.45 22.75
N ARG F 831 -6.74 28.07 23.50
CA ARG F 831 -5.99 26.85 23.19
C ARG F 831 -6.92 25.67 23.03
N LEU F 832 -7.87 25.50 23.95
CA LEU F 832 -8.82 24.39 23.84
C LEU F 832 -9.48 24.39 22.47
N ASN F 833 -10.05 25.55 22.07
CA ASN F 833 -10.67 25.64 20.75
C ASN F 833 -9.68 25.20 19.68
N LYS F 834 -8.47 25.75 19.70
CA LYS F 834 -7.48 25.37 18.70
C LYS F 834 -7.30 23.86 18.66
N ILE F 835 -7.16 23.25 19.84
CA ILE F 835 -6.96 21.81 19.90
C ILE F 835 -8.10 21.11 19.18
N MET F 836 -9.34 21.48 19.49
CA MET F 836 -10.48 20.87 18.81
C MET F 836 -10.36 21.06 17.31
N ASP F 837 -10.09 22.29 16.87
CA ASP F 837 -9.91 22.54 15.45
C ASP F 837 -8.80 21.68 14.90
N LYS F 838 -7.67 21.63 15.61
CA LYS F 838 -6.57 20.77 15.19
C LYS F 838 -7.05 19.33 15.07
N LEU F 839 -7.78 18.86 16.07
CA LEU F 839 -8.27 17.48 16.03
C LEU F 839 -9.17 17.27 14.83
N ASN F 840 -9.97 18.27 14.48
CA ASN F 840 -10.80 18.15 13.28
C ASN F 840 -9.96 17.85 12.06
N LYS F 841 -8.86 18.59 11.89
CA LYS F 841 -8.02 18.39 10.71
C LYS F 841 -7.41 16.99 10.70
N LEU F 842 -7.31 16.36 11.88
CA LEU F 842 -6.79 15.00 11.92
C LEU F 842 -7.82 14.01 11.39
N GLU F 843 -9.11 14.24 11.65
CA GLU F 843 -10.11 13.28 11.23
C GLU F 843 -10.52 13.47 9.78
N LEU F 844 -10.13 14.58 9.17
CA LEU F 844 -10.47 14.84 7.76
C LEU F 844 -9.22 15.00 6.92
N SER G 522 -52.60 -44.54 26.22
CA SER G 522 -51.41 -44.75 27.05
C SER G 522 -50.45 -43.58 26.91
N PRO G 523 -50.68 -42.52 27.68
CA PRO G 523 -49.85 -41.31 27.54
C PRO G 523 -48.40 -41.49 27.97
N GLU G 524 -48.08 -42.53 28.74
CA GLU G 524 -46.74 -42.64 29.30
C GLU G 524 -45.69 -42.92 28.22
N GLN G 525 -46.08 -43.52 27.10
CA GLN G 525 -45.13 -43.67 26.00
C GLN G 525 -45.12 -42.48 25.06
N LEU G 526 -45.99 -41.48 25.28
CA LEU G 526 -46.02 -40.29 24.43
C LEU G 526 -45.02 -39.23 24.86
N LEU G 527 -44.39 -39.39 26.03
CA LEU G 527 -43.39 -38.42 26.47
C LEU G 527 -42.23 -38.26 25.51
N PRO G 528 -41.58 -39.33 25.02
CA PRO G 528 -40.45 -39.13 24.10
C PRO G 528 -40.84 -38.53 22.76
N LEU G 529 -42.12 -38.60 22.39
CA LEU G 529 -42.57 -38.11 21.09
C LEU G 529 -42.87 -36.61 21.09
N TYR G 530 -42.77 -35.95 22.24
CA TYR G 530 -43.01 -34.52 22.30
C TYR G 530 -41.90 -33.77 21.58
N PRO G 531 -42.17 -32.57 21.09
CA PRO G 531 -41.15 -31.82 20.34
C PRO G 531 -39.92 -31.54 21.19
N VAL G 532 -38.76 -31.59 20.54
CA VAL G 532 -37.47 -31.38 21.21
C VAL G 532 -37.13 -29.90 21.14
N THR G 533 -36.81 -29.32 22.30
CA THR G 533 -36.49 -27.91 22.40
C THR G 533 -35.08 -27.73 22.94
N ALA G 534 -34.33 -26.81 22.33
CA ALA G 534 -33.02 -26.46 22.85
C ALA G 534 -33.13 -25.84 24.24
N THR G 535 -34.09 -24.95 24.43
CA THR G 535 -34.32 -24.36 25.74
C THR G 535 -35.05 -25.36 26.64
N LYS G 536 -34.53 -25.55 27.85
CA LYS G 536 -35.15 -26.48 28.78
C LYS G 536 -36.48 -25.94 29.29
N ILE G 537 -37.49 -26.81 29.30
CA ILE G 537 -38.82 -26.45 29.76
C ILE G 537 -38.98 -26.98 31.17
N TYR G 538 -38.89 -26.10 32.16
CA TYR G 538 -39.05 -26.47 33.55
C TYR G 538 -40.50 -26.26 34.00
N MET G 539 -40.82 -26.79 35.18
CA MET G 539 -42.16 -26.72 35.72
C MET G 539 -42.12 -26.09 37.12
N ASN G 540 -43.17 -25.33 37.43
CA ASN G 540 -43.32 -24.73 38.75
C ASN G 540 -44.21 -25.62 39.60
N LEU G 541 -43.73 -25.95 40.80
CA LEU G 541 -44.46 -26.81 41.72
C LEU G 541 -44.52 -26.15 43.09
N GLY G 542 -45.71 -26.16 43.69
CA GLY G 542 -45.89 -25.63 45.02
C GLY G 542 -46.30 -26.68 46.03
N GLU G 543 -47.05 -27.68 45.57
CA GLU G 543 -47.50 -28.77 46.42
C GLU G 543 -46.77 -30.05 46.02
N PRO G 544 -46.02 -30.68 46.93
CA PRO G 544 -45.33 -31.92 46.57
C PRO G 544 -46.27 -33.02 46.10
N ASP G 545 -47.44 -33.15 46.72
CA ASP G 545 -48.38 -34.21 46.35
C ASP G 545 -48.93 -34.04 44.94
N ALA G 546 -48.73 -32.88 44.33
CA ALA G 546 -49.15 -32.65 42.94
C ALA G 546 -48.13 -33.15 41.94
N ILE G 547 -46.97 -33.66 42.38
CA ILE G 547 -45.99 -34.15 41.42
C ILE G 547 -46.49 -35.39 40.70
N GLU G 548 -47.35 -36.18 41.35
CA GLU G 548 -47.87 -37.38 40.71
C GLU G 548 -48.92 -37.05 39.65
N LYS G 549 -49.61 -35.92 39.81
CA LYS G 549 -50.58 -35.50 38.80
C LYS G 549 -49.89 -35.09 37.50
N TYR G 550 -48.73 -34.45 37.61
CA TYR G 550 -48.03 -33.89 36.46
C TYR G 550 -46.80 -34.70 36.07
N LYS G 551 -46.71 -35.96 36.52
CA LYS G 551 -45.56 -36.79 36.17
C LYS G 551 -45.51 -37.13 34.68
N ASP G 552 -46.63 -37.00 33.97
CA ASP G 552 -46.69 -37.32 32.55
C ASP G 552 -46.55 -36.09 31.67
N LEU G 553 -46.07 -34.97 32.22
CA LEU G 553 -45.85 -33.81 31.37
C LEU G 553 -44.42 -33.78 30.86
N PRO G 554 -44.20 -33.25 29.65
CA PRO G 554 -42.83 -33.19 29.10
C PRO G 554 -42.03 -32.01 29.63
N PHE G 555 -41.65 -32.09 30.90
CA PHE G 555 -40.84 -31.07 31.54
C PHE G 555 -39.45 -31.64 31.83
N ASP G 556 -38.43 -30.80 31.69
CA ASP G 556 -37.05 -31.20 31.92
C ASP G 556 -36.64 -31.06 33.38
N GLY G 557 -37.53 -30.65 34.25
CA GLY G 557 -37.23 -30.52 35.66
C GLY G 557 -38.16 -29.53 36.32
N ILE G 558 -37.98 -29.38 37.63
CA ILE G 558 -38.72 -28.43 38.42
C ILE G 558 -37.82 -27.21 38.59
N GLY G 559 -38.07 -26.18 37.79
CA GLY G 559 -37.29 -24.96 37.88
C GLY G 559 -37.63 -24.08 39.06
N LEU G 560 -38.73 -24.37 39.76
CA LEU G 560 -39.11 -23.59 40.94
C LEU G 560 -39.99 -24.47 41.82
N MET G 561 -39.45 -24.89 42.96
CA MET G 561 -40.20 -25.60 43.97
C MET G 561 -40.46 -24.67 45.14
N ARG G 562 -41.73 -24.38 45.40
CA ARG G 562 -42.11 -23.48 46.47
C ARG G 562 -42.33 -24.28 47.75
N ILE G 563 -41.54 -23.98 48.78
CA ILE G 563 -41.64 -24.67 50.06
C ILE G 563 -42.57 -23.90 50.98
N GLU G 564 -43.18 -22.84 50.44
CA GLU G 564 -44.13 -22.06 51.25
C GLU G 564 -45.32 -22.92 51.66
N PHE G 565 -45.82 -23.74 50.74
CA PHE G 565 -46.95 -24.62 51.06
C PHE G 565 -46.58 -25.63 52.13
N ILE G 566 -45.35 -26.16 52.07
CA ILE G 566 -44.92 -27.15 53.06
C ILE G 566 -44.87 -26.52 54.44
N ILE G 567 -44.28 -25.32 54.54
CA ILE G 567 -44.18 -24.66 55.84
C ILE G 567 -45.57 -24.27 56.36
N THR G 568 -46.44 -23.83 55.46
CA THR G 568 -47.76 -23.36 55.89
C THR G 568 -48.66 -24.52 56.33
N ASP G 569 -48.69 -25.60 55.55
CA ASP G 569 -49.67 -26.66 55.77
C ASP G 569 -49.09 -27.93 56.37
N TRP G 570 -47.79 -28.17 56.24
CA TRP G 570 -47.19 -29.35 56.84
C TRP G 570 -46.49 -29.06 58.16
N VAL G 571 -46.17 -27.79 58.43
CA VAL G 571 -45.50 -27.39 59.66
C VAL G 571 -46.42 -26.55 60.55
N GLN G 572 -47.09 -25.56 59.96
CA GLN G 572 -47.99 -24.62 60.65
C GLN G 572 -47.28 -23.76 61.70
N TYR G 573 -45.97 -23.94 61.87
CA TYR G 573 -45.25 -23.27 62.95
C TYR G 573 -44.08 -22.47 62.41
N HIS G 574 -43.83 -21.33 63.05
CA HIS G 574 -42.68 -20.52 62.72
C HIS G 574 -41.40 -21.29 63.06
N PRO G 575 -40.42 -21.36 62.16
CA PRO G 575 -39.19 -22.13 62.47
C PRO G 575 -38.48 -21.65 63.72
N LEU G 576 -38.44 -20.34 63.96
CA LEU G 576 -37.83 -19.84 65.19
C LEU G 576 -38.60 -20.30 66.42
N TYR G 577 -39.93 -20.35 66.34
CA TYR G 577 -40.73 -20.87 67.44
C TYR G 577 -40.40 -22.34 67.71
N LEU G 578 -40.25 -23.13 66.64
CA LEU G 578 -39.88 -24.53 66.82
C LEU G 578 -38.50 -24.67 67.43
N ILE G 579 -37.57 -23.80 67.05
CA ILE G 579 -36.23 -23.80 67.65
C ILE G 579 -36.34 -23.48 69.14
N GLU G 580 -37.16 -22.49 69.50
CA GLU G 580 -37.34 -22.15 70.90
C GLU G 580 -37.95 -23.32 71.67
N GLN G 581 -38.92 -24.01 71.08
CA GLN G 581 -39.51 -25.20 71.68
C GLN G 581 -38.67 -26.45 71.46
N GLY G 582 -37.54 -26.34 70.76
CA GLY G 582 -36.70 -27.50 70.49
C GLY G 582 -37.33 -28.51 69.56
N LYS G 583 -38.04 -28.04 68.53
CA LYS G 583 -38.68 -28.93 67.58
C LYS G 583 -38.17 -28.69 66.16
N GLU G 584 -36.85 -28.50 66.03
CA GLU G 584 -36.25 -28.35 64.71
C GLU G 584 -36.45 -29.60 63.87
N SER G 585 -36.52 -30.77 64.52
CA SER G 585 -36.64 -32.03 63.81
C SER G 585 -37.91 -32.08 62.97
N LEU G 586 -39.02 -31.59 63.51
CA LEU G 586 -40.28 -31.61 62.76
C LEU G 586 -40.18 -30.79 61.47
N PHE G 587 -39.70 -29.56 61.58
CA PHE G 587 -39.57 -28.69 60.41
C PHE G 587 -38.62 -29.30 59.38
N ILE G 588 -37.44 -29.75 59.83
CA ILE G 588 -36.45 -30.33 58.93
C ILE G 588 -37.02 -31.56 58.24
N ASP G 589 -37.70 -32.43 59.00
CA ASP G 589 -38.21 -33.67 58.44
C ASP G 589 -39.34 -33.43 57.46
N LYS G 590 -40.21 -32.46 57.74
CA LYS G 590 -41.29 -32.17 56.79
C LYS G 590 -40.74 -31.60 55.49
N LEU G 591 -39.80 -30.65 55.58
CA LEU G 591 -39.18 -30.15 54.36
C LEU G 591 -38.46 -31.26 53.60
N ALA G 592 -37.74 -32.12 54.33
CA ALA G 592 -37.02 -33.21 53.70
C ALA G 592 -37.98 -34.17 53.01
N GLU G 593 -39.10 -34.48 53.66
CA GLU G 593 -40.08 -35.39 53.06
C GLU G 593 -40.64 -34.82 51.77
N GLY G 594 -41.06 -33.55 51.79
CA GLY G 594 -41.60 -32.96 50.59
C GLY G 594 -40.58 -32.89 49.46
N ILE G 595 -39.37 -32.40 49.76
CA ILE G 595 -38.35 -32.25 48.73
C ILE G 595 -37.92 -33.60 48.19
N ALA G 596 -37.80 -34.60 49.08
CA ALA G 596 -37.41 -35.94 48.65
C ALA G 596 -38.47 -36.57 47.76
N LYS G 597 -39.75 -36.39 48.12
CA LYS G 597 -40.82 -36.89 47.26
C LYS G 597 -40.74 -36.27 45.87
N VAL G 598 -40.60 -34.94 45.81
CA VAL G 598 -40.53 -34.29 44.51
C VAL G 598 -39.31 -34.74 43.72
N ALA G 599 -38.15 -34.85 44.38
CA ALA G 599 -36.92 -35.21 43.68
C ALA G 599 -36.96 -36.65 43.19
N GLN G 600 -37.43 -37.57 44.02
CA GLN G 600 -37.50 -38.97 43.63
C GLN G 600 -38.55 -39.19 42.55
N ALA G 601 -39.62 -38.38 42.54
CA ALA G 601 -40.66 -38.55 41.53
C ALA G 601 -40.14 -38.25 40.13
N ILE G 602 -39.14 -37.39 39.99
CA ILE G 602 -38.65 -36.96 38.69
C ILE G 602 -37.16 -37.18 38.53
N TYR G 603 -36.56 -38.06 39.33
CA TYR G 603 -35.14 -38.32 39.20
C TYR G 603 -34.83 -38.88 37.82
N PRO G 604 -33.72 -38.46 37.19
CA PRO G 604 -32.69 -37.54 37.67
C PRO G 604 -32.89 -36.08 37.26
N ARG G 605 -34.10 -35.68 36.88
CA ARG G 605 -34.32 -34.29 36.49
C ARG G 605 -34.14 -33.37 37.70
N PRO G 606 -33.50 -32.22 37.53
CA PRO G 606 -33.21 -31.37 38.68
C PRO G 606 -34.47 -30.78 39.30
N VAL G 607 -34.40 -30.58 40.62
CA VAL G 607 -35.44 -29.90 41.38
C VAL G 607 -34.80 -28.69 42.04
N VAL G 608 -35.16 -27.50 41.58
CA VAL G 608 -34.60 -26.26 42.12
C VAL G 608 -35.54 -25.79 43.23
N VAL G 609 -35.16 -26.07 44.47
CA VAL G 609 -35.95 -25.68 45.64
C VAL G 609 -35.66 -24.23 45.96
N ARG G 610 -36.72 -23.43 46.10
CA ARG G 610 -36.60 -22.05 46.54
C ARG G 610 -36.67 -21.98 48.06
N PHE G 611 -35.76 -21.21 48.65
CA PHE G 611 -35.78 -21.02 50.09
C PHE G 611 -37.02 -20.22 50.47
N SER G 612 -37.18 -19.99 51.78
CA SER G 612 -38.38 -19.36 52.31
C SER G 612 -38.61 -17.98 51.69
N ASP G 613 -39.67 -17.86 50.90
CA ASP G 613 -40.01 -16.62 50.22
C ASP G 613 -41.10 -15.83 50.96
N PHE G 614 -41.40 -16.20 52.20
CA PHE G 614 -42.44 -15.53 52.95
C PHE G 614 -42.05 -14.08 53.25
N LYS G 615 -43.06 -13.24 53.40
CA LYS G 615 -42.89 -11.89 53.91
C LYS G 615 -43.13 -11.90 55.42
N THR G 616 -42.87 -10.76 56.07
CA THR G 616 -43.06 -10.69 57.52
C THR G 616 -44.53 -10.91 57.89
N ASN G 617 -45.44 -10.29 57.12
CA ASN G 617 -46.86 -10.52 57.36
C ASN G 617 -47.25 -11.96 57.08
N GLU G 618 -46.69 -12.58 56.04
CA GLU G 618 -46.93 -13.99 55.79
C GLU G 618 -46.31 -14.86 56.87
N TYR G 619 -45.16 -14.46 57.40
CA TYR G 619 -44.53 -15.19 58.49
C TYR G 619 -45.38 -15.14 59.74
N ARG G 620 -46.02 -13.99 60.01
CA ARG G 620 -46.87 -13.88 61.18
C ARG G 620 -48.06 -14.82 61.13
N GLY G 621 -48.47 -15.26 59.94
CA GLY G 621 -49.54 -16.23 59.84
C GLY G 621 -49.21 -17.57 60.45
N LEU G 622 -47.92 -17.91 60.56
CA LEU G 622 -47.52 -19.14 61.21
C LEU G 622 -47.75 -19.04 62.72
N LYS G 623 -47.92 -20.21 63.34
CA LYS G 623 -48.15 -20.26 64.78
C LYS G 623 -46.90 -19.83 65.53
N GLY G 624 -47.06 -18.91 66.48
CA GLY G 624 -45.94 -18.44 67.26
C GLY G 624 -45.03 -17.47 66.55
N GLY G 625 -45.39 -17.01 65.36
CA GLY G 625 -44.56 -16.11 64.59
C GLY G 625 -44.69 -14.64 64.95
N GLU G 626 -45.64 -14.29 65.82
CA GLU G 626 -45.81 -12.88 66.18
C GLU G 626 -44.63 -12.37 66.99
N LYS G 627 -43.97 -13.23 67.76
CA LYS G 627 -42.86 -12.80 68.59
C LYS G 627 -41.58 -12.54 67.80
N TYR G 628 -41.45 -13.13 66.61
CA TYR G 628 -40.23 -13.05 65.84
C TYR G 628 -40.34 -12.16 64.61
N GLU G 629 -41.53 -11.74 64.23
CA GLU G 629 -41.74 -10.96 63.02
C GLU G 629 -42.17 -9.54 63.38
N PRO G 630 -41.34 -8.53 63.15
CA PRO G 630 -41.76 -7.16 63.42
C PRO G 630 -42.79 -6.68 62.42
N GLU G 631 -43.64 -5.77 62.86
CA GLU G 631 -44.62 -5.18 61.96
C GLU G 631 -43.93 -4.22 61.00
N GLU G 632 -44.04 -4.51 59.71
CA GLU G 632 -43.35 -3.72 58.71
C GLU G 632 -44.33 -2.98 57.83
N ARG G 633 -44.00 -1.73 57.54
CA ARG G 633 -44.77 -0.89 56.66
C ARG G 633 -44.73 -1.41 55.22
N ASN G 634 -43.56 -1.85 54.74
CA ASN G 634 -43.45 -2.46 53.41
C ASN G 634 -42.68 -3.77 53.46
N PRO G 635 -43.32 -4.86 53.90
CA PRO G 635 -42.65 -6.17 53.82
C PRO G 635 -42.32 -6.59 52.41
N MET G 636 -43.04 -6.07 51.40
CA MET G 636 -42.75 -6.40 50.01
C MET G 636 -41.32 -6.06 49.65
N ILE G 637 -40.81 -4.94 50.16
CA ILE G 637 -39.41 -4.58 50.00
C ILE G 637 -38.78 -4.53 51.39
N GLY G 638 -39.28 -5.37 52.30
CA GLY G 638 -38.81 -5.38 53.67
C GLY G 638 -37.81 -6.49 53.94
N TRP G 639 -37.78 -6.93 55.18
CA TRP G 639 -36.85 -7.97 55.65
C TRP G 639 -37.31 -9.32 55.14
N ARG G 640 -36.77 -9.74 54.00
CA ARG G 640 -37.14 -11.00 53.39
C ARG G 640 -36.00 -11.48 52.51
N GLY G 641 -36.06 -12.76 52.16
CA GLY G 641 -35.06 -13.32 51.27
C GLY G 641 -33.72 -13.48 51.95
N VAL G 642 -32.64 -13.25 51.19
CA VAL G 642 -31.30 -13.46 51.70
C VAL G 642 -31.02 -12.52 52.87
N SER G 643 -31.53 -11.30 52.80
CA SER G 643 -31.39 -10.36 53.92
C SER G 643 -31.93 -10.97 55.20
N ARG G 644 -32.98 -11.79 55.12
CA ARG G 644 -33.49 -12.47 56.28
C ARG G 644 -32.58 -13.64 56.69
N TYR G 645 -32.04 -14.36 55.71
CA TYR G 645 -31.28 -15.57 56.02
C TYR G 645 -29.98 -15.24 56.74
N ILE G 646 -29.25 -14.21 56.28
CA ILE G 646 -27.97 -13.86 56.88
C ILE G 646 -28.12 -13.12 58.20
N HIS G 647 -29.31 -12.62 58.51
CA HIS G 647 -29.51 -11.94 59.78
C HIS G 647 -29.39 -12.92 60.94
N PRO G 648 -28.72 -12.55 62.02
CA PRO G 648 -28.53 -13.50 63.13
C PRO G 648 -29.82 -13.99 63.74
N LYS G 649 -30.89 -13.20 63.70
CA LYS G 649 -32.15 -13.60 64.32
C LYS G 649 -32.77 -14.79 63.58
N TYR G 650 -32.84 -14.72 62.26
CA TYR G 650 -33.42 -15.79 61.46
C TYR G 650 -32.39 -16.80 60.98
N GLU G 651 -31.10 -16.57 61.23
CA GLU G 651 -30.08 -17.50 60.75
C GLU G 651 -30.31 -18.94 61.17
N PRO G 652 -30.74 -19.25 62.41
CA PRO G 652 -31.04 -20.66 62.72
C PRO G 652 -32.10 -21.28 61.83
N ALA G 653 -33.13 -20.52 61.43
CA ALA G 653 -34.15 -21.07 60.55
C ALA G 653 -33.60 -21.37 59.17
N PHE G 654 -32.76 -20.47 58.63
CA PHE G 654 -32.10 -20.74 57.36
C PHE G 654 -31.18 -21.95 57.48
N ARG G 655 -30.53 -22.10 58.63
CA ARG G 655 -29.71 -23.30 58.85
C ARG G 655 -30.56 -24.56 58.89
N LEU G 656 -31.77 -24.48 59.45
CA LEU G 656 -32.68 -25.62 59.41
C LEU G 656 -33.06 -25.97 57.98
N GLU G 657 -33.34 -24.96 57.16
CA GLU G 657 -33.66 -25.22 55.76
C GLU G 657 -32.49 -25.86 55.03
N VAL G 658 -31.27 -25.35 55.26
CA VAL G 658 -30.08 -25.92 54.64
C VAL G 658 -29.85 -27.35 55.12
N ARG G 659 -30.14 -27.61 56.40
CA ARG G 659 -30.01 -28.96 56.93
C ARG G 659 -31.00 -29.91 56.27
N ALA G 660 -32.22 -29.44 56.03
CA ALA G 660 -33.20 -30.27 55.32
C ALA G 660 -32.72 -30.57 53.91
N ILE G 661 -32.20 -29.57 53.21
CA ILE G 661 -31.68 -29.79 51.86
C ILE G 661 -30.51 -30.78 51.89
N LYS G 662 -29.62 -30.63 52.87
CA LYS G 662 -28.48 -31.55 52.98
C LYS G 662 -28.94 -32.97 53.27
N LYS G 663 -29.96 -33.12 54.13
CA LYS G 663 -30.50 -34.44 54.42
C LYS G 663 -31.10 -35.07 53.16
N VAL G 664 -31.82 -34.28 52.36
CA VAL G 664 -32.35 -34.80 51.11
C VAL G 664 -31.21 -35.22 50.19
N ARG G 665 -30.16 -34.40 50.09
CA ARG G 665 -29.10 -34.67 49.13
C ARG G 665 -28.20 -35.83 49.56
N GLU G 666 -28.11 -36.10 50.86
CA GLU G 666 -27.18 -37.08 51.39
C GLU G 666 -27.85 -38.32 51.94
N GLU G 667 -28.79 -38.17 52.87
CA GLU G 667 -29.45 -39.33 53.46
C GLU G 667 -30.23 -40.13 52.41
N MET G 668 -30.94 -39.43 51.53
CA MET G 668 -31.65 -40.07 50.44
C MET G 668 -30.83 -40.13 49.16
N GLY G 669 -29.65 -39.51 49.13
CA GLY G 669 -28.81 -39.56 47.95
C GLY G 669 -29.38 -38.89 46.73
N LEU G 670 -30.33 -37.98 46.91
CA LEU G 670 -30.97 -37.30 45.77
C LEU G 670 -30.09 -36.13 45.35
N THR G 671 -29.16 -36.42 44.44
CA THR G 671 -28.21 -35.40 43.99
C THR G 671 -28.90 -34.30 43.19
N ASN G 672 -30.02 -34.61 42.55
CA ASN G 672 -30.69 -33.68 41.65
C ASN G 672 -31.34 -32.48 42.36
N VAL G 673 -31.13 -32.27 43.66
CA VAL G 673 -31.74 -31.16 44.37
C VAL G 673 -30.77 -29.97 44.36
N TRP G 674 -31.20 -28.87 43.78
CA TRP G 674 -30.47 -27.61 43.77
C TRP G 674 -31.26 -26.59 44.58
N VAL G 675 -30.62 -25.47 44.90
CA VAL G 675 -31.27 -24.42 45.69
C VAL G 675 -31.19 -23.11 44.94
N MET G 676 -32.19 -22.25 45.18
CA MET G 676 -32.16 -20.89 44.69
C MET G 676 -32.46 -19.93 45.85
N PHE G 677 -31.71 -18.83 45.88
CA PHE G 677 -31.87 -17.82 46.91
C PHE G 677 -32.87 -16.77 46.44
N PRO G 678 -34.00 -16.61 47.11
CA PRO G 678 -34.99 -15.63 46.65
C PRO G 678 -34.66 -14.23 47.14
N PHE G 679 -34.95 -13.25 46.28
CA PHE G 679 -34.88 -11.83 46.60
C PHE G 679 -33.47 -11.43 47.05
N VAL G 680 -32.52 -11.65 46.15
CA VAL G 680 -31.12 -11.31 46.40
C VAL G 680 -30.91 -9.83 46.13
N ARG G 681 -30.31 -9.13 47.08
CA ARG G 681 -30.13 -7.69 47.01
C ARG G 681 -28.69 -7.28 46.72
N THR G 682 -27.73 -7.78 47.49
CA THR G 682 -26.35 -7.36 47.38
C THR G 682 -25.42 -8.57 47.32
N THR G 683 -24.21 -8.35 46.81
CA THR G 683 -23.25 -9.43 46.66
C THR G 683 -22.76 -9.93 48.01
N TRP G 684 -22.52 -9.02 48.96
CA TRP G 684 -22.00 -9.43 50.26
C TRP G 684 -23.01 -10.29 51.02
N GLU G 685 -24.30 -9.97 50.91
CA GLU G 685 -25.32 -10.82 51.53
C GLU G 685 -25.34 -12.20 50.89
N LEU G 686 -25.14 -12.28 49.56
CA LEU G 686 -25.11 -13.56 48.88
C LEU G 686 -23.91 -14.39 49.33
N GLU G 687 -22.76 -13.75 49.47
CA GLU G 687 -21.58 -14.49 49.93
C GLU G 687 -21.71 -14.90 51.39
N ARG G 688 -22.38 -14.09 52.21
CA ARG G 688 -22.63 -14.50 53.60
C ARG G 688 -23.58 -15.70 53.65
N ALA G 689 -24.62 -15.70 52.83
CA ALA G 689 -25.49 -16.87 52.75
C ALA G 689 -24.74 -18.10 52.26
N LEU G 690 -23.84 -17.92 51.27
CA LEU G 690 -23.06 -19.04 50.77
C LEU G 690 -22.14 -19.60 51.84
N LYS G 691 -21.48 -18.74 52.62
CA LYS G 691 -20.62 -19.24 53.68
C LYS G 691 -21.42 -19.87 54.81
N ILE G 692 -22.64 -19.39 55.08
CA ILE G 692 -23.50 -20.06 56.04
C ILE G 692 -23.86 -21.45 55.54
N MET G 693 -24.17 -21.58 54.24
CA MET G 693 -24.45 -22.89 53.66
C MET G 693 -23.23 -23.81 53.76
N GLU G 694 -22.04 -23.26 53.50
CA GLU G 694 -20.81 -24.05 53.60
C GLU G 694 -20.58 -24.53 55.03
N GLU G 695 -20.88 -23.67 56.02
CA GLU G 695 -20.74 -24.08 57.42
C GLU G 695 -21.66 -25.26 57.74
N GLU G 696 -22.74 -25.41 57.01
CA GLU G 696 -23.66 -26.53 57.19
C GLU G 696 -23.31 -27.72 56.31
N GLY G 697 -22.20 -27.68 55.59
CA GLY G 697 -21.79 -28.77 54.74
C GLY G 697 -22.38 -28.77 53.35
N LEU G 698 -23.16 -27.76 52.99
CA LEU G 698 -23.76 -27.65 51.66
C LEU G 698 -22.89 -26.68 50.85
N LYS G 699 -22.12 -27.23 49.93
CA LYS G 699 -21.16 -26.46 49.16
C LYS G 699 -21.48 -26.54 47.67
N ARG G 700 -21.36 -25.41 46.99
CA ARG G 700 -21.56 -25.36 45.54
C ARG G 700 -20.51 -26.21 44.85
N GLY G 701 -20.95 -27.02 43.90
CA GLY G 701 -20.04 -27.91 43.19
C GLY G 701 -20.64 -28.39 41.89
N LYS G 702 -20.02 -29.45 41.35
CA LYS G 702 -20.49 -30.01 40.09
C LYS G 702 -21.85 -30.70 40.25
N ASP G 703 -22.12 -31.28 41.42
CA ASP G 703 -23.37 -31.97 41.67
C ASP G 703 -24.38 -31.10 42.43
N PHE G 704 -24.04 -29.85 42.73
CA PHE G 704 -24.91 -28.96 43.47
C PHE G 704 -24.87 -27.58 42.82
N LYS G 705 -26.02 -27.12 42.34
CA LYS G 705 -26.13 -25.82 41.70
C LYS G 705 -26.84 -24.85 42.63
N VAL G 706 -26.35 -23.61 42.67
CA VAL G 706 -26.94 -22.54 43.46
C VAL G 706 -27.37 -21.43 42.51
N TRP G 707 -28.64 -21.05 42.59
CA TRP G 707 -29.19 -19.99 41.76
C TRP G 707 -29.57 -18.79 42.62
N ALA G 708 -29.72 -17.65 41.97
CA ALA G 708 -30.16 -16.42 42.63
C ALA G 708 -31.35 -15.86 41.87
N MET G 709 -32.41 -15.52 42.60
CA MET G 709 -33.57 -14.91 41.97
C MET G 709 -33.23 -13.51 41.47
N ALA G 710 -33.47 -13.28 40.18
CA ALA G 710 -33.22 -11.97 39.57
C ALA G 710 -34.51 -11.15 39.56
N GLU G 711 -34.98 -10.83 40.76
CA GLU G 711 -36.19 -10.04 40.94
C GLU G 711 -35.93 -8.67 41.53
N VAL G 712 -34.67 -8.29 41.73
CA VAL G 712 -34.31 -6.98 42.27
C VAL G 712 -33.50 -6.24 41.22
N PRO G 713 -33.76 -4.94 41.00
CA PRO G 713 -33.00 -4.21 39.97
C PRO G 713 -31.51 -4.16 40.21
N SER G 714 -31.05 -4.35 41.46
CA SER G 714 -29.62 -4.45 41.70
C SER G 714 -29.03 -5.65 40.98
N ILE G 715 -29.77 -6.76 40.92
CA ILE G 715 -29.33 -7.92 40.14
C ILE G 715 -29.28 -7.56 38.67
N VAL G 716 -30.24 -6.77 38.20
CA VAL G 716 -30.24 -6.33 36.81
C VAL G 716 -28.98 -5.55 36.49
N LEU G 717 -28.60 -4.62 37.38
CA LEU G 717 -27.47 -3.75 37.11
C LEU G 717 -26.12 -4.46 37.32
N LEU G 718 -26.07 -5.45 38.20
CA LEU G 718 -24.82 -6.10 38.57
C LEU G 718 -24.90 -7.62 38.42
N ALA G 719 -25.57 -8.10 37.37
CA ALA G 719 -25.66 -9.54 37.16
C ALA G 719 -24.30 -10.16 36.93
N ASP G 720 -23.44 -9.49 36.16
CA ASP G 720 -22.10 -10.00 35.92
C ASP G 720 -21.28 -10.10 37.20
N LYS G 721 -21.54 -9.20 38.16
CA LYS G 721 -20.85 -9.28 39.45
C LYS G 721 -21.41 -10.40 40.30
N PHE G 722 -22.73 -10.60 40.29
CA PHE G 722 -23.35 -11.66 41.06
C PHE G 722 -23.02 -13.04 40.51
N ALA G 723 -22.64 -13.14 39.24
CA ALA G 723 -22.42 -14.45 38.62
C ALA G 723 -21.22 -15.18 39.22
N GLU G 724 -20.30 -14.48 39.89
CA GLU G 724 -19.17 -15.16 40.50
C GLU G 724 -19.57 -16.01 41.72
N TYR G 725 -20.76 -15.80 42.26
CA TYR G 725 -21.19 -16.49 43.46
C TYR G 725 -22.20 -17.59 43.21
N VAL G 726 -22.92 -17.56 42.09
CA VAL G 726 -23.98 -18.52 41.83
C VAL G 726 -23.74 -19.17 40.47
N ASP G 727 -24.31 -20.37 40.29
CA ASP G 727 -24.19 -21.07 39.03
C ASP G 727 -25.09 -20.45 37.96
N GLY G 728 -26.21 -19.87 38.36
CA GLY G 728 -27.11 -19.26 37.41
C GLY G 728 -28.10 -18.34 38.09
N PHE G 729 -28.95 -17.74 37.28
CA PHE G 729 -29.98 -16.82 37.76
C PHE G 729 -31.36 -17.29 37.32
N SER G 730 -32.34 -17.06 38.19
CA SER G 730 -33.74 -17.32 37.86
C SER G 730 -34.47 -15.98 37.92
N ILE G 731 -35.04 -15.57 36.78
CA ILE G 731 -35.69 -14.27 36.67
C ILE G 731 -37.11 -14.40 37.22
N GLY G 732 -37.36 -13.78 38.36
CA GLY G 732 -38.69 -13.72 38.92
C GLY G 732 -39.49 -12.60 38.30
N SER G 733 -39.98 -12.82 37.07
CA SER G 733 -40.60 -11.77 36.30
C SER G 733 -41.76 -11.10 37.04
N ASN G 734 -42.51 -11.86 37.85
CA ASN G 734 -43.60 -11.29 38.61
C ASN G 734 -43.09 -10.22 39.57
N ASP G 735 -42.07 -10.55 40.36
CA ASP G 735 -41.48 -9.58 41.28
C ASP G 735 -40.56 -8.60 40.57
N LEU G 736 -39.88 -9.04 39.50
CA LEU G 736 -38.98 -8.16 38.78
C LEU G 736 -39.73 -7.00 38.14
N THR G 737 -40.89 -7.27 37.54
CA THR G 737 -41.70 -6.20 36.98
C THR G 737 -42.16 -5.23 38.06
N GLN G 738 -42.58 -5.77 39.21
CA GLN G 738 -43.03 -4.92 40.31
C GLN G 738 -41.92 -4.00 40.79
N LEU G 739 -40.70 -4.53 40.93
CA LEU G 739 -39.62 -3.72 41.46
C LEU G 739 -39.06 -2.75 40.42
N ILE G 740 -39.00 -3.17 39.15
CA ILE G 740 -38.52 -2.29 38.10
C ILE G 740 -39.47 -1.12 37.91
N LEU G 741 -40.77 -1.39 37.87
CA LEU G 741 -41.76 -0.34 37.71
C LEU G 741 -42.13 0.34 39.03
N GLY G 742 -41.71 -0.21 40.17
CA GLY G 742 -42.07 0.38 41.44
C GLY G 742 -43.56 0.38 41.71
N ALA G 743 -44.25 -0.69 41.34
CA ALA G 743 -45.69 -0.81 41.54
C ALA G 743 -46.01 -2.17 42.15
N ASP G 744 -47.04 -2.21 42.99
CA ASP G 744 -47.43 -3.41 43.72
C ASP G 744 -48.77 -3.91 43.19
N ARG G 745 -48.84 -5.21 42.90
CA ARG G 745 -49.93 -5.76 42.11
C ARG G 745 -51.28 -5.76 42.82
N ASP G 746 -51.33 -6.07 44.11
CA ASP G 746 -52.61 -6.20 44.80
C ASP G 746 -53.37 -4.88 44.87
N SER G 747 -52.71 -3.76 44.60
CA SER G 747 -53.40 -2.48 44.47
C SER G 747 -54.24 -2.51 43.20
N ASN G 748 -55.56 -2.51 43.35
CA ASN G 748 -56.44 -2.62 42.19
C ASN G 748 -56.33 -1.42 41.27
N ILE G 749 -56.04 -0.24 41.83
CA ILE G 749 -55.95 0.97 41.02
C ILE G 749 -54.79 0.84 40.02
N LEU G 750 -53.62 0.42 40.50
CA LEU G 750 -52.47 0.27 39.62
C LEU G 750 -52.70 -0.85 38.61
N ALA G 751 -53.36 -1.92 39.02
CA ALA G 751 -53.64 -3.02 38.09
C ALA G 751 -54.59 -2.59 36.98
N GLU G 752 -55.57 -1.77 37.31
CA GLU G 752 -56.55 -1.33 36.32
C GLU G 752 -55.89 -0.50 35.21
N MET G 753 -54.91 0.32 35.56
CA MET G 753 -54.23 1.14 34.56
C MET G 753 -53.35 0.32 33.62
N GLY G 754 -53.13 -0.95 33.91
CA GLY G 754 -52.31 -1.78 33.04
C GLY G 754 -50.82 -1.68 33.29
N TYR G 755 -50.41 -1.27 34.48
CA TYR G 755 -48.98 -1.16 34.77
C TYR G 755 -48.30 -2.52 34.73
N PHE G 756 -48.95 -3.55 35.25
CA PHE G 756 -48.31 -4.84 35.46
C PHE G 756 -48.37 -5.69 34.18
N ASP G 757 -47.78 -5.12 33.14
CA ASP G 757 -47.57 -5.80 31.86
C ASP G 757 -46.10 -6.16 31.77
N GLU G 758 -45.81 -7.46 31.76
CA GLU G 758 -44.43 -7.92 31.66
C GLU G 758 -43.84 -7.67 30.28
N ARG G 759 -44.64 -7.24 29.31
CA ARG G 759 -44.16 -6.78 28.01
C ARG G 759 -43.68 -5.33 28.06
N ASP G 760 -43.57 -4.75 29.25
CA ASP G 760 -43.12 -3.37 29.36
C ASP G 760 -41.68 -3.24 28.84
N PRO G 761 -41.36 -2.15 28.14
CA PRO G 761 -39.98 -2.01 27.62
C PRO G 761 -38.92 -2.02 28.70
N ALA G 762 -39.21 -1.46 29.88
CA ALA G 762 -38.23 -1.47 30.95
C ALA G 762 -37.95 -2.89 31.45
N VAL G 763 -39.00 -3.69 31.62
CA VAL G 763 -38.81 -5.07 32.07
C VAL G 763 -38.06 -5.87 31.03
N LEU G 764 -38.38 -5.67 29.75
CA LEU G 764 -37.67 -6.37 28.69
C LEU G 764 -36.20 -5.97 28.64
N ALA G 765 -35.91 -4.69 28.80
CA ALA G 765 -34.52 -4.23 28.82
C ALA G 765 -33.77 -4.81 30.01
N GLY G 766 -34.41 -4.87 31.18
CA GLY G 766 -33.77 -5.46 32.33
C GLY G 766 -33.48 -6.94 32.15
N ILE G 767 -34.45 -7.67 31.57
CA ILE G 767 -34.25 -9.10 31.31
C ILE G 767 -33.11 -9.30 30.31
N LYS G 768 -33.07 -8.48 29.26
CA LYS G 768 -32.00 -8.56 28.28
C LYS G 768 -30.65 -8.30 28.91
N MET G 769 -30.57 -7.29 29.78
CA MET G 769 -29.31 -6.99 30.46
C MET G 769 -28.87 -8.14 31.36
N ILE G 770 -29.83 -8.72 32.10
CA ILE G 770 -29.51 -9.86 32.96
C ILE G 770 -28.96 -11.01 32.12
N ILE G 771 -29.63 -11.33 31.02
CA ILE G 771 -29.20 -12.45 30.18
C ILE G 771 -27.82 -12.19 29.60
N GLU G 772 -27.58 -10.97 29.10
CA GLU G 772 -26.29 -10.65 28.51
C GLU G 772 -25.17 -10.74 29.54
N LYS G 773 -25.38 -10.17 30.73
CA LYS G 773 -24.34 -10.20 31.74
C LYS G 773 -24.07 -11.63 32.21
N ALA G 774 -25.12 -12.41 32.47
CA ALA G 774 -24.93 -13.77 32.94
C ALA G 774 -24.22 -14.64 31.92
N HIS G 775 -24.57 -14.49 30.63
CA HIS G 775 -23.88 -15.26 29.61
C HIS G 775 -22.47 -14.74 29.34
N SER G 776 -22.21 -13.46 29.58
CA SER G 776 -20.83 -12.97 29.53
C SER G 776 -19.99 -13.55 30.65
N LYS G 777 -20.58 -13.81 31.81
CA LYS G 777 -19.87 -14.44 32.91
C LYS G 777 -20.12 -15.94 32.98
N GLY G 778 -20.74 -16.53 31.96
CA GLY G 778 -20.92 -17.97 31.90
C GLY G 778 -21.93 -18.55 32.84
N ALA G 779 -22.90 -17.75 33.29
CA ALA G 779 -23.95 -18.22 34.19
C ALA G 779 -25.23 -18.47 33.41
N THR G 780 -25.94 -19.53 33.78
CA THR G 780 -27.21 -19.86 33.15
C THR G 780 -28.29 -18.89 33.58
N VAL G 781 -29.30 -18.71 32.72
CA VAL G 781 -30.42 -17.82 32.98
C VAL G 781 -31.70 -18.61 32.87
N SER G 782 -32.57 -18.48 33.87
CA SER G 782 -33.88 -19.09 33.87
C SER G 782 -34.92 -18.03 34.21
N ILE G 783 -36.17 -18.30 33.84
CA ILE G 783 -37.29 -17.43 34.17
C ILE G 783 -38.41 -18.29 34.76
N CYS G 784 -38.97 -17.86 35.89
CA CYS G 784 -40.04 -18.57 36.57
C CYS G 784 -41.11 -17.53 36.93
N GLY G 785 -42.04 -17.31 36.01
CA GLY G 785 -43.10 -16.35 36.21
C GLY G 785 -44.26 -16.63 35.29
N GLN G 786 -45.27 -15.76 35.36
CA GLN G 786 -46.45 -15.92 34.54
C GLN G 786 -46.29 -15.32 33.14
N ALA G 787 -45.21 -14.59 32.89
CA ALA G 787 -45.02 -13.99 31.56
C ALA G 787 -44.92 -15.03 30.45
N PRO G 788 -44.10 -16.07 30.54
CA PRO G 788 -44.07 -17.06 29.44
C PRO G 788 -45.34 -17.87 29.33
N SER G 789 -46.16 -17.94 30.38
CA SER G 789 -47.36 -18.76 30.35
C SER G 789 -48.47 -18.14 29.51
N VAL G 790 -48.52 -16.81 29.40
CA VAL G 790 -49.62 -16.11 28.77
C VAL G 790 -49.22 -15.38 27.51
N TYR G 791 -48.00 -14.81 27.47
CA TYR G 791 -47.61 -13.98 26.35
C TYR G 791 -46.63 -14.72 25.45
N PRO G 792 -47.02 -15.13 24.24
CA PRO G 792 -46.07 -15.77 23.33
C PRO G 792 -44.90 -14.88 22.93
N GLU G 793 -45.12 -13.57 22.82
CA GLU G 793 -44.04 -12.66 22.43
C GLU G 793 -42.95 -12.59 23.50
N ILE G 794 -43.31 -12.71 24.77
CA ILE G 794 -42.30 -12.80 25.83
C ILE G 794 -41.43 -14.03 25.61
N VAL G 795 -42.06 -15.17 25.27
CA VAL G 795 -41.30 -16.39 25.03
C VAL G 795 -40.38 -16.21 23.83
N GLU G 796 -40.88 -15.58 22.76
CA GLU G 796 -40.06 -15.35 21.58
C GLU G 796 -38.86 -14.48 21.91
N PHE G 797 -39.08 -13.40 22.66
CA PHE G 797 -37.98 -12.51 23.03
C PHE G 797 -36.97 -13.24 23.93
N LEU G 798 -37.45 -14.05 24.87
CA LEU G 798 -36.55 -14.79 25.74
C LEU G 798 -35.69 -15.78 24.96
N VAL G 799 -36.30 -16.51 24.03
CA VAL G 799 -35.55 -17.49 23.25
C VAL G 799 -34.57 -16.79 22.33
N GLU G 800 -34.96 -15.64 21.76
CA GLU G 800 -34.04 -14.88 20.92
C GLU G 800 -32.85 -14.38 21.74
N ALA G 801 -33.10 -13.91 22.96
CA ALA G 801 -32.02 -13.47 23.83
C ALA G 801 -31.10 -14.61 24.21
N GLY G 802 -31.57 -15.86 24.15
CA GLY G 802 -30.74 -17.00 24.45
C GLY G 802 -30.87 -17.49 25.88
N ILE G 803 -32.08 -17.42 26.43
CA ILE G 803 -32.29 -17.88 27.79
C ILE G 803 -32.10 -19.38 27.87
N ASP G 804 -31.50 -19.84 28.96
CA ASP G 804 -31.14 -21.26 29.08
C ASP G 804 -32.35 -22.14 29.35
N SER G 805 -33.28 -21.69 30.18
CA SER G 805 -34.45 -22.49 30.51
C SER G 805 -35.61 -21.58 30.84
N ILE G 806 -36.82 -22.12 30.72
CA ILE G 806 -38.06 -21.42 31.04
C ILE G 806 -38.87 -22.32 31.95
N SER G 807 -39.26 -21.79 33.11
CA SER G 807 -40.06 -22.51 34.08
C SER G 807 -41.48 -21.96 34.07
N VAL G 808 -42.46 -22.82 33.82
CA VAL G 808 -43.85 -22.42 33.68
C VAL G 808 -44.71 -23.30 34.58
N ASN G 809 -45.99 -22.92 34.68
CA ASN G 809 -46.96 -23.72 35.40
C ASN G 809 -47.21 -25.03 34.66
N PRO G 810 -47.64 -26.08 35.37
CA PRO G 810 -47.87 -27.37 34.69
C PRO G 810 -48.82 -27.29 33.52
N ASP G 811 -49.96 -26.61 33.69
CA ASP G 811 -50.95 -26.53 32.62
C ASP G 811 -50.43 -25.81 31.39
N ALA G 812 -49.35 -25.03 31.53
CA ALA G 812 -48.74 -24.32 30.41
C ALA G 812 -47.48 -24.99 29.91
N VAL G 813 -47.17 -26.21 30.38
CA VAL G 813 -45.93 -26.87 29.97
C VAL G 813 -45.97 -27.22 28.50
N ILE G 814 -46.92 -28.09 28.10
CA ILE G 814 -46.91 -28.66 26.76
C ILE G 814 -46.93 -27.57 25.71
N ALA G 815 -47.86 -26.62 25.82
CA ALA G 815 -47.93 -25.52 24.87
C ALA G 815 -46.59 -24.80 24.77
N THR G 816 -45.99 -24.49 25.92
CA THR G 816 -44.68 -23.83 25.91
C THR G 816 -43.67 -24.67 25.15
N ARG G 817 -43.65 -25.98 25.43
CA ARG G 817 -42.71 -26.86 24.73
C ARG G 817 -42.92 -26.79 23.23
N ARG G 818 -44.18 -26.68 22.79
CA ARG G 818 -44.42 -26.43 21.37
C ARG G 818 -43.88 -25.07 20.97
N LEU G 819 -44.32 -24.02 21.68
CA LEU G 819 -44.04 -22.65 21.24
C LEU G 819 -42.54 -22.41 21.13
N VAL G 820 -41.80 -22.70 22.21
CA VAL G 820 -40.36 -22.51 22.20
C VAL G 820 -39.77 -23.21 21.00
N ALA G 821 -40.16 -24.47 20.77
CA ALA G 821 -39.61 -25.22 19.65
C ALA G 821 -39.80 -24.44 18.36
N SER G 822 -41.03 -24.02 18.07
CA SER G 822 -41.28 -23.26 16.86
C SER G 822 -40.39 -22.04 16.81
N ILE G 823 -40.33 -21.29 17.91
CA ILE G 823 -39.52 -20.08 17.94
C ILE G 823 -38.07 -20.42 17.62
N GLU G 824 -37.55 -21.48 18.25
CA GLU G 824 -36.18 -21.88 17.95
C GLU G 824 -36.01 -22.13 16.47
N ARG G 825 -36.92 -22.90 15.88
CA ARG G 825 -36.84 -23.16 14.44
C ARG G 825 -36.86 -21.85 13.67
N LYS G 826 -37.77 -20.94 14.04
CA LYS G 826 -37.81 -19.64 13.38
C LYS G 826 -36.47 -18.93 13.51
N ILE G 827 -35.93 -18.89 14.73
CA ILE G 827 -34.63 -18.25 14.92
C ILE G 827 -33.59 -18.93 14.06
N MET G 828 -33.65 -20.26 13.99
CA MET G 828 -32.63 -21.01 13.26
C MET G 828 -32.69 -20.66 11.78
N LEU G 829 -33.85 -20.23 11.29
CA LEU G 829 -33.92 -19.63 9.95
C LEU G 829 -33.33 -18.23 9.93
N LYS G 830 -33.82 -17.35 10.82
CA LYS G 830 -33.52 -15.93 10.72
C LYS G 830 -32.01 -15.69 10.77
N ARG G 831 -31.34 -16.26 11.77
CA ARG G 831 -29.89 -16.13 11.89
C ARG G 831 -29.20 -16.49 10.59
N LEU G 832 -29.60 -17.62 9.98
CA LEU G 832 -29.00 -18.01 8.70
C LEU G 832 -29.08 -16.88 7.70
N ASN G 833 -30.30 -16.33 7.50
CA ASN G 833 -30.45 -15.20 6.59
C ASN G 833 -29.48 -14.09 6.94
N LYS G 834 -29.46 -13.69 8.22
CA LYS G 834 -28.55 -12.63 8.63
C LYS G 834 -27.13 -12.95 8.23
N ILE G 835 -26.69 -14.18 8.49
CA ILE G 835 -25.33 -14.57 8.15
C ILE G 835 -25.08 -14.33 6.67
N MET G 836 -25.99 -14.81 5.82
CA MET G 836 -25.83 -14.58 4.38
C MET G 836 -25.74 -13.10 4.09
N ASP G 837 -26.65 -12.31 4.65
CA ASP G 837 -26.60 -10.87 4.44
C ASP G 837 -25.27 -10.32 4.93
N LYS G 838 -24.84 -10.74 6.12
CA LYS G 838 -23.55 -10.33 6.63
C LYS G 838 -22.45 -10.69 5.65
N LEU G 839 -22.49 -11.93 5.15
CA LEU G 839 -21.47 -12.36 4.20
C LEU G 839 -21.48 -11.49 2.96
N ASN G 840 -22.67 -11.07 2.52
CA ASN G 840 -22.74 -10.17 1.38
C ASN G 840 -21.93 -8.91 1.62
N LYS G 841 -22.10 -8.32 2.80
CA LYS G 841 -21.39 -7.07 3.10
C LYS G 841 -19.88 -7.29 3.11
N LEU G 842 -19.45 -8.54 3.34
CA LEU G 842 -18.02 -8.82 3.30
C LEU G 842 -17.50 -8.80 1.86
N GLU G 843 -18.29 -9.28 0.91
CA GLU G 843 -17.80 -9.36 -0.46
C GLU G 843 -17.94 -8.04 -1.20
N LEU G 844 -18.67 -7.09 -0.64
CA LEU G 844 -18.85 -5.78 -1.28
C LEU G 844 -18.33 -4.67 -0.38
N SER H 522 -44.81 36.46 -45.83
CA SER H 522 -43.45 36.88 -46.14
C SER H 522 -42.44 35.88 -45.60
N PRO H 523 -42.19 34.81 -46.37
CA PRO H 523 -41.30 33.75 -45.88
C PRO H 523 -39.85 34.18 -45.72
N GLU H 524 -39.42 35.27 -46.35
CA GLU H 524 -38.00 35.61 -46.36
C GLU H 524 -37.50 36.02 -44.97
N GLN H 525 -38.38 36.51 -44.10
CA GLN H 525 -37.97 36.78 -42.73
C GLN H 525 -38.13 35.57 -41.81
N LEU H 526 -38.68 34.46 -42.32
CA LEU H 526 -38.84 33.25 -41.51
C LEU H 526 -37.60 32.38 -41.49
N LEU H 527 -36.60 32.68 -42.33
CA LEU H 527 -35.37 31.89 -42.33
C LEU H 527 -34.66 31.88 -40.98
N PRO H 528 -34.43 33.03 -40.32
CA PRO H 528 -33.72 32.98 -39.03
C PRO H 528 -34.50 32.29 -37.93
N LEU H 529 -35.82 32.14 -38.07
CA LEU H 529 -36.64 31.54 -37.03
C LEU H 529 -36.68 30.01 -37.11
N TYR H 530 -36.05 29.41 -38.11
CA TYR H 530 -36.01 27.96 -38.21
C TYR H 530 -35.16 27.38 -37.09
N PRO H 531 -35.41 26.13 -36.70
CA PRO H 531 -34.65 25.53 -35.60
C PRO H 531 -33.16 25.48 -35.90
N VAL H 532 -32.35 25.69 -34.86
CA VAL H 532 -30.90 25.71 -34.97
C VAL H 532 -30.38 24.30 -34.73
N THR H 533 -29.56 23.81 -35.66
CA THR H 533 -29.00 22.47 -35.59
C THR H 533 -27.48 22.55 -35.52
N ALA H 534 -26.89 21.73 -34.65
CA ALA H 534 -25.44 21.61 -34.62
C ALA H 534 -24.91 21.03 -35.92
N THR H 535 -25.57 20.00 -36.43
CA THR H 535 -25.19 19.43 -37.72
C THR H 535 -25.65 20.33 -38.86
N LYS H 536 -24.76 20.62 -39.78
CA LYS H 536 -25.10 21.48 -40.91
C LYS H 536 -26.03 20.76 -41.87
N ILE H 537 -27.08 21.45 -42.30
CA ILE H 537 -28.06 20.90 -43.22
C ILE H 537 -27.75 21.45 -44.60
N TYR H 538 -27.15 20.62 -45.45
CA TYR H 538 -26.82 21.01 -46.81
C TYR H 538 -27.93 20.59 -47.77
N MET H 539 -27.85 21.10 -48.99
CA MET H 539 -28.85 20.83 -50.02
C MET H 539 -28.18 20.26 -51.26
N ASN H 540 -28.88 19.35 -51.93
CA ASN H 540 -28.42 18.78 -53.19
C ASN H 540 -29.04 19.54 -54.35
N LEU H 541 -28.20 19.99 -55.28
CA LEU H 541 -28.64 20.75 -56.43
C LEU H 541 -28.07 20.13 -57.70
N GLY H 542 -28.92 19.97 -58.71
CA GLY H 542 -28.49 19.46 -59.99
C GLY H 542 -28.64 20.46 -61.12
N GLU H 543 -29.65 21.32 -61.01
CA GLU H 543 -29.91 22.35 -62.00
C GLU H 543 -29.61 23.72 -61.40
N PRO H 544 -28.67 24.49 -61.96
CA PRO H 544 -28.39 25.82 -61.41
C PRO H 544 -29.59 26.73 -61.37
N ASP H 545 -30.44 26.69 -62.39
CA ASP H 545 -31.60 27.57 -62.45
C ASP H 545 -32.61 27.28 -61.35
N ALA H 546 -32.49 26.14 -60.68
CA ALA H 546 -33.36 25.81 -59.55
C ALA H 546 -32.90 26.43 -58.25
N ILE H 547 -31.76 27.13 -58.23
CA ILE H 547 -31.31 27.74 -56.98
C ILE H 547 -32.24 28.86 -56.55
N GLU H 548 -32.90 29.53 -57.50
CA GLU H 548 -33.81 30.61 -57.15
C GLU H 548 -35.12 30.08 -56.57
N LYS H 549 -35.51 28.85 -56.95
CA LYS H 549 -36.71 28.26 -56.37
C LYS H 549 -36.52 27.92 -54.90
N TYR H 550 -35.32 27.48 -54.52
CA TYR H 550 -35.03 27.00 -53.18
C TYR H 550 -34.19 27.99 -52.37
N LYS H 551 -34.14 29.25 -52.79
CA LYS H 551 -33.37 30.25 -52.06
C LYS H 551 -33.94 30.54 -50.67
N ASP H 552 -35.22 30.22 -50.44
CA ASP H 552 -35.86 30.47 -49.17
C ASP H 552 -35.88 29.25 -48.26
N LEU H 553 -35.06 28.24 -48.55
CA LEU H 553 -35.00 27.11 -47.65
C LEU H 553 -33.89 27.28 -46.62
N PRO H 554 -34.07 26.76 -45.41
CA PRO H 554 -33.02 26.90 -44.37
C PRO H 554 -31.91 25.87 -44.52
N PHE H 555 -31.09 26.06 -45.54
CA PHE H 555 -29.94 25.20 -45.78
C PHE H 555 -28.65 25.99 -45.54
N ASP H 556 -27.65 25.32 -45.00
CA ASP H 556 -26.37 25.94 -44.69
C ASP H 556 -25.41 25.92 -45.86
N GLY H 557 -25.82 25.39 -47.01
CA GLY H 557 -24.98 25.36 -48.18
C GLY H 557 -25.42 24.26 -49.12
N ILE H 558 -24.73 24.18 -50.25
CA ILE H 558 -24.95 23.15 -51.24
C ILE H 558 -23.88 22.09 -51.01
N GLY H 559 -24.25 21.01 -50.33
CA GLY H 559 -23.31 19.93 -50.08
C GLY H 559 -23.03 19.05 -51.27
N LEU H 560 -23.81 19.19 -52.35
CA LEU H 560 -23.58 18.39 -53.56
C LEU H 560 -24.17 19.15 -54.73
N MET H 561 -23.31 19.68 -55.59
CA MET H 561 -23.72 20.30 -56.84
C MET H 561 -23.35 19.38 -57.98
N ARG H 562 -24.36 18.90 -58.70
CA ARG H 562 -24.17 17.98 -59.81
C ARG H 562 -23.99 18.78 -61.10
N ILE H 563 -22.83 18.64 -61.74
CA ILE H 563 -22.54 19.35 -62.97
C ILE H 563 -22.91 18.47 -64.16
N GLU H 564 -23.50 17.31 -63.87
CA GLU H 564 -23.94 16.41 -64.95
C GLU H 564 -25.00 17.09 -65.81
N PHE H 565 -25.94 17.79 -65.18
CA PHE H 565 -26.98 18.48 -65.94
C PHE H 565 -26.39 19.58 -66.81
N ILE H 566 -25.37 20.30 -66.30
CA ILE H 566 -24.76 21.37 -67.08
C ILE H 566 -24.08 20.80 -68.32
N ILE H 567 -23.32 19.71 -68.15
CA ILE H 567 -22.62 19.12 -69.29
C ILE H 567 -23.62 18.53 -70.29
N THR H 568 -24.70 17.93 -69.78
CA THR H 568 -25.66 17.27 -70.67
C THR H 568 -26.49 18.29 -71.46
N ASP H 569 -26.98 19.33 -70.79
CA ASP H 569 -27.97 20.22 -71.39
C ASP H 569 -27.41 21.59 -71.76
N TRP H 570 -26.31 22.03 -71.16
CA TRP H 570 -25.73 23.31 -71.52
C TRP H 570 -24.53 23.17 -72.46
N VAL H 571 -23.93 21.98 -72.54
CA VAL H 571 -22.79 21.73 -73.41
C VAL H 571 -23.15 20.78 -74.55
N GLN H 572 -23.84 19.68 -74.23
CA GLN H 572 -24.23 18.64 -75.19
C GLN H 572 -23.05 17.94 -75.85
N TYR H 573 -21.82 18.32 -75.52
CA TYR H 573 -20.65 17.81 -76.22
C TYR H 573 -19.66 17.18 -75.24
N HIS H 574 -19.01 16.12 -75.70
CA HIS H 574 -17.95 15.50 -74.93
C HIS H 574 -16.79 16.47 -74.78
N PRO H 575 -16.25 16.66 -73.57
CA PRO H 575 -15.15 17.62 -73.41
C PRO H 575 -13.93 17.31 -74.27
N LEU H 576 -13.60 16.03 -74.43
CA LEU H 576 -12.50 15.67 -75.32
C LEU H 576 -12.79 16.04 -76.76
N TYR H 577 -14.04 15.88 -77.20
CA TYR H 577 -14.42 16.30 -78.55
C TYR H 577 -14.26 17.81 -78.71
N LEU H 578 -14.65 18.58 -77.69
CA LEU H 578 -14.48 20.02 -77.76
C LEU H 578 -13.00 20.40 -77.80
N ILE H 579 -12.17 19.67 -77.06
CA ILE H 579 -10.72 19.90 -77.11
C ILE H 579 -10.19 19.62 -78.51
N GLU H 580 -10.64 18.52 -79.12
CA GLU H 580 -10.22 18.21 -80.47
C GLU H 580 -10.66 19.29 -81.46
N GLN H 581 -11.88 19.80 -81.30
CA GLN H 581 -12.37 20.90 -82.13
C GLN H 581 -11.89 22.25 -81.63
N GLY H 582 -11.12 22.30 -80.55
CA GLY H 582 -10.64 23.57 -80.03
C GLY H 582 -11.74 24.44 -79.43
N LYS H 583 -12.70 23.83 -78.74
CA LYS H 583 -13.79 24.58 -78.14
C LYS H 583 -13.83 24.38 -76.63
N GLU H 584 -12.65 24.40 -75.99
CA GLU H 584 -12.59 24.31 -74.53
C GLU H 584 -13.29 25.48 -73.88
N SER H 585 -13.29 26.64 -74.55
CA SER H 585 -13.87 27.84 -73.97
C SER H 585 -15.36 27.66 -73.69
N LEU H 586 -16.08 27.02 -74.60
CA LEU H 586 -17.52 26.82 -74.40
C LEU H 586 -17.79 25.99 -73.14
N PHE H 587 -17.12 24.85 -73.01
CA PHE H 587 -17.31 23.97 -71.85
C PHE H 587 -16.94 24.69 -70.57
N ILE H 588 -15.77 25.34 -70.55
CA ILE H 588 -15.31 26.03 -69.35
C ILE H 588 -16.28 27.14 -68.97
N ASP H 589 -16.74 27.92 -69.96
CA ASP H 589 -17.62 29.04 -69.68
C ASP H 589 -18.99 28.59 -69.20
N LYS H 590 -19.52 27.51 -69.77
CA LYS H 590 -20.82 27.02 -69.29
C LYS H 590 -20.73 26.50 -67.86
N LEU H 591 -19.69 25.72 -67.55
CA LEU H 591 -19.51 25.28 -66.17
C LEU H 591 -19.33 26.46 -65.24
N ALA H 592 -18.53 27.46 -65.66
CA ALA H 592 -18.29 28.63 -64.83
C ALA H 592 -19.58 29.40 -64.60
N GLU H 593 -20.40 29.55 -65.64
CA GLU H 593 -21.66 30.27 -65.49
C GLU H 593 -22.58 29.57 -64.50
N GLY H 594 -22.75 28.26 -64.64
CA GLY H 594 -23.62 27.54 -63.71
C GLY H 594 -23.11 27.61 -62.28
N ILE H 595 -21.82 27.33 -62.07
CA ILE H 595 -21.26 27.30 -60.73
C ILE H 595 -21.28 28.69 -60.12
N ALA H 596 -21.00 29.73 -60.92
CA ALA H 596 -21.02 31.10 -60.41
C ALA H 596 -22.42 31.52 -60.02
N LYS H 597 -23.42 31.15 -60.84
CA LYS H 597 -24.80 31.45 -60.47
C LYS H 597 -25.17 30.81 -59.15
N VAL H 598 -24.85 29.52 -58.98
CA VAL H 598 -25.19 28.84 -57.74
C VAL H 598 -24.45 29.45 -56.56
N ALA H 599 -23.16 29.76 -56.72
CA ALA H 599 -22.37 30.28 -55.61
C ALA H 599 -22.82 31.69 -55.22
N GLN H 600 -23.08 32.56 -56.20
CA GLN H 600 -23.51 33.91 -55.91
C GLN H 600 -24.92 33.92 -55.32
N ALA H 601 -25.76 32.96 -55.70
CA ALA H 601 -27.12 32.94 -55.17
C ALA H 601 -27.14 32.67 -53.67
N ILE H 602 -26.14 31.97 -53.13
CA ILE H 602 -26.14 31.59 -51.73
C ILE H 602 -24.87 32.04 -51.01
N TYR H 603 -24.16 33.03 -51.55
CA TYR H 603 -22.96 33.50 -50.90
C TYR H 603 -23.30 34.06 -49.52
N PRO H 604 -22.47 33.80 -48.50
CA PRO H 604 -21.20 33.07 -48.52
C PRO H 604 -21.31 31.59 -48.17
N ARG H 605 -22.49 30.99 -48.27
CA ARG H 605 -22.62 29.57 -47.95
C ARG H 605 -21.84 28.73 -48.97
N PRO H 606 -21.15 27.69 -48.53
CA PRO H 606 -20.30 26.93 -49.45
C PRO H 606 -21.12 26.17 -50.49
N VAL H 607 -20.52 26.02 -51.67
CA VAL H 607 -21.06 25.22 -52.75
C VAL H 607 -20.03 24.14 -53.08
N VAL H 608 -20.35 22.89 -52.76
CA VAL H 608 -19.44 21.77 -53.00
C VAL H 608 -19.79 21.20 -54.36
N VAL H 609 -19.02 21.57 -55.38
CA VAL H 609 -19.22 21.10 -56.74
C VAL H 609 -18.60 19.73 -56.88
N ARG H 610 -19.39 18.78 -57.40
CA ARG H 610 -18.89 17.45 -57.71
C ARG H 610 -18.36 17.43 -59.13
N PHE H 611 -17.18 16.82 -59.30
CA PHE H 611 -16.61 16.67 -60.63
C PHE H 611 -17.47 15.70 -61.44
N SER H 612 -17.07 15.49 -62.70
CA SER H 612 -17.87 14.69 -63.63
C SER H 612 -18.09 13.28 -63.11
N ASP H 613 -19.35 12.97 -62.78
CA ASP H 613 -19.72 11.67 -62.24
C ASP H 613 -20.29 10.75 -63.31
N PHE H 614 -20.15 11.09 -64.59
CA PHE H 614 -20.70 10.29 -65.66
C PHE H 614 -20.00 8.93 -65.74
N LYS H 615 -20.74 7.95 -66.24
CA LYS H 615 -20.17 6.66 -66.60
C LYS H 615 -19.81 6.68 -68.09
N THR H 616 -19.15 5.61 -68.55
CA THR H 616 -18.75 5.57 -69.95
C THR H 616 -19.98 5.55 -70.87
N ASN H 617 -21.01 4.78 -70.49
CA ASN H 617 -22.24 4.79 -71.27
C ASN H 617 -22.94 6.15 -71.21
N GLU H 618 -22.92 6.80 -70.05
CA GLU H 618 -23.46 8.15 -69.96
C GLU H 618 -22.61 9.15 -70.75
N TYR H 619 -21.30 8.95 -70.77
CA TYR H 619 -20.43 9.80 -71.56
C TYR H 619 -20.71 9.66 -73.04
N ARG H 620 -21.00 8.44 -73.50
CA ARG H 620 -21.31 8.22 -74.91
C ARG H 620 -22.56 8.96 -75.35
N GLY H 621 -23.46 9.30 -74.42
CA GLY H 621 -24.63 10.09 -74.77
C GLY H 621 -24.30 11.48 -75.25
N LEU H 622 -23.15 12.02 -74.87
CA LEU H 622 -22.72 13.32 -75.35
C LEU H 622 -22.34 13.23 -76.83
N LYS H 623 -22.44 14.38 -77.50
CA LYS H 623 -22.10 14.43 -78.92
C LYS H 623 -20.61 14.23 -79.12
N GLY H 624 -20.24 13.33 -80.03
CA GLY H 624 -18.85 13.06 -80.30
C GLY H 624 -18.14 12.23 -79.27
N GLY H 625 -18.85 11.68 -78.29
CA GLY H 625 -18.25 10.90 -77.24
C GLY H 625 -18.00 9.44 -77.57
N GLU H 626 -18.48 8.97 -78.72
CA GLU H 626 -18.27 7.57 -79.08
C GLU H 626 -16.80 7.27 -79.35
N LYS H 627 -16.04 8.25 -79.84
CA LYS H 627 -14.64 8.02 -80.17
C LYS H 627 -13.75 7.95 -78.93
N TYR H 628 -14.18 8.52 -77.81
CA TYR H 628 -13.35 8.60 -76.63
C TYR H 628 -13.78 7.68 -75.50
N GLU H 629 -14.94 7.06 -75.60
CA GLU H 629 -15.47 6.21 -74.53
C GLU H 629 -15.50 4.76 -74.99
N PRO H 630 -14.68 3.88 -74.42
CA PRO H 630 -14.73 2.47 -74.79
C PRO H 630 -15.99 1.81 -74.25
N GLU H 631 -16.44 0.79 -74.95
CA GLU H 631 -17.59 0.01 -74.49
C GLU H 631 -17.18 -0.84 -73.30
N GLU H 632 -17.82 -0.62 -72.16
CA GLU H 632 -17.45 -1.32 -70.94
C GLU H 632 -18.57 -2.23 -70.49
N ARG H 633 -18.17 -3.42 -70.06
CA ARG H 633 -19.08 -4.41 -69.51
C ARG H 633 -19.67 -3.93 -68.19
N ASN H 634 -18.87 -3.33 -67.30
CA ASN H 634 -19.38 -2.75 -66.05
C ASN H 634 -18.87 -1.34 -65.85
N PRO H 635 -19.46 -0.35 -66.53
CA PRO H 635 -19.08 1.05 -66.25
C PRO H 635 -19.39 1.48 -64.82
N MET H 636 -20.35 0.81 -64.16
CA MET H 636 -20.67 1.14 -62.78
C MET H 636 -19.45 1.02 -61.89
N ILE H 637 -18.62 0.02 -62.13
CA ILE H 637 -17.35 -0.12 -61.43
C ILE H 637 -16.24 -0.03 -62.46
N GLY H 638 -16.48 0.74 -63.52
CA GLY H 638 -15.52 0.88 -64.60
C GLY H 638 -14.69 2.15 -64.49
N TRP H 639 -14.25 2.61 -65.66
CA TRP H 639 -13.38 3.80 -65.76
C TRP H 639 -14.22 5.04 -65.51
N ARG H 640 -14.23 5.51 -64.27
CA ARG H 640 -15.01 6.68 -63.88
C ARG H 640 -14.38 7.30 -62.65
N GLY H 641 -14.77 8.54 -62.39
CA GLY H 641 -14.28 9.22 -61.19
C GLY H 641 -12.84 9.62 -61.32
N VAL H 642 -12.11 9.54 -60.20
CA VAL H 642 -10.73 9.97 -60.16
C VAL H 642 -9.87 9.13 -61.10
N SER H 643 -10.17 7.84 -61.19
CA SER H 643 -9.47 6.97 -62.14
C SER H 643 -9.56 7.53 -63.55
N ARG H 644 -10.68 8.17 -63.90
CA ARG H 644 -10.80 8.80 -65.20
C ARG H 644 -10.01 10.10 -65.26
N TYR H 645 -10.00 10.87 -64.17
CA TYR H 645 -9.39 12.19 -64.20
C TYR H 645 -7.87 12.10 -64.36
N ILE H 646 -7.23 11.18 -63.62
CA ILE H 646 -5.77 11.07 -63.68
C ILE H 646 -5.28 10.35 -64.93
N HIS H 647 -6.17 9.68 -65.66
CA HIS H 647 -5.75 9.02 -66.88
C HIS H 647 -5.35 10.04 -67.93
N PRO H 648 -4.27 9.81 -68.66
CA PRO H 648 -3.81 10.81 -69.64
C PRO H 648 -4.84 11.12 -70.72
N LYS H 649 -5.70 10.16 -71.06
CA LYS H 649 -6.68 10.38 -72.14
C LYS H 649 -7.70 11.44 -71.73
N TYR H 650 -8.26 11.31 -70.53
CA TYR H 650 -9.28 12.25 -70.06
C TYR H 650 -8.68 13.39 -69.24
N GLU H 651 -7.38 13.37 -68.98
CA GLU H 651 -6.78 14.44 -68.17
C GLU H 651 -7.05 15.84 -68.69
N PRO H 652 -7.02 16.12 -70.01
CA PRO H 652 -7.39 17.48 -70.46
C PRO H 652 -8.80 17.89 -70.06
N ALA H 653 -9.77 16.96 -70.06
CA ALA H 653 -11.12 17.31 -69.66
C ALA H 653 -11.20 17.65 -68.17
N PHE H 654 -10.50 16.88 -67.34
CA PHE H 654 -10.43 17.22 -65.92
C PHE H 654 -9.75 18.56 -65.72
N ARG H 655 -8.73 18.85 -66.53
CA ARG H 655 -8.09 20.16 -66.46
C ARG H 655 -9.05 21.28 -66.86
N LEU H 656 -9.92 21.02 -67.84
CA LEU H 656 -10.94 22.01 -68.20
C LEU H 656 -11.89 22.25 -67.03
N GLU H 657 -12.30 21.17 -66.35
CA GLU H 657 -13.18 21.34 -65.19
C GLU H 657 -12.48 22.13 -64.08
N VAL H 658 -11.21 21.84 -63.82
CA VAL H 658 -10.47 22.56 -62.80
C VAL H 658 -10.29 24.02 -63.20
N ARG H 659 -10.10 24.27 -64.50
CA ARG H 659 -10.00 25.64 -64.98
C ARG H 659 -11.30 26.40 -64.79
N ALA H 660 -12.44 25.74 -65.02
CA ALA H 660 -13.72 26.38 -64.77
C ALA H 660 -13.89 26.70 -63.29
N ILE H 661 -13.51 25.78 -62.41
CA ILE H 661 -13.59 26.03 -60.97
C ILE H 661 -12.68 27.19 -60.58
N LYS H 662 -11.47 27.23 -61.13
CA LYS H 662 -10.54 28.31 -60.84
C LYS H 662 -11.07 29.65 -61.32
N LYS H 663 -11.69 29.67 -62.51
CA LYS H 663 -12.28 30.89 -63.02
C LYS H 663 -13.41 31.38 -62.12
N VAL H 664 -14.24 30.46 -61.63
CA VAL H 664 -15.29 30.85 -60.70
C VAL H 664 -14.68 31.42 -59.42
N ARG H 665 -13.63 30.77 -58.90
CA ARG H 665 -13.07 31.18 -57.62
C ARG H 665 -12.27 32.47 -57.71
N GLU H 666 -11.74 32.79 -58.88
CA GLU H 666 -10.84 33.93 -59.04
C GLU H 666 -11.43 35.07 -59.85
N GLU H 667 -11.92 34.80 -61.06
CA GLU H 667 -12.46 35.86 -61.89
C GLU H 667 -13.70 36.48 -61.25
N MET H 668 -14.58 35.66 -60.70
CA MET H 668 -15.75 36.14 -59.98
C MET H 668 -15.50 36.29 -58.48
N GLY H 669 -14.34 35.86 -57.99
CA GLY H 669 -14.03 36.01 -56.58
C GLY H 669 -14.92 35.22 -55.65
N LEU H 670 -15.57 34.17 -56.15
CA LEU H 670 -16.48 33.36 -55.32
C LEU H 670 -15.65 32.34 -54.56
N THR H 671 -15.21 32.74 -53.37
CA THR H 671 -14.36 31.87 -52.56
C THR H 671 -15.11 30.65 -52.05
N ASN H 672 -16.43 30.75 -51.90
CA ASN H 672 -17.24 29.70 -51.30
C ASN H 672 -17.36 28.44 -52.17
N VAL H 673 -16.64 28.31 -53.27
CA VAL H 673 -16.75 27.14 -54.13
C VAL H 673 -15.68 26.13 -53.71
N TRP H 674 -16.12 24.94 -53.30
CA TRP H 674 -15.26 23.81 -52.98
C TRP H 674 -15.51 22.72 -54.00
N VAL H 675 -14.63 21.72 -54.01
CA VAL H 675 -14.75 20.61 -54.95
C VAL H 675 -14.75 19.30 -54.19
N MET H 676 -15.43 18.31 -54.77
CA MET H 676 -15.39 16.95 -54.26
C MET H 676 -15.05 16.00 -55.40
N PHE H 677 -14.19 15.03 -55.12
CA PHE H 677 -13.78 14.04 -56.09
C PHE H 677 -14.70 12.83 -56.01
N PRO H 678 -15.45 12.51 -57.06
CA PRO H 678 -16.36 11.37 -56.99
C PRO H 678 -15.66 10.05 -57.27
N PHE H 679 -16.10 9.02 -56.55
CA PHE H 679 -15.68 7.64 -56.78
C PHE H 679 -14.16 7.48 -56.64
N VAL H 680 -13.68 7.82 -55.45
CA VAL H 680 -12.26 7.71 -55.13
C VAL H 680 -11.94 6.28 -54.76
N ARG H 681 -10.91 5.71 -55.38
CA ARG H 681 -10.55 4.31 -55.20
C ARG H 681 -9.29 4.13 -54.37
N THR H 682 -8.20 4.80 -54.72
CA THR H 682 -6.92 4.60 -54.07
C THR H 682 -6.29 5.94 -53.71
N THR H 683 -5.35 5.89 -52.76
CA THR H 683 -4.71 7.12 -52.28
C THR H 683 -3.82 7.73 -53.35
N TRP H 684 -3.09 6.89 -54.12
CA TRP H 684 -2.18 7.43 -55.13
C TRP H 684 -2.95 8.14 -56.25
N GLU H 685 -4.11 7.61 -56.62
CA GLU H 685 -4.93 8.31 -57.62
C GLU H 685 -5.42 9.65 -57.08
N LEU H 686 -5.76 9.70 -55.79
CA LEU H 686 -6.20 10.96 -55.19
C LEU H 686 -5.07 11.99 -55.16
N GLU H 687 -3.86 11.54 -54.83
CA GLU H 687 -2.73 12.47 -54.82
C GLU H 687 -2.36 12.91 -56.24
N ARG H 688 -2.52 12.03 -57.23
CA ARG H 688 -2.27 12.43 -58.61
C ARG H 688 -3.31 13.47 -59.06
N ALA H 689 -4.57 13.28 -58.70
CA ALA H 689 -5.58 14.29 -59.00
C ALA H 689 -5.28 15.61 -58.30
N LEU H 690 -4.82 15.54 -57.04
CA LEU H 690 -4.48 16.75 -56.31
C LEU H 690 -3.32 17.49 -56.96
N LYS H 691 -2.29 16.77 -57.39
CA LYS H 691 -1.17 17.44 -58.07
C LYS H 691 -1.56 17.97 -59.43
N ILE H 692 -2.49 17.31 -60.14
CA ILE H 692 -3.01 17.86 -61.38
C ILE H 692 -3.75 19.16 -61.10
N MET H 693 -4.55 19.20 -60.02
CA MET H 693 -5.23 20.44 -59.64
C MET H 693 -4.23 21.53 -59.29
N GLU H 694 -3.17 21.17 -58.57
CA GLU H 694 -2.14 22.14 -58.22
C GLU H 694 -1.45 22.70 -59.46
N GLU H 695 -1.21 21.84 -60.46
CA GLU H 695 -0.61 22.32 -61.71
C GLU H 695 -1.50 23.33 -62.41
N GLU H 696 -2.80 23.30 -62.14
CA GLU H 696 -3.74 24.25 -62.70
C GLU H 696 -3.95 25.46 -61.80
N GLY H 697 -3.21 25.57 -60.70
CA GLY H 697 -3.33 26.69 -59.80
C GLY H 697 -4.41 26.55 -58.75
N LEU H 698 -5.09 25.41 -58.68
CA LEU H 698 -6.13 25.17 -57.68
C LEU H 698 -5.50 24.33 -56.57
N LYS H 699 -5.24 24.96 -55.43
CA LYS H 699 -4.54 24.33 -54.33
C LYS H 699 -5.42 24.31 -53.09
N ARG H 700 -5.39 23.19 -52.37
CA ARG H 700 -6.12 23.07 -51.11
C ARG H 700 -5.57 24.05 -50.09
N GLY H 701 -6.46 24.75 -49.41
CA GLY H 701 -6.04 25.74 -48.45
C GLY H 701 -7.17 26.09 -47.49
N LYS H 702 -6.98 27.21 -46.79
CA LYS H 702 -7.98 27.65 -45.82
C LYS H 702 -9.26 28.12 -46.51
N ASP H 703 -9.15 28.69 -47.71
CA ASP H 703 -10.30 29.18 -48.45
C ASP H 703 -10.79 28.19 -49.51
N PHE H 704 -10.17 27.02 -49.60
CA PHE H 704 -10.53 26.02 -50.61
C PHE H 704 -10.53 24.65 -49.95
N LYS H 705 -11.68 24.00 -49.93
CA LYS H 705 -11.83 22.67 -49.34
C LYS H 705 -11.97 21.62 -50.44
N VAL H 706 -11.30 20.49 -50.25
CA VAL H 706 -11.37 19.36 -51.17
C VAL H 706 -11.95 18.17 -50.42
N TRP H 707 -13.01 17.59 -50.97
CA TRP H 707 -13.67 16.44 -50.39
C TRP H 707 -13.49 15.23 -51.28
N ALA H 708 -13.70 14.04 -50.71
CA ALA H 708 -13.65 12.79 -51.45
C ALA H 708 -14.93 12.02 -51.18
N MET H 709 -15.56 11.54 -52.26
CA MET H 709 -16.77 10.73 -52.10
C MET H 709 -16.42 9.39 -51.45
N ALA H 710 -17.10 9.08 -50.36
CA ALA H 710 -16.90 7.82 -49.66
C ALA H 710 -17.95 6.80 -50.12
N GLU H 711 -17.86 6.44 -51.40
CA GLU H 711 -18.76 5.49 -51.99
C GLU H 711 -18.08 4.19 -52.40
N VAL H 712 -16.80 4.02 -52.09
CA VAL H 712 -16.06 2.80 -52.41
C VAL H 712 -15.61 2.16 -51.10
N PRO H 713 -15.73 0.84 -50.97
CA PRO H 713 -15.32 0.20 -49.70
C PRO H 713 -13.86 0.40 -49.34
N SER H 714 -13.00 0.69 -50.32
CA SER H 714 -11.62 1.03 -50.00
C SER H 714 -11.54 2.29 -49.15
N ILE H 715 -12.42 3.27 -49.42
CA ILE H 715 -12.50 4.45 -48.56
C ILE H 715 -12.96 4.05 -47.17
N VAL H 716 -13.89 3.11 -47.08
CA VAL H 716 -14.36 2.63 -45.78
C VAL H 716 -13.20 2.04 -44.98
N LEU H 717 -12.38 1.23 -45.63
CA LEU H 717 -11.31 0.54 -44.92
C LEU H 717 -10.13 1.45 -44.62
N LEU H 718 -9.89 2.47 -45.44
CA LEU H 718 -8.72 3.32 -45.32
C LEU H 718 -9.09 4.80 -45.27
N ALA H 719 -10.18 5.14 -44.56
CA ALA H 719 -10.57 6.54 -44.46
C ALA H 719 -9.51 7.36 -43.74
N ASP H 720 -8.92 6.81 -42.68
CA ASP H 720 -7.88 7.52 -41.95
C ASP H 720 -6.66 7.78 -42.83
N LYS H 721 -6.38 6.88 -43.78
CA LYS H 721 -5.28 7.10 -44.71
C LYS H 721 -5.63 8.15 -45.75
N PHE H 722 -6.87 8.14 -46.24
CA PHE H 722 -7.30 9.12 -47.23
C PHE H 722 -7.43 10.52 -46.64
N ALA H 723 -7.59 10.63 -45.32
CA ALA H 723 -7.83 11.94 -44.71
C ALA H 723 -6.63 12.87 -44.83
N GLU H 724 -5.43 12.35 -45.08
CA GLU H 724 -4.26 13.22 -45.22
C GLU H 724 -4.29 14.03 -46.51
N TYR H 725 -5.15 13.65 -47.47
CA TYR H 725 -5.18 14.30 -48.77
C TYR H 725 -6.37 15.22 -48.96
N VAL H 726 -7.45 15.05 -48.20
CA VAL H 726 -8.68 15.81 -48.40
C VAL H 726 -9.08 16.45 -47.08
N ASP H 727 -9.85 17.53 -47.18
CA ASP H 727 -10.33 18.21 -45.97
C ASP H 727 -11.46 17.42 -45.32
N GLY H 728 -12.24 16.68 -46.10
CA GLY H 728 -13.33 15.91 -45.55
C GLY H 728 -13.82 14.87 -46.53
N PHE H 729 -14.82 14.10 -46.09
CA PHE H 729 -15.41 13.05 -46.90
C PHE H 729 -16.91 13.28 -47.03
N SER H 730 -17.44 12.94 -48.20
CA SER H 730 -18.88 12.95 -48.46
C SER H 730 -19.31 11.52 -48.74
N ILE H 731 -20.20 10.99 -47.90
CA ILE H 731 -20.62 9.60 -48.01
C ILE H 731 -21.73 9.52 -49.06
N GLY H 732 -21.41 8.90 -50.19
CA GLY H 732 -22.40 8.65 -51.22
C GLY H 732 -23.19 7.40 -50.92
N SER H 733 -24.14 7.51 -49.98
CA SER H 733 -24.84 6.34 -49.47
C SER H 733 -25.50 5.52 -50.58
N ASN H 734 -25.99 6.18 -51.63
CA ASN H 734 -26.60 5.47 -52.74
C ASN H 734 -25.60 4.52 -53.40
N ASP H 735 -24.42 5.04 -53.75
CA ASP H 735 -23.38 4.20 -54.34
C ASP H 735 -22.66 3.36 -53.29
N LEU H 736 -22.54 3.87 -52.07
CA LEU H 736 -21.84 3.11 -51.02
C LEU H 736 -22.59 1.83 -50.68
N THR H 737 -23.92 1.90 -50.58
CA THR H 737 -24.70 0.70 -50.34
C THR H 737 -24.54 -0.30 -51.48
N GLN H 738 -24.57 0.19 -52.72
CA GLN H 738 -24.43 -0.67 -53.89
C GLN H 738 -23.09 -1.39 -53.87
N LEU H 739 -22.00 -0.67 -53.56
CA LEU H 739 -20.69 -1.28 -53.59
C LEU H 739 -20.43 -2.18 -52.39
N ILE H 740 -20.93 -1.80 -51.21
CA ILE H 740 -20.75 -2.63 -50.03
C ILE H 740 -21.51 -3.94 -50.18
N LEU H 741 -22.75 -3.88 -50.66
CA LEU H 741 -23.54 -5.07 -50.86
C LEU H 741 -23.26 -5.76 -52.19
N GLY H 742 -22.53 -5.12 -53.10
CA GLY H 742 -22.28 -5.72 -54.39
C GLY H 742 -23.53 -5.95 -55.22
N ALA H 743 -24.47 -5.01 -55.18
CA ALA H 743 -25.72 -5.11 -55.92
C ALA H 743 -25.99 -3.80 -56.65
N ASP H 744 -26.61 -3.90 -57.81
CA ASP H 744 -26.87 -2.75 -58.67
C ASP H 744 -28.38 -2.49 -58.72
N ARG H 745 -28.76 -1.22 -58.52
CA ARG H 745 -30.14 -0.88 -58.22
C ARG H 745 -31.09 -1.08 -59.40
N ASP H 746 -30.69 -0.73 -60.62
CA ASP H 746 -31.61 -0.78 -61.75
C ASP H 746 -32.07 -2.20 -62.06
N SER H 747 -31.40 -3.21 -61.53
CA SER H 747 -31.87 -4.60 -61.64
C SER H 747 -33.12 -4.74 -60.78
N ASN H 748 -34.27 -4.94 -61.43
CA ASN H 748 -35.53 -5.00 -60.70
C ASN H 748 -35.59 -6.20 -59.77
N ILE H 749 -34.93 -7.30 -60.14
CA ILE H 749 -34.96 -8.51 -59.31
C ILE H 749 -34.32 -8.23 -57.96
N LEU H 750 -33.13 -7.62 -57.96
CA LEU H 750 -32.46 -7.31 -56.71
C LEU H 750 -33.23 -6.29 -55.89
N ALA H 751 -33.84 -5.31 -56.57
CA ALA H 751 -34.62 -4.30 -55.86
C ALA H 751 -35.84 -4.91 -55.18
N GLU H 752 -36.49 -5.87 -55.84
CA GLU H 752 -37.69 -6.48 -55.29
C GLU H 752 -37.38 -7.22 -53.98
N MET H 753 -36.22 -7.88 -53.91
CA MET H 753 -35.86 -8.61 -52.69
C MET H 753 -35.55 -7.69 -51.51
N GLY H 754 -35.44 -6.39 -51.73
CA GLY H 754 -35.16 -5.48 -50.65
C GLY H 754 -33.70 -5.33 -50.29
N TYR H 755 -32.80 -5.63 -51.23
CA TYR H 755 -31.36 -5.50 -50.95
C TYR H 755 -30.98 -4.06 -50.68
N PHE H 756 -31.54 -3.12 -51.45
CA PHE H 756 -31.08 -1.74 -51.44
C PHE H 756 -31.75 -0.96 -50.31
N ASP H 757 -31.53 -1.46 -49.11
CA ASP H 757 -31.94 -0.80 -47.87
C ASP H 757 -30.69 -0.20 -47.23
N GLU H 758 -30.64 1.12 -47.15
CA GLU H 758 -29.50 1.79 -46.54
C GLU H 758 -29.44 1.59 -45.03
N ARG H 759 -30.49 1.01 -44.43
CA ARG H 759 -30.47 0.59 -43.04
C ARG H 759 -29.78 -0.76 -42.84
N ASP H 760 -29.13 -1.28 -43.88
CA ASP H 760 -28.46 -2.57 -43.76
C ASP H 760 -27.35 -2.48 -42.74
N PRO H 761 -27.14 -3.53 -41.93
CA PRO H 761 -26.07 -3.48 -40.92
C PRO H 761 -24.69 -3.25 -41.51
N ALA H 762 -24.40 -3.81 -42.69
CA ALA H 762 -23.09 -3.61 -43.30
C ALA H 762 -22.89 -2.15 -43.70
N VAL H 763 -23.90 -1.53 -44.28
CA VAL H 763 -23.77 -0.12 -44.67
C VAL H 763 -23.61 0.75 -43.43
N LEU H 764 -24.37 0.47 -42.38
CA LEU H 764 -24.24 1.24 -41.15
C LEU H 764 -22.86 1.07 -40.53
N ALA H 765 -22.33 -0.15 -40.53
CA ALA H 765 -20.99 -0.37 -39.99
C ALA H 765 -19.94 0.36 -40.82
N GLY H 766 -20.09 0.35 -42.15
CA GLY H 766 -19.15 1.07 -42.99
C GLY H 766 -19.20 2.57 -42.75
N ILE H 767 -20.41 3.12 -42.61
CA ILE H 767 -20.56 4.55 -42.34
C ILE H 767 -19.93 4.90 -40.98
N LYS H 768 -20.18 4.05 -39.98
CA LYS H 768 -19.59 4.28 -38.66
C LYS H 768 -18.08 4.26 -38.72
N MET H 769 -17.51 3.30 -39.46
CA MET H 769 -16.06 3.22 -39.59
C MET H 769 -15.50 4.46 -40.29
N ILE H 770 -16.17 4.91 -41.36
CA ILE H 770 -15.73 6.11 -42.06
C ILE H 770 -15.73 7.30 -41.12
N ILE H 771 -16.82 7.48 -40.37
CA ILE H 771 -16.93 8.62 -39.46
C ILE H 771 -15.85 8.57 -38.39
N GLU H 772 -15.64 7.39 -37.80
CA GLU H 772 -14.65 7.25 -36.74
C GLU H 772 -13.25 7.55 -37.27
N LYS H 773 -12.88 7.00 -38.43
CA LYS H 773 -11.56 7.22 -38.97
C LYS H 773 -11.35 8.69 -39.34
N ALA H 774 -12.34 9.30 -40.01
CA ALA H 774 -12.19 10.69 -40.41
C ALA H 774 -12.07 11.62 -39.22
N HIS H 775 -12.87 11.38 -38.17
CA HIS H 775 -12.75 12.22 -36.98
C HIS H 775 -11.49 11.93 -36.18
N SER H 776 -10.96 10.71 -36.26
CA SER H 776 -9.65 10.44 -35.66
C SER H 776 -8.55 11.18 -36.39
N LYS H 777 -8.67 11.38 -37.70
CA LYS H 777 -7.71 12.16 -38.46
C LYS H 777 -8.15 13.60 -38.67
N GLY H 778 -9.20 14.04 -37.98
CA GLY H 778 -9.61 15.43 -38.04
C GLY H 778 -10.26 15.88 -39.32
N ALA H 779 -10.84 14.95 -40.08
CA ALA H 779 -11.52 15.28 -41.33
C ALA H 779 -13.03 15.29 -41.11
N THR H 780 -13.70 16.25 -41.76
CA THR H 780 -15.15 16.34 -41.67
C THR H 780 -15.82 15.23 -42.46
N VAL H 781 -17.03 14.86 -42.04
CA VAL H 781 -17.81 13.82 -42.69
C VAL H 781 -19.15 14.39 -43.10
N SER H 782 -19.53 14.16 -44.36
CA SER H 782 -20.82 14.56 -44.88
C SER H 782 -21.47 13.35 -45.56
N ILE H 783 -22.78 13.41 -45.71
CA ILE H 783 -23.54 12.39 -46.42
C ILE H 783 -24.47 13.08 -47.41
N CYS H 784 -24.48 12.60 -48.66
CA CYS H 784 -25.30 13.15 -49.73
C CYS H 784 -25.98 11.97 -50.43
N GLY H 785 -27.14 11.58 -49.93
CA GLY H 785 -27.87 10.47 -50.50
C GLY H 785 -29.32 10.53 -50.10
N GLN H 786 -30.07 9.51 -50.52
CA GLN H 786 -31.50 9.45 -50.23
C GLN H 786 -31.79 8.85 -48.86
N ALA H 787 -30.79 8.28 -48.18
CA ALA H 787 -31.03 7.69 -46.87
C ALA H 787 -31.53 8.68 -45.85
N PRO H 788 -30.92 9.85 -45.64
CA PRO H 788 -31.47 10.79 -44.65
C PRO H 788 -32.80 11.39 -45.05
N SER H 789 -33.15 11.36 -46.34
CA SER H 789 -34.38 11.98 -46.80
C SER H 789 -35.61 11.17 -46.44
N VAL H 790 -35.49 9.85 -46.31
CA VAL H 790 -36.63 8.97 -46.14
C VAL H 790 -36.62 8.26 -44.78
N TYR H 791 -35.45 7.89 -44.27
CA TYR H 791 -35.39 7.09 -43.05
C TYR H 791 -34.96 7.96 -41.87
N PRO H 792 -35.85 8.25 -40.92
CA PRO H 792 -35.43 9.01 -39.73
C PRO H 792 -34.38 8.30 -38.89
N GLU H 793 -34.42 6.97 -38.83
CA GLU H 793 -33.44 6.24 -38.03
C GLU H 793 -32.03 6.38 -38.58
N ILE H 794 -31.88 6.47 -39.91
CA ILE H 794 -30.57 6.76 -40.50
C ILE H 794 -30.06 8.11 -40.00
N VAL H 795 -30.94 9.11 -39.97
CA VAL H 795 -30.54 10.43 -39.49
C VAL H 795 -30.13 10.36 -38.02
N GLU H 796 -30.90 9.63 -37.21
CA GLU H 796 -30.57 9.50 -35.79
C GLU H 796 -29.21 8.83 -35.61
N PHE H 797 -28.96 7.75 -36.35
CA PHE H 797 -27.68 7.07 -36.26
C PHE H 797 -26.53 7.97 -36.71
N LEU H 798 -26.73 8.74 -37.78
CA LEU H 798 -25.69 9.63 -38.27
C LEU H 798 -25.36 10.71 -37.25
N VAL H 799 -26.39 11.32 -36.65
CA VAL H 799 -26.16 12.37 -35.67
C VAL H 799 -25.52 11.81 -34.42
N GLU H 800 -25.91 10.60 -34.01
CA GLU H 800 -25.28 9.96 -32.86
C GLU H 800 -23.80 9.68 -33.14
N ALA H 801 -23.48 9.22 -34.35
CA ALA H 801 -22.10 8.99 -34.72
C ALA H 801 -21.28 10.27 -34.76
N GLY H 802 -21.94 11.42 -34.92
CA GLY H 802 -21.25 12.69 -34.92
C GLY H 802 -20.90 13.20 -36.30
N ILE H 803 -21.77 12.95 -37.26
CA ILE H 803 -21.52 13.42 -38.63
C ILE H 803 -21.55 14.93 -38.65
N ASP H 804 -20.66 15.52 -39.46
CA ASP H 804 -20.51 16.97 -39.47
C ASP H 804 -21.65 17.66 -40.22
N SER H 805 -22.10 17.09 -41.33
CA SER H 805 -23.16 17.71 -42.10
C SER H 805 -23.95 16.64 -42.83
N ILE H 806 -25.18 16.98 -43.20
CA ILE H 806 -26.07 16.10 -43.95
C ILE H 806 -26.61 16.88 -45.13
N SER H 807 -26.43 16.34 -46.34
CA SER H 807 -26.90 16.96 -47.56
C SER H 807 -28.11 16.19 -48.07
N VAL H 808 -29.23 16.87 -48.25
CA VAL H 808 -30.49 16.25 -48.65
C VAL H 808 -31.06 17.01 -49.82
N ASN H 809 -32.13 16.44 -50.41
CA ASN H 809 -32.86 17.10 -51.47
C ASN H 809 -33.58 18.33 -50.92
N PRO H 810 -33.86 19.32 -51.78
CA PRO H 810 -34.53 20.53 -51.28
C PRO H 810 -35.84 20.27 -50.57
N ASP H 811 -36.71 19.42 -51.14
CA ASP H 811 -38.00 19.16 -50.52
C ASP H 811 -37.89 18.48 -49.16
N ALA H 812 -36.73 17.89 -48.86
CA ALA H 812 -36.49 17.25 -47.57
C ALA H 812 -35.63 18.11 -46.64
N VAL H 813 -35.38 19.37 -46.99
CA VAL H 813 -34.51 20.20 -46.16
C VAL H 813 -35.17 20.50 -44.82
N ILE H 814 -36.32 21.18 -44.86
CA ILE H 814 -36.92 21.71 -43.64
C ILE H 814 -37.17 20.59 -42.64
N ALA H 815 -37.82 19.51 -43.07
CA ALA H 815 -38.08 18.38 -42.18
C ALA H 815 -36.78 17.89 -41.55
N THR H 816 -35.74 17.71 -42.37
CA THR H 816 -34.46 17.26 -41.84
C THR H 816 -33.96 18.23 -40.77
N ARG H 817 -34.04 19.54 -41.07
CA ARG H 817 -33.59 20.53 -40.09
C ARG H 817 -34.35 20.38 -38.79
N ARG H 818 -35.65 20.05 -38.86
CA ARG H 818 -36.37 19.73 -37.63
C ARG H 818 -35.82 18.45 -37.02
N LEU H 819 -35.78 17.38 -37.80
CA LEU H 819 -35.48 16.06 -37.25
C LEU H 819 -34.12 16.06 -36.57
N VAL H 820 -33.08 16.48 -37.29
CA VAL H 820 -31.74 16.53 -36.72
C VAL H 820 -31.77 17.28 -35.40
N ALA H 821 -32.42 18.46 -35.38
CA ALA H 821 -32.47 19.24 -34.16
C ALA H 821 -33.01 18.41 -33.02
N SER H 822 -34.17 17.78 -33.21
CA SER H 822 -34.75 16.96 -32.16
C SER H 822 -33.76 15.89 -31.73
N ILE H 823 -33.17 15.19 -32.70
CA ILE H 823 -32.23 14.13 -32.38
C ILE H 823 -31.09 14.69 -31.54
N GLU H 824 -30.54 15.83 -31.95
CA GLU H 824 -29.48 16.44 -31.18
C GLU H 824 -29.92 16.66 -29.75
N ARG H 825 -31.10 17.26 -29.57
CA ARG H 825 -31.62 17.48 -28.22
C ARG H 825 -31.72 16.16 -27.48
N LYS H 826 -32.27 15.14 -28.14
CA LYS H 826 -32.35 13.82 -27.50
C LYS H 826 -30.98 13.33 -27.09
N ILE H 827 -30.01 13.42 -28.00
CA ILE H 827 -28.65 13.00 -27.66
C ILE H 827 -28.15 13.80 -26.48
N MET H 828 -28.44 15.11 -26.48
CA MET H 828 -27.91 15.99 -25.44
C MET H 828 -28.47 15.59 -24.09
N LEU H 829 -29.65 14.95 -24.07
CA LEU H 829 -30.13 14.33 -22.84
C LEU H 829 -29.38 13.03 -22.56
N LYS H 830 -29.35 12.12 -23.53
CA LYS H 830 -28.89 10.76 -23.28
C LYS H 830 -27.46 10.76 -22.74
N ARG H 831 -26.56 11.46 -23.43
CA ARG H 831 -25.17 11.56 -22.97
C ARG H 831 -25.10 11.99 -21.52
N LEU H 832 -25.87 13.02 -21.14
CA LEU H 832 -25.88 13.46 -19.75
C LEU H 832 -26.17 12.30 -18.82
N ASN H 833 -27.26 11.56 -19.09
CA ASN H 833 -27.57 10.40 -18.26
C ASN H 833 -26.37 9.46 -18.19
N LYS H 834 -25.80 9.11 -19.34
CA LYS H 834 -24.65 8.21 -19.34
C LYS H 834 -23.56 8.75 -18.43
N ILE H 835 -23.26 10.04 -18.55
CA ILE H 835 -22.21 10.63 -17.71
C ILE H 835 -22.52 10.38 -16.25
N MET H 836 -23.75 10.68 -15.83
CA MET H 836 -24.12 10.44 -14.44
C MET H 836 -23.91 8.98 -14.08
N ASP H 837 -24.40 8.07 -14.92
CA ASP H 837 -24.20 6.65 -14.67
C ASP H 837 -22.72 6.34 -14.59
N LYS H 838 -21.94 6.87 -15.54
CA LYS H 838 -20.50 6.67 -15.50
C LYS H 838 -19.94 7.18 -14.18
N LEU H 839 -20.36 8.37 -13.78
CA LEU H 839 -19.87 8.94 -12.53
C LEU H 839 -20.21 8.03 -11.35
N ASN H 840 -21.41 7.41 -11.39
CA ASN H 840 -21.77 6.48 -10.33
C ASN H 840 -20.74 5.37 -10.21
N LYS H 841 -20.34 4.80 -11.35
CA LYS H 841 -19.39 3.69 -11.31
C LYS H 841 -18.04 4.15 -10.75
N LEU H 842 -17.76 5.45 -10.83
CA LEU H 842 -16.51 5.95 -10.25
C LEU H 842 -16.59 5.98 -8.72
N GLU H 843 -17.77 6.28 -8.16
CA GLU H 843 -17.85 6.41 -6.72
C GLU H 843 -18.05 5.05 -6.04
N LEU H 844 -18.35 4.02 -6.81
CA LEU H 844 -18.54 2.69 -6.25
C LEU H 844 -17.56 1.69 -6.84
N SER I 522 52.30 -36.19 37.33
CA SER I 522 52.45 -36.55 35.92
C SER I 522 51.76 -35.54 35.03
N PRO I 523 52.45 -34.44 34.72
CA PRO I 523 51.82 -33.36 33.94
C PRO I 523 51.49 -33.75 32.50
N GLU I 524 52.10 -34.80 31.96
CA GLU I 524 51.93 -35.10 30.54
C GLU I 524 50.51 -35.54 30.20
N GLN I 525 49.77 -36.09 31.17
CA GLN I 525 48.37 -36.39 30.92
C GLN I 525 47.44 -35.23 31.25
N LEU I 526 47.98 -34.12 31.76
CA LEU I 526 47.16 -32.95 32.07
C LEU I 526 46.95 -32.03 30.87
N LEU I 527 47.67 -32.27 29.77
CA LEU I 527 47.48 -31.44 28.58
C LEU I 527 46.06 -31.46 28.04
N PRO I 528 45.40 -32.62 27.85
CA PRO I 528 44.03 -32.60 27.31
C PRO I 528 43.02 -31.97 28.25
N LEU I 529 43.33 -31.86 29.54
CA LEU I 529 42.38 -31.32 30.52
C LEU I 529 42.42 -29.80 30.60
N TYR I 530 43.31 -29.14 29.87
CA TYR I 530 43.35 -27.69 29.87
C TYR I 530 42.12 -27.12 29.19
N PRO I 531 41.72 -25.90 29.53
CA PRO I 531 40.51 -25.32 28.94
C PRO I 531 40.62 -25.21 27.42
N VAL I 532 39.49 -25.43 26.75
CA VAL I 532 39.42 -25.39 25.29
C VAL I 532 39.07 -23.98 24.86
N THR I 533 39.87 -23.43 23.94
CA THR I 533 39.68 -22.08 23.45
C THR I 533 39.43 -22.10 21.95
N ALA I 534 38.46 -21.31 21.50
CA ALA I 534 38.25 -21.14 20.07
C ALA I 534 39.46 -20.49 19.40
N THR I 535 40.01 -19.47 20.03
CA THR I 535 41.21 -18.83 19.51
C THR I 535 42.44 -19.71 19.80
N LYS I 536 43.25 -19.94 18.78
CA LYS I 536 44.43 -20.77 18.95
C LYS I 536 45.49 -20.04 19.78
N ILE I 537 46.07 -20.75 20.74
CA ILE I 537 47.08 -20.20 21.62
C ILE I 537 48.43 -20.68 21.11
N TYR I 538 49.17 -19.81 20.45
CA TYR I 538 50.49 -20.13 19.93
C TYR I 538 51.57 -19.72 20.93
N MET I 539 52.79 -20.18 20.67
CA MET I 539 53.92 -19.90 21.55
C MET I 539 55.05 -19.27 20.75
N ASN I 540 55.78 -18.36 21.40
CA ASN I 540 56.95 -17.72 20.80
C ASN I 540 58.20 -18.47 21.24
N LEU I 541 59.03 -18.85 20.28
CA LEU I 541 60.25 -19.58 20.54
C LEU I 541 61.42 -18.90 19.83
N GLY I 542 62.52 -18.73 20.56
CA GLY I 542 63.72 -18.16 19.98
C GLY I 542 64.88 -19.13 19.96
N GLU I 543 64.93 -20.02 20.94
CA GLU I 543 65.98 -21.02 21.04
C GLU I 543 65.39 -22.40 20.76
N PRO I 544 65.86 -23.12 19.74
CA PRO I 544 65.31 -24.45 19.47
C PRO I 544 65.46 -25.40 20.64
N ASP I 545 66.58 -25.36 21.35
CA ASP I 545 66.81 -26.27 22.47
C ASP I 545 65.84 -26.05 23.62
N ALA I 546 65.12 -24.94 23.62
CA ALA I 546 64.10 -24.67 24.64
C ALA I 546 62.78 -25.33 24.33
N ILE I 547 62.64 -25.99 23.17
CA ILE I 547 61.36 -26.63 22.86
C ILE I 547 61.09 -27.79 23.80
N GLU I 548 62.13 -28.45 24.30
CA GLU I 548 61.94 -29.57 25.21
C GLU I 548 61.51 -29.10 26.60
N LYS I 549 61.89 -27.88 26.98
CA LYS I 549 61.45 -27.34 28.27
C LYS I 549 59.96 -27.06 28.28
N TYR I 550 59.42 -26.59 27.15
CA TYR I 550 58.04 -26.15 27.06
C TYR I 550 57.16 -27.14 26.29
N LYS I 551 57.61 -28.39 26.14
CA LYS I 551 56.82 -29.38 25.42
C LYS I 551 55.53 -29.75 26.15
N ASP I 552 55.45 -29.47 27.46
CA ASP I 552 54.28 -29.79 28.25
C ASP I 552 53.34 -28.60 28.43
N LEU I 553 53.49 -27.56 27.62
CA LEU I 553 52.56 -26.46 27.71
C LEU I 553 51.40 -26.64 26.74
N PRO I 554 50.20 -26.16 27.08
CA PRO I 554 49.05 -26.31 26.17
C PRO I 554 49.02 -25.24 25.09
N PHE I 555 49.93 -25.36 24.14
CA PHE I 555 50.00 -24.46 23.00
C PHE I 555 49.62 -25.21 21.73
N ASP I 556 48.93 -24.53 20.83
CA ASP I 556 48.49 -25.12 19.58
C ASP I 556 49.53 -25.03 18.48
N GLY I 557 50.70 -24.47 18.76
CA GLY I 557 51.75 -24.37 17.78
C GLY I 557 52.70 -23.25 18.14
N ILE I 558 53.73 -23.11 17.31
CA ILE I 558 54.71 -22.05 17.45
C ILE I 558 54.32 -20.97 16.45
N GLY I 559 53.65 -19.92 16.94
CA GLY I 559 53.25 -18.83 16.08
C GLY I 559 54.37 -17.89 15.69
N LEU I 560 55.53 -18.01 16.31
CA LEU I 560 56.68 -17.16 15.96
C LEU I 560 57.95 -17.90 16.38
N MET I 561 58.71 -18.37 15.40
CA MET I 561 60.01 -18.96 15.63
C MET I 561 61.07 -17.98 15.15
N ARG I 562 61.90 -17.52 16.08
CA ARG I 562 62.94 -16.55 15.78
C ARG I 562 64.22 -17.29 15.41
N ILE I 563 64.71 -17.10 14.18
CA ILE I 563 65.91 -17.75 13.72
C ILE I 563 67.11 -16.84 13.97
N GLU I 564 66.86 -15.71 14.64
CA GLU I 564 67.95 -14.79 14.96
C GLU I 564 68.97 -15.46 15.88
N PHE I 565 68.49 -16.22 16.86
CA PHE I 565 69.40 -16.92 17.77
C PHE I 565 70.22 -17.96 17.04
N ILE I 566 69.61 -18.66 16.07
CA ILE I 566 70.34 -19.69 15.33
C ILE I 566 71.46 -19.05 14.52
N ILE I 567 71.16 -17.94 13.83
CA ILE I 567 72.18 -17.29 13.01
C ILE I 567 73.28 -16.70 13.90
N THR I 568 72.89 -16.15 15.05
CA THR I 568 73.87 -15.49 15.92
C THR I 568 74.79 -16.50 16.60
N ASP I 569 74.22 -17.58 17.14
CA ASP I 569 74.98 -18.48 18.01
C ASP I 569 75.31 -19.82 17.36
N TRP I 570 74.59 -20.25 16.33
CA TRP I 570 74.92 -21.49 15.66
C TRP I 570 75.69 -21.28 14.35
N VAL I 571 75.66 -20.07 13.80
CA VAL I 571 76.37 -19.75 12.57
C VAL I 571 77.52 -18.77 12.81
N GLN I 572 77.25 -17.70 13.57
CA GLN I 572 78.22 -16.64 13.88
C GLN I 572 78.70 -15.88 12.65
N TYR I 573 78.23 -16.24 11.47
CA TYR I 573 78.76 -15.66 10.23
C TYR I 573 77.64 -15.04 9.40
N HIS I 574 77.98 -13.94 8.74
CA HIS I 574 77.06 -13.32 7.81
C HIS I 574 76.79 -14.25 6.64
N PRO I 575 75.54 -14.47 6.25
CA PRO I 575 75.27 -15.40 5.14
C PRO I 575 75.96 -15.02 3.84
N LEU I 576 76.04 -13.72 3.54
CA LEU I 576 76.76 -13.30 2.34
C LEU I 576 78.24 -13.62 2.44
N TYR I 577 78.83 -13.48 3.63
CA TYR I 577 80.22 -13.87 3.82
C TYR I 577 80.42 -15.36 3.59
N LEU I 578 79.48 -16.18 4.08
CA LEU I 578 79.57 -17.61 3.84
C LEU I 578 79.44 -17.94 2.36
N ILE I 579 78.57 -17.22 1.65
CA ILE I 579 78.44 -17.40 0.20
C ILE I 579 79.76 -17.05 -0.49
N GLU I 580 80.38 -15.95 -0.08
CA GLU I 580 81.66 -15.57 -0.65
C GLU I 580 82.73 -16.63 -0.38
N GLN I 581 82.75 -17.18 0.83
CA GLN I 581 83.66 -18.26 1.17
C GLN I 581 83.16 -19.63 0.71
N GLY I 582 81.99 -19.69 0.07
CA GLY I 582 81.45 -20.95 -0.38
C GLY I 582 81.03 -21.88 0.75
N LYS I 583 80.44 -21.33 1.82
CA LYS I 583 80.01 -22.14 2.94
C LYS I 583 78.51 -21.99 3.18
N GLU I 584 77.73 -21.99 2.09
CA GLU I 584 76.27 -21.95 2.22
C GLU I 584 75.75 -23.17 2.95
N SER I 585 76.45 -24.31 2.83
CA SER I 585 76.00 -25.55 3.43
C SER I 585 75.90 -25.42 4.95
N LEU I 586 76.87 -24.78 5.57
CA LEU I 586 76.84 -24.63 7.03
C LEU I 586 75.61 -23.85 7.49
N PHE I 587 75.36 -22.70 6.88
CA PHE I 587 74.21 -21.87 7.25
C PHE I 587 72.90 -22.62 7.01
N ILE I 588 72.76 -23.24 5.83
CA ILE I 588 71.53 -23.96 5.50
C ILE I 588 71.32 -25.11 6.47
N ASP I 589 72.38 -25.86 6.77
CA ASP I 589 72.25 -27.02 7.64
C ASP I 589 71.94 -26.64 9.07
N LYS I 590 72.53 -25.55 9.57
CA LYS I 590 72.21 -25.12 10.94
C LYS I 590 70.76 -24.65 11.04
N LEU I 591 70.30 -23.85 10.08
CA LEU I 591 68.89 -23.46 10.10
C LEU I 591 67.98 -24.67 9.99
N ALA I 592 68.33 -25.62 9.11
CA ALA I 592 67.52 -26.81 8.93
C ALA I 592 67.48 -27.63 10.21
N GLU I 593 68.61 -27.77 10.89
CA GLU I 593 68.65 -28.54 12.13
C GLU I 593 67.76 -27.91 13.19
N GLY I 594 67.88 -26.59 13.39
CA GLY I 594 67.05 -25.94 14.39
C GLY I 594 65.57 -26.04 14.07
N ILE I 595 65.19 -25.73 12.82
CA ILE I 595 63.78 -25.73 12.44
C ILE I 595 63.22 -27.14 12.49
N ALA I 596 64.01 -28.14 12.07
CA ALA I 596 63.56 -29.53 12.10
C ALA I 596 63.37 -30.01 13.53
N LYS I 597 64.29 -29.64 14.43
CA LYS I 597 64.11 -30.00 15.83
C LYS I 597 62.82 -29.41 16.38
N VAL I 598 62.58 -28.12 16.14
CA VAL I 598 61.37 -27.50 16.65
C VAL I 598 60.12 -28.13 16.05
N ALA I 599 60.13 -28.40 14.74
CA ALA I 599 58.95 -28.93 14.07
C ALA I 599 58.66 -30.37 14.52
N GLN I 600 59.70 -31.20 14.62
CA GLN I 600 59.50 -32.58 15.03
C GLN I 600 59.10 -32.66 16.50
N ALA I 601 59.55 -31.71 17.32
CA ALA I 601 59.20 -31.75 18.74
C ALA I 601 57.71 -31.54 18.96
N ILE I 602 57.02 -30.83 18.07
CA ILE I 602 55.62 -30.50 18.25
C ILE I 602 54.76 -30.93 17.07
N TYR I 603 55.24 -31.88 16.26
CA TYR I 603 54.45 -32.34 15.13
C TYR I 603 53.15 -32.96 15.63
N PRO I 604 52.02 -32.71 14.94
CA PRO I 604 51.86 -31.94 13.71
C PRO I 604 51.48 -30.47 13.91
N ARG I 605 51.71 -29.91 15.09
CA ARG I 605 51.36 -28.51 15.31
C ARG I 605 52.25 -27.61 14.44
N PRO I 606 51.69 -26.56 13.85
CA PRO I 606 52.47 -25.74 12.92
C PRO I 606 53.58 -24.97 13.63
N VAL I 607 54.67 -24.76 12.89
CA VAL I 607 55.79 -23.93 13.33
C VAL I 607 55.94 -22.82 12.30
N VAL I 608 55.62 -21.59 12.70
CA VAL I 608 55.71 -20.43 11.81
C VAL I 608 57.09 -19.82 12.01
N VAL I 609 58.01 -20.13 11.10
CA VAL I 609 59.37 -19.62 11.15
C VAL I 609 59.39 -18.22 10.57
N ARG I 610 59.97 -17.28 11.32
CA ARG I 610 60.17 -15.93 10.83
C ARG I 610 61.51 -15.83 10.13
N PHE I 611 61.52 -15.18 8.96
CA PHE I 611 62.76 -14.97 8.24
C PHE I 611 63.64 -14.00 9.02
N SER I 612 64.83 -13.73 8.47
CA SER I 612 65.82 -12.92 9.18
C SER I 612 65.29 -11.54 9.51
N ASP I 613 65.11 -11.28 10.81
CA ASP I 613 64.58 -10.01 11.30
C ASP I 613 65.69 -9.07 11.76
N PHE I 614 66.95 -9.37 11.45
CA PHE I 614 68.06 -8.54 11.89
C PHE I 614 68.01 -7.16 11.24
N LYS I 615 68.56 -6.18 11.94
CA LYS I 615 68.80 -4.86 11.37
C LYS I 615 70.23 -4.82 10.83
N THR I 616 70.57 -3.71 10.15
CA THR I 616 71.91 -3.60 9.59
C THR I 616 72.97 -3.59 10.70
N ASN I 617 72.71 -2.87 11.79
CA ASN I 617 73.63 -2.89 12.91
C ASN I 617 73.71 -4.27 13.55
N GLU I 618 72.58 -4.97 13.66
CA GLU I 618 72.60 -6.34 14.16
C GLU I 618 73.30 -7.28 13.19
N TYR I 619 73.16 -7.03 11.89
CA TYR I 619 73.86 -7.83 10.89
C TYR I 619 75.35 -7.64 10.99
N ARG I 620 75.80 -6.41 11.27
CA ARG I 620 77.23 -6.16 11.41
C ARG I 620 77.85 -6.92 12.57
N GLY I 621 77.05 -7.32 13.56
CA GLY I 621 77.58 -8.13 14.64
C GLY I 621 78.06 -9.49 14.21
N LEU I 622 77.54 -10.01 13.09
CA LEU I 622 78.02 -11.27 12.56
C LEU I 622 79.43 -11.12 12.00
N LYS I 623 80.15 -12.24 11.97
CA LYS I 623 81.51 -12.24 11.46
C LYS I 623 81.51 -11.98 9.96
N GLY I 624 82.34 -11.04 9.51
CA GLY I 624 82.43 -10.72 8.11
C GLY I 624 81.28 -9.90 7.57
N GLY I 625 80.38 -9.41 8.42
CA GLY I 625 79.24 -8.64 7.99
C GLY I 625 79.49 -7.17 7.75
N GLU I 626 80.68 -6.67 8.09
CA GLU I 626 80.96 -5.25 7.89
C GLU I 626 81.04 -4.90 6.41
N LYS I 627 81.46 -5.84 5.56
CA LYS I 627 81.60 -5.55 4.14
C LYS I 627 80.26 -5.50 3.41
N TYR I 628 79.21 -6.11 3.96
CA TYR I 628 77.94 -6.22 3.28
C TYR I 628 76.85 -5.35 3.88
N GLU I 629 77.07 -4.76 5.05
CA GLU I 629 76.06 -3.98 5.74
C GLU I 629 76.47 -2.51 5.76
N PRO I 630 75.77 -1.63 5.05
CA PRO I 630 76.09 -0.20 5.11
C PRO I 630 75.70 0.40 6.45
N GLU I 631 76.42 1.43 6.85
CA GLU I 631 76.08 2.15 8.07
C GLU I 631 74.82 2.97 7.84
N GLU I 632 73.78 2.69 8.62
CA GLU I 632 72.51 3.36 8.43
C GLU I 632 72.16 4.21 9.63
N ARG I 633 71.65 5.40 9.32
CA ARG I 633 71.19 6.33 10.34
C ARG I 633 69.97 5.79 11.07
N ASN I 634 69.01 5.18 10.37
CA ASN I 634 67.86 4.54 11.01
C ASN I 634 67.63 3.14 10.47
N PRO I 635 68.42 2.16 10.93
CA PRO I 635 68.13 0.76 10.54
C PRO I 635 66.78 0.27 11.02
N MET I 636 66.22 0.88 12.07
CA MET I 636 64.90 0.49 12.56
C MET I 636 63.86 0.62 11.47
N ILE I 637 63.96 1.66 10.65
CA ILE I 637 63.10 1.81 9.48
C ILE I 637 63.99 1.79 8.25
N GLY I 638 65.09 1.05 8.32
CA GLY I 638 66.05 0.99 7.23
C GLY I 638 65.87 -0.25 6.37
N TRP I 639 66.98 -0.67 5.77
CA TRP I 639 67.02 -1.82 4.86
C TRP I 639 66.92 -3.10 5.67
N ARG I 640 65.70 -3.61 5.83
CA ARG I 640 65.45 -4.82 6.60
C ARG I 640 64.17 -5.46 6.11
N GLY I 641 64.00 -6.73 6.48
CA GLY I 641 62.78 -7.43 6.13
C GLY I 641 62.73 -7.78 4.66
N VAL I 642 61.52 -7.71 4.09
CA VAL I 642 61.32 -8.10 2.70
C VAL I 642 62.12 -7.20 1.77
N SER I 643 62.21 -5.92 2.10
CA SER I 643 63.04 -5.00 1.32
C SER I 643 64.46 -5.50 1.21
N ARG I 644 64.97 -6.16 2.25
CA ARG I 644 66.29 -6.75 2.19
C ARG I 644 66.29 -8.03 1.34
N TYR I 645 65.24 -8.83 1.44
CA TYR I 645 65.23 -10.13 0.78
C TYR I 645 65.19 -9.98 -0.73
N ILE I 646 64.35 -9.07 -1.25
CA ILE I 646 64.22 -8.91 -2.69
C ILE I 646 65.37 -8.13 -3.31
N HIS I 647 66.19 -7.47 -2.49
CA HIS I 647 67.32 -6.74 -3.03
C HIS I 647 68.35 -7.72 -3.60
N PRO I 648 68.93 -7.42 -4.76
CA PRO I 648 69.88 -8.37 -5.37
C PRO I 648 71.08 -8.67 -4.51
N LYS I 649 71.50 -7.73 -3.66
CA LYS I 649 72.70 -7.94 -2.83
C LYS I 649 72.46 -9.04 -1.81
N TYR I 650 71.34 -8.99 -1.09
CA TYR I 650 71.03 -9.97 -0.06
C TYR I 650 70.18 -11.12 -0.59
N GLU I 651 69.75 -11.07 -1.85
CA GLU I 651 68.91 -12.14 -2.38
C GLU I 651 69.51 -13.54 -2.22
N PRO I 652 70.81 -13.76 -2.44
CA PRO I 652 71.35 -15.11 -2.17
C PRO I 652 71.15 -15.58 -0.74
N ALA I 653 71.25 -14.69 0.25
CA ALA I 653 71.03 -15.10 1.63
C ALA I 653 69.58 -15.50 1.89
N PHE I 654 68.64 -14.74 1.33
CA PHE I 654 67.23 -15.12 1.42
C PHE I 654 66.99 -16.44 0.72
N ARG I 655 67.67 -16.67 -0.40
CA ARG I 655 67.56 -17.97 -1.08
C ARG I 655 68.12 -19.09 -0.22
N LEU I 656 69.20 -18.83 0.53
CA LEU I 656 69.71 -19.84 1.47
C LEU I 656 68.68 -20.15 2.55
N GLU I 657 68.02 -19.12 3.08
CA GLU I 657 66.99 -19.35 4.09
C GLU I 657 65.83 -20.16 3.51
N VAL I 658 65.40 -19.83 2.29
CA VAL I 658 64.31 -20.57 1.65
C VAL I 658 64.74 -22.01 1.38
N ARG I 659 66.01 -22.21 1.02
CA ARG I 659 66.52 -23.55 0.80
C ARG I 659 66.51 -24.36 2.09
N ALA I 660 66.87 -23.73 3.20
CA ALA I 660 66.80 -24.42 4.49
C ALA I 660 65.37 -24.80 4.84
N ILE I 661 64.42 -23.90 4.61
CA ILE I 661 63.01 -24.21 4.86
C ILE I 661 62.55 -25.35 3.96
N LYS I 662 62.93 -25.33 2.69
CA LYS I 662 62.56 -26.39 1.76
C LYS I 662 63.16 -27.73 2.17
N LYS I 663 64.42 -27.72 2.64
CA LYS I 663 65.04 -28.95 3.12
C LYS I 663 64.30 -29.50 4.33
N VAL I 664 63.89 -28.62 5.25
CA VAL I 664 63.11 -29.08 6.39
C VAL I 664 61.78 -29.68 5.93
N ARG I 665 61.11 -29.01 4.98
CA ARG I 665 59.78 -29.45 4.58
C ARG I 665 59.81 -30.72 3.72
N GLU I 666 60.92 -30.98 3.03
CA GLU I 666 61.00 -32.08 2.08
C GLU I 666 61.91 -33.21 2.52
N GLU I 667 63.17 -32.90 2.86
CA GLU I 667 64.10 -33.95 3.26
C GLU I 667 63.64 -34.64 4.55
N MET I 668 63.17 -33.86 5.51
CA MET I 668 62.62 -34.41 6.75
C MET I 668 61.12 -34.60 6.69
N GLY I 669 60.46 -34.16 5.62
CA GLY I 669 59.03 -34.34 5.48
C GLY I 669 58.20 -33.62 6.50
N LEU I 670 58.74 -32.58 7.13
CA LEU I 670 58.01 -31.83 8.16
C LEU I 670 57.12 -30.81 7.47
N THR I 671 55.90 -31.23 7.17
CA THR I 671 54.96 -30.37 6.46
C THR I 671 54.51 -29.19 7.32
N ASN I 672 54.53 -29.35 8.63
CA ASN I 672 54.00 -28.35 9.56
C ASN I 672 54.84 -27.06 9.61
N VAL I 673 55.84 -26.86 8.76
CA VAL I 673 56.66 -25.66 8.80
C VAL I 673 56.08 -24.63 7.83
N TRP I 674 55.70 -23.48 8.37
CA TRP I 674 55.23 -22.34 7.60
C TRP I 674 56.23 -21.21 7.76
N VAL I 675 56.10 -20.18 6.92
CA VAL I 675 57.02 -19.05 6.95
C VAL I 675 56.22 -17.76 7.11
N MET I 676 56.84 -16.78 7.74
CA MET I 676 56.29 -15.43 7.81
C MET I 676 57.35 -14.44 7.37
N PHE I 677 56.93 -13.45 6.59
CA PHE I 677 57.81 -12.41 6.09
C PHE I 677 57.81 -11.24 7.06
N PRO I 678 58.93 -10.91 7.68
CA PRO I 678 58.94 -9.80 8.64
C PRO I 678 59.09 -8.45 7.95
N PHE I 679 58.40 -7.46 8.52
CA PHE I 679 58.53 -6.05 8.13
C PHE I 679 58.19 -5.85 6.65
N VAL I 680 56.96 -6.22 6.30
CA VAL I 680 56.46 -6.08 4.94
C VAL I 680 56.00 -4.65 4.72
N ARG I 681 56.47 -4.03 3.65
CA ARG I 681 56.20 -2.63 3.36
C ARG I 681 55.21 -2.43 2.22
N THR I 682 55.44 -3.06 1.07
CA THR I 682 54.63 -2.84 -0.11
C THR I 682 54.23 -4.17 -0.73
N THR I 683 53.17 -4.13 -1.55
CA THR I 683 52.66 -5.35 -2.17
C THR I 683 53.63 -5.89 -3.21
N TRP I 684 54.27 -5.00 -3.99
CA TRP I 684 55.17 -5.47 -5.04
C TRP I 684 56.39 -6.16 -4.45
N GLU I 685 56.90 -5.66 -3.32
CA GLU I 685 58.01 -6.35 -2.66
C GLU I 685 57.59 -7.72 -2.16
N LEU I 686 56.35 -7.84 -1.66
CA LEU I 686 55.85 -9.13 -1.20
C LEU I 686 55.72 -10.12 -2.35
N GLU I 687 55.22 -9.65 -3.49
CA GLU I 687 55.10 -10.54 -4.65
C GLU I 687 56.47 -10.91 -5.21
N ARG I 688 57.44 -10.00 -5.14
CA ARG I 688 58.80 -10.35 -5.57
C ARG I 688 59.41 -11.40 -4.64
N ALA I 689 59.20 -11.26 -3.34
CA ALA I 689 59.67 -12.29 -2.41
C ALA I 689 58.97 -13.63 -2.67
N LEU I 690 57.66 -13.59 -2.97
CA LEU I 690 56.93 -14.82 -3.26
C LEU I 690 57.45 -15.49 -4.52
N LYS I 691 57.73 -14.72 -5.57
CA LYS I 691 58.28 -15.33 -6.78
C LYS I 691 59.70 -15.82 -6.58
N ILE I 692 60.49 -15.16 -5.73
CA ILE I 692 61.81 -15.69 -5.38
C ILE I 692 61.66 -17.03 -4.67
N MET I 693 60.70 -17.13 -3.74
CA MET I 693 60.45 -18.40 -3.07
C MET I 693 60.01 -19.47 -4.05
N GLU I 694 59.15 -19.10 -5.00
CA GLU I 694 58.70 -20.05 -6.01
C GLU I 694 59.87 -20.55 -6.87
N GLU I 695 60.80 -19.64 -7.21
CA GLU I 695 61.97 -20.05 -7.97
C GLU I 695 62.81 -21.06 -7.21
N GLU I 696 62.71 -21.08 -5.89
CA GLU I 696 63.42 -22.05 -5.06
C GLU I 696 62.59 -23.30 -4.79
N GLY I 697 61.41 -23.43 -5.39
CA GLY I 697 60.56 -24.57 -5.19
C GLY I 697 59.65 -24.51 -3.99
N LEU I 698 59.64 -23.40 -3.26
CA LEU I 698 58.77 -23.22 -2.10
C LEU I 698 57.57 -22.40 -2.55
N LYS I 699 56.43 -23.07 -2.69
CA LYS I 699 55.22 -22.45 -3.22
C LYS I 699 54.10 -22.51 -2.19
N ARG I 700 53.35 -21.42 -2.09
CA ARG I 700 52.19 -21.36 -1.21
C ARG I 700 51.15 -22.36 -1.66
N GLY I 701 50.61 -23.12 -0.72
CA GLY I 701 49.63 -24.13 -1.04
C GLY I 701 48.83 -24.55 0.18
N LYS I 702 48.15 -25.69 0.04
CA LYS I 702 47.33 -26.20 1.13
C LYS I 702 48.19 -26.68 2.30
N ASP I 703 49.39 -27.20 2.02
CA ASP I 703 50.28 -27.70 3.05
C ASP I 703 51.36 -26.69 3.44
N PHE I 704 51.34 -25.50 2.85
CA PHE I 704 52.35 -24.48 3.13
C PHE I 704 51.65 -23.13 3.26
N LYS I 705 51.76 -22.52 4.42
CA LYS I 705 51.15 -21.22 4.69
C LYS I 705 52.22 -20.14 4.73
N VAL I 706 51.91 -18.99 4.14
CA VAL I 706 52.80 -17.83 4.12
C VAL I 706 52.09 -16.69 4.84
N TRP I 707 52.75 -16.13 5.84
CA TRP I 707 52.21 -15.02 6.61
C TRP I 707 53.04 -13.77 6.37
N ALA I 708 52.46 -12.61 6.69
CA ALA I 708 53.15 -11.33 6.59
C ALA I 708 53.02 -10.62 7.93
N MET I 709 54.15 -10.11 8.43
CA MET I 709 54.12 -9.35 9.68
C MET I 709 53.40 -8.03 9.47
N ALA I 710 52.39 -7.78 10.29
CA ALA I 710 51.63 -6.53 10.22
C ALA I 710 52.18 -5.54 11.24
N GLU I 711 53.43 -5.13 11.01
CA GLU I 711 54.11 -4.19 11.87
C GLU I 711 54.39 -2.85 11.19
N VAL I 712 53.91 -2.65 9.96
CA VAL I 712 54.09 -1.40 9.23
C VAL I 712 52.72 -0.79 8.97
N PRO I 713 52.55 0.52 9.15
CA PRO I 713 51.22 1.12 8.93
C PRO I 713 50.69 0.96 7.52
N SER I 714 51.56 0.74 6.53
CA SER I 714 51.07 0.43 5.19
C SER I 714 50.26 -0.86 5.18
N ILE I 715 50.67 -1.85 5.98
CA ILE I 715 49.87 -3.07 6.12
C ILE I 715 48.54 -2.75 6.77
N VAL I 716 48.54 -1.83 7.74
CA VAL I 716 47.30 -1.42 8.38
C VAL I 716 46.34 -0.82 7.36
N LEU I 717 46.85 0.05 6.49
CA LEU I 717 45.98 0.74 5.54
C LEU I 717 45.56 -0.14 4.37
N LEU I 718 46.38 -1.12 4.00
CA LEU I 718 46.14 -1.94 2.82
C LEU I 718 46.18 -3.43 3.14
N ALA I 719 45.64 -3.83 4.30
CA ALA I 719 45.63 -5.24 4.65
C ALA I 719 44.81 -6.06 3.66
N ASP I 720 43.66 -5.53 3.23
CA ASP I 720 42.83 -6.23 2.26
C ASP I 720 43.56 -6.42 0.93
N LYS I 721 44.43 -5.48 0.56
CA LYS I 721 45.22 -5.63 -0.65
C LYS I 721 46.33 -6.65 -0.47
N PHE I 722 46.98 -6.66 0.70
CA PHE I 722 48.04 -7.61 0.97
C PHE I 722 47.52 -9.04 1.11
N ALA I 723 46.24 -9.21 1.44
CA ALA I 723 45.70 -10.54 1.71
C ALA I 723 45.70 -11.43 0.47
N GLU I 724 45.77 -10.86 -0.74
CA GLU I 724 45.80 -11.69 -1.95
C GLU I 724 47.11 -12.45 -2.10
N TYR I 725 48.15 -12.06 -1.37
CA TYR I 725 49.47 -12.67 -1.52
C TYR I 725 49.84 -13.62 -0.40
N VAL I 726 49.22 -13.50 0.77
CA VAL I 726 49.59 -14.30 1.94
C VAL I 726 48.36 -15.00 2.47
N ASP I 727 48.59 -16.10 3.19
CA ASP I 727 47.48 -16.84 3.80
C ASP I 727 46.94 -16.11 5.03
N GLY I 728 47.80 -15.36 5.73
CA GLY I 728 47.36 -14.65 6.91
C GLY I 728 48.37 -13.59 7.31
N PHE I 729 48.03 -12.87 8.38
CA PHE I 729 48.87 -11.82 8.91
C PHE I 729 49.20 -12.09 10.37
N SER I 730 50.42 -11.72 10.75
CA SER I 730 50.85 -11.77 12.15
C SER I 730 51.14 -10.34 12.59
N ILE I 731 50.40 -9.88 13.60
CA ILE I 731 50.52 -8.50 14.06
C ILE I 731 51.70 -8.42 15.02
N GLY I 732 52.76 -7.75 14.59
CA GLY I 732 53.90 -7.49 15.45
C GLY I 732 53.66 -6.28 16.32
N SER I 733 52.85 -6.45 17.37
CA SER I 733 52.40 -5.32 18.17
C SER I 733 53.56 -4.49 18.72
N ASN I 734 54.69 -5.12 19.05
CA ASN I 734 55.84 -4.39 19.54
C ASN I 734 56.33 -3.38 18.50
N ASP I 735 56.55 -3.85 17.27
CA ASP I 735 56.97 -2.96 16.19
C ASP I 735 55.82 -2.14 15.64
N LEU I 736 54.60 -2.68 15.65
CA LEU I 736 53.45 -1.95 15.13
C LEU I 736 53.17 -0.70 15.95
N THR I 737 53.25 -0.82 17.28
CA THR I 737 53.06 0.35 18.13
C THR I 737 54.14 1.39 17.87
N GLN I 738 55.40 0.94 17.72
CA GLN I 738 56.50 1.86 17.46
C GLN I 738 56.29 2.62 16.16
N LEU I 739 55.87 1.92 15.10
CA LEU I 739 55.72 2.57 13.82
C LEU I 739 54.47 3.44 13.74
N ILE I 740 53.37 3.00 14.37
CA ILE I 740 52.15 3.79 14.38
C ILE I 740 52.35 5.08 15.16
N LEU I 741 52.99 4.99 16.32
CA LEU I 741 53.25 6.17 17.13
C LEU I 741 54.51 6.91 16.71
N GLY I 742 55.34 6.33 15.85
CA GLY I 742 56.57 6.99 15.46
C GLY I 742 57.54 7.20 16.60
N ALA I 743 57.65 6.23 17.50
CA ALA I 743 58.54 6.32 18.65
C ALA I 743 59.33 5.03 18.78
N ASP I 744 60.57 5.16 19.25
CA ASP I 744 61.49 4.03 19.36
C ASP I 744 61.73 3.72 20.84
N ARG I 745 61.63 2.44 21.20
CA ARG I 745 61.52 2.04 22.59
C ARG I 745 62.80 2.25 23.39
N ASP I 746 63.97 1.96 22.83
CA ASP I 746 65.20 2.03 23.60
C ASP I 746 65.53 3.44 24.07
N SER I 747 64.88 4.45 23.50
CA SER I 747 65.00 5.82 24.01
C SER I 747 64.31 5.89 25.37
N ASN I 748 65.10 6.08 26.43
CA ASN I 748 64.53 6.07 27.77
C ASN I 748 63.58 7.24 28.00
N ILE I 749 63.82 8.37 27.33
CA ILE I 749 62.97 9.54 27.52
C ILE I 749 61.55 9.24 27.04
N LEU I 750 61.43 8.66 25.84
CA LEU I 750 60.10 8.34 25.31
C LEU I 750 59.43 7.25 26.15
N ALA I 751 60.21 6.28 26.63
CA ALA I 751 59.63 5.22 27.46
C ALA I 751 59.10 5.77 28.77
N GLU I 752 59.80 6.73 29.37
CA GLU I 752 59.38 7.28 30.65
C GLU I 752 58.02 7.99 30.54
N MET I 753 57.79 8.67 29.42
CA MET I 753 56.51 9.37 29.24
C MET I 753 55.33 8.42 29.05
N GLY I 754 55.58 7.14 28.86
CA GLY I 754 54.50 6.19 28.69
C GLY I 754 53.97 6.08 27.28
N TYR I 755 54.77 6.45 26.28
CA TYR I 755 54.31 6.35 24.89
C TYR I 755 54.05 4.91 24.49
N PHE I 756 54.91 3.99 24.91
CA PHE I 756 54.88 2.62 24.40
C PHE I 756 53.88 1.78 25.19
N ASP I 757 52.64 2.24 25.14
CA ASP I 757 51.49 1.52 25.67
C ASP I 757 50.71 0.94 24.49
N GLU I 758 50.67 -0.38 24.41
CA GLU I 758 49.94 -1.03 23.32
C GLU I 758 48.43 -0.89 23.47
N ARG I 759 47.95 -0.36 24.60
CA ARG I 759 46.56 0.01 24.77
C ARG I 759 46.23 1.37 24.17
N ASP I 760 47.16 1.94 23.41
CA ASP I 760 46.92 3.25 22.81
C ASP I 760 45.76 3.17 21.82
N PRO I 761 44.90 4.18 21.76
CA PRO I 761 43.76 4.13 20.82
C PRO I 761 44.18 3.97 19.37
N ALA I 762 45.29 4.58 18.96
CA ALA I 762 45.74 4.45 17.58
C ALA I 762 46.16 3.01 17.28
N VAL I 763 46.89 2.38 18.18
CA VAL I 763 47.30 0.99 17.96
C VAL I 763 46.09 0.07 17.92
N LEU I 764 45.12 0.30 18.81
CA LEU I 764 43.91 -0.51 18.81
C LEU I 764 43.12 -0.33 17.53
N ALA I 765 43.01 0.91 17.05
CA ALA I 765 42.30 1.16 15.79
C ALA I 765 43.01 0.49 14.62
N GLY I 766 44.34 0.55 14.60
CA GLY I 766 45.08 -0.12 13.54
C GLY I 766 44.90 -1.62 13.57
N ILE I 767 44.94 -2.22 14.76
CA ILE I 767 44.73 -3.66 14.89
C ILE I 767 43.33 -4.04 14.43
N LYS I 768 42.32 -3.24 14.83
CA LYS I 768 40.95 -3.49 14.41
C LYS I 768 40.82 -3.42 12.90
N MET I 769 41.45 -2.42 12.27
CA MET I 769 41.39 -2.29 10.83
C MET I 769 42.05 -3.48 10.13
N ILE I 770 43.21 -3.91 10.65
CA ILE I 770 43.90 -5.07 10.08
C ILE I 770 43.00 -6.30 10.16
N ILE I 771 42.40 -6.53 11.32
CA ILE I 771 41.55 -7.71 11.50
C ILE I 771 40.35 -7.66 10.57
N GLU I 772 39.70 -6.50 10.48
CA GLU I 772 38.52 -6.37 9.64
C GLU I 772 38.87 -6.60 8.17
N LYS I 773 39.96 -6.00 7.68
CA LYS I 773 40.33 -6.16 6.29
C LYS I 773 40.72 -7.61 5.99
N ALA I 774 41.53 -8.22 6.86
CA ALA I 774 41.96 -9.59 6.61
C ALA I 774 40.79 -10.56 6.62
N HIS I 775 39.84 -10.39 7.54
CA HIS I 775 38.67 -11.26 7.55
C HIS I 775 37.71 -10.96 6.41
N SER I 776 37.68 -9.72 5.91
CA SER I 776 36.92 -9.44 4.70
C SER I 776 37.52 -10.11 3.49
N LYS I 777 38.85 -10.27 3.44
CA LYS I 777 39.50 -10.98 2.36
C LYS I 777 39.81 -12.43 2.72
N GLY I 778 39.28 -12.93 3.83
CA GLY I 778 39.43 -14.33 4.18
C GLY I 778 40.80 -14.75 4.65
N ALA I 779 41.59 -13.82 5.16
CA ALA I 779 42.93 -14.12 5.67
C ALA I 779 42.90 -14.19 7.19
N THR I 780 43.67 -15.14 7.74
CA THR I 780 43.77 -15.29 9.19
C THR I 780 44.59 -14.16 9.78
N VAL I 781 44.33 -13.86 11.06
CA VAL I 781 45.03 -12.81 11.78
C VAL I 781 45.63 -13.41 13.04
N SER I 782 46.91 -13.14 13.26
CA SER I 782 47.60 -13.57 14.47
C SER I 782 48.32 -12.36 15.07
N ILE I 783 48.64 -12.46 16.35
CA ILE I 783 49.40 -11.43 17.05
C ILE I 783 50.53 -12.12 17.82
N CYS I 784 51.75 -11.59 17.68
CA CYS I 784 52.93 -12.13 18.35
C CYS I 784 53.68 -10.94 18.97
N GLY I 785 53.32 -10.61 20.20
CA GLY I 785 53.94 -9.50 20.90
C GLY I 785 53.73 -9.63 22.39
N GLN I 786 54.22 -8.62 23.11
CA GLN I 786 54.10 -8.62 24.56
C GLN I 786 52.76 -8.07 25.05
N ALA I 787 51.94 -7.50 24.16
CA ALA I 787 50.66 -6.96 24.59
C ALA I 787 49.73 -8.01 25.18
N PRO I 788 49.49 -9.17 24.55
CA PRO I 788 48.61 -10.16 25.19
C PRO I 788 49.20 -10.79 26.43
N SER I 789 50.52 -10.72 26.62
CA SER I 789 51.15 -11.36 27.76
C SER I 789 50.92 -10.60 29.06
N VAL I 790 50.74 -9.28 29.00
CA VAL I 790 50.67 -8.44 30.18
C VAL I 790 49.31 -7.79 30.38
N TYR I 791 48.64 -7.40 29.29
CA TYR I 791 47.40 -6.65 29.42
C TYR I 791 46.21 -7.54 29.10
N PRO I 792 45.39 -7.90 30.09
CA PRO I 792 44.18 -8.69 29.80
C PRO I 792 43.19 -7.98 28.89
N GLU I 793 43.09 -6.65 28.98
CA GLU I 793 42.15 -5.91 28.14
C GLU I 793 42.52 -5.99 26.67
N ILE I 794 43.82 -6.03 26.35
CA ILE I 794 44.25 -6.25 24.96
C ILE I 794 43.73 -7.60 24.48
N VAL I 795 43.85 -8.64 25.32
CA VAL I 795 43.36 -9.95 24.93
C VAL I 795 41.85 -9.93 24.71
N GLU I 796 41.12 -9.25 25.60
CA GLU I 796 39.67 -9.16 25.46
C GLU I 796 39.29 -8.46 24.16
N PHE I 797 39.97 -7.35 23.85
CA PHE I 797 39.68 -6.62 22.62
C PHE I 797 40.02 -7.47 21.40
N LEU I 798 41.13 -8.20 21.43
CA LEU I 798 41.51 -9.04 20.30
C LEU I 798 40.50 -10.15 20.07
N VAL I 799 40.05 -10.81 21.14
CA VAL I 799 39.09 -11.89 21.00
C VAL I 799 37.75 -11.35 20.53
N GLU I 800 37.35 -10.17 21.02
CA GLU I 800 36.11 -9.56 20.56
C GLU I 800 36.19 -9.22 19.07
N ALA I 801 37.33 -8.71 18.63
CA ALA I 801 37.51 -8.42 17.21
C ALA I 801 37.49 -9.68 16.35
N GLY I 802 37.77 -10.83 16.94
CA GLY I 802 37.72 -12.08 16.21
C GLY I 802 39.06 -12.53 15.67
N ILE I 803 40.13 -12.28 16.43
CA ILE I 803 41.46 -12.68 15.98
C ILE I 803 41.54 -14.20 15.96
N ASP I 804 42.25 -14.72 14.95
CA ASP I 804 42.28 -16.17 14.75
C ASP I 804 43.19 -16.86 15.76
N SER I 805 44.33 -16.27 16.09
CA SER I 805 45.25 -16.90 17.02
C SER I 805 46.04 -15.82 17.75
N ILE I 806 46.57 -16.19 18.91
CA ILE I 806 47.40 -15.31 19.73
C ILE I 806 48.66 -16.07 20.09
N SER I 807 49.82 -15.47 19.78
CA SER I 807 51.11 -16.07 20.07
C SER I 807 51.75 -15.31 21.23
N VAL I 808 52.09 -16.03 22.29
CA VAL I 808 52.62 -15.43 23.51
C VAL I 808 53.89 -16.18 23.91
N ASN I 809 54.58 -15.61 24.91
CA ASN I 809 55.75 -16.26 25.48
C ASN I 809 55.34 -17.53 26.21
N PRO I 810 56.26 -18.49 26.35
CA PRO I 810 55.88 -19.75 27.04
C PRO I 810 55.33 -19.55 28.43
N ASP I 811 55.98 -18.71 29.25
CA ASP I 811 55.53 -18.51 30.62
C ASP I 811 54.14 -17.88 30.70
N ALA I 812 53.68 -17.26 29.61
CA ALA I 812 52.35 -16.67 29.56
C ALA I 812 51.35 -17.53 28.80
N VAL I 813 51.70 -18.76 28.46
CA VAL I 813 50.79 -19.60 27.67
C VAL I 813 49.56 -19.97 28.48
N ILE I 814 49.77 -20.69 29.59
CA ILE I 814 48.65 -21.28 30.32
C ILE I 814 47.65 -20.20 30.73
N ALA I 815 48.13 -19.13 31.37
CA ALA I 815 47.24 -18.04 31.77
C ALA I 815 46.44 -17.53 30.58
N THR I 816 47.12 -17.29 29.46
CA THR I 816 46.41 -16.82 28.27
C THR I 816 45.32 -17.81 27.87
N ARG I 817 45.66 -19.11 27.87
CA ARG I 817 44.67 -20.12 27.51
C ARG I 817 43.47 -20.04 28.43
N ARG I 818 43.69 -19.76 29.72
CA ARG I 818 42.56 -19.50 30.60
C ARG I 818 41.85 -18.23 30.18
N LEU I 819 42.58 -17.12 30.09
CA LEU I 819 41.95 -15.82 29.90
C LEU I 819 41.10 -15.80 28.64
N VAL I 820 41.70 -16.16 27.50
CA VAL I 820 40.96 -16.19 26.25
C VAL I 820 39.69 -16.99 26.41
N ALA I 821 39.79 -18.18 27.01
CA ALA I 821 38.61 -19.01 27.19
C ALA I 821 37.51 -18.24 27.90
N SER I 822 37.83 -17.65 29.05
CA SER I 822 36.84 -16.88 29.78
C SER I 822 36.26 -15.80 28.90
N ILE I 823 37.12 -15.05 28.21
CA ILE I 823 36.65 -13.97 27.36
C ILE I 823 35.69 -14.52 26.32
N GLU I 824 36.07 -15.63 25.68
CA GLU I 824 35.18 -16.22 24.69
C GLU I 824 33.83 -16.51 25.31
N ARG I 825 33.82 -17.16 26.48
CA ARG I 825 32.55 -17.45 27.16
C ARG I 825 31.79 -16.16 27.40
N LYS I 826 32.48 -15.13 27.90
CA LYS I 826 31.82 -13.84 28.11
C LYS I 826 31.22 -13.32 26.82
N ILE I 827 32.00 -13.34 25.74
CA ILE I 827 31.48 -12.90 24.45
C ILE I 827 30.27 -13.72 24.07
N MET I 828 30.35 -15.04 24.31
CA MET I 828 29.28 -15.94 23.88
C MET I 828 28.00 -15.61 24.63
N LEU I 829 28.11 -15.02 25.82
CA LEU I 829 26.93 -14.45 26.48
C LEU I 829 26.51 -13.14 25.81
N LYS I 830 27.45 -12.19 25.70
CA LYS I 830 27.09 -10.82 25.32
C LYS I 830 26.38 -10.80 23.97
N ARG I 831 26.97 -11.45 22.96
CA ARG I 831 26.34 -11.52 21.64
C ARG I 831 24.91 -11.99 21.74
N LEU I 832 24.67 -13.06 22.51
CA LEU I 832 23.30 -13.55 22.68
C LEU I 832 22.37 -12.43 23.12
N ASN I 833 22.75 -11.72 24.20
CA ASN I 833 21.94 -10.61 24.65
C ASN I 833 21.68 -9.63 23.51
N LYS I 834 22.75 -9.22 22.81
CA LYS I 834 22.57 -8.29 21.70
C LYS I 834 21.54 -8.82 20.72
N ILE I 835 21.66 -10.10 20.36
CA ILE I 835 20.72 -10.68 19.40
C ILE I 835 19.31 -10.50 19.90
N MET I 836 19.05 -10.85 21.17
CA MET I 836 17.71 -10.68 21.72
C MET I 836 17.29 -9.22 21.61
N ASP I 837 18.15 -8.30 22.02
CA ASP I 837 17.83 -6.89 21.90
C ASP I 837 17.55 -6.53 20.46
N LYS I 838 18.41 -7.00 19.54
CA LYS I 838 18.19 -6.76 18.13
C LYS I 838 16.82 -7.29 17.72
N LEU I 839 16.51 -8.51 18.15
CA LEU I 839 15.22 -9.11 17.79
C LEU I 839 14.08 -8.26 18.32
N ASN I 840 14.25 -7.68 19.52
CA ASN I 840 13.22 -6.80 20.04
C ASN I 840 12.93 -5.66 19.08
N LYS I 841 13.98 -5.03 18.56
CA LYS I 841 13.79 -3.89 17.66
C LYS I 841 13.08 -4.33 16.38
N LEU I 842 13.16 -5.62 16.05
CA LEU I 842 12.45 -6.10 14.87
C LEU I 842 10.95 -6.18 15.13
N GLU I 843 10.55 -6.55 16.36
CA GLU I 843 9.13 -6.73 16.62
C GLU I 843 8.44 -5.41 16.95
N LEU I 844 9.21 -4.36 17.19
CA LEU I 844 8.64 -3.05 17.50
C LEU I 844 9.06 -2.01 16.48
N SER J 522 16.81 -38.75 -60.45
CA SER J 522 16.03 -37.60 -60.88
C SER J 522 16.03 -36.51 -59.82
N PRO J 523 17.08 -35.68 -59.81
CA PRO J 523 17.21 -34.66 -58.76
C PRO J 523 16.14 -33.58 -58.81
N GLU J 524 15.46 -33.39 -59.94
CA GLU J 524 14.56 -32.25 -60.08
C GLU J 524 13.33 -32.37 -59.17
N GLN J 525 12.95 -33.59 -58.79
CA GLN J 525 11.88 -33.73 -57.81
C GLN J 525 12.38 -33.73 -56.37
N LEU J 526 13.70 -33.67 -56.16
CA LEU J 526 14.25 -33.63 -54.81
C LEU J 526 14.32 -32.23 -54.23
N LEU J 527 14.06 -31.20 -55.04
CA LEU J 527 14.07 -29.83 -54.52
C LEU J 527 13.07 -29.60 -53.39
N PRO J 528 11.79 -29.99 -53.51
CA PRO J 528 10.86 -29.74 -52.40
C PRO J 528 11.18 -30.52 -51.14
N LEU J 529 11.96 -31.59 -51.23
CA LEU J 529 12.26 -32.42 -50.07
C LEU J 529 13.44 -31.89 -49.25
N TYR J 530 14.08 -30.82 -49.68
CA TYR J 530 15.18 -30.25 -48.92
C TYR J 530 14.66 -29.63 -47.63
N PRO J 531 15.49 -29.53 -46.60
CA PRO J 531 15.03 -28.97 -45.32
C PRO J 531 14.53 -27.55 -45.47
N VAL J 532 13.49 -27.22 -44.71
CA VAL J 532 12.86 -25.90 -44.75
C VAL J 532 13.54 -25.02 -43.71
N THR J 533 13.97 -23.84 -44.14
CA THR J 533 14.66 -22.89 -43.28
C THR J 533 13.88 -21.60 -43.20
N ALA J 534 13.77 -21.05 -41.99
CA ALA J 534 13.17 -19.72 -41.83
C ALA J 534 14.01 -18.66 -42.53
N THR J 535 15.32 -18.73 -42.37
CA THR J 535 16.21 -17.80 -43.07
C THR J 535 16.34 -18.19 -44.54
N LYS J 536 16.16 -17.22 -45.42
CA LYS J 536 16.26 -17.49 -46.85
C LYS J 536 17.70 -17.77 -47.25
N ILE J 537 17.89 -18.82 -48.05
CA ILE J 537 19.20 -19.21 -48.52
C ILE J 537 19.35 -18.71 -49.95
N TYR J 538 20.11 -17.64 -50.12
CA TYR J 538 20.35 -17.08 -51.45
C TYR J 538 21.65 -17.62 -52.03
N MET J 539 21.85 -17.36 -53.31
CA MET J 539 23.02 -17.84 -54.03
C MET J 539 23.75 -16.68 -54.69
N ASN J 540 25.07 -16.78 -54.73
CA ASN J 540 25.91 -15.79 -55.40
C ASN J 540 26.21 -16.26 -56.81
N LEU J 541 25.97 -15.39 -57.79
CA LEU J 541 26.19 -15.70 -59.19
C LEU J 541 27.01 -14.59 -59.83
N GLY J 542 28.03 -14.99 -60.60
CA GLY J 542 28.84 -14.04 -61.32
C GLY J 542 28.74 -14.19 -62.82
N GLU J 543 28.52 -15.42 -63.28
CA GLU J 543 28.38 -15.72 -64.70
C GLU J 543 26.94 -16.10 -64.99
N PRO J 544 26.23 -15.38 -65.86
CA PRO J 544 24.84 -15.76 -66.16
C PRO J 544 24.71 -17.16 -66.71
N ASP J 545 25.64 -17.59 -67.57
CA ASP J 545 25.55 -18.91 -68.18
C ASP J 545 25.69 -20.03 -67.15
N ALA J 546 26.13 -19.73 -65.94
CA ALA J 546 26.21 -20.73 -64.88
C ALA J 546 24.89 -20.93 -64.16
N ILE J 547 23.85 -20.17 -64.50
CA ILE J 547 22.57 -20.36 -63.82
C ILE J 547 21.96 -21.71 -64.17
N GLU J 548 22.24 -22.24 -65.36
CA GLU J 548 21.70 -23.53 -65.74
C GLU J 548 22.40 -24.68 -65.02
N LYS J 549 23.67 -24.48 -64.63
CA LYS J 549 24.36 -25.51 -63.87
C LYS J 549 23.78 -25.67 -62.47
N TYR J 550 23.37 -24.56 -61.85
CA TYR J 550 22.92 -24.54 -60.47
C TYR J 550 21.41 -24.39 -60.35
N LYS J 551 20.66 -24.66 -61.43
CA LYS J 551 19.21 -24.54 -61.37
C LYS J 551 18.56 -25.57 -60.45
N ASP J 552 19.28 -26.66 -60.13
CA ASP J 552 18.75 -27.70 -59.27
C ASP J 552 19.20 -27.56 -57.82
N LEU J 553 19.71 -26.39 -57.43
CA LEU J 553 20.06 -26.21 -56.04
C LEU J 553 18.90 -25.60 -55.26
N PRO J 554 18.77 -25.94 -53.97
CA PRO J 554 17.66 -25.38 -53.17
C PRO J 554 17.98 -23.98 -52.64
N PHE J 555 17.98 -23.01 -53.54
CA PHE J 555 18.19 -21.62 -53.19
C PHE J 555 16.90 -20.83 -53.39
N ASP J 556 16.66 -19.87 -52.51
CA ASP J 556 15.47 -19.05 -52.57
C ASP J 556 15.62 -17.84 -53.47
N GLY J 557 16.77 -17.67 -54.11
CA GLY J 557 17.00 -16.56 -55.00
C GLY J 557 18.47 -16.28 -55.15
N ILE J 558 18.78 -15.30 -55.99
CA ILE J 558 20.13 -14.84 -56.20
C ILE J 558 20.30 -13.58 -55.35
N GLY J 559 20.93 -13.73 -54.19
CA GLY J 559 21.16 -12.60 -53.31
C GLY J 559 22.27 -11.68 -53.76
N LEU J 560 23.07 -12.09 -54.75
CA LEU J 560 24.15 -11.25 -55.25
C LEU J 560 24.45 -11.68 -56.68
N MET J 561 24.10 -10.85 -57.64
CA MET J 561 24.45 -11.06 -59.03
C MET J 561 25.54 -10.06 -59.41
N ARG J 562 26.71 -10.58 -59.76
CA ARG J 562 27.85 -9.74 -60.12
C ARG J 562 27.82 -9.48 -61.63
N ILE J 563 27.71 -8.21 -62.01
CA ILE J 563 27.67 -7.83 -63.41
C ILE J 563 29.08 -7.50 -63.88
N GLU J 564 30.06 -7.70 -62.99
CA GLU J 564 31.46 -7.44 -63.37
C GLU J 564 31.89 -8.36 -64.51
N PHE J 565 31.49 -9.63 -64.45
CA PHE J 565 31.84 -10.56 -65.52
C PHE J 565 31.19 -10.17 -66.84
N ILE J 566 29.95 -9.67 -66.79
CA ILE J 566 29.27 -9.27 -68.02
C ILE J 566 29.99 -8.10 -68.66
N ILE J 567 30.36 -7.09 -67.86
CA ILE J 567 31.04 -5.92 -68.41
C ILE J 567 32.43 -6.30 -68.92
N THR J 568 33.11 -7.19 -68.21
CA THR J 568 34.48 -7.55 -68.59
C THR J 568 34.51 -8.40 -69.86
N ASP J 569 33.64 -9.41 -69.94
CA ASP J 569 33.75 -10.42 -71.00
C ASP J 569 32.66 -10.29 -72.07
N TRP J 570 31.54 -9.66 -71.78
CA TRP J 570 30.51 -9.47 -72.80
C TRP J 570 30.53 -8.08 -73.42
N VAL J 571 31.17 -7.11 -72.77
CA VAL J 571 31.26 -5.75 -73.28
C VAL J 571 32.69 -5.39 -73.67
N GLN J 572 33.66 -5.71 -72.80
CA GLN J 572 35.08 -5.40 -72.99
C GLN J 572 35.38 -3.91 -73.07
N TYR J 573 34.37 -3.06 -72.97
CA TYR J 573 34.56 -1.62 -73.18
C TYR J 573 34.07 -0.83 -71.98
N HIS J 574 34.78 0.26 -71.71
CA HIS J 574 34.36 1.19 -70.67
C HIS J 574 33.04 1.83 -71.06
N PRO J 575 32.05 1.88 -70.17
CA PRO J 575 30.75 2.47 -70.54
C PRO J 575 30.86 3.92 -71.01
N LEU J 576 31.72 4.71 -70.38
CA LEU J 576 31.92 6.08 -70.84
C LEU J 576 32.51 6.13 -72.24
N TYR J 577 33.42 5.21 -72.56
CA TYR J 577 33.96 5.13 -73.92
C TYR J 577 32.86 4.79 -74.92
N LEU J 578 31.97 3.86 -74.56
CA LEU J 578 30.86 3.53 -75.45
C LEU J 578 29.93 4.72 -75.63
N ILE J 579 29.70 5.49 -74.57
CA ILE J 579 28.89 6.71 -74.68
C ILE J 579 29.56 7.70 -75.62
N GLU J 580 30.87 7.87 -75.51
CA GLU J 580 31.59 8.76 -76.40
C GLU J 580 31.49 8.28 -77.85
N GLN J 581 31.60 6.98 -78.08
CA GLN J 581 31.43 6.41 -79.41
C GLN J 581 29.96 6.21 -79.77
N GLY J 582 29.04 6.55 -78.89
CA GLY J 582 27.62 6.37 -79.18
C GLY J 582 27.20 4.91 -79.25
N LYS J 583 27.74 4.06 -78.38
CA LYS J 583 27.39 2.65 -78.38
C LYS J 583 26.81 2.24 -77.04
N GLU J 584 25.93 3.08 -76.47
CA GLU J 584 25.24 2.73 -75.23
C GLU J 584 24.37 1.50 -75.42
N SER J 585 23.86 1.29 -76.64
CA SER J 585 22.95 0.18 -76.90
C SER J 585 23.63 -1.16 -76.62
N LEU J 586 24.89 -1.30 -77.03
CA LEU J 586 25.59 -2.57 -76.81
C LEU J 586 25.70 -2.89 -75.32
N PHE J 587 26.17 -1.94 -74.52
CA PHE J 587 26.31 -2.15 -73.08
C PHE J 587 24.97 -2.45 -72.43
N ILE J 588 23.95 -1.66 -72.74
CA ILE J 588 22.63 -1.85 -72.15
C ILE J 588 22.07 -3.22 -72.53
N ASP J 589 22.21 -3.60 -73.81
CA ASP J 589 21.66 -4.86 -74.27
C ASP J 589 22.38 -6.05 -73.69
N LYS J 590 23.70 -5.98 -73.54
CA LYS J 590 24.42 -7.10 -72.93
C LYS J 590 24.04 -7.27 -71.46
N LEU J 591 23.98 -6.17 -70.70
CA LEU J 591 23.53 -6.27 -69.32
C LEU J 591 22.11 -6.80 -69.24
N ALA J 592 21.22 -6.32 -70.13
CA ALA J 592 19.84 -6.77 -70.12
C ALA J 592 19.76 -8.25 -70.45
N GLU J 593 20.54 -8.72 -71.41
CA GLU J 593 20.52 -10.13 -71.77
C GLU J 593 20.96 -11.00 -70.60
N GLY J 594 22.07 -10.65 -69.96
CA GLY J 594 22.53 -11.44 -68.82
C GLY J 594 21.53 -11.44 -67.68
N ILE J 595 21.04 -10.26 -67.29
CA ILE J 595 20.13 -10.17 -66.16
C ILE J 595 18.82 -10.86 -66.47
N ALA J 596 18.32 -10.73 -67.71
CA ALA J 596 17.07 -11.38 -68.09
C ALA J 596 17.22 -12.89 -68.09
N LYS J 597 18.36 -13.40 -68.58
CA LYS J 597 18.59 -14.84 -68.52
C LYS J 597 18.57 -15.34 -67.09
N VAL J 598 19.28 -14.65 -66.19
CA VAL J 598 19.32 -15.09 -64.80
C VAL J 598 17.94 -15.00 -64.16
N ALA J 599 17.20 -13.92 -64.42
CA ALA J 599 15.90 -13.74 -63.79
C ALA J 599 14.88 -14.75 -64.31
N GLN J 600 14.85 -14.99 -65.62
CA GLN J 600 13.91 -15.94 -66.19
C GLN J 600 14.25 -17.36 -65.79
N ALA J 601 15.54 -17.66 -65.57
CA ALA J 601 15.91 -19.01 -65.19
C ALA J 601 15.37 -19.39 -63.81
N ILE J 602 15.16 -18.42 -62.92
CA ILE J 602 14.73 -18.71 -61.56
C ILE J 602 13.46 -17.96 -61.19
N TYR J 603 12.68 -17.51 -62.17
CA TYR J 603 11.45 -16.81 -61.86
C TYR J 603 10.51 -17.73 -61.08
N PRO J 604 9.80 -17.20 -60.06
CA PRO J 604 9.77 -15.82 -59.59
C PRO J 604 10.73 -15.49 -58.45
N ARG J 605 11.76 -16.30 -58.24
CA ARG J 605 12.70 -16.01 -57.16
C ARG J 605 13.47 -14.73 -57.47
N PRO J 606 13.70 -13.87 -56.47
CA PRO J 606 14.32 -12.58 -56.74
C PRO J 606 15.78 -12.73 -57.18
N VAL J 607 16.20 -11.78 -58.02
CA VAL J 607 17.58 -11.66 -58.46
C VAL J 607 18.06 -10.27 -58.05
N VAL J 608 18.96 -10.21 -57.08
CA VAL J 608 19.48 -8.94 -56.58
C VAL J 608 20.75 -8.64 -57.37
N VAL J 609 20.62 -7.78 -58.38
CA VAL J 609 21.75 -7.38 -59.22
C VAL J 609 22.54 -6.31 -58.51
N ARG J 610 23.85 -6.52 -58.41
CA ARG J 610 24.76 -5.52 -57.87
C ARG J 610 25.24 -4.61 -58.98
N PHE J 611 25.23 -3.30 -58.72
CA PHE J 611 25.74 -2.34 -59.68
C PHE J 611 27.25 -2.51 -59.82
N SER J 612 27.85 -1.71 -60.70
CA SER J 612 29.27 -1.86 -61.02
C SER J 612 30.14 -1.71 -59.78
N ASP J 613 30.79 -2.81 -59.40
CA ASP J 613 31.65 -2.85 -58.22
C ASP J 613 33.12 -2.71 -58.58
N PHE J 614 33.44 -2.33 -59.81
CA PHE J 614 34.81 -2.21 -60.24
C PHE J 614 35.53 -1.08 -59.48
N LYS J 615 36.84 -1.24 -59.35
CA LYS J 615 37.70 -0.17 -58.86
C LYS J 615 38.27 0.58 -60.07
N THR J 616 38.98 1.69 -59.80
CA THR J 616 39.53 2.47 -60.89
C THR J 616 40.56 1.66 -61.68
N ASN J 617 41.41 0.91 -60.97
CA ASN J 617 42.37 0.05 -61.66
C ASN J 617 41.66 -1.06 -62.44
N GLU J 618 40.59 -1.62 -61.88
CA GLU J 618 39.80 -2.61 -62.61
C GLU J 618 39.08 -1.97 -63.79
N TYR J 619 38.63 -0.73 -63.64
CA TYR J 619 38.00 -0.02 -64.74
C TYR J 619 38.97 0.23 -65.87
N ARG J 620 40.23 0.54 -65.54
CA ARG J 620 41.23 0.76 -66.57
C ARG J 620 41.49 -0.48 -67.41
N GLY J 621 41.19 -1.67 -66.90
CA GLY J 621 41.33 -2.87 -67.69
C GLY J 621 40.40 -2.93 -68.88
N LEU J 622 39.28 -2.22 -68.83
CA LEU J 622 38.37 -2.14 -69.96
C LEU J 622 39.00 -1.33 -71.09
N LYS J 623 38.54 -1.62 -72.31
CA LYS J 623 39.05 -0.92 -73.48
C LYS J 623 38.61 0.54 -73.46
N GLY J 624 39.56 1.46 -73.66
CA GLY J 624 39.25 2.86 -73.66
C GLY J 624 39.01 3.48 -72.30
N GLY J 625 39.26 2.74 -71.22
CA GLY J 625 39.03 3.23 -69.88
C GLY J 625 40.15 4.07 -69.30
N GLU J 626 41.29 4.16 -69.98
CA GLU J 626 42.40 4.95 -69.45
C GLU J 626 42.08 6.43 -69.43
N LYS J 627 41.26 6.91 -70.36
CA LYS J 627 40.94 8.33 -70.43
C LYS J 627 39.96 8.77 -69.35
N TYR J 628 39.19 7.85 -68.78
CA TYR J 628 38.15 8.21 -67.83
C TYR J 628 38.47 7.81 -66.40
N GLU J 629 39.50 7.02 -66.17
CA GLU J 629 39.83 6.53 -64.84
C GLU J 629 41.14 7.16 -64.36
N PRO J 630 41.12 8.02 -63.36
CA PRO J 630 42.37 8.58 -62.83
C PRO J 630 43.16 7.53 -62.07
N GLU J 631 44.47 7.70 -62.07
CA GLU J 631 45.33 6.82 -61.29
C GLU J 631 45.18 7.12 -59.81
N GLU J 632 44.74 6.14 -59.04
CA GLU J 632 44.48 6.35 -57.63
C GLU J 632 45.43 5.54 -56.78
N ARG J 633 45.90 6.18 -55.72
CA ARG J 633 46.78 5.55 -54.74
C ARG J 633 46.03 4.46 -53.97
N ASN J 634 44.78 4.69 -53.57
CA ASN J 634 43.97 3.66 -52.91
C ASN J 634 42.59 3.56 -53.54
N PRO J 635 42.48 2.90 -54.70
CA PRO J 635 41.14 2.66 -55.27
C PRO J 635 40.26 1.80 -54.38
N MET J 636 40.85 0.99 -53.49
CA MET J 636 40.07 0.16 -52.57
C MET J 636 39.16 1.02 -51.72
N ILE J 637 39.63 2.19 -51.30
CA ILE J 637 38.80 3.15 -50.59
C ILE J 637 38.73 4.41 -51.44
N GLY J 638 38.80 4.25 -52.76
CA GLY J 638 38.81 5.37 -53.67
C GLY J 638 37.44 5.64 -54.28
N TRP J 639 37.47 6.21 -55.48
CA TRP J 639 36.26 6.59 -56.22
C TRP J 639 35.60 5.34 -56.77
N ARG J 640 34.65 4.79 -56.03
CA ARG J 640 33.95 3.58 -56.44
C ARG J 640 32.59 3.54 -55.77
N GLY J 641 31.73 2.68 -56.30
CA GLY J 641 30.41 2.52 -55.70
C GLY J 641 29.51 3.69 -55.97
N VAL J 642 28.68 4.02 -54.98
CA VAL J 642 27.70 5.09 -55.13
C VAL J 642 28.40 6.43 -55.37
N SER J 643 29.53 6.64 -54.71
CA SER J 643 30.32 7.86 -54.95
C SER J 643 30.65 8.01 -56.42
N ARG J 644 30.88 6.90 -57.12
CA ARG J 644 31.12 6.95 -58.55
C ARG J 644 29.82 7.22 -59.32
N TYR J 645 28.71 6.63 -58.89
CA TYR J 645 27.48 6.72 -59.65
C TYR J 645 26.93 8.14 -59.66
N ILE J 646 26.94 8.81 -58.50
CA ILE J 646 26.38 10.16 -58.41
C ILE J 646 27.30 11.22 -58.98
N HIS J 647 28.57 10.89 -59.23
CA HIS J 647 29.47 11.86 -59.81
C HIS J 647 29.06 12.17 -61.25
N PRO J 648 29.10 13.43 -61.66
CA PRO J 648 28.65 13.78 -63.01
C PRO J 648 29.43 13.09 -64.11
N LYS J 649 30.70 12.76 -63.88
CA LYS J 649 31.53 12.14 -64.92
C LYS J 649 31.02 10.74 -65.25
N TYR J 650 30.77 9.93 -64.23
CA TYR J 650 30.32 8.56 -64.44
C TYR J 650 28.79 8.44 -64.41
N GLU J 651 28.08 9.52 -64.13
CA GLU J 651 26.62 9.44 -64.07
C GLU J 651 25.98 8.85 -65.32
N PRO J 652 26.41 9.18 -66.54
CA PRO J 652 25.81 8.51 -67.72
C PRO J 652 25.96 7.00 -67.70
N ALA J 653 27.09 6.47 -67.21
CA ALA J 653 27.25 5.02 -67.14
C ALA J 653 26.29 4.39 -66.14
N PHE J 654 26.12 5.02 -64.98
CA PHE J 654 25.14 4.54 -64.02
C PHE J 654 23.74 4.61 -64.61
N ARG J 655 23.46 5.66 -65.38
CA ARG J 655 22.16 5.74 -66.06
C ARG J 655 21.99 4.62 -67.08
N LEU J 656 23.07 4.24 -67.77
CA LEU J 656 23.00 3.09 -68.68
C LEU J 656 22.67 1.81 -67.91
N GLU J 657 23.31 1.62 -66.75
CA GLU J 657 23.01 0.44 -65.95
C GLU J 657 21.56 0.44 -65.48
N VAL J 658 21.06 1.59 -65.03
CA VAL J 658 19.67 1.69 -64.60
C VAL J 658 18.72 1.45 -65.76
N ARG J 659 19.10 1.92 -66.95
CA ARG J 659 18.29 1.68 -68.14
C ARG J 659 18.23 0.20 -68.48
N ALA J 660 19.36 -0.50 -68.34
CA ALA J 660 19.35 -1.94 -68.56
C ALA J 660 18.46 -2.65 -67.55
N ILE J 661 18.52 -2.26 -66.29
CA ILE J 661 17.65 -2.85 -65.27
C ILE J 661 16.19 -2.57 -65.59
N LYS J 662 15.87 -1.34 -66.00
CA LYS J 662 14.51 -0.98 -66.35
C LYS J 662 14.01 -1.77 -67.55
N LYS J 663 14.88 -1.98 -68.55
CA LYS J 663 14.51 -2.78 -69.71
C LYS J 663 14.22 -4.22 -69.31
N VAL J 664 15.04 -4.78 -68.41
CA VAL J 664 14.76 -6.13 -67.93
C VAL J 664 13.42 -6.18 -67.19
N ARG J 665 13.16 -5.17 -66.34
CA ARG J 665 11.96 -5.21 -65.52
C ARG J 665 10.69 -4.93 -66.31
N GLU J 666 10.79 -4.21 -67.43
CA GLU J 666 9.63 -3.76 -68.17
C GLU J 666 9.46 -4.45 -69.52
N GLU J 667 10.50 -4.42 -70.37
CA GLU J 667 10.39 -5.03 -71.68
C GLU J 667 10.17 -6.54 -71.58
N MET J 668 10.91 -7.19 -70.69
CA MET J 668 10.73 -8.61 -70.44
C MET J 668 9.77 -8.90 -69.30
N GLY J 669 9.29 -7.87 -68.60
CA GLY J 669 8.34 -8.07 -67.52
C GLY J 669 8.87 -8.86 -66.35
N LEU J 670 10.18 -8.92 -66.18
CA LEU J 670 10.78 -9.69 -65.08
C LEU J 670 10.77 -8.82 -63.83
N THR J 671 9.68 -8.93 -63.07
CA THR J 671 9.52 -8.11 -61.87
C THR J 671 10.51 -8.51 -60.78
N ASN J 672 10.96 -9.75 -60.78
CA ASN J 672 11.80 -10.29 -59.71
C ASN J 672 13.22 -9.69 -59.69
N VAL J 673 13.54 -8.67 -60.48
CA VAL J 673 14.88 -8.09 -60.50
C VAL J 673 14.91 -6.92 -59.52
N TRP J 674 15.78 -7.02 -58.52
CA TRP J 674 16.05 -5.96 -57.56
C TRP J 674 17.48 -5.49 -57.76
N VAL J 675 17.81 -4.35 -57.15
CA VAL J 675 19.15 -3.78 -57.28
C VAL J 675 19.74 -3.55 -55.90
N MET J 676 21.06 -3.63 -55.82
CA MET J 676 21.79 -3.27 -54.61
C MET J 676 22.90 -2.29 -54.98
N PHE J 677 23.07 -1.27 -54.14
CA PHE J 677 24.09 -0.26 -54.34
C PHE J 677 25.36 -0.68 -53.61
N PRO J 678 26.47 -0.92 -54.31
CA PRO J 678 27.69 -1.35 -53.63
C PRO J 678 28.47 -0.18 -53.06
N PHE J 679 29.07 -0.42 -51.89
CA PHE J 679 30.01 0.50 -51.25
C PHE J 679 29.36 1.86 -50.98
N VAL J 680 28.29 1.81 -50.19
CA VAL J 680 27.56 3.02 -49.81
C VAL J 680 28.27 3.69 -48.66
N ARG J 681 28.53 4.99 -48.79
CA ARG J 681 29.29 5.74 -47.81
C ARG J 681 28.43 6.68 -46.97
N THR J 682 27.61 7.51 -47.60
CA THR J 682 26.85 8.53 -46.90
C THR J 682 25.39 8.50 -47.35
N THR J 683 24.52 9.06 -46.51
CA THR J 683 23.09 9.06 -46.81
C THR J 683 22.77 9.96 -48.00
N TRP J 684 23.43 11.12 -48.10
CA TRP J 684 23.12 12.05 -49.19
C TRP J 684 23.51 11.45 -50.54
N GLU J 685 24.62 10.72 -50.60
CA GLU J 685 24.98 10.04 -51.85
C GLU J 685 23.96 8.98 -52.21
N LEU J 686 23.43 8.27 -51.21
CA LEU J 686 22.41 7.26 -51.47
C LEU J 686 21.12 7.90 -52.00
N GLU J 687 20.72 9.02 -51.42
CA GLU J 687 19.52 9.70 -51.90
C GLU J 687 19.73 10.30 -53.28
N ARG J 688 20.95 10.76 -53.58
CA ARG J 688 21.23 11.25 -54.93
C ARG J 688 21.18 10.11 -55.95
N ALA J 689 21.72 8.95 -55.60
CA ALA J 689 21.59 7.79 -56.48
C ALA J 689 20.13 7.38 -56.66
N LEU J 690 19.34 7.44 -55.58
CA LEU J 690 17.93 7.09 -55.68
C LEU J 690 17.18 8.05 -56.58
N LYS J 691 17.45 9.35 -56.47
CA LYS J 691 16.78 10.31 -57.35
C LYS J 691 17.26 10.19 -58.79
N ILE J 692 18.52 9.81 -59.02
CA ILE J 692 18.97 9.52 -60.37
C ILE J 692 18.22 8.33 -60.93
N MET J 693 18.02 7.28 -60.12
CA MET J 693 17.24 6.13 -60.56
C MET J 693 15.81 6.53 -60.86
N GLU J 694 15.22 7.38 -60.02
CA GLU J 694 13.85 7.84 -60.26
C GLU J 694 13.75 8.63 -61.56
N GLU J 695 14.77 9.45 -61.86
CA GLU J 695 14.76 10.18 -63.12
C GLU J 695 14.78 9.25 -64.32
N GLU J 696 15.27 8.03 -64.14
CA GLU J 696 15.28 7.03 -65.20
C GLU J 696 14.04 6.15 -65.18
N GLY J 697 13.07 6.43 -64.32
CA GLY J 697 11.86 5.66 -64.23
C GLY J 697 11.93 4.44 -63.36
N LEU J 698 13.05 4.21 -62.67
CA LEU J 698 13.20 3.08 -61.76
C LEU J 698 12.98 3.60 -60.34
N LYS J 699 11.82 3.26 -59.78
CA LYS J 699 11.41 3.77 -58.48
C LYS J 699 11.21 2.63 -57.50
N ARG J 700 11.66 2.83 -56.26
CA ARG J 700 11.46 1.85 -55.20
C ARG J 700 9.97 1.69 -54.92
N GLY J 701 9.53 0.45 -54.82
CA GLY J 701 8.13 0.18 -54.60
C GLY J 701 7.91 -1.23 -54.06
N LYS J 702 6.65 -1.67 -54.14
CA LYS J 702 6.30 -3.00 -53.66
C LYS J 702 6.90 -4.09 -54.55
N ASP J 703 7.03 -3.84 -55.85
CA ASP J 703 7.57 -4.80 -56.78
C ASP J 703 9.05 -4.57 -57.09
N PHE J 704 9.66 -3.58 -56.46
CA PHE J 704 11.07 -3.25 -56.71
C PHE J 704 11.75 -2.97 -55.38
N LYS J 705 12.74 -3.76 -55.04
CA LYS J 705 13.49 -3.61 -53.79
C LYS J 705 14.87 -3.03 -54.08
N VAL J 706 15.30 -2.10 -53.23
CA VAL J 706 16.62 -1.48 -53.33
C VAL J 706 17.39 -1.80 -52.05
N TRP J 707 18.57 -2.38 -52.21
CA TRP J 707 19.43 -2.73 -51.10
C TRP J 707 20.68 -1.88 -51.11
N ALA J 708 21.36 -1.82 -49.97
CA ALA J 708 22.63 -1.11 -49.83
C ALA J 708 23.65 -2.06 -49.23
N MET J 709 24.83 -2.13 -49.85
CA MET J 709 25.90 -2.95 -49.30
C MET J 709 26.40 -2.37 -47.99
N ALA J 710 26.40 -3.20 -46.95
CA ALA J 710 26.88 -2.78 -45.64
C ALA J 710 28.33 -3.22 -45.46
N GLU J 711 29.20 -2.63 -46.29
CA GLU J 711 30.61 -2.92 -46.26
C GLU J 711 31.46 -1.73 -45.80
N VAL J 712 30.84 -0.63 -45.40
CA VAL J 712 31.54 0.55 -44.92
C VAL J 712 31.15 0.78 -43.46
N PRO J 713 32.11 1.10 -42.58
CA PRO J 713 31.75 1.30 -41.16
C PRO J 713 30.76 2.42 -40.93
N SER J 714 30.64 3.38 -41.85
CA SER J 714 29.59 4.39 -41.72
C SER J 714 28.21 3.75 -41.76
N ILE J 715 28.03 2.72 -42.59
CA ILE J 715 26.78 1.97 -42.59
C ILE J 715 26.58 1.28 -41.25
N VAL J 716 27.66 0.76 -40.67
CA VAL J 716 27.57 0.13 -39.35
C VAL J 716 27.07 1.12 -38.31
N LEU J 717 27.62 2.33 -38.33
CA LEU J 717 27.27 3.30 -37.30
C LEU J 717 25.91 3.94 -37.54
N LEU J 718 25.46 4.04 -38.78
CA LEU J 718 24.23 4.74 -39.12
C LEU J 718 23.30 3.88 -39.96
N ALA J 719 23.20 2.58 -39.64
CA ALA J 719 22.30 1.71 -40.38
C ALA J 719 20.85 2.14 -40.23
N ASP J 720 20.45 2.54 -39.02
CA ASP J 720 19.09 3.00 -38.79
C ASP J 720 18.77 4.25 -39.61
N LYS J 721 19.78 5.10 -39.84
CA LYS J 721 19.57 6.28 -40.68
C LYS J 721 19.49 5.91 -42.15
N PHE J 722 20.31 4.97 -42.60
CA PHE J 722 20.29 4.54 -43.98
C PHE J 722 19.02 3.76 -44.33
N ALA J 723 18.36 3.17 -43.33
CA ALA J 723 17.20 2.32 -43.60
C ALA J 723 16.03 3.09 -44.19
N GLU J 724 15.98 4.41 -44.04
CA GLU J 724 14.87 5.19 -44.61
C GLU J 724 14.94 5.26 -46.12
N TYR J 725 16.09 4.93 -46.72
CA TYR J 725 16.28 5.06 -48.16
C TYR J 725 16.25 3.74 -48.90
N VAL J 726 16.50 2.61 -48.23
CA VAL J 726 16.60 1.32 -48.89
C VAL J 726 15.65 0.34 -48.21
N ASP J 727 15.27 -0.69 -48.95
CA ASP J 727 14.39 -1.72 -48.39
C ASP J 727 15.16 -2.65 -47.45
N GLY J 728 16.46 -2.84 -47.69
CA GLY J 728 17.25 -3.70 -46.84
C GLY J 728 18.73 -3.48 -47.06
N PHE J 729 19.53 -4.22 -46.30
CA PHE J 729 20.97 -4.14 -46.38
C PHE J 729 21.56 -5.51 -46.68
N SER J 730 22.64 -5.50 -47.46
CA SER J 730 23.42 -6.70 -47.73
C SER J 730 24.81 -6.50 -47.15
N ILE J 731 25.19 -7.35 -46.20
CA ILE J 731 26.46 -7.21 -45.50
C ILE J 731 27.55 -7.84 -46.36
N GLY J 732 28.42 -7.01 -46.90
CA GLY J 732 29.58 -7.48 -47.63
C GLY J 732 30.71 -7.84 -46.70
N SER J 733 30.60 -9.00 -46.04
CA SER J 733 31.53 -9.36 -44.98
C SER J 733 32.98 -9.32 -45.43
N ASN J 734 33.25 -9.68 -46.70
CA ASN J 734 34.61 -9.63 -47.20
C ASN J 734 35.17 -8.21 -47.14
N ASP J 735 34.43 -7.25 -47.67
CA ASP J 735 34.86 -5.85 -47.62
C ASP J 735 34.62 -5.23 -46.25
N LEU J 736 33.58 -5.67 -45.54
CA LEU J 736 33.29 -5.10 -44.23
C LEU J 736 34.40 -5.41 -43.24
N THR J 737 34.91 -6.64 -43.26
CA THR J 737 36.03 -6.99 -42.40
C THR J 737 37.26 -6.16 -42.74
N GLN J 738 37.53 -5.98 -44.03
CA GLN J 738 38.68 -5.20 -44.47
C GLN J 738 38.59 -3.77 -43.98
N LEU J 739 37.40 -3.15 -44.09
CA LEU J 739 37.26 -1.76 -43.71
C LEU J 739 37.20 -1.57 -42.20
N ILE J 740 36.56 -2.51 -41.48
CA ILE J 740 36.50 -2.42 -40.03
C ILE J 740 37.88 -2.58 -39.42
N LEU J 741 38.65 -3.56 -39.91
CA LEU J 741 39.99 -3.78 -39.41
C LEU J 741 41.03 -2.89 -40.08
N GLY J 742 40.68 -2.19 -41.16
CA GLY J 742 41.65 -1.37 -41.85
C GLY J 742 42.81 -2.15 -42.44
N ALA J 743 42.53 -3.32 -42.99
CA ALA J 743 43.55 -4.17 -43.59
C ALA J 743 43.08 -4.65 -44.96
N ASP J 744 44.02 -4.82 -45.87
CA ASP J 744 43.73 -5.20 -47.26
C ASP J 744 44.25 -6.61 -47.51
N ARG J 745 43.40 -7.45 -48.11
CA ARG J 745 43.64 -8.89 -48.12
C ARG J 745 44.81 -9.31 -49.01
N ASP J 746 44.98 -8.70 -50.18
CA ASP J 746 46.01 -9.17 -51.11
C ASP J 746 47.42 -8.98 -50.56
N SER J 747 47.58 -8.19 -49.51
CA SER J 747 48.86 -8.09 -48.81
C SER J 747 49.12 -9.40 -48.09
N ASN J 748 50.12 -10.16 -48.56
CA ASN J 748 50.38 -11.47 -47.98
C ASN J 748 50.83 -11.38 -46.53
N ILE J 749 51.51 -10.30 -46.16
CA ILE J 749 52.00 -10.15 -44.78
C ILE J 749 50.82 -10.09 -43.82
N LEU J 750 49.83 -9.25 -44.13
CA LEU J 750 48.67 -9.13 -43.25
C LEU J 750 47.86 -10.42 -43.22
N ALA J 751 47.76 -11.11 -44.37
CA ALA J 751 47.03 -12.37 -44.42
C ALA J 751 47.70 -13.44 -43.57
N GLU J 752 49.03 -13.48 -43.57
CA GLU J 752 49.75 -14.49 -42.82
C GLU J 752 49.50 -14.36 -41.31
N MET J 753 49.41 -13.12 -40.82
CA MET J 753 49.17 -12.90 -39.40
C MET J 753 47.77 -13.31 -38.96
N GLY J 754 46.87 -13.60 -39.89
CA GLY J 754 45.53 -14.00 -39.53
C GLY J 754 44.58 -12.86 -39.25
N TYR J 755 44.85 -11.68 -39.80
CA TYR J 755 43.95 -10.54 -39.58
C TYR J 755 42.58 -10.78 -40.19
N PHE J 756 42.54 -11.38 -41.38
CA PHE J 756 41.31 -11.46 -42.16
C PHE J 756 40.48 -12.67 -41.73
N ASP J 757 40.14 -12.66 -40.45
CA ASP J 757 39.23 -13.63 -39.85
C ASP J 757 37.90 -12.92 -39.62
N GLU J 758 36.86 -13.37 -40.32
CA GLU J 758 35.54 -12.77 -40.16
C GLU J 758 34.91 -13.11 -38.82
N ARG J 759 35.51 -14.01 -38.04
CA ARG J 759 35.12 -14.26 -36.67
C ARG J 759 35.69 -13.24 -35.69
N ASP J 760 36.29 -12.17 -36.20
CA ASP J 760 36.87 -11.16 -35.33
C ASP J 760 35.78 -10.51 -34.49
N PRO J 761 36.05 -10.20 -33.22
CA PRO J 761 35.01 -9.57 -32.38
C PRO J 761 34.51 -8.25 -32.92
N ALA J 762 35.38 -7.45 -33.55
CA ALA J 762 34.93 -6.17 -34.10
C ALA J 762 33.97 -6.38 -35.26
N VAL J 763 34.27 -7.32 -36.15
CA VAL J 763 33.37 -7.59 -37.27
C VAL J 763 32.04 -8.12 -36.77
N LEU J 764 32.07 -9.01 -35.78
CA LEU J 764 30.83 -9.54 -35.22
C LEU J 764 30.00 -8.45 -34.57
N ALA J 765 30.66 -7.55 -33.83
CA ALA J 765 29.93 -6.44 -33.21
C ALA J 765 29.33 -5.52 -34.25
N GLY J 766 30.07 -5.25 -35.33
CA GLY J 766 29.53 -4.42 -36.39
C GLY J 766 28.33 -5.06 -37.07
N ILE J 767 28.42 -6.37 -37.34
CA ILE J 767 27.30 -7.08 -37.95
C ILE J 767 26.08 -7.06 -37.03
N LYS J 768 26.31 -7.28 -35.73
CA LYS J 768 25.21 -7.24 -34.77
C LYS J 768 24.56 -5.87 -34.74
N MET J 769 25.37 -4.81 -34.75
CA MET J 769 24.83 -3.46 -34.75
C MET J 769 24.01 -3.19 -36.02
N ILE J 770 24.53 -3.62 -37.17
CA ILE J 770 23.79 -3.44 -38.42
C ILE J 770 22.45 -4.14 -38.35
N ILE J 771 22.45 -5.39 -37.89
CA ILE J 771 21.20 -6.16 -37.82
C ILE J 771 20.21 -5.51 -36.88
N GLU J 772 20.68 -5.08 -35.70
CA GLU J 772 19.80 -4.48 -34.72
C GLU J 772 19.20 -3.18 -35.25
N LYS J 773 20.02 -2.31 -35.86
CA LYS J 773 19.51 -1.05 -36.37
C LYS J 773 18.52 -1.28 -37.51
N ALA J 774 18.86 -2.17 -38.45
CA ALA J 774 17.98 -2.40 -39.59
C ALA J 774 16.65 -2.98 -39.15
N HIS J 775 16.66 -3.92 -38.20
CA HIS J 775 15.40 -4.47 -37.71
C HIS J 775 14.64 -3.49 -36.84
N SER J 776 15.32 -2.57 -36.17
CA SER J 776 14.62 -1.49 -35.47
C SER J 776 13.93 -0.55 -36.44
N LYS J 777 14.50 -0.34 -37.63
CA LYS J 777 13.86 0.47 -38.65
C LYS J 777 13.11 -0.37 -39.68
N GLY J 778 12.93 -1.66 -39.43
CA GLY J 778 12.13 -2.49 -40.31
C GLY J 778 12.74 -2.85 -41.63
N ALA J 779 14.07 -2.81 -41.74
CA ALA J 779 14.76 -3.15 -42.97
C ALA J 779 15.34 -4.56 -42.87
N THR J 780 15.28 -5.29 -43.98
CA THR J 780 15.82 -6.63 -44.03
C THR J 780 17.35 -6.59 -44.05
N VAL J 781 17.96 -7.66 -43.55
CA VAL J 781 19.41 -7.80 -43.51
C VAL J 781 19.82 -9.06 -44.24
N SER J 782 20.79 -8.94 -45.14
CA SER J 782 21.35 -10.07 -45.85
C SER J 782 22.87 -10.01 -45.73
N ILE J 783 23.51 -11.16 -45.94
CA ILE J 783 24.96 -11.25 -45.96
C ILE J 783 25.39 -12.02 -47.21
N CYS J 784 26.36 -11.48 -47.94
CA CYS J 784 26.87 -12.09 -49.17
C CYS J 784 28.40 -12.06 -49.08
N GLY J 785 28.97 -13.10 -48.50
CA GLY J 785 30.41 -13.19 -48.35
C GLY J 785 30.83 -14.62 -48.13
N GLN J 786 32.13 -14.79 -47.91
CA GLN J 786 32.69 -16.13 -47.70
C GLN J 786 32.58 -16.59 -46.25
N ALA J 787 32.20 -15.71 -45.33
CA ALA J 787 32.09 -16.11 -43.93
C ALA J 787 31.08 -17.21 -43.70
N PRO J 788 29.83 -17.14 -44.18
CA PRO J 788 28.90 -18.25 -43.95
C PRO J 788 29.28 -19.52 -44.69
N SER J 789 30.10 -19.43 -45.73
CA SER J 789 30.45 -20.60 -46.52
C SER J 789 31.43 -21.52 -45.81
N VAL J 790 32.28 -20.98 -44.93
CA VAL J 790 33.36 -21.74 -44.33
C VAL J 790 33.20 -21.89 -42.82
N TYR J 791 32.67 -20.87 -42.13
CA TYR J 791 32.62 -20.91 -40.68
C TYR J 791 31.20 -21.18 -40.21
N PRO J 792 30.92 -22.36 -39.65
CA PRO J 792 29.57 -22.62 -39.10
C PRO J 792 29.19 -21.69 -37.96
N GLU J 793 30.15 -21.27 -37.13
CA GLU J 793 29.84 -20.39 -36.01
C GLU J 793 29.36 -19.02 -36.48
N ILE J 794 29.89 -18.52 -37.61
CA ILE J 794 29.37 -17.29 -38.19
C ILE J 794 27.90 -17.46 -38.55
N VAL J 795 27.55 -18.60 -39.15
CA VAL J 795 26.16 -18.85 -39.51
C VAL J 795 25.29 -18.91 -38.26
N GLU J 796 25.77 -19.58 -37.21
CA GLU J 796 25.01 -19.67 -35.97
C GLU J 796 24.78 -18.28 -35.37
N PHE J 797 25.83 -17.46 -35.33
CA PHE J 797 25.69 -16.11 -34.80
C PHE J 797 24.73 -15.27 -35.64
N LEU J 798 24.79 -15.40 -36.96
CA LEU J 798 23.90 -14.64 -37.83
C LEU J 798 22.45 -15.03 -37.62
N VAL J 799 22.18 -16.34 -37.54
CA VAL J 799 20.81 -16.81 -37.34
C VAL J 799 20.30 -16.41 -35.97
N GLU J 800 21.17 -16.46 -34.95
CA GLU J 800 20.77 -16.02 -33.62
C GLU J 800 20.43 -14.53 -33.62
N ALA J 801 21.23 -13.72 -34.31
CA ALA J 801 20.94 -12.30 -34.41
C ALA J 801 19.65 -12.02 -35.16
N GLY J 802 19.19 -12.95 -35.98
CA GLY J 802 17.93 -12.79 -36.70
C GLY J 802 18.09 -12.24 -38.09
N ILE J 803 19.16 -12.64 -38.78
CA ILE J 803 19.38 -12.17 -40.14
C ILE J 803 18.30 -12.72 -41.05
N ASP J 804 17.86 -11.89 -42.00
CA ASP J 804 16.73 -12.27 -42.85
C ASP J 804 17.13 -13.30 -43.91
N SER J 805 18.31 -13.16 -44.50
CA SER J 805 18.73 -14.09 -45.54
C SER J 805 20.24 -14.19 -45.54
N ILE J 806 20.74 -15.29 -46.09
CA ILE J 806 22.17 -15.55 -46.23
C ILE J 806 22.44 -15.94 -47.67
N SER J 807 23.36 -15.23 -48.32
CA SER J 807 23.73 -15.50 -49.70
C SER J 807 25.11 -16.14 -49.72
N VAL J 808 25.21 -17.32 -50.31
CA VAL J 808 26.45 -18.10 -50.33
C VAL J 808 26.74 -18.52 -51.76
N ASN J 809 27.94 -19.09 -51.94
CA ASN J 809 28.32 -19.65 -53.23
C ASN J 809 27.48 -20.88 -53.53
N PRO J 810 27.32 -21.22 -54.81
CA PRO J 810 26.48 -22.40 -55.14
C PRO J 810 26.92 -23.68 -54.47
N ASP J 811 28.23 -23.97 -54.48
CA ASP J 811 28.71 -25.22 -53.88
C ASP J 811 28.47 -25.29 -52.38
N ALA J 812 28.22 -24.14 -51.74
CA ALA J 812 27.94 -24.10 -50.31
C ALA J 812 26.45 -23.92 -50.02
N VAL J 813 25.58 -24.03 -51.02
CA VAL J 813 24.16 -23.80 -50.79
C VAL J 813 23.57 -24.90 -49.91
N ILE J 814 23.62 -26.14 -50.39
CA ILE J 814 22.90 -27.23 -49.73
C ILE J 814 23.33 -27.36 -48.28
N ALA J 815 24.64 -27.43 -48.03
CA ALA J 815 25.14 -27.52 -46.66
C ALA J 815 24.59 -26.39 -45.81
N THR J 816 24.66 -25.16 -46.32
CA THR J 816 24.12 -24.02 -45.57
C THR J 816 22.65 -24.24 -45.25
N ARG J 817 21.88 -24.68 -46.25
CA ARG J 817 20.46 -24.93 -46.01
C ARG J 817 20.26 -25.94 -44.90
N ARG J 818 21.14 -26.96 -44.83
CA ARG J 818 21.09 -27.85 -43.68
C ARG J 818 21.47 -27.10 -42.41
N LEU J 819 22.64 -26.45 -42.41
CA LEU J 819 23.19 -25.89 -41.18
C LEU J 819 22.22 -24.89 -40.57
N VAL J 820 21.79 -23.89 -41.36
CA VAL J 820 20.86 -22.90 -40.86
C VAL J 820 19.66 -23.59 -40.23
N ALA J 821 19.08 -24.57 -40.93
CA ALA J 821 17.92 -25.26 -40.39
C ALA J 821 18.21 -25.80 -39.00
N SER J 822 19.30 -26.55 -38.85
CA SER J 822 19.65 -27.09 -37.55
C SER J 822 19.76 -25.97 -36.53
N ILE J 823 20.48 -24.90 -36.89
CA ILE J 823 20.67 -23.79 -35.97
C ILE J 823 19.32 -23.23 -35.55
N GLU J 824 18.43 -23.02 -36.53
CA GLU J 824 17.11 -22.52 -36.21
C GLU J 824 16.44 -23.43 -35.19
N ARG J 825 16.45 -24.74 -35.45
CA ARG J 825 15.85 -25.68 -34.51
C ARG J 825 16.50 -25.53 -33.15
N LYS J 826 17.83 -25.46 -33.11
CA LYS J 826 18.51 -25.26 -31.83
C LYS J 826 18.04 -24.00 -31.15
N ILE J 827 17.98 -22.89 -31.89
CA ILE J 827 17.49 -21.65 -31.31
C ILE J 827 16.08 -21.84 -30.80
N MET J 828 15.25 -22.55 -31.58
CA MET J 828 13.85 -22.70 -31.22
C MET J 828 13.72 -23.47 -29.91
N LEU J 829 14.72 -24.30 -29.58
CA LEU J 829 14.79 -24.88 -28.24
C LEU J 829 15.25 -23.84 -27.22
N LYS J 830 16.40 -23.20 -27.48
CA LYS J 830 17.05 -22.38 -26.46
C LYS J 830 16.12 -21.28 -25.96
N ARG J 831 15.54 -20.52 -26.89
CA ARG J 831 14.60 -19.47 -26.51
C ARG J 831 13.53 -19.99 -25.58
N LEU J 832 12.94 -21.15 -25.91
CA LEU J 832 11.92 -21.73 -25.03
C LEU J 832 12.44 -21.86 -23.62
N ASN J 833 13.62 -22.48 -23.45
CA ASN J 833 14.20 -22.60 -22.12
C ASN J 833 14.30 -21.23 -21.46
N LYS J 834 14.88 -20.25 -22.17
CA LYS J 834 15.00 -18.92 -21.59
C LYS J 834 13.65 -18.41 -21.11
N ILE J 835 12.62 -18.57 -21.95
CA ILE J 835 11.29 -18.09 -21.57
C ILE J 835 10.88 -18.72 -20.25
N MET J 836 11.02 -20.05 -20.14
CA MET J 836 10.67 -20.71 -18.88
C MET J 836 11.47 -20.11 -17.74
N ASP J 837 12.78 -19.98 -17.91
CA ASP J 837 13.60 -19.38 -16.87
C ASP J 837 13.11 -17.98 -16.56
N LYS J 838 12.84 -17.18 -17.61
CA LYS J 838 12.30 -15.86 -17.39
C LYS J 838 11.01 -15.93 -16.59
N LEU J 839 10.13 -16.85 -16.97
CA LEU J 839 8.86 -16.99 -16.27
C LEU J 839 9.10 -17.33 -14.80
N ASN J 840 10.12 -18.15 -14.53
CA ASN J 840 10.44 -18.46 -13.14
C ASN J 840 10.71 -17.20 -12.35
N LYS J 841 11.52 -16.30 -12.92
CA LYS J 841 11.88 -15.08 -12.20
C LYS J 841 10.64 -14.21 -11.95
N LEU J 842 9.60 -14.40 -12.76
CA LEU J 842 8.37 -13.65 -12.53
C LEU J 842 7.62 -14.18 -11.31
N GLU J 843 7.66 -15.50 -11.08
CA GLU J 843 6.88 -16.05 -9.99
C GLU J 843 7.63 -15.96 -8.66
N LEU J 844 8.91 -15.63 -8.70
CA LEU J 844 9.69 -15.50 -7.47
C LEU J 844 10.26 -14.10 -7.33
N SER K 522 50.90 46.71 -25.78
CA SER K 522 50.63 45.75 -26.85
C SER K 522 49.30 45.05 -26.61
N PRO K 523 48.21 45.69 -27.04
CA PRO K 523 46.88 45.12 -26.77
C PRO K 523 46.59 43.81 -27.49
N GLU K 524 47.33 43.48 -28.55
CA GLU K 524 46.99 42.32 -29.37
C GLU K 524 47.18 41.01 -28.61
N GLN K 525 48.06 40.98 -27.61
CA GLN K 525 48.17 39.78 -26.79
C GLN K 525 47.22 39.79 -25.60
N LEU K 526 46.46 40.88 -25.40
CA LEU K 526 45.50 40.95 -24.30
C LEU K 526 44.15 40.34 -24.64
N LEU K 527 43.92 39.99 -25.91
CA LEU K 527 42.65 39.36 -26.28
C LEU K 527 42.38 38.06 -25.55
N PRO K 528 43.32 37.10 -25.47
CA PRO K 528 43.01 35.85 -24.76
C PRO K 528 42.81 36.03 -23.27
N LEU K 529 43.27 37.12 -22.68
CA LEU K 529 43.17 37.33 -21.24
C LEU K 529 41.82 37.95 -20.83
N TYR K 530 40.96 38.27 -21.78
CA TYR K 530 39.65 38.81 -21.44
C TYR K 530 38.79 37.74 -20.78
N PRO K 531 37.82 38.14 -19.97
CA PRO K 531 36.99 37.15 -19.27
C PRO K 531 36.25 36.25 -20.25
N VAL K 532 36.11 34.98 -19.86
CA VAL K 532 35.45 33.97 -20.69
C VAL K 532 33.97 33.95 -20.33
N THR K 533 33.12 34.05 -21.35
CA THR K 533 31.68 34.07 -21.16
C THR K 533 31.04 32.90 -21.89
N ALA K 534 30.09 32.24 -21.24
CA ALA K 534 29.31 31.20 -21.90
C ALA K 534 28.50 31.78 -23.05
N THR K 535 27.87 32.92 -22.82
CA THR K 535 27.13 33.59 -23.89
C THR K 535 28.09 34.28 -24.85
N LYS K 536 27.90 34.05 -26.14
CA LYS K 536 28.76 34.66 -27.13
C LYS K 536 28.51 36.16 -27.23
N ILE K 537 29.58 36.93 -27.27
CA ILE K 537 29.50 38.38 -27.36
C ILE K 537 29.79 38.76 -28.80
N TYR K 538 28.74 39.11 -29.54
CA TYR K 538 28.88 39.52 -30.93
C TYR K 538 28.97 41.04 -31.03
N MET K 539 29.32 41.51 -32.21
CA MET K 539 29.50 42.94 -32.46
C MET K 539 28.63 43.38 -33.64
N ASN K 540 28.12 44.60 -33.56
CA ASN K 540 27.34 45.20 -34.64
C ASN K 540 28.26 46.05 -35.49
N LEU K 541 28.22 45.82 -36.80
CA LEU K 541 29.05 46.55 -37.75
C LEU K 541 28.18 47.08 -38.88
N GLY K 542 28.38 48.36 -39.23
CA GLY K 542 27.67 48.96 -40.33
C GLY K 542 28.58 49.37 -41.47
N GLU K 543 29.82 49.75 -41.13
CA GLU K 543 30.80 50.15 -42.12
C GLU K 543 31.90 49.10 -42.20
N PRO K 544 32.13 48.47 -43.35
CA PRO K 544 33.20 47.48 -43.44
C PRO K 544 34.56 48.01 -43.08
N ASP K 545 34.87 49.25 -43.48
CA ASP K 545 36.19 49.82 -43.21
C ASP K 545 36.44 50.02 -41.72
N ALA K 546 35.41 49.94 -40.90
CA ALA K 546 35.57 50.05 -39.44
C ALA K 546 35.97 48.73 -38.81
N ILE K 547 36.06 47.64 -39.57
CA ILE K 547 36.45 46.37 -38.97
C ILE K 547 37.89 46.41 -38.49
N GLU K 548 38.74 47.20 -39.13
CA GLU K 548 40.13 47.29 -38.72
C GLU K 548 40.29 48.10 -37.43
N LYS K 549 39.37 49.03 -37.18
CA LYS K 549 39.42 49.79 -35.92
C LYS K 549 39.10 48.91 -34.73
N TYR K 550 38.17 47.97 -34.89
CA TYR K 550 37.68 47.15 -33.79
C TYR K 550 38.20 45.71 -33.85
N LYS K 551 39.28 45.47 -34.60
CA LYS K 551 39.84 44.13 -34.69
C LYS K 551 40.43 43.64 -33.37
N ASP K 552 40.74 44.56 -32.45
CA ASP K 552 41.32 44.20 -31.17
C ASP K 552 40.28 44.11 -30.05
N LEU K 553 39.00 44.03 -30.40
CA LEU K 553 38.01 43.86 -29.35
C LEU K 553 37.70 42.39 -29.13
N PRO K 554 37.37 42.00 -27.89
CA PRO K 554 37.06 40.58 -27.62
C PRO K 554 35.63 40.21 -27.98
N PHE K 555 35.37 40.14 -29.28
CA PHE K 555 34.07 39.74 -29.79
C PHE K 555 34.19 38.37 -30.47
N ASP K 556 33.15 37.56 -30.34
CA ASP K 556 33.13 36.23 -30.91
C ASP K 556 32.62 36.21 -32.34
N GLY K 557 32.29 37.36 -32.90
CA GLY K 557 31.82 37.44 -34.27
C GLY K 557 31.01 38.70 -34.48
N ILE K 558 30.57 38.87 -35.72
CA ILE K 558 29.71 39.98 -36.10
C ILE K 558 28.28 39.43 -36.14
N GLY K 559 27.53 39.68 -35.07
CA GLY K 559 26.16 39.23 -35.01
C GLY K 559 25.19 40.02 -35.86
N LEU K 560 25.62 41.17 -36.38
CA LEU K 560 24.75 41.99 -37.24
C LEU K 560 25.64 42.84 -38.13
N MET K 561 25.68 42.52 -39.41
CA MET K 561 26.37 43.33 -40.40
C MET K 561 25.32 44.06 -41.24
N ARG K 562 25.34 45.38 -41.18
CA ARG K 562 24.38 46.20 -41.90
C ARG K 562 24.95 46.55 -43.28
N ILE K 563 24.26 46.11 -44.33
CA ILE K 563 24.70 46.36 -45.69
C ILE K 563 24.04 47.64 -46.20
N GLU K 564 23.29 48.31 -45.32
CA GLU K 564 22.65 49.57 -45.71
C GLU K 564 23.70 50.62 -46.09
N PHE K 565 24.78 50.69 -45.32
CA PHE K 565 25.84 51.66 -45.63
C PHE K 565 26.51 51.34 -46.96
N ILE K 566 26.70 50.05 -47.26
CA ILE K 566 27.33 49.68 -48.53
C ILE K 566 26.46 50.10 -49.70
N ILE K 567 25.15 49.83 -49.62
CA ILE K 567 24.25 50.18 -50.71
C ILE K 567 24.15 51.71 -50.84
N THR K 568 24.13 52.41 -49.71
CA THR K 568 23.95 53.86 -49.76
C THR K 568 25.19 54.57 -50.29
N ASP K 569 26.37 54.18 -49.81
CA ASP K 569 27.59 54.94 -50.07
C ASP K 569 28.54 54.26 -51.07
N TRP K 570 28.45 52.96 -51.26
CA TRP K 570 29.29 52.29 -52.23
C TRP K 570 28.57 52.00 -53.55
N VAL K 571 27.24 52.03 -53.55
CA VAL K 571 26.45 51.79 -54.75
C VAL K 571 25.73 53.05 -55.22
N GLN K 572 25.08 53.76 -54.29
CA GLN K 572 24.30 54.97 -54.55
C GLN K 572 23.10 54.73 -55.47
N TYR K 573 22.89 53.50 -55.93
CA TYR K 573 21.87 53.23 -56.93
C TYR K 573 20.90 52.16 -56.44
N HIS K 574 19.64 52.32 -56.82
CA HIS K 574 18.64 51.31 -56.54
C HIS K 574 18.97 50.03 -57.29
N PRO K 575 18.94 48.87 -56.63
CA PRO K 575 19.29 47.63 -57.34
C PRO K 575 18.42 47.35 -58.55
N LEU K 576 17.12 47.65 -58.47
CA LEU K 576 16.26 47.48 -59.63
C LEU K 576 16.66 48.41 -60.77
N TYR K 577 17.07 49.64 -60.45
CA TYR K 577 17.56 50.54 -61.48
C TYR K 577 18.81 50.00 -62.15
N LEU K 578 19.72 49.42 -61.35
CA LEU K 578 20.91 48.83 -61.93
C LEU K 578 20.57 47.63 -62.81
N ILE K 579 19.58 46.84 -62.41
CA ILE K 579 19.11 45.73 -63.24
C ILE K 579 18.55 46.26 -64.56
N GLU K 580 17.76 47.33 -64.50
CA GLU K 580 17.23 47.92 -65.72
C GLU K 580 18.35 48.43 -66.62
N GLN K 581 19.36 49.06 -66.04
CA GLN K 581 20.53 49.51 -66.80
C GLN K 581 21.53 48.39 -67.04
N GLY K 582 21.27 47.18 -66.57
CA GLY K 582 22.19 46.08 -66.76
C GLY K 582 23.50 46.23 -65.99
N LYS K 583 23.43 46.75 -64.76
CA LYS K 583 24.63 46.93 -63.96
C LYS K 583 24.53 46.16 -62.65
N GLU K 584 24.03 44.92 -62.73
CA GLU K 584 23.99 44.06 -61.55
C GLU K 584 25.38 43.77 -61.02
N SER K 585 26.38 43.76 -61.91
CA SER K 585 27.74 43.43 -61.52
C SER K 585 28.28 44.42 -60.49
N LEU K 586 28.00 45.71 -60.67
CA LEU K 586 28.50 46.71 -59.73
C LEU K 586 27.94 46.47 -58.32
N PHE K 587 26.63 46.31 -58.21
CA PHE K 587 25.99 46.08 -56.91
C PHE K 587 26.51 44.80 -56.27
N ILE K 588 26.55 43.70 -57.03
CA ILE K 588 27.01 42.43 -56.49
C ILE K 588 28.46 42.53 -56.03
N ASP K 589 29.31 43.17 -56.84
CA ASP K 589 30.72 43.26 -56.51
C ASP K 589 30.98 44.14 -55.31
N LYS K 590 30.24 45.24 -55.17
CA LYS K 590 30.43 46.09 -53.99
C LYS K 590 29.98 45.37 -52.72
N LEU K 591 28.83 44.70 -52.75
CA LEU K 591 28.42 43.92 -51.59
C LEU K 591 29.43 42.83 -51.28
N ALA K 592 29.92 42.14 -52.32
CA ALA K 592 30.89 41.07 -52.11
C ALA K 592 32.17 41.62 -51.52
N GLU K 593 32.64 42.76 -52.00
CA GLU K 593 33.86 43.35 -51.46
C GLU K 593 33.71 43.69 -49.99
N GLY K 594 32.62 44.36 -49.62
CA GLY K 594 32.43 44.71 -48.22
C GLY K 594 32.31 43.48 -47.33
N ILE K 595 31.48 42.51 -47.73
CA ILE K 595 31.26 41.33 -46.90
C ILE K 595 32.53 40.50 -46.81
N ALA K 596 33.28 40.39 -47.92
CA ALA K 596 34.53 39.63 -47.91
C ALA K 596 35.57 40.29 -47.02
N LYS K 597 35.66 41.63 -47.07
CA LYS K 597 36.58 42.32 -46.17
C LYS K 597 36.24 42.04 -44.72
N VAL K 598 34.96 42.17 -44.36
CA VAL K 598 34.57 41.93 -42.97
C VAL K 598 34.82 40.49 -42.57
N ALA K 599 34.50 39.53 -43.44
CA ALA K 599 34.65 38.12 -43.09
C ALA K 599 36.12 37.73 -42.97
N GLN K 600 36.96 38.18 -43.90
CA GLN K 600 38.38 37.85 -43.85
C GLN K 600 39.06 38.54 -42.68
N ALA K 601 38.58 39.71 -42.27
CA ALA K 601 39.21 40.41 -41.16
C ALA K 601 39.05 39.65 -39.84
N ILE K 602 37.99 38.85 -39.70
CA ILE K 602 37.72 38.16 -38.45
C ILE K 602 37.56 36.66 -38.63
N TYR K 603 38.09 36.10 -39.72
CA TYR K 603 37.98 34.67 -39.94
C TYR K 603 38.70 33.93 -38.81
N PRO K 604 38.13 32.81 -38.32
CA PRO K 604 36.90 32.15 -38.75
C PRO K 604 35.65 32.55 -37.97
N ARG K 605 35.65 33.69 -37.28
CA ARG K 605 34.47 34.09 -36.53
C ARG K 605 33.33 34.41 -37.49
N PRO K 606 32.10 34.02 -37.17
CA PRO K 606 31.00 34.20 -38.11
C PRO K 606 30.65 35.67 -38.32
N VAL K 607 30.19 35.96 -39.53
CA VAL K 607 29.68 37.28 -39.90
C VAL K 607 28.24 37.09 -40.35
N VAL K 608 27.29 37.57 -39.56
CA VAL K 608 25.87 37.44 -39.87
C VAL K 608 25.46 38.69 -40.63
N VAL K 609 25.39 38.58 -41.95
CA VAL K 609 25.01 39.70 -42.82
C VAL K 609 23.50 39.81 -42.83
N ARG K 610 23.00 41.02 -42.57
CA ARG K 610 21.58 41.30 -42.67
C ARG K 610 21.24 41.74 -44.08
N PHE K 611 20.16 41.19 -44.63
CA PHE K 611 19.70 41.60 -45.94
C PHE K 611 19.20 43.04 -45.89
N SER K 612 18.77 43.56 -47.04
CA SER K 612 18.39 44.96 -47.16
C SER K 612 17.26 45.32 -46.20
N ASP K 613 17.58 46.16 -45.21
CA ASP K 613 16.63 46.58 -44.19
C ASP K 613 16.02 47.94 -44.50
N PHE K 614 16.21 48.46 -45.71
CA PHE K 614 15.70 49.77 -46.07
C PHE K 614 14.17 49.78 -46.07
N LYS K 615 13.61 50.96 -45.81
CA LYS K 615 12.19 51.20 -46.00
C LYS K 615 11.98 51.80 -47.40
N THR K 616 10.71 51.95 -47.79
CA THR K 616 10.42 52.50 -49.10
C THR K 616 10.94 53.94 -49.23
N ASN K 617 10.75 54.74 -48.18
CA ASN K 617 11.28 56.10 -48.19
C ASN K 617 12.81 56.10 -48.21
N GLU K 618 13.43 55.17 -47.48
CA GLU K 618 14.88 55.04 -47.54
C GLU K 618 15.34 54.53 -48.90
N TYR K 619 14.56 53.65 -49.52
CA TYR K 619 14.88 53.17 -50.85
C TYR K 619 14.82 54.29 -51.87
N ARG K 620 13.84 55.20 -51.72
CA ARG K 620 13.74 56.32 -52.65
C ARG K 620 14.94 57.24 -52.60
N GLY K 621 15.70 57.24 -51.50
CA GLY K 621 16.92 58.02 -51.44
C GLY K 621 17.98 57.57 -52.41
N LEU K 622 17.95 56.32 -52.84
CA LEU K 622 18.88 55.83 -53.84
C LEU K 622 18.56 56.43 -55.20
N LYS K 623 19.59 56.50 -56.04
CA LYS K 623 19.42 57.06 -57.38
C LYS K 623 18.55 56.14 -58.23
N GLY K 624 17.54 56.72 -58.88
CA GLY K 624 16.65 55.96 -59.72
C GLY K 624 15.63 55.12 -58.98
N GLY K 625 15.52 55.27 -57.66
CA GLY K 625 14.59 54.50 -56.87
C GLY K 625 13.17 55.02 -56.83
N GLU K 626 12.92 56.20 -57.39
CA GLU K 626 11.57 56.75 -57.36
C GLU K 626 10.61 55.93 -58.23
N LYS K 627 11.11 55.32 -59.30
CA LYS K 627 10.25 54.56 -60.20
C LYS K 627 9.83 53.21 -59.62
N TYR K 628 10.58 52.68 -58.66
CA TYR K 628 10.33 51.35 -58.14
C TYR K 628 9.75 51.34 -56.73
N GLU K 629 9.74 52.47 -56.04
CA GLU K 629 9.28 52.53 -54.66
C GLU K 629 7.98 53.33 -54.58
N PRO K 630 6.86 52.70 -54.26
CA PRO K 630 5.61 53.45 -54.11
C PRO K 630 5.63 54.29 -52.84
N GLU K 631 4.90 55.39 -52.88
CA GLU K 631 4.76 56.23 -51.70
C GLU K 631 3.87 55.55 -50.68
N GLU K 632 4.41 55.28 -49.50
CA GLU K 632 3.67 54.54 -48.49
C GLU K 632 3.40 55.41 -47.28
N ARG K 633 2.18 55.29 -46.78
CA ARG K 633 1.75 55.99 -45.58
C ARG K 633 2.51 55.48 -44.35
N ASN K 634 2.71 54.17 -44.22
CA ASN K 634 3.52 53.61 -43.12
C ASN K 634 4.54 52.62 -43.64
N PRO K 635 5.66 53.10 -44.20
CA PRO K 635 6.74 52.17 -44.57
C PRO K 635 7.33 51.42 -43.39
N MET K 636 7.20 51.97 -42.17
CA MET K 636 7.71 51.29 -40.99
C MET K 636 7.08 49.92 -40.83
N ILE K 637 5.79 49.80 -41.15
CA ILE K 637 5.12 48.51 -41.17
C ILE K 637 4.64 48.27 -42.60
N GLY K 638 5.39 48.78 -43.57
CA GLY K 638 5.02 48.66 -44.96
C GLY K 638 5.76 47.54 -45.68
N TRP K 639 5.92 47.73 -46.98
CA TRP K 639 6.57 46.74 -47.85
C TRP K 639 8.07 46.77 -47.61
N ARG K 640 8.55 45.89 -46.73
CA ARG K 640 9.96 45.83 -46.38
C ARG K 640 10.28 44.43 -45.88
N GLY K 641 11.57 44.13 -45.85
CA GLY K 641 12.00 42.84 -45.33
C GLY K 641 11.68 41.71 -46.27
N VAL K 642 11.33 40.56 -45.70
CA VAL K 642 11.07 39.36 -46.49
C VAL K 642 9.89 39.58 -47.43
N SER K 643 8.88 40.31 -46.96
CA SER K 643 7.75 40.65 -47.83
C SER K 643 8.22 41.34 -49.10
N ARG K 644 9.28 42.14 -49.01
CA ARG K 644 9.84 42.76 -50.19
C ARG K 644 10.63 41.76 -51.03
N TYR K 645 11.36 40.85 -50.38
CA TYR K 645 12.24 39.95 -51.11
C TYR K 645 11.46 38.97 -51.97
N ILE K 646 10.38 38.39 -51.42
CA ILE K 646 9.60 37.39 -52.15
C ILE K 646 8.68 38.01 -53.20
N HIS K 647 8.47 39.32 -53.15
CA HIS K 647 7.63 39.96 -54.14
C HIS K 647 8.31 39.92 -55.51
N PRO K 648 7.57 39.63 -56.57
CA PRO K 648 8.20 39.52 -57.90
C PRO K 648 8.90 40.79 -58.36
N LYS K 649 8.44 41.96 -57.91
CA LYS K 649 9.03 43.22 -58.37
C LYS K 649 10.46 43.36 -57.84
N TYR K 650 10.66 43.12 -56.55
CA TYR K 650 11.98 43.26 -55.94
C TYR K 650 12.76 41.95 -55.92
N GLU K 651 12.15 40.84 -56.35
CA GLU K 651 12.85 39.56 -56.32
C GLU K 651 14.20 39.57 -57.02
N PRO K 652 14.37 40.21 -58.19
CA PRO K 652 15.73 40.27 -58.78
C PRO K 652 16.76 40.93 -57.88
N ALA K 653 16.38 41.97 -57.12
CA ALA K 653 17.34 42.60 -56.22
C ALA K 653 17.74 41.67 -55.08
N PHE K 654 16.78 40.95 -54.52
CA PHE K 654 17.10 39.96 -53.50
C PHE K 654 17.99 38.87 -54.08
N ARG K 655 17.74 38.49 -55.33
CA ARG K 655 18.61 37.51 -55.99
C ARG K 655 20.02 38.06 -56.17
N LEU K 656 20.15 39.36 -56.46
CA LEU K 656 21.48 39.97 -56.53
C LEU K 656 22.18 39.90 -55.18
N GLU K 657 21.45 40.18 -54.10
CA GLU K 657 22.05 40.10 -52.77
C GLU K 657 22.48 38.66 -52.46
N VAL K 658 21.65 37.68 -52.79
CA VAL K 658 22.00 36.29 -52.56
C VAL K 658 23.19 35.88 -53.41
N ARG K 659 23.27 36.41 -54.63
CA ARG K 659 24.41 36.13 -55.49
C ARG K 659 25.69 36.70 -54.91
N ALA K 660 25.62 37.90 -54.33
CA ALA K 660 26.79 38.47 -53.67
C ALA K 660 27.22 37.63 -52.48
N ILE K 661 26.27 37.16 -51.68
CA ILE K 661 26.60 36.29 -50.55
C ILE K 661 27.22 34.99 -51.04
N LYS K 662 26.67 34.40 -52.10
CA LYS K 662 27.21 33.18 -52.66
C LYS K 662 28.62 33.37 -53.19
N LYS K 663 28.87 34.52 -53.85
CA LYS K 663 30.21 34.82 -54.34
C LYS K 663 31.20 34.95 -53.19
N VAL K 664 30.79 35.60 -52.10
CA VAL K 664 31.66 35.68 -50.93
C VAL K 664 31.94 34.29 -50.37
N ARG K 665 30.90 33.45 -50.28
CA ARG K 665 31.07 32.15 -49.63
C ARG K 665 31.84 31.16 -50.50
N GLU K 666 31.83 31.34 -51.82
CA GLU K 666 32.41 30.38 -52.74
C GLU K 666 33.66 30.88 -53.44
N GLU K 667 33.59 32.04 -54.10
CA GLU K 667 34.74 32.55 -54.82
C GLU K 667 35.90 32.86 -53.87
N MET K 668 35.59 33.47 -52.73
CA MET K 668 36.59 33.74 -51.71
C MET K 668 36.68 32.64 -50.66
N GLY K 669 35.79 31.65 -50.71
CA GLY K 669 35.84 30.55 -49.76
C GLY K 669 35.59 30.94 -48.33
N LEU K 670 34.94 32.08 -48.09
CA LEU K 670 34.68 32.55 -46.73
C LEU K 670 33.42 31.86 -46.21
N THR K 671 33.62 30.70 -45.59
CA THR K 671 32.50 29.91 -45.10
C THR K 671 31.79 30.60 -43.93
N ASN K 672 32.49 31.43 -43.19
CA ASN K 672 31.97 32.05 -41.97
C ASN K 672 30.86 33.09 -42.24
N VAL K 673 30.36 33.25 -43.46
CA VAL K 673 29.33 34.24 -43.75
C VAL K 673 27.96 33.57 -43.64
N TRP K 674 27.14 34.07 -42.73
CA TRP K 674 25.76 33.65 -42.56
C TRP K 674 24.85 34.81 -42.93
N VAL K 675 23.56 34.52 -43.08
CA VAL K 675 22.59 35.54 -43.46
C VAL K 675 21.46 35.57 -42.44
N MET K 676 20.87 36.75 -42.27
CA MET K 676 19.67 36.90 -41.47
C MET K 676 18.62 37.65 -42.28
N PHE K 677 17.38 37.20 -42.19
CA PHE K 677 16.27 37.81 -42.89
C PHE K 677 15.62 38.86 -42.00
N PRO K 678 15.64 40.13 -42.38
CA PRO K 678 15.05 41.16 -41.52
C PRO K 678 13.55 41.27 -41.70
N PHE K 679 12.87 41.54 -40.59
CA PHE K 679 11.44 41.85 -40.56
C PHE K 679 10.60 40.72 -41.16
N VAL K 680 10.74 39.55 -40.54
CA VAL K 680 10.00 38.36 -40.96
C VAL K 680 8.60 38.41 -40.39
N ARG K 681 7.60 38.22 -41.24
CA ARG K 681 6.20 38.34 -40.85
C ARG K 681 5.49 36.99 -40.75
N THR K 682 5.57 36.16 -41.78
CA THR K 682 4.83 34.92 -41.84
C THR K 682 5.75 33.77 -42.26
N THR K 683 5.32 32.55 -41.94
CA THR K 683 6.13 31.37 -42.25
C THR K 683 6.21 31.13 -43.74
N TRP K 684 5.10 31.34 -44.48
CA TRP K 684 5.11 31.07 -45.91
C TRP K 684 6.05 32.03 -46.65
N GLU K 685 6.09 33.29 -46.22
CA GLU K 685 7.05 34.22 -46.82
C GLU K 685 8.48 33.79 -46.55
N LEU K 686 8.75 33.28 -45.34
CA LEU K 686 10.09 32.80 -45.01
C LEU K 686 10.48 31.60 -45.87
N GLU K 687 9.54 30.67 -46.07
CA GLU K 687 9.85 29.52 -46.91
C GLU K 687 10.00 29.91 -48.37
N ARG K 688 9.25 30.92 -48.83
CA ARG K 688 9.43 31.40 -50.20
C ARG K 688 10.81 32.06 -50.36
N ALA K 689 11.23 32.84 -49.38
CA ALA K 689 12.58 33.40 -49.42
C ALA K 689 13.65 32.30 -49.40
N LEU K 690 13.43 31.26 -48.59
CA LEU K 690 14.38 30.16 -48.53
C LEU K 690 14.47 29.42 -49.86
N LYS K 691 13.33 29.18 -50.51
CA LYS K 691 13.38 28.51 -51.82
C LYS K 691 13.97 29.41 -52.89
N ILE K 692 13.78 30.73 -52.80
CA ILE K 692 14.46 31.64 -53.71
C ILE K 692 15.97 31.56 -53.51
N MET K 693 16.41 31.51 -52.25
CA MET K 693 17.84 31.35 -51.97
C MET K 693 18.36 30.03 -52.51
N GLU K 694 17.59 28.96 -52.35
CA GLU K 694 18.00 27.66 -52.87
C GLU K 694 18.12 27.68 -54.40
N GLU K 695 17.20 28.39 -55.07
CA GLU K 695 17.29 28.51 -56.52
C GLU K 695 18.56 29.21 -56.95
N GLU K 696 19.15 30.02 -56.07
CA GLU K 696 20.40 30.70 -56.35
C GLU K 696 21.61 29.90 -55.88
N GLY K 697 21.42 28.68 -55.39
CA GLY K 697 22.50 27.86 -54.92
C GLY K 697 22.93 28.08 -53.49
N LEU K 698 22.24 28.95 -52.76
CA LEU K 698 22.54 29.21 -51.35
C LEU K 698 21.55 28.40 -50.51
N LYS K 699 22.05 27.32 -49.91
CA LYS K 699 21.21 26.39 -49.17
C LYS K 699 21.66 26.32 -47.72
N ARG K 700 20.68 26.28 -46.81
CA ARG K 700 20.97 26.12 -45.39
C ARG K 700 21.63 24.78 -45.13
N GLY K 701 22.69 24.79 -44.35
CA GLY K 701 23.42 23.58 -44.07
C GLY K 701 24.29 23.71 -42.83
N LYS K 702 25.23 22.78 -42.69
CA LYS K 702 26.13 22.79 -41.55
C LYS K 702 27.10 23.97 -41.60
N ASP K 703 27.50 24.39 -42.80
CA ASP K 703 28.43 25.48 -42.98
C ASP K 703 27.73 26.81 -43.29
N PHE K 704 26.41 26.82 -43.33
CA PHE K 704 25.64 28.02 -43.66
C PHE K 704 24.45 28.12 -42.72
N LYS K 705 24.41 29.18 -41.93
CA LYS K 705 23.33 29.41 -40.98
C LYS K 705 22.41 30.52 -41.48
N VAL K 706 21.11 30.33 -41.32
CA VAL K 706 20.10 31.30 -41.70
C VAL K 706 19.34 31.71 -40.44
N TRP K 707 19.29 33.01 -40.18
CA TRP K 707 18.61 33.56 -39.03
C TRP K 707 17.41 34.38 -39.48
N ALA K 708 16.48 34.61 -38.56
CA ALA K 708 15.31 35.45 -38.81
C ALA K 708 15.23 36.50 -37.72
N MET K 709 15.05 37.76 -38.13
CA MET K 709 14.89 38.84 -37.15
C MET K 709 13.57 38.68 -36.40
N ALA K 710 13.66 38.65 -35.08
CA ALA K 710 12.48 38.54 -34.23
C ALA K 710 12.04 39.93 -33.77
N GLU K 711 11.63 40.74 -34.75
CA GLU K 711 11.17 42.08 -34.49
C GLU K 711 9.68 42.28 -34.77
N VAL K 712 8.96 41.22 -35.11
CA VAL K 712 7.52 41.29 -35.38
C VAL K 712 6.81 40.42 -34.35
N PRO K 713 5.69 40.89 -33.78
CA PRO K 713 5.00 40.08 -32.76
C PRO K 713 4.52 38.73 -33.26
N SER K 714 4.33 38.57 -34.57
CA SER K 714 4.01 37.25 -35.10
C SER K 714 5.13 36.26 -34.83
N ILE K 715 6.39 36.71 -34.90
CA ILE K 715 7.51 35.86 -34.52
C ILE K 715 7.44 35.52 -33.05
N VAL K 716 7.03 36.49 -32.22
CA VAL K 716 6.88 36.24 -30.79
C VAL K 716 5.87 35.14 -30.54
N LEU K 717 4.74 35.20 -31.23
CA LEU K 717 3.66 34.24 -30.98
C LEU K 717 3.95 32.88 -31.61
N LEU K 718 4.70 32.82 -32.70
CA LEU K 718 4.92 31.59 -33.44
C LEU K 718 6.41 31.32 -33.66
N ALA K 719 7.24 31.59 -32.65
CA ALA K 719 8.66 31.32 -32.79
C ALA K 719 8.94 29.84 -32.98
N ASP K 720 8.23 28.98 -32.25
CA ASP K 720 8.40 27.54 -32.39
C ASP K 720 8.04 27.07 -33.79
N LYS K 721 7.07 27.73 -34.44
CA LYS K 721 6.72 27.38 -35.80
C LYS K 721 7.76 27.88 -36.79
N PHE K 722 8.30 29.08 -36.57
CA PHE K 722 9.32 29.63 -37.44
C PHE K 722 10.65 28.89 -37.33
N ALA K 723 10.88 28.20 -36.21
CA ALA K 723 12.18 27.56 -35.98
C ALA K 723 12.45 26.42 -36.96
N GLU K 724 11.42 25.87 -37.61
CA GLU K 724 11.65 24.79 -38.58
C GLU K 724 12.32 25.28 -39.84
N TYR K 725 12.33 26.60 -40.08
CA TYR K 725 12.87 27.15 -41.32
C TYR K 725 14.23 27.81 -41.16
N VAL K 726 14.60 28.22 -39.95
CA VAL K 726 15.83 28.97 -39.72
C VAL K 726 16.64 28.27 -38.64
N ASP K 727 17.95 28.51 -38.66
CA ASP K 727 18.83 27.93 -37.64
C ASP K 727 18.68 28.65 -36.31
N GLY K 728 18.35 29.94 -36.34
CA GLY K 728 18.19 30.69 -35.11
C GLY K 728 17.45 31.99 -35.35
N PHE K 729 17.25 32.73 -34.26
CA PHE K 729 16.56 34.01 -34.31
C PHE K 729 17.45 35.10 -33.74
N SER K 730 17.33 36.29 -34.32
CA SER K 730 18.00 37.49 -33.81
C SER K 730 16.91 38.47 -33.39
N ILE K 731 16.89 38.82 -32.11
CA ILE K 731 15.85 39.68 -31.56
C ILE K 731 16.24 41.13 -31.84
N GLY K 732 15.50 41.78 -32.73
CA GLY K 732 15.68 43.19 -32.99
C GLY K 732 14.95 44.03 -31.98
N SER K 733 15.52 44.15 -30.77
CA SER K 733 14.83 44.78 -29.66
C SER K 733 14.36 46.19 -29.99
N ASN K 734 15.13 46.93 -30.79
CA ASN K 734 14.73 48.27 -31.17
C ASN K 734 13.39 48.26 -31.92
N ASP K 735 13.30 47.41 -32.95
CA ASP K 735 12.04 47.29 -33.70
C ASP K 735 11.02 46.45 -32.96
N LEU K 736 11.46 45.46 -32.18
CA LEU K 736 10.53 44.61 -31.45
C LEU K 736 9.74 45.41 -30.41
N THR K 737 10.42 46.30 -29.69
CA THR K 737 9.73 47.16 -28.74
C THR K 737 8.72 48.06 -29.45
N GLN K 738 9.12 48.62 -30.59
CA GLN K 738 8.23 49.50 -31.35
C GLN K 738 6.98 48.77 -31.79
N LEU K 739 7.13 47.53 -32.29
CA LEU K 739 5.98 46.80 -32.79
C LEU K 739 5.12 46.23 -31.68
N ILE K 740 5.74 45.78 -30.58
CA ILE K 740 4.98 45.25 -29.46
C ILE K 740 4.15 46.36 -28.81
N LEU K 741 4.76 47.52 -28.60
CA LEU K 741 4.06 48.64 -28.00
C LEU K 741 3.26 49.45 -29.02
N GLY K 742 3.45 49.22 -30.32
CA GLY K 742 2.74 50.00 -31.31
C GLY K 742 3.08 51.47 -31.29
N ALA K 743 4.34 51.81 -31.07
CA ALA K 743 4.80 53.20 -31.01
C ALA K 743 6.05 53.35 -31.86
N ASP K 744 6.20 54.53 -32.47
CA ASP K 744 7.30 54.82 -33.38
C ASP K 744 8.22 55.85 -32.75
N ARG K 745 9.53 55.57 -32.78
CA ARG K 745 10.48 56.29 -31.94
C ARG K 745 10.69 57.74 -32.37
N ASP K 746 10.76 58.04 -33.66
CA ASP K 746 11.09 59.39 -34.10
C ASP K 746 10.02 60.41 -33.70
N SER K 747 8.84 59.96 -33.30
CA SER K 747 7.83 60.85 -32.74
C SER K 747 8.32 61.32 -31.37
N ASN K 748 8.64 62.61 -31.27
CA ASN K 748 9.20 63.13 -30.03
C ASN K 748 8.20 63.06 -28.88
N ILE K 749 6.91 63.17 -29.18
CA ILE K 749 5.89 63.14 -28.12
C ILE K 749 5.90 61.79 -27.43
N LEU K 750 5.90 60.70 -28.21
CA LEU K 750 5.91 59.37 -27.62
C LEU K 750 7.21 59.10 -26.88
N ALA K 751 8.34 59.60 -27.42
CA ALA K 751 9.62 59.40 -26.76
C ALA K 751 9.68 60.12 -25.41
N GLU K 752 9.09 61.32 -25.34
CA GLU K 752 9.12 62.09 -24.10
C GLU K 752 8.38 61.36 -22.97
N MET K 753 7.28 60.70 -23.30
CA MET K 753 6.51 59.98 -22.27
C MET K 753 7.24 58.75 -21.74
N GLY K 754 8.33 58.34 -22.37
CA GLY K 754 9.06 57.18 -21.90
C GLY K 754 8.53 55.86 -22.39
N TYR K 755 7.81 55.84 -23.50
CA TYR K 755 7.27 54.58 -24.03
C TYR K 755 8.39 53.64 -24.45
N PHE K 756 9.44 54.16 -25.07
CA PHE K 756 10.46 53.33 -25.71
C PHE K 756 11.51 52.90 -24.69
N ASP K 757 11.02 52.21 -23.67
CA ASP K 757 11.85 51.56 -22.66
C ASP K 757 11.83 50.06 -22.95
N GLU K 758 12.99 49.51 -23.30
CA GLU K 758 13.08 48.08 -23.58
C GLU K 758 12.94 47.24 -22.32
N ARG K 759 12.94 47.86 -21.14
CA ARG K 759 12.62 47.18 -19.90
C ARG K 759 11.12 47.04 -19.67
N ASP K 760 10.31 47.35 -20.68
CA ASP K 760 8.86 47.24 -20.54
C ASP K 760 8.47 45.80 -20.29
N PRO K 761 7.48 45.54 -19.42
CA PRO K 761 7.08 44.15 -19.15
C PRO K 761 6.62 43.40 -20.38
N ALA K 762 5.94 44.07 -21.32
CA ALA K 762 5.49 43.40 -22.53
C ALA K 762 6.67 42.97 -23.39
N VAL K 763 7.66 43.83 -23.55
CA VAL K 763 8.83 43.47 -24.35
C VAL K 763 9.59 42.32 -23.69
N LEU K 764 9.73 42.37 -22.37
CA LEU K 764 10.41 41.28 -21.67
C LEU K 764 9.66 39.97 -21.81
N ALA K 765 8.33 40.01 -21.70
CA ALA K 765 7.54 38.79 -21.87
C ALA K 765 7.67 38.25 -23.29
N GLY K 766 7.66 39.13 -24.29
CA GLY K 766 7.84 38.68 -25.65
C GLY K 766 9.20 38.05 -25.88
N ILE K 767 10.25 38.67 -25.34
CA ILE K 767 11.60 38.11 -25.47
C ILE K 767 11.68 36.74 -24.79
N LYS K 768 11.09 36.63 -23.59
CA LYS K 768 11.08 35.36 -22.89
C LYS K 768 10.36 34.29 -23.69
N MET K 769 9.22 34.64 -24.28
CA MET K 769 8.47 33.68 -25.09
C MET K 769 9.28 33.25 -26.31
N ILE K 770 9.94 34.20 -26.98
CA ILE K 770 10.77 33.86 -28.13
C ILE K 770 11.87 32.90 -27.72
N ILE K 771 12.56 33.19 -26.63
CA ILE K 771 13.67 32.34 -26.18
C ILE K 771 13.17 30.95 -25.83
N GLU K 772 12.05 30.87 -25.10
CA GLU K 772 11.52 29.57 -24.70
C GLU K 772 11.12 28.75 -25.91
N LYS K 773 10.41 29.35 -26.87
CA LYS K 773 9.97 28.61 -28.04
C LYS K 773 11.16 28.16 -28.88
N ALA K 774 12.13 29.06 -29.12
CA ALA K 774 13.27 28.70 -29.94
C ALA K 774 14.10 27.59 -29.31
N HIS K 775 14.30 27.64 -27.99
CA HIS K 775 15.04 26.58 -27.33
C HIS K 775 14.24 25.29 -27.22
N SER K 776 12.91 25.37 -27.19
CA SER K 776 12.10 24.16 -27.28
C SER K 776 12.21 23.51 -28.64
N LYS K 777 12.39 24.30 -29.70
CA LYS K 777 12.60 23.76 -31.03
C LYS K 777 14.07 23.70 -31.42
N GLY K 778 14.98 23.91 -30.47
CA GLY K 778 16.40 23.76 -30.74
C GLY K 778 17.03 24.82 -31.58
N ALA K 779 16.45 26.02 -31.63
CA ALA K 779 16.99 27.13 -32.40
C ALA K 779 17.71 28.10 -31.47
N THR K 780 18.83 28.64 -31.95
CA THR K 780 19.59 29.61 -31.18
C THR K 780 18.87 30.95 -31.16
N VAL K 781 19.12 31.73 -30.10
CA VAL K 781 18.53 33.04 -29.92
C VAL K 781 19.64 34.07 -29.76
N SER K 782 19.55 35.16 -30.52
CA SER K 782 20.47 36.27 -30.41
C SER K 782 19.68 37.56 -30.28
N ILE K 783 20.32 38.59 -29.76
CA ILE K 783 19.74 39.92 -29.65
C ILE K 783 20.73 40.94 -30.20
N CYS K 784 20.25 41.83 -31.07
CA CYS K 784 21.07 42.87 -31.69
C CYS K 784 20.30 44.19 -31.57
N GLY K 785 20.52 44.88 -30.46
CA GLY K 785 19.84 46.14 -30.22
C GLY K 785 20.59 46.96 -29.19
N GLN K 786 20.00 48.10 -28.86
CA GLN K 786 20.63 49.00 -27.89
C GLN K 786 20.29 48.64 -26.44
N ALA K 787 19.36 47.71 -26.23
CA ALA K 787 19.00 47.33 -24.86
C ALA K 787 20.15 46.75 -24.08
N PRO K 788 20.92 45.77 -24.56
CA PRO K 788 22.05 45.27 -23.77
C PRO K 788 23.18 46.27 -23.62
N SER K 789 23.25 47.28 -24.48
CA SER K 789 24.35 48.23 -24.42
C SER K 789 24.22 49.21 -23.27
N VAL K 790 22.99 49.51 -22.83
CA VAL K 790 22.74 50.56 -21.85
C VAL K 790 22.17 50.02 -20.54
N TYR K 791 21.32 48.98 -20.60
CA TYR K 791 20.65 48.51 -19.40
C TYR K 791 21.27 47.20 -18.92
N PRO K 792 21.99 47.20 -17.79
CA PRO K 792 22.52 45.94 -17.26
C PRO K 792 21.44 44.92 -16.89
N GLU K 793 20.28 45.38 -16.42
CA GLU K 793 19.22 44.46 -16.04
C GLU K 793 18.67 43.70 -17.24
N ILE K 794 18.62 44.33 -18.42
CA ILE K 794 18.25 43.61 -19.64
C ILE K 794 19.23 42.47 -19.89
N VAL K 795 20.53 42.75 -19.73
CA VAL K 795 21.53 41.71 -19.93
C VAL K 795 21.35 40.58 -18.93
N GLU K 796 21.09 40.92 -17.66
CA GLU K 796 20.89 39.91 -16.64
C GLU K 796 19.68 39.04 -16.97
N PHE K 797 18.57 39.67 -17.38
CA PHE K 797 17.38 38.91 -17.73
C PHE K 797 17.63 38.02 -18.94
N LEU K 798 18.36 38.51 -19.94
CA LEU K 798 18.64 37.72 -21.13
C LEU K 798 19.50 36.51 -20.80
N VAL K 799 20.54 36.71 -19.97
CA VAL K 799 21.41 35.60 -19.61
C VAL K 799 20.67 34.59 -18.75
N GLU K 800 19.80 35.07 -17.85
CA GLU K 800 18.99 34.16 -17.04
C GLU K 800 18.05 33.34 -17.93
N ALA K 801 17.44 33.97 -18.93
CA ALA K 801 16.58 33.25 -19.85
C ALA K 801 17.35 32.22 -20.68
N GLY K 802 18.66 32.39 -20.82
CA GLY K 802 19.47 31.44 -21.55
C GLY K 802 19.69 31.81 -23.00
N ILE K 803 19.84 33.10 -23.27
CA ILE K 803 20.07 33.54 -24.65
C ILE K 803 21.43 33.05 -25.11
N ASP K 804 21.50 32.66 -26.39
CA ASP K 804 22.72 32.05 -26.91
C ASP K 804 23.82 33.07 -27.15
N SER K 805 23.47 34.25 -27.66
CA SER K 805 24.47 35.26 -27.94
C SER K 805 23.85 36.64 -27.81
N ILE K 806 24.71 37.64 -27.60
CA ILE K 806 24.30 39.03 -27.50
C ILE K 806 25.19 39.84 -28.42
N SER K 807 24.57 40.60 -29.33
CA SER K 807 25.29 41.44 -30.28
C SER K 807 25.13 42.90 -29.86
N VAL K 808 26.25 43.58 -29.64
CA VAL K 808 26.26 44.95 -29.15
C VAL K 808 27.15 45.79 -30.05
N ASN K 809 27.11 47.11 -29.82
CA ASN K 809 27.98 48.03 -30.52
C ASN K 809 29.42 47.81 -30.08
N PRO K 810 30.39 48.17 -30.93
CA PRO K 810 31.80 47.95 -30.56
C PRO K 810 32.20 48.58 -29.24
N ASP K 811 31.82 49.85 -29.02
CA ASP K 811 32.21 50.53 -27.79
C ASP K 811 31.62 49.90 -26.54
N ALA K 812 30.58 49.07 -26.70
CA ALA K 812 29.96 48.38 -25.58
C ALA K 812 30.37 46.91 -25.51
N VAL K 813 31.35 46.48 -26.30
CA VAL K 813 31.72 45.07 -26.31
C VAL K 813 32.36 44.67 -24.98
N ILE K 814 33.49 45.29 -24.64
CA ILE K 814 34.29 44.84 -23.51
C ILE K 814 33.45 44.83 -22.24
N ALA K 815 32.78 45.94 -21.94
CA ALA K 815 31.93 46.01 -20.75
C ALA K 815 30.93 44.86 -20.74
N THR K 816 30.25 44.65 -21.87
CA THR K 816 29.29 43.54 -21.94
C THR K 816 29.97 42.22 -21.62
N ARG K 817 31.15 41.99 -22.21
CA ARG K 817 31.87 40.75 -21.94
C ARG K 817 32.14 40.60 -20.46
N ARG K 818 32.45 41.70 -19.77
CA ARG K 818 32.55 41.63 -18.32
C ARG K 818 31.19 41.33 -17.71
N LEU K 819 30.18 42.13 -18.03
CA LEU K 819 28.90 42.05 -17.34
C LEU K 819 28.30 40.66 -17.47
N VAL K 820 28.17 40.16 -18.71
CA VAL K 820 27.62 38.83 -18.92
C VAL K 820 28.36 37.82 -18.06
N ALA K 821 29.70 37.87 -18.08
CA ALA K 821 30.47 36.92 -17.30
C ALA K 821 30.03 36.95 -15.84
N SER K 822 30.01 38.13 -15.24
CA SER K 822 29.59 38.24 -13.85
C SER K 822 28.21 37.64 -13.67
N ILE K 823 27.27 38.01 -14.55
CA ILE K 823 25.91 37.51 -14.43
C ILE K 823 25.92 35.99 -14.49
N GLU K 824 26.66 35.43 -15.44
CA GLU K 824 26.74 33.98 -15.53
C GLU K 824 27.21 33.40 -14.21
N ARG K 825 28.29 33.94 -13.66
CA ARG K 825 28.79 33.47 -12.37
C ARG K 825 27.70 33.57 -11.32
N LYS K 826 27.01 34.72 -11.27
CA LYS K 826 25.92 34.87 -10.32
C LYS K 826 24.87 33.80 -10.52
N ILE K 827 24.46 33.58 -11.77
CA ILE K 827 23.48 32.54 -12.05
C ILE K 827 24.01 31.20 -11.58
N MET K 828 25.30 30.95 -11.84
CA MET K 828 25.88 29.65 -11.52
C MET K 828 25.85 29.42 -10.02
N LEU K 829 25.83 30.49 -9.22
CA LEU K 829 25.55 30.35 -7.79
C LEU K 829 24.07 30.09 -7.55
N LYS K 830 23.20 30.96 -8.08
CA LYS K 830 21.79 30.95 -7.70
C LYS K 830 21.17 29.59 -7.98
N ARG K 831 21.34 29.08 -9.20
CA ARG K 831 20.81 27.76 -9.55
C ARG K 831 21.22 26.72 -8.53
N LEU K 832 22.50 26.70 -8.15
CA LEU K 832 22.96 25.74 -7.15
C LEU K 832 22.11 25.82 -5.90
N ASN K 833 21.94 27.03 -5.35
CA ASN K 833 21.09 27.19 -4.18
C ASN K 833 19.72 26.60 -4.43
N LYS K 834 19.08 26.98 -5.55
CA LYS K 834 17.76 26.44 -5.85
C LYS K 834 17.77 24.93 -5.82
N ILE K 835 18.78 24.32 -6.45
CA ILE K 835 18.85 22.86 -6.48
C ILE K 835 18.84 22.32 -5.06
N MET K 836 19.69 22.88 -4.19
CA MET K 836 19.71 22.42 -2.81
C MET K 836 18.34 22.58 -2.18
N ASP K 837 17.72 23.75 -2.35
CA ASP K 837 16.38 23.95 -1.81
C ASP K 837 15.43 22.93 -2.40
N LYS K 838 15.49 22.72 -3.72
CA LYS K 838 14.66 21.71 -4.35
C LYS K 838 14.91 20.35 -3.71
N LEU K 839 16.18 20.01 -3.53
CA LEU K 839 16.51 18.72 -2.93
C LEU K 839 15.91 18.61 -1.52
N ASN K 840 15.92 19.72 -0.78
CA ASN K 840 15.31 19.70 0.54
C ASN K 840 13.85 19.26 0.46
N LYS K 841 13.11 19.83 -0.49
CA LYS K 841 11.69 19.50 -0.60
C LYS K 841 11.50 18.02 -0.96
N LEU K 842 12.52 17.41 -1.55
CA LEU K 842 12.42 15.98 -1.86
C LEU K 842 12.55 15.14 -0.59
N GLU K 843 13.38 15.57 0.36
CA GLU K 843 13.60 14.75 1.54
C GLU K 843 12.52 14.97 2.60
N LEU K 844 11.71 16.01 2.43
CA LEU K 844 10.64 16.29 3.39
C LEU K 844 9.28 16.26 2.71
N SER L 522 50.54 50.44 -18.43
CA SER L 522 49.24 50.97 -18.82
C SER L 522 48.12 50.26 -18.09
N PRO L 523 47.83 50.70 -16.86
CA PRO L 523 46.82 50.00 -16.05
C PRO L 523 45.40 50.10 -16.59
N GLU L 524 45.11 51.05 -17.48
CA GLU L 524 43.72 51.27 -17.89
C GLU L 524 43.18 50.12 -18.72
N GLN L 525 44.04 49.35 -19.39
CA GLN L 525 43.57 48.16 -20.07
C GLN L 525 43.57 46.92 -19.19
N LEU L 526 44.05 47.03 -17.94
CA LEU L 526 44.06 45.90 -17.02
C LEU L 526 42.75 45.74 -16.27
N LEU L 527 41.84 46.71 -16.37
CA LEU L 527 40.54 46.58 -15.69
C LEU L 527 39.75 45.36 -16.13
N PRO L 528 39.57 45.07 -17.43
CA PRO L 528 38.78 43.89 -17.81
C PRO L 528 39.44 42.58 -17.43
N LEU L 529 40.74 42.56 -17.16
CA LEU L 529 41.44 41.32 -16.84
C LEU L 529 41.36 40.94 -15.37
N TYR L 530 40.74 41.78 -14.54
CA TYR L 530 40.58 41.46 -13.13
C TYR L 530 39.62 40.30 -12.95
N PRO L 531 39.74 39.55 -11.86
CA PRO L 531 38.86 38.39 -11.67
C PRO L 531 37.39 38.78 -11.63
N VAL L 532 36.55 37.92 -12.18
CA VAL L 532 35.11 38.16 -12.25
C VAL L 532 34.46 37.56 -11.01
N THR L 533 33.65 38.38 -10.33
CA THR L 533 32.98 37.97 -9.11
C THR L 533 31.47 38.06 -9.28
N ALA L 534 30.76 37.04 -8.81
CA ALA L 534 29.30 37.10 -8.79
C ALA L 534 28.81 38.22 -7.89
N THR L 535 29.41 38.35 -6.72
CA THR L 535 29.07 39.45 -5.81
C THR L 535 29.68 40.75 -6.31
N LYS L 536 28.87 41.79 -6.37
CA LYS L 536 29.36 43.08 -6.84
C LYS L 536 30.28 43.72 -5.80
N ILE L 537 31.41 44.24 -6.27
CA ILE L 537 32.39 44.87 -5.41
C ILE L 537 32.22 46.38 -5.55
N TYR L 538 31.61 46.99 -4.55
CA TYR L 538 31.40 48.43 -4.54
C TYR L 538 32.52 49.13 -3.78
N MET L 539 32.56 50.46 -3.91
CA MET L 539 33.60 51.26 -3.29
C MET L 539 32.97 52.35 -2.42
N ASN L 540 33.63 52.66 -1.32
CA ASN L 540 33.20 53.74 -0.43
C ASN L 540 33.96 55.00 -0.78
N LEU L 541 33.22 56.09 -0.98
CA LEU L 541 33.79 57.38 -1.33
C LEU L 541 33.25 58.46 -0.41
N GLY L 542 34.15 59.30 0.10
CA GLY L 542 33.75 60.41 0.93
C GLY L 542 34.06 61.76 0.32
N GLU L 543 35.13 61.82 -0.47
CA GLU L 543 35.54 63.04 -1.14
C GLU L 543 35.31 62.89 -2.64
N PRO L 544 34.49 63.73 -3.27
CA PRO L 544 34.28 63.61 -4.72
C PRO L 544 35.56 63.73 -5.52
N ASP L 545 36.46 64.63 -5.13
CA ASP L 545 37.69 64.83 -5.88
C ASP L 545 38.60 63.61 -5.86
N ALA L 546 38.34 62.65 -4.99
CA ALA L 546 39.11 61.41 -4.94
C ALA L 546 38.63 60.39 -5.95
N ILE L 547 37.55 60.67 -6.69
CA ILE L 547 37.08 59.70 -7.67
C ILE L 547 38.07 59.53 -8.81
N GLU L 548 38.84 60.57 -9.12
CA GLU L 548 39.81 60.47 -10.20
C GLU L 548 41.04 59.65 -9.78
N LYS L 549 41.34 59.62 -8.49
CA LYS L 549 42.45 58.80 -8.01
C LYS L 549 42.14 57.32 -8.14
N TYR L 550 40.88 56.94 -7.90
CA TYR L 550 40.48 55.54 -7.86
C TYR L 550 39.67 55.12 -9.09
N LYS L 551 39.75 55.90 -10.17
CA LYS L 551 39.02 55.55 -11.39
C LYS L 551 39.53 54.27 -12.04
N ASP L 552 40.76 53.85 -11.72
CA ASP L 552 41.34 52.65 -12.30
C ASP L 552 41.20 51.43 -11.40
N LEU L 553 40.31 51.48 -10.40
CA LEU L 553 40.10 50.30 -9.59
C LEU L 553 38.95 49.46 -10.13
N PRO L 554 39.00 48.14 -9.98
CA PRO L 554 37.91 47.28 -10.49
C PRO L 554 36.73 47.22 -9.53
N PHE L 555 35.99 48.32 -9.46
CA PHE L 555 34.79 48.40 -8.64
C PHE L 555 33.56 48.50 -9.55
N ASP L 556 32.47 47.88 -9.13
CA ASP L 556 31.24 47.87 -9.89
C ASP L 556 30.35 49.07 -9.58
N GLY L 557 30.79 49.97 -8.72
CA GLY L 557 30.03 51.15 -8.40
C GLY L 557 30.43 51.69 -7.05
N ILE L 558 29.81 52.80 -6.68
CA ILE L 558 30.00 53.43 -5.39
C ILE L 558 28.82 53.00 -4.51
N GLY L 559 29.06 52.01 -3.66
CA GLY L 559 28.02 51.53 -2.77
C GLY L 559 27.74 52.44 -1.59
N LEU L 560 28.59 53.44 -1.36
CA LEU L 560 28.37 54.38 -0.26
C LEU L 560 29.10 55.67 -0.59
N MET L 561 28.35 56.72 -0.90
CA MET L 561 28.88 58.05 -1.10
C MET L 561 28.51 58.91 0.10
N ARG L 562 29.52 59.37 0.82
CA ARG L 562 29.32 60.18 2.02
C ARG L 562 29.30 61.65 1.62
N ILE L 563 28.16 62.32 1.87
CA ILE L 563 28.01 63.73 1.55
C ILE L 563 28.39 64.57 2.75
N GLU L 564 28.86 63.90 3.82
CA GLU L 564 29.28 64.64 5.01
C GLU L 564 30.45 65.57 4.69
N PHE L 565 31.40 65.09 3.90
CA PHE L 565 32.54 65.93 3.52
C PHE L 565 32.10 67.12 2.70
N ILE L 566 31.12 66.93 1.80
CA ILE L 566 30.65 68.04 0.97
C ILE L 566 30.01 69.11 1.83
N ILE L 567 29.15 68.70 2.77
CA ILE L 567 28.47 69.67 3.63
C ILE L 567 29.48 70.37 4.55
N THR L 568 30.47 69.62 5.04
CA THR L 568 31.42 70.19 5.99
C THR L 568 32.38 71.17 5.31
N ASP L 569 32.92 70.79 4.15
CA ASP L 569 34.02 71.54 3.54
C ASP L 569 33.60 72.34 2.31
N TRP L 570 32.51 71.98 1.64
CA TRP L 570 32.06 72.75 0.49
C TRP L 570 30.91 73.70 0.83
N VAL L 571 30.23 73.49 1.95
CA VAL L 571 29.12 74.34 2.37
C VAL L 571 29.47 75.13 3.63
N GLN L 572 30.04 74.44 4.63
CA GLN L 572 30.40 75.02 5.93
C GLN L 572 29.21 75.55 6.73
N TYR L 573 28.00 75.45 6.18
CA TYR L 573 26.83 76.07 6.80
C TYR L 573 25.74 75.04 7.05
N HIS L 574 25.03 75.22 8.16
CA HIS L 574 23.88 74.40 8.45
C HIS L 574 22.79 74.63 7.41
N PRO L 575 22.20 73.58 6.84
CA PRO L 575 21.17 73.80 5.81
C PRO L 575 19.99 74.64 6.28
N LEU L 576 19.56 74.45 7.53
CA LEU L 576 18.49 75.28 8.06
C LEU L 576 18.91 76.74 8.16
N TYR L 577 20.17 77.01 8.52
CA TYR L 577 20.66 78.38 8.53
C TYR L 577 20.64 78.98 7.14
N LEU L 578 21.03 78.20 6.13
CA LEU L 578 20.98 78.70 4.76
C LEU L 578 19.55 78.97 4.32
N ILE L 579 18.61 78.13 4.74
CA ILE L 579 17.20 78.36 4.44
C ILE L 579 16.73 79.66 5.09
N GLU L 580 17.13 79.89 6.34
CA GLU L 580 16.77 81.13 7.02
C GLU L 580 17.36 82.34 6.31
N GLN L 581 18.60 82.24 5.85
CA GLN L 581 19.24 83.30 5.08
C GLN L 581 18.84 83.26 3.61
N GLY L 582 18.01 82.31 3.19
CA GLY L 582 17.61 82.21 1.80
C GLY L 582 18.74 81.81 0.87
N LYS L 583 19.60 80.89 1.31
CA LYS L 583 20.71 80.44 0.48
C LYS L 583 20.64 78.94 0.23
N GLU L 584 19.43 78.44 -0.05
CA GLU L 584 19.26 77.03 -0.39
C GLU L 584 20.02 76.68 -1.67
N SER L 585 20.17 77.66 -2.57
CA SER L 585 20.81 77.41 -3.85
C SER L 585 22.25 76.96 -3.67
N LEU L 586 22.98 77.58 -2.74
CA LEU L 586 24.38 77.20 -2.52
C LEU L 586 24.50 75.74 -2.08
N PHE L 587 23.73 75.35 -1.08
CA PHE L 587 23.77 73.97 -0.57
C PHE L 587 23.37 72.99 -1.66
N ILE L 588 22.27 73.25 -2.36
CA ILE L 588 21.79 72.35 -3.40
C ILE L 588 22.83 72.23 -4.51
N ASP L 589 23.41 73.36 -4.93
CA ASP L 589 24.37 73.34 -6.02
C ASP L 589 25.66 72.64 -5.65
N LYS L 590 26.13 72.82 -4.42
CA LYS L 590 27.36 72.12 -4.02
C LYS L 590 27.13 70.61 -3.95
N LEU L 591 26.01 70.18 -3.35
CA LEU L 591 25.71 68.75 -3.36
C LEU L 591 25.57 68.21 -4.77
N ALA L 592 24.88 68.97 -5.64
CA ALA L 592 24.70 68.54 -7.02
C ALA L 592 26.03 68.44 -7.74
N GLU L 593 26.92 69.40 -7.53
CA GLU L 593 28.23 69.36 -8.18
C GLU L 593 29.02 68.13 -7.76
N GLY L 594 29.09 67.87 -6.45
CA GLY L 594 29.83 66.71 -5.98
C GLY L 594 29.24 65.40 -6.50
N ILE L 595 27.92 65.24 -6.37
CA ILE L 595 27.28 63.99 -6.78
C ILE L 595 27.38 63.80 -8.29
N ALA L 596 27.23 64.90 -9.05
CA ALA L 596 27.34 64.81 -10.51
C ALA L 596 28.75 64.44 -10.94
N LYS L 597 29.76 65.03 -10.28
CA LYS L 597 31.14 64.65 -10.59
C LYS L 597 31.36 63.17 -10.34
N VAL L 598 30.92 62.66 -9.18
CA VAL L 598 31.13 61.25 -8.88
C VAL L 598 30.37 60.37 -9.86
N ALA L 599 29.12 60.73 -10.19
CA ALA L 599 28.31 59.89 -11.06
C ALA L 599 28.85 59.88 -12.49
N GLN L 600 29.25 61.04 -13.01
CA GLN L 600 29.77 61.12 -14.37
C GLN L 600 31.14 60.45 -14.46
N ALA L 601 31.92 60.46 -13.38
CA ALA L 601 33.23 59.83 -13.43
C ALA L 601 33.14 58.32 -13.61
N ILE L 602 32.05 57.69 -13.17
CA ILE L 602 31.93 56.24 -13.22
C ILE L 602 30.66 55.79 -13.93
N TYR L 603 30.07 56.65 -14.77
CA TYR L 603 28.87 56.27 -15.48
C TYR L 603 29.18 55.09 -16.40
N PRO L 604 28.26 54.11 -16.51
CA PRO L 604 26.94 54.03 -15.88
C PRO L 604 26.90 53.26 -14.57
N ARG L 605 28.03 53.08 -13.89
CA ARG L 605 28.02 52.35 -12.63
C ARG L 605 27.24 53.15 -11.58
N PRO L 606 26.43 52.49 -10.75
CA PRO L 606 25.58 53.22 -9.81
C PRO L 606 26.40 53.92 -8.73
N VAL L 607 25.86 55.05 -8.28
CA VAL L 607 26.40 55.80 -7.16
C VAL L 607 25.31 55.89 -6.10
N VAL L 608 25.50 55.19 -4.99
CA VAL L 608 24.51 55.18 -3.90
C VAL L 608 24.90 56.29 -2.93
N VAL L 609 24.22 57.42 -3.04
CA VAL L 609 24.48 58.57 -2.18
C VAL L 609 23.75 58.36 -0.86
N ARG L 610 24.49 58.51 0.24
CA ARG L 610 23.90 58.47 1.57
C ARG L 610 23.45 59.86 1.99
N PHE L 611 22.24 59.95 2.54
CA PHE L 611 21.75 61.22 3.04
C PHE L 611 22.57 61.64 4.25
N SER L 612 22.24 62.82 4.80
CA SER L 612 23.02 63.40 5.89
C SER L 612 23.08 62.47 7.09
N ASP L 613 24.29 61.96 7.37
CA ASP L 613 24.52 61.04 8.48
C ASP L 613 25.07 61.75 9.71
N PHE L 614 25.04 63.08 9.74
CA PHE L 614 25.59 63.82 10.86
C PHE L 614 24.78 63.56 12.14
N LYS L 615 25.46 63.69 13.27
CA LYS L 615 24.81 63.71 14.57
C LYS L 615 24.55 65.17 14.96
N THR L 616 23.82 65.36 16.07
CA THR L 616 23.51 66.72 16.51
C THR L 616 24.80 67.47 16.87
N ASN L 617 25.73 66.81 17.55
CA ASN L 617 27.00 67.44 17.86
C ASN L 617 27.81 67.73 16.59
N GLU L 618 27.77 66.81 15.62
CA GLU L 618 28.42 67.07 14.34
C GLU L 618 27.71 68.18 13.57
N TYR L 619 26.39 68.26 13.68
CA TYR L 619 25.64 69.33 13.05
C TYR L 619 26.01 70.68 13.64
N ARG L 620 26.22 70.73 14.96
CA ARG L 620 26.60 71.99 15.59
C ARG L 620 27.93 72.51 15.10
N GLY L 621 28.79 71.65 14.56
CA GLY L 621 30.04 72.11 13.99
C GLY L 621 29.87 73.00 12.78
N LEU L 622 28.75 72.89 12.08
CA LEU L 622 28.46 73.77 10.96
C LEU L 622 28.16 75.18 11.45
N LYS L 623 28.41 76.15 10.57
CA LYS L 623 28.17 77.54 10.91
C LYS L 623 26.67 77.80 11.06
N GLY L 624 26.29 78.44 12.17
CA GLY L 624 24.90 78.74 12.42
C GLY L 624 24.06 77.58 12.86
N GLY L 625 24.66 76.42 13.14
CA GLY L 625 23.93 75.24 13.54
C GLY L 625 23.58 75.16 15.01
N GLU L 626 24.08 76.08 15.83
CA GLU L 626 23.78 76.04 17.26
C GLU L 626 22.31 76.33 17.53
N LYS L 627 21.67 77.15 16.69
CA LYS L 627 20.28 77.51 16.91
C LYS L 627 19.31 76.39 16.56
N TYR L 628 19.71 75.44 15.72
CA TYR L 628 18.82 74.41 15.23
C TYR L 628 19.10 73.04 15.82
N GLU L 629 20.21 72.85 16.51
CA GLU L 629 20.60 71.55 17.04
C GLU L 629 20.53 71.56 18.56
N PRO L 630 19.60 70.83 19.17
CA PRO L 630 19.56 70.77 20.63
C PRO L 630 20.72 69.96 21.18
N GLU L 631 21.13 70.29 22.39
CA GLU L 631 22.17 69.52 23.06
C GLU L 631 21.62 68.19 23.50
N GLU L 632 22.20 67.11 23.00
CA GLU L 632 21.70 65.77 23.28
C GLU L 632 22.70 64.98 24.09
N ARG L 633 22.18 64.26 25.07
CA ARG L 633 22.97 63.38 25.91
C ARG L 633 23.51 62.20 25.10
N ASN L 634 22.71 61.60 24.21
CA ASN L 634 23.19 60.54 23.32
C ASN L 634 22.79 60.79 21.88
N PRO L 635 23.50 61.68 21.18
CA PRO L 635 23.22 61.85 19.74
C PRO L 635 23.48 60.59 18.94
N MET L 636 24.33 59.68 19.43
CA MET L 636 24.60 58.43 18.73
C MET L 636 23.32 57.65 18.51
N ILE L 637 22.42 57.66 19.48
CA ILE L 637 21.11 57.06 19.33
C ILE L 637 20.07 58.17 19.47
N GLY L 638 20.44 59.38 19.06
CA GLY L 638 19.57 60.53 19.19
C GLY L 638 18.84 60.87 17.91
N TRP L 639 18.52 62.14 17.77
CA TRP L 639 17.76 62.66 16.62
C TRP L 639 18.68 62.71 15.41
N ARG L 640 18.66 61.66 14.60
CA ARG L 640 19.50 61.57 13.42
C ARG L 640 18.86 60.62 12.42
N GLY L 641 19.33 60.70 11.18
CA GLY L 641 18.83 59.80 10.16
C GLY L 641 17.43 60.16 9.72
N VAL L 642 16.64 59.12 9.42
CA VAL L 642 15.29 59.33 8.91
C VAL L 642 14.43 60.06 9.94
N SER L 643 14.63 59.75 11.22
CA SER L 643 13.91 60.46 12.28
C SER L 643 14.14 61.96 12.17
N ARG L 644 15.32 62.38 11.74
CA ARG L 644 15.58 63.79 11.52
C ARG L 644 14.91 64.29 10.24
N TYR L 645 14.90 63.48 9.19
CA TYR L 645 14.40 63.94 7.90
C TYR L 645 12.90 64.19 7.94
N ILE L 646 12.13 63.28 8.56
CA ILE L 646 10.68 63.42 8.60
C ILE L 646 10.21 64.45 9.62
N HIS L 647 11.09 64.88 10.52
CA HIS L 647 10.69 65.88 11.49
C HIS L 647 10.44 67.22 10.80
N PRO L 648 9.39 67.94 11.17
CA PRO L 648 9.09 69.20 10.48
C PRO L 648 10.20 70.23 10.57
N LYS L 649 11.00 70.21 11.63
CA LYS L 649 12.05 71.22 11.80
C LYS L 649 13.14 71.05 10.74
N TYR L 650 13.60 69.82 10.54
CA TYR L 650 14.67 69.55 9.57
C TYR L 650 14.12 69.16 8.20
N GLU L 651 12.81 69.01 8.06
CA GLU L 651 12.25 68.60 6.77
C GLU L 651 12.68 69.48 5.60
N PRO L 652 12.75 70.82 5.72
CA PRO L 652 13.26 71.60 4.58
C PRO L 652 14.68 71.23 4.17
N ALA L 653 15.56 70.88 5.11
CA ALA L 653 16.91 70.48 4.74
C ALA L 653 16.92 69.16 3.99
N PHE L 654 16.11 68.20 4.43
CA PHE L 654 15.98 66.95 3.69
C PHE L 654 15.41 67.20 2.30
N ARG L 655 14.46 68.14 2.20
CA ARG L 655 13.93 68.51 0.89
C ARG L 655 15.01 69.13 0.01
N LEU L 656 15.91 69.92 0.60
CA LEU L 656 17.04 70.46 -0.18
C LEU L 656 17.93 69.33 -0.69
N GLU L 657 18.20 68.34 0.16
CA GLU L 657 19.02 67.21 -0.29
C GLU L 657 18.32 66.44 -1.41
N VAL L 658 17.01 66.21 -1.29
CA VAL L 658 16.28 65.52 -2.33
C VAL L 658 16.25 66.33 -3.61
N ARG L 659 16.16 67.66 -3.48
CA ARG L 659 16.20 68.53 -4.65
C ARG L 659 17.55 68.45 -5.35
N ALA L 660 18.64 68.39 -4.58
CA ALA L 660 19.95 68.22 -5.18
C ALA L 660 20.06 66.89 -5.92
N ILE L 661 19.55 65.81 -5.32
CA ILE L 661 19.56 64.51 -5.98
C ILE L 661 18.73 64.56 -7.26
N LYS L 662 17.56 65.19 -7.20
CA LYS L 662 16.71 65.30 -8.39
C LYS L 662 17.38 66.11 -9.48
N LYS L 663 18.07 67.19 -9.11
CA LYS L 663 18.80 67.99 -10.09
C LYS L 663 19.90 67.17 -10.75
N VAL L 664 20.62 66.37 -9.96
CA VAL L 664 21.64 65.50 -10.55
C VAL L 664 21.00 64.50 -11.50
N ARG L 665 19.87 63.90 -11.10
CA ARG L 665 19.27 62.84 -11.91
C ARG L 665 18.59 63.37 -13.17
N GLU L 666 18.16 64.63 -13.16
CA GLU L 666 17.37 65.19 -14.25
C GLU L 666 18.11 66.24 -15.07
N GLU L 667 18.65 67.28 -14.41
CA GLU L 667 19.33 68.33 -15.15
C GLU L 667 20.58 67.79 -15.86
N MET L 668 21.34 66.95 -15.17
CA MET L 668 22.50 66.30 -15.78
C MET L 668 22.17 64.94 -16.37
N GLY L 669 20.96 64.45 -16.19
CA GLY L 669 20.57 63.17 -16.76
C GLY L 669 21.33 61.98 -16.22
N LEU L 670 21.92 62.10 -15.04
CA LEU L 670 22.70 61.00 -14.45
C LEU L 670 21.74 60.05 -13.75
N THR L 671 21.26 59.07 -14.51
CA THR L 671 20.29 58.12 -13.98
C THR L 671 20.90 57.21 -12.92
N ASN L 672 22.21 56.99 -12.98
CA ASN L 672 22.89 56.04 -12.11
C ASN L 672 22.96 56.49 -10.64
N VAL L 673 22.30 57.57 -10.23
CA VAL L 673 22.36 58.04 -8.85
C VAL L 673 21.19 57.44 -8.08
N TRP L 674 21.50 56.67 -7.04
CA TRP L 674 20.53 56.10 -6.12
C TRP L 674 20.75 56.74 -4.76
N VAL L 675 19.79 56.53 -3.85
CA VAL L 675 19.87 57.11 -2.51
C VAL L 675 19.72 56.00 -1.48
N MET L 676 20.34 56.20 -0.33
CA MET L 676 20.15 55.33 0.82
C MET L 676 19.81 56.18 2.04
N PHE L 677 18.85 55.69 2.83
CA PHE L 677 18.42 56.37 4.03
C PHE L 677 19.23 55.87 5.21
N PRO L 678 20.01 56.71 5.87
CA PRO L 678 20.82 56.24 7.00
C PRO L 678 20.02 56.18 8.29
N PHE L 679 20.33 55.16 9.09
CA PHE L 679 19.81 55.01 10.45
C PHE L 679 18.28 54.96 10.46
N VAL L 680 17.75 53.97 9.76
CA VAL L 680 16.31 53.76 9.68
C VAL L 680 15.85 53.01 10.92
N ARG L 681 14.82 53.53 11.58
CA ARG L 681 14.33 52.98 12.83
C ARG L 681 13.00 52.24 12.69
N THR L 682 12.00 52.86 12.08
CA THR L 682 10.67 52.30 12.00
C THR L 682 10.14 52.39 10.57
N THR L 683 9.14 51.55 10.28
CA THR L 683 8.57 51.51 8.94
C THR L 683 7.81 52.78 8.61
N TRP L 684 7.06 53.33 9.59
CA TRP L 684 6.27 54.53 9.32
C TRP L 684 7.16 55.73 9.01
N GLU L 685 8.29 55.84 9.70
CA GLU L 685 9.23 56.92 9.38
C GLU L 685 9.80 56.75 7.98
N LEU L 686 10.06 55.50 7.56
CA LEU L 686 10.56 55.26 6.22
C LEU L 686 9.52 55.63 5.16
N GLU L 687 8.26 55.29 5.41
CA GLU L 687 7.22 55.65 4.45
C GLU L 687 6.98 57.15 4.43
N ARG L 688 7.12 57.83 5.57
CA ARG L 688 7.00 59.29 5.58
C ARG L 688 8.15 59.93 4.79
N ALA L 689 9.36 59.42 4.95
CA ALA L 689 10.47 59.92 4.13
C ALA L 689 10.24 59.65 2.64
N LEU L 690 9.69 58.47 2.31
CA LEU L 690 9.42 58.16 0.92
C LEU L 690 8.36 59.09 0.33
N LYS L 691 7.30 59.38 1.09
CA LYS L 691 6.29 60.31 0.58
C LYS L 691 6.81 61.73 0.50
N ILE L 692 7.72 62.13 1.39
CA ILE L 692 8.37 63.43 1.26
C ILE L 692 9.20 63.48 -0.01
N MET L 693 9.93 62.40 -0.31
CA MET L 693 10.68 62.33 -1.56
C MET L 693 9.76 62.39 -2.77
N GLU L 694 8.63 61.70 -2.70
CA GLU L 694 7.67 61.74 -3.80
C GLU L 694 7.11 63.14 -4.02
N GLU L 695 6.85 63.87 -2.91
CA GLU L 695 6.38 65.25 -3.03
C GLU L 695 7.40 66.12 -3.75
N GLU L 696 8.66 65.76 -3.70
CA GLU L 696 9.72 66.48 -4.39
C GLU L 696 9.98 65.96 -5.80
N GLY L 697 9.18 65.00 -6.28
CA GLY L 697 9.34 64.45 -7.60
C GLY L 697 10.33 63.32 -7.71
N LEU L 698 10.91 62.87 -6.60
CA LEU L 698 11.86 61.76 -6.60
C LEU L 698 11.09 60.51 -6.16
N LYS L 699 10.81 59.64 -7.11
CA LYS L 699 10.00 58.45 -6.88
C LYS L 699 10.79 57.19 -7.18
N ARG L 700 10.62 56.18 -6.32
CA ARG L 700 11.26 54.89 -6.53
C ARG L 700 10.73 54.25 -7.80
N GLY L 701 11.63 53.73 -8.61
CA GLY L 701 11.25 53.13 -9.88
C GLY L 701 12.33 52.22 -10.42
N LYS L 702 12.19 51.89 -11.70
CA LYS L 702 13.16 51.01 -12.35
C LYS L 702 14.52 51.70 -12.51
N ASP L 703 14.54 53.01 -12.70
CA ASP L 703 15.76 53.76 -12.88
C ASP L 703 16.24 54.44 -11.59
N PHE L 704 15.52 54.25 -10.48
CA PHE L 704 15.87 54.88 -9.22
C PHE L 704 15.70 53.86 -8.10
N LYS L 705 16.79 53.56 -7.42
CA LYS L 705 16.79 52.60 -6.32
C LYS L 705 16.91 53.33 -4.99
N VAL L 706 16.14 52.88 -4.00
CA VAL L 706 16.16 53.42 -2.65
C VAL L 706 16.59 52.31 -1.70
N TRP L 707 17.64 52.58 -0.92
CA TRP L 707 18.16 51.64 0.04
C TRP L 707 17.93 52.16 1.46
N ALA L 708 18.00 51.25 2.43
CA ALA L 708 17.89 51.59 3.84
C ALA L 708 19.08 51.01 4.57
N MET L 709 19.74 51.84 5.39
CA MET L 709 20.86 51.35 6.19
C MET L 709 20.36 50.38 7.26
N ALA L 710 20.94 49.19 7.27
CA ALA L 710 20.59 48.17 8.26
C ALA L 710 21.57 48.23 9.43
N GLU L 711 21.54 49.35 10.14
CA GLU L 711 22.39 49.57 11.29
C GLU L 711 21.63 49.64 12.60
N VAL L 712 20.33 49.40 12.59
CA VAL L 712 19.50 49.42 13.80
C VAL L 712 18.92 48.02 13.99
N PRO L 713 18.91 47.50 15.22
CA PRO L 713 18.37 46.14 15.43
C PRO L 713 16.92 45.99 15.04
N SER L 714 16.15 47.07 15.01
CA SER L 714 14.78 46.98 14.50
C SER L 714 14.76 46.54 13.04
N ILE L 715 15.73 47.00 12.24
CA ILE L 715 15.86 46.53 10.87
C ILE L 715 16.19 45.04 10.86
N VAL L 716 17.04 44.61 11.80
CA VAL L 716 17.38 43.19 11.90
C VAL L 716 16.13 42.36 12.15
N LEU L 717 15.28 42.81 13.07
CA LEU L 717 14.11 42.02 13.45
C LEU L 717 13.00 42.10 12.41
N LEU L 718 12.90 43.20 11.67
CA LEU L 718 11.80 43.43 10.75
C LEU L 718 12.29 43.77 9.34
N ALA L 719 13.36 43.11 8.89
CA ALA L 719 13.86 43.38 7.55
C ALA L 719 12.84 43.02 6.48
N ASP L 720 12.13 41.90 6.66
CA ASP L 720 11.11 41.50 5.70
C ASP L 720 9.97 42.52 5.63
N LYS L 721 9.68 43.19 6.75
CA LYS L 721 8.66 44.23 6.75
C LYS L 721 9.17 45.50 6.07
N PHE L 722 10.43 45.86 6.31
CA PHE L 722 11.00 47.04 5.70
C PHE L 722 11.21 46.88 4.20
N ALA L 723 11.30 45.64 3.71
CA ALA L 723 11.61 45.42 2.30
C ALA L 723 10.51 45.90 1.37
N GLU L 724 9.28 46.09 1.86
CA GLU L 724 8.20 46.58 1.00
C GLU L 724 8.38 48.04 0.62
N TYR L 725 9.26 48.77 1.31
CA TYR L 725 9.43 50.20 1.08
C TYR L 725 10.71 50.55 0.33
N VAL L 726 11.72 49.68 0.34
CA VAL L 726 13.01 49.98 -0.25
C VAL L 726 13.38 48.88 -1.23
N ASP L 727 14.25 49.21 -2.19
CA ASP L 727 14.71 48.22 -3.15
C ASP L 727 15.73 47.27 -2.52
N GLY L 728 16.49 47.74 -1.53
CA GLY L 728 17.47 46.90 -0.89
C GLY L 728 17.93 47.49 0.42
N PHE L 729 18.83 46.76 1.08
CA PHE L 729 19.39 47.18 2.36
C PHE L 729 20.90 47.25 2.27
N SER L 730 21.47 48.22 2.98
CA SER L 730 22.92 48.34 3.13
C SER L 730 23.24 48.16 4.61
N ILE L 731 24.03 47.13 4.92
CA ILE L 731 24.34 46.80 6.30
C ILE L 731 25.50 47.68 6.76
N GLY L 732 25.20 48.61 7.66
CA GLY L 732 26.23 49.43 8.27
C GLY L 732 26.89 48.72 9.42
N SER L 733 27.78 47.77 9.10
CA SER L 733 28.35 46.89 10.11
C SER L 733 29.00 47.65 11.26
N ASN L 734 29.62 48.81 10.97
CA ASN L 734 30.23 49.60 12.01
C ASN L 734 29.20 50.04 13.05
N ASP L 735 28.09 50.63 12.59
CA ASP L 735 27.02 51.03 13.49
C ASP L 735 26.17 49.86 13.94
N LEU L 736 26.01 48.85 13.09
CA LEU L 736 25.19 47.69 13.45
C LEU L 736 25.80 46.93 14.63
N THR L 737 27.12 46.75 14.61
CA THR L 737 27.78 46.10 15.74
C THR L 737 27.62 46.91 17.01
N GLN L 738 27.76 48.23 16.91
CA GLN L 738 27.62 49.11 18.07
C GLN L 738 26.23 49.00 18.67
N LEU L 739 25.19 49.00 17.82
CA LEU L 739 23.83 48.98 18.34
C LEU L 739 23.42 47.59 18.82
N ILE L 740 23.88 46.53 18.14
CA ILE L 740 23.55 45.17 18.57
C ILE L 740 24.21 44.88 19.91
N LEU L 741 25.48 45.24 20.07
CA LEU L 741 26.18 45.02 21.32
C LEU L 741 25.92 46.12 22.35
N GLY L 742 25.31 47.23 21.96
CA GLY L 742 25.09 48.31 22.90
C GLY L 742 26.36 48.93 23.44
N ALA L 743 27.37 49.08 22.59
CA ALA L 743 28.66 49.65 22.99
C ALA L 743 29.08 50.70 21.97
N ASP L 744 29.76 51.73 22.45
CA ASP L 744 30.18 52.86 21.62
C ASP L 744 31.70 52.85 21.48
N ARG L 745 32.17 53.00 20.24
CA ARG L 745 33.56 52.70 19.91
C ARG L 745 34.56 53.68 20.49
N ASP L 746 34.26 54.98 20.51
CA ASP L 746 35.25 55.96 20.95
C ASP L 746 35.60 55.81 22.42
N SER L 747 34.82 55.07 23.19
CA SER L 747 35.17 54.73 24.57
C SER L 747 36.35 53.77 24.53
N ASN L 748 37.52 54.23 24.98
CA ASN L 748 38.72 53.41 24.91
C ASN L 748 38.62 52.17 25.78
N ILE L 749 37.89 52.26 26.90
CA ILE L 749 37.77 51.11 27.81
C ILE L 749 37.07 49.96 27.10
N LEU L 750 35.94 50.25 26.44
CA LEU L 750 35.22 49.19 25.74
C LEU L 750 36.02 48.65 24.57
N ALA L 751 36.75 49.52 23.87
CA ALA L 751 37.57 49.07 22.75
C ALA L 751 38.69 48.15 23.21
N GLU L 752 39.30 48.44 24.36
CA GLU L 752 40.40 47.63 24.86
C GLU L 752 39.95 46.20 25.17
N MET L 753 38.74 46.04 25.69
CA MET L 753 38.23 44.70 26.00
C MET L 753 37.94 43.87 24.76
N GLY L 754 37.95 44.46 23.58
CA GLY L 754 37.68 43.72 22.37
C GLY L 754 36.22 43.54 22.04
N TYR L 755 35.36 44.42 22.54
CA TYR L 755 33.92 44.32 22.25
C TYR L 755 33.65 44.52 20.77
N PHE L 756 34.33 45.47 20.14
CA PHE L 756 33.99 45.90 18.78
C PHE L 756 34.65 44.99 17.75
N ASP L 757 34.32 43.72 17.86
CA ASP L 757 34.70 42.70 16.89
C ASP L 757 33.47 42.36 16.06
N GLU L 758 33.53 42.67 14.76
CA GLU L 758 32.41 42.38 13.88
C GLU L 758 32.24 40.89 13.62
N ARG L 759 33.19 40.06 14.06
CA ARG L 759 33.06 38.61 14.04
C ARG L 759 32.24 38.10 15.23
N ASP L 760 31.62 38.99 15.99
CA ASP L 760 30.84 38.56 17.15
C ASP L 760 29.67 37.71 16.69
N PRO L 761 29.32 36.65 17.44
CA PRO L 761 28.20 35.79 17.01
C PRO L 761 26.88 36.53 16.90
N ALA L 762 26.62 37.52 17.76
CA ALA L 762 25.38 38.28 17.67
C ALA L 762 25.32 39.09 16.38
N VAL L 763 26.42 39.75 16.02
CA VAL L 763 26.44 40.54 14.79
C VAL L 763 26.27 39.62 13.58
N LEU L 764 26.94 38.47 13.59
CA LEU L 764 26.80 37.53 12.48
C LEU L 764 25.37 37.01 12.37
N ALA L 765 24.74 36.69 13.49
CA ALA L 765 23.35 36.24 13.47
C ALA L 765 22.43 37.33 12.95
N GLY L 766 22.65 38.58 13.36
CA GLY L 766 21.84 39.67 12.86
C GLY L 766 22.00 39.87 11.37
N ILE L 767 23.24 39.80 10.87
CA ILE L 767 23.49 39.94 9.44
C ILE L 767 22.81 38.80 8.67
N LYS L 768 22.92 37.57 9.19
CA LYS L 768 22.28 36.44 8.55
C LYS L 768 20.77 36.61 8.49
N MET L 769 20.17 37.09 9.59
CA MET L 769 18.74 37.32 9.62
C MET L 769 18.33 38.39 8.61
N ILE L 770 19.10 39.48 8.54
CA ILE L 770 18.81 40.54 7.57
C ILE L 770 18.85 39.98 6.16
N ILE L 771 19.89 39.23 5.84
CA ILE L 771 20.05 38.68 4.48
C ILE L 771 18.90 37.74 4.15
N GLU L 772 18.56 36.85 5.09
CA GLU L 772 17.49 35.89 4.85
C GLU L 772 16.16 36.59 4.63
N LYS L 773 15.82 37.57 5.47
CA LYS L 773 14.55 38.26 5.33
C LYS L 773 14.50 39.06 4.03
N ALA L 774 15.57 39.79 3.71
CA ALA L 774 15.57 40.59 2.50
C ALA L 774 15.46 39.73 1.25
N HIS L 775 16.16 38.59 1.22
CA HIS L 775 16.05 37.71 0.06
C HIS L 775 14.72 36.97 0.03
N SER L 776 14.08 36.74 1.18
CA SER L 776 12.73 36.20 1.17
C SER L 776 11.74 37.20 0.61
N LYS L 777 11.96 38.50 0.82
CA LYS L 777 11.12 39.53 0.24
C LYS L 777 11.69 40.11 -1.05
N GLY L 778 12.73 39.50 -1.61
CA GLY L 778 13.26 39.92 -2.89
C GLY L 778 14.03 41.21 -2.90
N ALA L 779 14.57 41.62 -1.75
CA ALA L 779 15.36 42.85 -1.65
C ALA L 779 16.84 42.51 -1.64
N THR L 780 17.63 43.36 -2.31
CA THR L 780 19.07 43.17 -2.34
C THR L 780 19.69 43.55 -1.00
N VAL L 781 20.84 42.94 -0.70
CA VAL L 781 21.57 43.19 0.54
C VAL L 781 22.97 43.63 0.20
N SER L 782 23.41 44.73 0.82
CA SER L 782 24.76 45.23 0.67
C SER L 782 25.35 45.48 2.06
N ILE L 783 26.67 45.52 2.13
CA ILE L 783 27.38 45.84 3.36
C ILE L 783 28.43 46.91 3.06
N CYS L 784 28.47 47.96 3.88
CA CYS L 784 29.40 49.06 3.72
C CYS L 784 30.02 49.34 5.10
N GLY L 785 31.11 48.65 5.39
CA GLY L 785 31.78 48.81 6.67
C GLY L 785 33.20 48.32 6.58
N GLN L 786 33.88 48.37 7.73
CA GLN L 786 35.28 47.95 7.78
C GLN L 786 35.44 46.44 7.98
N ALA L 787 34.35 45.72 8.25
CA ALA L 787 34.46 44.28 8.45
C ALA L 787 34.98 43.54 7.22
N PRO L 788 34.45 43.73 6.01
CA PRO L 788 35.02 43.02 4.86
C PRO L 788 36.41 43.47 4.49
N SER L 789 36.84 44.65 4.92
CA SER L 789 38.14 45.17 4.54
C SER L 789 39.28 44.48 5.29
N VAL L 790 39.03 43.99 6.50
CA VAL L 790 40.08 43.47 7.36
C VAL L 790 39.94 41.98 7.64
N TYR L 791 38.70 41.48 7.77
CA TYR L 791 38.50 40.09 8.16
C TYR L 791 38.07 39.26 6.96
N PRO L 792 38.92 38.36 6.45
CA PRO L 792 38.50 37.48 5.36
C PRO L 792 37.33 36.56 5.72
N GLU L 793 37.26 36.11 6.97
CA GLU L 793 36.17 35.22 7.37
C GLU L 793 34.81 35.92 7.32
N ILE L 794 34.76 37.21 7.61
CA ILE L 794 33.52 37.97 7.42
C ILE L 794 33.10 37.93 5.96
N VAL L 795 34.05 38.11 5.05
CA VAL L 795 33.74 38.07 3.63
C VAL L 795 33.24 36.69 3.23
N GLU L 796 33.88 35.63 3.74
CA GLU L 796 33.46 34.28 3.42
C GLU L 796 32.04 34.02 3.92
N PHE L 797 31.74 34.44 5.15
CA PHE L 797 30.40 34.26 5.69
C PHE L 797 29.37 35.05 4.90
N LEU L 798 29.69 36.28 4.50
CA LEU L 798 28.77 37.09 3.72
C LEU L 798 28.47 36.46 2.37
N VAL L 799 29.51 35.98 1.68
CA VAL L 799 29.31 35.37 0.37
C VAL L 799 28.54 34.07 0.50
N GLU L 800 28.80 33.29 1.56
CA GLU L 800 28.05 32.06 1.79
C GLU L 800 26.57 32.38 2.04
N ALA L 801 26.29 33.42 2.82
CA ALA L 801 24.92 33.82 3.06
C ALA L 801 24.22 34.31 1.80
N GLY L 802 24.98 34.73 0.79
CA GLY L 802 24.40 35.16 -0.47
C GLY L 802 24.18 36.65 -0.56
N ILE L 803 25.10 37.43 0.01
CA ILE L 803 24.96 38.88 -0.05
C ILE L 803 25.13 39.35 -1.47
N ASP L 804 24.35 40.36 -1.86
CA ASP L 804 24.32 40.80 -3.25
C ASP L 804 25.56 41.61 -3.61
N SER L 805 26.03 42.47 -2.72
CA SER L 805 27.19 43.30 -3.01
C SER L 805 27.92 43.61 -1.72
N ILE L 806 29.20 43.96 -1.86
CA ILE L 806 30.06 44.34 -0.75
C ILE L 806 30.73 45.65 -1.11
N SER L 807 30.58 46.66 -0.25
CA SER L 807 31.18 47.97 -0.45
C SER L 807 32.35 48.13 0.52
N VAL L 808 33.53 48.40 -0.02
CA VAL L 808 34.76 48.50 0.77
C VAL L 808 35.46 49.79 0.43
N ASN L 809 36.51 50.09 1.21
CA ASN L 809 37.36 51.23 0.94
C ASN L 809 38.15 51.00 -0.35
N PRO L 810 38.57 52.08 -1.02
CA PRO L 810 39.31 51.90 -2.28
C PRO L 810 40.54 51.03 -2.16
N ASP L 811 41.36 51.26 -1.12
CA ASP L 811 42.59 50.48 -0.97
C ASP L 811 42.33 49.00 -0.74
N ALA L 812 41.11 48.64 -0.34
CA ALA L 812 40.74 47.25 -0.12
C ALA L 812 39.90 46.68 -1.27
N VAL L 813 39.78 47.40 -2.38
CA VAL L 813 38.93 46.92 -3.47
C VAL L 813 39.53 45.68 -4.11
N ILE L 814 40.74 45.81 -4.68
CA ILE L 814 41.30 44.75 -5.51
C ILE L 814 41.39 43.45 -4.72
N ALA L 815 41.98 43.50 -3.52
CA ALA L 815 42.08 42.30 -2.69
C ALA L 815 40.70 41.67 -2.49
N THR L 816 39.71 42.49 -2.14
CA THR L 816 38.36 41.95 -1.95
C THR L 816 37.88 41.27 -3.22
N ARG L 817 38.09 41.91 -4.38
CA ARG L 817 37.67 41.31 -5.63
C ARG L 817 38.33 39.96 -5.83
N ARG L 818 39.59 39.82 -5.42
CA ARG L 818 40.20 38.50 -5.42
C ARG L 818 39.52 37.59 -4.43
N LEU L 819 39.44 38.03 -3.17
CA LEU L 819 38.99 37.14 -2.09
C LEU L 819 37.59 36.61 -2.38
N VAL L 820 36.64 37.51 -2.64
CA VAL L 820 35.27 37.09 -2.93
C VAL L 820 35.29 36.05 -4.04
N ALA L 821 36.03 36.32 -5.12
CA ALA L 821 36.07 35.38 -6.23
C ALA L 821 36.46 34.00 -5.73
N SER L 822 37.58 33.91 -5.01
CA SER L 822 38.02 32.62 -4.50
C SER L 822 36.92 31.98 -3.67
N ILE L 823 36.33 32.76 -2.76
CA ILE L 823 35.28 32.22 -1.90
C ILE L 823 34.15 31.68 -2.75
N GLU L 824 33.73 32.45 -3.75
CA GLU L 824 32.67 31.98 -4.63
C GLU L 824 33.04 30.63 -5.23
N ARG L 825 34.25 30.54 -5.78
CA ARG L 825 34.70 29.28 -6.36
C ARG L 825 34.65 28.18 -5.31
N LYS L 826 35.14 28.47 -4.10
CA LYS L 826 35.07 27.47 -3.04
C LYS L 826 33.64 27.05 -2.77
N ILE L 827 32.74 28.03 -2.65
CA ILE L 827 31.34 27.70 -2.43
C ILE L 827 30.83 26.85 -3.58
N MET L 828 31.23 27.21 -4.81
CA MET L 828 30.71 26.51 -5.99
C MET L 828 31.15 25.06 -5.97
N LEU L 829 32.27 24.75 -5.29
CA LEU L 829 32.62 23.37 -5.02
C LEU L 829 31.74 22.78 -3.93
N LYS L 830 31.70 23.45 -2.76
CA LYS L 830 31.10 22.85 -1.57
C LYS L 830 29.65 22.46 -1.83
N ARG L 831 28.85 23.40 -2.35
CA ARG L 831 27.46 23.11 -2.66
C ARG L 831 27.33 21.85 -3.50
N LEU L 832 28.16 21.73 -4.55
CA LEU L 832 28.12 20.53 -5.38
C LEU L 832 28.25 19.28 -4.53
N ASN L 833 29.29 19.23 -3.68
CA ASN L 833 29.44 18.09 -2.79
C ASN L 833 28.17 17.84 -2.00
N LYS L 834 27.65 18.88 -1.35
CA LYS L 834 26.43 18.72 -0.58
C LYS L 834 25.33 18.10 -1.42
N ILE L 835 25.15 18.61 -2.64
CA ILE L 835 24.10 18.08 -3.51
C ILE L 835 24.30 16.59 -3.69
N MET L 836 25.52 16.16 -4.02
CA MET L 836 25.78 14.74 -4.18
C MET L 836 25.43 13.99 -2.90
N ASP L 837 25.89 14.49 -1.76
CA ASP L 837 25.55 13.85 -0.50
C ASP L 837 24.05 13.82 -0.31
N LYS L 838 23.38 14.94 -0.59
CA LYS L 838 21.93 14.97 -0.50
C LYS L 838 21.33 13.91 -1.41
N LEU L 839 21.83 13.83 -2.64
CA LEU L 839 21.31 12.84 -3.58
C LEU L 839 21.50 11.42 -3.03
N ASN L 840 22.63 11.19 -2.36
CA ASN L 840 22.85 9.88 -1.77
C ASN L 840 21.72 9.53 -0.81
N LYS L 841 21.34 10.48 0.05
CA LYS L 841 20.30 10.20 1.04
C LYS L 841 18.96 9.91 0.35
N LEU L 842 18.81 10.39 -0.89
CA LEU L 842 17.57 10.09 -1.61
C LEU L 842 17.56 8.64 -2.08
N GLU L 843 18.71 8.09 -2.47
CA GLU L 843 18.72 6.74 -3.01
C GLU L 843 18.76 5.69 -1.90
N LEU L 844 19.02 6.10 -0.67
CA LEU L 844 19.06 5.16 0.45
C LEU L 844 18.03 5.52 1.51
N SER M 522 -57.42 -41.62 20.21
CA SER M 522 -57.52 -40.37 20.95
C SER M 522 -56.69 -39.28 20.30
N PRO M 523 -57.27 -38.61 19.29
CA PRO M 523 -56.50 -37.61 18.54
C PRO M 523 -56.11 -36.38 19.36
N GLU M 524 -56.77 -36.11 20.48
CA GLU M 524 -56.54 -34.86 21.19
C GLU M 524 -55.14 -34.80 21.80
N GLN M 525 -54.52 -35.93 22.09
CA GLN M 525 -53.13 -35.90 22.54
C GLN M 525 -52.13 -35.95 21.39
N LEU M 526 -52.60 -36.08 20.15
CA LEU M 526 -51.71 -36.10 18.99
C LEU M 526 -51.35 -34.71 18.48
N LEU M 527 -52.01 -33.67 18.99
CA LEU M 527 -51.68 -32.31 18.56
C LEU M 527 -50.24 -31.92 18.83
N PRO M 528 -49.67 -32.13 20.04
CA PRO M 528 -48.27 -31.73 20.25
C PRO M 528 -47.27 -32.53 19.44
N LEU M 529 -47.65 -33.70 18.94
CA LEU M 529 -46.72 -34.56 18.20
C LEU M 529 -46.63 -34.19 16.72
N TYR M 530 -47.42 -33.23 16.26
CA TYR M 530 -47.34 -32.81 14.87
C TYR M 530 -46.02 -32.10 14.60
N PRO M 531 -45.55 -32.10 13.36
CA PRO M 531 -44.26 -31.47 13.06
C PRO M 531 -44.26 -29.99 13.39
N VAL M 532 -43.11 -29.51 13.87
CA VAL M 532 -42.95 -28.11 14.27
C VAL M 532 -42.45 -27.32 13.07
N THR M 533 -43.14 -26.22 12.77
CA THR M 533 -42.81 -25.37 11.64
C THR M 533 -42.47 -23.97 12.12
N ALA M 534 -41.41 -23.40 11.55
CA ALA M 534 -41.09 -22.00 11.83
C ALA M 534 -42.20 -21.08 11.34
N THR M 535 -42.70 -21.33 10.14
CA THR M 535 -43.81 -20.55 9.61
C THR M 535 -45.12 -20.98 10.28
N LYS M 536 -45.88 -20.00 10.76
CA LYS M 536 -47.14 -20.30 11.42
C LYS M 536 -48.18 -20.79 10.41
N ILE M 537 -48.88 -21.87 10.77
CA ILE M 537 -49.89 -22.45 9.92
C ILE M 537 -51.25 -22.00 10.45
N TYR M 538 -51.86 -21.04 9.77
CA TYR M 538 -53.17 -20.54 10.14
C TYR M 538 -54.27 -21.28 9.39
N MET M 539 -55.50 -21.06 9.82
CA MET M 539 -56.66 -21.72 9.23
C MET M 539 -57.69 -20.67 8.80
N ASN M 540 -58.37 -20.97 7.69
CA ASN M 540 -59.44 -20.12 7.18
C ASN M 540 -60.77 -20.65 7.68
N LEU M 541 -61.57 -19.77 8.28
CA LEU M 541 -62.87 -20.13 8.82
C LEU M 541 -63.93 -19.16 8.31
N GLY M 542 -65.06 -19.71 7.86
CA GLY M 542 -66.16 -18.89 7.41
C GLY M 542 -67.40 -19.05 8.27
N GLU M 543 -67.59 -20.25 8.82
CA GLU M 543 -68.72 -20.54 9.69
C GLU M 543 -68.23 -20.72 11.12
N PRO M 544 -68.70 -19.91 12.08
CA PRO M 544 -68.24 -20.09 13.46
C PRO M 544 -68.54 -21.47 14.02
N ASP M 545 -69.71 -22.04 13.69
CA ASP M 545 -70.08 -23.35 14.22
C ASP M 545 -69.17 -24.47 13.73
N ALA M 546 -68.36 -24.21 12.72
CA ALA M 546 -67.39 -25.19 12.23
C ALA M 546 -66.11 -25.19 13.03
N ILE M 547 -65.95 -24.29 14.01
CA ILE M 547 -64.72 -24.29 14.79
C ILE M 547 -64.60 -25.54 15.64
N GLU M 548 -65.73 -26.12 16.05
CA GLU M 548 -65.69 -27.33 16.86
C GLU M 548 -65.31 -28.56 16.03
N LYS M 549 -65.61 -28.53 14.73
CA LYS M 549 -65.21 -29.65 13.87
C LYS M 549 -63.70 -29.69 13.69
N TYR M 550 -63.06 -28.53 13.61
CA TYR M 550 -61.64 -28.43 13.31
C TYR M 550 -60.80 -28.06 14.53
N LYS M 551 -61.35 -28.24 15.74
CA LYS M 551 -60.60 -27.92 16.94
C LYS M 551 -59.39 -28.82 17.16
N ASP M 552 -59.37 -30.00 16.51
CA ASP M 552 -58.28 -30.95 16.66
C ASP M 552 -57.26 -30.85 15.53
N LEU M 553 -57.27 -29.76 14.77
CA LEU M 553 -56.25 -29.61 13.75
C LEU M 553 -55.06 -28.83 14.28
N PRO M 554 -53.85 -29.13 13.80
CA PRO M 554 -52.65 -28.40 14.28
C PRO M 554 -52.46 -27.06 13.59
N PHE M 555 -53.33 -26.11 13.92
CA PHE M 555 -53.25 -24.76 13.40
C PHE M 555 -52.85 -23.79 14.51
N ASP M 556 -52.05 -22.80 14.17
CA ASP M 556 -51.58 -21.81 15.13
C ASP M 556 -52.54 -20.65 15.30
N GLY M 557 -53.67 -20.66 14.62
CA GLY M 557 -54.65 -19.61 14.74
C GLY M 557 -55.53 -19.54 13.51
N ILE M 558 -56.49 -18.63 13.55
CA ILE M 558 -57.38 -18.36 12.44
C ILE M 558 -56.83 -17.13 11.72
N GLY M 559 -56.11 -17.36 10.62
CA GLY M 559 -55.56 -16.26 9.86
C GLY M 559 -56.57 -15.51 9.02
N LEU M 560 -57.78 -16.04 8.87
CA LEU M 560 -58.82 -15.37 8.10
C LEU M 560 -60.17 -15.87 8.59
N MET M 561 -60.91 -15.01 9.29
CA MET M 561 -62.27 -15.29 9.70
C MET M 561 -63.21 -14.46 8.84
N ARG M 562 -64.05 -15.14 8.07
CA ARG M 562 -64.99 -14.48 7.18
C ARG M 562 -66.30 -14.24 7.91
N ILE M 563 -66.69 -12.97 8.05
CA ILE M 563 -67.91 -12.61 8.74
C ILE M 563 -69.04 -12.49 7.72
N GLU M 564 -68.74 -12.82 6.46
CA GLU M 564 -69.77 -12.77 5.42
C GLU M 564 -70.89 -13.75 5.72
N PHE M 565 -70.54 -14.95 6.19
CA PHE M 565 -71.56 -15.94 6.53
C PHE M 565 -72.42 -15.48 7.69
N ILE M 566 -71.81 -14.81 8.68
CA ILE M 566 -72.58 -14.33 9.83
C ILE M 566 -73.59 -13.29 9.39
N ILE M 567 -73.15 -12.33 8.56
CA ILE M 567 -74.06 -11.28 8.11
C ILE M 567 -75.16 -11.86 7.21
N THR M 568 -74.80 -12.83 6.38
CA THR M 568 -75.77 -13.38 5.44
C THR M 568 -76.82 -14.25 6.14
N ASP M 569 -76.38 -15.12 7.04
CA ASP M 569 -77.26 -16.14 7.61
C ASP M 569 -77.67 -15.89 9.05
N TRP M 570 -76.92 -15.09 9.80
CA TRP M 570 -77.31 -14.78 11.16
C TRP M 570 -77.98 -13.41 11.30
N VAL M 571 -77.81 -12.53 10.31
CA VAL M 571 -78.41 -11.21 10.32
C VAL M 571 -79.48 -11.06 9.25
N GLN M 572 -79.18 -11.50 8.02
CA GLN M 572 -80.07 -11.41 6.86
C GLN M 572 -80.40 -9.97 6.46
N TYR M 573 -79.89 -8.98 7.18
CA TYR M 573 -80.29 -7.59 6.96
C TYR M 573 -79.07 -6.72 6.68
N HIS M 574 -79.28 -5.74 5.81
CA HIS M 574 -78.25 -4.75 5.54
C HIS M 574 -77.99 -3.93 6.81
N PRO M 575 -76.74 -3.72 7.20
CA PRO M 575 -76.48 -2.96 8.44
C PRO M 575 -77.05 -1.55 8.41
N LEU M 576 -77.00 -0.88 7.26
CA LEU M 576 -77.61 0.44 7.16
C LEU M 576 -79.12 0.38 7.35
N TYR M 577 -79.77 -0.67 6.83
CA TYR M 577 -81.19 -0.84 7.05
C TYR M 577 -81.50 -1.03 8.54
N LEU M 578 -80.67 -1.82 9.23
CA LEU M 578 -80.87 -2.00 10.66
C LEU M 578 -80.66 -0.69 11.42
N ILE M 579 -79.70 0.12 10.99
CA ILE M 579 -79.50 1.44 11.60
C ILE M 579 -80.73 2.31 11.39
N GLU M 580 -81.28 2.29 10.18
CA GLU M 580 -82.49 3.06 9.91
C GLU M 580 -83.66 2.58 10.77
N GLN M 581 -83.80 1.27 10.94
CA GLN M 581 -84.82 0.71 11.81
C GLN M 581 -84.40 0.71 13.28
N GLY M 582 -83.21 1.20 13.60
CA GLY M 582 -82.75 1.22 14.97
C GLY M 582 -82.48 -0.16 15.55
N LYS M 583 -81.92 -1.07 14.74
CA LYS M 583 -81.63 -2.41 15.21
C LYS M 583 -80.14 -2.72 15.09
N GLU M 584 -79.29 -1.75 15.47
CA GLU M 584 -77.85 -1.98 15.48
C GLU M 584 -77.48 -3.08 16.46
N SER M 585 -78.27 -3.23 17.54
CA SER M 585 -77.96 -4.20 18.57
C SER M 585 -77.94 -5.62 18.01
N LEU M 586 -78.90 -5.95 17.15
CA LEU M 586 -78.95 -7.30 16.58
C LEU M 586 -77.68 -7.61 15.78
N PHE M 587 -77.30 -6.72 14.87
CA PHE M 587 -76.10 -6.93 14.05
C PHE M 587 -74.86 -7.04 14.92
N ILE M 588 -74.69 -6.10 15.86
CA ILE M 588 -73.51 -6.10 16.72
C ILE M 588 -73.46 -7.38 17.55
N ASP M 589 -74.60 -7.80 18.10
CA ASP M 589 -74.62 -8.96 18.97
C ASP M 589 -74.37 -10.25 18.20
N LYS M 590 -74.90 -10.36 16.98
CA LYS M 590 -74.63 -11.56 16.19
C LYS M 590 -73.16 -11.65 15.80
N LEU M 591 -72.56 -10.54 15.35
CA LEU M 591 -71.14 -10.56 15.06
C LEU M 591 -70.32 -10.88 16.30
N ALA M 592 -70.70 -10.29 17.44
CA ALA M 592 -69.98 -10.54 18.68
C ALA M 592 -70.09 -12.00 19.09
N GLU M 593 -71.27 -12.59 18.95
CA GLU M 593 -71.45 -13.99 19.31
C GLU M 593 -70.58 -14.89 18.46
N GLY M 594 -70.60 -14.70 17.14
CA GLY M 594 -69.78 -15.53 16.28
C GLY M 594 -68.29 -15.37 16.56
N ILE M 595 -67.82 -14.13 16.65
CA ILE M 595 -66.39 -13.89 16.86
C ILE M 595 -65.96 -14.39 18.22
N ALA M 596 -66.81 -14.21 19.24
CA ALA M 596 -66.47 -14.68 20.59
C ALA M 596 -66.41 -16.20 20.64
N LYS M 597 -67.36 -16.87 19.96
CA LYS M 597 -67.30 -18.33 19.90
C LYS M 597 -65.99 -18.79 19.26
N VAL M 598 -65.63 -18.21 18.12
CA VAL M 598 -64.41 -18.62 17.45
C VAL M 598 -63.19 -18.33 18.31
N ALA M 599 -63.14 -17.16 18.95
CA ALA M 599 -61.97 -16.78 19.74
C ALA M 599 -61.83 -17.64 20.98
N GLN M 600 -62.93 -17.89 21.69
CA GLN M 600 -62.88 -18.71 22.89
C GLN M 600 -62.59 -20.16 22.56
N ALA M 601 -63.00 -20.63 21.38
CA ALA M 601 -62.74 -22.03 21.02
C ALA M 601 -61.25 -22.30 20.85
N ILE M 602 -60.46 -21.30 20.48
CA ILE M 602 -59.05 -21.50 20.20
C ILE M 602 -58.16 -20.57 21.02
N TYR M 603 -58.66 -20.03 22.13
CA TYR M 603 -57.85 -19.16 22.95
C TYR M 603 -56.63 -19.92 23.47
N PRO M 604 -55.45 -19.29 23.51
CA PRO M 604 -55.14 -17.90 23.15
C PRO M 604 -54.65 -17.71 21.72
N ARG M 605 -54.91 -18.65 20.81
CA ARG M 605 -54.45 -18.48 19.44
C ARG M 605 -55.21 -17.33 18.77
N PRO M 606 -54.53 -16.50 17.99
CA PRO M 606 -55.18 -15.31 17.43
C PRO M 606 -56.26 -15.67 16.42
N VAL M 607 -57.28 -14.81 16.37
CA VAL M 607 -58.34 -14.89 15.38
C VAL M 607 -58.34 -13.58 14.61
N VAL M 608 -57.94 -13.63 13.34
CA VAL M 608 -57.88 -12.44 12.50
C VAL M 608 -59.21 -12.33 11.77
N VAL M 609 -60.09 -11.48 12.28
CA VAL M 609 -61.41 -11.26 11.69
C VAL M 609 -61.27 -10.30 10.52
N ARG M 610 -61.82 -10.70 9.37
CA ARG M 610 -61.87 -9.83 8.21
C ARG M 610 -63.15 -9.01 8.24
N PHE M 611 -63.03 -7.71 7.97
CA PHE M 611 -64.20 -6.86 7.90
C PHE M 611 -65.04 -7.24 6.68
N SER M 612 -66.17 -6.54 6.51
CA SER M 612 -67.13 -6.90 5.47
C SER M 612 -66.50 -6.86 4.09
N ASP M 613 -66.39 -8.04 3.47
CA ASP M 613 -65.78 -8.18 2.15
C ASP M 613 -66.83 -8.26 1.04
N PHE M 614 -68.09 -7.94 1.35
CA PHE M 614 -69.15 -8.02 0.36
C PHE M 614 -68.94 -7.01 -0.76
N LYS M 615 -69.45 -7.34 -1.94
CA LYS M 615 -69.54 -6.40 -3.05
C LYS M 615 -70.93 -5.76 -3.02
N THR M 616 -71.13 -4.76 -3.89
CA THR M 616 -72.41 -4.07 -3.91
C THR M 616 -73.54 -5.03 -4.31
N ASN M 617 -73.29 -5.89 -5.31
CA ASN M 617 -74.28 -6.89 -5.68
C ASN M 617 -74.51 -7.89 -4.56
N GLU M 618 -73.45 -8.29 -3.85
CA GLU M 618 -73.62 -9.16 -2.70
C GLU M 618 -74.34 -8.45 -1.56
N TYR M 619 -74.09 -7.15 -1.40
CA TYR M 619 -74.79 -6.38 -0.39
C TYR M 619 -76.27 -6.29 -0.69
N ARG M 620 -76.63 -6.16 -1.98
CA ARG M 620 -78.04 -6.09 -2.35
C ARG M 620 -78.79 -7.37 -2.00
N GLY M 621 -78.10 -8.50 -1.86
CA GLY M 621 -78.75 -9.73 -1.45
C GLY M 621 -79.32 -9.66 -0.05
N LEU M 622 -78.78 -8.79 0.80
CA LEU M 622 -79.33 -8.61 2.14
C LEU M 622 -80.68 -7.91 2.07
N LYS M 623 -81.49 -8.15 3.11
CA LYS M 623 -82.81 -7.54 3.17
C LYS M 623 -82.70 -6.04 3.37
N GLY M 624 -83.41 -5.27 2.54
CA GLY M 624 -83.39 -3.83 2.64
C GLY M 624 -82.14 -3.17 2.10
N GLY M 625 -81.26 -3.92 1.44
CA GLY M 625 -80.03 -3.38 0.91
C GLY M 625 -80.14 -2.71 -0.44
N GLU M 626 -81.30 -2.79 -1.10
CA GLU M 626 -81.45 -2.16 -2.40
C GLU M 626 -81.40 -0.64 -2.31
N LYS M 627 -81.85 -0.07 -1.19
CA LYS M 627 -81.87 1.38 -1.06
C LYS M 627 -80.49 1.98 -0.81
N TYR M 628 -79.54 1.19 -0.32
CA TYR M 628 -78.24 1.70 0.06
C TYR M 628 -77.12 1.28 -0.88
N GLU M 629 -77.36 0.36 -1.79
CA GLU M 629 -76.33 -0.16 -2.68
C GLU M 629 -76.61 0.28 -4.11
N PRO M 630 -75.80 1.15 -4.70
CA PRO M 630 -76.01 1.53 -6.09
C PRO M 630 -75.64 0.40 -7.04
N GLU M 631 -76.30 0.38 -8.18
CA GLU M 631 -75.98 -0.60 -9.21
C GLU M 631 -74.64 -0.26 -9.85
N GLU M 632 -73.68 -1.17 -9.74
CA GLU M 632 -72.34 -0.90 -10.24
C GLU M 632 -72.01 -1.83 -11.39
N ARG M 633 -71.37 -1.25 -12.41
CA ARG M 633 -70.91 -1.97 -13.56
C ARG M 633 -69.78 -2.94 -13.19
N ASN M 634 -68.84 -2.52 -12.33
CA ASN M 634 -67.78 -3.42 -11.84
C ASN M 634 -67.65 -3.33 -10.33
N PRO M 635 -68.54 -3.99 -9.58
CA PRO M 635 -68.35 -4.04 -8.12
C PRO M 635 -67.07 -4.75 -7.70
N MET M 636 -66.53 -5.63 -8.56
CA MET M 636 -65.28 -6.32 -8.25
C MET M 636 -64.17 -5.33 -7.99
N ILE M 637 -64.13 -4.24 -8.74
CA ILE M 637 -63.19 -3.15 -8.49
C ILE M 637 -63.99 -1.91 -8.16
N GLY M 638 -65.16 -2.10 -7.55
CA GLY M 638 -66.05 -1.00 -7.23
C GLY M 638 -65.93 -0.55 -5.78
N TRP M 639 -67.03 0.00 -5.28
CA TRP M 639 -67.10 0.54 -3.91
C TRP M 639 -67.16 -0.62 -2.93
N ARG M 640 -66.00 -1.01 -2.41
CA ARG M 640 -65.91 -2.12 -1.47
C ARG M 640 -64.66 -1.95 -0.63
N GLY M 641 -64.62 -2.69 0.48
CA GLY M 641 -63.45 -2.66 1.33
C GLY M 641 -63.33 -1.36 2.10
N VAL M 642 -62.09 -0.90 2.28
CA VAL M 642 -61.84 0.29 3.07
C VAL M 642 -62.50 1.51 2.44
N SER M 643 -62.50 1.57 1.11
CA SER M 643 -63.19 2.66 0.41
C SER M 643 -64.64 2.73 0.84
N ARG M 644 -65.27 1.60 1.13
CA ARG M 644 -66.63 1.60 1.63
C ARG M 644 -66.69 2.03 3.09
N TYR M 645 -65.72 1.61 3.90
CA TYR M 645 -65.78 1.86 5.33
C TYR M 645 -65.63 3.35 5.64
N ILE M 646 -64.69 4.03 4.98
CA ILE M 646 -64.45 5.44 5.25
C ILE M 646 -65.49 6.36 4.62
N HIS M 647 -66.29 5.84 3.69
CA HIS M 647 -67.33 6.66 3.09
C HIS M 647 -68.39 7.01 4.12
N PRO M 648 -68.87 8.25 4.15
CA PRO M 648 -69.86 8.63 5.17
C PRO M 648 -71.14 7.83 5.13
N LYS M 649 -71.53 7.32 3.96
CA LYS M 649 -72.79 6.58 3.84
C LYS M 649 -72.71 5.26 4.60
N TYR M 650 -71.64 4.50 4.40
CA TYR M 650 -71.47 3.21 5.06
C TYR M 650 -70.70 3.31 6.37
N GLU M 651 -70.18 4.49 6.72
CA GLU M 651 -69.41 4.62 7.95
C GLU M 651 -70.13 4.11 9.19
N PRO M 652 -71.43 4.36 9.39
CA PRO M 652 -72.10 3.76 10.57
C PRO M 652 -72.03 2.24 10.61
N ALA M 653 -72.11 1.57 9.46
CA ALA M 653 -72.02 0.11 9.45
C ALA M 653 -70.63 -0.37 9.85
N PHE M 654 -69.59 0.30 9.35
CA PHE M 654 -68.23 -0.02 9.77
C PHE M 654 -68.05 0.25 11.25
N ARG M 655 -68.68 1.31 11.76
CA ARG M 655 -68.64 1.57 13.20
C ARG M 655 -69.35 0.47 13.99
N LEU M 656 -70.44 -0.08 13.45
CA LEU M 656 -71.09 -1.22 14.10
C LEU M 656 -70.16 -2.42 14.14
N GLU M 657 -69.46 -2.69 13.04
CA GLU M 657 -68.52 -3.80 13.03
C GLU M 657 -67.40 -3.59 14.05
N VAL M 658 -66.86 -2.37 14.12
CA VAL M 658 -65.80 -2.06 15.08
C VAL M 658 -66.33 -2.18 16.51
N ARG M 659 -67.59 -1.79 16.72
CA ARG M 659 -68.20 -1.93 18.04
C ARG M 659 -68.34 -3.39 18.43
N ALA M 660 -68.71 -4.24 17.48
CA ALA M 660 -68.78 -5.68 17.75
C ALA M 660 -67.41 -6.23 18.12
N ILE M 661 -66.38 -5.83 17.38
CA ILE M 661 -65.02 -6.28 17.69
C ILE M 661 -64.60 -5.79 19.07
N LYS M 662 -64.90 -4.54 19.41
CA LYS M 662 -64.57 -4.00 20.71
C LYS M 662 -65.30 -4.73 21.82
N LYS M 663 -66.58 -5.06 21.60
CA LYS M 663 -67.33 -5.82 22.59
C LYS M 663 -66.72 -7.20 22.81
N VAL M 664 -66.30 -7.86 21.73
CA VAL M 664 -65.63 -9.15 21.88
C VAL M 664 -64.33 -8.99 22.67
N ARG M 665 -63.55 -7.94 22.36
CA ARG M 665 -62.24 -7.80 22.97
C ARG M 665 -62.32 -7.35 24.43
N GLU M 666 -63.41 -6.68 24.81
CA GLU M 666 -63.52 -6.08 26.14
C GLU M 666 -64.54 -6.76 27.02
N GLU M 667 -65.79 -6.87 26.56
CA GLU M 667 -66.83 -7.49 27.38
C GLU M 667 -66.51 -8.95 27.69
N MET M 668 -66.04 -9.69 26.69
CA MET M 668 -65.62 -11.07 26.88
C MET M 668 -64.14 -11.19 27.18
N GLY M 669 -63.38 -10.10 27.11
CA GLY M 669 -61.96 -10.14 27.42
C GLY M 669 -61.14 -10.98 26.48
N LEU M 670 -61.63 -11.23 25.27
CA LEU M 670 -60.91 -12.06 24.29
C LEU M 670 -59.89 -11.19 23.58
N THR M 671 -58.69 -11.12 24.15
CA THR M 671 -57.64 -10.28 23.60
C THR M 671 -57.14 -10.79 22.25
N ASN M 672 -57.26 -12.09 22.01
CA ASN M 672 -56.71 -12.72 20.81
C ASN M 672 -57.43 -12.33 19.52
N VAL M 673 -58.36 -11.38 19.52
CA VAL M 673 -59.08 -11.00 18.31
C VAL M 673 -58.35 -9.84 17.64
N TRP M 674 -57.90 -10.04 16.42
CA TRP M 674 -57.29 -9.02 15.58
C TRP M 674 -58.21 -8.75 14.40
N VAL M 675 -57.93 -7.67 13.68
CA VAL M 675 -58.75 -7.30 12.53
C VAL M 675 -57.86 -7.14 11.31
N MET M 676 -58.44 -7.41 10.13
CA MET M 676 -57.78 -7.13 8.88
C MET M 676 -58.72 -6.33 7.99
N PHE M 677 -58.17 -5.33 7.30
CA PHE M 677 -58.93 -4.48 6.41
C PHE M 677 -58.88 -5.07 5.00
N PRO M 678 -60.01 -5.47 4.43
CA PRO M 678 -59.99 -6.06 3.09
C PRO M 678 -59.97 -5.00 2.00
N PHE M 679 -59.24 -5.32 0.93
CA PHE M 679 -59.22 -4.53 -0.30
C PHE M 679 -58.78 -3.08 -0.04
N VAL M 680 -57.57 -2.97 0.49
CA VAL M 680 -56.97 -1.67 0.79
C VAL M 680 -56.38 -1.09 -0.48
N ARG M 681 -56.73 0.16 -0.78
CA ARG M 681 -56.32 0.81 -2.02
C ARG M 681 -55.25 1.87 -1.81
N THR M 682 -55.46 2.81 -0.89
CA THR M 682 -54.56 3.93 -0.69
C THR M 682 -54.24 4.10 0.79
N THR M 683 -53.13 4.80 1.05
CA THR M 683 -52.68 5.00 2.43
C THR M 683 -53.63 5.91 3.19
N TRP M 684 -54.14 6.97 2.54
CA TRP M 684 -55.01 7.91 3.24
C TRP M 684 -56.32 7.25 3.64
N GLU M 685 -56.86 6.37 2.80
CA GLU M 685 -58.06 5.63 3.20
C GLU M 685 -57.78 4.72 4.38
N LEU M 686 -56.60 4.11 4.43
CA LEU M 686 -56.24 3.25 5.55
C LEU M 686 -56.12 4.05 6.84
N GLU M 687 -55.51 5.23 6.76
CA GLU M 687 -55.39 6.06 7.95
C GLU M 687 -56.75 6.61 8.39
N ARG M 688 -57.65 6.89 7.44
CA ARG M 688 -59.00 7.31 7.82
C ARG M 688 -59.75 6.17 8.50
N ALA M 689 -59.62 4.96 8.00
CA ALA M 689 -60.22 3.81 8.68
C ALA M 689 -59.63 3.61 10.08
N LEU M 690 -58.31 3.80 10.21
CA LEU M 690 -57.67 3.65 11.51
C LEU M 690 -58.16 4.71 12.49
N LYS M 691 -58.31 5.96 12.06
CA LYS M 691 -58.83 6.98 12.95
C LYS M 691 -60.30 6.77 13.28
N ILE M 692 -61.08 6.22 12.35
CA ILE M 692 -62.45 5.85 12.66
C ILE M 692 -62.47 4.76 13.73
N MET M 693 -61.58 3.77 13.62
CA MET M 693 -61.48 2.73 14.64
C MET M 693 -61.08 3.33 15.98
N GLU M 694 -60.13 4.27 15.97
CA GLU M 694 -59.70 4.92 17.21
C GLU M 694 -60.85 5.69 17.85
N GLU M 695 -61.68 6.36 17.03
CA GLU M 695 -62.83 7.06 17.58
C GLU M 695 -63.80 6.12 18.26
N GLU M 696 -63.78 4.85 17.90
CA GLU M 696 -64.62 3.84 18.53
C GLU M 696 -63.92 3.14 19.69
N GLY M 697 -62.72 3.58 20.06
CA GLY M 697 -61.99 2.99 21.15
C GLY M 697 -61.15 1.79 20.80
N LEU M 698 -61.09 1.40 19.52
CA LEU M 698 -60.29 0.27 19.07
C LEU M 698 -58.99 0.84 18.49
N LYS M 699 -57.90 0.68 19.25
CA LYS M 699 -56.62 1.27 18.89
C LYS M 699 -55.57 0.17 18.71
N ARG M 700 -54.74 0.33 17.68
CA ARG M 700 -53.64 -0.60 17.44
C ARG M 700 -52.65 -0.54 18.60
N GLY M 701 -52.24 -1.70 19.07
CA GLY M 701 -51.34 -1.77 20.20
C GLY M 701 -50.65 -3.12 20.29
N LYS M 702 -50.06 -3.38 21.46
CA LYS M 702 -49.37 -4.64 21.67
C LYS M 702 -50.34 -5.82 21.73
N ASP M 703 -51.55 -5.60 22.23
CA ASP M 703 -52.54 -6.65 22.35
C ASP M 703 -53.56 -6.64 21.21
N PHE M 704 -53.40 -5.74 20.25
CA PHE M 704 -54.33 -5.61 19.12
C PHE M 704 -53.53 -5.41 17.85
N LYS M 705 -53.66 -6.34 16.91
CA LYS M 705 -52.96 -6.27 15.64
C LYS M 705 -53.94 -5.89 14.53
N VAL M 706 -53.50 -5.03 13.62
CA VAL M 706 -54.28 -4.61 12.47
C VAL M 706 -53.52 -5.01 11.21
N TRP M 707 -54.19 -5.76 10.34
CA TRP M 707 -53.61 -6.21 9.09
C TRP M 707 -54.32 -5.55 7.91
N ALA M 708 -53.66 -5.57 6.76
CA ALA M 708 -54.23 -5.04 5.52
C ALA M 708 -54.13 -6.12 4.45
N MET M 709 -55.23 -6.36 3.75
CA MET M 709 -55.22 -7.33 2.66
C MET M 709 -54.38 -6.81 1.51
N ALA M 710 -53.41 -7.61 1.09
CA ALA M 710 -52.54 -7.25 -0.03
C ALA M 710 -53.07 -7.88 -1.32
N GLU M 711 -54.26 -7.44 -1.71
CA GLU M 711 -54.91 -7.93 -2.91
C GLU M 711 -55.03 -6.87 -4.00
N VAL M 712 -54.46 -5.68 -3.80
CA VAL M 712 -54.49 -4.61 -4.79
C VAL M 712 -53.05 -4.30 -5.20
N PRO M 713 -52.79 -4.11 -6.50
CA PRO M 713 -51.40 -3.84 -6.92
C PRO M 713 -50.80 -2.58 -6.32
N SER M 714 -51.62 -1.63 -5.86
CA SER M 714 -51.08 -0.48 -5.15
C SER M 714 -50.38 -0.91 -3.87
N ILE M 715 -50.92 -1.93 -3.18
CA ILE M 715 -50.24 -2.49 -2.02
C ILE M 715 -48.93 -3.12 -2.43
N VAL M 716 -48.91 -3.78 -3.59
CA VAL M 716 -47.68 -4.38 -4.09
C VAL M 716 -46.61 -3.32 -4.30
N LEU M 717 -46.99 -2.19 -4.90
CA LEU M 717 -46.01 -1.16 -5.23
C LEU M 717 -45.59 -0.34 -4.02
N LEU M 718 -46.47 -0.19 -3.02
CA LEU M 718 -46.22 0.67 -1.88
C LEU M 718 -46.41 -0.06 -0.56
N ALA M 719 -45.98 -1.33 -0.49
CA ALA M 719 -46.11 -2.07 0.76
C ALA M 719 -45.30 -1.44 1.88
N ASP M 720 -44.09 -0.97 1.57
CA ASP M 720 -43.26 -0.31 2.58
C ASP M 720 -43.92 0.96 3.11
N LYS M 721 -44.69 1.65 2.27
CA LYS M 721 -45.41 2.84 2.73
C LYS M 721 -46.61 2.46 3.57
N PHE M 722 -47.33 1.40 3.19
CA PHE M 722 -48.48 0.96 3.95
C PHE M 722 -48.09 0.36 5.30
N ALA M 723 -46.85 -0.11 5.45
CA ALA M 723 -46.45 -0.79 6.67
C ALA M 723 -46.44 0.13 7.89
N GLU M 724 -46.39 1.45 7.69
CA GLU M 724 -46.41 2.36 8.83
C GLU M 724 -47.77 2.40 9.53
N TYR M 725 -48.82 1.91 8.87
CA TYR M 725 -50.17 1.99 9.42
C TYR M 725 -50.69 0.67 9.97
N VAL M 726 -50.14 -0.46 9.55
CA VAL M 726 -50.65 -1.76 9.95
C VAL M 726 -49.52 -2.59 10.53
N ASP M 727 -49.88 -3.57 11.36
CA ASP M 727 -48.89 -4.46 11.95
C ASP M 727 -48.36 -5.47 10.92
N GLY M 728 -49.19 -5.85 9.96
CA GLY M 728 -48.78 -6.80 8.95
C GLY M 728 -49.71 -6.79 7.76
N PHE M 729 -49.38 -7.63 6.79
CA PHE M 729 -50.16 -7.76 5.57
C PHE M 729 -50.61 -9.20 5.38
N SER M 730 -51.81 -9.36 4.83
CA SER M 730 -52.33 -10.67 4.44
C SER M 730 -52.53 -10.65 2.93
N ILE M 731 -51.82 -11.54 2.24
CA ILE M 731 -51.84 -11.57 0.77
C ILE M 731 -53.07 -12.36 0.34
N GLY M 732 -54.04 -11.67 -0.23
CA GLY M 732 -55.20 -12.32 -0.81
C GLY M 732 -54.92 -12.81 -2.20
N SER M 733 -54.20 -13.94 -2.30
CA SER M 733 -53.71 -14.41 -3.58
C SER M 733 -54.81 -14.59 -4.61
N ASN M 734 -56.01 -15.00 -4.17
CA ASN M 734 -57.13 -15.15 -5.09
C ASN M 734 -57.47 -13.83 -5.77
N ASP M 735 -57.64 -12.77 -4.98
CA ASP M 735 -57.92 -11.45 -5.54
C ASP M 735 -56.67 -10.79 -6.08
N LEU M 736 -55.50 -11.05 -5.49
CA LEU M 736 -54.27 -10.44 -5.97
C LEU M 736 -53.93 -10.89 -7.38
N THR M 737 -54.10 -12.19 -7.66
CA THR M 737 -53.88 -12.67 -9.02
C THR M 737 -54.85 -12.03 -10.00
N GLN M 738 -56.12 -11.92 -9.60
CA GLN M 738 -57.12 -11.31 -10.47
C GLN M 738 -56.77 -9.87 -10.80
N LEU M 739 -56.34 -9.10 -9.80
CA LEU M 739 -56.05 -7.69 -10.03
C LEU M 739 -54.73 -7.48 -10.75
N ILE M 740 -53.72 -8.30 -10.45
CA ILE M 740 -52.44 -8.18 -11.13
C ILE M 740 -52.58 -8.53 -12.60
N LEU M 741 -53.29 -9.62 -12.91
CA LEU M 741 -53.50 -10.02 -14.28
C LEU M 741 -54.66 -9.30 -14.95
N GLY M 742 -55.49 -8.58 -14.18
CA GLY M 742 -56.63 -7.91 -14.78
C GLY M 742 -57.65 -8.85 -15.38
N ALA M 743 -57.89 -9.98 -14.73
CA ALA M 743 -58.84 -10.98 -15.21
C ALA M 743 -59.75 -11.40 -14.07
N ASP M 744 -61.00 -11.72 -14.40
CA ASP M 744 -62.02 -12.07 -13.42
C ASP M 744 -62.38 -13.55 -13.58
N ARG M 745 -62.41 -14.27 -12.45
CA ARG M 745 -62.42 -15.72 -12.48
C ARG M 745 -63.73 -16.32 -12.99
N ASP M 746 -64.88 -15.76 -12.62
CA ASP M 746 -66.15 -16.38 -12.99
C ASP M 746 -66.38 -16.38 -14.50
N SER M 747 -65.61 -15.60 -15.26
CA SER M 747 -65.65 -15.69 -16.72
C SER M 747 -65.05 -17.02 -17.14
N ASN M 748 -65.88 -17.91 -17.68
CA ASN M 748 -65.40 -19.23 -18.04
C ASN M 748 -64.36 -19.19 -19.15
N ILE M 749 -64.47 -18.21 -20.05
CA ILE M 749 -63.53 -18.12 -21.17
C ILE M 749 -62.12 -17.88 -20.65
N LEU M 750 -61.97 -16.91 -19.74
CA LEU M 750 -60.65 -16.61 -19.18
C LEU M 750 -60.13 -17.77 -18.36
N ALA M 751 -61.01 -18.45 -17.63
CA ALA M 751 -60.58 -19.60 -16.83
C ALA M 751 -60.09 -20.74 -17.70
N GLU M 752 -60.74 -20.97 -18.83
CA GLU M 752 -60.36 -22.07 -19.72
C GLU M 752 -58.94 -21.87 -20.27
N MET M 753 -58.58 -20.63 -20.58
CA MET M 753 -57.24 -20.37 -21.12
C MET M 753 -56.14 -20.56 -20.08
N GLY M 754 -56.48 -20.73 -18.81
CA GLY M 754 -55.47 -20.93 -17.79
C GLY M 754 -54.86 -19.66 -17.23
N TYR M 755 -55.57 -18.54 -17.34
CA TYR M 755 -55.03 -17.28 -16.81
C TYR M 755 -54.87 -17.33 -15.30
N PHE M 756 -55.83 -17.93 -14.60
CA PHE M 756 -55.89 -17.85 -13.14
C PHE M 756 -55.01 -18.92 -12.51
N ASP M 757 -53.74 -18.85 -12.86
CA ASP M 757 -52.68 -19.66 -12.26
C ASP M 757 -51.89 -18.77 -11.31
N GLU M 758 -51.95 -19.08 -10.02
CA GLU M 758 -51.21 -18.29 -9.03
C GLU M 758 -49.71 -18.52 -9.12
N ARG M 759 -49.26 -19.48 -9.91
CA ARG M 759 -47.86 -19.66 -10.24
C ARG M 759 -47.37 -18.72 -11.34
N ASP M 760 -48.20 -17.75 -11.72
CA ASP M 760 -47.81 -16.82 -12.78
C ASP M 760 -46.60 -16.00 -12.33
N PRO M 761 -45.66 -15.72 -13.23
CA PRO M 761 -44.48 -14.94 -12.83
C PRO M 761 -44.81 -13.57 -12.28
N ALA M 762 -45.84 -12.91 -12.82
CA ALA M 762 -46.21 -11.59 -12.31
C ALA M 762 -46.73 -11.68 -10.87
N VAL M 763 -47.56 -12.66 -10.58
CA VAL M 763 -48.08 -12.81 -9.21
C VAL M 763 -46.95 -13.15 -8.25
N LEU M 764 -46.03 -14.02 -8.67
CA LEU M 764 -44.89 -14.35 -7.82
C LEU M 764 -44.01 -13.14 -7.57
N ALA M 765 -43.76 -12.34 -8.60
CA ALA M 765 -42.96 -11.13 -8.42
C ALA M 765 -43.65 -10.14 -7.49
N GLY M 766 -44.97 -9.99 -7.62
CA GLY M 766 -45.69 -9.11 -6.72
C GLY M 766 -45.64 -9.58 -5.27
N ILE M 767 -45.80 -10.90 -5.06
CA ILE M 767 -45.72 -11.45 -3.71
C ILE M 767 -44.33 -11.25 -3.13
N LYS M 768 -43.30 -11.47 -3.94
CA LYS M 768 -41.93 -11.27 -3.49
C LYS M 768 -41.69 -9.82 -3.10
N MET M 769 -42.19 -8.88 -3.92
CA MET M 769 -42.04 -7.46 -3.61
C MET M 769 -42.75 -7.09 -2.32
N ILE M 770 -43.97 -7.62 -2.13
CA ILE M 770 -44.71 -7.35 -0.90
C ILE M 770 -43.93 -7.85 0.30
N ILE M 771 -43.43 -9.08 0.22
CA ILE M 771 -42.69 -9.67 1.35
C ILE M 771 -41.44 -8.87 1.65
N GLU M 772 -40.69 -8.50 0.61
CA GLU M 772 -39.45 -7.75 0.82
C GLU M 772 -39.73 -6.39 1.45
N LYS M 773 -40.73 -5.66 0.94
CA LYS M 773 -41.03 -4.35 1.48
C LYS M 773 -41.51 -4.45 2.93
N ALA M 774 -42.42 -5.39 3.21
CA ALA M 774 -42.95 -5.51 4.56
C ALA M 774 -41.88 -5.90 5.56
N HIS M 775 -40.97 -6.81 5.17
CA HIS M 775 -39.89 -7.17 6.08
C HIS M 775 -38.84 -6.08 6.19
N SER M 776 -38.67 -5.25 5.15
CA SER M 776 -37.81 -4.08 5.29
C SER M 776 -38.39 -3.06 6.25
N LYS M 777 -39.72 -2.95 6.33
CA LYS M 777 -40.36 -2.07 7.29
C LYS M 777 -40.81 -2.81 8.55
N GLY M 778 -40.40 -4.06 8.73
CA GLY M 778 -40.69 -4.78 9.96
C GLY M 778 -42.12 -5.23 10.13
N ALA M 779 -42.86 -5.39 9.04
CA ALA M 779 -44.24 -5.84 9.09
C ALA M 779 -44.32 -7.32 8.71
N THR M 780 -45.20 -8.05 9.41
CA THR M 780 -45.40 -9.46 9.12
C THR M 780 -46.16 -9.64 7.82
N VAL M 781 -45.95 -10.78 7.17
CA VAL M 781 -46.60 -11.11 5.91
C VAL M 781 -47.33 -12.43 6.07
N SER M 782 -48.60 -12.46 5.67
CA SER M 782 -49.40 -13.67 5.68
C SER M 782 -50.05 -13.84 4.30
N ILE M 783 -50.46 -15.06 4.00
CA ILE M 783 -51.17 -15.36 2.77
C ILE M 783 -52.40 -16.20 3.12
N CYS M 784 -53.56 -15.82 2.59
CA CYS M 784 -54.82 -16.51 2.82
C CYS M 784 -55.50 -16.69 1.47
N GLY M 785 -55.19 -17.80 0.81
CA GLY M 785 -55.76 -18.09 -0.49
C GLY M 785 -55.65 -19.56 -0.80
N GLN M 786 -56.10 -19.92 -2.00
CA GLN M 786 -56.07 -21.31 -2.43
C GLN M 786 -54.73 -21.74 -3.01
N ALA M 787 -53.81 -20.79 -3.24
CA ALA M 787 -52.51 -21.15 -3.80
C ALA M 787 -51.72 -22.10 -2.92
N PRO M 788 -51.53 -21.86 -1.61
CA PRO M 788 -50.78 -22.83 -0.80
C PRO M 788 -51.50 -24.14 -0.61
N SER M 789 -52.82 -24.19 -0.81
CA SER M 789 -53.57 -25.41 -0.57
C SER M 789 -53.36 -26.45 -1.66
N VAL M 790 -53.06 -26.02 -2.89
CA VAL M 790 -53.00 -26.91 -4.04
C VAL M 790 -51.61 -27.02 -4.63
N TYR M 791 -50.84 -25.93 -4.64
CA TYR M 791 -49.55 -25.94 -5.31
C TYR M 791 -48.42 -26.00 -4.30
N PRO M 792 -47.69 -27.12 -4.19
CA PRO M 792 -46.54 -27.17 -3.28
C PRO M 792 -45.44 -26.18 -3.63
N GLU M 793 -45.23 -25.89 -4.92
CA GLU M 793 -44.18 -24.96 -5.31
C GLU M 793 -44.47 -23.55 -4.83
N ILE M 794 -45.74 -23.14 -4.78
CA ILE M 794 -46.10 -21.85 -4.18
C ILE M 794 -45.67 -21.82 -2.72
N VAL M 795 -45.92 -22.91 -1.99
CA VAL M 795 -45.53 -22.96 -0.59
C VAL M 795 -44.01 -22.88 -0.46
N GLU M 796 -43.28 -23.59 -1.32
CA GLU M 796 -41.83 -23.55 -1.27
C GLU M 796 -41.31 -22.14 -1.53
N PHE M 797 -41.87 -21.47 -2.54
CA PHE M 797 -41.44 -20.11 -2.85
C PHE M 797 -41.77 -19.15 -1.70
N LEU M 798 -42.94 -19.31 -1.08
CA LEU M 798 -43.32 -18.45 0.02
C LEU M 798 -42.39 -18.63 1.21
N VAL M 799 -42.08 -19.88 1.55
CA VAL M 799 -41.20 -20.14 2.69
C VAL M 799 -39.79 -19.66 2.40
N GLU M 800 -39.32 -19.81 1.15
CA GLU M 800 -38.01 -19.30 0.78
C GLU M 800 -37.97 -17.78 0.89
N ALA M 801 -39.03 -17.10 0.46
CA ALA M 801 -39.10 -15.66 0.59
C ALA M 801 -39.13 -15.21 2.04
N GLY M 802 -39.54 -16.08 2.96
CA GLY M 802 -39.56 -15.75 4.37
C GLY M 802 -40.89 -15.25 4.87
N ILE M 803 -41.98 -15.80 4.34
CA ILE M 803 -43.31 -15.39 4.77
C ILE M 803 -43.52 -15.80 6.22
N ASP M 804 -44.20 -14.93 6.97
CA ASP M 804 -44.35 -15.15 8.41
C ASP M 804 -45.37 -16.24 8.72
N SER M 805 -46.48 -16.28 7.98
CA SER M 805 -47.50 -17.27 8.24
C SER M 805 -48.24 -17.59 6.96
N ILE M 806 -48.88 -18.76 6.93
CA ILE M 806 -49.67 -19.22 5.80
C ILE M 806 -51.02 -19.66 6.34
N SER M 807 -52.10 -19.10 5.79
CA SER M 807 -53.45 -19.44 6.19
C SER M 807 -54.10 -20.27 5.09
N VAL M 808 -54.56 -21.47 5.43
CA VAL M 808 -55.12 -22.41 4.47
C VAL M 808 -56.47 -22.90 4.98
N ASN M 809 -57.17 -23.63 4.11
CA ASN M 809 -58.42 -24.26 4.48
C ASN M 809 -58.16 -25.36 5.50
N PRO M 810 -59.17 -25.69 6.32
CA PRO M 810 -58.95 -26.74 7.34
C PRO M 810 -58.47 -28.06 6.77
N ASP M 811 -59.10 -28.54 5.69
CA ASP M 811 -58.72 -29.83 5.12
C ASP M 811 -57.29 -29.84 4.59
N ALA M 812 -56.70 -28.67 4.35
CA ALA M 812 -55.33 -28.56 3.88
C ALA M 812 -54.36 -28.17 4.98
N VAL M 813 -54.80 -28.17 6.25
CA VAL M 813 -53.91 -27.73 7.33
C VAL M 813 -52.77 -28.72 7.52
N ILE M 814 -53.11 -29.97 7.87
CA ILE M 814 -52.09 -30.93 8.29
C ILE M 814 -51.03 -31.10 7.20
N ALA M 815 -51.46 -31.35 5.96
CA ALA M 815 -50.51 -31.50 4.86
C ALA M 815 -49.59 -30.28 4.78
N THR M 816 -50.17 -29.09 4.83
CA THR M 816 -49.35 -27.87 4.78
C THR M 816 -48.33 -27.88 5.91
N ARG M 817 -48.78 -28.22 7.13
CA ARG M 817 -47.86 -28.25 8.26
C ARG M 817 -46.72 -29.21 7.99
N ARG M 818 -47.00 -30.34 7.32
CA ARG M 818 -45.90 -31.20 6.89
C ARG M 818 -45.06 -30.49 5.85
N LEU M 819 -45.68 -30.02 4.78
CA LEU M 819 -44.94 -29.52 3.62
C LEU M 819 -44.01 -28.39 4.03
N VAL M 820 -44.57 -27.35 4.68
CA VAL M 820 -43.76 -26.23 5.12
C VAL M 820 -42.57 -26.73 5.91
N ALA M 821 -42.81 -27.63 6.87
CA ALA M 821 -41.71 -28.14 7.68
C ALA M 821 -40.61 -28.69 6.80
N SER M 822 -40.95 -29.59 5.88
CA SER M 822 -39.94 -30.15 4.99
C SER M 822 -39.21 -29.04 4.26
N ILE M 823 -39.97 -28.10 3.69
CA ILE M 823 -39.35 -27.01 2.94
C ILE M 823 -38.37 -26.26 3.83
N GLU M 824 -38.81 -25.94 5.06
CA GLU M 824 -37.91 -25.25 5.97
C GLU M 824 -36.63 -26.04 6.15
N ARG M 825 -36.75 -27.34 6.43
CA ARG M 825 -35.56 -28.18 6.58
C ARG M 825 -34.71 -28.10 5.33
N LYS M 826 -35.34 -28.22 4.15
CA LYS M 826 -34.58 -28.11 2.90
C LYS M 826 -33.86 -26.77 2.83
N ILE M 827 -34.57 -25.68 3.12
CA ILE M 827 -33.93 -24.37 3.10
C ILE M 827 -32.78 -24.34 4.09
N MET M 828 -32.99 -24.95 5.26
CA MET M 828 -31.97 -24.89 6.31
C MET M 828 -30.72 -25.62 5.86
N LEU M 829 -30.85 -26.58 4.93
CA LEU M 829 -29.67 -27.14 4.27
C LEU M 829 -29.10 -26.16 3.25
N LYS M 830 -29.94 -25.70 2.31
CA LYS M 830 -29.45 -24.97 1.15
C LYS M 830 -28.65 -23.74 1.57
N ARG M 831 -29.23 -22.91 2.45
CA ARG M 831 -28.53 -21.73 2.94
C ARG M 831 -27.15 -22.08 3.46
N LEU M 832 -27.05 -23.15 4.26
CA LEU M 832 -25.75 -23.56 4.77
C LEU M 832 -24.76 -23.74 3.63
N ASN M 833 -25.14 -24.53 2.61
CA ASN M 833 -24.27 -24.71 1.45
C ASN M 833 -23.86 -23.36 0.89
N LYS M 834 -24.84 -22.49 0.63
CA LYS M 834 -24.51 -21.18 0.08
C LYS M 834 -23.47 -20.48 0.94
N ILE M 835 -23.68 -20.49 2.26
CA ILE M 835 -22.74 -19.83 3.16
C ILE M 835 -21.34 -20.37 2.93
N MET M 836 -21.20 -21.70 2.91
CA MET M 836 -19.88 -22.29 2.66
C MET M 836 -19.33 -21.80 1.33
N ASP M 837 -20.14 -21.86 0.28
CA ASP M 837 -19.69 -21.36 -1.01
C ASP M 837 -19.30 -19.90 -0.91
N LYS M 838 -20.13 -19.10 -0.25
CA LYS M 838 -19.80 -17.70 -0.05
C LYS M 838 -18.46 -17.57 0.67
N LEU M 839 -18.28 -18.36 1.73
CA LEU M 839 -17.03 -18.31 2.48
C LEU M 839 -15.86 -18.66 1.58
N ASN M 840 -16.05 -19.61 0.67
CA ASN M 840 -14.98 -19.95 -0.26
C ASN M 840 -14.53 -18.73 -1.04
N LYS M 841 -15.50 -17.96 -1.56
CA LYS M 841 -15.15 -16.79 -2.36
C LYS M 841 -14.40 -15.76 -1.53
N LEU M 842 -14.58 -15.81 -0.20
CA LEU M 842 -13.83 -14.88 0.65
C LEU M 842 -12.36 -15.29 0.74
N GLU M 843 -12.08 -16.59 0.76
CA GLU M 843 -10.70 -17.01 0.94
C GLU M 843 -9.92 -17.01 -0.37
N LEU M 844 -10.61 -16.87 -1.49
CA LEU M 844 -9.94 -16.84 -2.80
C LEU M 844 -10.22 -15.53 -3.52
N SER N 522 43.78 -38.86 44.84
CA SER N 522 42.98 -37.99 45.69
C SER N 522 41.75 -37.50 44.94
N PRO N 523 40.69 -38.32 44.93
CA PRO N 523 39.49 -37.96 44.15
C PRO N 523 38.74 -36.74 44.67
N GLU N 524 38.96 -36.33 45.92
CA GLU N 524 38.15 -35.26 46.50
C GLU N 524 38.41 -33.91 45.83
N GLN N 525 39.59 -33.71 45.26
CA GLN N 525 39.81 -32.49 44.50
C GLN N 525 39.41 -32.61 43.03
N LEU N 526 38.97 -33.79 42.59
CA LEU N 526 38.53 -33.98 41.21
C LEU N 526 37.07 -33.60 40.99
N LEU N 527 36.32 -33.33 42.06
CA LEU N 527 34.92 -32.93 41.90
C LEU N 527 34.75 -31.66 41.07
N PRO N 528 35.49 -30.56 41.33
CA PRO N 528 35.28 -29.35 40.52
C PRO N 528 35.69 -29.51 39.06
N LEU N 529 36.52 -30.51 38.74
CA LEU N 529 37.01 -30.69 37.38
C LEU N 529 36.05 -31.48 36.50
N TYR N 530 34.94 -31.98 37.06
CA TYR N 530 33.97 -32.70 36.26
C TYR N 530 33.27 -31.77 35.29
N PRO N 531 32.76 -32.28 34.17
CA PRO N 531 32.12 -31.42 33.18
C PRO N 531 30.92 -30.68 33.77
N VAL N 532 30.75 -29.44 33.32
CA VAL N 532 29.67 -28.57 33.79
C VAL N 532 28.46 -28.77 32.89
N THR N 533 27.31 -29.04 33.51
CA THR N 533 26.07 -29.28 32.79
C THR N 533 25.02 -28.25 33.18
N ALA N 534 24.31 -27.73 32.19
CA ALA N 534 23.18 -26.85 32.47
C ALA N 534 22.09 -27.58 33.23
N THR N 535 21.78 -28.80 32.82
CA THR N 535 20.80 -29.61 33.53
C THR N 535 21.42 -30.17 34.81
N LYS N 536 20.72 -30.02 35.93
CA LYS N 536 21.22 -30.51 37.19
C LYS N 536 21.18 -32.04 37.24
N ILE N 537 22.28 -32.63 37.71
CA ILE N 537 22.40 -34.08 37.80
C ILE N 537 22.16 -34.46 39.26
N TYR N 538 20.98 -34.98 39.55
CA TYR N 538 20.63 -35.41 40.89
C TYR N 538 20.92 -36.90 41.07
N MET N 539 20.86 -37.36 42.32
CA MET N 539 21.16 -38.74 42.66
C MET N 539 19.98 -39.34 43.43
N ASN N 540 19.74 -40.63 43.19
CA ASN N 540 18.71 -41.38 43.91
C ASN N 540 19.35 -42.10 45.08
N LEU N 541 18.78 -41.93 46.26
CA LEU N 541 19.28 -42.54 47.48
C LEU N 541 18.14 -43.24 48.21
N GLY N 542 18.39 -44.48 48.64
CA GLY N 542 17.42 -45.22 49.41
C GLY N 542 17.88 -45.52 50.82
N GLU N 543 19.19 -45.69 50.99
CA GLU N 543 19.77 -45.96 52.30
C GLU N 543 20.57 -44.75 52.76
N PRO N 544 20.23 -44.13 53.89
CA PRO N 544 21.01 -42.97 54.35
C PRO N 544 22.48 -43.28 54.56
N ASP N 545 22.80 -44.46 55.09
CA ASP N 545 24.20 -44.81 55.36
C ASP N 545 25.03 -44.93 54.10
N ALA N 546 24.40 -44.98 52.93
CA ALA N 546 25.11 -45.01 51.66
C ALA N 546 25.51 -43.63 51.18
N ILE N 547 25.13 -42.57 51.89
CA ILE N 547 25.51 -41.23 51.44
C ILE N 547 27.02 -41.03 51.55
N GLU N 548 27.67 -41.70 52.50
CA GLU N 548 29.11 -41.55 52.65
C GLU N 548 29.88 -42.28 51.55
N LYS N 549 29.29 -43.34 50.99
CA LYS N 549 29.93 -44.04 49.88
C LYS N 549 29.96 -43.18 48.63
N TYR N 550 28.90 -42.41 48.39
CA TYR N 550 28.75 -41.64 47.16
C TYR N 550 28.97 -40.14 47.37
N LYS N 551 29.63 -39.76 48.48
CA LYS N 551 29.89 -38.34 48.73
C LYS N 551 30.85 -37.73 47.72
N ASP N 552 31.63 -38.55 47.02
CA ASP N 552 32.60 -38.07 46.05
C ASP N 552 32.07 -38.11 44.62
N LEU N 553 30.76 -38.25 44.44
CA LEU N 553 30.23 -38.21 43.09
C LEU N 553 29.80 -36.79 42.71
N PRO N 554 29.92 -36.42 41.44
CA PRO N 554 29.52 -35.06 41.02
C PRO N 554 28.02 -34.93 40.79
N PHE N 555 27.27 -34.94 41.89
CA PHE N 555 25.83 -34.77 41.85
C PHE N 555 25.46 -33.43 42.48
N ASP N 556 24.44 -32.78 41.93
CA ASP N 556 23.98 -31.49 42.41
C ASP N 556 22.96 -31.61 43.53
N GLY N 557 22.64 -32.81 43.96
CA GLY N 557 21.70 -33.01 45.04
C GLY N 557 21.08 -34.38 44.96
N ILE N 558 20.23 -34.66 45.94
CA ILE N 558 19.47 -35.90 46.00
C ILE N 558 18.08 -35.58 45.47
N GLY N 559 17.84 -35.92 44.20
CA GLY N 559 16.54 -35.69 43.61
C GLY N 559 15.47 -36.65 44.04
N LEU N 560 15.83 -37.73 44.72
CA LEU N 560 14.84 -38.70 45.21
C LEU N 560 15.45 -39.44 46.40
N MET N 561 14.94 -39.15 47.59
CA MET N 561 15.31 -39.87 48.79
C MET N 561 14.16 -40.78 49.19
N ARG N 562 14.40 -42.08 49.18
CA ARG N 562 13.38 -43.07 49.51
C ARG N 562 13.43 -43.36 51.00
N ILE N 563 12.33 -43.08 51.70
CA ILE N 563 12.24 -43.31 53.13
C ILE N 563 11.65 -44.68 53.39
N GLU N 564 11.42 -45.44 52.31
CA GLU N 564 10.88 -46.79 52.46
C GLU N 564 11.86 -47.67 53.24
N PHE N 565 13.15 -47.55 52.95
CA PHE N 565 14.15 -48.34 53.68
C PHE N 565 14.19 -47.97 55.15
N ILE N 566 14.04 -46.68 55.46
CA ILE N 566 14.07 -46.24 56.86
C ILE N 566 12.90 -46.84 57.62
N ILE N 567 11.69 -46.77 57.03
CA ILE N 567 10.51 -47.30 57.71
C ILE N 567 10.61 -48.82 57.84
N THR N 568 11.14 -49.49 56.81
CA THR N 568 11.19 -50.95 56.83
C THR N 568 12.23 -51.47 57.82
N ASP N 569 13.42 -50.88 57.82
CA ASP N 569 14.55 -51.44 58.57
C ASP N 569 14.91 -50.67 59.82
N TRP N 570 14.56 -49.39 59.91
CA TRP N 570 14.85 -48.63 61.11
C TRP N 570 13.64 -48.50 62.05
N VAL N 571 12.43 -48.74 61.54
CA VAL N 571 11.22 -48.66 62.34
C VAL N 571 10.57 -50.04 62.53
N GLN N 572 10.46 -50.81 61.44
CA GLN N 572 9.83 -52.14 61.42
C GLN N 572 8.35 -52.13 61.81
N TYR N 573 7.80 -50.96 62.11
CA TYR N 573 6.43 -50.88 62.63
C TYR N 573 5.58 -49.96 61.77
N HIS N 574 4.31 -50.34 61.64
CA HIS N 574 3.35 -49.49 60.95
C HIS N 574 3.16 -48.20 61.74
N PRO N 575 3.20 -47.03 61.09
CA PRO N 575 3.05 -45.77 61.85
C PRO N 575 1.74 -45.68 62.61
N LEU N 576 0.65 -46.17 62.05
CA LEU N 576 -0.62 -46.18 62.78
C LEU N 576 -0.54 -47.07 64.01
N TYR N 577 0.15 -48.21 63.92
CA TYR N 577 0.34 -49.07 65.08
C TYR N 577 1.14 -48.34 66.16
N LEU N 578 2.18 -47.60 65.76
CA LEU N 578 2.95 -46.85 66.74
C LEU N 578 2.11 -45.75 67.38
N ILE N 579 1.23 -45.12 66.60
CA ILE N 579 0.32 -44.12 67.16
C ILE N 579 -0.62 -44.77 68.17
N GLU N 580 -1.14 -45.95 67.85
CA GLU N 580 -2.00 -46.65 68.78
C GLU N 580 -1.25 -47.02 70.06
N GLN N 581 0.00 -47.45 69.94
CA GLN N 581 0.84 -47.74 71.10
C GLN N 581 1.48 -46.49 71.68
N GLY N 582 1.23 -45.32 71.10
CA GLY N 582 1.83 -44.08 71.59
C GLY N 582 3.33 -44.01 71.39
N LYS N 583 3.82 -44.49 70.25
CA LYS N 583 5.25 -44.46 69.97
C LYS N 583 5.55 -43.66 68.70
N GLU N 584 4.86 -42.52 68.54
CA GLU N 584 5.13 -41.65 67.41
C GLU N 584 6.57 -41.12 67.45
N SER N 585 7.13 -40.98 68.66
CA SER N 585 8.46 -40.42 68.80
C SER N 585 9.50 -41.28 68.09
N LEU N 586 9.39 -42.60 68.20
CA LEU N 586 10.36 -43.49 67.55
C LEU N 586 10.35 -43.30 66.03
N PHE N 587 9.18 -43.34 65.42
CA PHE N 587 9.06 -43.17 63.97
C PHE N 587 9.58 -41.81 63.53
N ILE N 588 9.15 -40.74 64.22
CA ILE N 588 9.57 -39.39 63.86
C ILE N 588 11.08 -39.25 63.99
N ASP N 589 11.65 -39.78 65.08
CA ASP N 589 13.07 -39.63 65.33
C ASP N 589 13.91 -40.42 64.34
N LYS N 590 13.46 -41.62 63.97
CA LYS N 590 14.22 -42.39 62.98
C LYS N 590 14.19 -41.71 61.61
N LEU N 591 13.02 -41.24 61.18
CA LEU N 591 12.98 -40.49 59.92
C LEU N 591 13.84 -39.24 59.99
N ALA N 592 13.78 -38.52 61.11
CA ALA N 592 14.56 -37.31 61.26
C ALA N 592 16.05 -37.62 61.22
N GLU N 593 16.47 -38.69 61.88
CA GLU N 593 17.89 -39.06 61.88
C GLU N 593 18.38 -39.37 60.47
N GLY N 594 17.62 -40.20 59.73
CA GLY N 594 18.04 -40.52 58.38
C GLY N 594 18.08 -39.30 57.47
N ILE N 595 17.02 -38.49 57.49
CA ILE N 595 16.95 -37.33 56.61
C ILE N 595 18.01 -36.30 56.98
N ALA N 596 18.25 -36.12 58.29
CA ALA N 596 19.27 -35.17 58.73
C ALA N 596 20.66 -35.63 58.33
N LYS N 597 20.94 -36.93 58.46
CA LYS N 597 22.23 -37.44 58.01
C LYS N 597 22.43 -37.17 56.52
N VAL N 598 21.42 -37.49 55.70
CA VAL N 598 21.56 -37.27 54.27
C VAL N 598 21.72 -35.80 53.95
N ALA N 599 20.94 -34.93 54.60
CA ALA N 599 20.98 -33.50 54.30
C ALA N 599 22.31 -32.88 54.73
N GLN N 600 22.79 -33.23 55.93
CA GLN N 600 24.04 -32.67 56.41
C GLN N 600 25.22 -33.21 55.62
N ALA N 601 25.13 -34.43 55.10
CA ALA N 601 26.24 -34.99 54.33
C ALA N 601 26.48 -34.21 53.03
N ILE N 602 25.45 -33.59 52.47
CA ILE N 602 25.57 -32.92 51.18
C ILE N 602 25.12 -31.47 51.25
N TYR N 603 25.09 -30.86 52.44
CA TYR N 603 24.69 -29.48 52.55
C TYR N 603 25.65 -28.59 51.76
N PRO N 604 25.15 -27.57 51.06
CA PRO N 604 23.75 -27.12 50.96
C PRO N 604 22.98 -27.69 49.77
N ARG N 605 23.43 -28.79 49.17
CA ARG N 605 22.71 -29.35 48.04
C ARG N 605 21.35 -29.88 48.49
N PRO N 606 20.30 -29.67 47.72
CA PRO N 606 18.96 -30.05 48.17
C PRO N 606 18.80 -31.57 48.27
N VAL N 607 17.96 -31.97 49.23
CA VAL N 607 17.56 -33.36 49.41
C VAL N 607 16.05 -33.42 49.27
N VAL N 608 15.57 -34.02 48.18
CA VAL N 608 14.13 -34.12 47.92
C VAL N 608 13.67 -35.45 48.51
N VAL N 609 13.08 -35.39 49.70
CA VAL N 609 12.58 -36.58 50.38
C VAL N 609 11.21 -36.93 49.81
N ARG N 610 11.05 -38.19 49.42
CA ARG N 610 9.76 -38.70 48.98
C ARG N 610 8.98 -39.24 50.17
N PHE N 611 7.70 -38.88 50.24
CA PHE N 611 6.85 -39.40 51.29
C PHE N 611 6.64 -40.90 51.09
N SER N 612 5.89 -41.52 52.01
CA SER N 612 5.72 -42.97 52.01
C SER N 612 5.12 -43.46 50.70
N ASP N 613 5.92 -44.21 49.94
CA ASP N 613 5.51 -44.74 48.65
C ASP N 613 5.06 -46.20 48.74
N PHE N 614 4.85 -46.71 49.95
CA PHE N 614 4.46 -48.10 50.13
C PHE N 614 3.07 -48.36 49.55
N LYS N 615 2.84 -49.59 49.13
CA LYS N 615 1.52 -50.07 48.76
C LYS N 615 0.88 -50.73 49.98
N THR N 616 -0.40 -51.10 49.86
CA THR N 616 -1.09 -51.73 50.99
C THR N 616 -0.44 -53.06 51.35
N ASN N 617 -0.08 -53.86 50.33
CA ASN N 617 0.62 -55.11 50.59
C ASN N 617 2.00 -54.86 51.19
N GLU N 618 2.71 -53.84 50.73
CA GLU N 618 3.98 -53.48 51.33
C GLU N 618 3.80 -52.95 52.75
N TYR N 619 2.70 -52.22 52.99
CA TYR N 619 2.41 -51.74 54.33
C TYR N 619 2.14 -52.89 55.28
N ARG N 620 1.45 -53.93 54.80
CA ARG N 620 1.17 -55.09 55.65
C ARG N 620 2.44 -55.80 56.10
N GLY N 621 3.55 -55.64 55.38
CA GLY N 621 4.81 -56.22 55.81
C GLY N 621 5.33 -55.64 57.10
N LEU N 622 4.93 -54.41 57.44
CA LEU N 622 5.32 -53.82 58.71
C LEU N 622 4.60 -54.51 59.86
N LYS N 623 5.23 -54.44 61.04
CA LYS N 623 4.65 -55.06 62.23
C LYS N 623 3.38 -54.32 62.64
N GLY N 624 2.30 -55.08 62.88
CA GLY N 624 1.05 -54.49 63.28
C GLY N 624 0.27 -53.81 62.19
N GLY N 625 0.70 -53.93 60.93
CA GLY N 625 0.04 -53.28 59.82
C GLY N 625 -1.15 -54.02 59.25
N GLU N 626 -1.41 -55.25 59.71
CA GLU N 626 -2.54 -56.00 59.18
C GLU N 626 -3.87 -55.37 59.59
N LYS N 627 -3.93 -54.72 60.75
CA LYS N 627 -5.17 -54.14 61.22
C LYS N 627 -5.55 -52.86 60.48
N TYR N 628 -4.58 -52.18 59.87
CA TYR N 628 -4.82 -50.89 59.25
C TYR N 628 -4.81 -50.93 57.73
N GLU N 629 -4.38 -52.02 57.12
CA GLU N 629 -4.25 -52.11 55.67
C GLU N 629 -5.27 -53.10 55.13
N PRO N 630 -6.28 -52.65 54.38
CA PRO N 630 -7.23 -53.59 53.78
C PRO N 630 -6.59 -54.37 52.65
N GLU N 631 -7.10 -55.58 52.44
CA GLU N 631 -6.63 -56.38 51.32
C GLU N 631 -7.17 -55.82 50.01
N GLU N 632 -6.26 -55.43 49.13
CA GLU N 632 -6.66 -54.79 47.89
C GLU N 632 -6.30 -55.65 46.70
N ARG N 633 -7.24 -55.71 45.75
CA ARG N 633 -7.06 -56.43 44.51
C ARG N 633 -5.98 -55.78 43.65
N ASN N 634 -5.95 -54.44 43.57
CA ASN N 634 -4.89 -53.73 42.85
C ASN N 634 -4.31 -52.60 43.68
N PRO N 635 -3.43 -52.92 44.64
CA PRO N 635 -2.74 -51.84 45.38
C PRO N 635 -1.88 -50.97 44.49
N MET N 636 -1.43 -51.49 43.34
CA MET N 636 -0.62 -50.70 42.41
C MET N 636 -1.35 -49.44 41.99
N ILE N 637 -2.66 -49.54 41.78
CA ILE N 637 -3.49 -48.38 41.50
C ILE N 637 -4.51 -48.25 42.62
N GLY N 638 -4.12 -48.68 43.83
CA GLY N 638 -5.01 -48.66 44.97
C GLY N 638 -4.79 -47.47 45.88
N TRP N 639 -5.11 -47.66 47.14
CA TRP N 639 -5.01 -46.61 48.17
C TRP N 639 -3.55 -46.40 48.52
N ARG N 640 -2.92 -45.43 47.86
CA ARG N 640 -1.51 -45.13 48.08
C ARG N 640 -1.25 -43.68 47.70
N GLY N 641 -0.11 -43.18 48.16
CA GLY N 641 0.28 -41.83 47.80
C GLY N 641 -0.56 -40.79 48.51
N VAL N 642 -0.84 -39.69 47.81
CA VAL N 642 -1.57 -38.57 48.40
C VAL N 642 -2.97 -39.01 48.82
N SER N 643 -3.59 -39.87 48.03
CA SER N 643 -4.90 -40.41 48.40
C SER N 643 -4.85 -41.06 49.78
N ARG N 644 -3.73 -41.68 50.13
CA ARG N 644 -3.57 -42.24 51.46
C ARG N 644 -3.33 -41.15 52.50
N TYR N 645 -2.57 -40.12 52.15
CA TYR N 645 -2.18 -39.12 53.14
C TYR N 645 -3.39 -38.30 53.59
N ILE N 646 -4.24 -37.88 52.65
CA ILE N 646 -5.39 -37.04 53.00
C ILE N 646 -6.53 -37.83 53.63
N HIS N 647 -6.49 -39.16 53.54
CA HIS N 647 -7.54 -39.95 54.16
C HIS N 647 -7.45 -39.85 55.68
N PRO N 648 -8.58 -39.71 56.37
CA PRO N 648 -8.53 -39.55 57.84
C PRO N 648 -7.88 -40.70 58.56
N LYS N 649 -7.94 -41.91 58.01
CA LYS N 649 -7.37 -43.08 58.70
C LYS N 649 -5.85 -42.99 58.76
N TYR N 650 -5.21 -42.67 57.65
CA TYR N 650 -3.76 -42.58 57.60
C TYR N 650 -3.25 -41.16 57.83
N GLU N 651 -4.14 -40.18 57.96
CA GLU N 651 -3.69 -38.80 58.16
C GLU N 651 -2.73 -38.62 59.33
N PRO N 652 -2.93 -39.26 60.50
CA PRO N 652 -1.91 -39.13 61.56
C PRO N 652 -0.52 -39.59 61.15
N ALA N 653 -0.41 -40.64 60.33
CA ALA N 653 0.90 -41.09 59.89
C ALA N 653 1.56 -40.08 58.97
N PHE N 654 0.79 -39.49 58.05
CA PHE N 654 1.32 -38.43 57.21
C PHE N 654 1.72 -37.23 58.04
N ARG N 655 0.96 -36.94 59.10
CA ARG N 655 1.34 -35.86 60.01
C ARG N 655 2.64 -36.18 60.74
N LEU N 656 2.86 -37.45 61.09
CA LEU N 656 4.14 -37.85 61.69
C LEU N 656 5.29 -37.62 60.71
N GLU N 657 5.08 -37.98 59.44
CA GLU N 657 6.12 -37.76 58.44
C GLU N 657 6.42 -36.27 58.28
N VAL N 658 5.37 -35.44 58.22
CA VAL N 658 5.55 -34.00 58.10
C VAL N 658 6.24 -33.44 59.33
N ARG N 659 5.93 -33.98 60.51
CA ARG N 659 6.60 -33.56 61.73
C ARG N 659 8.08 -33.90 61.70
N ALA N 660 8.42 -35.08 61.18
CA ALA N 660 9.83 -35.44 61.04
C ALA N 660 10.54 -34.49 60.09
N ILE N 661 9.91 -34.16 58.96
CA ILE N 661 10.51 -33.22 58.02
C ILE N 661 10.68 -31.85 58.67
N LYS N 662 9.68 -31.40 59.42
CA LYS N 662 9.77 -30.10 60.10
C LYS N 662 10.87 -30.10 61.14
N LYS N 663 11.03 -31.21 61.88
CA LYS N 663 12.10 -31.31 62.86
C LYS N 663 13.46 -31.25 62.18
N VAL N 664 13.61 -31.92 61.03
CA VAL N 664 14.87 -31.82 60.30
C VAL N 664 15.12 -30.39 59.84
N ARG N 665 14.08 -29.71 59.34
CA ARG N 665 14.27 -28.39 58.76
C ARG N 665 14.49 -27.32 59.82
N GLU N 666 13.99 -27.54 61.04
CA GLU N 666 14.02 -26.53 62.08
C GLU N 666 14.97 -26.85 63.22
N GLU N 667 14.82 -28.01 63.85
CA GLU N 667 15.68 -28.37 64.97
C GLU N 667 17.15 -28.46 64.54
N MET N 668 17.40 -29.08 63.40
CA MET N 668 18.75 -29.15 62.85
C MET N 668 19.05 -28.02 61.88
N GLY N 669 18.07 -27.19 61.55
CA GLY N 669 18.30 -26.06 60.66
C GLY N 669 18.69 -26.44 59.26
N LEU N 670 18.37 -27.66 58.82
CA LEU N 670 18.73 -28.12 57.48
C LEU N 670 17.68 -27.62 56.50
N THR N 671 17.92 -26.43 55.97
CA THR N 671 16.97 -25.81 55.05
C THR N 671 16.87 -26.56 53.73
N ASN N 672 17.93 -27.25 53.34
CA ASN N 672 18.02 -27.91 52.04
C ASN N 672 17.07 -29.11 51.89
N VAL N 673 16.18 -29.39 52.83
CA VAL N 673 15.29 -30.54 52.73
C VAL N 673 13.98 -30.09 52.07
N TRP N 674 13.65 -30.69 50.94
CA TRP N 674 12.40 -30.49 50.24
C TRP N 674 11.62 -31.78 50.27
N VAL N 675 10.34 -31.71 49.90
CA VAL N 675 9.47 -32.89 49.91
C VAL N 675 8.84 -33.06 48.54
N MET N 676 8.56 -34.31 48.18
CA MET N 676 7.79 -34.62 47.00
C MET N 676 6.64 -35.56 47.37
N PHE N 677 5.48 -35.30 46.79
CA PHE N 677 4.30 -36.10 47.03
C PHE N 677 4.22 -37.21 45.99
N PRO N 678 4.29 -38.48 46.39
CA PRO N 678 4.25 -39.56 45.41
C PRO N 678 2.83 -39.91 45.00
N PHE N 679 2.68 -40.25 43.72
CA PHE N 679 1.44 -40.79 43.16
C PHE N 679 0.28 -39.81 43.35
N VAL N 680 0.44 -38.62 42.79
CA VAL N 680 -0.58 -37.58 42.86
C VAL N 680 -1.62 -37.83 41.79
N ARG N 681 -2.89 -37.83 42.18
CA ARG N 681 -3.99 -38.16 41.30
C ARG N 681 -4.81 -36.94 40.88
N THR N 682 -5.27 -36.14 41.84
CA THR N 682 -6.16 -35.03 41.57
C THR N 682 -5.67 -33.77 42.27
N THR N 683 -6.13 -32.61 41.78
CA THR N 683 -5.71 -31.34 42.33
C THR N 683 -6.24 -31.13 43.74
N TRP N 684 -7.49 -31.53 44.00
CA TRP N 684 -8.08 -31.31 45.31
C TRP N 684 -7.37 -32.13 46.38
N GLU N 685 -6.95 -33.36 46.05
CA GLU N 685 -6.17 -34.15 47.00
C GLU N 685 -4.82 -33.49 47.28
N LEU N 686 -4.20 -32.89 46.26
CA LEU N 686 -2.93 -32.21 46.46
C LEU N 686 -3.10 -30.99 47.36
N GLU N 687 -4.17 -30.23 47.15
CA GLU N 687 -4.40 -29.06 48.01
C GLU N 687 -4.76 -29.48 49.43
N ARG N 688 -5.46 -30.60 49.59
CA ARG N 688 -5.74 -31.10 50.95
C ARG N 688 -4.45 -31.53 51.64
N ALA N 689 -3.56 -32.20 50.92
CA ALA N 689 -2.26 -32.55 51.50
C ALA N 689 -1.46 -31.29 51.85
N LEU N 690 -1.51 -30.27 50.99
CA LEU N 690 -0.80 -29.03 51.26
C LEU N 690 -1.34 -28.34 52.50
N LYS N 691 -2.67 -28.29 52.67
CA LYS N 691 -3.23 -27.67 53.86
C LYS N 691 -2.96 -28.50 55.11
N ILE N 692 -2.89 -29.83 54.99
CA ILE N 692 -2.48 -30.65 56.12
C ILE N 692 -1.04 -30.32 56.51
N MET N 693 -0.16 -30.16 55.52
CA MET N 693 1.22 -29.78 55.80
C MET N 693 1.28 -28.40 56.46
N GLU N 694 0.46 -27.46 55.99
CA GLU N 694 0.42 -26.13 56.58
C GLU N 694 -0.04 -26.18 58.03
N GLU N 695 -1.03 -27.04 58.33
CA GLU N 695 -1.49 -27.20 59.71
C GLU N 695 -0.37 -27.70 60.61
N GLU N 696 0.61 -28.38 60.05
CA GLU N 696 1.76 -28.86 60.81
C GLU N 696 2.92 -27.87 60.81
N GLY N 697 2.74 -26.68 60.25
CA GLY N 697 3.77 -25.68 60.21
C GLY N 697 4.73 -25.78 59.06
N LEU N 698 4.53 -26.73 58.14
CA LEU N 698 5.39 -26.89 56.97
C LEU N 698 4.69 -26.22 55.79
N LYS N 699 5.19 -25.07 55.40
CA LYS N 699 4.57 -24.25 54.36
C LYS N 699 5.52 -24.06 53.19
N ARG N 700 4.98 -24.15 51.98
CA ARG N 700 5.76 -23.90 50.77
C ARG N 700 6.25 -22.47 50.74
N GLY N 701 7.52 -22.28 50.43
CA GLY N 701 8.10 -20.96 50.41
C GLY N 701 9.39 -20.92 49.61
N LYS N 702 10.14 -19.84 49.81
CA LYS N 702 11.40 -19.68 49.10
C LYS N 702 12.45 -20.69 49.57
N ASP N 703 12.42 -21.08 50.84
CA ASP N 703 13.37 -22.02 51.39
C ASP N 703 12.83 -23.45 51.46
N PHE N 704 11.60 -23.67 50.98
CA PHE N 704 10.98 -24.99 51.03
C PHE N 704 10.27 -25.24 49.71
N LYS N 705 10.70 -26.27 49.00
CA LYS N 705 10.13 -26.64 47.71
C LYS N 705 9.27 -27.89 47.87
N VAL N 706 8.12 -27.90 47.20
CA VAL N 706 7.21 -29.04 47.19
C VAL N 706 7.07 -29.52 45.75
N TRP N 707 7.33 -30.81 45.54
CA TRP N 707 7.23 -31.42 44.23
C TRP N 707 6.09 -32.44 44.22
N ALA N 708 5.65 -32.78 43.01
CA ALA N 708 4.62 -33.79 42.82
C ALA N 708 5.14 -34.81 41.82
N MET N 709 5.01 -36.09 42.16
CA MET N 709 5.41 -37.15 41.25
C MET N 709 4.48 -37.19 40.04
N ALA N 710 5.06 -37.10 38.85
CA ALA N 710 4.30 -37.15 37.61
C ALA N 710 4.29 -38.58 37.06
N GLU N 711 3.67 -39.47 37.83
CA GLU N 711 3.56 -40.87 37.46
C GLU N 711 2.14 -41.30 37.16
N VAL N 712 1.18 -40.38 37.15
CA VAL N 712 -0.21 -40.68 36.85
C VAL N 712 -0.61 -39.91 35.59
N PRO N 713 -1.33 -40.53 34.66
CA PRO N 713 -1.70 -39.81 33.42
C PRO N 713 -2.54 -38.57 33.66
N SER N 714 -3.24 -38.47 34.80
CA SER N 714 -3.94 -37.24 35.12
C SER N 714 -2.98 -36.08 35.26
N ILE N 715 -1.79 -36.33 35.83
CA ILE N 715 -0.76 -35.30 35.89
C ILE N 715 -0.30 -34.94 34.49
N VAL N 716 -0.21 -35.93 33.60
CA VAL N 716 0.17 -35.66 32.21
C VAL N 716 -0.83 -34.72 31.56
N LEU N 717 -2.12 -34.98 31.76
CA LEU N 717 -3.15 -34.20 31.09
C LEU N 717 -3.36 -32.82 31.72
N LEU N 718 -3.10 -32.69 33.02
CA LEU N 718 -3.37 -31.46 33.75
C LEU N 718 -2.15 -30.96 34.52
N ALA N 719 -0.96 -31.07 33.91
CA ALA N 719 0.24 -30.58 34.58
C ALA N 719 0.18 -29.08 34.81
N ASP N 720 -0.32 -28.33 33.84
CA ASP N 720 -0.44 -26.88 33.99
C ASP N 720 -1.39 -26.51 35.13
N LYS N 721 -2.41 -27.34 35.37
CA LYS N 721 -3.32 -27.10 36.50
C LYS N 721 -2.66 -27.46 37.82
N PHE N 722 -1.90 -28.55 37.86
CA PHE N 722 -1.22 -28.96 39.07
C PHE N 722 -0.09 -28.01 39.45
N ALA N 723 0.45 -27.26 38.49
CA ALA N 723 1.61 -26.42 38.76
C ALA N 723 1.30 -25.28 39.73
N GLU N 724 0.03 -24.92 39.91
CA GLU N 724 -0.30 -23.85 40.85
C GLU N 724 -0.11 -24.28 42.31
N TYR N 725 0.02 -25.57 42.57
CA TYR N 725 0.12 -26.07 43.93
C TYR N 725 1.53 -26.50 44.33
N VAL N 726 2.40 -26.81 43.37
CA VAL N 726 3.72 -27.34 43.67
C VAL N 726 4.76 -26.49 42.95
N ASP N 727 5.99 -26.52 43.48
CA ASP N 727 7.09 -25.78 42.87
C ASP N 727 7.57 -26.47 41.59
N GLY N 728 7.46 -27.80 41.53
CA GLY N 728 7.91 -28.52 40.36
C GLY N 728 7.35 -29.93 40.34
N PHE N 729 7.70 -30.65 39.29
CA PHE N 729 7.26 -32.03 39.10
C PHE N 729 8.46 -32.95 38.95
N SER N 730 8.32 -34.16 39.48
CA SER N 730 9.31 -35.22 39.30
C SER N 730 8.64 -36.35 38.54
N ILE N 731 9.17 -36.66 37.35
CA ILE N 731 8.57 -37.66 36.47
C ILE N 731 9.05 -39.04 36.93
N GLY N 732 8.13 -39.82 37.49
CA GLY N 732 8.42 -41.19 37.85
C GLY N 732 8.28 -42.11 36.66
N SER N 733 9.28 -42.09 35.77
CA SER N 733 9.18 -42.78 34.50
C SER N 733 8.85 -44.26 34.66
N ASN N 734 9.36 -44.90 35.72
CA ASN N 734 9.06 -46.30 35.96
C ASN N 734 7.55 -46.52 36.14
N ASP N 735 6.94 -45.74 37.02
CA ASP N 735 5.49 -45.83 37.23
C ASP N 735 4.71 -45.14 36.13
N LEU N 736 5.25 -44.07 35.54
CA LEU N 736 4.55 -43.36 34.48
C LEU N 736 4.36 -44.24 33.25
N THR N 737 5.40 -44.99 32.88
CA THR N 737 5.27 -45.92 31.76
C THR N 737 4.23 -46.99 32.05
N GLN N 738 4.24 -47.52 33.28
CA GLN N 738 3.27 -48.55 33.66
C GLN N 738 1.85 -48.03 33.56
N LEU N 739 1.60 -46.81 34.05
CA LEU N 739 0.24 -46.29 34.05
C LEU N 739 -0.20 -45.82 32.67
N ILE N 740 0.71 -45.24 31.88
CA ILE N 740 0.37 -44.81 30.54
C ILE N 740 0.05 -46.01 29.66
N LEU N 741 0.86 -47.06 29.73
CA LEU N 741 0.63 -48.25 28.95
C LEU N 741 -0.36 -49.21 29.60
N GLY N 742 -0.72 -48.99 30.87
CA GLY N 742 -1.62 -49.91 31.54
C GLY N 742 -1.07 -51.31 31.69
N ALA N 743 0.22 -51.43 31.98
CA ALA N 743 0.87 -52.73 32.15
C ALA N 743 1.70 -52.71 33.42
N ASP N 744 1.79 -53.86 34.08
CA ASP N 744 2.49 -54.00 35.35
C ASP N 744 3.73 -54.86 35.15
N ARG N 745 4.87 -54.38 35.68
CA ARG N 745 6.17 -54.91 35.30
C ARG N 745 6.44 -56.32 35.81
N ASP N 746 6.03 -56.64 37.04
CA ASP N 746 6.38 -57.94 37.62
C ASP N 746 5.73 -59.10 36.87
N SER N 747 4.73 -58.83 36.03
CA SER N 747 4.18 -59.86 35.15
C SER N 747 5.22 -60.20 34.10
N ASN N 748 5.76 -61.42 34.17
CA ASN N 748 6.82 -61.81 33.25
C ASN N 748 6.35 -61.86 31.81
N ILE N 749 5.07 -62.18 31.59
CA ILE N 749 4.55 -62.28 30.23
C ILE N 749 4.61 -60.91 29.54
N LEU N 750 4.13 -59.87 30.23
CA LEU N 750 4.16 -58.53 29.66
C LEU N 750 5.59 -58.04 29.47
N ALA N 751 6.48 -58.37 30.40
CA ALA N 751 7.87 -57.95 30.28
C ALA N 751 8.55 -58.61 29.08
N GLU N 752 8.24 -59.87 28.83
CA GLU N 752 8.87 -60.60 27.72
C GLU N 752 8.51 -59.97 26.37
N MET N 753 7.28 -59.49 26.22
CA MET N 753 6.86 -58.88 24.96
C MET N 753 7.53 -57.53 24.71
N GLY N 754 8.21 -56.97 25.70
CA GLY N 754 8.88 -55.69 25.51
C GLY N 754 8.00 -54.48 25.72
N TYR N 755 6.91 -54.62 26.47
CA TYR N 755 6.02 -53.48 26.71
C TYR N 755 6.73 -52.38 27.49
N PHE N 756 7.53 -52.76 28.49
CA PHE N 756 8.07 -51.80 29.44
C PHE N 756 9.36 -51.17 28.89
N ASP N 757 9.19 -50.54 27.74
CA ASP N 757 10.23 -49.72 27.11
C ASP N 757 9.87 -48.26 27.32
N GLU N 758 10.70 -47.55 28.07
CA GLU N 758 10.44 -46.13 28.32
C GLU N 758 10.67 -45.28 27.08
N ARG N 759 11.22 -45.85 26.01
CA ARG N 759 11.31 -45.19 24.71
C ARG N 759 10.00 -45.29 23.92
N ASP N 760 8.93 -45.75 24.55
CA ASP N 760 7.65 -45.87 23.86
C ASP N 760 7.15 -44.49 23.43
N PRO N 761 6.55 -44.38 22.25
CA PRO N 761 6.08 -43.05 21.80
C PRO N 761 5.06 -42.43 22.73
N ALA N 762 4.19 -43.24 23.35
CA ALA N 762 3.21 -42.69 24.27
C ALA N 762 3.88 -42.09 25.51
N VAL N 763 4.86 -42.79 26.07
CA VAL N 763 5.55 -42.28 27.25
C VAL N 763 6.32 -41.01 26.90
N LEU N 764 6.96 -40.98 25.73
CA LEU N 764 7.68 -39.78 25.31
C LEU N 764 6.73 -38.61 25.11
N ALA N 765 5.58 -38.85 24.50
CA ALA N 765 4.59 -37.79 24.31
C ALA N 765 4.08 -37.28 25.65
N GLY N 766 3.83 -38.18 26.60
CA GLY N 766 3.39 -37.75 27.92
C GLY N 766 4.44 -36.91 28.64
N ILE N 767 5.71 -37.34 28.55
CA ILE N 767 6.79 -36.58 29.18
C ILE N 767 6.92 -35.21 28.54
N LYS N 768 6.82 -35.14 27.21
CA LYS N 768 6.88 -33.87 26.50
C LYS N 768 5.75 -32.95 26.93
N MET N 769 4.53 -33.50 27.05
CA MET N 769 3.39 -32.69 27.49
C MET N 769 3.59 -32.17 28.90
N ILE N 770 4.09 -33.04 29.80
CA ILE N 770 4.35 -32.61 31.17
C ILE N 770 5.35 -31.47 31.19
N ILE N 771 6.44 -31.62 30.45
CA ILE N 771 7.49 -30.59 30.44
C ILE N 771 6.95 -29.28 29.88
N GLU N 772 6.20 -29.35 28.78
CA GLU N 772 5.67 -28.14 28.17
C GLU N 772 4.70 -27.43 29.10
N LYS N 773 3.78 -28.17 29.73
CA LYS N 773 2.82 -27.55 30.62
C LYS N 773 3.51 -26.94 31.84
N ALA N 774 4.44 -27.68 32.45
CA ALA N 774 5.11 -27.17 33.64
C ALA N 774 5.93 -25.93 33.34
N HIS N 775 6.62 -25.91 32.20
CA HIS N 775 7.38 -24.72 31.84
C HIS N 775 6.49 -23.57 31.40
N SER N 776 5.31 -23.86 30.85
CA SER N 776 4.35 -22.79 30.59
C SER N 776 3.82 -22.18 31.87
N LYS N 777 3.70 -22.96 32.94
CA LYS N 777 3.29 -22.44 34.23
C LYS N 777 4.47 -22.16 35.15
N GLY N 778 5.70 -22.20 34.63
CA GLY N 778 6.86 -21.83 35.42
C GLY N 778 7.29 -22.81 36.48
N ALA N 779 6.92 -24.08 36.33
CA ALA N 779 7.30 -25.11 37.29
C ALA N 779 8.46 -25.93 36.74
N THR N 780 9.38 -26.30 37.63
CA THR N 780 10.53 -27.12 37.25
C THR N 780 10.09 -28.55 36.99
N VAL N 781 10.85 -29.25 36.14
CA VAL N 781 10.59 -30.63 35.78
C VAL N 781 11.81 -31.46 36.09
N SER N 782 11.61 -32.57 36.79
CA SER N 782 12.68 -33.52 37.08
C SER N 782 12.20 -34.92 36.70
N ILE N 783 13.16 -35.82 36.51
CA ILE N 783 12.87 -37.21 36.22
C ILE N 783 13.73 -38.08 37.14
N CYS N 784 13.10 -39.06 37.78
CA CYS N 784 13.78 -39.98 38.70
C CYS N 784 13.33 -41.40 38.34
N GLY N 785 14.06 -42.02 37.42
CA GLY N 785 13.74 -43.36 36.98
C GLY N 785 14.94 -44.01 36.34
N GLN N 786 14.73 -45.23 35.85
CA GLN N 786 15.80 -45.98 35.22
C GLN N 786 15.99 -45.63 33.75
N ALA N 787 15.08 -44.85 33.16
CA ALA N 787 15.22 -44.49 31.75
C ALA N 787 16.49 -43.71 31.45
N PRO N 788 16.83 -42.64 32.16
CA PRO N 788 18.09 -41.94 31.85
C PRO N 788 19.33 -42.74 32.17
N SER N 789 19.23 -43.76 33.03
CA SER N 789 20.40 -44.52 33.43
C SER N 789 20.87 -45.47 32.34
N VAL N 790 19.97 -45.95 31.48
CA VAL N 790 20.28 -46.98 30.51
C VAL N 790 20.19 -46.50 29.07
N TYR N 791 19.23 -45.62 28.76
CA TYR N 791 19.01 -45.22 27.39
C TYR N 791 19.55 -43.82 27.14
N PRO N 792 20.63 -43.66 26.37
CA PRO N 792 21.12 -42.32 26.04
C PRO N 792 20.12 -41.48 25.26
N GLU N 793 19.32 -42.10 24.39
CA GLU N 793 18.35 -41.34 23.60
C GLU N 793 17.27 -40.72 24.47
N ILE N 794 16.88 -41.38 25.56
CA ILE N 794 15.95 -40.77 26.52
C ILE N 794 16.57 -39.50 27.10
N VAL N 795 17.86 -39.56 27.46
CA VAL N 795 18.53 -38.39 28.00
C VAL N 795 18.57 -37.27 26.96
N GLU N 796 18.87 -37.61 25.71
CA GLU N 796 18.92 -36.61 24.65
C GLU N 796 17.56 -35.95 24.46
N PHE N 797 16.49 -36.75 24.44
CA PHE N 797 15.15 -36.20 24.28
C PHE N 797 14.77 -35.32 25.47
N LEU N 798 15.12 -35.74 26.69
CA LEU N 798 14.81 -34.95 27.86
C LEU N 798 15.53 -33.60 27.84
N VAL N 799 16.81 -33.61 27.49
CA VAL N 799 17.57 -32.37 27.46
C VAL N 799 17.07 -31.46 26.35
N GLU N 800 16.70 -32.04 25.20
CA GLU N 800 16.13 -31.25 24.11
C GLU N 800 14.81 -30.61 24.54
N ALA N 801 13.97 -31.37 25.25
CA ALA N 801 12.72 -30.82 25.75
C ALA N 801 12.93 -29.72 26.77
N GLY N 802 14.09 -29.68 27.41
CA GLY N 802 14.40 -28.63 28.37
C GLY N 802 14.11 -29.00 29.80
N ILE N 803 14.34 -30.26 30.15
CA ILE N 803 14.09 -30.71 31.52
C ILE N 803 15.07 -30.03 32.46
N ASP N 804 14.58 -29.67 33.65
CA ASP N 804 15.39 -28.88 34.58
C ASP N 804 16.46 -29.73 35.26
N SER N 805 16.14 -30.96 35.63
CA SER N 805 17.10 -31.81 36.31
C SER N 805 16.80 -33.27 36.00
N ILE N 806 17.82 -34.11 36.16
CA ILE N 806 17.72 -35.55 35.95
C ILE N 806 18.29 -36.23 37.18
N SER N 807 17.51 -37.11 37.80
CA SER N 807 17.92 -37.86 38.97
C SER N 807 18.18 -39.31 38.57
N VAL N 808 19.38 -39.80 38.83
CA VAL N 808 19.80 -41.13 38.42
C VAL N 808 20.40 -41.85 39.63
N ASN N 809 20.65 -43.15 39.43
CA ASN N 809 21.32 -43.94 40.44
C ASN N 809 22.77 -43.48 40.59
N PRO N 810 23.39 -43.71 41.75
CA PRO N 810 24.77 -43.25 41.94
C PRO N 810 25.74 -43.78 40.90
N ASP N 811 25.68 -45.08 40.59
CA ASP N 811 26.62 -45.66 39.63
C ASP N 811 26.46 -45.08 38.23
N ALA N 812 25.32 -44.44 37.95
CA ALA N 812 25.08 -43.81 36.65
C ALA N 812 25.24 -42.30 36.70
N VAL N 813 25.76 -41.75 37.80
CA VAL N 813 25.87 -40.29 37.90
C VAL N 813 26.89 -39.76 36.91
N ILE N 814 28.16 -40.18 37.05
CA ILE N 814 29.25 -39.57 36.30
C ILE N 814 28.98 -39.65 34.80
N ALA N 815 28.66 -40.85 34.30
CA ALA N 815 28.36 -41.01 32.88
C ALA N 815 27.26 -40.04 32.45
N THR N 816 26.18 -39.97 33.23
CA THR N 816 25.10 -39.03 32.89
C THR N 816 25.63 -37.61 32.81
N ARG N 817 26.44 -37.21 33.80
CA ARG N 817 27.00 -35.87 33.79
C ARG N 817 27.80 -35.63 32.52
N ARG N 818 28.52 -36.65 32.04
CA ARG N 818 29.15 -36.52 30.73
C ARG N 818 28.11 -36.40 29.64
N LEU N 819 27.19 -37.37 29.58
CA LEU N 819 26.28 -37.47 28.44
C LEU N 819 25.47 -36.20 28.29
N VAL N 820 24.79 -35.77 29.36
CA VAL N 820 24.00 -34.55 29.31
C VAL N 820 24.84 -33.41 28.77
N ALA N 821 26.06 -33.25 29.30
CA ALA N 821 26.91 -32.16 28.85
C ALA N 821 27.08 -32.21 27.34
N SER N 822 27.48 -33.37 26.81
CA SER N 822 27.65 -33.49 25.37
C SER N 822 26.36 -33.11 24.65
N ILE N 823 25.24 -33.66 25.12
CA ILE N 823 23.96 -33.37 24.47
C ILE N 823 23.70 -31.87 24.47
N GLU N 824 23.93 -31.23 25.62
CA GLU N 824 23.74 -29.79 25.68
C GLU N 824 24.58 -29.10 24.63
N ARG N 825 25.86 -29.45 24.56
CA ARG N 825 26.73 -28.86 23.54
C ARG N 825 26.16 -29.11 22.16
N LYS N 826 25.73 -30.35 21.88
CA LYS N 826 25.13 -30.64 20.59
C LYS N 826 23.92 -29.75 20.35
N ILE N 827 23.04 -29.65 21.33
CA ILE N 827 21.88 -28.78 21.17
C ILE N 827 22.32 -27.35 20.92
N MET N 828 23.37 -26.92 21.63
CA MET N 828 23.81 -25.53 21.52
C MET N 828 24.32 -25.26 20.12
N LEU N 829 24.78 -26.30 19.41
CA LEU N 829 25.04 -26.16 17.98
C LEU N 829 23.76 -26.13 17.18
N LYS N 830 22.90 -27.14 17.36
CA LYS N 830 21.76 -27.34 16.47
C LYS N 830 20.87 -26.10 16.44
N ARG N 831 20.48 -25.61 17.61
CA ARG N 831 19.65 -24.41 17.69
C ARG N 831 20.25 -23.28 16.88
N LEU N 832 21.56 -23.05 17.02
CA LEU N 832 22.21 -21.99 16.24
C LEU N 832 21.92 -22.16 14.76
N ASN N 833 22.18 -23.37 14.23
CA ASN N 833 21.88 -23.64 12.82
C ASN N 833 20.44 -23.27 12.51
N LYS N 834 19.50 -23.78 13.31
CA LYS N 834 18.09 -23.47 13.07
C LYS N 834 17.88 -21.97 12.99
N ILE N 835 18.45 -21.23 13.95
CA ILE N 835 18.28 -19.78 13.95
C ILE N 835 18.73 -19.21 12.63
N MET N 836 19.92 -19.59 12.17
CA MET N 836 20.40 -19.09 10.88
C MET N 836 19.41 -19.44 9.78
N ASP N 837 18.98 -20.70 9.73
CA ASP N 837 18.00 -21.09 8.73
C ASP N 837 16.74 -20.26 8.87
N LYS N 838 16.26 -20.09 10.10
CA LYS N 838 15.10 -19.24 10.34
C LYS N 838 15.35 -17.84 9.80
N LEU N 839 16.53 -17.29 10.11
CA LEU N 839 16.85 -15.95 9.64
C LEU N 839 16.84 -15.90 8.12
N ASN N 840 17.30 -16.96 7.47
CA ASN N 840 17.25 -17.00 6.01
C ASN N 840 15.83 -16.80 5.51
N LYS N 841 14.87 -17.51 6.12
CA LYS N 841 13.49 -17.41 5.67
C LYS N 841 12.95 -16.00 5.88
N LEU N 842 13.55 -15.25 6.80
CA LEU N 842 13.11 -13.87 7.00
C LEU N 842 13.58 -12.98 5.85
N GLU N 843 14.78 -13.23 5.32
CA GLU N 843 15.30 -12.35 4.27
C GLU N 843 14.76 -12.71 2.89
N LEU N 844 14.12 -13.87 2.76
CA LEU N 844 13.56 -14.29 1.48
C LEU N 844 12.06 -14.49 1.58
N SER O 522 -51.05 32.62 -42.04
CA SER O 522 -50.65 31.40 -42.73
C SER O 522 -49.98 30.44 -41.77
N PRO O 523 -50.78 29.65 -41.04
CA PRO O 523 -50.21 28.76 -40.02
C PRO O 523 -49.36 27.63 -40.58
N GLU O 524 -49.48 27.30 -41.87
CA GLU O 524 -48.80 26.12 -42.40
C GLU O 524 -47.28 26.30 -42.42
N GLN O 525 -46.78 27.53 -42.48
CA GLN O 525 -45.35 27.74 -42.36
C GLN O 525 -44.89 27.91 -40.92
N LEU O 526 -45.81 27.92 -39.95
CA LEU O 526 -45.45 28.05 -38.55
C LEU O 526 -45.10 26.72 -37.90
N LEU O 527 -45.34 25.60 -38.59
CA LEU O 527 -44.99 24.29 -38.02
C LEU O 527 -43.51 24.15 -37.70
N PRO O 528 -42.57 24.49 -38.60
CA PRO O 528 -41.15 24.32 -38.25
C PRO O 528 -40.68 25.24 -37.15
N LEU O 529 -41.40 26.32 -36.86
CA LEU O 529 -40.97 27.29 -35.85
C LEU O 529 -41.40 26.90 -34.44
N TYR O 530 -42.14 25.80 -34.28
CA TYR O 530 -42.54 25.35 -32.96
C TYR O 530 -41.33 24.85 -32.18
N PRO O 531 -41.37 24.89 -30.86
CA PRO O 531 -40.22 24.47 -30.06
C PRO O 531 -39.85 23.01 -30.32
N VAL O 532 -38.55 22.74 -30.31
CA VAL O 532 -38.03 21.40 -30.57
C VAL O 532 -37.91 20.66 -29.25
N THR O 533 -38.48 19.45 -29.20
CA THR O 533 -38.48 18.63 -28.00
C THR O 533 -37.77 17.31 -28.27
N ALA O 534 -36.93 16.90 -27.32
CA ALA O 534 -36.31 15.58 -27.41
C ALA O 534 -37.36 14.48 -27.35
N THR O 535 -38.32 14.61 -26.45
CA THR O 535 -39.41 13.65 -26.37
C THR O 535 -40.40 13.89 -27.50
N LYS O 536 -40.76 12.82 -28.19
CA LYS O 536 -41.70 12.94 -29.30
C LYS O 536 -43.11 13.22 -28.79
N ILE O 537 -43.78 14.18 -29.42
CA ILE O 537 -45.12 14.57 -29.05
C ILE O 537 -46.08 13.93 -30.04
N TYR O 538 -46.75 12.87 -29.61
CA TYR O 538 -47.71 12.18 -30.45
C TYR O 538 -49.12 12.70 -30.20
N MET O 539 -50.05 12.31 -31.06
CA MET O 539 -51.43 12.76 -30.99
C MET O 539 -52.36 11.55 -30.94
N ASN O 540 -53.45 11.70 -30.20
CA ASN O 540 -54.49 10.67 -30.12
C ASN O 540 -55.59 11.00 -31.11
N LEU O 541 -55.95 10.02 -31.93
CA LEU O 541 -56.98 10.19 -32.95
C LEU O 541 -57.98 9.05 -32.85
N GLY O 542 -59.27 9.40 -32.89
CA GLY O 542 -60.32 8.40 -32.87
C GLY O 542 -61.14 8.39 -34.14
N GLU O 543 -61.28 9.56 -34.77
CA GLU O 543 -62.03 9.69 -36.01
C GLU O 543 -61.07 10.00 -37.15
N PRO O 544 -60.99 9.15 -38.18
CA PRO O 544 -60.08 9.45 -39.29
C PRO O 544 -60.35 10.78 -39.96
N ASP O 545 -61.62 11.15 -40.13
CA ASP O 545 -61.97 12.40 -40.80
C ASP O 545 -61.50 13.62 -40.03
N ALA O 546 -61.12 13.47 -38.78
CA ALA O 546 -60.58 14.57 -37.99
C ALA O 546 -59.10 14.81 -38.23
N ILE O 547 -58.44 13.98 -39.04
CA ILE O 547 -57.02 14.19 -39.29
C ILE O 547 -56.79 15.47 -40.07
N GLU O 548 -57.75 15.88 -40.91
CA GLU O 548 -57.59 17.11 -41.68
C GLU O 548 -57.76 18.35 -40.80
N LYS O 549 -58.53 18.25 -39.72
CA LYS O 549 -58.67 19.37 -38.81
C LYS O 549 -57.38 19.65 -38.06
N TYR O 550 -56.64 18.60 -37.70
CA TYR O 550 -55.45 18.72 -36.87
C TYR O 550 -54.16 18.53 -37.67
N LYS O 551 -54.22 18.66 -39.00
CA LYS O 551 -53.02 18.49 -39.81
C LYS O 551 -51.99 19.59 -39.57
N ASP O 552 -52.40 20.73 -39.01
CA ASP O 552 -51.51 21.84 -38.76
C ASP O 552 -50.99 21.87 -37.32
N LEU O 553 -51.12 20.77 -36.59
CA LEU O 553 -50.57 20.75 -35.25
C LEU O 553 -49.15 20.19 -35.26
N PRO O 554 -48.28 20.66 -34.36
CA PRO O 554 -46.90 20.14 -34.32
C PRO O 554 -46.78 18.83 -33.56
N PHE O 555 -47.29 17.77 -34.17
CA PHE O 555 -47.20 16.43 -33.61
C PHE O 555 -46.26 15.58 -34.46
N ASP O 556 -45.51 14.71 -33.81
CA ASP O 556 -44.55 13.84 -34.48
C ASP O 556 -45.18 12.54 -34.97
N GLY O 557 -46.47 12.36 -34.77
CA GLY O 557 -47.15 11.17 -35.23
C GLY O 557 -48.40 10.92 -34.43
N ILE O 558 -49.12 9.87 -34.81
CA ILE O 558 -50.31 9.43 -34.11
C ILE O 558 -49.89 8.28 -33.21
N GLY O 559 -49.70 8.58 -31.92
CA GLY O 559 -49.32 7.56 -30.97
C GLY O 559 -50.44 6.64 -30.56
N LEU O 560 -51.69 6.97 -30.91
CA LEU O 560 -52.83 6.11 -30.57
C LEU O 560 -53.94 6.41 -31.56
N MET O 561 -54.20 5.46 -32.46
CA MET O 561 -55.33 5.53 -33.37
C MET O 561 -56.39 4.54 -32.91
N ARG O 562 -57.55 5.06 -32.54
CA ARG O 562 -58.65 4.23 -32.05
C ARG O 562 -59.52 3.81 -33.24
N ILE O 563 -59.61 2.50 -33.47
CA ILE O 563 -60.41 1.97 -34.56
C ILE O 563 -61.81 1.64 -34.05
N GLU O 564 -62.07 1.97 -32.79
CA GLU O 564 -63.40 1.73 -32.22
C GLU O 564 -64.46 2.53 -32.97
N PHE O 565 -64.15 3.78 -33.30
CA PHE O 565 -65.10 4.61 -34.03
C PHE O 565 -65.36 4.05 -35.42
N ILE O 566 -64.33 3.52 -36.08
CA ILE O 566 -64.50 2.96 -37.42
C ILE O 566 -65.42 1.76 -37.37
N ILE O 567 -65.20 0.85 -36.41
CA ILE O 567 -66.03 -0.34 -36.31
C ILE O 567 -67.46 0.03 -35.92
N THR O 568 -67.61 1.02 -35.04
CA THR O 568 -68.95 1.38 -34.57
C THR O 568 -69.77 2.09 -35.64
N ASP O 569 -69.16 3.05 -36.34
CA ASP O 569 -69.91 3.94 -37.22
C ASP O 569 -69.69 3.66 -38.70
N TRP O 570 -68.59 3.02 -39.09
CA TRP O 570 -68.36 2.70 -40.48
C TRP O 570 -68.70 1.25 -40.82
N VAL O 571 -68.79 0.38 -39.81
CA VAL O 571 -69.12 -1.03 -40.02
C VAL O 571 -70.49 -1.38 -39.43
N GLN O 572 -70.75 -0.93 -38.20
CA GLN O 572 -71.99 -1.20 -37.46
C GLN O 572 -72.23 -2.69 -37.18
N TYR O 573 -71.32 -3.56 -37.62
CA TYR O 573 -71.55 -5.00 -37.53
C TYR O 573 -70.41 -5.68 -36.77
N HIS O 574 -70.78 -6.71 -36.02
CA HIS O 574 -69.79 -7.53 -35.35
C HIS O 574 -68.94 -8.26 -36.38
N PRO O 575 -67.61 -8.25 -36.26
CA PRO O 575 -66.78 -8.92 -37.27
C PRO O 575 -67.09 -10.40 -37.42
N LEU O 576 -67.38 -11.09 -36.32
CA LEU O 576 -67.76 -12.50 -36.42
C LEU O 576 -69.07 -12.67 -37.18
N TYR O 577 -70.03 -11.76 -36.98
CA TYR O 577 -71.27 -11.81 -37.74
C TYR O 577 -71.00 -11.61 -39.23
N LEU O 578 -70.11 -10.69 -39.58
CA LEU O 578 -69.77 -10.50 -40.98
C LEU O 578 -69.09 -11.73 -41.56
N ILE O 579 -68.24 -12.39 -40.77
CA ILE O 579 -67.62 -13.64 -41.21
C ILE O 579 -68.68 -14.70 -41.46
N GLU O 580 -69.65 -14.81 -40.56
CA GLU O 580 -70.73 -15.76 -40.75
C GLU O 580 -71.54 -15.45 -42.00
N GLN O 581 -71.81 -14.18 -42.26
CA GLN O 581 -72.49 -13.76 -43.48
C GLN O 581 -71.54 -13.65 -44.66
N GLY O 582 -70.26 -13.93 -44.49
CA GLY O 582 -69.30 -13.82 -45.58
C GLY O 582 -69.07 -12.41 -46.05
N LYS O 583 -69.01 -11.45 -45.12
CA LYS O 583 -68.77 -10.06 -45.48
C LYS O 583 -67.51 -9.52 -44.82
N GLU O 584 -66.45 -10.33 -44.80
CA GLU O 584 -65.18 -9.88 -44.27
C GLU O 584 -64.63 -8.70 -45.07
N SER O 585 -64.96 -8.65 -46.36
CA SER O 585 -64.43 -7.61 -47.23
C SER O 585 -64.86 -6.22 -46.75
N LEU O 586 -66.11 -6.07 -46.34
CA LEU O 586 -66.59 -4.77 -45.87
C LEU O 586 -65.79 -4.28 -44.66
N PHE O 587 -65.65 -5.13 -43.65
CA PHE O 587 -64.91 -4.76 -42.44
C PHE O 587 -63.46 -4.44 -42.76
N ILE O 588 -62.80 -5.30 -43.54
CA ILE O 588 -61.40 -5.09 -43.88
C ILE O 588 -61.23 -3.79 -44.66
N ASP O 589 -62.12 -3.55 -45.63
CA ASP O 589 -62.00 -2.37 -46.47
C ASP O 589 -62.27 -1.09 -45.70
N LYS O 590 -63.23 -1.10 -44.78
CA LYS O 590 -63.49 0.11 -43.99
C LYS O 590 -62.31 0.42 -43.07
N LEU O 591 -61.77 -0.60 -42.38
CA LEU O 591 -60.58 -0.36 -41.57
C LEU O 591 -59.42 0.13 -42.42
N ALA O 592 -59.22 -0.49 -43.59
CA ALA O 592 -58.13 -0.09 -44.47
C ALA O 592 -58.31 1.35 -44.94
N GLU O 593 -59.53 1.74 -45.28
CA GLU O 593 -59.78 3.11 -45.73
C GLU O 593 -59.45 4.11 -44.64
N GLY O 594 -59.95 3.87 -43.42
CA GLY O 594 -59.67 4.80 -42.33
C GLY O 594 -58.19 4.88 -42.01
N ILE O 595 -57.52 3.74 -41.88
CA ILE O 595 -56.11 3.73 -41.51
C ILE O 595 -55.26 4.34 -42.62
N ALA O 596 -55.61 4.05 -43.89
CA ALA O 596 -54.87 4.62 -45.01
C ALA O 596 -55.04 6.13 -45.08
N LYS O 597 -56.26 6.62 -44.84
CA LYS O 597 -56.46 8.07 -44.81
C LYS O 597 -55.60 8.71 -43.74
N VAL O 598 -55.61 8.15 -42.53
CA VAL O 598 -54.82 8.73 -41.45
C VAL O 598 -53.33 8.67 -41.76
N ALA O 599 -52.86 7.54 -42.30
CA ALA O 599 -51.43 7.38 -42.55
C ALA O 599 -50.96 8.29 -43.68
N GLN O 600 -51.73 8.39 -44.77
CA GLN O 600 -51.36 9.23 -45.89
C GLN O 600 -51.44 10.71 -45.51
N ALA O 601 -52.35 11.07 -44.60
CA ALA O 601 -52.47 12.47 -44.22
C ALA O 601 -51.23 12.98 -43.49
N ILE O 602 -50.49 12.10 -42.82
CA ILE O 602 -49.34 12.51 -42.02
C ILE O 602 -48.08 11.76 -42.40
N TYR O 603 -48.02 11.19 -43.60
CA TYR O 603 -46.83 10.48 -44.02
C TYR O 603 -45.64 11.44 -44.06
N PRO O 604 -44.45 11.00 -43.62
CA PRO O 604 -44.09 9.67 -43.12
C PRO O 604 -44.16 9.51 -41.61
N ARG O 605 -44.89 10.37 -40.90
CA ARG O 605 -44.98 10.23 -39.45
C ARG O 605 -45.74 8.95 -39.10
N PRO O 606 -45.29 8.22 -38.08
CA PRO O 606 -45.91 6.93 -37.78
C PRO O 606 -47.34 7.08 -37.27
N VAL O 607 -48.15 6.07 -37.59
CA VAL O 607 -49.51 5.95 -37.09
C VAL O 607 -49.60 4.63 -36.33
N VAL O 608 -49.73 4.70 -35.02
CA VAL O 608 -49.81 3.51 -34.17
C VAL O 608 -51.28 3.17 -34.01
N VAL O 609 -51.75 2.20 -34.79
CA VAL O 609 -53.14 1.76 -34.75
C VAL O 609 -53.31 0.80 -33.59
N ARG O 610 -54.31 1.07 -32.75
CA ARG O 610 -54.67 0.16 -31.67
C ARG O 610 -55.70 -0.85 -32.16
N PHE O 611 -55.48 -2.12 -31.82
CA PHE O 611 -56.43 -3.15 -32.17
C PHE O 611 -57.73 -2.94 -31.39
N SER O 612 -58.71 -3.81 -31.65
CA SER O 612 -60.04 -3.65 -31.07
C SER O 612 -60.00 -3.63 -29.55
N ASP O 613 -60.32 -2.47 -28.98
CA ASP O 613 -60.30 -2.27 -27.53
C ASP O 613 -61.69 -2.41 -26.91
N PHE O 614 -62.66 -2.90 -27.66
CA PHE O 614 -64.02 -3.02 -27.17
C PHE O 614 -64.10 -4.03 -26.01
N LYS O 615 -65.07 -3.81 -25.14
CA LYS O 615 -65.43 -4.79 -24.12
C LYS O 615 -66.58 -5.65 -24.66
N THR O 616 -66.94 -6.69 -23.90
CA THR O 616 -68.02 -7.58 -24.35
C THR O 616 -69.34 -6.81 -24.44
N ASN O 617 -69.63 -5.96 -23.46
CA ASN O 617 -70.83 -5.14 -23.52
C ASN O 617 -70.77 -4.15 -24.69
N GLU O 618 -69.60 -3.57 -24.94
CA GLU O 618 -69.44 -2.70 -26.10
C GLU O 618 -69.55 -3.48 -27.40
N TYR O 619 -69.06 -4.72 -27.41
CA TYR O 619 -69.18 -5.56 -28.59
C TYR O 619 -70.63 -5.89 -28.88
N ARG O 620 -71.43 -6.12 -27.83
CA ARG O 620 -72.84 -6.42 -28.02
C ARG O 620 -73.60 -5.27 -28.67
N GLY O 621 -73.09 -4.04 -28.57
CA GLY O 621 -73.72 -2.92 -29.25
C GLY O 621 -73.69 -3.03 -30.75
N LEU O 622 -72.74 -3.77 -31.31
CA LEU O 622 -72.69 -4.00 -32.74
C LEU O 622 -73.84 -4.91 -33.18
N LYS O 623 -74.21 -4.76 -34.45
CA LYS O 623 -75.30 -5.57 -34.99
C LYS O 623 -74.88 -7.03 -35.08
N GLY O 624 -75.72 -7.93 -34.58
CA GLY O 624 -75.43 -9.34 -34.61
C GLY O 624 -74.41 -9.81 -33.61
N GLY O 625 -73.98 -8.95 -32.69
CA GLY O 625 -72.98 -9.31 -31.71
C GLY O 625 -73.49 -10.04 -30.48
N GLU O 626 -74.81 -10.16 -30.33
CA GLU O 626 -75.35 -10.84 -29.16
C GLU O 626 -75.02 -12.33 -29.18
N LYS O 627 -74.91 -12.93 -30.36
CA LYS O 627 -74.64 -14.36 -30.45
C LYS O 627 -73.20 -14.72 -30.13
N TYR O 628 -72.27 -13.78 -30.24
CA TYR O 628 -70.86 -14.06 -30.08
C TYR O 628 -70.27 -13.50 -28.79
N GLU O 629 -70.99 -12.66 -28.07
CA GLU O 629 -70.48 -12.02 -26.87
C GLU O 629 -71.22 -12.54 -25.64
N PRO O 630 -70.56 -13.29 -24.76
CA PRO O 630 -71.23 -13.74 -23.54
C PRO O 630 -71.44 -12.60 -22.57
N GLU O 631 -72.48 -12.72 -21.77
CA GLU O 631 -72.73 -11.72 -20.73
C GLU O 631 -71.72 -11.87 -19.61
N GLU O 632 -70.94 -10.83 -19.37
CA GLU O 632 -69.88 -10.89 -18.38
C GLU O 632 -70.16 -9.96 -17.23
N ARG O 633 -69.88 -10.47 -16.03
CA ARG O 633 -70.01 -9.71 -14.80
C ARG O 633 -69.00 -8.57 -14.75
N ASN O 634 -67.75 -8.80 -15.16
CA ASN O 634 -66.74 -7.74 -15.24
C ASN O 634 -66.02 -7.75 -16.57
N PRO O 635 -66.65 -7.22 -17.63
CA PRO O 635 -65.92 -7.09 -18.91
C PRO O 635 -64.72 -6.18 -18.82
N MET O 636 -64.69 -5.25 -17.85
CA MET O 636 -63.55 -4.37 -17.68
C MET O 636 -62.27 -5.16 -17.46
N ILE O 637 -62.35 -6.25 -16.72
CA ILE O 637 -61.23 -7.16 -16.55
C ILE O 637 -61.64 -8.51 -17.13
N GLY O 638 -62.50 -8.49 -18.15
CA GLY O 638 -63.00 -9.70 -18.75
C GLY O 638 -62.27 -10.09 -20.02
N TRP O 639 -62.99 -10.78 -20.89
CA TRP O 639 -62.45 -11.28 -22.17
C TRP O 639 -62.30 -10.12 -23.13
N ARG O 640 -61.11 -9.53 -23.18
CA ARG O 640 -60.85 -8.39 -24.05
C ARG O 640 -59.36 -8.33 -24.34
N GLY O 641 -59.01 -7.57 -25.36
CA GLY O 641 -57.61 -7.38 -25.70
C GLY O 641 -57.01 -8.62 -26.32
N VAL O 642 -55.74 -8.87 -26.00
CA VAL O 642 -55.01 -9.98 -26.59
C VAL O 642 -55.66 -11.31 -26.22
N SER O 643 -56.16 -11.41 -25.00
CA SER O 643 -56.89 -12.61 -24.58
C SER O 643 -58.04 -12.91 -25.54
N ARG O 644 -58.68 -11.87 -26.08
CA ARG O 644 -59.72 -12.08 -27.06
C ARG O 644 -59.14 -12.47 -28.42
N TYR O 645 -58.02 -11.87 -28.80
CA TYR O 645 -57.48 -12.09 -30.14
C TYR O 645 -56.99 -13.52 -30.32
N ILE O 646 -56.28 -14.06 -29.32
CA ILE O 646 -55.73 -15.41 -29.44
C ILE O 646 -56.78 -16.50 -29.23
N HIS O 647 -57.95 -16.14 -28.70
CA HIS O 647 -58.99 -17.14 -28.52
C HIS O 647 -59.51 -17.62 -29.87
N PRO O 648 -59.74 -18.92 -30.04
CA PRO O 648 -60.18 -19.42 -31.35
C PRO O 648 -61.49 -18.83 -31.82
N LYS O 649 -62.37 -18.43 -30.91
CA LYS O 649 -63.68 -17.90 -31.31
C LYS O 649 -63.53 -16.56 -32.03
N TYR O 650 -62.74 -15.65 -31.45
CA TYR O 650 -62.55 -14.33 -32.04
C TYR O 650 -61.33 -14.26 -32.94
N GLU O 651 -60.54 -15.33 -33.03
CA GLU O 651 -59.34 -15.29 -33.87
C GLU O 651 -59.60 -14.87 -35.31
N PRO O 652 -60.67 -15.32 -35.98
CA PRO O 652 -60.92 -14.79 -37.34
C PRO O 652 -61.08 -13.28 -37.40
N ALA O 653 -61.70 -12.66 -36.39
CA ALA O 653 -61.85 -11.21 -36.40
C ALA O 653 -60.51 -10.52 -36.24
N PHE O 654 -59.65 -11.02 -35.36
CA PHE O 654 -58.30 -10.48 -35.24
C PHE O 654 -57.54 -10.66 -36.54
N ARG O 655 -57.74 -11.79 -37.21
CA ARG O 655 -57.11 -12.00 -38.51
C ARG O 655 -57.62 -11.00 -39.54
N LEU O 656 -58.91 -10.65 -39.48
CA LEU O 656 -59.43 -9.61 -40.37
C LEU O 656 -58.76 -8.27 -40.09
N GLU O 657 -58.58 -7.93 -38.82
CA GLU O 657 -57.91 -6.68 -38.48
C GLU O 657 -56.46 -6.69 -38.98
N VAL O 658 -55.75 -7.80 -38.81
CA VAL O 658 -54.38 -7.90 -39.28
C VAL O 658 -54.33 -7.83 -40.80
N ARG O 659 -55.33 -8.41 -41.47
CA ARG O 659 -55.40 -8.32 -42.92
C ARG O 659 -55.61 -6.89 -43.38
N ALA O 660 -56.45 -6.14 -42.67
CA ALA O 660 -56.63 -4.73 -43.00
C ALA O 660 -55.34 -3.95 -42.82
N ILE O 661 -54.62 -4.20 -41.73
CA ILE O 661 -53.33 -3.54 -41.51
C ILE O 661 -52.34 -3.90 -42.61
N LYS O 662 -52.30 -5.18 -42.99
CA LYS O 662 -51.39 -5.61 -44.05
C LYS O 662 -51.75 -4.98 -45.38
N LYS O 663 -53.05 -4.86 -45.68
CA LYS O 663 -53.48 -4.20 -46.90
C LYS O 663 -53.06 -2.73 -46.92
N VAL O 664 -53.19 -2.05 -45.78
CA VAL O 664 -52.73 -0.67 -45.70
C VAL O 664 -51.23 -0.60 -45.92
N ARG O 665 -50.47 -1.51 -45.30
CA ARG O 665 -49.01 -1.42 -45.37
C ARG O 665 -48.46 -1.83 -46.73
N GLU O 666 -49.19 -2.66 -47.47
CA GLU O 666 -48.69 -3.23 -48.72
C GLU O 666 -49.39 -2.70 -49.96
N GLU O 667 -50.72 -2.78 -50.01
CA GLU O 667 -51.44 -2.32 -51.18
C GLU O 667 -51.27 -0.82 -51.39
N MET O 668 -51.34 -0.05 -50.32
CA MET O 668 -51.10 1.39 -50.38
C MET O 668 -49.66 1.76 -50.08
N GLY O 669 -48.82 0.80 -49.70
CA GLY O 669 -47.42 1.07 -49.44
C GLY O 669 -47.17 2.00 -48.28
N LEU O 670 -48.12 2.13 -47.36
CA LEU O 670 -47.97 3.03 -46.21
C LEU O 670 -47.18 2.31 -45.13
N THR O 671 -45.86 2.45 -45.20
CA THR O 671 -44.98 1.77 -44.26
C THR O 671 -45.13 2.31 -42.83
N ASN O 672 -45.53 3.56 -42.70
CA ASN O 672 -45.59 4.24 -41.41
C ASN O 672 -46.69 3.70 -40.48
N VAL O 673 -47.38 2.61 -40.80
CA VAL O 673 -48.44 2.09 -39.95
C VAL O 673 -47.84 1.02 -39.03
N TRP O 674 -47.94 1.26 -37.72
CA TRP O 674 -47.55 0.32 -36.69
C TRP O 674 -48.79 -0.12 -35.94
N VAL O 675 -48.65 -1.17 -35.13
CA VAL O 675 -49.78 -1.70 -34.37
C VAL O 675 -49.41 -1.76 -32.90
N MET O 676 -50.42 -1.62 -32.05
CA MET O 676 -50.27 -1.83 -30.62
C MET O 676 -51.35 -2.80 -30.14
N PHE O 677 -50.94 -3.71 -29.26
CA PHE O 677 -51.84 -4.70 -28.70
C PHE O 677 -52.44 -4.16 -27.41
N PRO O 678 -53.74 -3.96 -27.33
CA PRO O 678 -54.33 -3.42 -26.10
C PRO O 678 -54.57 -4.49 -25.05
N PHE O 679 -54.36 -4.10 -23.79
CA PHE O 679 -54.70 -4.92 -22.63
C PHE O 679 -53.96 -6.26 -22.66
N VAL O 680 -52.64 -6.17 -22.67
CA VAL O 680 -51.78 -7.35 -22.68
C VAL O 680 -51.64 -7.87 -21.26
N ARG O 681 -51.87 -9.16 -21.08
CA ARG O 681 -51.87 -9.78 -19.76
C ARG O 681 -50.64 -10.66 -19.51
N THR O 682 -50.34 -11.58 -20.41
CA THR O 682 -49.27 -12.54 -20.21
C THR O 682 -48.38 -12.61 -21.44
N THR O 683 -47.15 -13.12 -21.24
CA THR O 683 -46.20 -13.20 -22.33
C THR O 683 -46.61 -14.22 -23.37
N TRP O 684 -47.16 -15.37 -22.93
CA TRP O 684 -47.54 -16.42 -23.88
C TRP O 684 -48.68 -15.95 -24.78
N GLU O 685 -49.63 -15.20 -24.24
CA GLU O 685 -50.69 -14.65 -25.09
C GLU O 685 -50.12 -13.66 -26.10
N LEU O 686 -49.12 -12.86 -25.70
CA LEU O 686 -48.50 -11.93 -26.63
C LEU O 686 -47.77 -12.67 -27.75
N GLU O 687 -47.06 -13.74 -27.41
CA GLU O 687 -46.36 -14.50 -28.44
C GLU O 687 -47.34 -15.24 -29.34
N ARG O 688 -48.48 -15.69 -28.80
CA ARG O 688 -49.49 -16.31 -29.65
C ARG O 688 -50.10 -15.28 -30.61
N ALA O 689 -50.36 -14.08 -30.14
CA ALA O 689 -50.83 -13.02 -31.03
C ALA O 689 -49.79 -12.69 -32.10
N LEU O 690 -48.51 -12.66 -31.71
CA LEU O 690 -47.45 -12.37 -32.67
C LEU O 690 -47.35 -13.46 -33.73
N LYS O 691 -47.46 -14.72 -33.34
CA LYS O 691 -47.42 -15.79 -34.34
C LYS O 691 -48.66 -15.81 -35.21
N ILE O 692 -49.82 -15.41 -34.67
CA ILE O 692 -51.01 -15.25 -35.50
C ILE O 692 -50.78 -14.15 -36.53
N MET O 693 -50.18 -13.04 -36.11
CA MET O 693 -49.85 -11.97 -37.05
C MET O 693 -48.87 -12.44 -38.12
N GLU O 694 -47.87 -13.23 -37.71
CA GLU O 694 -46.91 -13.76 -38.66
C GLU O 694 -47.57 -14.69 -39.68
N GLU O 695 -48.54 -15.50 -39.22
CA GLU O 695 -49.28 -16.37 -40.14
C GLU O 695 -50.03 -15.56 -41.18
N GLU O 696 -50.37 -14.32 -40.87
CA GLU O 696 -51.04 -13.43 -41.81
C GLU O 696 -50.07 -12.60 -42.64
N GLY O 697 -48.77 -12.82 -42.51
CA GLY O 697 -47.77 -12.09 -43.25
C GLY O 697 -47.35 -10.78 -42.64
N LEU O 698 -47.84 -10.44 -41.45
CA LEU O 698 -47.46 -9.21 -40.75
C LEU O 698 -46.41 -9.58 -39.71
N LYS O 699 -45.16 -9.23 -39.99
CA LYS O 699 -44.03 -9.61 -39.15
C LYS O 699 -43.33 -8.38 -38.62
N ARG O 700 -42.94 -8.43 -37.34
CA ARG O 700 -42.18 -7.35 -36.73
C ARG O 700 -40.83 -7.21 -37.41
N GLY O 701 -40.45 -5.98 -37.73
CA GLY O 701 -39.20 -5.73 -38.43
C GLY O 701 -38.77 -4.29 -38.28
N LYS O 702 -37.82 -3.91 -39.15
CA LYS O 702 -37.30 -2.55 -39.12
C LYS O 702 -38.35 -1.54 -39.58
N ASP O 703 -39.23 -1.92 -40.51
CA ASP O 703 -40.25 -1.05 -41.03
C ASP O 703 -41.61 -1.25 -40.36
N PHE O 704 -41.70 -2.15 -39.38
CA PHE O 704 -42.95 -2.45 -38.71
C PHE O 704 -42.69 -2.57 -37.21
N LYS O 705 -43.31 -1.71 -36.43
CA LYS O 705 -43.15 -1.70 -34.98
C LYS O 705 -44.41 -2.26 -34.32
N VAL O 706 -44.22 -3.07 -33.29
CA VAL O 706 -45.30 -3.65 -32.51
C VAL O 706 -45.16 -3.17 -31.07
N TRP O 707 -46.23 -2.57 -30.55
CA TRP O 707 -46.26 -2.07 -29.19
C TRP O 707 -47.24 -2.88 -28.35
N ALA O 708 -47.09 -2.79 -27.04
CA ALA O 708 -48.00 -3.43 -26.10
C ALA O 708 -48.49 -2.39 -25.11
N MET O 709 -49.81 -2.34 -24.90
CA MET O 709 -50.36 -1.42 -23.91
C MET O 709 -49.95 -1.85 -22.51
N ALA O 710 -49.36 -0.91 -21.77
CA ALA O 710 -48.94 -1.17 -20.40
C ALA O 710 -50.02 -0.66 -19.43
N GLU O 711 -51.19 -1.31 -19.51
CA GLU O 711 -52.31 -0.97 -18.66
C GLU O 711 -52.67 -2.07 -17.67
N VAL O 712 -51.89 -3.14 -17.61
CA VAL O 712 -52.12 -4.23 -16.67
C VAL O 712 -50.93 -4.32 -15.73
N PRO O 713 -51.16 -4.51 -14.42
CA PRO O 713 -50.02 -4.57 -13.49
C PRO O 713 -49.04 -5.70 -13.78
N SER O 714 -49.46 -6.75 -14.48
CA SER O 714 -48.51 -7.77 -14.90
C SER O 714 -47.45 -7.20 -15.82
N ILE O 715 -47.84 -6.26 -16.70
CA ILE O 715 -46.86 -5.57 -17.53
C ILE O 715 -45.93 -4.75 -16.66
N VAL O 716 -46.46 -4.13 -15.61
CA VAL O 716 -45.63 -3.36 -14.68
C VAL O 716 -44.57 -4.25 -14.05
N LEU O 717 -44.97 -5.43 -13.61
CA LEU O 717 -44.04 -6.31 -12.89
C LEU O 717 -43.07 -7.01 -13.83
N LEU O 718 -43.46 -7.26 -15.08
CA LEU O 718 -42.66 -8.04 -16.01
C LEU O 718 -42.44 -7.30 -17.33
N ALA O 719 -42.21 -5.99 -17.27
CA ALA O 719 -41.97 -5.23 -18.49
C ALA O 719 -40.71 -5.69 -19.19
N ASP O 720 -39.65 -5.98 -18.43
CA ASP O 720 -38.41 -6.46 -19.02
C ASP O 720 -38.59 -7.80 -19.72
N LYS O 721 -39.51 -8.63 -19.21
CA LYS O 721 -39.80 -9.90 -19.87
C LYS O 721 -40.63 -9.70 -21.13
N PHE O 722 -41.59 -8.78 -21.09
CA PHE O 722 -42.42 -8.50 -22.25
C PHE O 722 -41.64 -7.80 -23.37
N ALA O 723 -40.54 -7.14 -23.04
CA ALA O 723 -39.81 -6.36 -24.04
C ALA O 723 -39.19 -7.23 -25.12
N GLU O 724 -39.01 -8.53 -24.89
CA GLU O 724 -38.44 -9.40 -25.92
C GLU O 724 -39.41 -9.64 -27.07
N TYR O 725 -40.69 -9.33 -26.89
CA TYR O 725 -41.70 -9.61 -27.91
C TYR O 725 -42.17 -8.37 -28.66
N VAL O 726 -42.00 -7.18 -28.10
CA VAL O 726 -42.53 -5.96 -28.70
C VAL O 726 -41.40 -4.95 -28.83
N ASP O 727 -41.56 -4.01 -29.77
CA ASP O 727 -40.57 -2.96 -29.95
C ASP O 727 -40.65 -1.92 -28.84
N GLY O 728 -41.84 -1.70 -28.28
CA GLY O 728 -42.00 -0.73 -27.23
C GLY O 728 -43.30 -0.92 -26.49
N PHE O 729 -43.51 -0.07 -25.48
CA PHE O 729 -44.71 -0.11 -24.67
C PHE O 729 -45.42 1.24 -24.71
N SER O 730 -46.74 1.18 -24.67
CA SER O 730 -47.58 2.38 -24.55
C SER O 730 -48.33 2.29 -23.23
N ILE O 731 -48.09 3.25 -22.35
CA ILE O 731 -48.68 3.23 -21.02
C ILE O 731 -50.10 3.81 -21.11
N GLY O 732 -51.09 2.95 -20.93
CA GLY O 732 -52.47 3.39 -20.87
C GLY O 732 -52.82 3.88 -19.48
N SER O 733 -52.38 5.10 -19.15
CA SER O 733 -52.50 5.61 -17.80
C SER O 733 -53.94 5.57 -17.28
N ASN O 734 -54.92 5.80 -18.16
CA ASN O 734 -56.31 5.75 -17.74
C ASN O 734 -56.67 4.36 -17.20
N ASP O 735 -56.36 3.32 -17.97
CA ASP O 735 -56.62 1.95 -17.52
C ASP O 735 -55.59 1.48 -16.51
N LEU O 736 -54.35 1.95 -16.62
CA LEU O 736 -53.31 1.52 -15.69
C LEU O 736 -53.62 1.98 -14.27
N THR O 737 -54.08 3.21 -14.11
CA THR O 737 -54.47 3.69 -12.79
C THR O 737 -55.63 2.87 -12.24
N GLN O 738 -56.62 2.56 -13.08
CA GLN O 738 -57.77 1.78 -12.66
C GLN O 738 -57.35 0.41 -12.17
N LEU O 739 -56.45 -0.26 -12.90
CA LEU O 739 -56.06 -1.61 -12.53
C LEU O 739 -55.10 -1.63 -11.35
N ILE O 740 -54.19 -0.65 -11.27
CA ILE O 740 -53.26 -0.59 -10.15
C ILE O 740 -54.02 -0.31 -8.85
N LEU O 741 -54.95 0.64 -8.88
CA LEU O 741 -55.74 0.96 -7.70
C LEU O 741 -56.93 0.04 -7.52
N GLY O 742 -57.27 -0.78 -8.51
CA GLY O 742 -58.44 -1.64 -8.39
C GLY O 742 -59.74 -0.88 -8.25
N ALA O 743 -59.90 0.21 -8.98
CA ALA O 743 -61.10 1.03 -8.93
C ALA O 743 -61.56 1.34 -10.35
N ASP O 744 -62.87 1.45 -10.53
CA ASP O 744 -63.48 1.66 -11.84
C ASP O 744 -64.10 3.06 -11.88
N ARG O 745 -63.81 3.80 -12.96
CA ARG O 745 -64.06 5.23 -12.98
C ARG O 745 -65.53 5.60 -13.03
N ASP O 746 -66.36 4.88 -13.79
CA ASP O 746 -67.75 5.27 -13.96
C ASP O 746 -68.54 5.19 -12.66
N SER O 747 -68.02 4.53 -11.65
CA SER O 747 -68.62 4.55 -10.31
C SER O 747 -68.44 5.95 -9.73
N ASN O 748 -69.55 6.68 -9.58
CA ASN O 748 -69.46 8.05 -9.11
C ASN O 748 -68.94 8.14 -7.68
N ILE O 749 -69.23 7.13 -6.86
CA ILE O 749 -68.78 7.14 -5.46
C ILE O 749 -67.26 7.15 -5.39
N LEU O 750 -66.63 6.24 -6.14
CA LEU O 750 -65.17 6.18 -6.13
C LEU O 750 -64.55 7.43 -6.73
N ALA O 751 -65.18 7.99 -7.78
CA ALA O 751 -64.67 9.21 -8.39
C ALA O 751 -64.74 10.39 -7.43
N GLU O 752 -65.81 10.48 -6.63
CA GLU O 752 -65.97 11.59 -5.71
C GLU O 752 -64.87 11.60 -4.65
N MET O 753 -64.45 10.43 -4.19
CA MET O 753 -63.40 10.36 -3.17
C MET O 753 -62.03 10.76 -3.71
N GLY O 754 -61.88 10.91 -5.01
CA GLY O 754 -60.60 11.30 -5.58
C GLY O 754 -59.64 10.17 -5.81
N TYR O 755 -60.14 8.94 -5.95
CA TYR O 755 -59.25 7.80 -6.19
C TYR O 755 -58.53 7.93 -7.52
N PHE O 756 -59.23 8.39 -8.56
CA PHE O 756 -58.71 8.34 -9.92
C PHE O 756 -57.83 9.56 -10.21
N ASP O 757 -56.80 9.68 -9.39
CA ASP O 757 -55.74 10.67 -9.57
C ASP O 757 -54.51 9.95 -10.11
N GLU O 758 -54.12 10.28 -11.33
CA GLU O 758 -52.95 9.66 -11.93
C GLU O 758 -51.65 10.11 -11.28
N ARG O 759 -51.70 11.11 -10.40
CA ARG O 759 -50.57 11.50 -9.58
C ARG O 759 -50.41 10.61 -8.34
N ASP O 760 -51.16 9.51 -8.27
CA ASP O 760 -51.06 8.62 -7.13
C ASP O 760 -49.66 8.02 -7.05
N PRO O 761 -49.10 7.86 -5.84
CA PRO O 761 -47.74 7.30 -5.74
C PRO O 761 -47.62 5.90 -6.33
N ALA O 762 -48.66 5.07 -6.21
CA ALA O 762 -48.59 3.73 -6.78
C ALA O 762 -48.52 3.78 -8.30
N VAL O 763 -49.33 4.63 -8.93
CA VAL O 763 -49.30 4.74 -10.39
C VAL O 763 -47.95 5.28 -10.85
N LEU O 764 -47.41 6.27 -10.14
CA LEU O 764 -46.11 6.81 -10.49
C LEU O 764 -45.01 5.76 -10.35
N ALA O 765 -45.05 4.98 -9.28
CA ALA O 765 -44.07 3.91 -9.10
C ALA O 765 -44.18 2.86 -10.19
N GLY O 766 -45.41 2.50 -10.58
CA GLY O 766 -45.58 1.55 -11.65
C GLY O 766 -45.05 2.07 -12.97
N ILE O 767 -45.33 3.34 -13.28
CA ILE O 767 -44.83 3.94 -14.51
C ILE O 767 -43.30 3.97 -14.50
N LYS O 768 -42.71 4.35 -13.36
CA LYS O 768 -41.26 4.37 -13.25
C LYS O 768 -40.67 2.99 -13.47
N MET O 769 -41.29 1.96 -12.88
CA MET O 769 -40.80 0.60 -13.06
C MET O 769 -40.90 0.16 -14.52
N ILE O 770 -42.02 0.48 -15.18
CA ILE O 770 -42.18 0.15 -16.59
C ILE O 770 -41.08 0.80 -17.41
N ILE O 771 -40.85 2.09 -17.19
CA ILE O 771 -39.84 2.83 -17.96
C ILE O 771 -38.46 2.24 -17.74
N GLU O 772 -38.12 1.96 -16.47
CA GLU O 772 -36.80 1.43 -16.16
C GLU O 772 -36.59 0.07 -16.80
N LYS O 773 -37.58 -0.83 -16.70
CA LYS O 773 -37.43 -2.15 -17.28
C LYS O 773 -37.34 -2.09 -18.80
N ALA O 774 -38.21 -1.30 -19.44
CA ALA O 774 -38.19 -1.22 -20.89
C ALA O 774 -36.88 -0.64 -21.41
N HIS O 775 -36.35 0.39 -20.74
CA HIS O 775 -35.08 0.95 -21.17
C HIS O 775 -33.91 0.04 -20.83
N SER O 776 -34.02 -0.78 -19.79
CA SER O 776 -33.00 -1.80 -19.54
C SER O 776 -33.00 -2.86 -20.62
N LYS O 777 -34.16 -3.17 -21.20
CA LYS O 777 -34.23 -4.11 -22.31
C LYS O 777 -34.28 -3.42 -23.66
N GLY O 778 -34.03 -2.12 -23.71
CA GLY O 778 -33.94 -1.41 -24.98
C GLY O 778 -35.24 -1.18 -25.70
N ALA O 779 -36.36 -1.18 -24.98
CA ALA O 779 -37.67 -0.95 -25.58
C ALA O 779 -38.12 0.48 -25.31
N THR O 780 -38.76 1.08 -26.31
CA THR O 780 -39.28 2.44 -26.16
C THR O 780 -40.51 2.45 -25.26
N VAL O 781 -40.74 3.59 -24.61
CA VAL O 781 -41.88 3.78 -23.72
C VAL O 781 -42.68 4.97 -24.19
N SER O 782 -44.00 4.78 -24.31
CA SER O 782 -44.91 5.85 -24.66
C SER O 782 -46.06 5.86 -23.65
N ILE O 783 -46.73 7.00 -23.56
CA ILE O 783 -47.91 7.15 -22.71
C ILE O 783 -49.03 7.79 -23.53
N CYS O 784 -50.22 7.21 -23.47
CA CYS O 784 -51.39 7.70 -24.20
C CYS O 784 -52.56 7.73 -23.22
N GLY O 785 -52.70 8.85 -22.53
CA GLY O 785 -53.77 9.01 -21.55
C GLY O 785 -54.02 10.47 -21.28
N GLN O 786 -54.94 10.71 -20.34
CA GLN O 786 -55.31 12.08 -19.99
C GLN O 786 -54.37 12.69 -18.95
N ALA O 787 -53.48 11.90 -18.36
CA ALA O 787 -52.57 12.44 -17.35
C ALA O 787 -51.65 13.53 -17.89
N PRO O 788 -50.95 13.36 -19.01
CA PRO O 788 -50.11 14.46 -19.51
C PRO O 788 -50.90 15.65 -20.00
N SER O 789 -52.18 15.48 -20.33
CA SER O 789 -52.97 16.57 -20.88
C SER O 789 -53.36 17.60 -19.82
N VAL O 790 -53.49 17.18 -18.56
CA VAL O 790 -54.03 18.04 -17.51
C VAL O 790 -53.00 18.35 -16.42
N TYR O 791 -52.13 17.39 -16.08
CA TYR O 791 -51.22 17.58 -14.96
C TYR O 791 -49.80 17.85 -15.48
N PRO O 792 -49.28 19.07 -15.33
CA PRO O 792 -47.89 19.34 -15.72
C PRO O 792 -46.87 18.52 -14.95
N GLU O 793 -47.13 18.24 -13.67
CA GLU O 793 -46.18 17.47 -12.88
C GLU O 793 -46.04 16.03 -13.38
N ILE O 794 -47.10 15.44 -13.91
CA ILE O 794 -47.00 14.13 -14.56
C ILE O 794 -46.04 14.21 -15.74
N VAL O 795 -46.16 15.27 -16.55
CA VAL O 795 -45.27 15.43 -17.69
C VAL O 795 -43.83 15.59 -17.22
N GLU O 796 -43.61 16.38 -16.17
CA GLU O 796 -42.26 16.58 -15.66
C GLU O 796 -41.67 15.26 -15.17
N PHE O 797 -42.45 14.48 -14.43
CA PHE O 797 -41.98 13.19 -13.94
C PHE O 797 -41.68 12.24 -15.09
N LEU O 798 -42.53 12.21 -16.12
CA LEU O 798 -42.31 11.35 -17.26
C LEU O 798 -41.03 11.71 -18.01
N VAL O 799 -40.82 13.01 -18.24
CA VAL O 799 -39.63 13.44 -18.96
C VAL O 799 -38.38 13.17 -18.13
N GLU O 800 -38.46 13.36 -16.81
CA GLU O 800 -37.33 13.06 -15.94
C GLU O 800 -37.01 11.56 -15.98
N ALA O 801 -38.03 10.71 -15.97
CA ALA O 801 -37.81 9.28 -16.07
C ALA O 801 -37.21 8.87 -17.41
N GLY O 802 -37.37 9.70 -18.44
CA GLY O 802 -36.79 9.42 -19.74
C GLY O 802 -37.73 8.73 -20.69
N ILE O 803 -39.01 9.09 -20.64
CA ILE O 803 -39.99 8.48 -21.54
C ILE O 803 -39.69 8.89 -22.96
N ASP O 804 -39.89 7.95 -23.90
CA ASP O 804 -39.50 8.20 -25.28
C ASP O 804 -40.48 9.12 -26.00
N SER O 805 -41.78 8.96 -25.75
CA SER O 805 -42.77 9.79 -26.42
C SER O 805 -43.99 9.94 -25.52
N ILE O 806 -44.76 10.99 -25.78
CA ILE O 806 -45.99 11.28 -25.06
C ILE O 806 -47.08 11.53 -26.08
N SER O 807 -48.18 10.79 -25.97
CA SER O 807 -49.32 10.92 -26.87
C SER O 807 -50.46 11.60 -26.13
N VAL O 808 -50.93 12.72 -26.66
CA VAL O 808 -51.96 13.53 -26.03
C VAL O 808 -53.06 13.81 -27.03
N ASN O 809 -54.16 14.40 -26.52
CA ASN O 809 -55.25 14.83 -27.36
C ASN O 809 -54.80 15.99 -28.24
N PRO O 810 -55.45 16.19 -29.40
CA PRO O 810 -55.03 17.29 -30.28
C PRO O 810 -55.02 18.65 -29.62
N ASP O 811 -56.08 18.99 -28.87
CA ASP O 811 -56.16 20.30 -28.25
C ASP O 811 -55.07 20.53 -27.21
N ALA O 812 -54.44 19.45 -26.72
CA ALA O 812 -53.35 19.55 -25.76
C ALA O 812 -51.98 19.35 -26.40
N VAL O 813 -51.90 19.32 -27.72
CA VAL O 813 -50.61 19.06 -28.37
C VAL O 813 -49.66 20.22 -28.14
N ILE O 814 -50.02 21.42 -28.62
CA ILE O 814 -49.09 22.54 -28.65
C ILE O 814 -48.57 22.84 -27.25
N ALA O 815 -49.47 22.98 -26.28
CA ALA O 815 -49.05 23.24 -24.90
C ALA O 815 -48.06 22.19 -24.43
N THR O 816 -48.38 20.91 -24.67
CA THR O 816 -47.46 19.84 -24.27
C THR O 816 -46.10 20.05 -24.92
N ARG O 817 -46.10 20.35 -26.23
CA ARG O 817 -44.83 20.57 -26.92
C ARG O 817 -44.04 21.69 -26.26
N ARG O 818 -44.73 22.73 -25.79
CA ARG O 818 -44.04 23.74 -25.00
C ARG O 818 -43.55 23.15 -23.69
N LEU O 819 -44.47 22.55 -22.92
CA LEU O 819 -44.15 22.14 -21.56
C LEU O 819 -42.98 21.17 -21.54
N VAL O 820 -43.06 20.09 -22.32
CA VAL O 820 -41.99 19.11 -22.37
C VAL O 820 -40.68 19.82 -22.67
N ALA O 821 -40.67 20.71 -23.67
CA ALA O 821 -39.44 21.41 -24.02
C ALA O 821 -38.86 22.10 -22.80
N SER O 822 -39.67 22.90 -22.11
CA SER O 822 -39.18 23.59 -20.92
C SER O 822 -38.63 22.59 -19.93
N ILE O 823 -39.38 21.52 -19.66
CA ILE O 823 -38.93 20.52 -18.70
C ILE O 823 -37.59 19.96 -19.12
N GLU O 824 -37.46 19.62 -20.41
CA GLU O 824 -36.18 19.11 -20.89
C GLU O 824 -35.07 20.10 -20.59
N ARG O 825 -35.28 21.37 -20.93
CA ARG O 825 -34.28 22.38 -20.64
C ARG O 825 -33.97 22.41 -19.15
N LYS O 826 -35.01 22.38 -18.31
CA LYS O 826 -34.79 22.35 -16.87
C LYS O 826 -33.95 21.15 -16.48
N ILE O 827 -34.31 19.97 -16.98
CA ILE O 827 -33.53 18.78 -16.68
C ILE O 827 -32.10 18.97 -17.14
N MET O 828 -31.93 19.57 -18.33
CA MET O 828 -30.60 19.71 -18.91
C MET O 828 -29.74 20.61 -18.03
N LEU O 829 -30.37 21.49 -17.25
CA LEU O 829 -29.65 22.21 -16.21
C LEU O 829 -29.36 21.31 -15.01
N LYS O 830 -30.41 20.69 -14.46
CA LYS O 830 -30.30 20.01 -13.18
C LYS O 830 -29.22 18.94 -13.22
N ARG O 831 -29.28 18.06 -14.22
CA ARG O 831 -28.26 17.02 -14.37
C ARG O 831 -26.86 17.60 -14.33
N LEU O 832 -26.63 18.70 -15.07
CA LEU O 832 -25.31 19.33 -15.05
C LEU O 832 -24.89 19.63 -13.62
N ASN O 833 -25.75 20.31 -12.85
CA ASN O 833 -25.43 20.58 -11.46
C ASN O 833 -25.06 19.31 -10.73
N LYS O 834 -25.91 18.28 -10.84
CA LYS O 834 -25.61 17.02 -10.17
C LYS O 834 -24.23 16.52 -10.54
N ILE O 835 -23.91 16.55 -11.84
CA ILE O 835 -22.60 16.07 -12.29
C ILE O 835 -21.51 16.82 -11.55
N MET O 836 -21.60 18.15 -11.52
CA MET O 836 -20.59 18.93 -10.81
C MET O 836 -20.52 18.49 -9.36
N ASP O 837 -21.67 18.39 -8.70
CA ASP O 837 -21.68 17.93 -7.31
C ASP O 837 -21.05 16.56 -7.21
N LYS O 838 -21.43 15.65 -8.12
CA LYS O 838 -20.83 14.33 -8.13
C LYS O 838 -19.32 14.44 -8.28
N LEU O 839 -18.87 15.28 -9.21
CA LEU O 839 -17.44 15.45 -9.42
C LEU O 839 -16.76 15.95 -8.14
N ASN O 840 -17.45 16.84 -7.41
CA ASN O 840 -16.88 17.31 -6.15
C ASN O 840 -16.59 16.15 -5.22
N LYS O 841 -17.54 15.22 -5.09
CA LYS O 841 -17.35 14.10 -4.18
C LYS O 841 -16.18 13.22 -4.63
N LEU O 842 -15.84 13.29 -5.92
CA LEU O 842 -14.69 12.52 -6.39
C LEU O 842 -13.38 13.15 -5.93
N GLU O 843 -13.32 14.49 -5.87
CA GLU O 843 -12.06 15.13 -5.52
C GLU O 843 -11.86 15.20 -4.01
N LEU O 844 -12.90 14.92 -3.24
CA LEU O 844 -12.79 14.95 -1.78
C LEU O 844 -13.11 13.59 -1.18
N SER P 522 -54.49 -47.35 15.06
CA SER P 522 -54.94 -46.52 13.95
C SER P 522 -53.76 -45.85 13.26
N PRO P 523 -53.12 -46.57 12.34
CA PRO P 523 -51.91 -46.02 11.69
C PRO P 523 -52.17 -44.81 10.81
N GLU P 524 -53.41 -44.57 10.38
CA GLU P 524 -53.66 -43.52 9.40
C GLU P 524 -53.41 -42.12 9.97
N GLN P 525 -53.52 -41.95 11.29
CA GLN P 525 -53.15 -40.67 11.88
C GLN P 525 -51.68 -40.59 12.26
N LEU P 526 -50.91 -41.67 12.07
CA LEU P 526 -49.48 -41.67 12.38
C LEU P 526 -48.63 -41.14 11.24
N LEU P 527 -49.22 -40.94 10.05
CA LEU P 527 -48.45 -40.40 8.93
C LEU P 527 -47.84 -39.04 9.21
N PRO P 528 -48.58 -38.04 9.73
CA PRO P 528 -47.95 -36.73 9.97
C PRO P 528 -46.88 -36.75 11.05
N LEU P 529 -46.87 -37.77 11.92
CA LEU P 529 -45.91 -37.83 13.02
C LEU P 529 -44.57 -38.44 12.61
N TYR P 530 -44.44 -38.89 11.37
CA TYR P 530 -43.17 -39.44 10.91
C TYR P 530 -42.13 -38.34 10.81
N PRO P 531 -40.85 -38.68 10.91
CA PRO P 531 -39.80 -37.65 10.86
C PRO P 531 -39.82 -36.89 9.55
N VAL P 532 -39.53 -35.59 9.63
CA VAL P 532 -39.53 -34.70 8.47
C VAL P 532 -38.13 -34.69 7.87
N THR P 533 -38.06 -34.94 6.56
CA THR P 533 -36.80 -34.99 5.84
C THR P 533 -36.77 -33.92 4.76
N ALA P 534 -35.64 -33.23 4.64
CA ALA P 534 -35.45 -32.30 3.54
C ALA P 534 -35.46 -33.02 2.20
N THR P 535 -34.78 -34.16 2.12
CA THR P 535 -34.80 -34.96 0.90
C THR P 535 -36.12 -35.72 0.80
N LYS P 536 -36.75 -35.64 -0.37
CA LYS P 536 -38.02 -36.32 -0.57
C LYS P 536 -37.82 -37.83 -0.65
N ILE P 537 -38.68 -38.56 0.06
CA ILE P 537 -38.62 -40.01 0.09
C ILE P 537 -39.69 -40.54 -0.85
N TYR P 538 -39.28 -41.00 -2.02
CA TYR P 538 -40.20 -41.55 -3.00
C TYR P 538 -40.29 -43.07 -2.86
N MET P 539 -41.27 -43.65 -3.53
CA MET P 539 -41.51 -45.09 -3.47
C MET P 539 -41.50 -45.68 -4.88
N ASN P 540 -41.00 -46.90 -4.99
CA ASN P 540 -41.01 -47.64 -6.25
C ASN P 540 -42.22 -48.55 -6.29
N LEU P 541 -42.98 -48.47 -7.37
CA LEU P 541 -44.18 -49.26 -7.55
C LEU P 541 -44.15 -49.94 -8.91
N GLY P 542 -44.47 -51.24 -8.93
CA GLY P 542 -44.55 -51.98 -10.17
C GLY P 542 -45.94 -52.48 -10.48
N GLU P 543 -46.71 -52.77 -9.43
CA GLU P 543 -48.08 -53.25 -9.57
C GLU P 543 -49.04 -52.17 -9.09
N PRO P 544 -49.94 -51.66 -9.94
CA PRO P 544 -50.87 -50.63 -9.48
C PRO P 544 -51.74 -51.09 -8.32
N ASP P 545 -52.18 -52.34 -8.32
CA ASP P 545 -53.05 -52.84 -7.25
C ASP P 545 -52.36 -52.88 -5.90
N ALA P 546 -51.04 -52.74 -5.87
CA ALA P 546 -50.29 -52.68 -4.61
C ALA P 546 -50.27 -51.29 -4.01
N ILE P 547 -50.84 -50.29 -4.68
CA ILE P 547 -50.84 -48.95 -4.10
C ILE P 547 -51.70 -48.88 -2.85
N GLU P 548 -52.74 -49.71 -2.77
CA GLU P 548 -53.60 -49.70 -1.59
C GLU P 548 -52.93 -50.36 -0.39
N LYS P 549 -52.00 -51.30 -0.64
CA LYS P 549 -51.27 -51.91 0.46
C LYS P 549 -50.33 -50.92 1.13
N TYR P 550 -49.72 -50.03 0.34
CA TYR P 550 -48.70 -49.12 0.82
C TYR P 550 -49.20 -47.68 0.94
N LYS P 551 -50.52 -47.48 0.96
CA LYS P 551 -51.07 -46.14 1.08
C LYS P 551 -50.77 -45.49 2.43
N ASP P 552 -50.43 -46.29 3.44
CA ASP P 552 -50.14 -45.78 4.77
C ASP P 552 -48.65 -45.61 5.03
N LEU P 553 -47.83 -45.61 3.98
CA LEU P 553 -46.41 -45.37 4.19
C LEU P 553 -46.08 -43.89 4.03
N PRO P 554 -45.09 -43.38 4.77
CA PRO P 554 -44.73 -41.95 4.65
C PRO P 554 -43.82 -41.68 3.46
N PHE P 555 -44.39 -41.75 2.27
CA PHE P 555 -43.68 -41.46 1.04
C PHE P 555 -44.23 -40.17 0.42
N ASP P 556 -43.35 -39.38 -0.17
CA ASP P 556 -43.72 -38.12 -0.79
C ASP P 556 -44.17 -38.28 -2.23
N GLY P 557 -44.20 -39.50 -2.75
CA GLY P 557 -44.64 -39.74 -4.10
C GLY P 557 -44.07 -41.03 -4.62
N ILE P 558 -44.46 -41.36 -5.85
CA ILE P 558 -43.96 -42.53 -6.55
C ILE P 558 -42.86 -42.04 -7.49
N GLY P 559 -41.61 -42.21 -7.07
CA GLY P 559 -40.49 -41.80 -7.90
C GLY P 559 -40.20 -42.71 -9.06
N LEU P 560 -40.81 -43.89 -9.10
CA LEU P 560 -40.60 -44.82 -10.21
C LEU P 560 -41.82 -45.74 -10.29
N MET P 561 -42.63 -45.56 -11.32
CA MET P 561 -43.75 -46.44 -11.61
C MET P 561 -43.39 -47.29 -12.82
N ARG P 562 -43.31 -48.60 -12.62
CA ARG P 562 -42.95 -49.53 -13.68
C ARG P 562 -44.22 -49.99 -14.39
N ILE P 563 -44.32 -49.70 -15.69
CA ILE P 563 -45.47 -50.08 -16.47
C ILE P 563 -45.21 -51.43 -17.14
N GLU P 564 -44.06 -52.03 -16.82
CA GLU P 564 -43.73 -53.35 -17.37
C GLU P 564 -44.76 -54.39 -16.93
N PHE P 565 -45.16 -54.34 -15.67
CA PHE P 565 -46.16 -55.29 -15.17
C PHE P 565 -47.50 -55.10 -15.86
N ILE P 566 -47.88 -53.84 -16.13
CA ILE P 566 -49.16 -53.58 -16.80
C ILE P 566 -49.15 -54.16 -18.20
N ILE P 567 -48.06 -53.93 -18.95
CA ILE P 567 -47.99 -54.43 -20.32
C ILE P 567 -47.92 -55.96 -20.32
N THR P 568 -47.21 -56.54 -19.36
CA THR P 568 -47.04 -57.99 -19.34
C THR P 568 -48.33 -58.71 -18.95
N ASP P 569 -49.00 -58.23 -17.90
CA ASP P 569 -50.11 -58.97 -17.30
C ASP P 569 -51.48 -58.37 -17.59
N TRP P 570 -51.57 -57.10 -17.94
CA TRP P 570 -52.85 -56.50 -18.28
C TRP P 570 -53.08 -56.39 -19.78
N VAL P 571 -52.01 -56.47 -20.58
CA VAL P 571 -52.11 -56.38 -22.03
C VAL P 571 -51.77 -57.71 -22.70
N GLN P 572 -50.66 -58.33 -22.27
CA GLN P 572 -50.15 -59.60 -22.82
C GLN P 572 -49.76 -59.50 -24.29
N TYR P 573 -49.91 -58.34 -24.92
CA TYR P 573 -49.69 -58.21 -26.35
C TYR P 573 -48.67 -57.13 -26.66
N HIS P 574 -47.88 -57.38 -27.70
CA HIS P 574 -46.95 -56.38 -28.18
C HIS P 574 -47.70 -55.17 -28.72
N PRO P 575 -47.33 -53.95 -28.34
CA PRO P 575 -48.08 -52.78 -28.82
C PRO P 575 -48.12 -52.67 -30.34
N LEU P 576 -47.02 -53.00 -31.01
CA LEU P 576 -47.03 -52.99 -32.48
C LEU P 576 -48.00 -54.02 -33.04
N TYR P 577 -48.10 -55.19 -32.41
CA TYR P 577 -49.07 -56.18 -32.84
C TYR P 577 -50.49 -55.67 -32.67
N LEU P 578 -50.77 -54.98 -31.56
CA LEU P 578 -52.09 -54.41 -31.37
C LEU P 578 -52.38 -53.33 -32.40
N ILE P 579 -51.38 -52.53 -32.76
CA ILE P 579 -51.55 -51.53 -33.82
C ILE P 579 -51.87 -52.22 -35.14
N GLU P 580 -51.16 -53.31 -35.45
CA GLU P 580 -51.44 -54.04 -36.67
C GLU P 580 -52.86 -54.61 -36.67
N GLN P 581 -53.30 -55.13 -35.53
CA GLN P 581 -54.67 -55.62 -35.38
C GLN P 581 -55.67 -54.50 -35.09
N GLY P 582 -55.21 -53.26 -35.01
CA GLY P 582 -56.10 -52.15 -34.72
C GLY P 582 -56.68 -52.17 -33.32
N LYS P 583 -55.87 -52.56 -32.33
CA LYS P 583 -56.34 -52.61 -30.95
C LYS P 583 -55.51 -51.71 -30.06
N GLU P 584 -55.20 -50.49 -30.55
CA GLU P 584 -54.49 -49.51 -29.73
C GLU P 584 -55.30 -49.13 -28.50
N SER P 585 -56.63 -49.18 -28.62
CA SER P 585 -57.49 -48.75 -27.52
C SER P 585 -57.27 -49.61 -26.28
N LEU P 586 -57.12 -50.92 -26.45
CA LEU P 586 -56.91 -51.79 -25.30
C LEU P 586 -55.63 -51.43 -24.54
N PHE P 587 -54.52 -51.30 -25.26
CA PHE P 587 -53.24 -50.95 -24.63
C PHE P 587 -53.32 -49.60 -23.95
N ILE P 588 -53.85 -48.59 -24.65
CA ILE P 588 -53.93 -47.24 -24.08
C ILE P 588 -54.81 -47.24 -22.84
N ASP P 589 -55.96 -47.94 -22.90
CA ASP P 589 -56.89 -47.94 -21.79
C ASP P 589 -56.34 -48.68 -20.58
N LYS P 590 -55.62 -49.79 -20.80
CA LYS P 590 -55.04 -50.50 -19.66
C LYS P 590 -53.95 -49.66 -18.99
N LEU P 591 -53.07 -49.04 -19.78
CA LEU P 591 -52.07 -48.16 -19.19
C LEU P 591 -52.73 -47.00 -18.45
N ALA P 592 -53.77 -46.41 -19.06
CA ALA P 592 -54.46 -45.29 -18.43
C ALA P 592 -55.11 -45.72 -17.13
N GLU P 593 -55.73 -46.90 -17.11
CA GLU P 593 -56.37 -47.38 -15.88
C GLU P 593 -55.35 -47.56 -14.77
N GLY P 594 -54.23 -48.23 -15.06
CA GLY P 594 -53.22 -48.43 -14.03
C GLY P 594 -52.65 -47.12 -13.52
N ILE P 595 -52.25 -46.23 -14.44
CA ILE P 595 -51.63 -44.97 -14.04
C ILE P 595 -52.62 -44.10 -13.30
N ALA P 596 -53.88 -44.08 -13.74
CA ALA P 596 -54.90 -43.28 -13.07
C ALA P 596 -55.18 -43.80 -11.67
N LYS P 597 -55.24 -45.13 -11.51
CA LYS P 597 -55.41 -45.69 -10.17
C LYS P 597 -54.27 -45.26 -9.25
N VAL P 598 -53.03 -45.40 -9.72
CA VAL P 598 -51.89 -45.03 -8.88
C VAL P 598 -51.91 -43.54 -8.56
N ALA P 599 -52.21 -42.70 -9.55
CA ALA P 599 -52.17 -41.25 -9.34
C ALA P 599 -53.28 -40.80 -8.40
N GLN P 600 -54.50 -41.32 -8.58
CA GLN P 600 -55.61 -40.93 -7.73
C GLN P 600 -55.43 -41.47 -6.32
N ALA P 601 -54.76 -42.61 -6.16
CA ALA P 601 -54.57 -43.16 -4.83
C ALA P 601 -53.69 -42.27 -3.96
N ILE P 602 -52.78 -41.50 -4.56
CA ILE P 602 -51.84 -40.69 -3.81
C ILE P 602 -51.88 -39.23 -4.21
N TYR P 603 -52.97 -38.77 -4.82
CA TYR P 603 -53.07 -37.37 -5.21
C TYR P 603 -52.99 -36.49 -3.96
N PRO P 604 -52.28 -35.35 -4.04
CA PRO P 604 -51.58 -34.78 -5.19
C PRO P 604 -50.10 -35.14 -5.27
N ARG P 605 -49.65 -36.19 -4.60
CA ARG P 605 -48.23 -36.55 -4.67
C ARG P 605 -47.89 -37.02 -6.08
N PRO P 606 -46.73 -36.63 -6.61
CA PRO P 606 -46.40 -36.95 -7.99
C PRO P 606 -46.20 -38.45 -8.20
N VAL P 607 -46.55 -38.89 -9.41
CA VAL P 607 -46.31 -40.25 -9.87
C VAL P 607 -45.44 -40.17 -11.11
N VAL P 608 -44.19 -40.60 -11.00
CA VAL P 608 -43.24 -40.55 -12.11
C VAL P 608 -43.33 -41.89 -12.83
N VAL P 609 -44.06 -41.93 -13.93
CA VAL P 609 -44.24 -43.14 -14.73
C VAL P 609 -43.03 -43.30 -15.63
N ARG P 610 -42.43 -44.50 -15.59
CA ARG P 610 -41.35 -44.84 -16.49
C ARG P 610 -41.91 -45.44 -17.76
N PHE P 611 -41.39 -44.99 -18.91
CA PHE P 611 -41.80 -45.56 -20.18
C PHE P 611 -41.31 -47.00 -20.28
N SER P 612 -41.64 -47.65 -21.40
CA SER P 612 -41.36 -49.08 -21.57
C SER P 612 -39.87 -49.36 -21.44
N ASP P 613 -39.50 -50.08 -20.38
CA ASP P 613 -38.11 -50.42 -20.10
C ASP P 613 -37.76 -51.83 -20.56
N PHE P 614 -38.62 -52.47 -21.35
CA PHE P 614 -38.38 -53.83 -21.80
C PHE P 614 -37.16 -53.90 -22.72
N LYS P 615 -36.52 -55.06 -22.72
CA LYS P 615 -35.48 -55.37 -23.70
C LYS P 615 -36.13 -56.12 -24.87
N THR P 616 -35.34 -56.36 -25.92
CA THR P 616 -35.88 -57.05 -27.08
C THR P 616 -36.31 -58.48 -26.72
N ASN P 617 -35.50 -59.17 -25.91
CA ASN P 617 -35.89 -60.50 -25.46
C ASN P 617 -37.12 -60.44 -24.56
N GLU P 618 -37.22 -59.43 -23.70
CA GLU P 618 -38.41 -59.26 -22.89
C GLU P 618 -39.62 -58.88 -23.75
N TYR P 619 -39.39 -58.10 -24.81
CA TYR P 619 -40.47 -57.75 -25.72
C TYR P 619 -40.99 -58.98 -26.45
N ARG P 620 -40.09 -59.90 -26.82
CA ARG P 620 -40.52 -61.12 -27.50
C ARG P 620 -41.42 -61.98 -26.64
N GLY P 621 -41.37 -61.83 -25.31
CA GLY P 621 -42.28 -62.56 -24.45
C GLY P 621 -43.73 -62.18 -24.63
N LEU P 622 -43.99 -60.97 -25.13
CA LEU P 622 -45.36 -60.57 -25.41
C LEU P 622 -45.90 -61.33 -26.62
N LYS P 623 -47.23 -61.45 -26.66
CA LYS P 623 -47.87 -62.15 -27.76
C LYS P 623 -47.72 -61.36 -29.06
N GLY P 624 -47.28 -62.04 -30.12
CA GLY P 624 -47.10 -61.41 -31.40
C GLY P 624 -45.87 -60.54 -31.52
N GLY P 625 -44.99 -60.55 -30.52
CA GLY P 625 -43.80 -59.73 -30.53
C GLY P 625 -42.62 -60.29 -31.30
N GLU P 626 -42.71 -61.53 -31.76
CA GLU P 626 -41.59 -62.12 -32.49
C GLU P 626 -41.38 -61.44 -33.84
N LYS P 627 -42.44 -60.93 -34.45
CA LYS P 627 -42.31 -60.30 -35.77
C LYS P 627 -41.68 -58.91 -35.70
N TYR P 628 -41.72 -58.25 -34.55
CA TYR P 628 -41.26 -56.89 -34.43
C TYR P 628 -39.96 -56.74 -33.66
N GLU P 629 -39.49 -57.79 -33.00
CA GLU P 629 -38.29 -57.72 -32.17
C GLU P 629 -37.18 -58.55 -32.80
N PRO P 630 -36.11 -57.94 -33.29
CA PRO P 630 -35.00 -58.71 -33.83
C PRO P 630 -34.22 -59.41 -32.73
N GLU P 631 -33.62 -60.53 -33.08
CA GLU P 631 -32.77 -61.25 -32.13
C GLU P 631 -31.47 -60.48 -31.93
N GLU P 632 -31.21 -60.07 -30.70
CA GLU P 632 -30.04 -59.26 -30.42
C GLU P 632 -29.07 -60.01 -29.53
N ARG P 633 -27.80 -59.87 -29.87
CA ARG P 633 -26.71 -60.46 -29.11
C ARG P 633 -26.60 -59.79 -27.73
N ASN P 634 -26.73 -58.47 -27.64
CA ASN P 634 -26.73 -57.77 -26.35
C ASN P 634 -27.90 -56.80 -26.25
N PRO P 635 -29.10 -57.30 -25.98
CA PRO P 635 -30.23 -56.37 -25.73
C PRO P 635 -30.02 -55.48 -24.52
N MET P 636 -29.17 -55.90 -23.57
CA MET P 636 -28.89 -55.08 -22.40
C MET P 636 -28.34 -53.72 -22.80
N ILE P 637 -27.51 -53.69 -23.83
CA ILE P 637 -27.03 -52.43 -24.39
C ILE P 637 -27.51 -52.36 -25.83
N GLY P 638 -28.67 -52.95 -26.11
CA GLY P 638 -29.22 -53.00 -27.44
C GLY P 638 -30.28 -51.93 -27.68
N TRP P 639 -31.18 -52.25 -28.60
CA TRP P 639 -32.26 -51.34 -29.01
C TRP P 639 -33.31 -51.29 -27.92
N ARG P 640 -33.19 -50.31 -27.03
CA ARG P 640 -34.12 -50.15 -25.92
C ARG P 640 -34.12 -48.70 -25.48
N GLY P 641 -35.15 -48.35 -24.71
CA GLY P 641 -35.23 -47.00 -24.17
C GLY P 641 -35.58 -45.99 -25.24
N VAL P 642 -34.99 -44.79 -25.12
CA VAL P 642 -35.30 -43.70 -26.03
C VAL P 642 -34.91 -44.06 -27.46
N SER P 643 -33.80 -44.77 -27.61
CA SER P 643 -33.40 -45.24 -28.94
C SER P 643 -34.51 -46.04 -29.59
N ARG P 644 -35.28 -46.79 -28.80
CA ARG P 644 -36.42 -47.52 -29.34
C ARG P 644 -37.59 -46.58 -29.64
N TYR P 645 -37.81 -45.58 -28.79
CA TYR P 645 -38.99 -44.74 -28.93
C TYR P 645 -38.91 -43.88 -30.19
N ILE P 646 -37.74 -43.28 -30.46
CA ILE P 646 -37.59 -42.40 -31.61
C ILE P 646 -37.46 -43.16 -32.92
N HIS P 647 -37.21 -44.47 -32.87
CA HIS P 647 -37.12 -45.24 -34.09
C HIS P 647 -38.48 -45.32 -34.78
N PRO P 648 -38.54 -45.17 -36.10
CA PRO P 648 -39.85 -45.18 -36.78
C PRO P 648 -40.63 -46.47 -36.59
N LYS P 649 -39.95 -47.60 -36.39
CA LYS P 649 -40.65 -48.88 -36.26
C LYS P 649 -41.47 -48.91 -34.97
N TYR P 650 -40.88 -48.53 -33.85
CA TYR P 650 -41.55 -48.55 -32.56
C TYR P 650 -42.21 -47.22 -32.22
N GLU P 651 -42.02 -46.19 -33.04
CA GLU P 651 -42.61 -44.89 -32.74
C GLU P 651 -44.11 -44.93 -32.49
N PRO P 652 -44.92 -45.68 -33.24
CA PRO P 652 -46.36 -45.75 -32.89
C PRO P 652 -46.62 -46.28 -31.48
N ALA P 653 -45.83 -47.24 -31.00
CA ALA P 653 -46.03 -47.74 -29.65
C ALA P 653 -45.71 -46.68 -28.59
N PHE P 654 -44.62 -45.93 -28.81
CA PHE P 654 -44.30 -44.82 -27.91
C PHE P 654 -45.39 -43.77 -27.96
N ARG P 655 -45.96 -43.54 -29.14
CA ARG P 655 -47.09 -42.61 -29.25
C ARG P 655 -48.31 -43.12 -28.49
N LEU P 656 -48.54 -44.44 -28.50
CA LEU P 656 -49.62 -45.01 -27.69
C LEU P 656 -49.38 -44.77 -26.20
N GLU P 657 -48.13 -44.96 -25.76
CA GLU P 657 -47.82 -44.71 -24.35
C GLU P 657 -48.04 -43.24 -23.99
N VAL P 658 -47.60 -42.32 -24.87
CA VAL P 658 -47.78 -40.90 -24.62
C VAL P 658 -49.26 -40.55 -24.63
N ARG P 659 -50.04 -41.20 -25.49
CA ARG P 659 -51.48 -40.97 -25.52
C ARG P 659 -52.14 -41.43 -24.23
N ALA P 660 -51.69 -42.56 -23.69
CA ALA P 660 -52.21 -43.02 -22.40
C ALA P 660 -51.87 -42.04 -21.29
N ILE P 661 -50.64 -41.53 -21.28
CA ILE P 661 -50.26 -40.53 -20.28
C ILE P 661 -51.10 -39.27 -20.43
N LYS P 662 -51.32 -38.82 -21.66
CA LYS P 662 -52.13 -37.63 -21.91
C LYS P 662 -53.57 -37.84 -21.47
N LYS P 663 -54.12 -39.04 -21.72
CA LYS P 663 -55.47 -39.34 -21.27
C LYS P 663 -55.57 -39.31 -19.75
N VAL P 664 -54.56 -39.85 -19.07
CA VAL P 664 -54.56 -39.78 -17.61
C VAL P 664 -54.50 -38.33 -17.14
N ARG P 665 -53.64 -37.52 -17.78
CA ARG P 665 -53.44 -36.16 -17.31
C ARG P 665 -54.61 -35.24 -17.64
N GLU P 666 -55.38 -35.56 -18.68
CA GLU P 666 -56.44 -34.68 -19.16
C GLU P 666 -57.84 -35.20 -18.91
N GLU P 667 -58.13 -36.43 -19.36
CA GLU P 667 -59.47 -36.97 -19.18
C GLU P 667 -59.81 -37.14 -17.70
N MET P 668 -58.86 -37.64 -16.92
CA MET P 668 -59.04 -37.76 -15.48
C MET P 668 -58.52 -36.55 -14.71
N GLY P 669 -57.88 -35.61 -15.39
CA GLY P 669 -57.39 -34.41 -14.73
C GLY P 669 -56.31 -34.65 -13.70
N LEU P 670 -55.61 -35.78 -13.78
CA LEU P 670 -54.57 -36.11 -12.80
C LEU P 670 -53.28 -35.41 -13.22
N THR P 671 -53.11 -34.19 -12.73
CA THR P 671 -51.95 -33.39 -13.09
C THR P 671 -50.65 -33.97 -12.53
N ASN P 672 -50.74 -34.70 -11.42
CA ASN P 672 -49.57 -35.20 -10.71
C ASN P 672 -48.81 -36.30 -11.47
N VAL P 673 -49.14 -36.61 -12.72
CA VAL P 673 -48.45 -37.66 -13.46
C VAL P 673 -47.31 -37.03 -14.27
N TRP P 674 -46.09 -37.47 -13.98
CA TRP P 674 -44.89 -37.08 -14.72
C TRP P 674 -44.35 -38.30 -15.43
N VAL P 675 -43.42 -38.07 -16.36
CA VAL P 675 -42.83 -39.17 -17.13
C VAL P 675 -41.32 -39.12 -16.99
N MET P 676 -40.71 -40.30 -17.08
CA MET P 676 -39.26 -40.40 -17.16
C MET P 676 -38.88 -41.28 -18.34
N PHE P 677 -37.84 -40.86 -19.07
CA PHE P 677 -37.36 -41.58 -20.22
C PHE P 677 -36.27 -42.56 -19.79
N PRO P 678 -36.46 -43.86 -19.95
CA PRO P 678 -35.44 -44.81 -19.50
C PRO P 678 -34.35 -44.99 -20.54
N PHE P 679 -33.12 -45.16 -20.04
CA PHE P 679 -31.96 -45.53 -20.84
C PHE P 679 -31.69 -44.49 -21.94
N VAL P 680 -31.46 -43.26 -21.49
CA VAL P 680 -31.17 -42.15 -22.39
C VAL P 680 -29.70 -42.19 -22.77
N ARG P 681 -29.42 -42.12 -24.06
CA ARG P 681 -28.06 -42.25 -24.58
C ARG P 681 -27.48 -40.93 -25.07
N THR P 682 -28.19 -40.21 -25.93
CA THR P 682 -27.68 -39.01 -26.55
C THR P 682 -28.71 -37.88 -26.46
N THR P 683 -28.22 -36.65 -26.60
CA THR P 683 -29.09 -35.48 -26.48
C THR P 683 -30.06 -35.40 -27.65
N TRP P 684 -29.61 -35.72 -28.87
CA TRP P 684 -30.49 -35.61 -30.03
C TRP P 684 -31.63 -36.60 -29.95
N GLU P 685 -31.38 -37.81 -29.45
CA GLU P 685 -32.47 -38.77 -29.25
C GLU P 685 -33.47 -38.26 -28.22
N LEU P 686 -32.97 -37.61 -27.16
CA LEU P 686 -33.87 -37.06 -26.15
C LEU P 686 -34.73 -35.94 -26.72
N GLU P 687 -34.14 -35.08 -27.54
CA GLU P 687 -34.93 -34.00 -28.15
C GLU P 687 -35.91 -34.55 -29.18
N ARG P 688 -35.55 -35.62 -29.88
CA ARG P 688 -36.51 -36.25 -30.80
C ARG P 688 -37.67 -36.87 -30.04
N ALA P 689 -37.40 -37.52 -28.92
CA ALA P 689 -38.48 -38.04 -28.09
C ALA P 689 -39.36 -36.90 -27.55
N LEU P 690 -38.74 -35.79 -27.15
CA LEU P 690 -39.50 -34.65 -26.65
C LEU P 690 -40.40 -34.06 -27.73
N LYS P 691 -39.89 -33.93 -28.95
CA LYS P 691 -40.73 -33.41 -30.03
C LYS P 691 -41.82 -34.39 -30.43
N ILE P 692 -41.56 -35.70 -30.33
CA ILE P 692 -42.62 -36.68 -30.55
C ILE P 692 -43.70 -36.53 -29.50
N MET P 693 -43.31 -36.32 -28.24
CA MET P 693 -44.29 -36.08 -27.18
C MET P 693 -45.08 -34.82 -27.44
N GLU P 694 -44.40 -33.76 -27.89
CA GLU P 694 -45.09 -32.51 -28.20
C GLU P 694 -46.10 -32.69 -29.33
N GLU P 695 -45.74 -33.49 -30.34
CA GLU P 695 -46.68 -33.76 -31.42
C GLU P 695 -47.93 -34.47 -30.92
N GLU P 696 -47.84 -35.15 -29.79
CA GLU P 696 -48.98 -35.82 -29.18
C GLU P 696 -49.70 -34.93 -28.17
N GLY P 697 -49.29 -33.67 -28.03
CA GLY P 697 -49.91 -32.76 -27.10
C GLY P 697 -49.38 -32.81 -25.69
N LEU P 698 -48.36 -33.62 -25.42
CA LEU P 698 -47.75 -33.72 -24.10
C LEU P 698 -46.49 -32.86 -24.11
N LYS P 699 -46.56 -31.71 -23.45
CA LYS P 699 -45.48 -30.74 -23.47
C LYS P 699 -44.97 -30.49 -22.05
N ARG P 700 -43.65 -30.39 -21.93
CA ARG P 700 -43.03 -30.07 -20.64
C ARG P 700 -43.45 -28.68 -20.19
N GLY P 701 -43.83 -28.57 -18.93
CA GLY P 701 -44.30 -27.31 -18.40
C GLY P 701 -44.24 -27.29 -16.88
N LYS P 702 -44.95 -26.31 -16.31
CA LYS P 702 -44.97 -26.17 -14.86
C LYS P 702 -45.74 -27.31 -14.20
N ASP P 703 -46.77 -27.84 -14.86
CA ASP P 703 -47.58 -28.91 -14.33
C ASP P 703 -47.16 -30.29 -14.85
N PHE P 704 -46.12 -30.35 -15.68
CA PHE P 704 -45.67 -31.61 -16.27
C PHE P 704 -44.15 -31.65 -16.22
N LYS P 705 -43.60 -32.62 -15.51
CA LYS P 705 -42.16 -32.78 -15.37
C LYS P 705 -41.69 -33.97 -16.21
N VAL P 706 -40.55 -33.81 -16.88
CA VAL P 706 -39.94 -34.85 -17.68
C VAL P 706 -38.56 -35.15 -17.09
N TRP P 707 -38.33 -36.42 -16.77
CA TRP P 707 -37.06 -36.86 -16.22
C TRP P 707 -36.35 -37.77 -17.21
N ALA P 708 -35.04 -37.93 -17.00
CA ALA P 708 -34.23 -38.83 -17.81
C ALA P 708 -33.48 -39.77 -16.88
N MET P 709 -33.52 -41.06 -17.18
CA MET P 709 -32.78 -42.04 -16.39
C MET P 709 -31.29 -41.85 -16.60
N ALA P 710 -30.56 -41.68 -15.50
CA ALA P 710 -29.11 -41.52 -15.55
C ALA P 710 -28.44 -42.87 -15.30
N GLU P 711 -28.66 -43.79 -16.23
CA GLU P 711 -28.10 -45.12 -16.15
C GLU P 711 -27.07 -45.40 -17.25
N VAL P 712 -26.73 -44.40 -18.07
CA VAL P 712 -25.74 -44.55 -19.13
C VAL P 712 -24.58 -43.60 -18.83
N PRO P 713 -23.33 -44.05 -19.00
CA PRO P 713 -22.19 -43.16 -18.69
C PRO P 713 -22.16 -41.89 -19.53
N SER P 714 -22.80 -41.88 -20.70
CA SER P 714 -22.91 -40.63 -21.45
C SER P 714 -23.68 -39.58 -20.67
N ILE P 715 -24.71 -39.99 -19.92
CA ILE P 715 -25.41 -39.06 -19.04
C ILE P 715 -24.49 -38.58 -17.95
N VAL P 716 -23.63 -39.46 -17.43
CA VAL P 716 -22.66 -39.07 -16.41
C VAL P 716 -21.74 -37.98 -16.94
N LEU P 717 -21.24 -38.15 -18.17
CA LEU P 717 -20.27 -37.21 -18.71
C LEU P 717 -20.91 -35.91 -19.19
N LEU P 718 -22.18 -35.95 -19.61
CA LEU P 718 -22.84 -34.80 -20.19
C LEU P 718 -24.17 -34.49 -19.51
N ALA P 719 -24.22 -34.63 -18.18
CA ALA P 719 -25.45 -34.32 -17.46
C ALA P 719 -25.84 -32.86 -17.60
N ASP P 720 -24.86 -31.96 -17.54
CA ASP P 720 -25.14 -30.54 -17.71
C ASP P 720 -25.71 -30.23 -19.09
N LYS P 721 -25.30 -30.99 -20.11
CA LYS P 721 -25.85 -30.81 -21.44
C LYS P 721 -27.26 -31.37 -21.54
N PHE P 722 -27.51 -32.52 -20.92
CA PHE P 722 -28.83 -33.12 -20.94
C PHE P 722 -29.85 -32.32 -20.14
N ALA P 723 -29.39 -31.51 -19.18
CA ALA P 723 -30.32 -30.81 -18.29
C ALA P 723 -31.16 -29.77 -19.03
N GLU P 724 -30.74 -29.32 -20.22
CA GLU P 724 -31.54 -28.35 -20.96
C GLU P 724 -32.83 -28.95 -21.51
N TYR P 725 -32.93 -30.28 -21.56
CA TYR P 725 -34.08 -30.94 -22.16
C TYR P 725 -35.04 -31.54 -21.14
N VAL P 726 -34.60 -31.80 -19.91
CA VAL P 726 -35.43 -32.47 -18.92
C VAL P 726 -35.46 -31.63 -17.65
N ASP P 727 -36.50 -31.83 -16.86
CA ASP P 727 -36.62 -31.12 -15.58
C ASP P 727 -35.67 -31.69 -14.54
N GLY P 728 -35.38 -32.99 -14.62
CA GLY P 728 -34.49 -33.61 -13.66
C GLY P 728 -34.00 -34.95 -14.16
N PHE P 729 -33.15 -35.57 -13.33
CA PHE P 729 -32.59 -36.87 -13.65
C PHE P 729 -32.91 -37.87 -12.54
N SER P 730 -33.13 -39.12 -12.95
CA SER P 730 -33.31 -40.23 -12.02
C SER P 730 -32.16 -41.20 -12.23
N ILE P 731 -31.36 -41.41 -11.19
CA ILE P 731 -30.17 -42.25 -11.29
C ILE P 731 -30.60 -43.70 -11.12
N GLY P 732 -30.51 -44.46 -12.20
CA GLY P 732 -30.76 -45.89 -12.15
C GLY P 732 -29.54 -46.64 -11.69
N SER P 733 -29.27 -46.61 -10.38
CA SER P 733 -28.04 -47.14 -9.84
C SER P 733 -27.80 -48.59 -10.23
N ASN P 734 -28.87 -49.39 -10.33
CA ASN P 734 -28.73 -50.78 -10.73
C ASN P 734 -28.11 -50.89 -12.12
N ASP P 735 -28.68 -50.17 -13.09
CA ASP P 735 -28.13 -50.17 -14.44
C ASP P 735 -26.90 -49.29 -14.57
N LEU P 736 -26.81 -48.21 -13.79
CA LEU P 736 -25.66 -47.32 -13.86
C LEU P 736 -24.39 -48.03 -13.42
N THR P 737 -24.47 -48.82 -12.34
CA THR P 737 -23.31 -49.59 -11.92
C THR P 737 -22.90 -50.60 -12.98
N GLN P 738 -23.88 -51.27 -13.59
CA GLN P 738 -23.59 -52.25 -14.63
C GLN P 738 -22.87 -51.61 -15.81
N LEU P 739 -23.35 -50.44 -16.24
CA LEU P 739 -22.76 -49.81 -17.41
C LEU P 739 -21.42 -49.15 -17.11
N ILE P 740 -21.28 -48.56 -15.91
CA ILE P 740 -20.01 -47.94 -15.54
C ILE P 740 -18.93 -49.00 -15.40
N LEU P 741 -19.24 -50.11 -14.74
CA LEU P 741 -18.28 -51.19 -14.57
C LEU P 741 -18.22 -52.13 -15.76
N GLY P 742 -19.16 -52.03 -16.70
CA GLY P 742 -19.16 -52.94 -17.84
C GLY P 742 -19.37 -54.39 -17.46
N ALA P 743 -20.23 -54.65 -16.49
CA ALA P 743 -20.51 -56.01 -16.02
C ALA P 743 -22.02 -56.21 -15.93
N ASP P 744 -22.46 -57.44 -16.20
CA ASP P 744 -23.88 -57.78 -16.23
C ASP P 744 -24.19 -58.71 -15.06
N ARG P 745 -25.27 -58.39 -14.33
CA ARG P 745 -25.51 -58.98 -13.02
C ARG P 745 -25.88 -60.46 -13.08
N ASP P 746 -26.69 -60.89 -14.04
CA ASP P 746 -27.17 -62.27 -14.04
C ASP P 746 -26.05 -63.27 -14.25
N SER P 747 -24.88 -62.82 -14.69
CA SER P 747 -23.70 -63.69 -14.75
C SER P 747 -23.26 -64.00 -13.33
N ASN P 748 -23.40 -65.26 -12.91
CA ASN P 748 -23.09 -65.62 -11.54
C ASN P 748 -21.60 -65.46 -11.23
N ILE P 749 -20.74 -65.65 -12.23
CA ILE P 749 -19.31 -65.55 -12.01
C ILE P 749 -18.94 -64.12 -11.60
N LEU P 750 -19.45 -63.13 -12.34
CA LEU P 750 -19.15 -61.74 -12.00
C LEU P 750 -19.77 -61.35 -10.66
N ALA P 751 -20.96 -61.86 -10.37
CA ALA P 751 -21.60 -61.55 -9.09
C ALA P 751 -20.81 -62.11 -7.92
N GLU P 752 -20.25 -63.32 -8.08
CA GLU P 752 -19.51 -63.95 -6.99
C GLU P 752 -18.27 -63.13 -6.62
N MET P 753 -17.60 -62.55 -7.61
CA MET P 753 -16.41 -61.75 -7.33
C MET P 753 -16.71 -60.45 -6.61
N GLY P 754 -17.97 -60.06 -6.50
CA GLY P 754 -18.32 -58.84 -5.82
C GLY P 754 -18.23 -57.59 -6.66
N TYR P 755 -18.33 -57.73 -7.98
CA TYR P 755 -18.26 -56.55 -8.86
C TYR P 755 -19.44 -55.61 -8.62
N PHE P 756 -20.63 -56.17 -8.42
CA PHE P 756 -21.86 -55.37 -8.41
C PHE P 756 -22.11 -54.79 -7.02
N ASP P 757 -21.13 -54.02 -6.58
CA ASP P 757 -21.21 -53.23 -5.35
C ASP P 757 -21.42 -51.78 -5.75
N GLU P 758 -22.58 -51.23 -5.39
CA GLU P 758 -22.87 -49.84 -5.72
C GLU P 758 -22.04 -48.86 -4.89
N ARG P 759 -21.30 -49.35 -3.89
CA ARG P 759 -20.32 -48.56 -3.16
C ARG P 759 -18.99 -48.45 -3.90
N ASP P 760 -18.94 -48.89 -5.15
CA ASP P 760 -17.70 -48.82 -5.91
C ASP P 760 -17.28 -47.37 -6.11
N PRO P 761 -15.99 -47.06 -6.04
CA PRO P 761 -15.56 -45.66 -6.21
C PRO P 761 -15.95 -45.07 -7.55
N ALA P 762 -15.95 -45.86 -8.63
CA ALA P 762 -16.33 -45.34 -9.93
C ALA P 762 -17.81 -44.96 -9.95
N VAL P 763 -18.67 -45.80 -9.39
CA VAL P 763 -20.10 -45.49 -9.37
C VAL P 763 -20.36 -44.25 -8.51
N LEU P 764 -19.67 -44.15 -7.37
CA LEU P 764 -19.83 -42.97 -6.52
C LEU P 764 -19.36 -41.71 -7.23
N ALA P 765 -18.23 -41.78 -7.93
CA ALA P 765 -17.75 -40.62 -8.67
C ALA P 765 -18.71 -40.23 -9.78
N GLY P 766 -19.28 -41.21 -10.48
CA GLY P 766 -20.26 -40.90 -11.51
C GLY P 766 -21.50 -40.25 -10.94
N ILE P 767 -22.00 -40.77 -9.81
CA ILE P 767 -23.18 -40.18 -9.17
C ILE P 767 -22.88 -38.75 -8.73
N LYS P 768 -21.69 -38.53 -8.14
CA LYS P 768 -21.31 -37.19 -7.72
C LYS P 768 -21.25 -36.24 -8.91
N MET P 769 -20.68 -36.69 -10.03
CA MET P 769 -20.60 -35.86 -11.21
C MET P 769 -21.99 -35.52 -11.75
N ILE P 770 -22.89 -36.52 -11.78
CA ILE P 770 -24.26 -36.28 -12.23
C ILE P 770 -24.93 -35.23 -11.35
N ILE P 771 -24.81 -35.39 -10.04
CA ILE P 771 -25.46 -34.45 -9.11
C ILE P 771 -24.90 -33.05 -9.28
N GLU P 772 -23.57 -32.93 -9.38
CA GLU P 772 -22.95 -31.62 -9.52
C GLU P 772 -23.39 -30.94 -10.81
N LYS P 773 -23.38 -31.67 -11.94
CA LYS P 773 -23.76 -31.08 -13.20
C LYS P 773 -25.23 -30.67 -13.21
N ALA P 774 -26.11 -31.56 -12.72
CA ALA P 774 -27.53 -31.25 -12.72
C ALA P 774 -27.86 -30.06 -11.84
N HIS P 775 -27.22 -29.96 -10.67
CA HIS P 775 -27.46 -28.80 -9.82
C HIS P 775 -26.79 -27.54 -10.35
N SER P 776 -25.70 -27.66 -11.11
CA SER P 776 -25.16 -26.49 -11.80
C SER P 776 -26.09 -25.99 -12.89
N LYS P 777 -26.84 -26.88 -13.54
CA LYS P 777 -27.82 -26.48 -14.52
C LYS P 777 -29.23 -26.41 -13.95
N GLY P 778 -29.38 -26.49 -12.64
CA GLY P 778 -30.68 -26.31 -12.01
C GLY P 778 -31.66 -27.44 -12.18
N ALA P 779 -31.17 -28.65 -12.45
CA ALA P 779 -32.03 -29.82 -12.61
C ALA P 779 -32.02 -30.66 -11.34
N THR P 780 -33.18 -31.21 -10.99
CA THR P 780 -33.30 -32.07 -9.82
C THR P 780 -32.65 -33.42 -10.09
N VAL P 781 -32.20 -34.07 -9.01
CA VAL P 781 -31.56 -35.38 -9.09
C VAL P 781 -32.32 -36.33 -8.19
N SER P 782 -32.66 -37.50 -8.73
CA SER P 782 -33.30 -38.56 -7.97
C SER P 782 -32.54 -39.86 -8.21
N ILE P 783 -32.71 -40.81 -7.29
CA ILE P 783 -32.12 -42.13 -7.42
C ILE P 783 -33.21 -43.17 -7.15
N CYS P 784 -33.32 -44.17 -8.02
CA CYS P 784 -34.31 -45.24 -7.91
C CYS P 784 -33.57 -46.56 -8.14
N GLY P 785 -33.05 -47.13 -7.06
CA GLY P 785 -32.33 -48.38 -7.14
C GLY P 785 -32.28 -49.05 -5.79
N GLN P 786 -31.58 -50.18 -5.74
CA GLN P 786 -31.45 -50.94 -4.51
C GLN P 786 -30.33 -50.43 -3.61
N ALA P 787 -29.49 -49.52 -4.09
CA ALA P 787 -28.39 -49.01 -3.26
C ALA P 787 -28.87 -48.31 -2.01
N PRO P 788 -29.81 -47.36 -2.04
CA PRO P 788 -30.26 -46.73 -0.79
C PRO P 788 -31.03 -47.67 0.11
N SER P 789 -31.57 -48.77 -0.42
CA SER P 789 -32.38 -49.67 0.39
C SER P 789 -31.54 -50.53 1.33
N VAL P 790 -30.29 -50.82 0.97
CA VAL P 790 -29.46 -51.76 1.71
C VAL P 790 -28.25 -51.10 2.36
N TYR P 791 -27.64 -50.11 1.69
CA TYR P 791 -26.40 -49.54 2.19
C TYR P 791 -26.66 -48.17 2.80
N PRO P 792 -26.55 -48.02 4.12
CA PRO P 792 -26.71 -46.69 4.73
C PRO P 792 -25.66 -45.68 4.27
N GLU P 793 -24.43 -46.13 3.99
CA GLU P 793 -23.39 -45.21 3.56
C GLU P 793 -23.69 -44.60 2.20
N ILE P 794 -24.34 -45.35 1.30
CA ILE P 794 -24.80 -44.78 0.03
C ILE P 794 -25.78 -43.65 0.30
N VAL P 795 -26.71 -43.85 1.23
CA VAL P 795 -27.67 -42.81 1.56
C VAL P 795 -26.96 -41.59 2.13
N GLU P 796 -25.99 -41.80 3.01
CA GLU P 796 -25.25 -40.69 3.60
C GLU P 796 -24.51 -39.90 2.52
N PHE P 797 -23.85 -40.61 1.60
CA PHE P 797 -23.13 -39.93 0.52
C PHE P 797 -24.09 -39.17 -0.38
N LEU P 798 -25.25 -39.75 -0.69
CA LEU P 798 -26.22 -39.08 -1.54
C LEU P 798 -26.74 -37.81 -0.90
N VAL P 799 -27.08 -37.88 0.40
CA VAL P 799 -27.60 -36.71 1.09
C VAL P 799 -26.53 -35.64 1.22
N GLU P 800 -25.27 -36.05 1.46
CA GLU P 800 -24.18 -35.09 1.52
C GLU P 800 -23.99 -34.40 0.17
N ALA P 801 -24.07 -35.16 -0.92
CA ALA P 801 -23.96 -34.57 -2.25
C ALA P 801 -25.11 -33.61 -2.56
N GLY P 802 -26.24 -33.75 -1.86
CA GLY P 802 -27.36 -32.85 -2.06
C GLY P 802 -28.39 -33.36 -3.03
N ILE P 803 -28.62 -34.67 -3.03
CA ILE P 803 -29.62 -35.25 -3.93
C ILE P 803 -31.00 -34.77 -3.53
N ASP P 804 -31.83 -34.51 -4.55
CA ASP P 804 -33.14 -33.91 -4.30
C ASP P 804 -34.13 -34.92 -3.72
N SER P 805 -34.12 -36.16 -4.20
CA SER P 805 -35.05 -37.15 -3.72
C SER P 805 -34.43 -38.53 -3.84
N ILE P 806 -34.95 -39.47 -3.05
CA ILE P 806 -34.52 -40.86 -3.06
C ILE P 806 -35.75 -41.73 -3.18
N SER P 807 -35.77 -42.61 -4.19
CA SER P 807 -36.88 -43.52 -4.42
C SER P 807 -36.45 -44.92 -4.03
N VAL P 808 -37.19 -45.54 -3.11
CA VAL P 808 -36.86 -46.85 -2.57
C VAL P 808 -38.08 -47.75 -2.66
N ASN P 809 -37.86 -49.03 -2.36
CA ASN P 809 -38.94 -50.00 -2.29
C ASN P 809 -39.84 -49.68 -1.11
N PRO P 810 -41.12 -50.09 -1.16
CA PRO P 810 -42.03 -49.78 -0.04
C PRO P 810 -41.53 -50.25 1.31
N ASP P 811 -41.05 -51.50 1.39
CA ASP P 811 -40.60 -52.04 2.67
C ASP P 811 -39.41 -51.29 3.24
N ALA P 812 -38.69 -50.53 2.41
CA ALA P 812 -37.55 -49.74 2.85
C ALA P 812 -37.89 -48.26 2.99
N VAL P 813 -39.17 -47.88 2.91
CA VAL P 813 -39.52 -46.46 2.97
C VAL P 813 -39.25 -45.90 4.36
N ILE P 814 -39.93 -46.45 5.37
CA ILE P 814 -39.90 -45.84 6.70
C ILE P 814 -38.47 -45.73 7.21
N ALA P 815 -37.72 -46.82 7.17
CA ALA P 815 -36.32 -46.79 7.61
C ALA P 815 -35.55 -45.69 6.89
N THR P 816 -35.70 -45.62 5.57
CA THR P 816 -35.01 -44.57 4.81
C THR P 816 -35.41 -43.20 5.34
N ARG P 817 -36.72 -42.99 5.55
CA ARG P 817 -37.17 -41.70 6.06
C ARG P 817 -36.51 -41.38 7.39
N ARG P 818 -36.30 -42.39 8.24
CA ARG P 818 -35.51 -42.16 9.44
C ARG P 818 -34.08 -41.84 9.07
N LEU P 819 -33.44 -42.71 8.30
CA LEU P 819 -32.00 -42.60 8.07
C LEU P 819 -31.64 -41.25 7.46
N VAL P 820 -32.30 -40.90 6.35
CA VAL P 820 -32.03 -39.62 5.70
C VAL P 820 -32.15 -38.50 6.72
N ALA P 821 -33.23 -38.51 7.51
CA ALA P 821 -33.41 -37.45 8.50
C ALA P 821 -32.19 -37.34 9.39
N SER P 822 -31.76 -38.45 9.99
CA SER P 822 -30.59 -38.42 10.85
C SER P 822 -29.40 -37.85 10.09
N ILE P 823 -29.17 -38.35 8.88
CA ILE P 823 -28.03 -37.89 8.10
C ILE P 823 -28.12 -36.38 7.90
N GLU P 824 -29.31 -35.90 7.53
CA GLU P 824 -29.47 -34.47 7.35
C GLU P 824 -29.08 -33.73 8.61
N ARG P 825 -29.60 -34.18 9.76
CA ARG P 825 -29.24 -33.55 11.03
C ARG P 825 -27.73 -33.58 11.22
N LYS P 826 -27.12 -34.74 10.97
CA LYS P 826 -25.66 -34.82 11.08
C LYS P 826 -24.98 -33.82 10.18
N ILE P 827 -25.41 -33.76 8.92
CA ILE P 827 -24.83 -32.78 8.00
C ILE P 827 -25.02 -31.38 8.54
N MET P 828 -26.22 -31.12 9.09
CA MET P 828 -26.54 -29.77 9.55
C MET P 828 -25.62 -29.38 10.70
N LEU P 829 -25.10 -30.37 11.43
CA LEU P 829 -24.02 -30.08 12.39
C LEU P 829 -22.70 -29.85 11.66
N LYS P 830 -22.29 -30.80 10.81
CA LYS P 830 -20.93 -30.80 10.27
C LYS P 830 -20.65 -29.50 9.53
N ARG P 831 -21.53 -29.11 8.61
CA ARG P 831 -21.37 -27.86 7.87
C ARG P 831 -21.12 -26.70 8.81
N LEU P 832 -21.93 -26.60 9.88
CA LEU P 832 -21.73 -25.52 10.85
C LEU P 832 -20.29 -25.49 11.33
N ASN P 833 -19.78 -26.65 11.80
CA ASN P 833 -18.40 -26.71 12.24
C ASN P 833 -17.47 -26.20 11.15
N LYS P 834 -17.62 -26.72 9.93
CA LYS P 834 -16.77 -26.26 8.84
C LYS P 834 -16.81 -24.75 8.71
N ILE P 835 -18.01 -24.18 8.74
CA ILE P 835 -18.14 -22.73 8.61
C ILE P 835 -17.31 -22.05 9.67
N MET P 836 -17.44 -22.47 10.93
CA MET P 836 -16.64 -21.87 11.99
C MET P 836 -15.17 -22.01 11.68
N ASP P 837 -14.73 -23.21 11.31
CA ASP P 837 -13.33 -23.40 10.95
C ASP P 837 -12.95 -22.48 9.80
N LYS P 838 -13.81 -22.42 8.77
CA LYS P 838 -13.55 -21.51 7.67
C LYS P 838 -13.42 -20.08 8.17
N LEU P 839 -14.34 -19.68 9.04
CA LEU P 839 -14.28 -18.32 9.58
C LEU P 839 -12.98 -18.09 10.33
N ASN P 840 -12.49 -19.11 11.04
CA ASN P 840 -11.21 -18.97 11.71
C ASN P 840 -10.11 -18.59 10.73
N LYS P 841 -10.07 -19.29 9.59
CA LYS P 841 -9.01 -19.02 8.62
C LYS P 841 -9.12 -17.60 8.07
N LEU P 842 -10.32 -17.02 8.14
CA LEU P 842 -10.48 -15.64 7.68
C LEU P 842 -9.84 -14.66 8.68
N GLU P 843 -9.93 -14.95 9.98
CA GLU P 843 -9.42 -14.00 10.95
C GLU P 843 -7.92 -14.15 11.17
N LEU P 844 -7.33 -15.22 10.66
CA LEU P 844 -5.90 -15.44 10.81
C LEU P 844 -5.21 -15.53 9.46
N SER Q 522 -20.75 41.83 57.07
CA SER Q 522 -21.73 42.05 56.01
C SER Q 522 -21.68 40.92 54.99
N PRO Q 523 -22.38 39.82 55.28
CA PRO Q 523 -22.30 38.65 54.40
C PRO Q 523 -22.92 38.86 53.02
N GLU Q 524 -23.76 39.87 52.84
CA GLU Q 524 -24.49 40.01 51.58
C GLU Q 524 -23.57 40.37 50.41
N GLN Q 525 -22.42 40.99 50.68
CA GLN Q 525 -21.46 41.21 49.61
C GLN Q 525 -20.48 40.06 49.44
N LEU Q 526 -20.56 39.03 50.29
CA LEU Q 526 -19.68 37.87 50.17
C LEU Q 526 -20.20 36.82 49.19
N LEU Q 527 -21.44 36.96 48.72
CA LEU Q 527 -21.98 36.00 47.75
C LEU Q 527 -21.16 35.92 46.47
N PRO Q 528 -20.79 37.03 45.80
CA PRO Q 528 -20.02 36.89 44.56
C PRO Q 528 -18.62 36.33 44.76
N LEU Q 529 -18.09 36.38 45.99
CA LEU Q 529 -16.73 35.92 46.25
C LEU Q 529 -16.65 34.41 46.49
N TYR Q 530 -17.78 33.71 46.52
CA TYR Q 530 -17.77 32.27 46.70
C TYR Q 530 -17.17 31.59 45.49
N PRO Q 531 -16.60 30.39 45.65
CA PRO Q 531 -15.97 29.71 44.52
C PRO Q 531 -16.96 29.44 43.39
N VAL Q 532 -16.47 29.55 42.16
CA VAL Q 532 -17.28 29.35 40.97
C VAL Q 532 -17.21 27.89 40.57
N THR Q 533 -18.38 27.28 40.38
CA THR Q 533 -18.48 25.88 40.02
C THR Q 533 -19.18 25.72 38.68
N ALA Q 534 -18.64 24.85 37.82
CA ALA Q 534 -19.32 24.52 36.58
C ALA Q 534 -20.66 23.86 36.84
N THR Q 535 -20.69 22.92 37.78
CA THR Q 535 -21.95 22.28 38.16
C THR Q 535 -22.78 23.23 39.03
N LYS Q 536 -24.05 23.38 38.68
CA LYS Q 536 -24.92 24.26 39.43
C LYS Q 536 -25.24 23.66 40.80
N ILE Q 537 -25.16 24.49 41.84
CA ILE Q 537 -25.43 24.07 43.20
C ILE Q 537 -26.83 24.55 43.56
N TYR Q 538 -27.78 23.63 43.56
CA TYR Q 538 -29.15 23.95 43.91
C TYR Q 538 -29.41 23.68 45.39
N MET Q 539 -30.56 24.15 45.87
CA MET Q 539 -30.92 24.02 47.27
C MET Q 539 -32.29 23.34 47.39
N ASN Q 540 -32.44 22.54 48.43
CA ASN Q 540 -33.72 21.88 48.73
C ASN Q 540 -34.48 22.71 49.75
N LEU Q 541 -35.73 23.02 49.44
CA LEU Q 541 -36.58 23.82 50.30
C LEU Q 541 -37.91 23.11 50.51
N GLY Q 542 -38.36 23.05 51.77
CA GLY Q 542 -39.64 22.47 52.09
C GLY Q 542 -40.62 23.47 52.66
N GLU Q 543 -40.10 24.47 53.38
CA GLU Q 543 -40.91 25.51 53.98
C GLU Q 543 -40.66 26.82 53.25
N PRO Q 544 -41.67 27.44 52.65
CA PRO Q 544 -41.44 28.72 51.96
C PRO Q 544 -40.89 29.80 52.88
N ASP Q 545 -41.36 29.87 54.12
CA ASP Q 545 -40.91 30.91 55.04
C ASP Q 545 -39.44 30.78 55.40
N ALA Q 546 -38.82 29.65 55.09
CA ALA Q 546 -37.39 29.45 55.32
C ALA Q 546 -36.54 30.03 54.20
N ILE Q 547 -37.14 30.55 53.13
CA ILE Q 547 -36.33 31.11 52.05
C ILE Q 547 -35.59 32.36 52.51
N GLU Q 548 -36.15 33.10 53.46
CA GLU Q 548 -35.49 34.30 53.95
C GLU Q 548 -34.29 33.97 54.84
N LYS Q 549 -34.32 32.82 55.51
CA LYS Q 549 -33.19 32.40 56.32
C LYS Q 549 -31.98 32.07 55.46
N TYR Q 550 -32.21 31.46 54.30
CA TYR Q 550 -31.14 30.97 53.44
C TYR Q 550 -30.93 31.83 52.20
N LYS Q 551 -31.43 33.07 52.22
CA LYS Q 551 -31.26 33.96 51.07
C LYS Q 551 -29.80 34.35 50.83
N ASP Q 552 -28.95 34.21 51.86
CA ASP Q 552 -27.55 34.58 51.75
C ASP Q 552 -26.65 33.38 51.45
N LEU Q 553 -27.22 32.26 51.01
CA LEU Q 553 -26.37 31.14 50.64
C LEU Q 553 -26.04 31.18 49.15
N PRO Q 554 -24.86 30.70 48.77
CA PRO Q 554 -24.48 30.71 47.33
C PRO Q 554 -25.07 29.53 46.57
N PHE Q 555 -26.38 29.58 46.35
CA PHE Q 555 -27.08 28.57 45.59
C PHE Q 555 -27.57 29.16 44.27
N ASP Q 556 -27.54 28.36 43.21
CA ASP Q 556 -27.95 28.79 41.89
C ASP Q 556 -29.44 28.62 41.66
N GLY Q 557 -30.18 28.15 42.64
CA GLY Q 557 -31.61 27.98 42.51
C GLY Q 557 -32.12 26.94 43.48
N ILE Q 558 -33.43 26.75 43.46
CA ILE Q 558 -34.09 25.74 44.26
C ILE Q 558 -34.34 24.54 43.35
N GLY Q 559 -33.47 23.53 43.46
CA GLY Q 559 -33.62 22.34 42.65
C GLY Q 559 -34.72 21.41 43.10
N LEU Q 560 -35.28 21.63 44.29
CA LEU Q 560 -36.38 20.80 44.78
C LEU Q 560 -37.17 21.62 45.80
N MET Q 561 -38.38 22.01 45.43
CA MET Q 561 -39.31 22.67 46.32
C MET Q 561 -40.41 21.68 46.69
N ARG Q 562 -40.50 21.35 47.97
CA ARG Q 562 -41.48 20.39 48.46
C ARG Q 562 -42.75 21.14 48.86
N ILE Q 563 -43.86 20.83 48.19
CA ILE Q 563 -45.14 21.46 48.48
C ILE Q 563 -45.90 20.64 49.49
N GLU Q 564 -45.26 19.57 49.99
CA GLU Q 564 -45.91 18.73 51.01
C GLU Q 564 -46.20 19.54 52.27
N PHE Q 565 -45.25 20.38 52.68
CA PHE Q 565 -45.46 21.20 53.87
C PHE Q 565 -46.59 22.19 53.67
N ILE Q 566 -46.71 22.76 52.46
CA ILE Q 566 -47.77 23.73 52.20
C ILE Q 566 -49.13 23.05 52.30
N ILE Q 567 -49.27 21.86 51.69
CA ILE Q 567 -50.55 21.16 51.72
C ILE Q 567 -50.87 20.71 53.15
N THR Q 568 -49.85 20.27 53.89
CA THR Q 568 -50.10 19.75 55.23
C THR Q 568 -50.46 20.86 56.22
N ASP Q 569 -49.72 21.97 56.19
CA ASP Q 569 -49.83 22.98 57.24
C ASP Q 569 -50.55 24.25 56.78
N TRP Q 570 -50.60 24.54 55.49
CA TRP Q 570 -51.31 25.72 55.01
C TRP Q 570 -52.70 25.39 54.46
N VAL Q 571 -52.96 24.13 54.14
CA VAL Q 571 -54.25 23.71 53.61
C VAL Q 571 -54.99 22.80 54.60
N GLN Q 572 -54.29 21.82 55.16
CA GLN Q 572 -54.83 20.83 56.10
C GLN Q 572 -55.93 19.95 55.50
N TYR Q 573 -56.28 20.17 54.23
CA TYR Q 573 -57.42 19.48 53.63
C TYR Q 573 -57.00 18.73 52.37
N HIS Q 574 -57.63 17.58 52.17
CA HIS Q 574 -57.43 16.83 50.94
C HIS Q 574 -57.95 17.63 49.75
N PRO Q 575 -57.19 17.75 48.67
CA PRO Q 575 -57.67 18.55 47.53
C PRO Q 575 -58.99 18.05 46.95
N LEU Q 576 -59.18 16.74 46.90
CA LEU Q 576 -60.46 16.21 46.43
C LEU Q 576 -61.60 16.60 47.36
N TYR Q 577 -61.35 16.61 48.68
CA TYR Q 577 -62.37 17.06 49.61
C TYR Q 577 -62.71 18.53 49.39
N LEU Q 578 -61.70 19.36 49.13
CA LEU Q 578 -61.97 20.76 48.84
C LEU Q 578 -62.76 20.93 47.55
N ILE Q 579 -62.47 20.10 46.55
CA ILE Q 579 -63.24 20.12 45.30
C ILE Q 579 -64.69 19.74 45.58
N GLU Q 580 -64.91 18.72 46.40
CA GLU Q 580 -66.26 18.33 46.75
C GLU Q 580 -66.99 19.44 47.49
N GLN Q 581 -66.30 20.12 48.40
CA GLN Q 581 -66.86 21.27 49.10
C GLN Q 581 -66.78 22.56 48.29
N GLY Q 582 -66.23 22.51 47.08
CA GLY Q 582 -66.11 23.70 46.26
C GLY Q 582 -65.14 24.72 46.80
N LYS Q 583 -64.01 24.27 47.36
CA LYS Q 583 -63.02 25.18 47.90
C LYS Q 583 -61.67 25.01 47.21
N GLU Q 584 -61.70 24.86 45.88
CA GLU Q 584 -60.47 24.78 45.11
C GLU Q 584 -59.65 26.06 45.25
N SER Q 585 -60.32 27.19 45.45
CA SER Q 585 -59.64 28.48 45.52
C SER Q 585 -58.65 28.51 46.68
N LEU Q 586 -59.03 27.97 47.83
CA LEU Q 586 -58.13 27.98 48.99
C LEU Q 586 -56.84 27.21 48.69
N PHE Q 587 -56.96 25.99 48.18
CA PHE Q 587 -55.79 25.17 47.87
C PHE Q 587 -54.92 25.84 46.82
N ILE Q 588 -55.53 26.32 45.74
CA ILE Q 588 -54.77 26.96 44.66
C ILE Q 588 -54.06 28.20 45.18
N ASP Q 589 -54.75 29.02 45.97
CA ASP Q 589 -54.17 30.26 46.46
C ASP Q 589 -53.05 30.02 47.45
N LYS Q 590 -53.19 29.01 48.32
CA LYS Q 590 -52.10 28.72 49.26
C LYS Q 590 -50.86 28.21 48.52
N LEU Q 591 -51.04 27.29 47.57
CA LEU Q 591 -49.89 26.86 46.78
C LEU Q 591 -49.27 28.02 46.02
N ALA Q 592 -50.11 28.88 45.42
CA ALA Q 592 -49.60 30.01 44.67
C ALA Q 592 -48.84 30.97 45.58
N GLU Q 593 -49.35 31.22 46.78
CA GLU Q 593 -48.66 32.11 47.70
C GLU Q 593 -47.28 31.58 48.07
N GLY Q 594 -47.22 30.29 48.45
CA GLY Q 594 -45.93 29.72 48.81
C GLY Q 594 -44.94 29.73 47.66
N ILE Q 595 -45.38 29.27 46.48
CA ILE Q 595 -44.48 29.19 45.33
C ILE Q 595 -44.05 30.58 44.88
N ALA Q 596 -44.97 31.54 44.92
CA ALA Q 596 -44.64 32.91 44.52
C ALA Q 596 -43.65 33.54 45.49
N LYS Q 597 -43.83 33.30 46.80
CA LYS Q 597 -42.86 33.80 47.76
C LYS Q 597 -41.48 33.23 47.48
N VAL Q 598 -41.39 31.92 47.29
CA VAL Q 598 -40.08 31.31 47.04
C VAL Q 598 -39.48 31.83 45.74
N ALA Q 599 -40.28 31.95 44.68
CA ALA Q 599 -39.75 32.37 43.39
C ALA Q 599 -39.30 33.83 43.41
N GLN Q 600 -40.10 34.71 44.02
CA GLN Q 600 -39.75 36.12 44.09
C GLN Q 600 -38.55 36.34 45.01
N ALA Q 601 -38.38 35.50 46.03
CA ALA Q 601 -37.26 35.68 46.94
C ALA Q 601 -35.92 35.44 46.24
N ILE Q 602 -35.89 34.61 45.20
CA ILE Q 602 -34.64 34.26 44.54
C ILE Q 602 -34.68 34.53 43.04
N TYR Q 603 -35.58 35.40 42.58
CA TYR Q 603 -35.64 35.71 41.17
C TYR Q 603 -34.32 36.33 40.71
N PRO Q 604 -33.83 35.97 39.51
CA PRO Q 604 -34.40 35.06 38.52
C PRO Q 604 -33.93 33.62 38.61
N ARG Q 605 -33.38 33.19 39.75
CA ARG Q 605 -32.92 31.81 39.86
C ARG Q 605 -34.12 30.86 39.81
N PRO Q 606 -34.00 29.73 39.11
CA PRO Q 606 -35.14 28.84 38.93
C PRO Q 606 -35.58 28.19 40.24
N VAL Q 607 -36.89 27.95 40.33
CA VAL Q 607 -37.49 27.21 41.43
C VAL Q 607 -38.19 25.99 40.84
N VAL Q 608 -37.65 24.81 41.09
CA VAL Q 608 -38.21 23.57 40.56
C VAL Q 608 -39.17 23.03 41.61
N VAL Q 609 -40.46 23.27 41.41
CA VAL Q 609 -41.51 22.82 42.32
C VAL Q 609 -41.82 21.37 42.02
N ARG Q 610 -41.80 20.53 43.06
CA ARG Q 610 -42.20 19.14 42.95
C ARG Q 610 -43.70 19.02 43.20
N PHE Q 611 -44.37 18.25 42.34
CA PHE Q 611 -45.79 18.01 42.54
C PHE Q 611 -45.99 17.15 43.79
N SER Q 612 -47.26 16.87 44.10
CA SER Q 612 -47.61 16.18 45.34
C SER Q 612 -46.93 14.82 45.43
N ASP Q 613 -46.00 14.70 46.39
CA ASP Q 613 -45.24 13.47 46.59
C ASP Q 613 -45.82 12.62 47.72
N PHE Q 614 -47.02 12.93 48.20
CA PHE Q 614 -47.61 12.20 49.30
C PHE Q 614 -47.91 10.76 48.90
N LYS Q 615 -47.90 9.88 49.89
CA LYS Q 615 -48.38 8.51 49.73
C LYS Q 615 -49.85 8.46 50.16
N THR Q 616 -50.49 7.31 49.95
CA THR Q 616 -51.90 7.18 50.31
C THR Q 616 -52.08 7.33 51.83
N ASN Q 617 -51.19 6.73 52.61
CA ASN Q 617 -51.25 6.89 54.06
C ASN Q 617 -50.98 8.34 54.46
N GLU Q 618 -50.04 9.00 53.79
CA GLU Q 618 -49.80 10.42 54.06
C GLU Q 618 -50.98 11.27 53.61
N TYR Q 619 -51.64 10.88 52.51
CA TYR Q 619 -52.82 11.59 52.06
C TYR Q 619 -53.95 11.47 53.06
N ARG Q 620 -54.10 10.30 53.68
CA ARG Q 620 -55.15 10.11 54.67
C ARG Q 620 -54.98 11.01 55.88
N GLY Q 621 -53.76 11.49 56.15
CA GLY Q 621 -53.56 12.43 57.23
C GLY Q 621 -54.25 13.75 57.03
N LEU Q 622 -54.53 14.12 55.78
CA LEU Q 622 -55.27 15.34 55.51
C LEU Q 622 -56.73 15.18 55.92
N LYS Q 623 -57.36 16.32 56.22
CA LYS Q 623 -58.76 16.31 56.62
C LYS Q 623 -59.65 15.90 55.46
N GLY Q 624 -60.55 14.94 55.70
CA GLY Q 624 -61.44 14.47 54.68
C GLY Q 624 -60.83 13.56 53.65
N GLY Q 625 -59.58 13.13 53.84
CA GLY Q 625 -58.90 12.29 52.89
C GLY Q 625 -59.19 10.81 53.01
N GLU Q 626 -59.92 10.39 54.05
CA GLU Q 626 -60.21 8.97 54.21
C GLU Q 626 -61.15 8.46 53.12
N LYS Q 627 -62.02 9.31 52.60
CA LYS Q 627 -62.97 8.89 51.58
C LYS Q 627 -62.34 8.70 50.21
N TYR Q 628 -61.20 9.34 49.95
CA TYR Q 628 -60.58 9.33 48.64
C TYR Q 628 -59.33 8.48 48.56
N GLU Q 629 -58.78 8.04 49.68
CA GLU Q 629 -57.53 7.29 49.70
C GLU Q 629 -57.79 5.85 50.12
N PRO Q 630 -57.63 4.87 49.24
CA PRO Q 630 -57.80 3.48 49.63
C PRO Q 630 -56.66 3.01 50.52
N GLU Q 631 -56.96 2.06 51.38
CA GLU Q 631 -55.93 1.46 52.22
C GLU Q 631 -55.03 0.57 51.38
N GLU Q 632 -53.75 0.90 51.34
CA GLU Q 632 -52.82 0.17 50.49
C GLU Q 632 -51.80 -0.57 51.33
N ARG Q 633 -51.52 -1.79 50.91
CA ARG Q 633 -50.52 -2.63 51.54
C ARG Q 633 -49.12 -2.05 51.33
N ASN Q 634 -48.79 -1.56 50.14
CA ASN Q 634 -47.51 -0.90 49.88
C ASN Q 634 -47.70 0.43 49.17
N PRO Q 635 -48.09 1.48 49.90
CA PRO Q 635 -48.14 2.82 49.28
C PRO Q 635 -46.80 3.30 48.79
N MET Q 636 -45.69 2.79 49.35
CA MET Q 636 -44.36 3.18 48.91
C MET Q 636 -44.18 2.90 47.43
N ILE Q 637 -44.71 1.79 46.95
CA ILE Q 637 -44.72 1.48 45.53
C ILE Q 637 -46.17 1.40 45.08
N GLY Q 638 -47.04 2.18 45.72
CA GLY Q 638 -48.45 2.16 45.42
C GLY Q 638 -48.88 3.29 44.51
N TRP Q 639 -50.14 3.68 44.65
CA TRP Q 639 -50.75 4.73 43.82
C TRP Q 639 -50.23 6.08 44.27
N ARG Q 640 -49.18 6.56 43.60
CA ARG Q 640 -48.57 7.84 43.94
C ARG Q 640 -47.86 8.38 42.72
N GLY Q 641 -47.54 9.67 42.77
CA GLY Q 641 -46.80 10.29 41.69
C GLY Q 641 -47.66 10.48 40.45
N VAL Q 642 -47.03 10.31 39.29
CA VAL Q 642 -47.71 10.54 38.02
C VAL Q 642 -48.88 9.57 37.86
N SER Q 643 -48.70 8.33 38.31
CA SER Q 643 -49.80 7.36 38.28
C SER Q 643 -51.03 7.91 38.99
N ARG Q 644 -50.84 8.69 40.06
CA ARG Q 644 -51.95 9.32 40.73
C ARG Q 644 -52.50 10.49 39.93
N TYR Q 645 -51.63 11.27 39.29
CA TYR Q 645 -52.06 12.49 38.63
C TYR Q 645 -52.94 12.18 37.41
N ILE Q 646 -52.54 11.19 36.60
CA ILE Q 646 -53.29 10.86 35.39
C ILE Q 646 -54.55 10.06 35.68
N HIS Q 647 -54.69 9.52 36.88
CA HIS Q 647 -55.90 8.79 37.21
C HIS Q 647 -57.10 9.73 37.27
N PRO Q 648 -58.24 9.33 36.73
CA PRO Q 648 -59.40 10.25 36.72
C PRO Q 648 -59.86 10.68 38.09
N LYS Q 649 -59.65 9.85 39.12
CA LYS Q 649 -60.12 10.19 40.46
C LYS Q 649 -59.36 11.39 41.02
N TYR Q 650 -58.03 11.37 40.92
CA TYR Q 650 -57.20 12.44 41.44
C TYR Q 650 -56.88 13.50 40.39
N GLU Q 651 -57.29 13.30 39.14
CA GLU Q 651 -56.98 14.28 38.10
C GLU Q 651 -57.41 15.70 38.44
N PRO Q 652 -58.59 15.95 39.02
CA PRO Q 652 -58.91 17.34 39.41
C PRO Q 652 -57.91 17.96 40.38
N ALA Q 653 -57.36 17.18 41.32
CA ALA Q 653 -56.37 17.72 42.24
C ALA Q 653 -55.08 18.09 41.53
N PHE Q 654 -54.63 17.24 40.60
CA PHE Q 654 -53.46 17.58 39.80
C PHE Q 654 -53.73 18.81 38.95
N ARG Q 655 -54.96 18.95 38.45
CA ARG Q 655 -55.32 20.16 37.70
C ARG Q 655 -55.29 21.39 38.60
N LEU Q 656 -55.70 21.25 39.87
CA LEU Q 656 -55.58 22.36 40.81
C LEU Q 656 -54.12 22.75 41.01
N GLU Q 657 -53.24 21.76 41.15
CA GLU Q 657 -51.82 22.06 41.31
C GLU Q 657 -51.27 22.77 40.08
N VAL Q 658 -51.64 22.30 38.88
CA VAL Q 658 -51.18 22.92 37.64
C VAL Q 658 -51.74 24.33 37.53
N ARG Q 659 -52.98 24.54 37.98
CA ARG Q 659 -53.56 25.87 37.97
C ARG Q 659 -52.82 26.81 38.90
N ALA Q 660 -52.41 26.32 40.07
CA ALA Q 660 -51.61 27.14 40.97
C ALA Q 660 -50.27 27.50 40.35
N ILE Q 661 -49.62 26.55 39.69
CA ILE Q 661 -48.35 26.83 39.02
C ILE Q 661 -48.56 27.86 37.90
N LYS Q 662 -49.64 27.71 37.13
CA LYS Q 662 -49.92 28.66 36.05
C LYS Q 662 -50.20 30.04 36.60
N LYS Q 663 -50.93 30.13 37.72
CA LYS Q 663 -51.19 31.42 38.34
C LYS Q 663 -49.89 32.08 38.80
N VAL Q 664 -48.98 31.29 39.38
CA VAL Q 664 -47.68 31.85 39.77
C VAL Q 664 -46.93 32.34 38.55
N ARG Q 665 -46.93 31.55 37.46
CA ARG Q 665 -46.13 31.90 36.30
C ARG Q 665 -46.71 33.06 35.50
N GLU Q 666 -48.02 33.29 35.59
CA GLU Q 666 -48.69 34.28 34.76
C GLU Q 666 -49.20 35.48 35.54
N GLU Q 667 -49.98 35.26 36.59
CA GLU Q 667 -50.53 36.38 37.36
C GLU Q 667 -49.41 37.19 38.03
N MET Q 668 -48.43 36.50 38.60
CA MET Q 668 -47.28 37.16 39.19
C MET Q 668 -46.11 37.29 38.22
N GLY Q 669 -46.22 36.71 37.02
CA GLY Q 669 -45.16 36.83 36.04
C GLY Q 669 -43.85 36.19 36.43
N LEU Q 670 -43.88 35.24 37.36
CA LEU Q 670 -42.65 34.58 37.83
C LEU Q 670 -42.31 33.46 36.85
N THR Q 671 -41.53 33.81 35.83
CA THR Q 671 -41.17 32.84 34.80
C THR Q 671 -40.25 31.74 35.34
N ASN Q 672 -39.49 32.04 36.38
CA ASN Q 672 -38.48 31.13 36.90
C ASN Q 672 -39.07 29.88 37.58
N VAL Q 673 -40.37 29.63 37.53
CA VAL Q 673 -40.96 28.47 38.19
C VAL Q 673 -41.04 27.32 37.18
N TRP Q 674 -40.37 26.22 37.50
CA TRP Q 674 -40.42 24.99 36.73
C TRP Q 674 -41.08 23.92 37.57
N VAL Q 675 -41.44 22.81 36.94
CA VAL Q 675 -42.12 21.71 37.64
C VAL Q 675 -41.34 20.43 37.42
N MET Q 676 -41.42 19.54 38.41
CA MET Q 676 -40.89 18.19 38.27
C MET Q 676 -41.98 17.18 38.67
N PHE Q 677 -42.06 16.11 37.90
CA PHE Q 677 -43.03 15.06 38.14
C PHE Q 677 -42.41 13.99 39.04
N PRO Q 678 -42.92 13.77 40.24
CA PRO Q 678 -42.31 12.78 41.12
C PRO Q 678 -42.79 11.37 40.81
N PHE Q 679 -41.87 10.42 40.95
CA PHE Q 679 -42.15 8.98 40.87
C PHE Q 679 -42.76 8.62 39.51
N VAL Q 680 -42.00 8.90 38.47
CA VAL Q 680 -42.42 8.59 37.10
C VAL Q 680 -42.13 7.13 36.81
N ARG Q 681 -43.13 6.42 36.30
CA ARG Q 681 -43.03 4.99 36.06
C ARG Q 681 -42.91 4.63 34.58
N THR Q 682 -43.81 5.14 33.75
CA THR Q 682 -43.86 4.77 32.35
C THR Q 682 -43.96 6.01 31.47
N THR Q 683 -43.60 5.84 30.19
CA THR Q 683 -43.61 6.96 29.26
C THR Q 683 -45.02 7.43 28.96
N TRP Q 684 -45.97 6.49 28.82
CA TRP Q 684 -47.34 6.87 28.48
C TRP Q 684 -47.99 7.67 29.60
N GLU Q 685 -47.70 7.31 30.86
CA GLU Q 685 -48.22 8.11 31.97
C GLU Q 685 -47.63 9.51 31.97
N LEU Q 686 -46.33 9.63 31.61
CA LEU Q 686 -45.71 10.94 31.54
C LEU Q 686 -46.33 11.80 30.44
N GLU Q 687 -46.60 11.19 29.28
CA GLU Q 687 -47.23 11.95 28.20
C GLU Q 687 -48.67 12.31 28.54
N ARG Q 688 -49.38 11.44 29.27
CA ARG Q 688 -50.73 11.80 29.71
C ARG Q 688 -50.70 12.96 30.70
N ALA Q 689 -49.75 12.95 31.62
CA ALA Q 689 -49.60 14.09 32.53
C ALA Q 689 -49.25 15.37 31.76
N LEU Q 690 -48.38 15.25 30.74
CA LEU Q 690 -48.02 16.41 29.95
C LEU Q 690 -49.21 16.97 29.18
N LYS Q 691 -50.03 16.10 28.60
CA LYS Q 691 -51.22 16.59 27.90
C LYS Q 691 -52.26 17.15 28.85
N ILE Q 692 -52.36 16.62 30.08
CA ILE Q 692 -53.22 17.23 31.08
C ILE Q 692 -52.72 18.63 31.42
N MET Q 693 -51.41 18.79 31.57
CA MET Q 693 -50.84 20.12 31.82
C MET Q 693 -51.11 21.06 30.66
N GLU Q 694 -50.99 20.56 29.43
CA GLU Q 694 -51.27 21.39 28.26
C GLU Q 694 -52.73 21.82 28.22
N GLU Q 695 -53.65 20.92 28.61
CA GLU Q 695 -55.07 21.28 28.66
C GLU Q 695 -55.31 22.41 29.66
N GLU Q 696 -54.45 22.56 30.64
CA GLU Q 696 -54.55 23.64 31.62
C GLU Q 696 -53.76 24.88 31.21
N GLY Q 697 -53.18 24.90 30.01
CA GLY Q 697 -52.43 26.03 29.54
C GLY Q 697 -50.98 26.06 29.95
N LEU Q 698 -50.49 25.04 30.65
CA LEU Q 698 -49.09 24.96 31.06
C LEU Q 698 -48.37 24.05 30.07
N LYS Q 699 -47.57 24.65 29.21
CA LYS Q 699 -46.90 23.94 28.13
C LYS Q 699 -45.39 24.07 28.27
N ARG Q 700 -44.69 22.97 28.02
CA ARG Q 700 -43.23 22.97 28.03
C ARG Q 700 -42.70 23.87 26.93
N GLY Q 701 -41.73 24.71 27.27
CA GLY Q 701 -41.18 25.65 26.32
C GLY Q 701 -39.83 26.16 26.77
N LYS Q 702 -39.40 27.25 26.13
CA LYS Q 702 -38.12 27.85 26.45
C LYS Q 702 -38.12 28.48 27.84
N ASP Q 703 -39.26 29.01 28.28
CA ASP Q 703 -39.38 29.65 29.58
C ASP Q 703 -39.97 28.73 30.64
N PHE Q 704 -40.27 27.48 30.29
CA PHE Q 704 -40.87 26.53 31.22
C PHE Q 704 -40.19 25.18 31.05
N LYS Q 705 -39.55 24.70 32.11
CA LYS Q 705 -38.85 23.42 32.10
C LYS Q 705 -39.65 22.39 32.89
N VAL Q 706 -39.72 21.17 32.35
CA VAL Q 706 -40.39 20.05 33.00
C VAL Q 706 -39.36 18.96 33.26
N TRP Q 707 -39.26 18.54 34.52
CA TRP Q 707 -38.34 17.50 34.92
C TRP Q 707 -39.11 16.26 35.36
N ALA Q 708 -38.40 15.13 35.39
CA ALA Q 708 -38.97 13.87 35.86
C ALA Q 708 -38.04 13.30 36.92
N MET Q 709 -38.62 12.89 38.05
CA MET Q 709 -37.82 12.27 39.11
C MET Q 709 -37.33 10.91 38.65
N ALA Q 710 -36.02 10.71 38.72
CA ALA Q 710 -35.40 9.44 38.35
C ALA Q 710 -35.20 8.58 39.59
N GLU Q 711 -36.32 8.19 40.20
CA GLU Q 711 -36.32 7.37 41.39
C GLU Q 711 -36.90 5.98 41.16
N VAL Q 712 -37.24 5.63 39.92
CA VAL Q 712 -37.78 4.32 39.58
C VAL Q 712 -36.81 3.64 38.62
N PRO Q 713 -36.53 2.35 38.80
CA PRO Q 713 -35.57 1.68 37.90
C PRO Q 713 -36.00 1.67 36.45
N SER Q 714 -37.29 1.82 36.16
CA SER Q 714 -37.72 1.96 34.77
C SER Q 714 -37.13 3.21 34.14
N ILE Q 715 -37.01 4.30 34.91
CA ILE Q 715 -36.33 5.49 34.41
C ILE Q 715 -34.87 5.19 34.17
N VAL Q 716 -34.25 4.38 35.03
CA VAL Q 716 -32.85 4.00 34.84
C VAL Q 716 -32.68 3.27 33.52
N LEU Q 717 -33.58 2.33 33.23
CA LEU Q 717 -33.43 1.50 32.03
C LEU Q 717 -33.83 2.24 30.76
N LEU Q 718 -34.74 3.21 30.85
CA LEU Q 718 -35.28 3.88 29.68
C LEU Q 718 -35.18 5.40 29.80
N ALA Q 719 -34.06 5.90 30.35
CA ALA Q 719 -33.89 7.34 30.47
C ALA Q 719 -33.86 8.02 29.11
N ASP Q 720 -33.18 7.40 28.13
CA ASP Q 720 -33.13 7.96 26.79
C ASP Q 720 -34.51 8.04 26.15
N LYS Q 721 -35.39 7.10 26.49
CA LYS Q 721 -36.76 7.14 25.98
C LYS Q 721 -37.57 8.22 26.68
N PHE Q 722 -37.40 8.38 27.99
CA PHE Q 722 -38.11 9.39 28.74
C PHE Q 722 -37.66 10.80 28.39
N ALA Q 723 -36.45 10.96 27.86
CA ALA Q 723 -35.91 12.29 27.61
C ALA Q 723 -36.68 13.04 26.53
N GLU Q 724 -37.44 12.35 25.68
CA GLU Q 724 -38.22 13.05 24.65
C GLU Q 724 -39.39 13.83 25.23
N TYR Q 725 -39.76 13.56 26.48
CA TYR Q 725 -40.93 14.19 27.08
C TYR Q 725 -40.59 15.27 28.09
N VAL Q 726 -39.38 15.26 28.66
CA VAL Q 726 -39.01 16.19 29.72
C VAL Q 726 -37.73 16.90 29.33
N ASP Q 727 -37.52 18.08 29.91
CA ASP Q 727 -36.30 18.84 29.66
C ASP Q 727 -35.11 18.23 30.39
N GLY Q 728 -35.34 17.59 31.54
CA GLY Q 728 -34.26 16.99 32.29
C GLY Q 728 -34.79 16.02 33.32
N PHE Q 729 -33.85 15.41 34.05
CA PHE Q 729 -34.18 14.45 35.09
C PHE Q 729 -33.57 14.89 36.41
N SER Q 730 -34.30 14.60 37.49
CA SER Q 730 -33.81 14.82 38.85
C SER Q 730 -33.73 13.46 39.53
N ILE Q 731 -32.52 13.08 39.93
CA ILE Q 731 -32.29 11.76 40.51
C ILE Q 731 -32.65 11.83 42.00
N GLY Q 732 -33.73 11.15 42.36
CA GLY Q 732 -34.12 11.03 43.75
C GLY Q 732 -33.36 9.91 44.43
N SER Q 733 -32.09 10.16 44.76
CA SER Q 733 -31.21 9.11 45.25
C SER Q 733 -31.78 8.38 46.46
N ASN Q 734 -32.51 9.09 47.33
CA ASN Q 734 -33.11 8.46 48.49
C ASN Q 734 -34.09 7.37 48.07
N ASP Q 735 -35.01 7.70 47.17
CA ASP Q 735 -35.97 6.72 46.67
C ASP Q 735 -35.35 5.80 45.63
N LEU Q 736 -34.38 6.29 44.84
CA LEU Q 736 -33.76 5.47 43.82
C LEU Q 736 -32.99 4.31 44.44
N THR Q 737 -32.26 4.57 45.53
CA THR Q 737 -31.56 3.50 46.22
C THR Q 737 -32.55 2.47 46.77
N GLN Q 738 -33.65 2.95 47.36
CA GLN Q 738 -34.66 2.05 47.91
C GLN Q 738 -35.24 1.15 46.83
N LEU Q 739 -35.56 1.71 45.67
CA LEU Q 739 -36.20 0.92 44.63
C LEU Q 739 -35.20 0.01 43.91
N ILE Q 740 -33.96 0.48 43.71
CA ILE Q 740 -32.95 -0.35 43.06
C ILE Q 740 -32.60 -1.55 43.94
N LEU Q 741 -32.41 -1.31 45.24
CA LEU Q 741 -32.10 -2.39 46.16
C LEU Q 741 -33.33 -3.12 46.66
N GLY Q 742 -34.53 -2.60 46.41
CA GLY Q 742 -35.73 -3.26 46.91
C GLY Q 742 -35.81 -3.32 48.42
N ALA Q 743 -35.39 -2.25 49.10
CA ALA Q 743 -35.41 -2.19 50.55
C ALA Q 743 -36.02 -0.86 50.99
N ASP Q 744 -36.72 -0.89 52.12
CA ASP Q 744 -37.43 0.28 52.64
C ASP Q 744 -36.75 0.75 53.93
N ARG Q 745 -36.50 2.06 54.01
CA ARG Q 745 -35.59 2.60 55.01
C ARG Q 745 -36.12 2.53 56.43
N ASP Q 746 -37.41 2.79 56.65
CA ASP Q 746 -37.93 2.86 58.02
C ASP Q 746 -37.86 1.51 58.73
N SER Q 747 -37.65 0.42 58.00
CA SER Q 747 -37.39 -0.88 58.63
C SER Q 747 -36.02 -0.83 59.29
N ASN Q 748 -36.01 -0.87 60.63
CA ASN Q 748 -34.75 -0.74 61.35
C ASN Q 748 -33.81 -1.91 61.08
N ILE Q 749 -34.36 -3.10 60.82
CA ILE Q 749 -33.53 -4.27 60.59
C ILE Q 749 -32.69 -4.07 59.32
N LEU Q 750 -33.33 -3.63 58.24
CA LEU Q 750 -32.60 -3.41 56.99
C LEU Q 750 -31.60 -2.27 57.14
N ALA Q 751 -31.97 -1.23 57.87
CA ALA Q 751 -31.05 -0.11 58.08
C ALA Q 751 -29.82 -0.52 58.86
N GLU Q 752 -29.99 -1.40 59.86
CA GLU Q 752 -28.87 -1.82 60.68
C GLU Q 752 -27.83 -2.59 59.86
N MET Q 753 -28.28 -3.39 58.90
CA MET Q 753 -27.34 -4.15 58.06
C MET Q 753 -26.54 -3.27 57.11
N GLY Q 754 -26.90 -2.00 56.97
CA GLY Q 754 -26.18 -1.12 56.08
C GLY Q 754 -26.60 -1.18 54.64
N TYR Q 755 -27.82 -1.62 54.36
CA TYR Q 755 -28.30 -1.70 52.97
C TYR Q 755 -28.38 -0.32 52.34
N PHE Q 756 -28.84 0.68 53.09
CA PHE Q 756 -29.18 1.98 52.53
C PHE Q 756 -27.93 2.87 52.46
N ASP Q 757 -26.96 2.36 51.73
CA ASP Q 757 -25.74 3.09 51.38
C ASP Q 757 -25.85 3.51 49.92
N GLU Q 758 -25.91 4.82 49.69
CA GLU Q 758 -26.00 5.32 48.32
C GLU Q 758 -24.70 5.14 47.55
N ARG Q 759 -23.62 4.72 48.21
CA ARG Q 759 -22.38 4.33 47.55
C ARG Q 759 -22.44 2.89 47.02
N ASP Q 760 -23.62 2.27 47.04
CA ASP Q 760 -23.74 0.90 46.56
C ASP Q 760 -23.40 0.83 45.07
N PRO Q 761 -22.72 -0.21 44.62
CA PRO Q 761 -22.37 -0.30 43.19
C PRO Q 761 -23.58 -0.29 42.27
N ALA Q 762 -24.70 -0.90 42.68
CA ALA Q 762 -25.89 -0.89 41.84
C ALA Q 762 -26.45 0.51 41.69
N VAL Q 763 -26.52 1.27 42.78
CA VAL Q 763 -27.03 2.64 42.70
C VAL Q 763 -26.12 3.50 41.84
N LEU Q 764 -24.80 3.34 42.00
CA LEU Q 764 -23.86 4.10 41.18
C LEU Q 764 -23.99 3.75 39.71
N ALA Q 765 -24.14 2.47 39.39
CA ALA Q 765 -24.33 2.06 38.00
C ALA Q 765 -25.62 2.62 37.43
N GLY Q 766 -26.70 2.61 38.22
CA GLY Q 766 -27.94 3.18 37.75
C GLY Q 766 -27.84 4.67 37.49
N ILE Q 767 -27.17 5.40 38.40
CA ILE Q 767 -26.98 6.84 38.22
C ILE Q 767 -26.15 7.11 36.98
N LYS Q 768 -25.08 6.32 36.78
CA LYS Q 768 -24.25 6.48 35.60
C LYS Q 768 -25.04 6.25 34.32
N MET Q 769 -25.88 5.20 34.32
CA MET Q 769 -26.70 4.92 33.15
C MET Q 769 -27.68 6.05 32.87
N ILE Q 770 -28.32 6.58 33.93
CA ILE Q 770 -29.24 7.69 33.76
C ILE Q 770 -28.53 8.89 33.15
N ILE Q 771 -27.36 9.22 33.69
CA ILE Q 771 -26.61 10.39 33.20
C ILE Q 771 -26.21 10.19 31.75
N GLU Q 772 -25.70 9.01 31.41
CA GLU Q 772 -25.26 8.74 30.04
C GLU Q 772 -26.43 8.83 29.07
N LYS Q 773 -27.57 8.21 29.40
CA LYS Q 773 -28.71 8.24 28.50
C LYS Q 773 -29.25 9.66 28.33
N ALA Q 774 -29.40 10.40 29.45
CA ALA Q 774 -29.94 11.74 29.36
C ALA Q 774 -29.04 12.67 28.56
N HIS Q 775 -27.72 12.56 28.74
CA HIS Q 775 -26.81 13.38 27.95
C HIS Q 775 -26.71 12.93 26.51
N SER Q 776 -26.94 11.64 26.23
CA SER Q 776 -27.05 11.20 24.84
C SER Q 776 -28.28 11.76 24.17
N LYS Q 777 -29.37 11.96 24.91
CA LYS Q 777 -30.57 12.58 24.37
C LYS Q 777 -30.65 14.07 24.68
N GLY Q 778 -29.58 14.67 25.19
CA GLY Q 778 -29.55 16.10 25.41
C GLY Q 778 -30.37 16.62 26.55
N ALA Q 779 -30.67 15.77 27.54
CA ALA Q 779 -31.44 16.18 28.71
C ALA Q 779 -30.51 16.41 29.89
N THR Q 780 -30.83 17.44 30.68
CA THR Q 780 -30.05 17.75 31.87
C THR Q 780 -30.31 16.72 32.96
N VAL Q 781 -29.32 16.54 33.85
CA VAL Q 781 -29.41 15.61 34.96
C VAL Q 781 -29.16 16.36 36.25
N SER Q 782 -30.04 16.16 37.22
CA SER Q 782 -29.89 16.74 38.55
C SER Q 782 -30.06 15.63 39.58
N ILE Q 783 -29.55 15.88 40.79
CA ILE Q 783 -29.71 14.96 41.90
C ILE Q 783 -30.17 15.76 43.12
N CYS Q 784 -31.21 15.27 43.80
CA CYS Q 784 -31.77 15.92 44.98
C CYS Q 784 -31.95 14.83 46.04
N GLY Q 785 -30.92 14.62 46.84
CA GLY Q 785 -30.96 13.62 47.88
C GLY Q 785 -29.90 13.89 48.92
N GLN Q 786 -29.82 12.99 49.90
CA GLN Q 786 -28.86 13.14 50.98
C GLN Q 786 -27.47 12.60 50.62
N ALA Q 787 -27.33 11.91 49.49
CA ALA Q 787 -26.03 11.37 49.12
C ALA Q 787 -24.97 12.44 48.92
N PRO Q 788 -25.19 13.51 48.15
CA PRO Q 788 -24.14 14.54 48.02
C PRO Q 788 -23.89 15.31 49.30
N SER Q 789 -24.84 15.32 50.24
CA SER Q 789 -24.68 16.10 51.45
C SER Q 789 -23.69 15.48 52.43
N VAL Q 790 -23.53 14.15 52.41
CA VAL Q 790 -22.75 13.44 53.40
C VAL Q 790 -21.52 12.77 52.81
N TYR Q 791 -21.62 12.23 51.59
CA TYR Q 791 -20.52 11.46 51.03
C TYR Q 791 -19.79 12.27 49.97
N PRO Q 792 -18.55 12.70 50.22
CA PRO Q 792 -17.79 13.41 49.18
C PRO Q 792 -17.52 12.57 47.94
N GLU Q 793 -17.33 11.26 48.10
CA GLU Q 793 -17.06 10.41 46.95
C GLU Q 793 -18.25 10.33 46.00
N ILE Q 794 -19.47 10.39 46.52
CA ILE Q 794 -20.65 10.48 45.65
C ILE Q 794 -20.58 11.74 44.81
N VAL Q 795 -20.21 12.87 45.43
CA VAL Q 795 -20.10 14.12 44.69
C VAL Q 795 -19.02 14.01 43.62
N GLU Q 796 -17.88 13.41 43.96
CA GLU Q 796 -16.80 13.26 42.99
C GLU Q 796 -17.25 12.40 41.81
N PHE Q 797 -17.93 11.29 42.09
CA PHE Q 797 -18.42 10.43 41.01
C PHE Q 797 -19.45 11.15 40.15
N LEU Q 798 -20.35 11.92 40.77
CA LEU Q 798 -21.35 12.65 40.01
C LEU Q 798 -20.72 13.69 39.10
N VAL Q 799 -19.75 14.44 39.62
CA VAL Q 799 -19.10 15.47 38.81
C VAL Q 799 -18.29 14.84 37.69
N GLU Q 800 -17.64 13.70 37.97
CA GLU Q 800 -16.90 13.00 36.93
C GLU Q 800 -17.85 12.51 35.83
N ALA Q 801 -19.01 11.99 36.21
CA ALA Q 801 -19.99 11.55 35.23
C ALA Q 801 -20.53 12.71 34.40
N GLY Q 802 -20.44 13.93 34.91
CA GLY Q 802 -20.89 15.10 34.17
C GLY Q 802 -22.30 15.53 34.50
N ILE Q 803 -22.69 15.40 35.76
CA ILE Q 803 -24.03 15.80 36.16
C ILE Q 803 -24.18 17.30 36.04
N ASP Q 804 -25.35 17.74 35.60
CA ASP Q 804 -25.56 19.16 35.31
C ASP Q 804 -25.70 19.99 36.57
N SER Q 805 -26.40 19.48 37.58
CA SER Q 805 -26.60 20.23 38.81
C SER Q 805 -26.75 19.27 39.97
N ILE Q 806 -26.49 19.78 41.18
CA ILE Q 806 -26.63 19.03 42.42
C ILE Q 806 -27.46 19.86 43.37
N SER Q 807 -28.55 19.28 43.89
CA SER Q 807 -29.43 19.95 44.83
C SER Q 807 -29.21 19.35 46.21
N VAL Q 808 -28.87 20.18 47.18
CA VAL Q 808 -28.55 19.74 48.53
C VAL Q 808 -29.35 20.57 49.53
N ASN Q 809 -29.28 20.14 50.79
CA ASN Q 809 -29.90 20.88 51.87
C ASN Q 809 -29.18 22.21 52.08
N PRO Q 810 -29.86 23.22 52.63
CA PRO Q 810 -29.20 24.52 52.82
C PRO Q 810 -27.92 24.46 53.62
N ASP Q 811 -27.92 23.73 54.74
CA ASP Q 811 -26.73 23.66 55.58
C ASP Q 811 -25.55 23.00 54.88
N ALA Q 812 -25.80 22.25 53.81
CA ALA Q 812 -24.75 21.61 53.04
C ALA Q 812 -24.44 22.34 51.74
N VAL Q 813 -24.97 23.55 51.55
CA VAL Q 813 -24.75 24.26 50.29
C VAL Q 813 -23.29 24.67 50.16
N ILE Q 814 -22.81 25.51 51.08
CA ILE Q 814 -21.50 26.14 50.93
C ILE Q 814 -20.42 25.08 50.77
N ALA Q 815 -20.38 24.10 51.67
CA ALA Q 815 -19.39 23.03 51.58
C ALA Q 815 -19.44 22.36 50.21
N THR Q 816 -20.65 22.02 49.75
CA THR Q 816 -20.78 21.41 48.43
C THR Q 816 -20.18 22.31 47.36
N ARG Q 817 -20.51 23.61 47.42
CA ARG Q 817 -19.97 24.54 46.44
C ARG Q 817 -18.45 24.52 46.45
N ARG Q 818 -17.84 24.38 47.64
CA ARG Q 818 -16.40 24.18 47.69
C ARG Q 818 -16.03 22.86 47.06
N LEU Q 819 -16.64 21.77 47.55
CA LEU Q 819 -16.20 20.43 47.16
C LEU Q 819 -16.27 20.24 45.66
N VAL Q 820 -17.44 20.51 45.07
CA VAL Q 820 -17.61 20.36 43.63
C VAL Q 820 -16.52 21.14 42.91
N ALA Q 821 -16.29 22.39 43.32
CA ALA Q 821 -15.27 23.19 42.66
C ALA Q 821 -13.94 22.46 42.66
N SER Q 822 -13.48 22.01 43.83
CA SER Q 822 -12.22 21.29 43.90
C SER Q 822 -12.25 20.09 42.96
N ILE Q 823 -13.32 19.31 43.02
CA ILE Q 823 -13.41 18.12 42.17
C ILE Q 823 -13.29 18.52 40.71
N GLU Q 824 -14.01 19.57 40.31
CA GLU Q 824 -13.91 20.03 38.93
C GLU Q 824 -12.47 20.34 38.58
N ARG Q 825 -11.79 21.10 39.43
CA ARG Q 825 -10.39 21.42 39.18
C ARG Q 825 -9.58 20.13 39.06
N LYS Q 826 -9.80 19.19 39.97
CA LYS Q 826 -9.10 17.91 39.88
C LYS Q 826 -9.37 17.23 38.56
N ILE Q 827 -10.65 17.17 38.17
CA ILE Q 827 -10.98 16.56 36.88
C ILE Q 827 -10.28 17.30 35.76
N MET Q 828 -10.25 18.64 35.86
CA MET Q 828 -9.68 19.45 34.79
C MET Q 828 -8.19 19.16 34.64
N LEU Q 829 -7.55 18.70 35.72
CA LEU Q 829 -6.20 18.15 35.60
C LEU Q 829 -6.21 16.77 34.96
N LYS Q 830 -6.99 15.85 35.53
CA LYS Q 830 -6.89 14.44 35.16
C LYS Q 830 -7.12 14.25 33.67
N ARG Q 831 -8.22 14.80 33.15
CA ARG Q 831 -8.51 14.71 31.72
C ARG Q 831 -7.32 15.14 30.89
N LEU Q 832 -6.70 16.28 31.24
CA LEU Q 832 -5.53 16.74 30.50
C LEU Q 832 -4.48 15.64 30.42
N ASN Q 833 -4.12 15.06 31.58
CA ASN Q 833 -3.16 13.96 31.57
C ASN Q 833 -3.60 12.87 30.62
N LYS Q 834 -4.85 12.42 30.74
CA LYS Q 834 -5.34 11.37 29.85
C LYS Q 834 -5.13 11.76 28.40
N ILE Q 835 -5.49 12.99 28.05
CA ILE Q 835 -5.33 13.44 26.67
C ILE Q 835 -3.89 13.26 26.23
N MET Q 836 -2.94 13.74 27.04
CA MET Q 836 -1.53 13.57 26.70
C MET Q 836 -1.21 12.10 26.51
N ASP Q 837 -1.62 11.26 27.46
CA ASP Q 837 -1.38 9.83 27.32
C ASP Q 837 -2.01 9.31 26.05
N LYS Q 838 -3.27 9.71 25.79
CA LYS Q 838 -3.92 9.31 24.56
C LYS Q 838 -3.10 9.75 23.36
N LEU Q 839 -2.64 11.00 23.38
CA LEU Q 839 -1.84 11.50 22.26
C LEU Q 839 -0.58 10.68 22.09
N ASN Q 840 0.02 10.23 23.20
CA ASN Q 840 1.20 9.38 23.09
C ASN Q 840 0.89 8.13 22.27
N LYS Q 841 -0.24 7.49 22.57
CA LYS Q 841 -0.58 6.26 21.86
C LYS Q 841 -0.80 6.53 20.37
N LEU Q 842 -1.11 7.78 20.02
CA LEU Q 842 -1.27 8.10 18.60
C LEU Q 842 0.09 8.16 17.90
N GLU Q 843 1.13 8.64 18.60
CA GLU Q 843 2.41 8.80 17.93
C GLU Q 843 3.21 7.49 17.92
N LEU Q 844 2.78 6.50 18.69
CA LEU Q 844 3.47 5.22 18.73
C LEU Q 844 2.56 4.09 18.29
N SER R 522 9.68 -42.75 -59.30
CA SER R 522 8.42 -43.15 -58.69
C SER R 522 7.90 -42.06 -57.76
N PRO R 523 7.20 -41.08 -58.34
CA PRO R 523 6.74 -39.94 -57.53
C PRO R 523 5.69 -40.29 -56.48
N GLU R 524 5.01 -41.43 -56.61
CA GLU R 524 3.89 -41.72 -55.73
C GLU R 524 4.34 -41.95 -54.29
N GLN R 525 5.58 -42.39 -54.07
CA GLN R 525 6.08 -42.49 -52.71
C GLN R 525 6.72 -41.20 -52.21
N LEU R 526 6.81 -40.17 -53.06
CA LEU R 526 7.38 -38.89 -52.64
C LEU R 526 6.37 -37.97 -51.98
N LEU R 527 5.08 -38.32 -52.01
CA LEU R 527 4.07 -37.49 -51.36
C LEU R 527 4.30 -37.31 -49.86
N PRO R 528 4.56 -38.37 -49.07
CA PRO R 528 4.76 -38.16 -47.63
C PRO R 528 6.02 -37.39 -47.31
N LEU R 529 6.98 -37.30 -48.22
CA LEU R 529 8.25 -36.62 -47.95
C LEU R 529 8.17 -35.11 -48.21
N TYR R 530 7.05 -34.60 -48.68
CA TYR R 530 6.90 -33.17 -48.89
C TYR R 530 6.87 -32.44 -47.56
N PRO R 531 7.26 -31.17 -47.53
CA PRO R 531 7.29 -30.43 -46.26
C PRO R 531 5.92 -30.36 -45.62
N VAL R 532 5.91 -30.42 -44.29
CA VAL R 532 4.68 -30.40 -43.50
C VAL R 532 4.36 -28.96 -43.15
N THR R 533 3.12 -28.55 -43.45
CA THR R 533 2.67 -27.19 -43.20
C THR R 533 1.50 -27.20 -42.23
N ALA R 534 1.52 -26.27 -41.27
CA ALA R 534 0.37 -26.09 -40.39
C ALA R 534 -0.85 -25.64 -41.17
N THR R 535 -0.67 -24.70 -42.08
CA THR R 535 -1.76 -24.25 -42.94
C THR R 535 -2.04 -25.28 -44.02
N LYS R 536 -3.31 -25.65 -44.18
CA LYS R 536 -3.67 -26.63 -45.19
C LYS R 536 -3.53 -26.05 -46.59
N ILE R 537 -2.92 -26.82 -47.49
CA ILE R 537 -2.71 -26.41 -48.86
C ILE R 537 -3.77 -27.09 -49.71
N TYR R 538 -4.79 -26.34 -50.11
CA TYR R 538 -5.85 -26.86 -50.96
C TYR R 538 -5.55 -26.58 -52.43
N MET R 539 -6.33 -27.22 -53.29
CA MET R 539 -6.15 -27.10 -54.73
C MET R 539 -7.46 -26.64 -55.38
N ASN R 540 -7.33 -25.84 -56.43
CA ASN R 540 -8.47 -25.38 -57.22
C ASN R 540 -8.64 -26.29 -58.42
N LEU R 541 -9.85 -26.80 -58.61
CA LEU R 541 -10.17 -27.69 -59.71
C LEU R 541 -11.41 -27.20 -60.44
N GLY R 542 -11.34 -27.18 -61.77
CA GLY R 542 -12.47 -26.79 -62.58
C GLY R 542 -12.98 -27.91 -63.45
N GLU R 543 -12.07 -28.79 -63.89
CA GLU R 543 -12.43 -29.93 -64.71
C GLU R 543 -12.26 -31.21 -63.91
N PRO R 544 -13.32 -32.00 -63.72
CA PRO R 544 -13.17 -33.25 -62.96
C PRO R 544 -12.15 -34.20 -63.55
N ASP R 545 -12.09 -34.30 -64.88
CA ASP R 545 -11.16 -35.23 -65.52
C ASP R 545 -9.70 -34.85 -65.29
N ALA R 546 -9.44 -33.65 -64.80
CA ALA R 546 -8.08 -33.23 -64.47
C ALA R 546 -7.64 -33.69 -63.09
N ILE R 547 -8.52 -34.34 -62.32
CA ILE R 547 -8.11 -34.79 -61.00
C ILE R 547 -7.07 -35.89 -61.09
N GLU R 548 -7.09 -36.69 -62.17
CA GLU R 548 -6.11 -37.75 -62.32
C GLU R 548 -4.73 -37.21 -62.70
N LYS R 549 -4.69 -36.05 -63.36
CA LYS R 549 -3.40 -35.44 -63.69
C LYS R 549 -2.69 -34.94 -62.44
N TYR R 550 -3.44 -34.42 -61.47
CA TYR R 550 -2.88 -33.79 -60.29
C TYR R 550 -3.03 -34.65 -59.04
N LYS R 551 -3.28 -35.95 -59.20
CA LYS R 551 -3.43 -36.83 -58.05
C LYS R 551 -2.13 -37.00 -57.26
N ASP R 552 -0.98 -36.69 -57.88
CA ASP R 552 0.31 -36.83 -57.23
C ASP R 552 0.82 -35.52 -56.65
N LEU R 553 -0.04 -34.52 -56.49
CA LEU R 553 0.41 -33.30 -55.87
C LEU R 553 0.15 -33.32 -54.37
N PRO R 554 0.99 -32.68 -53.57
CA PRO R 554 0.79 -32.67 -52.10
C PRO R 554 -0.23 -31.63 -51.66
N PHE R 555 -1.49 -31.89 -51.96
CA PHE R 555 -2.59 -31.03 -51.56
C PHE R 555 -3.44 -31.73 -50.51
N ASP R 556 -3.94 -30.97 -49.55
CA ASP R 556 -4.76 -31.51 -48.48
C ASP R 556 -6.23 -31.58 -48.83
N GLY R 557 -6.60 -31.20 -50.04
CA GLY R 557 -7.98 -31.26 -50.48
C GLY R 557 -8.23 -30.29 -51.60
N ILE R 558 -9.46 -30.30 -52.09
CA ILE R 558 -9.92 -29.39 -53.12
C ILE R 558 -10.68 -28.28 -52.41
N GLY R 559 -10.01 -27.14 -52.21
CA GLY R 559 -10.65 -26.01 -51.56
C GLY R 559 -11.62 -25.25 -52.43
N LEU R 560 -11.64 -25.53 -53.74
CA LEU R 560 -12.58 -24.86 -54.65
C LEU R 560 -12.78 -25.76 -55.85
N MET R 561 -13.96 -26.35 -55.96
CA MET R 561 -14.36 -27.12 -57.13
C MET R 561 -15.37 -26.31 -57.92
N ARG R 562 -15.01 -25.95 -59.14
CA ARG R 562 -15.88 -25.15 -60.00
C ARG R 562 -16.75 -26.08 -60.84
N ILE R 563 -18.07 -25.96 -60.66
CA ILE R 563 -19.02 -26.79 -61.39
C ILE R 563 -19.46 -26.06 -62.65
N GLU R 564 -18.85 -24.89 -62.90
CA GLU R 564 -19.19 -24.13 -64.11
C GLU R 564 -18.83 -24.93 -65.36
N PHE R 565 -17.68 -25.60 -65.35
CA PHE R 565 -17.28 -26.40 -66.50
C PHE R 565 -18.23 -27.57 -66.72
N ILE R 566 -18.71 -28.19 -65.63
CA ILE R 566 -19.63 -29.32 -65.76
C ILE R 566 -20.93 -28.86 -66.40
N ILE R 567 -21.48 -27.73 -65.93
CA ILE R 567 -22.74 -27.24 -66.48
C ILE R 567 -22.56 -26.80 -67.93
N THR R 568 -21.42 -26.18 -68.24
CA THR R 568 -21.21 -25.66 -69.58
C THR R 568 -20.98 -26.78 -70.60
N ASP R 569 -20.15 -27.76 -70.25
CA ASP R 569 -19.69 -28.76 -71.23
C ASP R 569 -20.30 -30.13 -71.04
N TRP R 570 -20.80 -30.46 -69.86
CA TRP R 570 -21.45 -31.75 -69.66
C TRP R 570 -22.97 -31.67 -69.70
N VAL R 571 -23.54 -30.47 -69.53
CA VAL R 571 -24.98 -30.28 -69.56
C VAL R 571 -25.42 -29.47 -70.79
N GLN R 572 -24.72 -28.37 -71.07
CA GLN R 572 -25.01 -27.45 -72.17
C GLN R 572 -26.38 -26.78 -72.06
N TYR R 573 -27.15 -27.08 -71.02
CA TYR R 573 -28.52 -26.61 -70.93
C TYR R 573 -28.74 -25.84 -69.63
N HIS R 574 -29.58 -24.81 -69.72
CA HIS R 574 -29.98 -24.07 -68.54
C HIS R 574 -30.79 -24.98 -67.62
N PRO R 575 -30.49 -25.02 -66.32
CA PRO R 575 -31.25 -25.93 -65.42
C PRO R 575 -32.74 -25.66 -65.42
N LEU R 576 -33.15 -24.40 -65.48
CA LEU R 576 -34.58 -24.10 -65.56
C LEU R 576 -35.20 -24.63 -66.85
N TYR R 577 -34.46 -24.56 -67.96
CA TYR R 577 -34.95 -25.13 -69.21
C TYR R 577 -35.12 -26.64 -69.08
N LEU R 578 -34.17 -27.31 -68.43
CA LEU R 578 -34.30 -28.75 -68.22
C LEU R 578 -35.49 -29.07 -67.33
N ILE R 579 -35.74 -28.25 -66.31
CA ILE R 579 -36.92 -28.43 -65.46
C ILE R 579 -38.19 -28.28 -66.28
N GLU R 580 -38.23 -27.27 -67.16
CA GLU R 580 -39.39 -27.09 -68.01
C GLU R 580 -39.59 -28.28 -68.94
N GLN R 581 -38.51 -28.82 -69.50
CA GLN R 581 -38.57 -30.01 -70.32
C GLN R 581 -38.61 -31.29 -69.50
N GLY R 582 -38.58 -31.20 -68.18
CA GLY R 582 -38.60 -32.38 -67.34
C GLY R 582 -37.34 -33.22 -67.43
N LYS R 583 -36.17 -32.57 -67.52
CA LYS R 583 -34.91 -33.30 -67.62
C LYS R 583 -33.99 -32.93 -66.47
N GLU R 584 -34.55 -32.84 -65.25
CA GLU R 584 -33.73 -32.59 -64.07
C GLU R 584 -32.73 -33.72 -63.84
N SER R 585 -33.09 -34.94 -64.25
CA SER R 585 -32.24 -36.09 -64.01
C SER R 585 -30.88 -35.93 -64.70
N LEU R 586 -30.87 -35.43 -65.93
CA LEU R 586 -29.61 -35.26 -66.64
C LEU R 586 -28.67 -34.30 -65.90
N PHE R 587 -29.17 -33.13 -65.52
CA PHE R 587 -28.35 -32.15 -64.81
C PHE R 587 -27.86 -32.71 -63.48
N ILE R 588 -28.75 -33.31 -62.70
CA ILE R 588 -28.38 -33.85 -61.40
C ILE R 588 -27.33 -34.95 -61.56
N ASP R 589 -27.53 -35.84 -62.54
CA ASP R 589 -26.62 -36.96 -62.72
C ASP R 589 -25.26 -36.51 -63.21
N LYS R 590 -25.21 -35.51 -64.10
CA LYS R 590 -23.90 -35.03 -64.55
C LYS R 590 -23.14 -34.35 -63.42
N LEU R 591 -23.81 -33.51 -62.63
CA LEU R 591 -23.14 -32.92 -61.48
C LEU R 591 -22.69 -33.98 -60.50
N ALA R 592 -23.54 -34.99 -60.25
CA ALA R 592 -23.19 -36.05 -59.32
C ALA R 592 -22.00 -36.84 -59.83
N GLU R 593 -21.96 -37.13 -61.13
CA GLU R 593 -20.83 -37.88 -61.69
C GLU R 593 -19.53 -37.11 -61.53
N GLY R 594 -19.53 -35.83 -61.88
CA GLY R 594 -18.31 -35.05 -61.74
C GLY R 594 -17.85 -34.94 -60.29
N ILE R 595 -18.77 -34.59 -59.39
CA ILE R 595 -18.41 -34.40 -57.99
C ILE R 595 -17.98 -35.71 -57.37
N ALA R 596 -18.65 -36.82 -57.72
CA ALA R 596 -18.28 -38.13 -57.18
C ALA R 596 -16.90 -38.56 -57.68
N LYS R 597 -16.61 -38.31 -58.96
CA LYS R 597 -15.27 -38.62 -59.46
C LYS R 597 -14.21 -37.86 -58.70
N VAL R 598 -14.41 -36.54 -58.52
CA VAL R 598 -13.42 -35.75 -57.81
C VAL R 598 -13.28 -36.20 -56.36
N ALA R 599 -14.40 -36.49 -55.69
CA ALA R 599 -14.36 -36.86 -54.28
C ALA R 599 -13.70 -38.23 -54.08
N GLN R 600 -14.05 -39.20 -54.92
CA GLN R 600 -13.48 -40.53 -54.80
C GLN R 600 -12.01 -40.53 -55.18
N ALA R 601 -11.60 -39.65 -56.09
CA ALA R 601 -10.19 -39.61 -56.49
C ALA R 601 -9.28 -39.19 -55.34
N ILE R 602 -9.78 -38.40 -54.39
CA ILE R 602 -8.96 -37.87 -53.32
C ILE R 602 -9.53 -38.19 -51.94
N TYR R 603 -10.38 -39.21 -51.83
CA TYR R 603 -10.94 -39.57 -50.54
C TYR R 603 -9.82 -39.99 -49.59
N PRO R 604 -9.88 -39.59 -48.31
CA PRO R 604 -10.93 -38.82 -47.65
C PRO R 604 -10.69 -37.32 -47.59
N ARG R 605 -9.83 -36.77 -48.45
CA ARG R 605 -9.58 -35.33 -48.42
C ARG R 605 -10.84 -34.58 -48.86
N PRO R 606 -11.18 -33.47 -48.21
CA PRO R 606 -12.43 -32.79 -48.51
C PRO R 606 -12.43 -32.17 -49.91
N VAL R 607 -13.62 -32.13 -50.50
CA VAL R 607 -13.86 -31.47 -51.77
C VAL R 607 -14.92 -30.40 -51.52
N VAL R 608 -14.52 -29.14 -51.59
CA VAL R 608 -15.43 -28.01 -51.36
C VAL R 608 -15.99 -27.61 -52.72
N VAL R 609 -17.20 -28.06 -53.02
CA VAL R 609 -17.87 -27.74 -54.27
C VAL R 609 -18.50 -26.37 -54.16
N ARG R 610 -18.21 -25.51 -55.14
CA ARG R 610 -18.85 -24.21 -55.23
C ARG R 610 -20.12 -24.31 -56.04
N PHE R 611 -21.19 -23.69 -55.54
CA PHE R 611 -22.45 -23.66 -56.27
C PHE R 611 -22.28 -22.82 -57.53
N SER R 612 -23.36 -22.73 -58.32
CA SER R 612 -23.31 -22.06 -59.61
C SER R 612 -22.87 -20.61 -59.48
N ASP R 613 -21.68 -20.31 -60.01
CA ASP R 613 -21.10 -18.97 -59.95
C ASP R 613 -21.31 -18.19 -61.24
N PHE R 614 -22.19 -18.67 -62.13
CA PHE R 614 -22.42 -18.01 -63.39
C PHE R 614 -23.08 -16.64 -63.18
N LYS R 615 -22.82 -15.74 -64.13
CA LYS R 615 -23.54 -14.48 -64.21
C LYS R 615 -24.72 -14.65 -65.17
N THR R 616 -25.57 -13.61 -65.26
CA THR R 616 -26.72 -13.70 -66.14
C THR R 616 -26.29 -13.84 -67.60
N ASN R 617 -25.27 -13.07 -68.00
CA ASN R 617 -24.75 -13.20 -69.36
C ASN R 617 -24.11 -14.57 -69.58
N GLU R 618 -23.41 -15.09 -68.58
CA GLU R 618 -22.87 -16.44 -68.68
C GLU R 618 -23.98 -17.49 -68.70
N TYR R 619 -25.06 -17.24 -67.95
CA TYR R 619 -26.19 -18.15 -67.96
C TYR R 619 -26.86 -18.17 -69.32
N ARG R 620 -26.94 -17.02 -69.99
CA ARG R 620 -27.55 -16.97 -71.32
C ARG R 620 -26.78 -17.79 -72.34
N GLY R 621 -25.50 -18.06 -72.10
CA GLY R 621 -24.74 -18.92 -73.00
C GLY R 621 -25.24 -20.35 -73.03
N LEU R 622 -25.92 -20.80 -71.98
CA LEU R 622 -26.51 -22.13 -71.97
C LEU R 622 -27.70 -22.19 -72.92
N LYS R 623 -27.98 -23.40 -73.39
CA LYS R 623 -29.10 -23.60 -74.31
C LYS R 623 -30.42 -23.37 -73.59
N GLY R 624 -31.29 -22.56 -74.19
CA GLY R 624 -32.58 -22.27 -73.61
C GLY R 624 -32.56 -21.31 -72.44
N GLY R 625 -31.41 -20.68 -72.15
CA GLY R 625 -31.29 -19.76 -71.05
C GLY R 625 -31.75 -18.35 -71.32
N GLU R 626 -32.07 -18.02 -72.56
CA GLU R 626 -32.51 -16.66 -72.87
C GLU R 626 -33.86 -16.34 -72.24
N LYS R 627 -34.72 -17.34 -72.07
CA LYS R 627 -36.05 -17.09 -71.52
C LYS R 627 -36.02 -16.86 -70.01
N TYR R 628 -34.98 -17.31 -69.31
CA TYR R 628 -34.94 -17.24 -67.87
C TYR R 628 -33.95 -16.22 -67.33
N GLU R 629 -33.10 -15.65 -68.17
CA GLU R 629 -32.07 -14.72 -67.74
C GLU R 629 -32.37 -13.33 -68.27
N PRO R 630 -32.72 -12.37 -67.42
CA PRO R 630 -32.94 -11.00 -67.90
C PRO R 630 -31.64 -10.33 -68.29
N GLU R 631 -31.74 -9.41 -69.23
CA GLU R 631 -30.57 -8.63 -69.63
C GLU R 631 -30.21 -7.64 -68.54
N GLU R 632 -29.01 -7.76 -68.00
CA GLU R 632 -28.60 -6.92 -66.88
C GLU R 632 -27.47 -6.01 -67.29
N ARG R 633 -27.57 -4.76 -66.83
CA ARG R 633 -26.55 -3.76 -67.06
C ARG R 633 -25.26 -4.11 -66.31
N ASN R 634 -25.36 -4.59 -65.06
CA ASN R 634 -24.18 -5.05 -64.31
C ASN R 634 -24.42 -6.41 -63.69
N PRO R 635 -24.32 -7.49 -64.48
CA PRO R 635 -24.40 -8.83 -63.88
C PRO R 635 -23.28 -9.12 -62.89
N MET R 636 -22.14 -8.42 -63.01
CA MET R 636 -21.04 -8.61 -62.07
C MET R 636 -21.49 -8.34 -60.65
N ILE R 637 -22.34 -7.35 -60.45
CA ILE R 637 -22.94 -7.09 -59.15
C ILE R 637 -24.44 -7.25 -59.29
N GLY R 638 -24.86 -8.14 -60.19
CA GLY R 638 -26.27 -8.36 -60.46
C GLY R 638 -26.82 -9.57 -59.74
N TRP R 639 -27.86 -10.15 -60.35
CA TRP R 639 -28.57 -11.31 -59.78
C TRP R 639 -27.71 -12.55 -59.95
N ARG R 640 -26.93 -12.87 -58.92
CA ARG R 640 -26.04 -14.02 -58.96
C ARG R 640 -25.78 -14.49 -57.54
N GLY R 641 -25.27 -15.71 -57.43
CA GLY R 641 -24.92 -16.23 -56.12
C GLY R 641 -26.14 -16.59 -55.31
N VAL R 642 -26.04 -16.37 -53.99
CA VAL R 642 -27.11 -16.74 -53.08
C VAL R 642 -28.39 -15.98 -53.41
N SER R 643 -28.25 -14.72 -53.80
CA SER R 643 -29.42 -13.93 -54.23
C SER R 643 -30.17 -14.64 -55.34
N ARG R 644 -29.46 -15.35 -56.22
CA ARG R 644 -30.12 -16.12 -57.25
C ARG R 644 -30.74 -17.40 -56.69
N TYR R 645 -30.07 -18.04 -55.74
CA TYR R 645 -30.53 -19.34 -55.25
C TYR R 645 -31.84 -19.21 -54.48
N ILE R 646 -31.95 -18.19 -53.61
CA ILE R 646 -33.14 -18.03 -52.79
C ILE R 646 -34.31 -17.43 -53.56
N HIS R 647 -34.06 -16.88 -54.75
CA HIS R 647 -35.15 -16.34 -55.54
C HIS R 647 -36.07 -17.46 -56.02
N PRO R 648 -37.38 -17.26 -55.98
CA PRO R 648 -38.29 -18.34 -56.37
C PRO R 648 -38.11 -18.80 -57.81
N LYS R 649 -37.66 -17.92 -58.70
CA LYS R 649 -37.52 -18.29 -60.12
C LYS R 649 -36.41 -19.33 -60.30
N TYR R 650 -35.25 -19.10 -59.69
CA TYR R 650 -34.13 -20.02 -59.83
C TYR R 650 -34.07 -21.05 -58.70
N GLU R 651 -34.95 -20.95 -57.71
CA GLU R 651 -34.92 -21.90 -56.60
C GLU R 651 -34.95 -23.36 -57.03
N PRO R 652 -35.76 -23.78 -58.02
CA PRO R 652 -35.68 -25.19 -58.45
C PRO R 652 -34.30 -25.60 -58.94
N ALA R 653 -33.57 -24.72 -59.62
CA ALA R 653 -32.23 -25.07 -60.07
C ALA R 653 -31.26 -25.25 -58.90
N PHE R 654 -31.35 -24.37 -57.91
CA PHE R 654 -30.54 -24.55 -56.70
C PHE R 654 -30.92 -25.84 -55.99
N ARG R 655 -32.21 -26.18 -55.99
CA ARG R 655 -32.63 -27.45 -55.41
C ARG R 655 -32.07 -28.63 -56.18
N LEU R 656 -31.97 -28.52 -57.51
CA LEU R 656 -31.32 -29.57 -58.30
C LEU R 656 -29.85 -29.72 -57.92
N GLU R 657 -29.16 -28.59 -57.74
CA GLU R 657 -27.76 -28.66 -57.33
C GLU R 657 -27.62 -29.31 -55.95
N VAL R 658 -28.49 -28.94 -55.01
CA VAL R 658 -28.45 -29.53 -53.68
C VAL R 658 -28.78 -31.01 -53.73
N ARG R 659 -29.70 -31.40 -54.62
CA ARG R 659 -30.03 -32.80 -54.79
C ARG R 659 -28.84 -33.59 -55.34
N ALA R 660 -28.10 -33.00 -56.28
CA ALA R 660 -26.89 -33.64 -56.78
C ALA R 660 -25.86 -33.82 -55.67
N ILE R 661 -25.67 -32.79 -54.85
CA ILE R 661 -24.73 -32.89 -53.73
C ILE R 661 -25.19 -33.97 -52.75
N LYS R 662 -26.48 -34.02 -52.45
CA LYS R 662 -27.01 -35.03 -51.54
C LYS R 662 -26.84 -36.43 -52.10
N LYS R 663 -27.05 -36.60 -53.42
CA LYS R 663 -26.84 -37.90 -54.05
C LYS R 663 -25.38 -38.32 -53.95
N VAL R 664 -24.45 -37.38 -54.16
CA VAL R 664 -23.04 -37.71 -54.00
C VAL R 664 -22.74 -38.12 -52.56
N ARG R 665 -23.30 -37.38 -51.59
CA ARG R 665 -22.95 -37.62 -50.20
C ARG R 665 -23.60 -38.90 -49.65
N GLU R 666 -24.72 -39.32 -50.23
CA GLU R 666 -25.50 -40.43 -49.70
C GLU R 666 -25.46 -41.67 -50.57
N GLU R 667 -25.82 -41.56 -51.85
CA GLU R 667 -25.84 -42.71 -52.73
C GLU R 667 -24.44 -43.31 -52.89
N MET R 668 -23.44 -42.46 -53.07
CA MET R 668 -22.05 -42.91 -53.14
C MET R 668 -21.35 -42.88 -51.80
N GLY R 669 -21.99 -42.37 -50.75
CA GLY R 669 -21.39 -42.35 -49.43
C GLY R 669 -20.15 -41.50 -49.31
N LEU R 670 -19.97 -40.53 -50.21
CA LEU R 670 -18.77 -39.67 -50.19
C LEU R 670 -19.02 -38.54 -49.20
N THR R 671 -18.65 -38.80 -47.95
CA THR R 671 -18.87 -37.82 -46.89
C THR R 671 -18.00 -36.57 -47.06
N ASN R 672 -16.86 -36.71 -47.72
CA ASN R 672 -15.88 -35.63 -47.84
C ASN R 672 -16.36 -34.48 -48.74
N VAL R 673 -17.60 -34.44 -49.20
CA VAL R 673 -18.07 -33.37 -50.07
C VAL R 673 -18.70 -32.27 -49.21
N TRP R 674 -18.15 -31.08 -49.28
CA TRP R 674 -18.69 -29.89 -48.62
C TRP R 674 -19.14 -28.92 -49.70
N VAL R 675 -19.88 -27.89 -49.28
CA VAL R 675 -20.40 -26.90 -50.22
C VAL R 675 -19.98 -25.51 -49.77
N MET R 676 -19.81 -24.61 -50.74
CA MET R 676 -19.60 -23.21 -50.45
C MET R 676 -20.59 -22.38 -51.26
N PHE R 677 -21.14 -21.35 -50.62
CA PHE R 677 -22.09 -20.46 -51.25
C PHE R 677 -21.35 -19.28 -51.87
N PRO R 678 -21.39 -19.10 -53.18
CA PRO R 678 -20.66 -18.00 -53.80
C PRO R 678 -21.44 -16.69 -53.74
N PHE R 679 -20.69 -15.60 -53.54
CA PHE R 679 -21.21 -14.24 -53.62
C PHE R 679 -22.35 -14.01 -52.62
N VAL R 680 -22.01 -14.20 -51.35
CA VAL R 680 -22.96 -14.01 -50.26
C VAL R 680 -23.04 -12.54 -49.92
N ARG R 681 -24.25 -12.01 -49.86
CA ARG R 681 -24.49 -10.59 -49.65
C ARG R 681 -25.00 -10.26 -48.25
N THR R 682 -26.06 -10.93 -47.81
CA THR R 682 -26.71 -10.62 -46.55
C THR R 682 -26.94 -11.89 -45.74
N THR R 683 -27.12 -11.71 -44.43
CA THR R 683 -27.31 -12.85 -43.53
C THR R 683 -28.64 -13.54 -43.79
N TRP R 684 -29.71 -12.77 -44.05
CA TRP R 684 -31.02 -13.37 -44.25
C TRP R 684 -31.05 -14.23 -45.52
N GLU R 685 -30.37 -13.78 -46.57
CA GLU R 685 -30.28 -14.62 -47.77
C GLU R 685 -29.52 -15.91 -47.50
N LEU R 686 -28.48 -15.84 -46.67
CA LEU R 686 -27.72 -17.03 -46.32
C LEU R 686 -28.58 -18.01 -45.51
N GLU R 687 -29.36 -17.49 -44.57
CA GLU R 687 -30.22 -18.37 -43.79
C GLU R 687 -31.35 -18.94 -44.64
N ARG R 688 -31.85 -18.18 -45.62
CA ARG R 688 -32.86 -18.72 -46.53
C ARG R 688 -32.26 -19.84 -47.40
N ALA R 689 -31.05 -19.65 -47.88
CA ALA R 689 -30.38 -20.73 -48.62
C ALA R 689 -30.15 -21.95 -47.74
N LEU R 690 -29.77 -21.73 -46.47
CA LEU R 690 -29.56 -22.85 -45.56
C LEU R 690 -30.85 -23.61 -45.30
N LYS R 691 -31.97 -22.90 -45.10
CA LYS R 691 -33.24 -23.60 -44.90
C LYS R 691 -33.72 -24.28 -46.16
N ILE R 692 -33.43 -23.73 -47.34
CA ILE R 692 -33.73 -24.44 -48.58
C ILE R 692 -32.92 -25.73 -48.66
N MET R 693 -31.64 -25.68 -48.29
CA MET R 693 -30.82 -26.88 -48.26
C MET R 693 -31.38 -27.90 -47.27
N GLU R 694 -31.81 -27.43 -46.10
CA GLU R 694 -32.39 -28.32 -45.10
C GLU R 694 -33.66 -28.99 -45.61
N GLU R 695 -34.49 -28.23 -46.35
CA GLU R 695 -35.69 -28.82 -46.93
C GLU R 695 -35.36 -29.93 -47.91
N GLU R 696 -34.16 -29.91 -48.48
CA GLU R 696 -33.71 -30.96 -49.39
C GLU R 696 -32.96 -32.07 -48.67
N GLY R 697 -32.89 -32.04 -47.34
CA GLY R 697 -32.21 -33.05 -46.57
C GLY R 697 -30.73 -32.84 -46.40
N LEU R 698 -30.18 -31.73 -46.88
CA LEU R 698 -28.76 -31.41 -46.73
C LEU R 698 -28.63 -30.43 -45.57
N LYS R 699 -28.13 -30.94 -44.44
CA LYS R 699 -28.05 -30.16 -43.22
C LYS R 699 -26.61 -30.04 -42.76
N ARG R 700 -26.24 -28.85 -42.29
CA ARG R 700 -24.91 -28.62 -41.74
C ARG R 700 -24.71 -29.46 -40.50
N GLY R 701 -23.56 -30.12 -40.42
CA GLY R 701 -23.28 -30.99 -39.30
C GLY R 701 -21.79 -31.27 -39.17
N LYS R 702 -21.48 -32.30 -38.38
CA LYS R 702 -20.09 -32.68 -38.17
C LYS R 702 -19.46 -33.26 -39.43
N ASP R 703 -20.24 -33.95 -40.26
CA ASP R 703 -19.75 -34.56 -41.48
C ASP R 703 -20.03 -33.70 -42.72
N PHE R 704 -20.62 -32.53 -42.55
CA PHE R 704 -20.97 -31.66 -43.67
C PHE R 704 -20.63 -30.22 -43.30
N LYS R 705 -19.72 -29.62 -44.04
CA LYS R 705 -19.29 -28.24 -43.80
C LYS R 705 -19.89 -27.33 -44.87
N VAL R 706 -20.34 -26.15 -44.44
CA VAL R 706 -20.88 -25.13 -45.33
C VAL R 706 -20.01 -23.89 -45.21
N TRP R 707 -19.51 -23.41 -46.35
CA TRP R 707 -18.67 -22.23 -46.40
C TRP R 707 -19.39 -21.11 -47.13
N ALA R 708 -18.93 -19.88 -46.93
CA ALA R 708 -19.46 -18.71 -47.62
C ALA R 708 -18.30 -17.97 -48.26
N MET R 709 -18.45 -17.63 -49.55
CA MET R 709 -17.43 -16.85 -50.23
C MET R 709 -17.37 -15.44 -49.65
N ALA R 710 -16.18 -15.04 -49.23
CA ALA R 710 -15.96 -13.70 -48.69
C ALA R 710 -15.43 -12.78 -49.78
N GLU R 711 -16.29 -12.56 -50.79
CA GLU R 711 -15.95 -11.70 -51.90
C GLU R 711 -16.79 -10.43 -51.96
N VAL R 712 -17.63 -10.19 -50.97
CA VAL R 712 -18.46 -8.98 -50.90
C VAL R 712 -18.06 -8.19 -49.67
N PRO R 713 -17.93 -6.86 -49.77
CA PRO R 713 -17.52 -6.08 -48.59
C PRO R 713 -18.47 -6.19 -47.41
N SER R 714 -19.74 -6.55 -47.64
CA SER R 714 -20.63 -6.80 -46.52
C SER R 714 -20.14 -7.96 -45.66
N ILE R 715 -19.56 -8.99 -46.29
CA ILE R 715 -18.94 -10.08 -45.54
C ILE R 715 -17.76 -9.55 -44.75
N VAL R 716 -16.99 -8.63 -45.35
CA VAL R 716 -15.86 -8.04 -44.64
C VAL R 716 -16.32 -7.33 -43.38
N LEU R 717 -17.40 -6.56 -43.49
CA LEU R 717 -17.85 -5.76 -42.36
C LEU R 717 -18.59 -6.59 -41.31
N LEU R 718 -19.23 -7.68 -41.71
CA LEU R 718 -20.06 -8.47 -40.82
C LEU R 718 -19.68 -9.95 -40.84
N ALA R 719 -18.38 -10.25 -40.90
CA ALA R 719 -17.95 -11.64 -40.90
C ALA R 719 -18.34 -12.34 -39.61
N ASP R 720 -18.19 -11.66 -38.48
CA ASP R 720 -18.57 -12.25 -37.19
C ASP R 720 -20.06 -12.56 -37.13
N LYS R 721 -20.89 -11.76 -37.82
CA LYS R 721 -22.32 -12.05 -37.86
C LYS R 721 -22.62 -13.21 -38.79
N PHE R 722 -21.93 -13.30 -39.93
CA PHE R 722 -22.13 -14.39 -40.86
C PHE R 722 -21.63 -15.72 -40.32
N ALA R 723 -20.71 -15.70 -39.37
CA ALA R 723 -20.10 -16.94 -38.88
C ALA R 723 -21.10 -17.83 -38.16
N GLU R 724 -22.23 -17.30 -37.69
CA GLU R 724 -23.21 -18.14 -37.02
C GLU R 724 -23.93 -19.08 -37.97
N TYR R 725 -23.84 -18.84 -39.28
CA TYR R 725 -24.57 -19.63 -40.26
C TYR R 725 -23.70 -20.61 -41.03
N VAL R 726 -22.39 -20.39 -41.09
CA VAL R 726 -21.50 -21.22 -41.90
C VAL R 726 -20.36 -21.72 -41.02
N ASP R 727 -19.77 -22.83 -41.45
CA ASP R 727 -18.63 -23.39 -40.71
C ASP R 727 -17.36 -22.58 -40.95
N GLY R 728 -17.24 -21.95 -42.12
CA GLY R 728 -16.06 -21.17 -42.42
C GLY R 728 -16.30 -20.26 -43.61
N PHE R 729 -15.27 -19.49 -43.93
CA PHE R 729 -15.31 -18.55 -45.05
C PHE R 729 -14.18 -18.85 -46.02
N SER R 730 -14.48 -18.65 -47.30
CA SER R 730 -13.47 -18.74 -48.37
C SER R 730 -13.35 -17.36 -49.00
N ILE R 731 -12.16 -16.78 -48.92
CA ILE R 731 -11.92 -15.42 -49.42
C ILE R 731 -11.68 -15.50 -50.92
N GLY R 732 -12.63 -15.00 -51.69
CA GLY R 732 -12.47 -14.89 -53.13
C GLY R 732 -11.70 -13.65 -53.50
N SER R 733 -10.37 -13.68 -53.31
CA SER R 733 -9.55 -12.50 -53.45
C SER R 733 -9.72 -11.82 -54.81
N ASN R 734 -9.93 -12.61 -55.88
CA ASN R 734 -10.13 -12.04 -57.19
C ASN R 734 -11.36 -11.13 -57.22
N ASP R 735 -12.49 -11.64 -56.73
CA ASP R 735 -13.71 -10.84 -56.67
C ASP R 735 -13.69 -9.87 -55.50
N LEU R 736 -13.05 -10.24 -54.39
CA LEU R 736 -12.99 -9.35 -53.23
C LEU R 736 -12.24 -8.06 -53.55
N THR R 737 -11.12 -8.17 -54.26
CA THR R 737 -10.39 -6.98 -54.66
C THR R 737 -11.23 -6.10 -55.58
N GLN R 738 -11.94 -6.73 -56.53
CA GLN R 738 -12.78 -5.99 -57.46
C GLN R 738 -13.87 -5.22 -56.73
N LEU R 739 -14.52 -5.87 -55.75
CA LEU R 739 -15.62 -5.22 -55.05
C LEU R 739 -15.14 -4.19 -54.04
N ILE R 740 -14.02 -4.45 -53.36
CA ILE R 740 -13.48 -3.50 -52.41
C ILE R 740 -13.01 -2.24 -53.12
N LEU R 741 -12.30 -2.40 -54.24
CA LEU R 741 -11.83 -1.26 -55.00
C LEU R 741 -12.88 -0.71 -55.96
N GLY R 742 -13.98 -1.42 -56.18
CA GLY R 742 -14.98 -0.95 -57.12
C GLY R 742 -14.49 -0.86 -58.54
N ALA R 743 -13.68 -1.82 -58.97
CA ALA R 743 -13.12 -1.84 -60.32
C ALA R 743 -13.30 -3.23 -60.92
N ASP R 744 -13.50 -3.28 -62.23
CA ASP R 744 -13.77 -4.52 -62.95
C ASP R 744 -12.58 -4.84 -63.86
N ARG R 745 -12.11 -6.09 -63.80
CA ARG R 745 -10.81 -6.45 -64.35
C ARG R 745 -10.77 -6.42 -65.87
N ASP R 746 -11.81 -6.87 -66.56
CA ASP R 746 -11.75 -6.98 -68.02
C ASP R 746 -11.62 -5.62 -68.69
N SER R 747 -11.88 -4.53 -67.98
CA SER R 747 -11.61 -3.19 -68.49
C SER R 747 -10.10 -3.00 -68.58
N ASN R 748 -9.58 -2.91 -69.80
CA ASN R 748 -8.14 -2.81 -69.98
C ASN R 748 -7.58 -1.52 -69.42
N ILE R 749 -8.36 -0.45 -69.43
CA ILE R 749 -7.89 0.84 -68.92
C ILE R 749 -7.58 0.73 -67.43
N LEU R 750 -8.51 0.16 -66.66
CA LEU R 750 -8.29 0.02 -65.22
C LEU R 750 -7.15 -0.94 -64.92
N ALA R 751 -7.03 -2.01 -65.72
CA ALA R 751 -5.94 -2.96 -65.52
C ALA R 751 -4.58 -2.33 -65.78
N GLU R 752 -4.50 -1.47 -66.80
CA GLU R 752 -3.22 -0.84 -67.14
C GLU R 752 -2.71 0.05 -66.00
N MET R 753 -3.62 0.75 -65.32
CA MET R 753 -3.20 1.62 -64.22
C MET R 753 -2.71 0.84 -63.00
N GLY R 754 -2.89 -0.47 -62.96
CA GLY R 754 -2.43 -1.25 -61.84
C GLY R 754 -3.38 -1.31 -60.67
N TYR R 755 -4.67 -1.07 -60.90
CA TYR R 755 -5.64 -1.12 -59.80
C TYR R 755 -5.74 -2.51 -59.21
N PHE R 756 -5.72 -3.54 -60.05
CA PHE R 756 -6.03 -4.90 -59.62
C PHE R 756 -4.79 -5.58 -59.04
N ASP R 757 -4.26 -4.95 -58.01
CA ASP R 757 -3.17 -5.49 -57.20
C ASP R 757 -3.77 -5.96 -55.88
N GLU R 758 -3.70 -7.27 -55.65
CA GLU R 758 -4.23 -7.83 -54.41
C GLU R 758 -3.38 -7.46 -53.20
N ARG R 759 -2.21 -6.87 -53.41
CA ARG R 759 -1.40 -6.29 -52.34
C ARG R 759 -1.88 -4.91 -51.92
N ASP R 760 -3.04 -4.48 -52.41
CA ASP R 760 -3.55 -3.16 -52.05
C ASP R 760 -3.83 -3.10 -50.56
N PRO R 761 -3.55 -1.96 -49.91
CA PRO R 761 -3.80 -1.87 -48.46
C PRO R 761 -5.25 -2.10 -48.07
N ALA R 762 -6.19 -1.66 -48.90
CA ALA R 762 -7.60 -1.88 -48.58
C ALA R 762 -7.96 -3.37 -48.61
N VAL R 763 -7.48 -4.09 -49.62
CA VAL R 763 -7.76 -5.52 -49.70
C VAL R 763 -7.12 -6.25 -48.53
N LEU R 764 -5.89 -5.88 -48.18
CA LEU R 764 -5.23 -6.51 -47.04
C LEU R 764 -5.97 -6.23 -45.74
N ALA R 765 -6.43 -5.00 -45.55
CA ALA R 765 -7.19 -4.67 -44.35
C ALA R 765 -8.50 -5.45 -44.30
N GLY R 766 -9.18 -5.59 -45.44
CA GLY R 766 -10.40 -6.36 -45.47
C GLY R 766 -10.17 -7.83 -45.14
N ILE R 767 -9.10 -8.41 -45.70
CA ILE R 767 -8.77 -9.80 -45.42
C ILE R 767 -8.44 -9.97 -43.93
N LYS R 768 -7.68 -9.05 -43.37
CA LYS R 768 -7.34 -9.10 -41.96
C LYS R 768 -8.59 -9.04 -41.09
N MET R 769 -9.52 -8.14 -41.44
CA MET R 769 -10.77 -8.03 -40.69
C MET R 769 -11.59 -9.31 -40.78
N ILE R 770 -11.67 -9.89 -41.98
CA ILE R 770 -12.40 -11.15 -42.14
C ILE R 770 -11.80 -12.23 -41.27
N ILE R 771 -10.48 -12.36 -41.30
CA ILE R 771 -9.80 -13.41 -40.53
C ILE R 771 -10.02 -13.20 -39.04
N GLU R 772 -9.88 -11.96 -38.57
CA GLU R 772 -10.05 -11.68 -37.15
C GLU R 772 -11.47 -11.98 -36.69
N LYS R 773 -12.48 -11.54 -37.46
CA LYS R 773 -13.85 -11.77 -37.07
C LYS R 773 -14.18 -13.26 -37.08
N ALA R 774 -13.77 -13.98 -38.13
CA ALA R 774 -14.09 -15.39 -38.22
C ALA R 774 -13.43 -16.18 -37.10
N HIS R 775 -12.18 -15.86 -36.77
CA HIS R 775 -11.52 -16.56 -35.67
C HIS R 775 -12.06 -16.14 -34.31
N SER R 776 -12.58 -14.92 -34.18
CA SER R 776 -13.28 -14.55 -32.96
C SER R 776 -14.57 -15.32 -32.79
N LYS R 777 -15.25 -15.66 -33.89
CA LYS R 777 -16.44 -16.48 -33.83
C LYS R 777 -16.16 -17.95 -34.10
N GLY R 778 -14.90 -18.36 -34.14
CA GLY R 778 -14.56 -19.76 -34.28
C GLY R 778 -14.79 -20.36 -35.64
N ALA R 779 -14.81 -19.54 -36.69
CA ALA R 779 -15.00 -20.03 -38.06
C ALA R 779 -13.66 -20.07 -38.78
N THR R 780 -13.49 -21.11 -39.60
CA THR R 780 -12.27 -21.25 -40.38
C THR R 780 -12.25 -20.25 -41.53
N VAL R 781 -11.04 -19.88 -41.96
CA VAL R 781 -10.84 -18.94 -43.06
C VAL R 781 -10.00 -19.61 -44.13
N SER R 782 -10.46 -19.52 -45.38
CA SER R 782 -9.72 -20.02 -46.52
C SER R 782 -9.65 -18.92 -47.58
N ILE R 783 -8.69 -19.04 -48.48
CA ILE R 783 -8.54 -18.13 -49.60
C ILE R 783 -8.37 -18.96 -50.88
N CYS R 784 -9.13 -18.62 -51.92
CA CYS R 784 -9.09 -19.31 -53.20
C CYS R 784 -9.02 -18.23 -54.29
N GLY R 785 -7.80 -17.83 -54.63
CA GLY R 785 -7.60 -16.81 -55.64
C GLY R 785 -6.19 -16.89 -56.19
N GLN R 786 -5.89 -15.95 -57.08
CA GLN R 786 -4.57 -15.91 -57.71
C GLN R 786 -3.53 -15.17 -56.87
N ALA R 787 -3.95 -14.50 -55.79
CA ALA R 787 -2.99 -13.78 -54.96
C ALA R 787 -1.94 -14.67 -54.34
N PRO R 788 -2.27 -15.79 -53.68
CA PRO R 788 -1.20 -16.64 -53.12
C PRO R 788 -0.36 -17.33 -54.18
N SER R 789 -0.85 -17.45 -55.41
CA SER R 789 -0.12 -18.16 -56.45
C SER R 789 1.06 -17.36 -56.99
N VAL R 790 0.98 -16.02 -56.95
CA VAL R 790 1.97 -15.17 -57.59
C VAL R 790 2.75 -14.32 -56.59
N TYR R 791 2.10 -13.85 -55.51
CA TYR R 791 2.76 -12.94 -54.60
C TYR R 791 3.15 -13.65 -53.31
N PRO R 792 4.44 -13.87 -53.06
CA PRO R 792 4.85 -14.48 -51.79
C PRO R 792 4.49 -13.65 -50.56
N GLU R 793 4.51 -12.32 -50.68
CA GLU R 793 4.18 -11.47 -49.54
C GLU R 793 2.72 -11.62 -49.12
N ILE R 794 1.81 -11.85 -50.07
CA ILE R 794 0.42 -12.15 -49.72
C ILE R 794 0.36 -13.42 -48.88
N VAL R 795 1.12 -14.45 -49.27
CA VAL R 795 1.14 -15.69 -48.51
C VAL R 795 1.69 -15.45 -47.11
N GLU R 796 2.76 -14.66 -47.00
CA GLU R 796 3.34 -14.37 -45.70
C GLU R 796 2.34 -13.64 -44.81
N PHE R 797 1.65 -12.65 -45.36
CA PHE R 797 0.66 -11.91 -44.59
C PHE R 797 -0.50 -12.81 -44.16
N LEU R 798 -0.95 -13.69 -45.05
CA LEU R 798 -2.04 -14.59 -44.72
C LEU R 798 -1.66 -15.54 -43.60
N VAL R 799 -0.45 -16.12 -43.68
CA VAL R 799 -0.01 -17.05 -42.65
C VAL R 799 0.20 -16.34 -41.33
N GLU R 800 0.72 -15.11 -41.37
CA GLU R 800 0.88 -14.33 -40.15
C GLU R 800 -0.48 -14.03 -39.52
N ALA R 801 -1.47 -13.68 -40.34
CA ALA R 801 -2.81 -13.44 -39.82
C ALA R 801 -3.43 -14.69 -39.23
N GLY R 802 -2.97 -15.88 -39.62
CA GLY R 802 -3.47 -17.12 -39.07
C GLY R 802 -4.56 -17.76 -39.90
N ILE R 803 -4.45 -17.65 -41.22
CA ILE R 803 -5.46 -18.25 -42.10
C ILE R 803 -5.39 -19.76 -41.98
N ASP R 804 -6.57 -20.39 -42.03
CA ASP R 804 -6.64 -21.83 -41.79
C ASP R 804 -6.15 -22.64 -42.99
N SER R 805 -6.48 -22.21 -44.20
CA SER R 805 -6.07 -22.94 -45.38
C SER R 805 -5.92 -21.98 -46.55
N ILE R 806 -5.14 -22.41 -47.54
CA ILE R 806 -4.90 -21.64 -48.76
C ILE R 806 -5.16 -22.57 -49.94
N SER R 807 -6.04 -22.15 -50.85
CA SER R 807 -6.38 -22.92 -52.03
C SER R 807 -5.75 -22.25 -53.25
N VAL R 808 -4.93 -22.98 -53.98
CA VAL R 808 -4.19 -22.46 -55.12
C VAL R 808 -4.41 -23.36 -56.32
N ASN R 809 -3.92 -22.90 -57.48
CA ASN R 809 -3.95 -23.69 -58.69
C ASN R 809 -3.01 -24.88 -58.55
N PRO R 810 -3.26 -25.96 -59.30
CA PRO R 810 -2.37 -27.14 -59.17
C PRO R 810 -0.91 -26.85 -59.42
N ASP R 811 -0.59 -26.09 -60.48
CA ASP R 811 0.80 -25.81 -60.80
C ASP R 811 1.50 -24.99 -59.72
N ALA R 812 0.74 -24.33 -58.85
CA ALA R 812 1.30 -23.55 -57.76
C ALA R 812 1.20 -24.27 -56.42
N VAL R 813 0.83 -25.55 -56.40
CA VAL R 813 0.66 -26.26 -55.13
C VAL R 813 2.01 -26.44 -54.44
N ILE R 814 2.93 -27.16 -55.08
CA ILE R 814 4.16 -27.58 -54.42
C ILE R 814 4.91 -26.36 -53.89
N ALA R 815 5.14 -25.36 -54.74
CA ALA R 815 5.84 -24.15 -54.31
C ALA R 815 5.16 -23.55 -53.09
N THR R 816 3.83 -23.42 -53.14
CA THR R 816 3.11 -22.87 -51.99
C THR R 816 3.38 -23.71 -50.74
N ARG R 817 3.32 -25.04 -50.88
CA ARG R 817 3.58 -25.90 -49.74
C ARG R 817 4.96 -25.64 -49.17
N ARG R 818 5.94 -25.37 -50.04
CA ARG R 818 7.24 -24.94 -49.53
C ARG R 818 7.12 -23.59 -48.86
N LEU R 819 6.59 -22.60 -49.57
CA LEU R 819 6.63 -21.22 -49.09
C LEU R 819 5.95 -21.10 -47.73
N VAL R 820 4.70 -21.56 -47.64
CA VAL R 820 3.98 -21.50 -46.38
C VAL R 820 4.82 -22.11 -45.27
N ALA R 821 5.38 -23.29 -45.52
CA ALA R 821 6.19 -23.95 -44.49
C ALA R 821 7.28 -23.01 -44.00
N SER R 822 8.07 -22.46 -44.92
CA SER R 822 9.13 -21.54 -44.52
C SER R 822 8.56 -20.40 -43.70
N ILE R 823 7.48 -19.79 -44.19
CA ILE R 823 6.88 -18.67 -43.48
C ILE R 823 6.49 -19.09 -42.08
N GLU R 824 5.85 -20.25 -41.96
CA GLU R 824 5.48 -20.73 -40.64
C GLU R 824 6.70 -20.81 -39.74
N ARG R 825 7.77 -21.44 -40.24
CA ARG R 825 9.00 -21.53 -39.46
C ARG R 825 9.49 -20.14 -39.08
N LYS R 826 9.49 -19.21 -40.04
CA LYS R 826 9.90 -17.84 -39.73
C LYS R 826 9.02 -17.27 -38.62
N ILE R 827 7.70 -17.41 -38.76
CA ILE R 827 6.81 -16.91 -37.72
C ILE R 827 7.13 -17.57 -36.39
N MET R 828 7.41 -18.88 -36.43
CA MET R 828 7.65 -19.62 -35.19
C MET R 828 8.90 -19.10 -34.50
N LEU R 829 9.83 -18.50 -35.26
CA LEU R 829 10.93 -17.77 -34.64
C LEU R 829 10.45 -16.42 -34.10
N LYS R 830 9.81 -15.61 -34.96
CA LYS R 830 9.54 -14.22 -34.63
C LYS R 830 8.72 -14.12 -33.34
N ARG R 831 7.61 -14.85 -33.27
CA ARG R 831 6.78 -14.85 -32.07
C ARG R 831 7.61 -15.12 -30.83
N LEU R 832 8.49 -16.13 -30.88
CA LEU R 832 9.34 -16.42 -29.73
C LEU R 832 10.09 -15.18 -29.30
N ASN R 833 10.78 -14.51 -30.24
CA ASN R 833 11.48 -13.27 -29.90
C ASN R 833 10.53 -12.30 -29.22
N LYS R 834 9.37 -12.05 -29.83
CA LYS R 834 8.42 -11.12 -29.23
C LYS R 834 8.11 -11.51 -27.80
N ILE R 835 7.85 -12.80 -27.58
CA ILE R 835 7.53 -13.26 -26.22
C ILE R 835 8.64 -12.87 -25.28
N MET R 836 9.89 -13.16 -25.65
CA MET R 836 11.01 -12.78 -24.79
C MET R 836 11.01 -11.29 -24.54
N ASP R 837 10.86 -10.50 -25.60
CA ASP R 837 10.80 -9.05 -25.43
C ASP R 837 9.66 -8.68 -24.51
N LYS R 838 8.48 -9.27 -24.74
CA LYS R 838 7.35 -9.03 -23.87
C LYS R 838 7.70 -9.37 -22.43
N LEU R 839 8.33 -10.53 -22.23
CA LEU R 839 8.71 -10.94 -20.89
C LEU R 839 9.65 -9.92 -20.26
N ASN R 840 10.55 -9.36 -21.07
CA ASN R 840 11.45 -8.33 -20.55
C ASN R 840 10.66 -7.18 -19.95
N LYS R 841 9.64 -6.71 -20.67
CA LYS R 841 8.86 -5.57 -20.19
C LYS R 841 8.14 -5.92 -18.89
N LEU R 842 7.91 -7.21 -18.65
CA LEU R 842 7.28 -7.61 -17.39
C LEU R 842 8.26 -7.47 -16.22
N GLU R 843 9.53 -7.76 -16.45
CA GLU R 843 10.48 -7.73 -15.34
C GLU R 843 11.00 -6.32 -15.06
N LEU R 844 10.74 -5.38 -15.97
CA LEU R 844 11.19 -4.00 -15.78
C LEU R 844 10.00 -3.04 -15.77
N SER S 522 -51.27 38.58 -36.34
CA SER S 522 -51.97 37.66 -35.47
C SER S 522 -51.06 37.15 -34.36
N PRO S 523 -50.95 37.94 -33.28
CA PRO S 523 -50.01 37.57 -32.21
C PRO S 523 -50.39 36.31 -31.44
N GLU S 524 -51.64 35.86 -31.52
CA GLU S 524 -52.08 34.75 -30.68
C GLU S 524 -51.41 33.43 -31.07
N GLN S 525 -50.98 33.29 -32.32
CA GLN S 525 -50.21 32.10 -32.69
C GLN S 525 -48.72 32.26 -32.46
N LEU S 526 -48.26 33.45 -32.04
CA LEU S 526 -46.84 33.68 -31.77
C LEU S 526 -46.43 33.26 -30.37
N LEU S 527 -47.38 32.93 -29.50
CA LEU S 527 -47.03 32.48 -28.15
C LEU S 527 -46.15 31.24 -28.13
N PRO S 528 -46.46 30.16 -28.86
CA PRO S 528 -45.59 28.97 -28.80
C PRO S 528 -44.22 29.20 -29.39
N LEU S 529 -44.03 30.23 -30.21
CA LEU S 529 -42.75 30.47 -30.87
C LEU S 529 -41.78 31.27 -30.00
N TYR S 530 -42.20 31.71 -28.81
CA TYR S 530 -41.31 32.43 -27.92
C TYR S 530 -40.23 31.51 -27.38
N PRO S 531 -39.08 32.05 -27.00
CA PRO S 531 -37.99 31.20 -26.52
C PRO S 531 -38.39 30.40 -25.29
N VAL S 532 -37.88 29.17 -25.21
CA VAL S 532 -38.19 28.26 -24.12
C VAL S 532 -37.15 28.45 -23.03
N THR S 533 -37.62 28.66 -21.80
CA THR S 533 -36.76 28.89 -20.65
C THR S 533 -36.98 27.81 -19.60
N ALA S 534 -35.89 27.30 -19.04
CA ALA S 534 -35.99 26.37 -17.92
C ALA S 534 -36.64 27.04 -16.71
N THR S 535 -36.23 28.27 -16.41
CA THR S 535 -36.84 29.02 -15.33
C THR S 535 -38.21 29.55 -15.76
N LYS S 536 -39.22 29.33 -14.92
CA LYS S 536 -40.55 29.80 -15.24
C LYS S 536 -40.64 31.32 -15.15
N ILE S 537 -41.26 31.93 -16.15
CA ILE S 537 -41.42 33.37 -16.20
C ILE S 537 -42.84 33.69 -15.77
N TYR S 538 -43.00 34.17 -14.54
CA TYR S 538 -44.30 34.54 -14.02
C TYR S 538 -44.56 36.03 -14.22
N MET S 539 -45.80 36.44 -13.99
CA MET S 539 -46.22 37.81 -14.19
C MET S 539 -46.86 38.35 -12.91
N ASN S 540 -46.63 39.63 -12.65
CA ASN S 540 -47.24 40.32 -11.52
C ASN S 540 -48.50 41.03 -11.97
N LEU S 541 -49.60 40.79 -11.26
CA LEU S 541 -50.89 41.38 -11.58
C LEU S 541 -51.49 42.01 -10.34
N GLY S 542 -51.99 43.24 -10.49
CA GLY S 542 -52.65 43.92 -9.40
C GLY S 542 -54.12 44.18 -9.66
N GLU S 543 -54.46 44.39 -10.94
CA GLU S 543 -55.84 44.63 -11.34
C GLU S 543 -56.36 43.43 -12.12
N PRO S 544 -57.42 42.76 -11.66
CA PRO S 544 -57.94 41.62 -12.42
C PRO S 544 -58.34 41.96 -13.84
N ASP S 545 -58.95 43.13 -14.05
CA ASP S 545 -59.40 43.51 -15.39
C ASP S 545 -58.25 43.70 -16.36
N ALA S 546 -57.02 43.78 -15.88
CA ALA S 546 -55.85 43.88 -16.75
C ALA S 546 -55.38 42.53 -17.26
N ILE S 547 -56.00 41.43 -16.83
CA ILE S 547 -55.56 40.12 -17.32
C ILE S 547 -55.86 39.96 -18.80
N GLU S 548 -56.91 40.62 -19.30
CA GLU S 548 -57.23 40.51 -20.72
C GLU S 548 -56.26 41.31 -21.59
N LYS S 549 -55.67 42.36 -21.04
CA LYS S 549 -54.67 43.12 -21.79
C LYS S 549 -53.41 42.31 -22.01
N TYR S 550 -53.01 41.52 -21.02
CA TYR S 550 -51.75 40.79 -21.04
C TYR S 550 -51.94 39.29 -21.29
N LYS S 551 -53.10 38.89 -21.82
CA LYS S 551 -53.34 37.48 -22.10
C LYS S 551 -52.44 36.93 -23.20
N ASP S 552 -51.87 37.81 -24.04
CA ASP S 552 -51.01 37.39 -25.13
C ASP S 552 -49.53 37.47 -24.79
N LEU S 553 -49.19 37.57 -23.50
CA LEU S 553 -47.79 37.56 -23.15
C LEU S 553 -47.31 36.14 -22.83
N PRO S 554 -46.05 35.82 -23.11
CA PRO S 554 -45.54 34.47 -22.82
C PRO S 554 -45.13 34.30 -21.37
N PHE S 555 -46.12 34.25 -20.49
CA PHE S 555 -45.89 34.03 -19.07
C PHE S 555 -46.42 32.65 -18.67
N ASP S 556 -45.73 32.00 -17.76
CA ASP S 556 -46.10 30.67 -17.29
C ASP S 556 -47.09 30.71 -16.14
N GLY S 557 -47.51 31.89 -15.71
CA GLY S 557 -48.47 32.02 -14.64
C GLY S 557 -48.36 33.37 -13.98
N ILE S 558 -49.23 33.59 -13.01
CA ILE S 558 -49.23 34.80 -12.21
C ILE S 558 -48.52 34.46 -10.90
N GLY S 559 -47.24 34.84 -10.81
CA GLY S 559 -46.48 34.58 -9.61
C GLY S 559 -46.80 35.50 -8.45
N LEU S 560 -47.57 36.57 -8.69
CA LEU S 560 -47.95 37.48 -7.62
C LEU S 560 -49.23 38.19 -8.04
N MET S 561 -50.34 37.85 -7.40
CA MET S 561 -51.60 38.53 -7.58
C MET S 561 -51.88 39.39 -6.36
N ARG S 562 -51.94 40.70 -6.56
CA ARG S 562 -52.17 41.63 -5.47
C ARG S 562 -53.67 41.88 -5.32
N ILE S 563 -54.21 41.53 -4.14
CA ILE S 563 -55.62 41.70 -3.87
C ILE S 563 -55.85 43.05 -3.20
N GLU S 564 -54.77 43.84 -3.08
CA GLU S 564 -54.90 45.17 -2.48
C GLU S 564 -55.83 46.05 -3.31
N PHE S 565 -55.70 45.98 -4.64
CA PHE S 565 -56.57 46.77 -5.51
C PHE S 565 -58.02 46.35 -5.38
N ILE S 566 -58.27 45.04 -5.24
CA ILE S 566 -59.65 44.56 -5.11
C ILE S 566 -60.27 45.09 -3.82
N ILE S 567 -59.53 45.00 -2.71
CA ILE S 567 -60.07 45.47 -1.43
C ILE S 567 -60.26 46.99 -1.46
N THR S 568 -59.33 47.71 -2.08
CA THR S 568 -59.40 49.17 -2.08
C THR S 568 -60.53 49.69 -2.97
N ASP S 569 -60.67 49.14 -4.17
CA ASP S 569 -61.57 49.71 -5.18
C ASP S 569 -62.83 48.90 -5.41
N TRP S 570 -62.84 47.61 -5.09
CA TRP S 570 -64.04 46.81 -5.25
C TRP S 570 -64.81 46.61 -3.95
N VAL S 571 -64.16 46.83 -2.80
CA VAL S 571 -64.79 46.69 -1.50
C VAL S 571 -64.95 48.03 -0.79
N GLN S 572 -63.88 48.84 -0.78
CA GLN S 572 -63.82 50.14 -0.12
C GLN S 572 -64.01 50.07 1.40
N TYR S 573 -64.21 48.88 1.95
CA TYR S 573 -64.54 48.74 3.36
C TYR S 573 -63.55 47.82 4.07
N HIS S 574 -63.28 48.16 5.32
CA HIS S 574 -62.45 47.31 6.16
C HIS S 574 -63.16 45.98 6.40
N PRO S 575 -62.48 44.84 6.23
CA PRO S 575 -63.18 43.55 6.43
C PRO S 575 -63.77 43.39 7.82
N LEU S 576 -63.08 43.87 8.85
CA LEU S 576 -63.65 43.81 10.20
C LEU S 576 -64.91 44.66 10.31
N TYR S 577 -64.94 45.82 9.65
CA TYR S 577 -66.14 46.64 9.64
C TYR S 577 -67.30 45.90 8.96
N LEU S 578 -67.01 45.21 7.85
CA LEU S 578 -68.05 44.44 7.18
C LEU S 578 -68.54 43.30 8.06
N ILE S 579 -67.64 42.66 8.80
CA ILE S 579 -68.04 41.62 9.75
C ILE S 579 -68.95 42.20 10.82
N GLU S 580 -68.60 43.37 11.35
CA GLU S 580 -69.44 44.02 12.34
C GLU S 580 -70.82 44.35 11.77
N GLN S 581 -70.87 44.84 10.54
CA GLN S 581 -72.13 45.10 9.86
C GLN S 581 -72.74 43.85 9.25
N GLY S 582 -72.10 42.70 9.38
CA GLY S 582 -72.63 41.47 8.80
C GLY S 582 -72.62 41.45 7.29
N LYS S 583 -71.56 41.99 6.68
CA LYS S 583 -71.47 42.01 5.22
C LYS S 583 -70.22 41.27 4.74
N GLU S 584 -69.94 40.12 5.36
CA GLU S 584 -68.83 39.29 4.91
C GLU S 584 -69.03 38.82 3.48
N SER S 585 -70.29 38.65 3.07
CA SER S 585 -70.59 38.13 1.74
C SER S 585 -70.04 39.05 0.65
N LEU S 586 -70.18 40.36 0.83
CA LEU S 586 -69.68 41.30 -0.18
C LEU S 586 -68.17 41.16 -0.37
N PHE S 587 -67.42 41.19 0.72
CA PHE S 587 -65.96 41.07 0.64
C PHE S 587 -65.55 39.74 0.02
N ILE S 588 -66.14 38.64 0.49
CA ILE S 588 -65.79 37.32 -0.01
C ILE S 588 -66.11 37.22 -1.50
N ASP S 589 -67.28 37.72 -1.91
CA ASP S 589 -67.70 37.61 -3.29
C ASP S 589 -66.86 38.46 -4.21
N LYS S 590 -66.47 39.66 -3.77
CA LYS S 590 -65.61 40.49 -4.63
C LYS S 590 -64.23 39.86 -4.80
N LEU S 591 -63.63 39.37 -3.70
CA LEU S 591 -62.36 38.67 -3.85
C LEU S 591 -62.49 37.44 -4.74
N ALA S 592 -63.58 36.68 -4.56
CA ALA S 592 -63.79 35.49 -5.37
C ALA S 592 -63.95 35.85 -6.84
N GLU S 593 -64.69 36.91 -7.13
CA GLU S 593 -64.88 37.32 -8.52
C GLU S 593 -63.55 37.70 -9.17
N GLY S 594 -62.75 38.53 -8.49
CA GLY S 594 -61.48 38.91 -9.06
C GLY S 594 -60.54 37.73 -9.26
N ILE S 595 -60.39 36.89 -8.24
CA ILE S 595 -59.47 35.76 -8.32
C ILE S 595 -59.95 34.76 -9.36
N ALA S 596 -61.27 34.53 -9.44
CA ALA S 596 -61.81 33.60 -10.43
C ALA S 596 -61.60 34.12 -11.84
N LYS S 597 -61.81 35.43 -12.05
CA LYS S 597 -61.54 35.99 -13.37
C LYS S 597 -60.09 35.79 -13.77
N VAL S 598 -59.15 36.10 -12.86
CA VAL S 598 -57.74 35.94 -13.19
C VAL S 598 -57.40 34.48 -13.44
N ALA S 599 -57.91 33.56 -12.61
CA ALA S 599 -57.57 32.15 -12.75
C ALA S 599 -58.15 31.56 -14.03
N GLN S 600 -59.41 31.87 -14.34
CA GLN S 600 -60.03 31.34 -15.54
C GLN S 600 -59.41 31.94 -16.80
N ALA S 601 -58.92 33.18 -16.72
CA ALA S 601 -58.32 33.80 -17.90
C ALA S 601 -57.04 33.09 -18.33
N ILE S 602 -56.33 32.45 -17.40
CA ILE S 602 -55.05 31.83 -17.71
C ILE S 602 -55.01 30.36 -17.31
N TYR S 603 -56.17 29.72 -17.15
CA TYR S 603 -56.18 28.31 -16.78
C TYR S 603 -55.50 27.49 -17.88
N PRO S 604 -54.70 26.47 -17.50
CA PRO S 604 -54.41 25.99 -16.15
C PRO S 604 -53.15 26.57 -15.51
N ARG S 605 -52.65 27.71 -15.99
CA ARG S 605 -51.45 28.29 -15.40
C ARG S 605 -51.75 28.76 -13.98
N PRO S 606 -50.84 28.54 -13.03
CA PRO S 606 -51.13 28.86 -11.64
C PRO S 606 -51.26 30.37 -11.41
N VAL S 607 -52.11 30.71 -10.45
CA VAL S 607 -52.29 32.08 -9.98
C VAL S 607 -51.96 32.09 -8.49
N VAL S 608 -50.84 32.71 -8.13
CA VAL S 608 -50.41 32.78 -6.74
C VAL S 608 -50.97 34.07 -6.15
N VAL S 609 -52.07 33.95 -5.42
CA VAL S 609 -52.73 35.10 -4.79
C VAL S 609 -52.00 35.42 -3.50
N ARG S 610 -51.63 36.70 -3.34
CA ARG S 610 -51.04 37.18 -2.10
C ARG S 610 -52.14 37.65 -1.16
N PHE S 611 -52.04 37.25 0.11
CA PHE S 611 -52.99 37.70 1.11
C PHE S 611 -52.81 39.19 1.34
N SER S 612 -53.65 39.75 2.22
CA SER S 612 -53.67 41.19 2.44
C SER S 612 -52.32 41.72 2.89
N ASP S 613 -51.69 42.52 2.03
CA ASP S 613 -50.37 43.09 2.29
C ASP S 613 -50.45 44.53 2.81
N PHE S 614 -51.64 44.98 3.19
CA PHE S 614 -51.81 46.35 3.65
C PHE S 614 -51.06 46.58 4.96
N LYS S 615 -50.66 47.83 5.18
CA LYS S 615 -50.15 48.27 6.46
C LYS S 615 -51.30 48.87 7.27
N THR S 616 -51.03 49.20 8.54
CA THR S 616 -52.08 49.76 9.38
C THR S 616 -52.56 51.10 8.83
N ASN S 617 -51.62 51.95 8.38
CA ASN S 617 -52.01 53.21 7.77
C ASN S 617 -52.78 52.99 6.46
N GLU S 618 -52.37 52.00 5.67
CA GLU S 618 -53.12 51.67 4.47
C GLU S 618 -54.49 51.07 4.81
N TYR S 619 -54.56 50.31 5.90
CA TYR S 619 -55.84 49.77 6.34
C TYR S 619 -56.78 50.87 6.77
N ARG S 620 -56.25 51.91 7.43
CA ARG S 620 -57.10 53.02 7.85
C ARG S 620 -57.73 53.75 6.68
N GLY S 621 -57.14 53.66 5.48
CA GLY S 621 -57.75 54.27 4.31
C GLY S 621 -59.08 53.66 3.94
N LEU S 622 -59.33 52.41 4.33
CA LEU S 622 -60.61 51.78 4.08
C LEU S 622 -61.69 52.40 4.96
N LYS S 623 -62.93 52.31 4.49
CA LYS S 623 -64.05 52.86 5.23
C LYS S 623 -64.28 52.07 6.51
N GLY S 624 -64.40 52.78 7.64
CA GLY S 624 -64.63 52.14 8.91
C GLY S 624 -63.42 51.47 9.52
N GLY S 625 -62.23 51.65 8.94
CA GLY S 625 -61.03 51.03 9.43
C GLY S 625 -60.34 51.75 10.57
N GLU S 626 -60.79 52.95 10.93
CA GLU S 626 -60.15 53.68 12.01
C GLU S 626 -60.37 53.00 13.36
N LYS S 627 -61.49 52.31 13.54
CA LYS S 627 -61.78 51.66 14.81
C LYS S 627 -60.96 50.40 15.04
N TYR S 628 -60.45 49.78 13.98
CA TYR S 628 -59.77 48.50 14.09
C TYR S 628 -58.26 48.60 13.89
N GLU S 629 -57.75 49.73 13.43
CA GLU S 629 -56.33 49.88 13.12
C GLU S 629 -55.69 50.85 14.11
N PRO S 630 -54.81 50.40 14.99
CA PRO S 630 -54.13 51.32 15.89
C PRO S 630 -53.11 52.17 15.15
N GLU S 631 -52.88 53.36 15.67
CA GLU S 631 -51.85 54.22 15.09
C GLU S 631 -50.48 53.69 15.43
N GLU S 632 -49.70 53.36 14.42
CA GLU S 632 -48.40 52.76 14.63
C GLU S 632 -47.29 53.68 14.16
N ARG S 633 -46.24 53.74 14.97
CA ARG S 633 -45.05 54.51 14.66
C ARG S 633 -44.31 53.92 13.46
N ASN S 634 -44.19 52.59 13.37
CA ASN S 634 -43.59 51.94 12.20
C ASN S 634 -44.46 50.80 11.69
N PRO S 635 -45.53 51.11 10.95
CA PRO S 635 -46.31 50.03 10.32
C PRO S 635 -45.51 49.22 9.32
N MET S 636 -44.44 49.80 8.75
CA MET S 636 -43.60 49.07 7.80
C MET S 636 -43.05 47.80 8.43
N ILE S 637 -42.68 47.86 9.70
CA ILE S 637 -42.26 46.69 10.45
C ILE S 637 -43.24 46.49 11.59
N GLY S 638 -44.50 46.88 11.38
CA GLY S 638 -45.51 46.80 12.40
C GLY S 638 -46.40 45.58 12.26
N TRP S 639 -47.63 45.72 12.74
CA TRP S 639 -48.62 44.63 12.73
C TRP S 639 -49.15 44.45 11.32
N ARG S 640 -48.54 43.53 10.58
CA ARG S 640 -48.93 43.26 9.20
C ARG S 640 -48.54 41.85 8.84
N GLY S 641 -49.12 41.36 7.75
CA GLY S 641 -48.77 40.03 7.27
C GLY S 641 -49.34 38.95 8.15
N VAL S 642 -48.57 37.86 8.30
CA VAL S 642 -49.03 36.71 9.05
C VAL S 642 -49.28 37.08 10.51
N SER S 643 -48.45 37.95 11.06
CA SER S 643 -48.67 38.44 12.42
C SER S 643 -50.06 39.03 12.57
N ARG S 644 -50.57 39.67 11.52
CA ARG S 644 -51.92 40.19 11.56
C ARG S 644 -52.95 39.07 11.41
N TYR S 645 -52.67 38.08 10.57
CA TYR S 645 -53.66 37.06 10.28
C TYR S 645 -53.94 36.18 11.50
N ILE S 646 -52.88 35.77 12.22
CA ILE S 646 -53.06 34.89 13.36
C ILE S 646 -53.56 35.61 14.60
N HIS S 647 -53.52 36.94 14.61
CA HIS S 647 -54.03 37.68 15.75
C HIS S 647 -55.54 37.52 15.85
N PRO S 648 -56.08 37.33 17.05
CA PRO S 648 -57.53 37.10 17.18
C PRO S 648 -58.37 38.26 16.66
N LYS S 649 -57.86 39.48 16.70
CA LYS S 649 -58.65 40.64 16.27
C LYS S 649 -58.90 40.60 14.77
N TYR S 650 -57.86 40.34 13.98
CA TYR S 650 -58.00 40.30 12.53
C TYR S 650 -58.25 38.89 12.00
N GLU S 651 -58.23 37.88 12.86
CA GLU S 651 -58.44 36.50 12.39
C GLU S 651 -59.72 36.32 11.59
N PRO S 652 -60.87 36.91 11.95
CA PRO S 652 -62.05 36.76 11.07
C PRO S 652 -61.83 37.28 9.66
N ALA S 653 -61.07 38.37 9.48
CA ALA S 653 -60.82 38.88 8.14
C ALA S 653 -59.95 37.92 7.34
N PHE S 654 -58.92 37.35 7.96
CA PHE S 654 -58.12 36.33 7.29
C PHE S 654 -58.97 35.12 6.95
N ARG S 655 -59.90 34.76 7.83
CA ARG S 655 -60.82 33.66 7.53
C ARG S 655 -61.71 34.00 6.34
N LEU S 656 -62.14 35.26 6.22
CA LEU S 656 -62.90 35.68 5.04
C LEU S 656 -62.07 35.53 3.77
N GLU S 657 -60.80 35.93 3.83
CA GLU S 657 -59.93 35.77 2.66
C GLU S 657 -59.75 34.30 2.30
N VAL S 658 -59.54 33.44 3.30
CA VAL S 658 -59.40 32.01 3.04
C VAL S 658 -60.69 31.43 2.49
N ARG S 659 -61.83 31.92 2.97
CA ARG S 659 -63.12 31.47 2.45
C ARG S 659 -63.29 31.86 0.99
N ALA S 660 -62.86 33.07 0.63
CA ALA S 660 -62.90 33.48 -0.77
C ALA S 660 -62.03 32.59 -1.63
N ILE S 661 -60.82 32.28 -1.16
CA ILE S 661 -59.93 31.39 -1.90
C ILE S 661 -60.55 30.01 -2.05
N LYS S 662 -61.15 29.50 -0.97
CA LYS S 662 -61.79 28.18 -1.03
C LYS S 662 -62.96 28.18 -1.99
N LYS S 663 -63.75 29.26 -2.01
CA LYS S 663 -64.86 29.37 -2.94
C LYS S 663 -64.36 29.37 -4.39
N VAL S 664 -63.27 30.08 -4.65
CA VAL S 664 -62.69 30.06 -5.99
C VAL S 664 -62.23 28.65 -6.35
N ARG S 665 -61.57 27.96 -5.40
CA ARG S 665 -60.98 26.67 -5.72
C ARG S 665 -62.03 25.56 -5.84
N GLU S 666 -63.18 25.73 -5.19
CA GLU S 666 -64.18 24.67 -5.12
C GLU S 666 -65.44 24.98 -5.90
N GLU S 667 -66.09 26.13 -5.65
CA GLU S 667 -67.32 26.46 -6.34
C GLU S 667 -67.08 26.62 -7.84
N MET S 668 -66.00 27.28 -8.22
CA MET S 668 -65.63 27.42 -9.62
C MET S 668 -64.67 26.34 -10.08
N GLY S 669 -64.19 25.48 -9.18
CA GLY S 669 -63.30 24.40 -9.56
C GLY S 669 -61.97 24.84 -10.11
N LEU S 670 -61.54 26.06 -9.80
CA LEU S 670 -60.27 26.59 -10.31
C LEU S 670 -59.15 26.09 -9.41
N THR S 671 -58.61 24.92 -9.76
CA THR S 671 -57.56 24.31 -8.95
C THR S 671 -56.26 25.11 -8.99
N ASN S 672 -56.03 25.85 -10.07
CA ASN S 672 -54.77 26.55 -10.29
C ASN S 672 -54.55 27.73 -9.33
N VAL S 673 -55.37 27.94 -8.32
CA VAL S 673 -55.20 29.07 -7.40
C VAL S 673 -54.37 28.60 -6.21
N TRP S 674 -53.22 29.23 -6.01
CA TRP S 674 -52.36 29.01 -4.86
C TRP S 674 -52.34 30.28 -4.03
N VAL S 675 -51.80 30.18 -2.81
CA VAL S 675 -51.74 31.33 -1.91
C VAL S 675 -50.31 31.53 -1.45
N MET S 676 -49.96 32.78 -1.17
CA MET S 676 -48.70 33.11 -0.55
C MET S 676 -48.95 34.00 0.67
N PHE S 677 -48.22 33.72 1.74
CA PHE S 677 -48.33 34.48 2.98
C PHE S 677 -47.33 35.62 2.96
N PRO S 678 -47.77 36.87 2.99
CA PRO S 678 -46.83 37.99 2.94
C PRO S 678 -46.26 38.31 4.32
N PHE S 679 -44.98 38.69 4.31
CA PHE S 679 -44.28 39.20 5.49
C PHE S 679 -44.30 38.18 6.63
N VAL S 680 -43.72 37.02 6.36
CA VAL S 680 -43.63 35.94 7.34
C VAL S 680 -42.45 36.20 8.25
N ARG S 681 -42.67 36.15 9.55
CA ARG S 681 -41.66 36.47 10.55
C ARG S 681 -41.11 35.24 11.26
N THR S 682 -41.98 34.39 11.81
CA THR S 682 -41.56 33.26 12.61
C THR S 682 -42.28 32.00 12.17
N THR S 683 -41.69 30.85 12.53
CA THR S 683 -42.26 29.57 12.13
C THR S 683 -43.57 29.29 12.82
N TRP S 684 -43.68 29.64 14.12
CA TRP S 684 -44.91 29.36 14.86
C TRP S 684 -46.09 30.16 14.31
N GLU S 685 -45.84 31.41 13.90
CA GLU S 685 -46.92 32.19 13.27
C GLU S 685 -47.34 31.56 11.95
N LEU S 686 -46.39 31.02 11.18
CA LEU S 686 -46.72 30.38 9.93
C LEU S 686 -47.55 29.12 10.16
N GLU S 687 -47.19 28.33 11.17
CA GLU S 687 -47.97 27.13 11.46
C GLU S 687 -49.35 27.48 12.02
N ARG S 688 -49.46 28.57 12.77
CA ARG S 688 -50.78 29.01 13.24
C ARG S 688 -51.65 29.46 12.06
N ALA S 689 -51.07 30.18 11.12
CA ALA S 689 -51.82 30.55 9.91
C ALA S 689 -52.23 29.31 9.11
N LEU S 690 -51.33 28.32 9.02
CA LEU S 690 -51.66 27.09 8.30
C LEU S 690 -52.79 26.34 8.97
N LYS S 691 -52.79 26.24 10.30
CA LYS S 691 -53.88 25.56 10.99
C LYS S 691 -55.18 26.35 10.91
N ILE S 692 -55.11 27.69 10.88
CA ILE S 692 -56.31 28.48 10.64
C ILE S 692 -56.87 28.19 9.25
N MET S 693 -55.99 28.09 8.25
CA MET S 693 -56.43 27.74 6.90
C MET S 693 -57.05 26.34 6.87
N GLU S 694 -56.45 25.40 7.59
CA GLU S 694 -56.99 24.04 7.65
C GLU S 694 -58.37 24.02 8.30
N GLU S 695 -58.56 24.84 9.35
CA GLU S 695 -59.88 24.93 9.98
C GLU S 695 -60.93 25.43 9.00
N GLU S 696 -60.53 26.17 7.99
CA GLU S 696 -61.44 26.66 6.96
C GLU S 696 -61.56 25.70 5.78
N GLY S 697 -60.94 24.53 5.84
CA GLY S 697 -61.00 23.56 4.78
C GLY S 697 -59.99 23.75 3.67
N LEU S 698 -59.08 24.71 3.80
CA LEU S 698 -58.03 24.95 2.81
C LEU S 698 -56.75 24.30 3.33
N LYS S 699 -56.39 23.18 2.74
CA LYS S 699 -55.25 22.38 3.19
C LYS S 699 -54.21 22.27 2.09
N ARG S 700 -52.94 22.38 2.48
CA ARG S 700 -51.83 22.20 1.55
C ARG S 700 -51.82 20.78 1.01
N GLY S 701 -51.67 20.65 -0.29
CA GLY S 701 -51.68 19.35 -0.93
C GLY S 701 -51.05 19.38 -2.30
N LYS S 702 -51.31 18.32 -3.07
CA LYS S 702 -50.76 18.23 -4.41
C LYS S 702 -51.39 19.25 -5.35
N ASP S 703 -52.66 19.59 -5.15
CA ASP S 703 -53.35 20.54 -5.99
C ASP S 703 -53.40 21.95 -5.39
N PHE S 704 -52.78 22.15 -4.22
CA PHE S 704 -52.79 23.44 -3.55
C PHE S 704 -51.40 23.72 -3.01
N LYS S 705 -50.78 24.79 -3.49
CA LYS S 705 -49.44 25.19 -3.06
C LYS S 705 -49.53 26.40 -2.15
N VAL S 706 -48.73 26.40 -1.09
CA VAL S 706 -48.64 27.51 -0.15
C VAL S 706 -47.21 28.04 -0.17
N TRP S 707 -47.07 29.34 -0.42
CA TRP S 707 -45.79 30.00 -0.46
C TRP S 707 -45.65 30.97 0.71
N ALA S 708 -44.41 31.35 1.01
CA ALA S 708 -44.12 32.34 2.04
C ALA S 708 -43.23 33.41 1.44
N MET S 709 -43.60 34.67 1.65
CA MET S 709 -42.77 35.77 1.18
C MET S 709 -41.46 35.81 1.96
N ALA S 710 -40.35 35.80 1.22
CA ALA S 710 -39.03 35.87 1.83
C ALA S 710 -38.53 37.31 1.82
N GLU S 711 -39.24 38.16 2.56
CA GLU S 711 -38.90 39.56 2.68
C GLU S 711 -38.43 39.96 4.07
N VAL S 712 -38.29 39.01 4.98
CA VAL S 712 -37.81 39.28 6.34
C VAL S 712 -36.50 38.54 6.54
N PRO S 713 -35.50 39.17 7.16
CA PRO S 713 -34.20 38.48 7.34
C PRO S 713 -34.29 37.21 8.17
N SER S 714 -35.33 37.05 9.00
CA SER S 714 -35.51 35.78 9.69
C SER S 714 -35.74 34.65 8.71
N ILE S 715 -36.46 34.92 7.61
CA ILE S 715 -36.62 33.92 6.56
C ILE S 715 -35.27 33.62 5.92
N VAL S 716 -34.44 34.65 5.75
CA VAL S 716 -33.10 34.44 5.19
C VAL S 716 -32.29 33.49 6.07
N LEU S 717 -32.35 33.71 7.38
CA LEU S 717 -31.52 32.92 8.29
C LEU S 717 -32.09 31.52 8.52
N LEU S 718 -33.40 31.34 8.42
CA LEU S 718 -34.05 30.08 8.74
C LEU S 718 -34.94 29.59 7.61
N ALA S 719 -34.50 29.76 6.36
CA ALA S 719 -35.29 29.29 5.23
C ALA S 719 -35.47 27.78 5.26
N ASP S 720 -34.42 27.04 5.61
CA ASP S 720 -34.51 25.59 5.70
C ASP S 720 -35.51 25.15 6.77
N LYS S 721 -35.64 25.94 7.84
CA LYS S 721 -36.63 25.62 8.87
C LYS S 721 -38.04 25.95 8.40
N PHE S 722 -38.21 27.07 7.69
CA PHE S 722 -39.52 27.45 7.19
C PHE S 722 -40.00 26.53 6.08
N ALA S 723 -39.09 25.83 5.39
CA ALA S 723 -39.48 25.02 4.24
C ALA S 723 -40.37 23.84 4.63
N GLU S 724 -40.38 23.43 5.90
CA GLU S 724 -41.23 22.32 6.31
C GLU S 724 -42.71 22.69 6.32
N TYR S 725 -43.03 23.98 6.27
CA TYR S 725 -44.41 24.43 6.36
C TYR S 725 -44.99 24.90 5.03
N VAL S 726 -44.16 25.27 4.06
CA VAL S 726 -44.64 25.83 2.81
C VAL S 726 -44.04 25.04 1.65
N ASP S 727 -44.72 25.09 0.50
CA ASP S 727 -44.22 24.41 -0.68
C ASP S 727 -43.05 25.16 -1.31
N GLY S 728 -43.02 26.49 -1.16
CA GLY S 728 -41.94 27.27 -1.72
C GLY S 728 -41.89 28.65 -1.12
N PHE S 729 -40.92 29.42 -1.57
CA PHE S 729 -40.72 30.79 -1.11
C PHE S 729 -40.75 31.76 -2.28
N SER S 730 -41.30 32.94 -2.03
CA SER S 730 -41.28 34.04 -3.00
C SER S 730 -40.47 35.18 -2.39
N ILE S 731 -39.38 35.54 -3.05
CA ILE S 731 -38.46 36.56 -2.53
C ILE S 731 -39.02 37.93 -2.89
N GLY S 732 -39.48 38.66 -1.89
CA GLY S 732 -39.92 40.03 -2.08
C GLY S 732 -38.75 40.98 -2.06
N SER S 733 -37.99 41.03 -3.16
CA SER S 733 -36.75 41.77 -3.20
C SER S 733 -36.91 43.23 -2.80
N ASN S 734 -38.05 43.84 -3.14
CA ASN S 734 -38.29 45.22 -2.76
C ASN S 734 -38.29 45.38 -1.24
N ASP S 735 -39.06 44.55 -0.55
CA ASP S 735 -39.08 44.59 0.92
C ASP S 735 -37.87 43.92 1.53
N LEU S 736 -37.33 42.89 0.87
CA LEU S 736 -36.16 42.19 1.41
C LEU S 736 -34.95 43.11 1.47
N THR S 737 -34.73 43.91 0.43
CA THR S 737 -33.63 44.87 0.45
C THR S 737 -33.83 45.89 1.56
N GLN S 738 -35.06 46.38 1.73
CA GLN S 738 -35.36 47.37 2.76
C GLN S 738 -35.06 46.81 4.14
N LEU S 739 -35.46 45.56 4.41
CA LEU S 739 -35.28 45.00 5.74
C LEU S 739 -33.84 44.57 5.98
N ILE S 740 -33.16 44.05 4.96
CA ILE S 740 -31.76 43.65 5.11
C ILE S 740 -30.89 44.87 5.37
N LEU S 741 -31.10 45.94 4.61
CA LEU S 741 -30.33 47.16 4.78
C LEU S 741 -30.89 48.06 5.88
N GLY S 742 -32.09 47.78 6.39
CA GLY S 742 -32.67 48.64 7.40
C GLY S 742 -32.94 50.05 6.93
N ALA S 743 -33.39 50.21 5.69
CA ALA S 743 -33.68 51.51 5.11
C ALA S 743 -35.05 51.48 4.44
N ASP S 744 -35.75 52.61 4.48
CA ASP S 744 -37.10 52.73 3.96
C ASP S 744 -37.09 53.63 2.73
N ARG S 745 -37.74 53.17 1.65
CA ARG S 745 -37.55 53.76 0.33
C ARG S 745 -38.14 55.15 0.19
N ASP S 746 -39.32 55.41 0.75
CA ASP S 746 -39.97 56.70 0.53
C ASP S 746 -39.19 57.86 1.12
N SER S 747 -38.23 57.60 1.99
CA SER S 747 -37.31 58.63 2.47
C SER S 747 -36.41 59.05 1.32
N ASN S 748 -36.58 60.28 0.84
CA ASN S 748 -35.82 60.73 -0.32
C ASN S 748 -34.33 60.82 -0.03
N ILE S 749 -33.96 61.11 1.22
CA ILE S 749 -32.55 61.24 1.58
C ILE S 749 -31.84 59.91 1.37
N LEU S 750 -32.43 58.83 1.90
CA LEU S 750 -31.82 57.51 1.75
C LEU S 750 -31.79 57.06 0.30
N ALA S 751 -32.85 57.39 -0.46
CA ALA S 751 -32.89 57.03 -1.88
C ALA S 751 -31.81 57.75 -2.67
N GLU S 752 -31.56 59.01 -2.35
CA GLU S 752 -30.56 59.79 -3.09
C GLU S 752 -29.16 59.21 -2.92
N MET S 753 -28.84 58.70 -1.74
CA MET S 753 -27.51 58.12 -1.51
C MET S 753 -27.31 56.80 -2.25
N GLY S 754 -28.36 56.22 -2.82
CA GLY S 754 -28.22 54.98 -3.55
C GLY S 754 -28.27 53.73 -2.70
N TYR S 755 -28.88 53.81 -1.52
CA TYR S 755 -28.97 52.63 -0.65
C TYR S 755 -29.80 51.53 -1.29
N PHE S 756 -30.90 51.89 -1.95
CA PHE S 756 -31.88 50.92 -2.41
C PHE S 756 -31.48 50.35 -3.77
N ASP S 757 -30.30 49.76 -3.78
CA ASP S 757 -29.78 49.00 -4.91
C ASP S 757 -29.89 47.52 -4.58
N GLU S 758 -30.72 46.81 -5.33
CA GLU S 758 -30.89 45.38 -5.10
C GLU S 758 -29.66 44.58 -5.52
N ARG S 759 -28.69 45.20 -6.17
CA ARG S 759 -27.39 44.60 -6.45
C ARG S 759 -26.44 44.68 -5.25
N ASP S 760 -26.95 45.09 -4.09
CA ASP S 760 -26.10 45.19 -2.90
C ASP S 760 -25.57 43.82 -2.52
N PRO S 761 -24.32 43.72 -2.08
CA PRO S 761 -23.77 42.40 -1.71
C PRO S 761 -24.55 41.71 -0.60
N ALA S 762 -25.07 42.47 0.36
CA ALA S 762 -25.85 41.85 1.44
C ALA S 762 -27.14 41.23 0.91
N VAL S 763 -27.84 41.94 0.03
CA VAL S 763 -29.08 41.41 -0.53
C VAL S 763 -28.79 40.17 -1.38
N LEU S 764 -27.71 40.22 -2.17
CA LEU S 764 -27.35 39.06 -2.97
C LEU S 764 -26.99 37.86 -2.10
N ALA S 765 -26.25 38.09 -1.03
CA ALA S 765 -25.91 37.00 -0.11
C ALA S 765 -27.15 36.42 0.55
N GLY S 766 -28.09 37.28 0.94
CA GLY S 766 -29.32 36.79 1.53
C GLY S 766 -30.14 35.97 0.55
N ILE S 767 -30.24 36.44 -0.70
CA ILE S 767 -30.97 35.69 -1.73
C ILE S 767 -30.30 34.34 -1.97
N LYS S 768 -28.97 34.33 -2.05
CA LYS S 768 -28.24 33.08 -2.25
C LYS S 768 -28.49 32.11 -1.11
N MET S 769 -28.47 32.61 0.13
CA MET S 769 -28.74 31.76 1.29
C MET S 769 -30.15 31.20 1.25
N ILE S 770 -31.13 32.04 0.91
CA ILE S 770 -32.51 31.57 0.81
C ILE S 770 -32.61 30.46 -0.23
N ILE S 771 -32.03 30.67 -1.40
CA ILE S 771 -32.11 29.68 -2.48
C ILE S 771 -31.45 28.38 -2.06
N GLU S 772 -30.26 28.47 -1.45
CA GLU S 772 -29.55 27.26 -1.05
C GLU S 772 -30.33 26.48 0.00
N LYS S 773 -30.86 27.17 1.02
CA LYS S 773 -31.60 26.49 2.06
C LYS S 773 -32.88 25.85 1.51
N ALA S 774 -33.63 26.60 0.69
CA ALA S 774 -34.88 26.07 0.16
C ALA S 774 -34.64 24.87 -0.73
N HIS S 775 -33.60 24.91 -1.57
CA HIS S 775 -33.30 23.76 -2.41
C HIS S 775 -32.71 22.60 -1.62
N SER S 776 -32.03 22.87 -0.51
CA SER S 776 -31.61 21.79 0.37
C SER S 776 -32.79 21.11 1.03
N LYS S 777 -33.87 21.85 1.32
CA LYS S 777 -35.08 21.27 1.86
C LYS S 777 -36.13 20.99 0.80
N GLY S 778 -35.77 21.09 -0.48
CA GLY S 778 -36.69 20.73 -1.55
C GLY S 778 -37.82 21.68 -1.80
N ALA S 779 -37.67 22.94 -1.41
CA ALA S 779 -38.70 23.95 -1.63
C ALA S 779 -38.33 24.83 -2.82
N THR S 780 -39.35 25.19 -3.61
CA THR S 780 -39.13 26.06 -4.75
C THR S 780 -38.87 27.49 -4.31
N VAL S 781 -38.14 28.23 -5.14
CA VAL S 781 -37.80 29.62 -4.87
C VAL S 781 -38.29 30.48 -6.02
N SER S 782 -39.00 31.56 -5.69
CA SER S 782 -39.46 32.53 -6.68
C SER S 782 -39.06 33.93 -6.21
N ILE S 783 -39.01 34.86 -7.14
CA ILE S 783 -38.74 36.26 -6.85
C ILE S 783 -39.79 37.12 -7.55
N CYS S 784 -40.38 38.06 -6.81
CA CYS S 784 -41.41 38.96 -7.33
C CYS S 784 -41.03 40.37 -6.88
N GLY S 785 -40.24 41.05 -7.69
CA GLY S 785 -39.81 42.40 -7.38
C GLY S 785 -39.35 43.11 -8.63
N GLN S 786 -38.87 44.33 -8.43
CA GLN S 786 -38.40 45.15 -9.55
C GLN S 786 -36.96 44.85 -9.94
N ALA S 787 -36.23 44.07 -9.14
CA ALA S 787 -34.84 43.77 -9.47
C ALA S 787 -34.68 43.03 -10.79
N PRO S 788 -35.40 41.95 -11.08
CA PRO S 788 -35.23 41.30 -12.39
C PRO S 788 -35.73 42.14 -13.55
N SER S 789 -36.60 43.12 -13.30
CA SER S 789 -37.17 43.90 -14.39
C SER S 789 -36.18 44.91 -14.96
N VAL S 790 -35.22 45.39 -14.16
CA VAL S 790 -34.34 46.47 -14.56
C VAL S 790 -32.88 46.03 -14.66
N TYR S 791 -32.43 45.13 -13.78
CA TYR S 791 -31.02 44.77 -13.74
C TYR S 791 -30.80 43.40 -14.36
N PRO S 792 -30.17 43.31 -15.54
CA PRO S 792 -29.87 41.99 -16.11
C PRO S 792 -28.93 41.15 -15.25
N GLU S 793 -27.99 41.78 -14.55
CA GLU S 793 -27.06 41.02 -13.71
C GLU S 793 -27.77 40.34 -12.55
N ILE S 794 -28.82 40.94 -12.00
CA ILE S 794 -29.63 40.27 -10.99
C ILE S 794 -30.24 39.00 -11.58
N VAL S 795 -30.76 39.09 -12.80
CA VAL S 795 -31.35 37.91 -13.44
C VAL S 795 -30.29 36.84 -13.66
N GLU S 796 -29.09 37.23 -14.10
CA GLU S 796 -28.02 36.27 -14.32
C GLU S 796 -27.64 35.58 -13.02
N PHE S 797 -27.51 36.34 -11.93
CA PHE S 797 -27.16 35.77 -10.65
C PHE S 797 -28.26 34.82 -10.15
N LEU S 798 -29.53 35.21 -10.33
CA LEU S 798 -30.63 34.36 -9.90
C LEU S 798 -30.66 33.04 -10.66
N VAL S 799 -30.47 33.10 -11.98
CA VAL S 799 -30.49 31.89 -12.78
C VAL S 799 -29.30 31.01 -12.46
N GLU S 800 -28.13 31.62 -12.21
CA GLU S 800 -26.96 30.85 -11.82
C GLU S 800 -27.20 30.16 -10.47
N ALA S 801 -27.82 30.85 -9.52
CA ALA S 801 -28.13 30.25 -8.24
C ALA S 801 -29.13 29.12 -8.37
N GLY S 802 -29.92 29.09 -9.44
CA GLY S 802 -30.87 28.02 -9.66
C GLY S 802 -32.27 28.33 -9.18
N ILE S 803 -32.69 29.59 -9.31
CA ILE S 803 -34.03 29.97 -8.88
C ILE S 803 -35.06 29.29 -9.75
N ASP S 804 -36.17 28.87 -9.14
CA ASP S 804 -37.17 28.08 -9.86
C ASP S 804 -38.00 28.93 -10.80
N SER S 805 -38.37 30.14 -10.39
CA SER S 805 -39.19 31.00 -11.23
C SER S 805 -38.89 32.45 -10.91
N ILE S 806 -39.21 33.32 -11.87
CA ILE S 806 -39.04 34.76 -11.74
C ILE S 806 -40.35 35.41 -12.13
N SER S 807 -40.89 36.25 -11.24
CA SER S 807 -42.13 36.96 -11.48
C SER S 807 -41.82 38.43 -11.73
N VAL S 808 -42.24 38.95 -12.87
CA VAL S 808 -41.93 40.32 -13.29
C VAL S 808 -43.22 41.01 -13.70
N ASN S 809 -43.10 42.32 -13.94
CA ASN S 809 -44.22 43.10 -14.45
C ASN S 809 -44.53 42.68 -15.88
N PRO S 810 -45.77 42.88 -16.33
CA PRO S 810 -46.12 42.47 -17.70
C PRO S 810 -45.23 43.06 -18.77
N ASP S 811 -44.96 44.37 -18.70
CA ASP S 811 -44.14 45.01 -19.73
C ASP S 811 -42.72 44.48 -19.77
N ALA S 812 -42.27 43.81 -18.70
CA ALA S 812 -40.94 43.23 -18.65
C ALA S 812 -40.95 41.72 -18.86
N VAL S 813 -42.09 41.14 -19.26
CA VAL S 813 -42.16 39.69 -19.41
C VAL S 813 -41.29 39.23 -20.56
N ILE S 814 -41.60 39.69 -21.78
CA ILE S 814 -40.98 39.14 -22.98
C ILE S 814 -39.46 39.26 -22.90
N ALA S 815 -38.96 40.47 -22.60
CA ALA S 815 -37.52 40.67 -22.47
C ALA S 815 -36.92 39.68 -21.48
N THR S 816 -37.55 39.55 -20.31
CA THR S 816 -37.05 38.59 -19.32
C THR S 816 -37.00 37.19 -19.91
N ARG S 817 -38.07 36.78 -20.60
CA ARG S 817 -38.08 35.46 -21.21
C ARG S 817 -36.92 35.29 -22.17
N ARG S 818 -36.56 36.35 -22.90
CA ARG S 818 -35.35 36.29 -23.70
C ARG S 818 -34.13 36.18 -22.81
N LEU S 819 -33.98 37.12 -21.87
CA LEU S 819 -32.74 37.24 -21.10
C LEU S 819 -32.45 35.94 -20.36
N VAL S 820 -33.41 35.45 -19.58
CA VAL S 820 -33.22 34.21 -18.84
C VAL S 820 -32.75 33.12 -19.79
N ALA S 821 -33.43 32.98 -20.93
CA ALA S 821 -33.05 31.94 -21.88
C ALA S 821 -31.58 32.05 -22.23
N SER S 822 -31.14 33.23 -22.65
CA SER S 822 -29.74 33.41 -22.99
C SER S 822 -28.86 33.02 -21.82
N ILE S 823 -29.19 33.51 -20.63
CA ILE S 823 -28.38 33.21 -19.45
C ILE S 823 -28.30 31.70 -19.25
N GLU S 824 -29.45 31.03 -19.35
CA GLU S 824 -29.44 29.58 -19.22
C GLU S 824 -28.48 28.95 -20.20
N ARG S 825 -28.58 29.35 -21.47
CA ARG S 825 -27.67 28.83 -22.48
C ARG S 825 -26.23 29.11 -22.08
N LYS S 826 -25.94 30.34 -21.65
CA LYS S 826 -24.59 30.66 -21.20
C LYS S 826 -24.17 29.74 -20.07
N ILE S 827 -25.03 29.57 -19.07
CA ILE S 827 -24.70 28.67 -17.97
C ILE S 827 -24.45 27.27 -18.50
N MET S 828 -25.28 26.85 -19.46
CA MET S 828 -25.18 25.48 -19.96
C MET S 828 -23.85 25.27 -20.66
N LEU S 829 -23.23 26.35 -21.16
CA LEU S 829 -21.85 26.28 -21.61
C LEU S 829 -20.89 26.23 -20.43
N LYS S 830 -20.99 27.21 -19.52
CA LYS S 830 -19.97 27.40 -18.50
C LYS S 830 -19.79 26.14 -17.67
N ARG S 831 -20.89 25.60 -17.15
CA ARG S 831 -20.82 24.37 -16.36
C ARG S 831 -20.05 23.29 -17.10
N LEU S 832 -20.36 23.09 -18.39
CA LEU S 832 -19.63 22.09 -19.17
C LEU S 832 -18.14 22.31 -19.07
N ASN S 833 -17.68 23.54 -19.34
CA ASN S 833 -16.25 23.84 -19.21
C ASN S 833 -15.75 23.44 -17.84
N LYS S 834 -16.44 23.89 -16.78
CA LYS S 834 -16.01 23.55 -15.44
C LYS S 834 -15.86 22.05 -15.28
N ILE S 835 -16.85 21.29 -15.76
CA ILE S 835 -16.79 19.84 -15.64
C ILE S 835 -15.51 19.33 -16.28
N MET S 836 -15.22 19.76 -17.50
CA MET S 836 -13.99 19.33 -18.16
C MET S 836 -12.79 19.69 -17.30
N ASP S 837 -12.73 20.93 -16.83
CA ASP S 837 -11.62 21.33 -15.97
C ASP S 837 -11.57 20.45 -14.74
N LYS S 838 -12.73 20.22 -14.12
CA LYS S 838 -12.79 19.33 -12.97
C LYS S 838 -12.24 17.96 -13.34
N LEU S 839 -12.68 17.44 -14.48
CA LEU S 839 -12.21 16.12 -14.92
C LEU S 839 -10.70 16.12 -15.09
N ASN S 840 -10.15 17.23 -15.59
CA ASN S 840 -8.70 17.31 -15.72
C ASN S 840 -8.02 17.09 -14.38
N LYS S 841 -8.52 17.75 -13.34
CA LYS S 841 -7.89 17.62 -12.02
C LYS S 841 -7.98 16.18 -11.51
N LEU S 842 -8.95 15.42 -12.02
CA LEU S 842 -9.05 14.02 -11.61
C LEU S 842 -7.94 13.19 -12.26
N GLU S 843 -7.57 13.50 -13.50
CA GLU S 843 -6.58 12.67 -14.17
C GLU S 843 -5.15 13.07 -13.80
N LEU S 844 -4.98 14.20 -13.14
CA LEU S 844 -3.65 14.66 -12.73
C LEU S 844 -3.56 14.81 -11.22
N SER T 522 -14.08 38.98 60.99
CA SER T 522 -14.77 37.70 61.14
C SER T 522 -14.19 36.66 60.19
N PRO T 523 -13.10 36.01 60.61
CA PRO T 523 -12.42 35.06 59.72
C PRO T 523 -13.23 33.81 59.40
N GLU T 524 -14.26 33.49 60.18
CA GLU T 524 -14.96 32.22 59.99
C GLU T 524 -15.73 32.18 58.68
N GLN T 525 -16.14 33.32 58.14
CA GLN T 525 -16.76 33.32 56.83
C GLN T 525 -15.75 33.45 55.69
N LEU T 526 -14.46 33.60 56.00
CA LEU T 526 -13.43 33.70 54.97
C LEU T 526 -12.92 32.34 54.51
N LEU T 527 -13.31 31.26 55.19
CA LEU T 527 -12.88 29.93 54.76
C LEU T 527 -13.32 29.58 53.34
N PRO T 528 -14.59 29.76 52.94
CA PRO T 528 -14.97 29.40 51.57
C PRO T 528 -14.32 30.25 50.50
N LEU T 529 -13.81 31.43 50.86
CA LEU T 529 -13.23 32.34 49.87
C LEU T 529 -11.76 32.04 49.58
N TYR T 530 -11.17 31.07 50.27
CA TYR T 530 -9.79 30.70 50.00
C TYR T 530 -9.67 30.04 48.64
N PRO T 531 -8.50 30.11 48.01
CA PRO T 531 -8.34 29.53 46.67
C PRO T 531 -8.63 28.03 46.66
N VAL T 532 -9.23 27.57 45.57
CA VAL T 532 -9.60 26.17 45.40
C VAL T 532 -8.45 25.44 44.73
N THR T 533 -8.03 24.33 45.34
CA THR T 533 -6.92 23.54 44.84
C THR T 533 -7.39 22.13 44.51
N ALA T 534 -6.95 21.61 43.36
CA ALA T 534 -7.22 20.22 43.03
C ALA T 534 -6.56 19.28 44.03
N THR T 535 -5.32 19.56 44.39
CA THR T 535 -4.63 18.76 45.39
C THR T 535 -5.14 19.12 46.79
N LYS T 536 -5.49 18.10 47.57
CA LYS T 536 -5.99 18.34 48.91
C LYS T 536 -4.88 18.83 49.83
N ILE T 537 -5.18 19.87 50.61
CA ILE T 537 -4.22 20.46 51.53
C ILE T 537 -4.56 19.94 52.93
N TYR T 538 -3.78 18.99 53.41
CA TYR T 538 -3.97 18.43 54.74
C TYR T 538 -3.10 19.16 55.76
N MET T 539 -3.36 18.88 57.04
CA MET T 539 -2.66 19.53 58.13
C MET T 539 -2.06 18.47 59.06
N ASN T 540 -0.89 18.78 59.60
CA ASN T 540 -0.23 17.92 60.57
C ASN T 540 -0.57 18.39 61.97
N LEU T 541 -1.03 17.46 62.81
CA LEU T 541 -1.41 17.75 64.18
C LEU T 541 -0.74 16.77 65.12
N GLY T 542 -0.17 17.30 66.21
CA GLY T 542 0.44 16.47 67.22
C GLY T 542 -0.26 16.55 68.56
N GLU T 543 -0.82 17.72 68.85
CA GLU T 543 -1.54 17.94 70.10
C GLU T 543 -3.03 18.09 69.80
N PRO T 544 -3.90 17.23 70.35
CA PRO T 544 -5.33 17.37 70.08
C PRO T 544 -5.89 18.72 70.50
N ASP T 545 -5.44 19.26 71.63
CA ASP T 545 -5.96 20.54 72.12
C ASP T 545 -5.62 21.70 71.20
N ALA T 546 -4.71 21.51 70.26
CA ALA T 546 -4.38 22.54 69.27
C ALA T 546 -5.34 22.55 68.10
N ILE T 547 -6.30 21.62 68.03
CA ILE T 547 -7.23 21.63 66.91
C ILE T 547 -8.13 22.86 66.95
N GLU T 548 -8.41 23.38 68.14
CA GLU T 548 -9.26 24.56 68.24
C GLU T 548 -8.53 25.83 67.81
N LYS T 549 -7.20 25.85 67.94
CA LYS T 549 -6.43 27.00 67.48
C LYS T 549 -6.44 27.10 65.96
N TYR T 550 -6.40 25.96 65.27
CA TYR T 550 -6.28 25.92 63.82
C TYR T 550 -7.59 25.53 63.13
N LYS T 551 -8.72 25.65 63.83
CA LYS T 551 -10.01 25.31 63.23
C LYS T 551 -10.40 26.25 62.09
N ASP T 552 -9.80 27.44 62.04
CA ASP T 552 -10.11 28.42 61.01
C ASP T 552 -9.13 28.40 59.85
N LEU T 553 -8.33 27.34 59.72
CA LEU T 553 -7.44 27.26 58.58
C LEU T 553 -8.10 26.50 57.43
N PRO T 554 -7.78 26.85 56.19
CA PRO T 554 -8.39 26.15 55.03
C PRO T 554 -7.68 24.84 54.71
N PHE T 555 -7.87 23.85 55.57
CA PHE T 555 -7.32 22.52 55.38
C PHE T 555 -8.45 21.53 55.09
N ASP T 556 -8.18 20.57 54.22
CA ASP T 556 -9.15 19.57 53.84
C ASP T 556 -9.16 18.37 54.77
N GLY T 557 -8.34 18.37 55.80
CA GLY T 557 -8.30 17.28 56.75
C GLY T 557 -6.97 17.23 57.46
N ILE T 558 -6.86 16.29 58.39
CA ILE T 558 -5.64 16.04 59.12
C ILE T 558 -4.96 14.85 58.44
N GLY T 559 -3.97 15.14 57.60
CA GLY T 559 -3.25 14.09 56.92
C GLY T 559 -2.26 13.34 57.78
N LEU T 560 -1.98 13.84 58.98
CA LEU T 560 -1.05 13.16 59.89
C LEU T 560 -1.39 13.60 61.32
N MET T 561 -1.96 12.69 62.10
CA MET T 561 -2.20 12.90 63.51
C MET T 561 -1.20 12.08 64.31
N ARG T 562 -0.36 12.76 65.07
CA ARG T 562 0.67 12.10 65.86
C ARG T 562 0.12 11.80 67.25
N ILE T 563 0.07 10.51 67.60
CA ILE T 563 -0.44 10.08 68.89
C ILE T 563 0.71 9.97 69.87
N GLU T 564 1.91 10.35 69.43
CA GLU T 564 3.08 10.31 70.32
C GLU T 564 2.88 11.24 71.51
N PHE T 565 2.34 12.43 71.26
CA PHE T 565 2.10 13.38 72.35
C PHE T 565 1.07 12.84 73.33
N ILE T 566 0.04 12.16 72.83
CA ILE T 566 -0.99 11.61 73.71
C ILE T 566 -0.39 10.56 74.62
N ILE T 567 0.40 9.64 74.05
CA ILE T 567 1.00 8.58 74.86
C ILE T 567 2.01 9.16 75.85
N THR T 568 2.76 10.17 75.43
CA THR T 568 3.80 10.72 76.29
C THR T 568 3.21 11.53 77.45
N ASP T 569 2.23 12.38 77.16
CA ASP T 569 1.75 13.35 78.15
C ASP T 569 0.38 13.03 78.72
N TRP T 570 -0.43 12.23 78.04
CA TRP T 570 -1.73 11.86 78.59
C TRP T 570 -1.73 10.47 79.22
N VAL T 571 -0.74 9.63 78.89
CA VAL T 571 -0.64 8.29 79.44
C VAL T 571 0.57 8.14 80.37
N GLN T 572 1.73 8.64 79.93
CA GLN T 572 3.00 8.56 80.66
C GLN T 572 3.48 7.13 80.89
N TYR T 573 2.73 6.13 80.44
CA TYR T 573 3.04 4.74 80.75
C TYR T 573 3.19 3.92 79.48
N HIS T 574 4.12 2.96 79.54
CA HIS T 574 4.28 2.02 78.45
C HIS T 574 3.03 1.16 78.32
N PRO T 575 2.48 0.98 77.12
CA PRO T 575 1.24 0.18 76.99
C PRO T 575 1.39 -1.24 77.50
N LEU T 576 2.55 -1.87 77.28
CA LEU T 576 2.77 -3.21 77.82
C LEU T 576 2.77 -3.20 79.35
N TYR T 577 3.33 -2.16 79.96
CA TYR T 577 3.29 -2.04 81.41
C TYR T 577 1.85 -1.91 81.91
N LEU T 578 1.03 -1.13 81.20
CA LEU T 578 -0.37 -1.00 81.58
C LEU T 578 -1.10 -2.33 81.43
N ILE T 579 -0.78 -3.09 80.39
CA ILE T 579 -1.36 -4.42 80.22
C ILE T 579 -0.97 -5.33 81.38
N GLU T 580 0.30 -5.28 81.78
CA GLU T 580 0.75 -6.08 82.91
C GLU T 580 0.03 -5.67 84.20
N GLN T 581 -0.16 -4.37 84.41
CA GLN T 581 -0.92 -3.88 85.55
C GLN T 581 -2.43 -3.92 85.32
N GLY T 582 -2.88 -4.38 84.16
CA GLY T 582 -4.31 -4.43 83.87
C GLY T 582 -4.95 -3.07 83.73
N LYS T 583 -4.25 -2.12 83.11
CA LYS T 583 -4.79 -0.78 82.92
C LYS T 583 -4.88 -0.41 81.44
N GLU T 584 -5.32 -1.37 80.62
CA GLU T 584 -5.52 -1.10 79.21
C GLU T 584 -6.59 -0.02 79.00
N SER T 585 -7.55 0.06 79.92
CA SER T 585 -8.65 1.00 79.77
C SER T 585 -8.14 2.44 79.74
N LEU T 586 -7.17 2.77 80.59
CA LEU T 586 -6.65 4.14 80.62
C LEU T 586 -6.03 4.52 79.28
N PHE T 587 -5.15 3.68 78.75
CA PHE T 587 -4.49 3.96 77.47
C PHE T 587 -5.52 4.07 76.35
N ILE T 588 -6.44 3.11 76.27
CA ILE T 588 -7.44 3.11 75.20
C ILE T 588 -8.31 4.36 75.30
N ASP T 589 -8.73 4.72 76.52
CA ASP T 589 -9.62 5.85 76.69
C ASP T 589 -8.93 7.17 76.39
N LYS T 590 -7.66 7.31 76.76
CA LYS T 590 -6.95 8.55 76.45
C LYS T 590 -6.75 8.70 74.94
N LEU T 591 -6.34 7.62 74.26
CA LEU T 591 -6.24 7.70 72.80
C LEU T 591 -7.58 8.01 72.17
N ALA T 592 -8.65 7.36 72.66
CA ALA T 592 -9.98 7.59 72.11
C ALA T 592 -10.41 9.03 72.33
N GLU T 593 -10.15 9.58 73.50
CA GLU T 593 -10.53 10.96 73.78
C GLU T 593 -9.82 11.93 72.84
N GLY T 594 -8.50 11.77 72.69
CA GLY T 594 -7.78 12.66 71.80
C GLY T 594 -8.24 12.55 70.35
N ILE T 595 -8.35 11.32 69.84
CA ILE T 595 -8.73 11.11 68.45
C ILE T 595 -10.16 11.58 68.21
N ALA T 596 -11.06 11.33 69.17
CA ALA T 596 -12.45 11.76 69.03
C ALA T 596 -12.55 13.28 69.03
N LYS T 597 -11.78 13.95 69.91
CA LYS T 597 -11.78 15.41 69.89
C LYS T 597 -11.32 15.94 68.54
N VAL T 598 -10.22 15.40 68.01
CA VAL T 598 -9.73 15.88 66.73
C VAL T 598 -10.72 15.60 65.61
N ALA T 599 -11.32 14.41 65.60
CA ALA T 599 -12.24 14.04 64.53
C ALA T 599 -13.52 14.86 64.58
N GLN T 600 -14.09 15.05 65.77
CA GLN T 600 -15.32 15.82 65.90
C GLN T 600 -15.07 17.29 65.62
N ALA T 601 -13.87 17.80 65.91
CA ALA T 601 -13.59 19.21 65.65
C ALA T 601 -13.62 19.54 64.17
N ILE T 602 -13.32 18.58 63.29
CA ILE T 602 -13.23 18.83 61.87
C ILE T 602 -14.11 17.90 61.05
N TYR T 603 -15.14 17.31 61.67
CA TYR T 603 -16.02 16.43 60.94
C TYR T 603 -16.73 17.21 59.83
N PRO T 604 -16.89 16.61 58.63
CA PRO T 604 -16.53 15.25 58.23
C PRO T 604 -15.16 15.13 57.56
N ARG T 605 -14.27 16.09 57.73
CA ARG T 605 -12.95 15.99 57.11
C ARG T 605 -12.16 14.84 57.73
N PRO T 606 -11.45 14.06 56.93
CA PRO T 606 -10.77 12.87 57.45
C PRO T 606 -9.64 13.23 58.41
N VAL T 607 -9.44 12.35 59.38
CA VAL T 607 -8.32 12.43 60.32
C VAL T 607 -7.51 11.15 60.17
N VAL T 608 -6.31 11.26 59.62
CA VAL T 608 -5.44 10.10 59.41
C VAL T 608 -4.55 9.98 60.63
N VAL T 609 -4.91 9.08 61.54
CA VAL T 609 -4.15 8.84 62.76
C VAL T 609 -2.99 7.93 62.44
N ARG T 610 -1.79 8.35 62.85
CA ARG T 610 -0.60 7.52 62.73
C ARG T 610 -0.44 6.66 63.98
N PHE T 611 -0.15 5.38 63.77
CA PHE T 611 0.10 4.49 64.89
C PHE T 611 1.40 4.89 65.58
N SER T 612 1.73 4.16 66.65
CA SER T 612 2.87 4.52 67.49
C SER T 612 4.17 4.56 66.69
N ASP T 613 4.73 5.76 66.54
CA ASP T 613 5.95 5.97 65.79
C ASP T 613 7.19 6.06 66.69
N PHE T 614 7.05 5.68 67.96
CA PHE T 614 8.16 5.77 68.89
C PHE T 614 9.28 4.81 68.51
N LYS T 615 10.50 5.17 68.88
CA LYS T 615 11.64 4.27 68.80
C LYS T 615 11.81 3.57 70.15
N THR T 616 12.73 2.60 70.20
CA THR T 616 12.95 1.87 71.45
C THR T 616 13.44 2.81 72.55
N ASN T 617 14.37 3.72 72.20
CA ASN T 617 14.84 4.69 73.17
C ASN T 617 13.73 5.65 73.58
N GLU T 618 12.88 6.06 72.64
CA GLU T 618 11.73 6.88 72.98
C GLU T 618 10.71 6.10 73.81
N TYR T 619 10.56 4.80 73.54
CA TYR T 619 9.68 3.97 74.33
C TYR T 619 10.17 3.85 75.76
N ARG T 620 11.49 3.75 75.95
CA ARG T 620 12.04 3.66 77.30
C ARG T 620 11.75 4.89 78.13
N GLY T 621 11.49 6.04 77.50
CA GLY T 621 11.12 7.23 78.25
C GLY T 621 9.80 7.10 78.99
N LEU T 622 8.92 6.21 78.53
CA LEU T 622 7.67 5.96 79.23
C LEU T 622 7.93 5.22 80.54
N LYS T 623 7.00 5.40 81.48
CA LYS T 623 7.13 4.75 82.78
C LYS T 623 6.97 3.24 82.63
N GLY T 624 7.90 2.48 83.21
CA GLY T 624 7.84 1.04 83.14
C GLY T 624 8.24 0.44 81.82
N GLY T 625 8.76 1.24 80.89
CA GLY T 625 9.15 0.76 79.58
C GLY T 625 10.52 0.13 79.50
N GLU T 626 11.32 0.20 80.57
CA GLU T 626 12.65 -0.38 80.53
C GLU T 626 12.60 -1.90 80.43
N LYS T 627 11.57 -2.53 80.99
CA LYS T 627 11.48 -3.98 80.98
C LYS T 627 11.08 -4.54 79.62
N TYR T 628 10.45 -3.74 78.77
CA TYR T 628 9.92 -4.22 77.50
C TYR T 628 10.70 -3.73 76.29
N GLU T 629 11.61 -2.78 76.46
CA GLU T 629 12.34 -2.21 75.34
C GLU T 629 13.81 -2.60 75.43
N PRO T 630 14.32 -3.42 74.51
CA PRO T 630 15.74 -3.76 74.53
C PRO T 630 16.59 -2.58 74.09
N GLU T 631 17.81 -2.54 74.60
CA GLU T 631 18.75 -1.50 74.18
C GLU T 631 19.23 -1.79 72.77
N GLU T 632 18.97 -0.85 71.86
CA GLU T 632 19.31 -1.06 70.47
C GLU T 632 20.37 -0.08 70.02
N ARG T 633 21.32 -0.60 69.24
CA ARG T 633 22.38 0.18 68.66
C ARG T 633 21.84 1.17 67.63
N ASN T 634 20.88 0.75 66.78
CA ASN T 634 20.23 1.66 65.83
C ASN T 634 18.72 1.52 65.89
N PRO T 635 18.07 2.12 66.89
CA PRO T 635 16.59 2.13 66.89
C PRO T 635 16.01 2.86 65.70
N MET T 636 16.75 3.79 65.08
CA MET T 636 16.27 4.51 63.91
C MET T 636 15.90 3.54 62.80
N ILE T 637 16.67 2.48 62.63
CA ILE T 637 16.34 1.42 61.69
C ILE T 637 16.15 0.14 62.49
N GLY T 638 15.68 0.27 63.73
CA GLY T 638 15.52 -0.87 64.61
C GLY T 638 14.08 -1.37 64.66
N TRP T 639 13.74 -1.96 65.79
CA TRP T 639 12.41 -2.56 66.01
C TRP T 639 11.41 -1.44 66.24
N ARG T 640 10.73 -1.03 65.17
CA ARG T 640 9.75 0.05 65.24
C ARG T 640 8.77 -0.11 64.10
N GLY T 641 7.64 0.58 64.22
CA GLY T 641 6.65 0.56 63.17
C GLY T 641 5.92 -0.76 63.10
N VAL T 642 5.59 -1.18 61.88
CA VAL T 642 4.81 -2.40 61.68
C VAL T 642 5.57 -3.61 62.21
N SER T 643 6.88 -3.62 62.04
CA SER T 643 7.70 -4.71 62.60
C SER T 643 7.46 -4.85 64.09
N ARG T 644 7.22 -3.74 64.79
CA ARG T 644 6.90 -3.80 66.20
C ARG T 644 5.47 -4.29 66.43
N TYR T 645 4.53 -3.87 65.58
CA TYR T 645 3.13 -4.18 65.81
C TYR T 645 2.85 -5.67 65.65
N ILE T 646 3.41 -6.30 64.61
CA ILE T 646 3.15 -7.71 64.35
C ILE T 646 3.94 -8.63 65.27
N HIS T 647 4.94 -8.11 65.97
CA HIS T 647 5.69 -8.94 66.89
C HIS T 647 4.82 -9.36 68.07
N PRO T 648 4.89 -10.61 68.50
CA PRO T 648 4.02 -11.07 69.59
C PRO T 648 4.20 -10.30 70.88
N LYS T 649 5.39 -9.77 71.14
CA LYS T 649 5.64 -9.06 72.40
C LYS T 649 4.84 -7.76 72.47
N TYR T 650 4.87 -6.96 71.41
CA TYR T 650 4.16 -5.70 71.38
C TYR T 650 2.77 -5.82 70.77
N GLU T 651 2.39 -6.99 70.26
CA GLU T 651 1.08 -7.14 69.64
C GLU T 651 -0.08 -6.70 70.53
N PRO T 652 -0.10 -7.00 71.84
CA PRO T 652 -1.20 -6.47 72.67
C PRO T 652 -1.30 -4.95 72.66
N ALA T 653 -0.17 -4.23 72.62
CA ALA T 653 -0.22 -2.78 72.59
C ALA T 653 -0.81 -2.27 71.28
N PHE T 654 -0.42 -2.89 70.16
CA PHE T 654 -1.02 -2.54 68.87
C PHE T 654 -2.51 -2.86 68.87
N ARG T 655 -2.90 -3.95 69.52
CA ARG T 655 -4.32 -4.26 69.65
C ARG T 655 -5.05 -3.22 70.49
N LEU T 656 -4.39 -2.69 71.53
CA LEU T 656 -4.99 -1.59 72.30
C LEU T 656 -5.19 -0.36 71.43
N GLU T 657 -4.20 -0.03 70.60
CA GLU T 657 -4.35 1.11 69.70
C GLU T 657 -5.49 0.90 68.72
N VAL T 658 -5.59 -0.30 68.14
CA VAL T 658 -6.67 -0.62 67.21
C VAL T 658 -8.02 -0.57 67.92
N ARG T 659 -8.06 -1.01 69.18
CA ARG T 659 -9.29 -0.94 69.95
C ARG T 659 -9.71 0.51 70.20
N ALA T 660 -8.74 1.38 70.47
CA ALA T 660 -9.05 2.80 70.63
C ALA T 660 -9.61 3.38 69.34
N ILE T 661 -8.99 3.05 68.21
CA ILE T 661 -9.48 3.53 66.92
C ILE T 661 -10.89 3.01 66.66
N LYS T 662 -11.14 1.73 66.96
CA LYS T 662 -12.47 1.16 66.76
C LYS T 662 -13.50 1.82 67.65
N LYS T 663 -13.13 2.12 68.90
CA LYS T 663 -14.03 2.81 69.81
C LYS T 663 -14.37 4.21 69.28
N VAL T 664 -13.38 4.92 68.75
CA VAL T 664 -13.65 6.22 68.15
C VAL T 664 -14.59 6.07 66.96
N ARG T 665 -14.36 5.07 66.11
CA ARG T 665 -15.13 4.95 64.88
C ARG T 665 -16.55 4.44 65.13
N GLU T 666 -16.76 3.72 66.22
CA GLU T 666 -18.04 3.07 66.48
C GLU T 666 -18.81 3.68 67.63
N GLU T 667 -18.20 3.77 68.81
CA GLU T 667 -18.90 4.32 69.97
C GLU T 667 -19.29 5.78 69.75
N MET T 668 -18.39 6.57 69.19
CA MET T 668 -18.68 7.95 68.84
C MET T 668 -19.16 8.12 67.41
N GLY T 669 -19.16 7.05 66.62
CA GLY T 669 -19.64 7.13 65.25
C GLY T 669 -18.84 8.03 64.35
N LEU T 670 -17.59 8.30 64.69
CA LEU T 670 -16.74 9.19 63.88
C LEU T 670 -16.13 8.38 62.75
N THR T 671 -16.85 8.33 61.63
CA THR T 671 -16.41 7.54 60.49
C THR T 671 -15.15 8.12 59.84
N ASN T 672 -14.94 9.42 59.98
CA ASN T 672 -13.85 10.12 59.30
C ASN T 672 -12.46 9.75 59.85
N VAL T 673 -12.31 8.77 60.73
CA VAL T 673 -11.01 8.42 61.28
C VAL T 673 -10.40 7.30 60.43
N TRP T 674 -9.25 7.56 59.84
CA TRP T 674 -8.47 6.59 59.09
C TRP T 674 -7.17 6.34 59.84
N VAL T 675 -6.45 5.29 59.44
CA VAL T 675 -5.20 4.93 60.09
C VAL T 675 -4.10 4.85 59.05
N MET T 676 -2.87 5.15 59.48
CA MET T 676 -1.69 4.93 58.66
C MET T 676 -0.66 4.13 59.46
N PHE T 677 -0.02 3.19 58.78
CA PHE T 677 0.99 2.34 59.39
C PHE T 677 2.36 2.98 59.19
N PRO T 678 3.05 3.37 60.25
CA PRO T 678 4.36 4.01 60.08
C PRO T 678 5.47 2.99 59.89
N PHE T 679 6.43 3.37 59.04
CA PHE T 679 7.67 2.63 58.84
C PHE T 679 7.39 1.19 58.38
N VAL T 680 6.73 1.09 57.24
CA VAL T 680 6.40 -0.20 56.64
C VAL T 680 7.60 -0.72 55.88
N ARG T 681 7.98 -1.96 56.14
CA ARG T 681 9.18 -2.55 55.56
C ARG T 681 8.86 -3.59 54.47
N THR T 682 8.01 -4.56 54.77
CA THR T 682 7.74 -5.66 53.86
C THR T 682 6.24 -5.88 53.72
N THR T 683 5.86 -6.54 52.63
CA THR T 683 4.45 -6.78 52.36
C THR T 683 3.83 -7.75 53.35
N TRP T 684 4.58 -8.80 53.74
CA TRP T 684 4.03 -9.79 54.65
C TRP T 684 3.77 -9.19 56.03
N GLU T 685 4.65 -8.29 56.49
CA GLU T 685 4.38 -7.61 57.76
C GLU T 685 3.14 -6.73 57.67
N LEU T 686 2.92 -6.08 56.51
CA LEU T 686 1.75 -5.26 56.33
C LEU T 686 0.48 -6.11 56.35
N GLU T 687 0.52 -7.26 55.69
CA GLU T 687 -0.66 -8.13 55.70
C GLU T 687 -0.90 -8.74 57.07
N ARG T 688 0.16 -9.01 57.83
CA ARG T 688 -0.02 -9.49 59.21
C ARG T 688 -0.64 -8.40 60.08
N ALA T 689 -0.20 -7.16 59.93
CA ALA T 689 -0.84 -6.06 60.66
C ALA T 689 -2.30 -5.90 60.25
N LEU T 690 -2.59 -6.05 58.95
CA LEU T 690 -3.97 -5.93 58.49
C LEU T 690 -4.85 -7.03 59.06
N LYS T 691 -4.36 -8.27 59.11
CA LYS T 691 -5.15 -9.34 59.70
C LYS T 691 -5.29 -9.19 61.20
N ILE T 692 -4.29 -8.63 61.88
CA ILE T 692 -4.44 -8.32 63.29
C ILE T 692 -5.53 -7.27 63.49
N MET T 693 -5.56 -6.25 62.63
CA MET T 693 -6.62 -5.25 62.69
C MET T 693 -7.99 -5.87 62.43
N GLU T 694 -8.06 -6.79 61.46
CA GLU T 694 -9.32 -7.47 61.17
C GLU T 694 -9.79 -8.30 62.36
N GLU T 695 -8.85 -8.96 63.05
CA GLU T 695 -9.22 -9.73 64.24
C GLU T 695 -9.82 -8.83 65.32
N GLU T 696 -9.49 -7.56 65.31
CA GLU T 696 -10.05 -6.59 66.25
C GLU T 696 -11.31 -5.92 65.73
N GLY T 697 -11.81 -6.33 64.57
CA GLY T 697 -13.01 -5.76 64.00
C GLY T 697 -12.80 -4.52 63.17
N LEU T 698 -11.55 -4.09 62.97
CA LEU T 698 -11.24 -2.92 62.15
C LEU T 698 -10.82 -3.42 60.77
N LYS T 699 -11.70 -3.26 59.80
CA LYS T 699 -11.50 -3.78 58.46
C LYS T 699 -11.49 -2.65 57.44
N ARG T 700 -10.57 -2.74 56.48
CA ARG T 700 -10.50 -1.77 55.39
C ARG T 700 -11.77 -1.84 54.56
N GLY T 701 -12.33 -0.68 54.25
CA GLY T 701 -13.57 -0.62 53.50
C GLY T 701 -13.78 0.74 52.88
N LYS T 702 -15.02 0.98 52.45
CA LYS T 702 -15.37 2.25 51.84
C LYS T 702 -15.34 3.39 52.85
N ASP T 703 -15.68 3.12 54.11
CA ASP T 703 -15.70 4.13 55.14
C ASP T 703 -14.44 4.13 56.01
N PHE T 704 -13.47 3.26 55.70
CA PHE T 704 -12.24 3.16 56.47
C PHE T 704 -11.07 3.02 55.51
N LYS T 705 -10.16 3.98 55.56
CA LYS T 705 -8.98 3.98 54.70
C LYS T 705 -7.75 3.62 55.52
N VAL T 706 -6.87 2.80 54.93
CA VAL T 706 -5.62 2.39 55.54
C VAL T 706 -4.48 2.87 54.65
N TRP T 707 -3.55 3.62 55.24
CA TRP T 707 -2.40 4.14 54.52
C TRP T 707 -1.12 3.49 55.05
N ALA T 708 -0.07 3.58 54.25
CA ALA T 708 1.25 3.09 54.64
C ALA T 708 2.26 4.21 54.45
N MET T 709 3.09 4.44 55.46
CA MET T 709 4.13 5.44 55.35
C MET T 709 5.19 4.99 54.35
N ALA T 710 5.46 5.84 53.36
CA ALA T 710 6.47 5.55 52.35
C ALA T 710 7.79 6.21 52.73
N GLU T 711 8.35 5.74 53.85
CA GLU T 711 9.61 6.25 54.36
C GLU T 711 10.73 5.23 54.30
N VAL T 712 10.50 4.06 53.72
CA VAL T 712 11.51 3.02 53.58
C VAL T 712 11.75 2.78 52.10
N PRO T 713 13.01 2.64 51.66
CA PRO T 713 13.27 2.43 50.22
C PRO T 713 12.63 1.17 49.66
N SER T 714 12.31 0.18 50.50
CA SER T 714 11.57 -0.97 50.01
C SER T 714 10.20 -0.57 49.49
N ILE T 715 9.56 0.40 50.15
CA ILE T 715 8.30 0.94 49.64
C ILE T 715 8.52 1.63 48.32
N VAL T 716 9.65 2.33 48.18
CA VAL T 716 9.97 2.99 46.92
C VAL T 716 10.07 1.97 45.79
N LEU T 717 10.76 0.86 46.05
CA LEU T 717 10.99 -0.13 45.00
C LEU T 717 9.76 -0.99 44.71
N LEU T 718 8.89 -1.19 45.70
CA LEU T 718 7.75 -2.09 45.56
C LEU T 718 6.44 -1.41 45.95
N ALA T 719 6.28 -0.14 45.57
CA ALA T 719 5.03 0.55 45.88
C ALA T 719 3.84 -0.09 45.20
N ASP T 720 4.01 -0.51 43.94
CA ASP T 720 2.93 -1.18 43.23
C ASP T 720 2.52 -2.49 43.89
N LYS T 721 3.48 -3.17 44.53
CA LYS T 721 3.15 -4.40 45.25
C LYS T 721 2.46 -4.09 46.56
N PHE T 722 2.89 -3.04 47.27
CA PHE T 722 2.26 -2.67 48.52
C PHE T 722 0.86 -2.11 48.33
N ALA T 723 0.54 -1.60 47.14
CA ALA T 723 -0.75 -0.95 46.92
C ALA T 723 -1.92 -1.92 47.03
N GLU T 724 -1.69 -3.23 46.91
CA GLU T 724 -2.79 -4.18 47.04
C GLU T 724 -3.30 -4.30 48.48
N TYR T 725 -2.54 -3.80 49.45
CA TYR T 725 -2.90 -3.95 50.85
C TYR T 725 -3.43 -2.67 51.49
N VAL T 726 -3.12 -1.50 50.93
CA VAL T 726 -3.49 -0.24 51.53
C VAL T 726 -4.24 0.60 50.51
N ASP T 727 -5.05 1.55 51.01
CA ASP T 727 -5.78 2.44 50.13
C ASP T 727 -4.87 3.50 49.52
N GLY T 728 -3.81 3.89 50.24
CA GLY T 728 -2.90 4.89 49.73
C GLY T 728 -1.61 4.89 50.51
N PHE T 729 -0.71 5.78 50.09
CA PHE T 729 0.60 5.93 50.72
C PHE T 729 0.80 7.36 51.18
N SER T 730 1.48 7.50 52.31
CA SER T 730 1.89 8.80 52.83
C SER T 730 3.42 8.84 52.83
N ILE T 731 3.98 9.77 52.07
CA ILE T 731 5.44 9.86 51.92
C ILE T 731 6.00 10.63 53.11
N GLY T 732 6.72 9.92 53.97
CA GLY T 732 7.41 10.55 55.08
C GLY T 732 8.74 11.11 54.64
N SER T 733 8.71 12.26 53.95
CA SER T 733 9.90 12.80 53.32
C SER T 733 11.06 12.97 54.30
N ASN T 734 10.76 13.33 55.56
CA ASN T 734 11.81 13.48 56.55
C ASN T 734 12.57 12.17 56.75
N ASP T 735 11.84 11.08 56.99
CA ASP T 735 12.47 9.77 57.14
C ASP T 735 12.88 9.17 55.81
N LEU T 736 12.13 9.44 54.74
CA LEU T 736 12.47 8.90 53.44
C LEU T 736 13.81 9.41 52.94
N THR T 737 14.07 10.71 53.12
CA THR T 737 15.37 11.25 52.74
C THR T 737 16.49 10.62 53.56
N GLN T 738 16.26 10.45 54.87
CA GLN T 738 17.27 9.83 55.73
C GLN T 738 17.60 8.42 55.28
N LEU T 739 16.57 7.63 54.95
CA LEU T 739 16.82 6.24 54.60
C LEU T 739 17.37 6.10 53.18
N ILE T 740 16.91 6.94 52.25
CA ILE T 740 17.42 6.89 50.88
C ILE T 740 18.90 7.29 50.85
N LEU T 741 19.25 8.36 51.56
CA LEU T 741 20.63 8.81 51.61
C LEU T 741 21.46 8.07 52.65
N GLY T 742 20.83 7.30 53.54
CA GLY T 742 21.58 6.61 54.57
C GLY T 742 22.28 7.54 55.54
N ALA T 743 21.63 8.64 55.91
CA ALA T 743 22.20 9.63 56.82
C ALA T 743 21.16 9.98 57.89
N ASP T 744 21.64 10.27 59.09
CA ASP T 744 20.79 10.55 60.24
C ASP T 744 20.94 12.01 60.63
N ARG T 745 19.80 12.69 60.83
CA ARG T 745 19.79 14.15 60.89
C ARG T 745 20.44 14.72 62.14
N ASP T 746 20.24 14.11 63.31
CA ASP T 746 20.75 14.70 64.55
C ASP T 746 22.27 14.75 64.59
N SER T 747 22.95 14.03 63.70
CA SER T 747 24.40 14.16 63.56
C SER T 747 24.70 15.53 62.95
N ASN T 748 25.31 16.41 63.74
CA ASN T 748 25.56 17.76 63.27
C ASN T 748 26.54 17.80 62.10
N ILE T 749 27.48 16.85 62.06
CA ILE T 749 28.47 16.83 60.99
C ILE T 749 27.78 16.61 59.64
N LEU T 750 26.89 15.61 59.57
CA LEU T 750 26.18 15.33 58.32
C LEU T 750 25.26 16.49 57.95
N ALA T 751 24.62 17.11 58.94
CA ALA T 751 23.74 18.24 58.66
C ALA T 751 24.51 19.43 58.10
N GLU T 752 25.71 19.67 58.62
CA GLU T 752 26.50 20.82 58.17
C GLU T 752 26.88 20.68 56.69
N MET T 753 27.17 19.47 56.24
CA MET T 753 27.54 19.27 54.83
C MET T 753 26.37 19.46 53.88
N GLY T 754 25.15 19.57 54.38
CA GLY T 754 24.00 19.77 53.52
C GLY T 754 23.41 18.50 52.94
N TYR T 755 23.65 17.36 53.58
CA TYR T 755 23.09 16.10 53.08
C TYR T 755 21.58 16.10 53.10
N PHE T 756 20.98 16.64 54.17
CA PHE T 756 19.55 16.50 54.41
C PHE T 756 18.77 17.58 53.65
N ASP T 757 18.96 17.56 52.35
CA ASP T 757 18.20 18.39 51.41
C ASP T 757 17.20 17.49 50.71
N GLU T 758 15.91 17.75 50.94
CA GLU T 758 14.87 16.95 50.31
C GLU T 758 14.75 17.23 48.81
N ARG T 759 15.45 18.23 48.30
CA ARG T 759 15.59 18.47 46.87
C ARG T 759 16.65 17.58 46.22
N ASP T 760 17.17 16.61 46.96
CA ASP T 760 18.19 15.73 46.41
C ASP T 760 17.63 14.93 45.23
N PRO T 761 18.41 14.71 44.18
CA PRO T 761 17.88 13.96 43.02
C PRO T 761 17.42 12.56 43.38
N ALA T 762 18.11 11.89 44.31
CA ALA T 762 17.69 10.54 44.69
C ALA T 762 16.33 10.55 45.38
N VAL T 763 16.11 11.50 46.29
CA VAL T 763 14.83 11.58 46.98
C VAL T 763 13.71 11.92 45.99
N LEU T 764 13.99 12.83 45.05
CA LEU T 764 12.99 13.17 44.04
C LEU T 764 12.67 11.98 43.16
N ALA T 765 13.68 11.23 42.75
CA ALA T 765 13.44 10.04 41.94
C ALA T 765 12.64 9.00 42.70
N GLY T 766 12.94 8.81 43.99
CA GLY T 766 12.17 7.88 44.79
C GLY T 766 10.71 8.29 44.93
N ILE T 767 10.48 9.59 45.17
CA ILE T 767 9.12 10.10 45.28
C ILE T 767 8.37 9.92 43.97
N LYS T 768 9.03 10.21 42.85
CA LYS T 768 8.42 10.03 41.54
C LYS T 768 8.05 8.57 41.30
N MET T 769 8.96 7.65 41.66
CA MET T 769 8.67 6.23 41.50
C MET T 769 7.50 5.79 42.35
N ILE T 770 7.45 6.27 43.61
CA ILE T 770 6.33 5.93 44.48
C ILE T 770 5.02 6.42 43.88
N ILE T 771 5.00 7.66 43.42
CA ILE T 771 3.77 8.23 42.85
C ILE T 771 3.34 7.46 41.62
N GLU T 772 4.29 7.16 40.73
CA GLU T 772 3.95 6.44 39.50
C GLU T 772 3.40 5.05 39.80
N LYS T 773 4.06 4.31 40.70
CA LYS T 773 3.60 2.97 41.02
C LYS T 773 2.22 3.00 41.69
N ALA T 774 2.03 3.90 42.66
CA ALA T 774 0.76 3.95 43.36
C ALA T 774 -0.38 4.34 42.43
N HIS T 775 -0.15 5.29 41.52
CA HIS T 775 -1.20 5.65 40.57
C HIS T 775 -1.40 4.59 39.50
N SER T 776 -0.37 3.81 39.17
CA SER T 776 -0.58 2.66 38.30
C SER T 776 -1.42 1.59 38.96
N LYS T 777 -1.33 1.44 40.28
CA LYS T 777 -2.17 0.50 41.00
C LYS T 777 -3.38 1.18 41.64
N GLY T 778 -3.66 2.43 41.30
CA GLY T 778 -4.86 3.10 41.77
C GLY T 778 -4.86 3.50 43.22
N ALA T 779 -3.69 3.67 43.82
CA ALA T 779 -3.59 4.08 45.22
C ALA T 779 -3.25 5.56 45.30
N THR T 780 -3.85 6.24 46.28
CA THR T 780 -3.58 7.65 46.50
C THR T 780 -2.20 7.85 47.10
N VAL T 781 -1.62 9.03 46.85
CA VAL T 781 -0.30 9.38 47.35
C VAL T 781 -0.41 10.67 48.14
N SER T 782 0.14 10.67 49.35
CA SER T 782 0.20 11.86 50.19
C SER T 782 1.64 12.05 50.67
N ILE T 783 1.96 13.27 51.08
CA ILE T 783 3.26 13.59 51.64
C ILE T 783 3.04 14.38 52.94
N CYS T 784 3.73 13.98 54.00
CA CYS T 784 3.63 14.62 55.31
C CYS T 784 5.05 14.83 55.82
N GLY T 785 5.63 15.97 55.47
CA GLY T 785 6.98 16.29 55.88
C GLY T 785 7.23 17.78 55.79
N GLN T 786 8.46 18.16 56.09
CA GLN T 786 8.84 19.57 56.06
C GLN T 786 9.23 20.06 54.67
N ALA T 787 9.37 19.15 53.70
CA ALA T 787 9.75 19.58 52.35
C ALA T 787 8.74 20.51 51.71
N PRO T 788 7.44 20.23 51.68
CA PRO T 788 6.50 21.19 51.08
C PRO T 788 6.36 22.48 51.86
N SER T 789 6.72 22.48 53.15
CA SER T 789 6.55 23.67 53.97
C SER T 789 7.57 24.76 53.66
N VAL T 790 8.76 24.38 53.19
CA VAL T 790 9.86 25.31 53.02
C VAL T 790 10.27 25.50 51.57
N TYR T 791 10.22 24.43 50.76
CA TYR T 791 10.72 24.50 49.41
C TYR T 791 9.57 24.56 48.41
N PRO T 792 9.34 25.70 47.75
CA PRO T 792 8.29 25.76 46.72
C PRO T 792 8.52 24.82 45.55
N GLU T 793 9.78 24.59 45.17
CA GLU T 793 10.07 23.70 44.05
C GLU T 793 9.68 22.26 44.35
N ILE T 794 9.80 21.81 45.59
CA ILE T 794 9.29 20.49 45.98
C ILE T 794 7.79 20.42 45.74
N VAL T 795 7.06 21.47 46.12
CA VAL T 795 5.62 21.49 45.90
C VAL T 795 5.30 21.45 44.42
N GLU T 796 6.04 22.21 43.61
CA GLU T 796 5.81 22.22 42.17
C GLU T 796 6.05 20.84 41.57
N PHE T 797 7.14 20.18 41.97
CA PHE T 797 7.44 18.85 41.46
C PHE T 797 6.37 17.85 41.90
N LEU T 798 5.91 17.94 43.15
CA LEU T 798 4.88 17.03 43.63
C LEU T 798 3.57 17.20 42.86
N VAL T 799 3.16 18.44 42.64
CA VAL T 799 1.92 18.69 41.92
C VAL T 799 2.04 18.26 40.47
N GLU T 800 3.21 18.48 39.86
CA GLU T 800 3.43 18.03 38.49
C GLU T 800 3.36 16.50 38.41
N ALA T 801 3.95 15.81 39.38
CA ALA T 801 3.87 14.36 39.41
C ALA T 801 2.46 13.86 39.61
N GLY T 802 1.57 14.68 40.16
CA GLY T 802 0.18 14.29 40.34
C GLY T 802 -0.13 13.73 41.71
N ILE T 803 0.52 14.27 42.74
CA ILE T 803 0.27 13.80 44.10
C ILE T 803 -1.14 14.14 44.51
N ASP T 804 -1.78 13.23 45.24
CA ASP T 804 -3.19 13.39 45.58
C ASP T 804 -3.40 14.43 46.67
N SER T 805 -2.54 14.47 47.68
CA SER T 805 -2.70 15.42 48.76
C SER T 805 -1.34 15.76 49.34
N ILE T 806 -1.27 16.91 50.01
CA ILE T 806 -0.06 17.38 50.68
C ILE T 806 -0.45 17.76 52.10
N SER T 807 0.26 17.19 53.08
CA SER T 807 0.02 17.47 54.48
C SER T 807 1.17 18.32 55.01
N VAL T 808 0.85 19.48 55.56
CA VAL T 808 1.84 20.44 56.03
C VAL T 808 1.49 20.87 57.45
N ASN T 809 2.42 21.61 58.06
CA ASN T 809 2.19 22.18 59.37
C ASN T 809 1.11 23.25 59.28
N PRO T 810 0.41 23.53 60.39
CA PRO T 810 -0.66 24.54 60.34
C PRO T 810 -0.20 25.90 59.85
N ASP T 811 0.94 26.39 60.35
CA ASP T 811 1.41 27.71 59.95
C ASP T 811 1.76 27.79 58.47
N ALA T 812 1.96 26.64 57.81
CA ALA T 812 2.26 26.60 56.39
C ALA T 812 1.05 26.20 55.55
N VAL T 813 -0.15 26.14 56.14
CA VAL T 813 -1.32 25.69 55.39
C VAL T 813 -1.68 26.71 54.32
N ILE T 814 -2.02 27.93 54.73
CA ILE T 814 -2.60 28.91 53.82
C ILE T 814 -1.67 29.15 52.64
N ALA T 815 -0.39 29.44 52.91
CA ALA T 815 0.57 29.65 51.84
C ALA T 815 0.58 28.47 50.87
N THR T 816 0.64 27.26 51.41
CA THR T 816 0.62 26.07 50.55
C THR T 816 -0.63 26.07 49.68
N ARG T 817 -1.79 26.35 50.29
CA ARG T 817 -3.02 26.38 49.52
C ARG T 817 -2.94 27.38 48.39
N ARG T 818 -2.27 28.52 48.62
CA ARG T 818 -2.01 29.43 47.52
C ARG T 818 -1.07 28.80 46.52
N LEU T 819 0.10 28.34 46.99
CA LEU T 819 1.16 27.91 46.09
C LEU T 819 0.68 26.78 45.18
N VAL T 820 0.13 25.72 45.77
CA VAL T 820 -0.36 24.60 44.99
C VAL T 820 -1.32 25.11 43.92
N ALA T 821 -2.27 25.97 44.31
CA ALA T 821 -3.23 26.48 43.35
C ALA T 821 -2.51 27.10 42.16
N SER T 822 -1.58 28.02 42.42
CA SER T 822 -0.85 28.64 41.33
C SER T 822 -0.18 27.59 40.47
N ILE T 823 0.51 26.64 41.11
CA ILE T 823 1.21 25.61 40.37
C ILE T 823 0.22 24.85 39.49
N GLU T 824 -0.92 24.48 40.06
CA GLU T 824 -1.93 23.78 39.25
C GLU T 824 -2.29 24.60 38.04
N ARG T 825 -2.59 25.89 38.24
CA ARG T 825 -2.92 26.76 37.11
C ARG T 825 -1.78 26.76 36.11
N LYS T 826 -0.53 26.90 36.59
CA LYS T 826 0.61 26.85 35.68
C LYS T 826 0.63 25.54 34.91
N ILE T 827 0.47 24.42 35.61
CA ILE T 827 0.45 23.14 34.92
C ILE T 827 -0.68 23.11 33.90
N MET T 828 -1.84 23.66 34.28
CA MET T 828 -3.00 23.60 33.40
C MET T 828 -2.74 24.38 32.13
N LEU T 829 -1.83 25.37 32.18
CA LEU T 829 -1.34 25.99 30.95
C LEU T 829 -0.37 25.07 30.22
N LYS T 830 0.68 24.61 30.92
CA LYS T 830 1.79 23.95 30.26
C LYS T 830 1.31 22.73 29.47
N ARG T 831 0.55 21.85 30.13
CA ARG T 831 0.01 20.68 29.45
C ARG T 831 -0.69 21.05 28.16
N LEU T 832 -1.54 22.09 28.20
CA LEU T 832 -2.22 22.53 26.99
C LEU T 832 -1.22 22.78 25.87
N ASN T 833 -0.19 23.60 26.15
CA ASN T 833 0.85 23.84 25.15
C ASN T 833 1.40 22.53 24.62
N LYS T 834 1.80 21.63 25.52
CA LYS T 834 2.35 20.36 25.08
C LYS T 834 1.38 19.66 24.14
N ILE T 835 0.10 19.62 24.51
CA ILE T 835 -0.89 18.96 23.66
C ILE T 835 -0.85 19.55 22.27
N MET T 836 -0.89 20.89 22.18
CA MET T 836 -0.83 21.52 20.86
C MET T 836 0.43 21.10 20.13
N ASP T 837 1.58 21.17 20.80
CA ASP T 837 2.82 20.74 20.18
C ASP T 837 2.71 19.29 19.74
N LYS T 838 2.19 18.44 20.63
CA LYS T 838 1.99 17.04 20.27
C LYS T 838 1.11 16.93 19.03
N LEU T 839 0.02 17.69 19.02
CA LEU T 839 -0.88 17.64 17.86
C LEU T 839 -0.16 18.07 16.60
N ASN T 840 0.74 19.05 16.72
CA ASN T 840 1.52 19.46 15.55
C ASN T 840 2.27 18.28 14.96
N LYS T 841 2.93 17.50 15.83
CA LYS T 841 3.72 16.37 15.34
C LYS T 841 2.83 15.33 14.66
N LEU T 842 1.54 15.33 15.00
CA LEU T 842 0.63 14.39 14.34
C LEU T 842 0.34 14.84 12.91
N GLU T 843 0.24 16.15 12.68
CA GLU T 843 -0.12 16.61 11.35
C GLU T 843 1.08 16.68 10.41
N LEU T 844 2.28 16.56 10.95
CA LEU T 844 3.50 16.60 10.12
C LEU T 844 4.29 15.31 10.26
N SER U 522 46.87 -42.36 38.04
CA SER U 522 45.62 -43.11 37.92
C SER U 522 44.77 -42.55 36.79
N PRO U 523 45.05 -43.00 35.56
CA PRO U 523 44.33 -42.44 34.40
C PRO U 523 42.84 -42.78 34.36
N GLU U 524 42.39 -43.80 35.09
CA GLU U 524 41.01 -44.25 34.95
C GLU U 524 40.02 -43.21 35.47
N GLN U 525 40.42 -42.35 36.39
CA GLN U 525 39.54 -41.27 36.80
C GLN U 525 39.68 -40.02 35.95
N LEU U 526 40.62 -40.01 34.98
CA LEU U 526 40.80 -38.86 34.10
C LEU U 526 39.87 -38.88 32.90
N LEU U 527 39.15 -39.99 32.67
CA LEU U 527 38.22 -40.05 31.55
C LEU U 527 37.14 -38.98 31.61
N PRO U 528 36.43 -38.77 32.73
CA PRO U 528 35.38 -37.74 32.74
C PRO U 528 35.91 -36.32 32.59
N LEU U 529 37.20 -36.09 32.85
CA LEU U 529 37.76 -34.75 32.79
C LEU U 529 38.20 -34.35 31.37
N TYR U 530 38.08 -35.25 30.40
CA TYR U 530 38.43 -34.91 29.03
C TYR U 530 37.43 -33.91 28.46
N PRO U 531 37.84 -33.11 27.48
CA PRO U 531 36.94 -32.10 26.92
C PRO U 531 35.68 -32.73 26.33
N VAL U 532 34.56 -32.02 26.49
CA VAL U 532 33.26 -32.49 26.01
C VAL U 532 33.06 -31.96 24.60
N THR U 533 32.72 -32.87 23.69
CA THR U 533 32.51 -32.54 22.29
C THR U 533 31.08 -32.87 21.88
N ALA U 534 30.46 -31.96 21.13
CA ALA U 534 29.15 -32.25 20.56
C ALA U 534 29.23 -33.41 19.57
N THR U 535 30.24 -33.41 18.72
CA THR U 535 30.44 -34.51 17.79
C THR U 535 31.02 -35.72 18.53
N LYS U 536 30.42 -36.88 18.31
CA LYS U 536 30.89 -38.09 18.96
C LYS U 536 32.23 -38.53 18.39
N ILE U 537 33.16 -38.88 19.27
CA ILE U 537 34.49 -39.32 18.88
C ILE U 537 34.51 -40.84 18.98
N TYR U 538 34.44 -41.52 17.84
CA TYR U 538 34.48 -42.97 17.80
C TYR U 538 35.91 -43.46 17.56
N MET U 539 36.10 -44.76 17.74
CA MET U 539 37.41 -45.37 17.59
C MET U 539 37.33 -46.52 16.58
N ASN U 540 38.42 -46.68 15.82
CA ASN U 540 38.54 -47.79 14.87
C ASN U 540 39.30 -48.93 15.52
N LEU U 541 38.72 -50.13 15.46
CA LEU U 541 39.31 -51.31 16.05
C LEU U 541 39.34 -52.44 15.02
N GLY U 542 40.49 -53.11 14.93
CA GLY U 542 40.62 -54.24 14.04
C GLY U 542 40.88 -55.54 14.77
N GLU U 543 41.57 -55.45 15.91
CA GLU U 543 41.87 -56.62 16.73
C GLU U 543 41.06 -56.55 18.02
N PRO U 544 40.20 -57.54 18.30
CA PRO U 544 39.43 -57.49 19.55
C PRO U 544 40.31 -57.44 20.79
N ASP U 545 41.42 -58.17 20.81
CA ASP U 545 42.29 -58.20 21.98
C ASP U 545 42.93 -56.85 22.28
N ALA U 546 42.88 -55.92 21.33
CA ALA U 546 43.40 -54.57 21.55
C ALA U 546 42.41 -53.67 22.26
N ILE U 547 41.19 -54.14 22.54
CA ILE U 547 40.23 -53.29 23.23
C ILE U 547 40.67 -53.00 24.66
N GLU U 548 41.41 -53.92 25.28
CA GLU U 548 41.87 -53.70 26.64
C GLU U 548 43.01 -52.68 26.70
N LYS U 549 43.78 -52.57 25.61
CA LYS U 549 44.84 -51.56 25.58
C LYS U 549 44.27 -50.15 25.53
N TYR U 550 43.16 -49.97 24.81
CA TYR U 550 42.59 -48.65 24.57
C TYR U 550 41.32 -48.41 25.39
N LYS U 551 41.10 -49.19 26.45
CA LYS U 551 39.91 -49.00 27.28
C LYS U 551 39.92 -47.68 28.03
N ASP U 552 41.09 -47.06 28.19
CA ASP U 552 41.21 -45.80 28.91
C ASP U 552 41.23 -44.59 27.99
N LEU U 553 40.82 -44.75 26.73
CA LEU U 553 40.75 -43.60 25.86
C LEU U 553 39.36 -42.97 25.90
N PRO U 554 39.26 -41.65 25.73
CA PRO U 554 37.94 -40.99 25.75
C PRO U 554 37.22 -41.09 24.42
N PHE U 555 36.75 -42.29 24.10
CA PHE U 555 35.99 -42.53 22.89
C PHE U 555 34.54 -42.85 23.25
N ASP U 556 33.61 -42.40 22.43
CA ASP U 556 32.19 -42.61 22.65
C ASP U 556 31.69 -43.92 22.08
N GLY U 557 32.57 -44.72 21.48
CA GLY U 557 32.18 -45.99 20.92
C GLY U 557 33.15 -46.42 19.84
N ILE U 558 32.90 -47.60 19.30
CA ILE U 558 33.68 -48.15 18.20
C ILE U 558 32.87 -47.88 16.93
N GLY U 559 33.26 -46.84 16.20
CA GLY U 559 32.58 -46.51 14.97
C GLY U 559 32.92 -47.41 13.80
N LEU U 560 33.94 -48.25 13.94
CA LEU U 560 34.31 -49.18 12.87
C LEU U 560 35.06 -50.35 13.51
N MET U 561 34.42 -51.51 13.53
CA MET U 561 35.04 -52.75 13.97
C MET U 561 35.30 -53.61 12.75
N ARG U 562 36.57 -53.89 12.48
CA ARG U 562 36.96 -54.68 11.33
C ARG U 562 37.03 -56.15 11.72
N ILE U 563 36.20 -56.98 11.08
CA ILE U 563 36.16 -58.40 11.38
C ILE U 563 37.10 -59.14 10.43
N GLU U 564 37.83 -58.37 9.61
CA GLU U 564 38.79 -58.99 8.69
C GLU U 564 39.88 -59.74 9.46
N PHE U 565 40.36 -59.14 10.55
CA PHE U 565 41.39 -59.80 11.36
C PHE U 565 40.86 -61.07 11.99
N ILE U 566 39.60 -61.07 12.43
CA ILE U 566 39.02 -62.26 13.06
C ILE U 566 38.94 -63.39 12.05
N ILE U 567 38.45 -63.09 10.83
CA ILE U 567 38.32 -64.13 9.82
C ILE U 567 39.71 -64.63 9.38
N THR U 568 40.67 -63.72 9.28
CA THR U 568 42.00 -64.10 8.79
C THR U 568 42.76 -64.94 9.82
N ASP U 569 42.75 -64.51 11.08
CA ASP U 569 43.62 -65.11 12.09
C ASP U 569 42.90 -65.99 13.10
N TRP U 570 41.60 -65.83 13.28
CA TRP U 570 40.86 -66.70 14.19
C TRP U 570 40.10 -67.81 13.47
N VAL U 571 39.88 -67.67 12.16
CA VAL U 571 39.17 -68.67 11.37
C VAL U 571 40.09 -69.36 10.37
N GLN U 572 40.89 -68.56 9.64
CA GLN U 572 41.81 -69.03 8.60
C GLN U 572 41.11 -69.72 7.44
N TYR U 573 39.79 -69.83 7.46
CA TYR U 573 39.07 -70.60 6.46
C TYR U 573 38.00 -69.75 5.78
N HIS U 574 37.81 -70.01 4.49
CA HIS U 574 36.75 -69.36 3.75
C HIS U 574 35.40 -69.81 4.30
N PRO U 575 34.47 -68.88 4.56
CA PRO U 575 33.17 -69.30 5.14
C PRO U 575 32.42 -70.29 4.27
N LEU U 576 32.48 -70.13 2.95
CA LEU U 576 31.84 -71.11 2.07
C LEU U 576 32.48 -72.48 2.19
N TYR U 577 33.81 -72.53 2.34
CA TYR U 577 34.49 -73.80 2.56
C TYR U 577 34.02 -74.45 3.87
N LEU U 578 33.87 -73.65 4.92
CA LEU U 578 33.38 -74.19 6.18
C LEU U 578 31.95 -74.70 6.05
N ILE U 579 31.12 -74.00 5.27
CA ILE U 579 29.76 -74.47 5.01
C ILE U 579 29.79 -75.80 4.27
N GLU U 580 30.67 -75.93 3.28
CA GLU U 580 30.80 -77.18 2.55
C GLU U 580 31.25 -78.31 3.48
N GLN U 581 32.19 -78.03 4.37
CA GLN U 581 32.64 -79.00 5.36
C GLN U 581 31.71 -79.07 6.57
N GLY U 582 30.64 -78.28 6.60
CA GLY U 582 29.73 -78.29 7.73
C GLY U 582 30.33 -77.74 9.01
N LYS U 583 31.14 -76.68 8.91
CA LYS U 583 31.76 -76.09 10.08
C LYS U 583 31.36 -74.63 10.23
N GLU U 584 30.07 -74.33 10.01
CA GLU U 584 29.57 -72.98 10.23
C GLU U 584 29.71 -72.56 11.68
N SER U 585 29.65 -73.53 12.60
CA SER U 585 29.70 -73.22 14.02
C SER U 585 31.02 -72.54 14.39
N LEU U 586 32.13 -73.01 13.84
CA LEU U 586 33.43 -72.41 14.16
C LEU U 586 33.47 -70.94 13.75
N PHE U 587 33.10 -70.64 12.51
CA PHE U 587 33.11 -69.26 12.02
C PHE U 587 32.18 -68.38 12.84
N ILE U 588 30.95 -68.84 13.07
CA ILE U 588 29.97 -68.06 13.82
C ILE U 588 30.47 -67.81 15.24
N ASP U 589 31.02 -68.84 15.88
CA ASP U 589 31.46 -68.71 17.26
C ASP U 589 32.67 -67.80 17.39
N LYS U 590 33.60 -67.86 16.44
CA LYS U 590 34.76 -66.97 16.52
C LYS U 590 34.34 -65.51 16.32
N LEU U 591 33.48 -65.24 15.33
CA LEU U 591 32.98 -63.88 15.17
C LEU U 591 32.22 -63.42 16.41
N ALA U 592 31.38 -64.31 16.97
CA ALA U 592 30.62 -63.95 18.15
C ALA U 592 31.54 -63.66 19.33
N GLU U 593 32.58 -64.46 19.51
CA GLU U 593 33.51 -64.24 20.61
C GLU U 593 34.20 -62.89 20.48
N GLY U 594 34.73 -62.58 19.29
CA GLY U 594 35.39 -61.30 19.11
C GLY U 594 34.45 -60.12 19.32
N ILE U 595 33.27 -60.16 18.69
CA ILE U 595 32.34 -59.05 18.78
C ILE U 595 31.82 -58.90 20.20
N ALA U 596 31.57 -60.02 20.89
CA ALA U 596 31.09 -59.96 22.27
C ALA U 596 32.15 -59.39 23.19
N LYS U 597 33.42 -59.79 23.00
CA LYS U 597 34.49 -59.21 23.80
C LYS U 597 34.54 -57.70 23.61
N VAL U 598 34.52 -57.24 22.36
CA VAL U 598 34.60 -55.80 22.11
C VAL U 598 33.39 -55.08 22.69
N ALA U 599 32.19 -55.64 22.53
CA ALA U 599 30.97 -54.98 23.00
C ALA U 599 30.92 -54.92 24.52
N GLN U 600 31.26 -56.03 25.19
CA GLN U 600 31.24 -56.06 26.65
C GLN U 600 32.33 -55.18 27.23
N ALA U 601 33.46 -55.04 26.54
CA ALA U 601 34.54 -54.21 27.06
C ALA U 601 34.14 -52.74 27.16
N ILE U 602 33.23 -52.27 26.31
CA ILE U 602 32.87 -50.87 26.26
C ILE U 602 31.37 -50.65 26.42
N TYR U 603 30.65 -51.62 26.99
CA TYR U 603 29.22 -51.45 27.18
C TYR U 603 28.96 -50.27 28.11
N PRO U 604 27.93 -49.45 27.82
CA PRO U 604 26.95 -49.56 26.73
C PRO U 604 27.30 -48.76 25.48
N ARG U 605 28.56 -48.38 25.28
CA ARG U 605 28.92 -47.63 24.09
C ARG U 605 28.75 -48.50 22.84
N PRO U 606 28.22 -47.96 21.75
CA PRO U 606 27.92 -48.78 20.58
C PRO U 606 29.19 -49.31 19.92
N VAL U 607 29.05 -50.50 19.34
CA VAL U 607 30.10 -51.12 18.53
C VAL U 607 29.52 -51.34 17.14
N VAL U 608 30.01 -50.59 16.16
CA VAL U 608 29.53 -50.70 14.78
C VAL U 608 30.43 -51.70 14.07
N VAL U 609 29.96 -52.93 13.94
CA VAL U 609 30.70 -54.00 13.28
C VAL U 609 30.51 -53.86 11.78
N ARG U 610 31.63 -53.86 11.05
CA ARG U 610 31.60 -53.87 9.60
C ARG U 610 31.57 -55.29 9.10
N PHE U 611 30.70 -55.56 8.12
CA PHE U 611 30.65 -56.88 7.51
C PHE U 611 31.92 -57.12 6.71
N SER U 612 32.02 -58.32 6.12
CA SER U 612 33.24 -58.73 5.44
C SER U 612 33.61 -57.77 4.32
N ASP U 613 34.73 -57.07 4.51
CA ASP U 613 35.22 -56.09 3.55
C ASP U 613 36.32 -56.65 2.65
N PHE U 614 36.51 -57.97 2.65
CA PHE U 614 37.55 -58.59 1.85
C PHE U 614 37.27 -58.42 0.36
N LYS U 615 38.34 -58.40 -0.42
CA LYS U 615 38.25 -58.48 -1.88
C LYS U 615 38.40 -59.95 -2.29
N THR U 616 38.19 -60.21 -3.59
CA THR U 616 38.30 -61.58 -4.07
C THR U 616 39.71 -62.13 -3.88
N ASN U 617 40.73 -61.30 -4.18
CA ASN U 617 42.10 -61.71 -3.95
C ASN U 617 42.38 -61.90 -2.46
N GLU U 618 41.84 -61.04 -1.61
CA GLU U 618 41.98 -61.23 -0.17
C GLU U 618 41.22 -62.46 0.31
N TYR U 619 40.07 -62.75 -0.31
CA TYR U 619 39.32 -63.94 0.03
C TYR U 619 40.09 -65.20 -0.33
N ARG U 620 40.80 -65.17 -1.47
CA ARG U 620 41.58 -66.33 -1.87
C ARG U 620 42.69 -66.66 -0.89
N GLY U 621 43.13 -65.69 -0.08
CA GLY U 621 44.13 -65.96 0.94
C GLY U 621 43.64 -66.91 2.02
N LEU U 622 42.33 -66.99 2.22
CA LEU U 622 41.78 -67.94 3.18
C LEU U 622 41.92 -69.37 2.66
N LYS U 623 41.96 -70.31 3.60
CA LYS U 623 42.09 -71.72 3.23
C LYS U 623 40.83 -72.20 2.53
N GLY U 624 41.01 -72.86 1.38
CA GLY U 624 39.89 -73.37 0.62
C GLY U 624 39.11 -72.34 -0.15
N GLY U 625 39.58 -71.09 -0.21
CA GLY U 625 38.89 -70.03 -0.90
C GLY U 625 39.12 -69.96 -2.39
N GLU U 626 40.04 -70.76 -2.93
CA GLU U 626 40.30 -70.72 -4.36
C GLU U 626 39.11 -71.24 -5.17
N LYS U 627 38.34 -72.17 -4.61
CA LYS U 627 37.22 -72.75 -5.35
C LYS U 627 36.02 -71.80 -5.43
N TYR U 628 35.92 -70.83 -4.53
CA TYR U 628 34.76 -69.97 -4.46
C TYR U 628 35.02 -68.55 -4.93
N GLU U 629 36.26 -68.17 -5.14
CA GLU U 629 36.61 -66.80 -5.52
C GLU U 629 37.14 -66.78 -6.95
N PRO U 630 36.42 -66.19 -7.90
CA PRO U 630 36.93 -66.08 -9.26
C PRO U 630 38.06 -65.08 -9.35
N GLU U 631 38.95 -65.31 -10.30
CA GLU U 631 40.04 -64.37 -10.55
C GLU U 631 39.49 -63.11 -11.21
N GLU U 632 39.66 -61.98 -10.55
CA GLU U 632 39.10 -60.73 -11.05
C GLU U 632 40.20 -59.76 -11.43
N ARG U 633 39.99 -59.10 -12.56
CA ARG U 633 40.89 -58.08 -13.06
C ARG U 633 40.89 -56.86 -12.14
N ASN U 634 39.72 -56.42 -11.64
CA ASN U 634 39.64 -55.32 -10.68
C ASN U 634 38.76 -55.69 -9.49
N PRO U 635 39.28 -56.47 -8.55
CA PRO U 635 38.50 -56.73 -7.31
C PRO U 635 38.23 -55.47 -6.51
N MET U 636 39.05 -54.42 -6.67
CA MET U 636 38.83 -53.17 -5.96
C MET U 636 37.45 -52.61 -6.28
N ILE U 637 37.01 -52.73 -7.52
CA ILE U 637 35.66 -52.35 -7.90
C ILE U 637 34.95 -53.60 -8.40
N GLY U 638 35.32 -54.76 -7.84
CA GLY U 638 34.76 -56.02 -8.26
C GLY U 638 33.66 -56.51 -7.34
N TRP U 639 33.51 -57.83 -7.30
CA TRP U 639 32.47 -58.50 -6.51
C TRP U 639 32.85 -58.44 -5.04
N ARG U 640 32.35 -57.43 -4.33
CA ARG U 640 32.65 -57.24 -2.92
C ARG U 640 31.53 -56.45 -2.28
N GLY U 641 31.49 -56.48 -0.95
CA GLY U 641 30.51 -55.71 -0.22
C GLY U 641 29.12 -56.30 -0.35
N VAL U 642 28.12 -55.41 -0.41
CA VAL U 642 26.73 -55.84 -0.45
C VAL U 642 26.46 -56.67 -1.71
N SER U 643 27.08 -56.29 -2.82
CA SER U 643 26.95 -57.08 -4.05
C SER U 643 27.35 -58.52 -3.82
N ARG U 644 28.33 -58.76 -2.95
CA ARG U 644 28.70 -60.12 -2.61
C ARG U 644 27.68 -60.76 -1.67
N TYR U 645 27.14 -59.99 -0.73
CA TYR U 645 26.26 -60.57 0.28
C TYR U 645 24.95 -61.06 -0.32
N ILE U 646 24.35 -60.26 -1.22
CA ILE U 646 23.06 -60.62 -1.80
C ILE U 646 23.19 -61.68 -2.89
N HIS U 647 24.40 -61.93 -3.38
CA HIS U 647 24.57 -62.96 -4.39
C HIS U 647 24.29 -64.34 -3.81
N PRO U 648 23.59 -65.20 -4.53
CA PRO U 648 23.26 -66.52 -3.96
C PRO U 648 24.46 -67.36 -3.59
N LYS U 649 25.59 -67.17 -4.27
CA LYS U 649 26.78 -68.00 -3.98
C LYS U 649 27.33 -67.69 -2.60
N TYR U 650 27.49 -66.41 -2.27
CA TYR U 650 28.03 -66.01 -0.98
C TYR U 650 26.95 -65.75 0.07
N GLU U 651 25.68 -65.82 -0.31
CA GLU U 651 24.61 -65.54 0.65
C GLU U 651 24.69 -66.38 1.92
N PRO U 652 25.01 -67.69 1.88
CA PRO U 652 25.16 -68.42 3.15
C PRO U 652 26.23 -67.84 4.07
N ALA U 653 27.34 -67.32 3.52
CA ALA U 653 28.36 -66.73 4.37
C ALA U 653 27.87 -65.45 5.04
N PHE U 654 27.15 -64.61 4.28
CA PHE U 654 26.55 -63.42 4.87
C PHE U 654 25.53 -63.80 5.93
N ARG U 655 24.79 -64.89 5.70
CA ARG U 655 23.86 -65.37 6.72
C ARG U 655 24.60 -65.85 7.97
N LEU U 656 25.78 -66.47 7.80
CA LEU U 656 26.59 -66.84 8.96
C LEU U 656 27.02 -65.60 9.74
N GLU U 657 27.44 -64.55 9.03
CA GLU U 657 27.83 -63.32 9.71
C GLU U 657 26.65 -62.72 10.47
N VAL U 658 25.47 -62.68 9.84
CA VAL U 658 24.28 -62.15 10.49
C VAL U 658 23.89 -63.01 11.69
N ARG U 659 24.08 -64.32 11.58
CA ARG U 659 23.80 -65.21 12.70
C ARG U 659 24.75 -64.94 13.87
N ALA U 660 26.01 -64.68 13.57
CA ALA U 660 26.97 -64.32 14.62
C ALA U 660 26.56 -63.03 15.30
N ILE U 661 26.16 -62.02 14.52
CA ILE U 661 25.71 -60.76 15.09
C ILE U 661 24.47 -60.97 15.95
N LYS U 662 23.52 -61.78 15.48
CA LYS U 662 22.32 -62.07 16.24
C LYS U 662 22.63 -62.79 17.54
N LYS U 663 23.58 -63.74 17.49
CA LYS U 663 23.98 -64.44 18.70
C LYS U 663 24.61 -63.48 19.71
N VAL U 664 25.44 -62.55 19.23
CA VAL U 664 26.00 -61.55 20.14
C VAL U 664 24.89 -60.69 20.75
N ARG U 665 23.91 -60.28 19.92
CA ARG U 665 22.90 -59.35 20.40
C ARG U 665 21.88 -60.02 21.32
N GLU U 666 21.69 -61.33 21.18
CA GLU U 666 20.64 -62.04 21.90
C GLU U 666 21.17 -62.97 22.97
N GLU U 667 22.06 -63.90 22.61
CA GLU U 667 22.58 -64.85 23.58
C GLU U 667 23.35 -64.15 24.70
N MET U 668 24.18 -63.17 24.34
CA MET U 668 24.90 -62.37 25.32
C MET U 668 24.16 -61.10 25.70
N GLY U 669 23.04 -60.80 25.04
CA GLY U 669 22.27 -59.62 25.38
C GLY U 669 22.98 -58.31 25.14
N LEU U 670 23.99 -58.29 24.28
CA LEU U 670 24.75 -57.07 24.00
C LEU U 670 24.00 -56.25 22.96
N THR U 671 23.11 -55.39 23.44
CA THR U 671 22.28 -54.59 22.55
C THR U 671 23.11 -53.56 21.77
N ASN U 672 24.23 -53.14 22.33
CA ASN U 672 25.04 -52.06 21.76
C ASN U 672 25.74 -52.45 20.44
N VAL U 673 25.47 -53.61 19.85
CA VAL U 673 26.13 -54.02 18.61
C VAL U 673 25.27 -53.58 17.43
N TRP U 674 25.82 -52.74 16.57
CA TRP U 674 25.21 -52.31 15.32
C TRP U 674 26.03 -52.86 14.17
N VAL U 675 25.47 -52.78 12.96
CA VAL U 675 26.15 -53.29 11.77
C VAL U 675 26.23 -52.19 10.73
N MET U 676 27.28 -52.25 9.91
CA MET U 676 27.40 -51.39 8.76
C MET U 676 27.70 -52.23 7.53
N PHE U 677 27.05 -51.89 6.41
CA PHE U 677 27.23 -52.59 5.16
C PHE U 677 28.34 -51.92 4.36
N PRO U 678 29.43 -52.61 4.08
CA PRO U 678 30.53 -51.98 3.34
C PRO U 678 30.29 -52.01 1.84
N PHE U 679 30.72 -50.93 1.18
CA PHE U 679 30.75 -50.82 -0.28
C PHE U 679 29.35 -51.01 -0.88
N VAL U 680 28.44 -50.14 -0.46
CA VAL U 680 27.07 -50.16 -0.95
C VAL U 680 27.00 -49.46 -2.29
N ARG U 681 26.40 -50.11 -3.28
CA ARG U 681 26.35 -49.61 -4.64
C ARG U 681 24.97 -49.09 -5.04
N THR U 682 23.93 -49.88 -4.85
CA THR U 682 22.59 -49.54 -5.30
C THR U 682 21.58 -49.76 -4.19
N THR U 683 20.42 -49.10 -4.33
CA THR U 683 19.38 -49.19 -3.30
C THR U 683 18.77 -50.58 -3.26
N TRP U 684 18.56 -51.21 -4.43
CA TRP U 684 17.92 -52.52 -4.45
C TRP U 684 18.80 -53.57 -3.79
N GLU U 685 20.12 -53.48 -3.99
CA GLU U 685 21.02 -54.41 -3.29
C GLU U 685 20.96 -54.20 -1.78
N LEU U 686 20.84 -52.95 -1.34
CA LEU U 686 20.75 -52.67 0.08
C LEU U 686 19.45 -53.23 0.67
N GLU U 687 18.35 -53.08 -0.05
CA GLU U 687 17.09 -53.63 0.44
C GLU U 687 17.10 -55.16 0.42
N ARG U 688 17.78 -55.76 -0.56
CA ARG U 688 17.91 -57.23 -0.56
C ARG U 688 18.74 -57.70 0.62
N ALA U 689 19.82 -57.00 0.93
CA ALA U 689 20.60 -57.34 2.12
C ALA U 689 19.77 -57.16 3.40
N LEU U 690 18.97 -56.10 3.45
CA LEU U 690 18.13 -55.87 4.63
C LEU U 690 17.09 -56.98 4.79
N LYS U 691 16.46 -57.41 3.70
CA LYS U 691 15.50 -58.50 3.81
C LYS U 691 16.17 -59.83 4.13
N ILE U 692 17.40 -60.05 3.66
CA ILE U 692 18.15 -61.23 4.07
C ILE U 692 18.41 -61.19 5.57
N MET U 693 18.79 -60.02 6.09
CA MET U 693 18.99 -59.87 7.53
C MET U 693 17.70 -60.12 8.29
N GLU U 694 16.58 -59.61 7.78
CA GLU U 694 15.29 -59.83 8.42
C GLU U 694 14.92 -61.31 8.45
N GLU U 695 15.23 -62.03 7.36
CA GLU U 695 14.97 -63.47 7.34
C GLU U 695 15.76 -64.21 8.40
N GLU U 696 16.87 -63.63 8.85
CA GLU U 696 17.68 -64.21 9.91
C GLU U 696 17.29 -63.70 11.29
N GLY U 697 16.23 -62.90 11.39
CA GLY U 697 15.78 -62.37 12.65
C GLY U 697 16.45 -61.10 13.10
N LEU U 698 17.35 -60.53 12.29
CA LEU U 698 18.03 -59.28 12.61
C LEU U 698 17.30 -58.15 11.88
N LYS U 699 16.54 -57.36 12.63
CA LYS U 699 15.70 -56.32 12.05
C LYS U 699 16.11 -54.96 12.59
N ARG U 700 16.13 -53.97 11.70
CA ARG U 700 16.42 -52.59 12.10
C ARG U 700 15.35 -52.08 13.05
N GLY U 701 15.77 -51.45 14.13
CA GLY U 701 14.85 -50.97 15.12
C GLY U 701 15.48 -49.91 16.01
N LYS U 702 14.81 -49.65 17.14
CA LYS U 702 15.30 -48.65 18.08
C LYS U 702 16.59 -49.12 18.77
N ASP U 703 16.73 -50.42 19.00
CA ASP U 703 17.90 -50.97 19.66
C ASP U 703 18.93 -51.53 18.67
N PHE U 704 18.68 -51.41 17.38
CA PHE U 704 19.58 -51.95 16.35
C PHE U 704 19.70 -50.93 15.23
N LYS U 705 20.90 -50.43 15.01
CA LYS U 705 21.17 -49.45 13.96
C LYS U 705 21.90 -50.12 12.80
N VAL U 706 21.52 -49.75 11.58
CA VAL U 706 22.14 -50.25 10.36
C VAL U 706 22.72 -49.05 9.61
N TRP U 707 24.01 -49.13 9.30
CA TRP U 707 24.70 -48.08 8.58
C TRP U 707 25.13 -48.58 7.21
N ALA U 708 25.42 -47.65 6.31
CA ALA U 708 25.92 -47.96 4.98
C ALA U 708 27.19 -47.17 4.74
N MET U 709 28.23 -47.86 4.26
CA MET U 709 29.48 -47.18 3.94
C MET U 709 29.29 -46.27 2.74
N ALA U 710 29.63 -45.00 2.91
CA ALA U 710 29.53 -44.02 1.83
C ALA U 710 30.88 -43.88 1.13
N GLU U 711 31.30 -44.97 0.50
CA GLU U 711 32.56 -45.01 -0.22
C GLU U 711 32.38 -45.16 -1.73
N VAL U 712 31.15 -45.14 -2.23
CA VAL U 712 30.87 -45.24 -3.66
C VAL U 712 30.19 -43.95 -4.11
N PRO U 713 30.57 -43.39 -5.26
CA PRO U 713 29.95 -42.13 -5.70
C PRO U 713 28.45 -42.22 -5.91
N SER U 714 27.90 -43.43 -6.14
CA SER U 714 26.45 -43.56 -6.20
C SER U 714 25.81 -43.18 -4.88
N ILE U 715 26.46 -43.51 -3.75
CA ILE U 715 25.97 -43.06 -2.45
C ILE U 715 26.04 -41.55 -2.36
N VAL U 716 27.10 -40.95 -2.92
CA VAL U 716 27.22 -39.50 -2.92
C VAL U 716 26.05 -38.86 -3.66
N LEU U 717 25.70 -39.41 -4.82
CA LEU U 717 24.66 -38.81 -5.64
C LEU U 717 23.25 -39.09 -5.12
N LEU U 718 23.06 -40.22 -4.43
CA LEU U 718 21.74 -40.65 -4.00
C LEU U 718 21.70 -40.96 -2.50
N ALA U 719 22.39 -40.15 -1.69
CA ALA U 719 22.37 -40.38 -0.25
C ALA U 719 20.98 -40.22 0.32
N ASP U 720 20.23 -39.22 -0.14
CA ASP U 720 18.87 -39.02 0.33
C ASP U 720 17.97 -40.20 -0.01
N LYS U 721 18.24 -40.88 -1.13
CA LYS U 721 17.46 -42.07 -1.48
C LYS U 721 17.88 -43.26 -0.63
N PHE U 722 19.17 -43.41 -0.35
CA PHE U 722 19.65 -44.50 0.47
C PHE U 722 19.23 -44.36 1.93
N ALA U 723 18.93 -43.14 2.38
CA ALA U 723 18.64 -42.91 3.79
C ALA U 723 17.35 -43.59 4.24
N GLU U 724 16.45 -43.95 3.31
CA GLU U 724 15.23 -44.63 3.71
C GLU U 724 15.47 -46.07 4.19
N TYR U 725 16.65 -46.62 3.90
CA TYR U 725 16.94 -48.01 4.23
C TYR U 725 17.87 -48.18 5.42
N VAL U 726 18.66 -47.16 5.77
CA VAL U 726 19.65 -47.28 6.83
C VAL U 726 19.44 -46.15 7.83
N ASP U 727 19.91 -46.38 9.05
CA ASP U 727 19.81 -45.36 10.10
C ASP U 727 20.82 -44.24 9.88
N GLY U 728 21.97 -44.55 9.27
CA GLY U 728 22.97 -43.54 9.03
C GLY U 728 23.99 -44.02 8.02
N PHE U 729 24.94 -43.14 7.73
CA PHE U 729 26.01 -43.42 6.78
C PHE U 729 27.37 -43.25 7.44
N SER U 730 28.31 -44.09 7.04
CA SER U 730 29.70 -43.98 7.46
C SER U 730 30.54 -43.70 6.22
N ILE U 731 31.21 -42.55 6.20
CA ILE U 731 31.98 -42.12 5.03
C ILE U 731 33.34 -42.81 5.08
N GLY U 732 33.57 -43.74 4.17
CA GLY U 732 34.86 -44.37 4.03
C GLY U 732 35.79 -43.52 3.20
N SER U 733 36.33 -42.45 3.80
CA SER U 733 37.10 -41.47 3.06
C SER U 733 38.25 -42.08 2.28
N ASN U 734 38.88 -43.13 2.82
CA ASN U 734 39.97 -43.78 2.11
C ASN U 734 39.50 -44.35 0.78
N ASP U 735 38.40 -45.11 0.80
CA ASP U 735 37.84 -45.65 -0.44
C ASP U 735 37.05 -44.62 -1.21
N LEU U 736 36.41 -43.67 -0.53
CA LEU U 736 35.64 -42.64 -1.21
C LEU U 736 36.52 -41.76 -2.08
N THR U 737 37.69 -41.37 -1.57
CA THR U 737 38.62 -40.59 -2.37
C THR U 737 39.09 -41.38 -3.59
N GLN U 738 39.39 -42.67 -3.39
CA GLN U 738 39.84 -43.51 -4.50
C GLN U 738 38.78 -43.60 -5.59
N LEU U 739 37.52 -43.80 -5.20
CA LEU U 739 36.47 -43.97 -6.19
C LEU U 739 36.07 -42.65 -6.84
N ILE U 740 36.05 -41.56 -6.07
CA ILE U 740 35.71 -40.26 -6.64
C ILE U 740 36.77 -39.82 -7.64
N LEU U 741 38.05 -39.98 -7.28
CA LEU U 741 39.13 -39.61 -8.18
C LEU U 741 39.47 -40.69 -9.19
N GLY U 742 38.94 -41.90 -9.03
CA GLY U 742 39.27 -42.98 -9.95
C GLY U 742 40.73 -43.36 -9.93
N ALA U 743 41.35 -43.38 -8.76
CA ALA U 743 42.76 -43.73 -8.61
C ALA U 743 42.92 -44.73 -7.48
N ASP U 744 43.89 -45.62 -7.62
CA ASP U 744 44.13 -46.70 -6.66
C ASP U 744 45.45 -46.45 -5.95
N ARG U 745 45.43 -46.57 -4.61
CA ARG U 745 46.52 -46.05 -3.79
C ARG U 745 47.81 -46.85 -3.92
N ASP U 746 47.75 -48.18 -4.00
CA ASP U 746 48.97 -48.97 -4.00
C ASP U 746 49.84 -48.73 -5.23
N SER U 747 49.29 -48.09 -6.26
CA SER U 747 50.10 -47.66 -7.40
C SER U 747 51.01 -46.52 -6.94
N ASN U 748 52.31 -46.78 -6.90
CA ASN U 748 53.24 -45.78 -6.40
C ASN U 748 53.30 -44.55 -7.28
N ILE U 749 53.08 -44.71 -8.59
CA ILE U 749 53.14 -43.58 -9.50
C ILE U 749 52.04 -42.57 -9.16
N LEU U 750 50.81 -43.05 -8.98
CA LEU U 750 49.71 -42.16 -8.64
C LEU U 750 49.91 -41.53 -7.27
N ALA U 751 50.44 -42.29 -6.32
CA ALA U 751 50.69 -41.75 -4.99
C ALA U 751 51.74 -40.65 -5.01
N GLU U 752 52.77 -40.81 -5.83
CA GLU U 752 53.84 -39.82 -5.89
C GLU U 752 53.32 -38.46 -6.38
N MET U 753 52.40 -38.48 -7.34
CA MET U 753 51.85 -37.23 -7.87
C MET U 753 50.97 -36.49 -6.87
N GLY U 754 50.62 -37.12 -5.75
CA GLY U 754 49.79 -36.47 -4.76
C GLY U 754 48.30 -36.54 -5.02
N TYR U 755 47.86 -37.52 -5.79
CA TYR U 755 46.42 -37.65 -6.08
C TYR U 755 45.63 -37.94 -4.81
N PHE U 756 46.16 -38.79 -3.94
CA PHE U 756 45.40 -39.32 -2.81
C PHE U 756 45.47 -38.35 -1.62
N ASP U 757 45.00 -37.14 -1.89
CA ASP U 757 44.81 -36.10 -0.88
C ASP U 757 43.32 -36.00 -0.60
N GLU U 758 42.93 -36.33 0.63
CA GLU U 758 41.52 -36.25 1.00
C GLU U 758 41.04 -34.81 1.13
N ARG U 759 41.93 -33.84 1.07
CA ARG U 759 41.58 -32.43 0.97
C ARG U 759 41.21 -32.00 -0.45
N ASP U 760 41.08 -32.96 -1.36
CA ASP U 760 40.74 -32.63 -2.74
C ASP U 760 39.36 -31.98 -2.80
N PRO U 761 39.18 -30.97 -3.65
CA PRO U 761 37.86 -30.31 -3.73
C PRO U 761 36.73 -31.26 -4.09
N ALA U 762 36.99 -32.24 -4.96
CA ALA U 762 35.94 -33.19 -5.33
C ALA U 762 35.52 -34.05 -4.13
N VAL U 763 36.48 -34.53 -3.36
CA VAL U 763 36.15 -35.35 -2.19
C VAL U 763 35.39 -34.52 -1.16
N LEU U 764 35.81 -33.27 -0.96
CA LEU U 764 35.11 -32.39 -0.02
C LEU U 764 33.69 -32.11 -0.48
N ALA U 765 33.50 -31.87 -1.78
CA ALA U 765 32.16 -31.64 -2.30
C ALA U 765 31.29 -32.87 -2.14
N GLY U 766 31.85 -34.06 -2.39
CA GLY U 766 31.09 -35.28 -2.21
C GLY U 766 30.68 -35.50 -0.76
N ILE U 767 31.62 -35.25 0.17
CA ILE U 767 31.32 -35.39 1.59
C ILE U 767 30.23 -34.41 2.01
N LYS U 768 30.33 -33.16 1.53
CA LYS U 768 29.32 -32.16 1.83
C LYS U 768 27.95 -32.57 1.31
N MET U 769 27.90 -33.10 0.09
CA MET U 769 26.64 -33.56 -0.48
C MET U 769 26.05 -34.71 0.32
N ILE U 770 26.90 -35.66 0.72
CA ILE U 770 26.43 -36.78 1.54
C ILE U 770 25.84 -36.27 2.84
N ILE U 771 26.55 -35.37 3.51
CA ILE U 771 26.08 -34.86 4.80
C ILE U 771 24.76 -34.12 4.64
N GLU U 772 24.67 -33.27 3.61
CA GLU U 772 23.45 -32.50 3.40
C GLU U 772 22.26 -33.41 3.11
N LYS U 773 22.44 -34.40 2.23
CA LYS U 773 21.35 -35.29 1.89
C LYS U 773 20.92 -36.12 3.10
N ALA U 774 21.89 -36.68 3.83
CA ALA U 774 21.55 -37.51 4.98
C ALA U 774 20.84 -36.72 6.06
N HIS U 775 21.28 -35.49 6.32
CA HIS U 775 20.59 -34.67 7.31
C HIS U 775 19.25 -34.15 6.81
N SER U 776 19.08 -33.99 5.50
CA SER U 776 17.76 -33.68 4.97
C SER U 776 16.80 -34.84 5.13
N LYS U 777 17.29 -36.08 5.07
CA LYS U 777 16.46 -37.24 5.31
C LYS U 777 16.58 -37.77 6.74
N GLY U 778 17.22 -37.01 7.63
CA GLY U 778 17.27 -37.39 9.03
C GLY U 778 18.17 -38.54 9.38
N ALA U 779 19.17 -38.82 8.54
CA ALA U 779 20.12 -39.91 8.79
C ALA U 779 21.42 -39.34 9.34
N THR U 780 22.01 -40.07 10.29
CA THR U 780 23.29 -39.66 10.87
C THR U 780 24.42 -39.89 9.88
N VAL U 781 25.49 -39.10 10.03
CA VAL U 781 26.66 -39.19 9.17
C VAL U 781 27.88 -39.42 10.04
N SER U 782 28.69 -40.41 9.67
CA SER U 782 29.94 -40.69 10.34
C SER U 782 31.05 -40.80 9.29
N ILE U 783 32.29 -40.64 9.74
CA ILE U 783 33.45 -40.79 8.89
C ILE U 783 34.46 -41.70 9.60
N CYS U 784 34.97 -42.69 8.89
CA CYS U 784 35.94 -43.65 9.43
C CYS U 784 37.07 -43.77 8.41
N GLY U 785 38.07 -42.91 8.53
CA GLY U 785 39.19 -42.92 7.62
C GLY U 785 40.38 -42.22 8.23
N GLN U 786 41.45 -42.13 7.44
CA GLN U 786 42.67 -41.48 7.91
C GLN U 786 42.65 -39.97 7.74
N ALA U 787 41.65 -39.42 7.05
CA ALA U 787 41.60 -37.97 6.86
C ALA U 787 41.48 -37.20 8.16
N PRO U 788 40.57 -37.51 9.09
CA PRO U 788 40.53 -36.75 10.35
C PRO U 788 41.73 -36.99 11.24
N SER U 789 42.47 -38.08 11.04
CA SER U 789 43.59 -38.39 11.91
C SER U 789 44.80 -37.51 11.64
N VAL U 790 44.97 -37.02 10.40
CA VAL U 790 46.16 -36.31 9.99
C VAL U 790 45.90 -34.86 9.64
N TYR U 791 44.75 -34.55 9.03
CA TYR U 791 44.50 -33.21 8.55
C TYR U 791 43.52 -32.49 9.46
N PRO U 792 43.95 -31.49 10.23
CA PRO U 792 43.01 -30.72 11.05
C PRO U 792 41.94 -29.99 10.24
N GLU U 793 42.28 -29.52 9.04
CA GLU U 793 41.31 -28.80 8.22
C GLU U 793 40.16 -29.69 7.78
N ILE U 794 40.43 -30.98 7.53
CA ILE U 794 39.35 -31.93 7.24
C ILE U 794 38.40 -32.00 8.43
N VAL U 795 38.95 -32.06 9.65
CA VAL U 795 38.11 -32.11 10.84
C VAL U 795 37.28 -30.84 10.96
N GLU U 796 37.89 -29.68 10.71
CA GLU U 796 37.17 -28.42 10.79
C GLU U 796 36.03 -28.38 9.78
N PHE U 797 36.29 -28.81 8.55
CA PHE U 797 35.26 -28.81 7.52
C PHE U 797 34.14 -29.79 7.89
N LEU U 798 34.48 -30.95 8.42
CA LEU U 798 33.47 -31.93 8.80
C LEU U 798 32.58 -31.40 9.91
N VAL U 799 33.18 -30.78 10.94
CA VAL U 799 32.40 -30.25 12.05
C VAL U 799 31.54 -29.09 11.59
N GLU U 800 32.07 -28.24 10.70
CA GLU U 800 31.27 -27.15 10.16
C GLU U 800 30.08 -27.68 9.36
N ALA U 801 30.29 -28.73 8.57
CA ALA U 801 29.20 -29.34 7.83
C ALA U 801 28.16 -29.96 8.74
N GLY U 802 28.52 -30.29 9.98
CA GLY U 802 27.58 -30.85 10.93
C GLY U 802 27.58 -32.36 10.98
N ILE U 803 28.76 -32.96 10.83
CA ILE U 803 28.84 -34.42 10.88
C ILE U 803 28.52 -34.90 12.29
N ASP U 804 27.82 -36.03 12.36
CA ASP U 804 27.33 -36.52 13.65
C ASP U 804 28.45 -37.14 14.48
N SER U 805 29.36 -37.88 13.87
CA SER U 805 30.42 -38.52 14.61
C SER U 805 31.64 -38.68 13.71
N ILE U 806 32.80 -38.82 14.35
CA ILE U 806 34.07 -39.02 13.66
C ILE U 806 34.75 -40.23 14.30
N SER U 807 35.11 -41.21 13.47
CA SER U 807 35.78 -42.41 13.93
C SER U 807 37.24 -42.36 13.49
N VAL U 808 38.16 -42.45 14.45
CA VAL U 808 39.59 -42.33 14.19
C VAL U 808 40.31 -43.51 14.83
N ASN U 809 41.60 -43.61 14.51
CA ASN U 809 42.45 -44.61 15.13
C ASN U 809 42.64 -44.30 16.61
N PRO U 810 42.93 -45.32 17.42
CA PRO U 810 43.09 -45.07 18.87
C PRO U 810 44.12 -44.01 19.20
N ASP U 811 45.31 -44.07 18.57
CA ASP U 811 46.36 -43.11 18.88
C ASP U 811 45.98 -41.68 18.51
N ALA U 812 44.96 -41.50 17.66
CA ALA U 812 44.49 -40.18 17.28
C ALA U 812 43.21 -39.79 17.99
N VAL U 813 42.77 -40.56 19.00
CA VAL U 813 41.51 -40.25 19.66
C VAL U 813 41.61 -38.95 20.45
N ILE U 814 42.51 -38.91 21.44
CA ILE U 814 42.53 -37.80 22.38
C ILE U 814 42.71 -36.48 21.65
N ALA U 815 43.71 -36.39 20.77
CA ALA U 815 43.93 -35.17 20.00
C ALA U 815 42.66 -34.75 19.27
N THR U 816 42.02 -35.71 18.59
CA THR U 816 40.78 -35.39 17.88
C THR U 816 39.75 -34.83 18.85
N ARG U 817 39.60 -35.47 20.01
CA ARG U 817 38.64 -34.98 20.99
C ARG U 817 38.95 -33.55 21.39
N ARG U 818 40.23 -33.20 21.49
CA ARG U 818 40.58 -31.80 21.68
C ARG U 818 40.19 -30.99 20.47
N LEU U 819 40.67 -31.38 19.29
CA LEU U 819 40.54 -30.55 18.10
C LEU U 819 39.07 -30.25 17.81
N VAL U 820 38.25 -31.30 17.71
CA VAL U 820 36.83 -31.11 17.44
C VAL U 820 36.25 -30.12 18.44
N ALA U 821 36.55 -30.30 19.73
CA ALA U 821 36.01 -29.40 20.74
C ALA U 821 36.34 -27.96 20.39
N SER U 822 37.62 -27.67 20.15
CA SER U 822 38.01 -26.31 19.80
C SER U 822 37.23 -25.83 18.59
N ILE U 823 37.17 -26.66 17.55
CA ILE U 823 36.46 -26.27 16.34
C ILE U 823 35.02 -25.94 16.67
N GLU U 824 34.37 -26.80 17.46
CA GLU U 824 32.99 -26.53 17.83
C GLU U 824 32.89 -25.17 18.50
N ARG U 825 33.76 -24.90 19.47
CA ARG U 825 33.75 -23.60 20.14
C ARG U 825 33.93 -22.49 19.11
N LYS U 826 34.90 -22.65 18.20
CA LYS U 826 35.09 -21.65 17.15
C LYS U 826 33.81 -21.46 16.35
N ILE U 827 33.20 -22.56 15.92
CA ILE U 827 31.95 -22.45 15.17
C ILE U 827 30.91 -21.73 16.01
N MET U 828 30.86 -22.06 17.31
CA MET U 828 29.83 -21.49 18.17
C MET U 828 30.01 -19.99 18.28
N LEU U 829 31.24 -19.49 18.08
CA LEU U 829 31.43 -18.05 17.92
C LEU U 829 30.97 -17.58 16.55
N LYS U 830 31.48 -18.21 15.48
CA LYS U 830 31.30 -17.68 14.14
C LYS U 830 29.82 -17.53 13.80
N ARG U 831 29.05 -18.60 14.00
CA ARG U 831 27.61 -18.54 13.75
C ARG U 831 26.97 -17.35 14.43
N LEU U 832 27.31 -17.13 15.71
CA LEU U 832 26.76 -15.98 16.43
C LEU U 832 27.00 -14.69 15.65
N ASN U 833 28.27 -14.45 15.26
CA ASN U 833 28.57 -13.26 14.47
C ASN U 833 27.68 -13.20 13.24
N LYS U 834 27.61 -14.30 12.48
CA LYS U 834 26.78 -14.31 11.29
C LYS U 834 25.36 -13.89 11.62
N ILE U 835 24.81 -14.47 12.69
CA ILE U 835 23.43 -14.14 13.08
C ILE U 835 23.31 -12.64 13.27
N MET U 836 24.23 -12.04 14.03
CA MET U 836 24.17 -10.59 14.23
C MET U 836 24.22 -9.88 12.90
N ASP U 837 25.17 -10.26 12.04
CA ASP U 837 25.24 -9.64 10.72
C ASP U 837 23.94 -9.84 9.97
N LYS U 838 23.41 -11.06 10.00
CA LYS U 838 22.12 -11.32 9.37
C LYS U 838 21.06 -10.39 9.94
N LEU U 839 21.03 -10.27 11.26
CA LEU U 839 20.03 -9.41 11.90
C LEU U 839 20.20 -7.97 11.43
N ASN U 840 21.44 -7.54 11.24
CA ASN U 840 21.66 -6.19 10.72
C ASN U 840 20.95 -5.99 9.40
N LYS U 841 21.09 -6.96 8.49
CA LYS U 841 20.48 -6.82 7.17
C LYS U 841 18.95 -6.77 7.28
N LEU U 842 18.41 -7.30 8.38
CA LEU U 842 16.96 -7.23 8.56
C LEU U 842 16.53 -5.81 8.94
N GLU U 843 17.35 -5.11 9.73
CA GLU U 843 16.94 -3.79 10.18
C GLU U 843 17.23 -2.70 9.15
N LEU U 844 18.00 -3.03 8.12
CA LEU U 844 18.33 -2.05 7.07
C LEU U 844 17.85 -2.54 5.72
N SER V 522 13.48 -48.07 -54.27
CA SER V 522 14.05 -48.64 -53.05
C SER V 522 13.45 -47.98 -51.82
N PRO V 523 12.28 -48.48 -51.39
CA PRO V 523 11.58 -47.85 -50.26
C PRO V 523 12.30 -47.97 -48.93
N GLU V 524 13.25 -48.90 -48.78
CA GLU V 524 13.84 -49.15 -47.48
C GLU V 524 14.69 -47.97 -47.00
N GLN V 525 15.23 -47.16 -47.91
CA GLN V 525 15.92 -45.96 -47.48
C GLN V 525 15.00 -44.76 -47.33
N LEU V 526 13.71 -44.90 -47.65
CA LEU V 526 12.76 -43.80 -47.50
C LEU V 526 12.17 -43.71 -46.10
N LEU V 527 12.42 -44.70 -45.24
CA LEU V 527 11.91 -44.64 -43.87
C LEU V 527 12.41 -43.43 -43.10
N PRO V 528 13.71 -43.10 -43.08
CA PRO V 528 14.15 -41.93 -42.30
C PRO V 528 13.64 -40.62 -42.85
N LEU V 529 13.21 -40.56 -44.10
CA LEU V 529 12.77 -39.32 -44.72
C LEU V 529 11.30 -39.00 -44.43
N TYR V 530 10.59 -39.89 -43.75
CA TYR V 530 9.20 -39.62 -43.40
C TYR V 530 9.11 -38.50 -42.38
N PRO V 531 7.99 -37.78 -42.33
CA PRO V 531 7.87 -36.66 -41.40
C PRO V 531 8.03 -37.11 -39.95
N VAL V 532 8.66 -36.25 -39.15
CA VAL V 532 8.92 -36.53 -37.74
C VAL V 532 7.75 -36.00 -36.92
N THR V 533 7.21 -36.87 -36.07
CA THR V 533 6.07 -36.53 -35.23
C THR V 533 6.43 -36.66 -33.76
N ALA V 534 6.03 -35.68 -32.96
CA ALA V 534 6.19 -35.79 -31.52
C ALA V 534 5.40 -36.96 -30.96
N THR V 535 4.16 -37.11 -31.41
CA THR V 535 3.35 -38.25 -30.99
C THR V 535 3.80 -39.52 -31.71
N LYS V 536 4.01 -40.59 -30.95
CA LYS V 536 4.44 -41.84 -31.54
C LYS V 536 3.32 -42.48 -32.35
N ILE V 537 3.66 -42.94 -33.55
CA ILE V 537 2.70 -43.57 -34.44
C ILE V 537 2.91 -45.08 -34.34
N TYR V 538 2.02 -45.75 -33.62
CA TYR V 538 2.08 -47.20 -33.48
C TYR V 538 1.21 -47.88 -34.52
N MET V 539 1.37 -49.20 -34.62
CA MET V 539 0.65 -50.00 -35.60
C MET V 539 -0.09 -51.14 -34.90
N ASN V 540 -1.26 -51.46 -35.43
CA ASN V 540 -2.06 -52.59 -34.94
C ASN V 540 -1.77 -53.81 -35.78
N LEU V 541 -1.44 -54.92 -35.11
CA LEU V 541 -1.12 -56.17 -35.77
C LEU V 541 -1.93 -57.30 -35.15
N GLY V 542 -2.52 -58.13 -36.01
CA GLY V 542 -3.26 -59.29 -35.55
C GLY V 542 -2.65 -60.60 -35.99
N GLU V 543 -2.01 -60.59 -37.16
CA GLU V 543 -1.34 -61.77 -37.69
C GLU V 543 0.16 -61.58 -37.64
N PRO V 544 0.92 -62.42 -36.93
CA PRO V 544 2.37 -62.25 -36.91
C PRO V 544 3.01 -62.30 -38.28
N ASP V 545 2.54 -63.19 -39.16
CA ASP V 545 3.14 -63.33 -40.48
C ASP V 545 2.96 -62.08 -41.33
N ALA V 546 2.09 -61.16 -40.94
CA ALA V 546 1.92 -59.90 -41.65
C ALA V 546 2.94 -58.85 -41.25
N ILE V 547 3.82 -59.14 -40.29
CA ILE V 547 4.82 -58.15 -39.91
C ILE V 547 5.82 -57.91 -41.03
N GLU V 548 6.07 -58.91 -41.87
CA GLU V 548 7.01 -58.74 -42.97
C GLU V 548 6.41 -57.90 -44.10
N LYS V 549 5.09 -57.91 -44.24
CA LYS V 549 4.45 -57.07 -45.24
C LYS V 549 4.56 -55.59 -44.89
N TYR V 550 4.47 -55.26 -43.61
CA TYR V 550 4.44 -53.88 -43.15
C TYR V 550 5.75 -53.45 -42.49
N LYS V 551 6.84 -54.18 -42.74
CA LYS V 551 8.13 -53.81 -42.15
C LYS V 551 8.67 -52.49 -42.69
N ASP V 552 8.18 -52.04 -43.85
CA ASP V 552 8.64 -50.80 -44.46
C ASP V 552 7.73 -49.62 -44.16
N LEU V 553 6.86 -49.74 -43.16
CA LEU V 553 6.04 -48.60 -42.80
C LEU V 553 6.70 -47.78 -41.70
N PRO V 554 6.49 -46.46 -41.69
CA PRO V 554 7.11 -45.62 -40.63
C PRO V 554 6.31 -45.63 -39.34
N PHE V 555 6.36 -46.75 -38.64
CA PHE V 555 5.71 -46.90 -37.35
C PHE V 555 6.77 -47.01 -36.25
N ASP V 556 6.47 -46.44 -35.09
CA ASP V 556 7.38 -46.45 -33.96
C ASP V 556 7.23 -47.69 -33.09
N GLY V 557 6.35 -48.60 -33.45
CA GLY V 557 6.16 -49.82 -32.70
C GLY V 557 4.79 -50.39 -32.94
N ILE V 558 4.54 -51.54 -32.32
CA ILE V 558 3.25 -52.20 -32.38
C ILE V 558 2.52 -51.84 -31.08
N GLY V 559 1.61 -50.87 -31.17
CA GLY V 559 0.85 -50.47 -30.02
C GLY V 559 -0.25 -51.42 -29.62
N LEU V 560 -0.56 -52.40 -30.48
CA LEU V 560 -1.60 -53.39 -30.15
C LEU V 560 -1.31 -54.65 -30.96
N MET V 561 -0.88 -55.70 -30.29
CA MET V 561 -0.70 -57.01 -30.90
C MET V 561 -1.82 -57.92 -30.41
N ARG V 562 -2.65 -58.38 -31.34
CA ARG V 562 -3.78 -59.24 -31.01
C ARG V 562 -3.34 -60.70 -31.10
N ILE V 563 -3.42 -61.41 -29.97
CA ILE V 563 -3.04 -62.80 -29.91
C ILE V 563 -4.25 -63.68 -30.16
N GLU V 564 -5.39 -63.04 -30.47
CA GLU V 564 -6.60 -63.80 -30.76
C GLU V 564 -6.40 -64.68 -31.99
N PHE V 565 -5.75 -64.14 -33.02
CA PHE V 565 -5.50 -64.93 -34.23
C PHE V 565 -4.58 -66.11 -33.94
N ILE V 566 -3.58 -65.92 -33.08
CA ILE V 566 -2.66 -67.00 -32.76
C ILE V 566 -3.40 -68.13 -32.05
N ILE V 567 -4.24 -67.78 -31.06
CA ILE V 567 -4.97 -68.81 -30.32
C ILE V 567 -5.98 -69.50 -31.23
N THR V 568 -6.62 -68.74 -32.12
CA THR V 568 -7.66 -69.32 -32.97
C THR V 568 -7.08 -70.24 -34.04
N ASP V 569 -6.01 -69.80 -34.71
CA ASP V 569 -5.51 -70.49 -35.89
C ASP V 569 -4.22 -71.26 -35.67
N TRP V 570 -3.43 -70.91 -34.66
CA TRP V 570 -2.21 -71.64 -34.38
C TRP V 570 -2.37 -72.65 -33.24
N VAL V 571 -3.40 -72.50 -32.41
CA VAL V 571 -3.65 -73.40 -31.29
C VAL V 571 -4.92 -74.22 -31.51
N GLN V 572 -6.01 -73.56 -31.92
CA GLN V 572 -7.32 -74.17 -32.14
C GLN V 572 -7.94 -74.77 -30.88
N TYR V 573 -7.25 -74.68 -29.75
CA TYR V 573 -7.70 -75.36 -28.53
C TYR V 573 -7.84 -74.37 -27.38
N HIS V 574 -8.84 -74.62 -26.54
CA HIS V 574 -9.02 -73.84 -25.34
C HIS V 574 -7.83 -74.08 -24.40
N PRO V 575 -7.23 -73.03 -23.84
CA PRO V 575 -6.06 -73.25 -22.96
C PRO V 575 -6.36 -74.13 -21.76
N LEU V 576 -7.55 -74.01 -21.17
CA LEU V 576 -7.91 -74.89 -20.07
C LEU V 576 -8.01 -76.34 -20.53
N TYR V 577 -8.52 -76.58 -21.74
CA TYR V 577 -8.56 -77.93 -22.28
C TYR V 577 -7.15 -78.49 -22.46
N LEU V 578 -6.22 -77.66 -22.94
CA LEU V 578 -4.85 -78.11 -23.09
C LEU V 578 -4.22 -78.41 -21.73
N ILE V 579 -4.54 -77.61 -20.72
CA ILE V 579 -4.06 -77.88 -19.36
C ILE V 579 -4.61 -79.21 -18.87
N GLU V 580 -5.89 -79.47 -19.11
CA GLU V 580 -6.47 -80.75 -18.71
C GLU V 580 -5.80 -81.91 -19.43
N GLN V 581 -5.51 -81.76 -20.72
CA GLN V 581 -4.79 -82.76 -21.48
C GLN V 581 -3.28 -82.68 -21.27
N GLY V 582 -2.80 -81.75 -20.47
CA GLY V 582 -1.37 -81.61 -20.25
C GLY V 582 -0.60 -81.14 -21.46
N LYS V 583 -1.18 -80.21 -22.23
CA LYS V 583 -0.51 -79.69 -23.42
C LYS V 583 -0.30 -78.19 -23.32
N GLU V 584 0.11 -77.71 -22.14
CA GLU V 584 0.42 -76.31 -21.97
C GLU V 584 1.58 -75.88 -22.87
N SER V 585 2.49 -76.82 -23.16
CA SER V 585 3.67 -76.50 -23.95
C SER V 585 3.29 -76.01 -25.34
N LEU V 586 2.31 -76.65 -25.97
CA LEU V 586 1.90 -76.23 -27.31
C LEU V 586 1.40 -74.79 -27.32
N PHE V 587 0.48 -74.46 -26.41
CA PHE V 587 -0.06 -73.10 -26.34
C PHE V 587 1.03 -72.08 -26.05
N ILE V 588 1.88 -72.36 -25.06
CA ILE V 588 2.94 -71.43 -24.68
C ILE V 588 3.90 -71.24 -25.85
N ASP V 589 4.27 -72.33 -26.52
CA ASP V 589 5.24 -72.25 -27.60
C ASP V 589 4.69 -71.52 -28.81
N LYS V 590 3.41 -71.73 -29.13
CA LYS V 590 2.83 -71.00 -30.27
C LYS V 590 2.74 -69.51 -29.98
N LEU V 591 2.28 -69.13 -28.78
CA LEU V 591 2.28 -67.71 -28.43
C LEU V 591 3.69 -67.13 -28.45
N ALA V 592 4.66 -67.88 -27.90
CA ALA V 592 6.03 -67.40 -27.88
C ALA V 592 6.58 -67.23 -29.29
N GLU V 593 6.29 -68.17 -30.18
CA GLU V 593 6.76 -68.07 -31.55
C GLU V 593 6.21 -66.83 -32.24
N GLY V 594 4.89 -66.62 -32.13
CA GLY V 594 4.30 -65.45 -32.76
C GLY V 594 4.84 -64.14 -32.20
N ILE V 595 4.88 -64.03 -30.87
CA ILE V 595 5.32 -62.79 -30.24
C ILE V 595 6.80 -62.54 -30.52
N ALA V 596 7.61 -63.61 -30.51
CA ALA V 596 9.04 -63.46 -30.80
C ALA V 596 9.27 -63.04 -32.24
N LYS V 597 8.51 -63.62 -33.18
CA LYS V 597 8.63 -63.18 -34.57
C LYS V 597 8.31 -61.70 -34.71
N VAL V 598 7.20 -61.26 -34.11
CA VAL V 598 6.83 -59.85 -34.22
C VAL V 598 7.87 -58.96 -33.56
N ALA V 599 8.36 -59.34 -32.38
CA ALA V 599 9.31 -58.50 -31.65
C ALA V 599 10.65 -58.42 -32.37
N GLN V 600 11.16 -59.55 -32.87
CA GLN V 600 12.43 -59.56 -33.56
C GLN V 600 12.33 -58.84 -34.90
N ALA V 601 11.16 -58.87 -35.54
CA ALA V 601 11.02 -58.19 -36.83
C ALA V 601 11.17 -56.68 -36.70
N ILE V 602 10.84 -56.10 -35.54
CA ILE V 602 10.86 -54.66 -35.38
C ILE V 602 11.72 -54.23 -34.19
N TYR V 603 12.65 -55.08 -33.74
CA TYR V 603 13.50 -54.71 -32.63
C TYR V 603 14.34 -53.48 -33.01
N PRO V 604 14.52 -52.53 -32.07
CA PRO V 604 14.07 -52.51 -30.68
C PRO V 604 12.75 -51.79 -30.45
N ARG V 605 11.92 -51.60 -31.48
CA ARG V 605 10.65 -50.92 -31.28
C ARG V 605 9.73 -51.78 -30.41
N PRO V 606 9.00 -51.18 -29.48
CA PRO V 606 8.20 -51.97 -28.54
C PRO V 606 7.04 -52.68 -29.24
N VAL V 607 6.70 -53.85 -28.69
CA VAL V 607 5.54 -54.62 -29.12
C VAL V 607 4.64 -54.78 -27.90
N VAL V 608 3.49 -54.12 -27.92
CA VAL V 608 2.54 -54.18 -26.81
C VAL V 608 1.56 -55.31 -27.11
N VAL V 609 1.79 -56.46 -26.50
CA VAL V 609 0.94 -57.64 -26.68
C VAL V 609 -0.28 -57.49 -25.79
N ARG V 610 -1.46 -57.66 -26.39
CA ARG V 610 -2.71 -57.69 -25.63
C ARG V 610 -3.02 -59.11 -25.19
N PHE V 611 -3.40 -59.26 -23.93
CA PHE V 611 -3.80 -60.55 -23.42
C PHE V 611 -5.09 -60.99 -24.09
N SER V 612 -5.56 -62.20 -23.74
CA SER V 612 -6.71 -62.80 -24.40
C SER V 612 -7.95 -61.91 -24.28
N ASP V 613 -8.39 -61.38 -25.42
CA ASP V 613 -9.55 -60.49 -25.47
C ASP V 613 -10.83 -61.22 -25.90
N PHE V 614 -10.80 -62.55 -25.91
CA PHE V 614 -11.95 -63.32 -26.34
C PHE V 614 -13.13 -63.13 -25.37
N LYS V 615 -14.33 -63.28 -25.90
CA LYS V 615 -15.54 -63.37 -25.09
C LYS V 615 -15.85 -64.84 -24.84
N THR V 616 -16.85 -65.10 -23.99
CA THR V 616 -17.21 -66.48 -23.68
C THR V 616 -17.69 -67.22 -24.93
N ASN V 617 -18.51 -66.54 -25.74
CA ASN V 617 -18.96 -67.15 -26.99
C ASN V 617 -17.79 -67.36 -27.96
N GLU V 618 -16.85 -66.41 -28.01
CA GLU V 618 -15.66 -66.59 -28.82
C GLU V 618 -14.77 -67.70 -28.26
N TYR V 619 -14.72 -67.83 -26.94
CA TYR V 619 -13.95 -68.90 -26.32
C TYR V 619 -14.54 -70.25 -26.66
N ARG V 620 -15.88 -70.35 -26.70
CA ARG V 620 -16.52 -71.62 -27.04
C ARG V 620 -16.18 -72.08 -28.45
N GLY V 621 -15.78 -71.17 -29.34
CA GLY V 621 -15.36 -71.57 -30.67
C GLY V 621 -14.11 -72.42 -30.68
N LEU V 622 -13.28 -72.32 -29.65
CA LEU V 622 -12.10 -73.16 -29.54
C LEU V 622 -12.50 -74.60 -29.23
N LYS V 623 -11.63 -75.53 -29.62
CA LYS V 623 -11.89 -76.94 -29.39
C LYS V 623 -11.84 -77.25 -27.90
N GLY V 624 -12.87 -77.94 -27.40
CA GLY V 624 -12.93 -78.30 -26.01
C GLY V 624 -13.30 -77.18 -25.07
N GLY V 625 -13.69 -76.02 -25.59
CA GLY V 625 -14.04 -74.88 -24.78
C GLY V 625 -15.45 -74.86 -24.24
N GLU V 626 -16.30 -75.79 -24.67
CA GLU V 626 -17.68 -75.81 -24.19
C GLU V 626 -17.75 -76.17 -22.71
N LYS V 627 -16.81 -76.97 -22.21
CA LYS V 627 -16.84 -77.38 -20.82
C LYS V 627 -16.41 -76.28 -19.85
N TYR V 628 -15.66 -75.29 -20.33
CA TYR V 628 -15.09 -74.27 -19.47
C TYR V 628 -15.75 -72.91 -19.62
N GLU V 629 -16.59 -72.72 -20.63
CA GLU V 629 -17.20 -71.42 -20.90
C GLU V 629 -18.70 -71.49 -20.64
N PRO V 630 -19.21 -70.82 -19.62
CA PRO V 630 -20.66 -70.81 -19.39
C PRO V 630 -21.37 -69.98 -20.44
N GLU V 631 -22.61 -70.35 -20.70
CA GLU V 631 -23.43 -69.57 -21.63
C GLU V 631 -23.85 -68.27 -20.98
N GLU V 632 -23.46 -67.15 -21.58
CA GLU V 632 -23.72 -65.85 -20.99
C GLU V 632 -24.67 -65.05 -21.86
N ARG V 633 -25.60 -64.38 -21.19
CA ARG V 633 -26.56 -63.51 -21.83
C ARG V 633 -25.87 -62.28 -22.44
N ASN V 634 -24.90 -61.68 -21.73
CA ASN V 634 -24.12 -60.57 -22.27
C ASN V 634 -22.63 -60.79 -22.06
N PRO V 635 -21.99 -61.62 -22.89
CA PRO V 635 -20.52 -61.75 -22.81
C PRO V 635 -19.80 -60.46 -23.12
N MET V 636 -20.43 -59.53 -23.87
CA MET V 636 -19.81 -58.25 -24.17
C MET V 636 -19.45 -57.50 -22.90
N ILE V 637 -20.30 -57.58 -21.89
CA ILE V 637 -20.00 -57.02 -20.58
C ILE V 637 -19.98 -58.16 -19.58
N GLY V 638 -19.58 -59.35 -20.04
CA GLY V 638 -19.56 -60.53 -19.21
C GLY V 638 -18.19 -60.85 -18.65
N TRP V 639 -17.96 -62.12 -18.40
CA TRP V 639 -16.71 -62.62 -17.82
C TRP V 639 -15.63 -62.60 -18.88
N ARG V 640 -14.86 -61.52 -18.92
CA ARG V 640 -13.80 -61.35 -19.90
C ARG V 640 -12.76 -60.40 -19.35
N GLY V 641 -11.59 -60.41 -19.98
CA GLY V 641 -10.53 -59.49 -19.58
C GLY V 641 -9.91 -59.88 -18.26
N VAL V 642 -9.55 -58.86 -17.48
CA VAL V 642 -8.86 -59.09 -16.21
C VAL V 642 -9.75 -59.89 -15.26
N SER V 643 -11.05 -59.61 -15.28
CA SER V 643 -11.99 -60.39 -14.46
C SER V 643 -11.86 -61.88 -14.75
N ARG V 644 -11.57 -62.24 -16.00
CA ARG V 644 -11.34 -63.64 -16.34
C ARG V 644 -9.98 -64.11 -15.85
N TYR V 645 -8.96 -63.26 -15.94
CA TYR V 645 -7.60 -63.69 -15.63
C TYR V 645 -7.44 -63.99 -14.14
N ILE V 646 -7.99 -63.13 -13.27
CA ILE V 646 -7.83 -63.32 -11.83
C ILE V 646 -8.75 -64.39 -11.27
N HIS V 647 -9.75 -64.83 -12.04
CA HIS V 647 -10.63 -65.88 -11.57
C HIS V 647 -9.87 -67.20 -11.46
N PRO V 648 -10.07 -67.96 -10.39
CA PRO V 648 -9.31 -69.21 -10.22
C PRO V 648 -9.51 -70.21 -11.35
N LYS V 649 -10.66 -70.20 -12.01
CA LYS V 649 -10.93 -71.17 -13.07
C LYS V 649 -10.03 -70.93 -14.28
N TYR V 650 -9.93 -69.68 -14.72
CA TYR V 650 -9.11 -69.35 -15.88
C TYR V 650 -7.69 -68.92 -15.50
N GLU V 651 -7.39 -68.81 -14.21
CA GLU V 651 -6.05 -68.37 -13.80
C GLU V 651 -4.92 -69.19 -14.41
N PRO V 652 -5.01 -70.53 -14.51
CA PRO V 652 -3.92 -71.26 -15.20
C PRO V 652 -3.70 -70.82 -16.63
N ALA V 653 -4.75 -70.48 -17.37
CA ALA V 653 -4.57 -70.03 -18.75
C ALA V 653 -3.87 -68.68 -18.80
N PHE V 654 -4.24 -67.76 -17.91
CA PHE V 654 -3.53 -66.49 -17.83
C PHE V 654 -2.07 -66.71 -17.44
N ARG V 655 -1.82 -67.68 -16.56
CA ARG V 655 -0.44 -68.01 -16.21
C ARG V 655 0.32 -68.57 -17.41
N LEU V 656 -0.36 -69.35 -18.26
CA LEU V 656 0.28 -69.82 -19.49
C LEU V 656 0.64 -68.65 -20.40
N GLU V 657 -0.26 -67.68 -20.53
CA GLU V 657 0.04 -66.51 -21.35
C GLU V 657 1.22 -65.72 -20.77
N VAL V 658 1.25 -65.53 -19.46
CA VAL V 658 2.36 -64.83 -18.83
C VAL V 658 3.65 -65.60 -18.99
N ARG V 659 3.58 -66.93 -18.94
CA ARG V 659 4.76 -67.75 -19.16
C ARG V 659 5.28 -67.60 -20.58
N ALA V 660 4.38 -67.54 -21.56
CA ALA V 660 4.80 -67.30 -22.94
C ALA V 660 5.48 -65.95 -23.08
N ILE V 661 4.91 -64.91 -22.46
CA ILE V 661 5.53 -63.59 -22.51
C ILE V 661 6.90 -63.61 -21.84
N LYS V 662 7.02 -64.28 -20.70
CA LYS V 662 8.30 -64.37 -20.01
C LYS V 662 9.33 -65.12 -20.84
N LYS V 663 8.90 -66.20 -21.52
CA LYS V 663 9.80 -66.94 -22.39
C LYS V 663 10.30 -66.06 -23.54
N VAL V 664 9.40 -65.26 -24.13
CA VAL V 664 9.82 -64.34 -25.17
C VAL V 664 10.82 -63.33 -24.63
N ARG V 665 10.55 -62.78 -23.43
CA ARG V 665 11.39 -61.71 -22.90
C ARG V 665 12.74 -62.22 -22.41
N GLU V 666 12.82 -63.49 -22.02
CA GLU V 666 14.02 -64.03 -21.40
C GLU V 666 14.77 -65.02 -22.28
N GLU V 667 14.10 -66.07 -22.76
CA GLU V 667 14.76 -67.07 -23.57
C GLU V 667 15.29 -66.46 -24.87
N MET V 668 14.49 -65.63 -25.52
CA MET V 668 14.92 -64.92 -26.72
C MET V 668 15.51 -63.55 -26.42
N GLY V 669 15.47 -63.10 -25.17
CA GLY V 669 16.04 -61.82 -24.81
C GLY V 669 15.38 -60.63 -25.45
N LEU V 670 14.13 -60.77 -25.89
CA LEU V 670 13.41 -59.67 -26.56
C LEU V 670 12.81 -58.77 -25.48
N THR V 671 13.59 -57.78 -25.06
CA THR V 671 13.16 -56.88 -24.00
C THR V 671 12.00 -55.99 -24.44
N ASN V 672 11.89 -55.73 -25.74
CA ASN V 672 10.90 -54.79 -26.27
C ASN V 672 9.45 -55.30 -26.17
N VAL V 673 9.17 -56.41 -25.50
CA VAL V 673 7.81 -56.92 -25.41
C VAL V 673 7.17 -56.38 -24.13
N TRP V 674 6.08 -55.65 -24.28
CA TRP V 674 5.27 -55.15 -23.18
C TRP V 674 3.91 -55.83 -23.24
N VAL V 675 3.13 -55.69 -22.17
CA VAL V 675 1.81 -56.30 -22.10
C VAL V 675 0.77 -55.24 -21.78
N MET V 676 -0.45 -55.46 -22.27
CA MET V 676 -1.58 -54.64 -21.90
C MET V 676 -2.73 -55.55 -21.44
N PHE V 677 -3.40 -55.12 -20.37
CA PHE V 677 -4.51 -55.86 -19.82
C PHE V 677 -5.81 -55.37 -20.45
N PRO V 678 -6.53 -56.21 -21.17
CA PRO V 678 -7.77 -55.75 -21.82
C PRO V 678 -8.95 -55.77 -20.86
N PHE V 679 -9.82 -54.77 -21.03
CA PHE V 679 -11.10 -54.69 -20.34
C PHE V 679 -10.92 -54.69 -18.82
N VAL V 680 -10.19 -53.69 -18.35
CA VAL V 680 -9.94 -53.52 -16.92
C VAL V 680 -11.13 -52.84 -16.28
N ARG V 681 -11.63 -53.41 -15.19
CA ARG V 681 -12.83 -52.93 -14.53
C ARG V 681 -12.54 -52.22 -13.21
N THR V 682 -11.79 -52.85 -12.31
CA THR V 682 -11.56 -52.33 -10.98
C THR V 682 -10.08 -52.39 -10.64
N THR V 683 -9.69 -51.57 -9.65
CA THR V 683 -8.29 -51.50 -9.26
C THR V 683 -7.82 -52.78 -8.59
N TRP V 684 -8.68 -53.39 -7.75
CA TRP V 684 -8.28 -54.60 -7.04
C TRP V 684 -8.05 -55.76 -8.01
N GLU V 685 -8.87 -55.86 -9.05
CA GLU V 685 -8.63 -56.90 -10.06
C GLU V 685 -7.32 -56.66 -10.79
N LEU V 686 -6.97 -55.39 -11.05
CA LEU V 686 -5.72 -55.08 -11.71
C LEU V 686 -4.53 -55.45 -10.83
N GLU V 687 -4.63 -55.16 -9.54
CA GLU V 687 -3.54 -55.51 -8.63
C GLU V 687 -3.43 -57.02 -8.45
N ARG V 688 -4.56 -57.73 -8.48
CA ARG V 688 -4.51 -59.19 -8.41
C ARG V 688 -3.85 -59.77 -9.67
N ALA V 689 -4.18 -59.23 -10.83
CA ALA V 689 -3.49 -59.66 -12.06
C ALA V 689 -2.00 -59.35 -12.00
N LEU V 690 -1.64 -58.18 -11.46
CA LEU V 690 -0.23 -57.82 -11.35
C LEU V 690 0.51 -58.76 -10.41
N LYS V 691 -0.08 -59.12 -9.27
CA LYS V 691 0.57 -60.06 -8.38
C LYS V 691 0.63 -61.46 -8.95
N ILE V 692 -0.36 -61.86 -9.76
CA ILE V 692 -0.27 -63.13 -10.46
C ILE V 692 0.89 -63.10 -11.44
N MET V 693 1.06 -61.99 -12.16
CA MET V 693 2.20 -61.85 -13.07
C MET V 693 3.52 -61.90 -12.31
N GLU V 694 3.58 -61.25 -11.15
CA GLU V 694 4.79 -61.28 -10.34
C GLU V 694 5.11 -62.69 -9.86
N GLU V 695 4.08 -63.46 -9.50
CA GLU V 695 4.30 -64.85 -9.10
C GLU V 695 4.91 -65.67 -10.23
N GLU V 696 4.69 -65.26 -11.46
CA GLU V 696 5.27 -65.93 -12.62
C GLU V 696 6.61 -65.34 -13.03
N GLY V 697 7.15 -64.40 -12.27
CA GLY V 697 8.42 -63.79 -12.57
C GLY V 697 8.37 -62.63 -13.53
N LEU V 698 7.19 -62.20 -13.95
CA LEU V 698 7.02 -61.06 -14.85
C LEU V 698 6.65 -59.85 -13.99
N LYS V 699 7.60 -58.96 -13.80
CA LYS V 699 7.44 -57.81 -12.92
C LYS V 699 7.59 -56.51 -13.69
N ARG V 700 6.73 -55.54 -13.38
CA ARG V 700 6.81 -54.22 -13.99
C ARG V 700 8.12 -53.55 -13.60
N GLY V 701 8.80 -52.97 -14.58
CA GLY V 701 10.08 -52.34 -14.34
C GLY V 701 10.44 -51.38 -15.44
N LYS V 702 11.73 -51.01 -15.46
CA LYS V 702 12.22 -50.08 -16.47
C LYS V 702 12.22 -50.71 -17.86
N ASP V 703 12.46 -52.02 -17.95
CA ASP V 703 12.50 -52.72 -19.22
C ASP V 703 11.19 -53.43 -19.55
N PHE V 704 10.17 -53.30 -18.69
CA PHE V 704 8.89 -53.97 -18.90
C PHE V 704 7.78 -52.99 -18.56
N LYS V 705 6.95 -52.68 -19.54
CA LYS V 705 5.83 -51.76 -19.37
C LYS V 705 4.52 -52.54 -19.34
N VAL V 706 3.62 -52.15 -18.44
CA VAL V 706 2.30 -52.74 -18.31
C VAL V 706 1.26 -51.65 -18.58
N TRP V 707 0.37 -51.92 -19.53
CA TRP V 707 -0.68 -51.00 -19.89
C TRP V 707 -2.05 -51.57 -19.50
N ALA V 708 -3.04 -50.69 -19.41
CA ALA V 708 -4.41 -51.10 -19.14
C ALA V 708 -5.31 -50.50 -20.21
N MET V 709 -6.18 -51.34 -20.79
CA MET V 709 -7.13 -50.85 -21.77
C MET V 709 -8.15 -49.93 -21.11
N ALA V 710 -8.28 -48.73 -21.65
CA ALA V 710 -9.25 -47.76 -21.14
C ALA V 710 -10.53 -47.82 -21.97
N GLU V 711 -11.20 -48.97 -21.89
CA GLU V 711 -12.44 -49.20 -22.59
C GLU V 711 -13.64 -49.34 -21.67
N VAL V 712 -13.47 -49.15 -20.38
CA VAL V 712 -14.56 -49.24 -19.41
C VAL V 712 -14.72 -47.87 -18.76
N PRO V 713 -15.96 -47.39 -18.57
CA PRO V 713 -16.14 -46.06 -17.97
C PRO V 713 -15.58 -45.94 -16.56
N SER V 714 -15.40 -47.05 -15.84
CA SER V 714 -14.73 -46.98 -14.55
C SER V 714 -13.30 -46.49 -14.70
N ILE V 715 -12.62 -46.89 -15.78
CA ILE V 715 -11.29 -46.36 -16.06
C ILE V 715 -11.37 -44.87 -16.34
N VAL V 716 -12.42 -44.44 -17.04
CA VAL V 716 -12.61 -43.01 -17.31
C VAL V 716 -12.73 -42.23 -16.01
N LEU V 717 -13.52 -42.74 -15.08
CA LEU V 717 -13.77 -42.01 -13.84
C LEU V 717 -12.60 -42.09 -12.87
N LEU V 718 -11.81 -43.16 -12.90
CA LEU V 718 -10.75 -43.39 -11.94
C LEU V 718 -9.41 -43.67 -12.61
N ALA V 719 -9.12 -42.95 -13.70
CA ALA V 719 -7.84 -43.16 -14.38
C ALA V 719 -6.67 -42.79 -13.48
N ASP V 720 -6.79 -41.71 -12.73
CA ASP V 720 -5.72 -41.30 -11.81
C ASP V 720 -5.48 -42.35 -10.74
N LYS V 721 -6.53 -43.08 -10.33
CA LYS V 721 -6.35 -44.15 -9.35
C LYS V 721 -5.72 -45.37 -9.99
N PHE V 722 -6.10 -45.70 -11.22
CA PHE V 722 -5.53 -46.84 -11.91
C PHE V 722 -4.07 -46.62 -12.30
N ALA V 723 -3.64 -45.36 -12.41
CA ALA V 723 -2.29 -45.07 -12.89
C ALA V 723 -1.21 -45.56 -11.93
N GLU V 724 -1.54 -45.81 -10.66
CA GLU V 724 -0.54 -46.29 -9.72
C GLU V 724 -0.13 -47.74 -9.99
N TYR V 725 -0.91 -48.46 -10.80
CA TYR V 725 -0.65 -49.87 -11.05
C TYR V 725 -0.06 -50.15 -12.42
N VAL V 726 -0.22 -49.25 -13.39
CA VAL V 726 0.21 -49.50 -14.76
C VAL V 726 1.09 -48.34 -15.21
N ASP V 727 1.94 -48.61 -16.20
CA ASP V 727 2.81 -47.57 -16.75
C ASP V 727 2.03 -46.62 -17.64
N GLY V 728 0.97 -47.10 -18.29
CA GLY V 728 0.18 -46.25 -19.15
C GLY V 728 -1.16 -46.87 -19.46
N PHE V 729 -1.95 -46.14 -20.24
CA PHE V 729 -3.28 -46.59 -20.65
C PHE V 729 -3.38 -46.60 -22.17
N SER V 730 -4.13 -47.58 -22.67
CA SER V 730 -4.45 -47.66 -24.10
C SER V 730 -5.97 -47.53 -24.23
N ILE V 731 -6.40 -46.48 -24.93
CA ILE V 731 -7.84 -46.18 -25.06
C ILE V 731 -8.40 -47.05 -26.18
N GLY V 732 -9.23 -48.02 -25.80
CA GLY V 732 -9.93 -48.83 -26.77
C GLY V 732 -11.18 -48.14 -27.26
N SER V 733 -11.01 -47.15 -28.15
CA SER V 733 -12.11 -46.29 -28.55
C SER V 733 -13.31 -47.07 -29.08
N ASN V 734 -13.06 -48.20 -29.77
CA ASN V 734 -14.15 -49.01 -30.28
C ASN V 734 -15.03 -49.52 -29.14
N ASP V 735 -14.41 -50.12 -28.12
CA ASP V 735 -15.16 -50.60 -26.96
C ASP V 735 -15.53 -49.47 -26.01
N LEU V 736 -14.70 -48.43 -25.92
CA LEU V 736 -15.00 -47.31 -25.03
C LEU V 736 -16.26 -46.58 -25.46
N THR V 737 -16.42 -46.35 -26.76
CA THR V 737 -17.64 -45.72 -27.25
C THR V 737 -18.86 -46.59 -26.96
N GLN V 738 -18.73 -47.90 -27.16
CA GLN V 738 -19.84 -48.82 -26.91
C GLN V 738 -20.26 -48.78 -25.45
N LEU V 739 -19.28 -48.78 -24.53
CA LEU V 739 -19.62 -48.82 -23.11
C LEU V 739 -20.09 -47.47 -22.59
N ILE V 740 -19.51 -46.37 -23.09
CA ILE V 740 -19.94 -45.04 -22.67
C ILE V 740 -21.37 -44.77 -23.14
N LEU V 741 -21.67 -45.10 -24.39
CA LEU V 741 -23.01 -44.90 -24.92
C LEU V 741 -23.96 -46.04 -24.58
N GLY V 742 -23.46 -47.16 -24.06
CA GLY V 742 -24.33 -48.29 -23.76
C GLY V 742 -25.00 -48.88 -24.98
N ALA V 743 -24.29 -48.96 -26.09
CA ALA V 743 -24.82 -49.51 -27.34
C ALA V 743 -23.84 -50.51 -27.92
N ASP V 744 -24.36 -51.53 -28.58
CA ASP V 744 -23.56 -52.62 -29.13
C ASP V 744 -23.61 -52.55 -30.66
N ARG V 745 -22.44 -52.64 -31.29
CA ARG V 745 -22.30 -52.28 -32.70
C ARG V 745 -22.97 -53.25 -33.65
N ASP V 746 -22.91 -54.56 -33.40
CA ASP V 746 -23.44 -55.52 -34.36
C ASP V 746 -24.95 -55.42 -34.52
N SER V 747 -25.63 -54.73 -33.62
CA SER V 747 -27.05 -54.43 -33.79
C SER V 747 -27.20 -53.43 -34.93
N ASN V 748 -27.78 -53.87 -36.04
CA ASN V 748 -27.89 -53.01 -37.21
C ASN V 748 -28.78 -51.81 -36.96
N ILE V 749 -29.79 -51.96 -36.10
CA ILE V 749 -30.71 -50.85 -35.82
C ILE V 749 -29.96 -49.70 -35.17
N LEU V 750 -29.16 -49.99 -34.15
CA LEU V 750 -28.40 -48.95 -33.47
C LEU V 750 -27.36 -48.33 -34.39
N ALA V 751 -26.74 -49.15 -35.25
CA ALA V 751 -25.74 -48.63 -36.18
C ALA V 751 -26.37 -47.69 -37.20
N GLU V 752 -27.57 -48.01 -37.66
CA GLU V 752 -28.24 -47.18 -38.67
C GLU V 752 -28.53 -45.78 -38.13
N MET V 753 -28.90 -45.68 -36.86
CA MET V 753 -29.20 -44.36 -36.28
C MET V 753 -27.95 -43.50 -36.10
N GLY V 754 -26.76 -44.05 -36.28
CA GLY V 754 -25.55 -43.27 -36.14
C GLY V 754 -25.04 -43.14 -34.72
N TYR V 755 -25.41 -44.06 -33.84
CA TYR V 755 -24.93 -43.98 -32.45
C TYR V 755 -23.42 -44.14 -32.37
N PHE V 756 -22.86 -45.04 -33.17
CA PHE V 756 -21.46 -45.44 -33.01
C PHE V 756 -20.55 -44.47 -33.77
N ASP V 757 -20.65 -43.21 -33.38
CA ASP V 757 -19.77 -42.14 -33.84
C ASP V 757 -18.80 -41.82 -32.71
N GLU V 758 -17.52 -42.08 -32.95
CA GLU V 758 -16.51 -41.80 -31.94
C GLU V 758 -16.28 -40.30 -31.75
N ARG V 759 -16.85 -39.46 -32.60
CA ARG V 759 -16.87 -38.02 -32.42
C ARG V 759 -17.97 -37.57 -31.45
N ASP V 760 -18.61 -38.51 -30.76
CA ASP V 760 -19.67 -38.15 -29.83
C ASP V 760 -19.10 -37.32 -28.69
N PRO V 761 -19.83 -36.30 -28.22
CA PRO V 761 -19.29 -35.46 -27.13
C PRO V 761 -18.98 -36.24 -25.86
N ALA V 762 -19.78 -37.27 -25.54
CA ALA V 762 -19.51 -38.06 -24.35
C ALA V 762 -18.19 -38.83 -24.48
N VAL V 763 -17.95 -39.44 -25.63
CA VAL V 763 -16.71 -40.18 -25.83
C VAL V 763 -15.52 -39.23 -25.79
N LEU V 764 -15.65 -38.05 -26.40
CA LEU V 764 -14.56 -37.08 -26.37
C LEU V 764 -14.29 -36.60 -24.95
N ALA V 765 -15.33 -36.35 -24.18
CA ALA V 765 -15.15 -35.94 -22.79
C ALA V 765 -14.48 -37.04 -21.97
N GLY V 766 -14.88 -38.29 -22.19
CA GLY V 766 -14.24 -39.39 -21.49
C GLY V 766 -12.77 -39.53 -21.83
N ILE V 767 -12.45 -39.40 -23.13
CA ILE V 767 -11.05 -39.48 -23.56
C ILE V 767 -10.24 -38.33 -22.94
N LYS V 768 -10.81 -37.13 -22.94
CA LYS V 768 -10.13 -35.99 -22.35
C LYS V 768 -9.88 -36.21 -20.86
N MET V 769 -10.87 -36.74 -20.15
CA MET V 769 -10.70 -37.02 -18.72
C MET V 769 -9.62 -38.07 -18.49
N ILE V 770 -9.61 -39.13 -19.31
CA ILE V 770 -8.59 -40.16 -19.18
C ILE V 770 -7.21 -39.55 -19.38
N ILE V 771 -7.05 -38.75 -20.43
CA ILE V 771 -5.74 -38.15 -20.73
C ILE V 771 -5.30 -37.23 -19.60
N GLU V 772 -6.21 -36.40 -19.11
CA GLU V 772 -5.86 -35.46 -18.04
C GLU V 772 -5.45 -36.20 -16.77
N LYS V 773 -6.22 -37.22 -16.37
CA LYS V 773 -5.90 -37.94 -15.16
C LYS V 773 -4.57 -38.69 -15.30
N ALA V 774 -4.37 -39.37 -16.43
CA ALA V 774 -3.14 -40.13 -16.61
C ALA V 774 -1.92 -39.23 -16.62
N HIS V 775 -2.01 -38.07 -17.28
CA HIS V 775 -0.88 -37.15 -17.28
C HIS V 775 -0.70 -36.45 -15.94
N SER V 776 -1.77 -36.28 -15.16
CA SER V 776 -1.61 -35.79 -13.80
C SER V 776 -0.90 -36.80 -12.92
N LYS V 777 -1.09 -38.10 -13.17
CA LYS V 777 -0.37 -39.13 -12.44
C LYS V 777 0.85 -39.65 -13.19
N GLY V 778 1.25 -38.98 -14.27
CA GLY V 778 2.47 -39.34 -14.97
C GLY V 778 2.42 -40.61 -15.78
N ALA V 779 1.23 -41.04 -16.19
CA ALA V 779 1.07 -42.24 -17.00
C ALA V 779 0.85 -41.86 -18.46
N THR V 780 1.45 -42.65 -19.36
CA THR V 780 1.29 -42.42 -20.78
C THR V 780 -0.10 -42.82 -21.24
N VAL V 781 -0.57 -42.19 -22.32
CA VAL V 781 -1.88 -42.46 -22.89
C VAL V 781 -1.71 -42.85 -24.35
N SER V 782 -2.34 -43.95 -24.74
CA SER V 782 -2.35 -44.40 -26.12
C SER V 782 -3.79 -44.68 -26.54
N ILE V 783 -4.03 -44.69 -27.84
CA ILE V 783 -5.33 -45.02 -28.40
C ILE V 783 -5.13 -46.05 -29.52
N CYS V 784 -5.91 -47.12 -29.49
CA CYS V 784 -5.84 -48.19 -30.48
C CYS V 784 -7.27 -48.50 -30.92
N GLY V 785 -7.73 -47.79 -31.94
CA GLY V 785 -9.07 -47.97 -32.45
C GLY V 785 -9.18 -47.43 -33.86
N GLN V 786 -10.40 -47.50 -34.39
CA GLN V 786 -10.65 -47.04 -35.75
C GLN V 786 -10.91 -45.54 -35.83
N ALA V 787 -11.07 -44.86 -34.69
CA ALA V 787 -11.32 -43.42 -34.72
C ALA V 787 -10.20 -42.62 -35.36
N PRO V 788 -8.92 -42.79 -35.00
CA PRO V 788 -7.87 -42.02 -35.68
C PRO V 788 -7.67 -42.40 -37.13
N SER V 789 -8.12 -43.59 -37.54
CA SER V 789 -7.89 -44.05 -38.90
C SER V 789 -8.79 -43.36 -39.91
N VAL V 790 -9.99 -42.92 -39.49
CA VAL V 790 -10.99 -42.40 -40.40
C VAL V 790 -11.29 -40.92 -40.17
N TYR V 791 -11.28 -40.46 -38.91
CA TYR V 791 -11.68 -39.10 -38.61
C TYR V 791 -10.47 -38.24 -38.30
N PRO V 792 -10.10 -37.29 -39.18
CA PRO V 792 -8.99 -36.39 -38.86
C PRO V 792 -9.23 -35.52 -37.63
N GLU V 793 -10.48 -35.12 -37.38
CA GLU V 793 -10.77 -34.28 -36.22
C GLU V 793 -10.52 -35.02 -34.91
N ILE V 794 -10.75 -36.33 -34.86
CA ILE V 794 -10.39 -37.12 -33.68
C ILE V 794 -8.89 -37.03 -33.45
N VAL V 795 -8.10 -37.16 -34.52
CA VAL V 795 -6.65 -37.07 -34.38
C VAL V 795 -6.24 -35.69 -33.89
N GLU V 796 -6.86 -34.64 -34.42
CA GLU V 796 -6.54 -33.28 -33.99
C GLU V 796 -6.86 -33.09 -32.51
N PHE V 797 -8.02 -33.57 -32.07
CA PHE V 797 -8.40 -33.45 -30.68
C PHE V 797 -7.45 -34.24 -29.78
N LEU V 798 -7.06 -35.45 -30.20
CA LEU V 798 -6.15 -36.25 -29.41
C LEU V 798 -4.79 -35.58 -29.26
N VAL V 799 -4.25 -35.05 -30.36
CA VAL V 799 -2.95 -34.39 -30.31
C VAL V 799 -3.02 -33.13 -29.48
N GLU V 800 -4.13 -32.38 -29.58
CA GLU V 800 -4.30 -31.19 -28.76
C GLU V 800 -4.35 -31.56 -27.27
N ALA V 801 -5.06 -32.64 -26.94
CA ALA V 801 -5.11 -33.09 -25.56
C ALA V 801 -3.76 -33.54 -25.05
N GLY V 802 -2.84 -33.91 -25.94
CA GLY V 802 -1.50 -34.31 -25.54
C GLY V 802 -1.33 -35.81 -25.39
N ILE V 803 -1.99 -36.57 -26.25
CA ILE V 803 -1.87 -38.03 -26.18
C ILE V 803 -0.46 -38.44 -26.54
N ASP V 804 0.05 -39.46 -25.85
CA ASP V 804 1.45 -39.85 -26.01
C ASP V 804 1.68 -40.61 -27.32
N SER V 805 0.76 -41.49 -27.70
CA SER V 805 0.93 -42.26 -28.91
C SER V 805 -0.43 -42.60 -29.49
N ILE V 806 -0.44 -42.90 -30.79
CA ILE V 806 -1.64 -43.29 -31.52
C ILE V 806 -1.32 -44.57 -32.27
N SER V 807 -2.13 -45.61 -32.06
CA SER V 807 -1.96 -46.89 -32.73
C SER V 807 -3.07 -47.05 -33.77
N VAL V 808 -2.68 -47.26 -35.02
CA VAL V 808 -3.61 -47.35 -36.14
C VAL V 808 -3.32 -48.60 -36.93
N ASN V 809 -4.22 -48.89 -37.88
CA ASN V 809 -4.02 -50.00 -38.80
C ASN V 809 -2.85 -49.70 -39.73
N PRO V 810 -2.20 -50.73 -40.27
CA PRO V 810 -1.05 -50.49 -41.16
C PRO V 810 -1.36 -49.58 -42.33
N ASP V 811 -2.48 -49.82 -43.03
CA ASP V 811 -2.82 -49.02 -44.20
C ASP V 811 -3.06 -47.55 -43.86
N ALA V 812 -3.32 -47.24 -42.58
CA ALA V 812 -3.53 -45.87 -42.14
C ALA V 812 -2.31 -45.29 -41.43
N VAL V 813 -1.16 -45.98 -41.47
CA VAL V 813 0.01 -45.48 -40.75
C VAL V 813 0.52 -44.20 -41.38
N ILE V 814 0.95 -44.27 -42.65
CA ILE V 814 1.66 -43.16 -43.28
C ILE V 814 0.83 -41.89 -43.22
N ALA V 815 -0.43 -41.96 -43.65
CA ALA V 815 -1.31 -40.79 -43.60
C ALA V 815 -1.36 -40.22 -42.19
N THR V 816 -1.55 -41.08 -41.19
CA THR V 816 -1.58 -40.60 -39.81
C THR V 816 -0.28 -39.88 -39.47
N ARG V 817 0.86 -40.48 -39.85
CA ARG V 817 2.14 -39.84 -39.57
C ARG V 817 2.21 -38.46 -40.19
N ARG V 818 1.63 -38.30 -41.39
CA ARG V 818 1.52 -36.96 -41.95
C ARG V 818 0.59 -36.11 -41.11
N LEU V 819 -0.64 -36.59 -40.89
CA LEU V 819 -1.68 -35.76 -40.27
C LEU V 819 -1.24 -35.27 -38.91
N VAL V 820 -0.82 -36.18 -38.03
CA VAL V 820 -0.38 -35.80 -36.70
C VAL V 820 0.69 -34.72 -36.81
N ALA V 821 1.68 -34.93 -37.69
CA ALA V 821 2.74 -33.94 -37.83
C ALA V 821 2.15 -32.57 -38.12
N SER V 822 1.29 -32.47 -39.13
CA SER V 822 0.69 -31.19 -39.45
C SER V 822 -0.02 -30.62 -38.23
N ILE V 823 -0.82 -31.45 -37.56
CA ILE V 823 -1.56 -30.98 -36.40
C ILE V 823 -0.59 -30.44 -35.36
N GLU V 824 0.48 -31.19 -35.09
CA GLU V 824 1.47 -30.71 -34.14
C GLU V 824 1.98 -29.34 -34.53
N ARG V 825 2.37 -29.19 -35.80
CA ARG V 825 2.84 -27.89 -36.27
C ARG V 825 1.77 -26.83 -36.05
N LYS V 826 0.52 -27.15 -36.40
CA LYS V 826 -0.56 -26.19 -36.16
C LYS V 826 -0.64 -25.84 -34.69
N ILE V 827 -0.63 -26.84 -33.82
CA ILE V 827 -0.67 -26.56 -32.39
C ILE V 827 0.51 -25.70 -31.99
N MET V 828 1.68 -25.99 -32.56
CA MET V 828 2.89 -25.27 -32.17
C MET V 828 2.77 -23.81 -32.55
N LEU V 829 1.95 -23.49 -33.56
CA LEU V 829 1.59 -22.10 -33.82
C LEU V 829 0.60 -21.59 -32.80
N LYS V 830 -0.53 -22.30 -32.63
CA LYS V 830 -1.65 -21.77 -31.87
C LYS V 830 -1.23 -21.41 -30.45
N ARG V 831 -0.58 -22.35 -29.76
CA ARG V 831 -0.10 -22.10 -28.40
C ARG V 831 0.71 -20.82 -28.34
N LEU V 832 1.64 -20.63 -29.29
CA LEU V 832 2.43 -19.40 -29.30
C LEU V 832 1.53 -18.18 -29.28
N ASN V 833 0.55 -18.12 -30.20
CA ASN V 833 -0.40 -17.01 -30.21
C ASN V 833 -1.02 -16.83 -28.84
N LYS V 834 -1.56 -17.92 -28.27
CA LYS V 834 -2.18 -17.82 -26.96
C LYS V 834 -1.22 -17.21 -25.95
N ILE V 835 0.02 -17.68 -25.94
CA ILE V 835 1.00 -17.15 -25.00
C ILE V 835 1.11 -15.65 -25.16
N MET V 836 1.27 -15.17 -26.40
CA MET V 836 1.35 -13.73 -26.62
C MET V 836 0.10 -13.05 -26.08
N ASP V 837 -1.08 -13.57 -26.42
CA ASP V 837 -2.31 -13.00 -25.90
C ASP V 837 -2.30 -13.01 -24.39
N LYS V 838 -1.91 -14.14 -23.80
CA LYS V 838 -1.80 -14.23 -22.35
C LYS V 838 -0.86 -13.15 -21.83
N LEU V 839 0.29 -13.01 -22.48
CA LEU V 839 1.26 -12.01 -22.04
C LEU V 839 0.65 -10.61 -22.11
N ASN V 840 -0.16 -10.36 -23.14
CA ASN V 840 -0.83 -9.07 -23.23
C ASN V 840 -1.65 -8.78 -21.98
N LYS V 841 -2.42 -9.78 -21.54
CA LYS V 841 -3.28 -9.57 -20.37
C LYS V 841 -2.44 -9.30 -19.12
N LEU V 842 -1.17 -9.74 -19.14
CA LEU V 842 -0.31 -9.45 -17.99
C LEU V 842 0.11 -7.99 -17.98
N GLU V 843 0.34 -7.39 -19.15
CA GLU V 843 0.82 -6.02 -19.18
C GLU V 843 -0.31 -5.01 -19.04
N LEU V 844 -1.55 -5.45 -19.16
CA LEU V 844 -2.70 -4.55 -19.03
C LEU V 844 -3.61 -4.99 -17.89
N SER W 522 -49.66 -50.28 21.07
CA SER W 522 -48.83 -50.90 20.04
C SER W 522 -47.52 -50.15 19.87
N PRO W 523 -46.54 -50.47 20.72
CA PRO W 523 -45.27 -49.73 20.68
C PRO W 523 -44.45 -49.93 19.42
N GLU W 524 -44.72 -50.98 18.64
CA GLU W 524 -43.85 -51.30 17.51
C GLU W 524 -43.96 -50.25 16.39
N GLN W 525 -45.07 -49.54 16.30
CA GLN W 525 -45.15 -48.44 15.35
C GLN W 525 -44.66 -47.12 15.92
N LEU W 526 -44.30 -47.08 17.21
CA LEU W 526 -43.79 -45.85 17.82
C LEU W 526 -42.30 -45.65 17.62
N LEU W 527 -41.59 -46.66 17.09
CA LEU W 527 -40.16 -46.51 16.84
C LEU W 527 -39.83 -45.37 15.89
N PRO W 528 -40.48 -45.23 14.72
CA PRO W 528 -40.12 -44.13 13.82
C PRO W 528 -40.45 -42.75 14.37
N LEU W 529 -41.34 -42.66 15.36
CA LEU W 529 -41.76 -41.37 15.90
C LEU W 529 -40.82 -40.85 16.99
N TYR W 530 -39.79 -41.61 17.36
CA TYR W 530 -38.84 -41.15 18.35
C TYR W 530 -38.00 -40.01 17.79
N PRO W 531 -37.47 -39.14 18.64
CA PRO W 531 -36.69 -38.00 18.15
C PRO W 531 -35.48 -38.44 17.34
N VAL W 532 -35.17 -37.67 16.30
CA VAL W 532 -34.05 -37.97 15.41
C VAL W 532 -32.81 -37.27 15.94
N THR W 533 -31.73 -38.03 16.09
CA THR W 533 -30.47 -37.52 16.61
C THR W 533 -29.37 -37.69 15.58
N ALA W 534 -28.55 -36.64 15.41
CA ALA W 534 -27.38 -36.75 14.56
C ALA W 534 -26.40 -37.79 15.11
N THR W 535 -26.17 -37.77 16.41
CA THR W 535 -25.31 -38.77 17.03
C THR W 535 -26.06 -40.10 17.15
N LYS W 536 -25.41 -41.17 16.73
CA LYS W 536 -26.03 -42.49 16.79
C LYS W 536 -26.13 -42.97 18.23
N ILE W 537 -27.29 -43.50 18.59
CA ILE W 537 -27.54 -44.00 19.93
C ILE W 537 -27.43 -45.52 19.88
N TYR W 538 -26.32 -46.04 20.37
CA TYR W 538 -26.09 -47.48 20.41
C TYR W 538 -26.52 -48.06 21.76
N MET W 539 -26.57 -49.38 21.82
CA MET W 539 -27.01 -50.08 23.02
C MET W 539 -25.94 -51.09 23.45
N ASN W 540 -25.80 -51.26 24.75
CA ASN W 540 -24.88 -52.25 25.32
C ASN W 540 -25.65 -53.52 25.63
N LEU W 541 -25.14 -54.65 25.15
CA LEU W 541 -25.77 -55.94 25.35
C LEU W 541 -24.74 -56.93 25.87
N GLY W 542 -25.13 -57.69 26.90
CA GLY W 542 -24.27 -58.71 27.44
C GLY W 542 -24.84 -60.11 27.28
N GLU W 543 -26.16 -60.21 27.31
CA GLU W 543 -26.85 -61.48 27.15
C GLU W 543 -27.57 -61.50 25.81
N PRO W 544 -27.26 -62.44 24.91
CA PRO W 544 -27.96 -62.47 23.62
C PRO W 544 -29.46 -62.64 23.76
N ASP W 545 -29.92 -63.46 24.71
CA ASP W 545 -31.35 -63.70 24.87
C ASP W 545 -32.11 -62.45 25.31
N ALA W 546 -31.41 -61.41 25.74
CA ALA W 546 -32.04 -60.14 26.10
C ALA W 546 -32.29 -59.26 24.90
N ILE W 547 -31.87 -59.65 23.70
CA ILE W 547 -32.11 -58.81 22.53
C ILE W 547 -33.59 -58.73 22.21
N GLU W 548 -34.36 -59.77 22.53
CA GLU W 548 -35.79 -59.75 22.25
C GLU W 548 -36.54 -58.85 23.23
N LYS W 549 -36.01 -58.67 24.44
CA LYS W 549 -36.64 -57.76 25.39
C LYS W 549 -36.52 -56.31 24.94
N TYR W 550 -35.39 -55.95 24.34
CA TYR W 550 -35.09 -54.57 23.98
C TYR W 550 -35.20 -54.32 22.48
N LYS W 551 -35.89 -55.20 21.75
CA LYS W 551 -36.04 -55.02 20.31
C LYS W 551 -36.88 -53.80 19.95
N ASP W 552 -37.69 -53.30 20.90
CA ASP W 552 -38.54 -52.15 20.67
C ASP W 552 -37.93 -50.84 21.16
N LEU W 553 -36.63 -50.82 21.42
CA LEU W 553 -36.02 -49.57 21.82
C LEU W 553 -35.45 -48.84 20.61
N PRO W 554 -35.45 -47.50 20.62
CA PRO W 554 -34.91 -46.74 19.47
C PRO W 554 -33.39 -46.62 19.51
N PHE W 555 -32.72 -47.73 19.25
CA PHE W 555 -31.27 -47.77 19.18
C PHE W 555 -30.82 -48.01 17.74
N ASP W 556 -29.73 -47.38 17.35
CA ASP W 556 -29.19 -47.51 16.01
C ASP W 556 -28.26 -48.70 15.85
N GLY W 557 -28.06 -49.48 16.89
CA GLY W 557 -27.21 -50.65 16.82
C GLY W 557 -26.70 -51.03 18.19
N ILE W 558 -25.95 -52.11 18.22
CA ILE W 558 -25.31 -52.59 19.43
C ILE W 558 -23.86 -52.11 19.38
N GLY W 559 -23.57 -51.02 20.09
CA GLY W 559 -22.22 -50.50 20.12
C GLY W 559 -21.26 -51.28 20.98
N LEU W 560 -21.76 -52.21 21.79
CA LEU W 560 -20.89 -53.04 22.63
C LEU W 560 -21.63 -54.34 22.94
N MET W 561 -21.18 -55.43 22.35
CA MET W 561 -21.68 -56.76 22.66
C MET W 561 -20.63 -57.50 23.48
N ARG W 562 -20.99 -57.84 24.71
CA ARG W 562 -20.08 -58.52 25.62
C ARG W 562 -20.24 -60.03 25.45
N ILE W 563 -19.17 -60.71 25.05
CA ILE W 563 -19.19 -62.15 24.85
C ILE W 563 -18.74 -62.84 26.12
N GLU W 564 -18.50 -62.05 27.17
CA GLU W 564 -18.10 -62.64 28.45
C GLU W 564 -19.19 -63.55 29.00
N PHE W 565 -20.44 -63.13 28.89
CA PHE W 565 -21.55 -63.96 29.37
C PHE W 565 -21.65 -65.25 28.57
N ILE W 566 -21.41 -65.20 27.26
CA ILE W 566 -21.49 -66.40 26.43
C ILE W 566 -20.43 -67.39 26.85
N ILE W 567 -19.19 -66.92 27.04
CA ILE W 567 -18.10 -67.82 27.41
C ILE W 567 -18.33 -68.37 28.82
N THR W 568 -18.85 -67.54 29.72
CA THR W 568 -19.03 -67.98 31.11
C THR W 568 -20.17 -68.98 31.25
N ASP W 569 -21.31 -68.71 30.61
CA ASP W 569 -22.52 -69.48 30.86
C ASP W 569 -22.89 -70.43 29.72
N TRP W 570 -22.44 -70.18 28.50
CA TRP W 570 -22.74 -71.08 27.40
C TRP W 570 -21.59 -72.03 27.08
N VAL W 571 -20.37 -71.72 27.54
CA VAL W 571 -19.21 -72.56 27.30
C VAL W 571 -18.70 -73.20 28.60
N GLN W 572 -18.58 -72.39 29.66
CA GLN W 572 -18.07 -72.81 30.97
C GLN W 572 -16.62 -73.30 30.94
N TYR W 573 -15.99 -73.30 29.78
CA TYR W 573 -14.66 -73.89 29.64
C TYR W 573 -13.67 -72.88 29.07
N HIS W 574 -12.44 -72.97 29.54
CA HIS W 574 -11.37 -72.16 28.99
C HIS W 574 -11.11 -72.54 27.54
N PRO W 575 -11.02 -71.58 26.62
CA PRO W 575 -10.81 -71.94 25.21
C PRO W 575 -9.55 -72.77 24.97
N LEU W 576 -8.47 -72.46 25.68
CA LEU W 576 -7.26 -73.27 25.55
C LEU W 576 -7.48 -74.70 26.03
N TYR W 577 -8.26 -74.88 27.10
CA TYR W 577 -8.60 -76.22 27.56
C TYR W 577 -9.40 -76.97 26.50
N LEU W 578 -10.35 -76.29 25.85
CA LEU W 578 -11.11 -76.94 24.79
C LEU W 578 -10.22 -77.30 23.61
N ILE W 579 -9.25 -76.45 23.29
CA ILE W 579 -8.28 -76.77 22.23
C ILE W 579 -7.48 -78.00 22.61
N GLU W 580 -7.03 -78.08 23.87
CA GLU W 580 -6.30 -79.25 24.32
C GLU W 580 -7.15 -80.51 24.24
N GLN W 581 -8.42 -80.42 24.61
CA GLN W 581 -9.36 -81.53 24.49
C GLN W 581 -9.93 -81.67 23.08
N GLY W 582 -9.54 -80.79 22.16
CA GLY W 582 -10.07 -80.86 20.80
C GLY W 582 -11.53 -80.52 20.69
N LYS W 583 -11.99 -79.53 21.46
CA LYS W 583 -13.39 -79.13 21.42
C LYS W 583 -13.54 -77.67 21.01
N GLU W 584 -12.75 -77.24 20.02
CA GLU W 584 -12.88 -75.89 19.50
C GLU W 584 -14.26 -75.65 18.90
N SER W 585 -14.89 -76.71 18.37
CA SER W 585 -16.17 -76.58 17.71
C SER W 585 -17.24 -76.06 18.68
N LEU W 586 -17.24 -76.56 19.91
CA LEU W 586 -18.24 -76.11 20.88
C LEU W 586 -18.12 -74.60 21.15
N PHE W 587 -16.92 -74.13 21.44
CA PHE W 587 -16.70 -72.71 21.72
C PHE W 587 -17.07 -71.86 20.52
N ILE W 588 -16.60 -72.24 19.33
CA ILE W 588 -16.88 -71.47 18.12
C ILE W 588 -18.37 -71.43 17.85
N ASP W 589 -19.05 -72.58 17.99
CA ASP W 589 -20.47 -72.64 17.69
C ASP W 589 -21.31 -71.86 18.68
N LYS W 590 -20.94 -71.89 19.97
CA LYS W 590 -21.70 -71.11 20.94
C LYS W 590 -21.53 -69.61 20.70
N LEU W 591 -20.29 -69.16 20.45
CA LEU W 591 -20.11 -67.75 20.11
C LEU W 591 -20.86 -67.37 18.85
N ALA W 592 -20.81 -68.24 17.83
CA ALA W 592 -21.50 -67.97 16.58
C ALA W 592 -23.01 -67.90 16.80
N GLU W 593 -23.56 -68.80 17.60
CA GLU W 593 -24.99 -68.78 17.86
C GLU W 593 -25.42 -67.49 18.54
N GLY W 594 -24.69 -67.09 19.60
CA GLY W 594 -25.05 -65.85 20.28
C GLY W 594 -24.93 -64.63 19.38
N ILE W 595 -23.81 -64.50 18.67
CA ILE W 595 -23.59 -63.33 17.83
C ILE W 595 -24.58 -63.30 16.67
N ALA W 596 -24.88 -64.48 16.10
CA ALA W 596 -25.84 -64.54 15.00
C ALA W 596 -27.24 -64.17 15.46
N LYS W 597 -27.63 -64.65 16.65
CA LYS W 597 -28.93 -64.25 17.19
C LYS W 597 -29.01 -62.74 17.36
N VAL W 598 -27.99 -62.14 17.97
CA VAL W 598 -28.02 -60.70 18.18
C VAL W 598 -28.03 -59.95 16.85
N ALA W 599 -27.22 -60.39 15.88
CA ALA W 599 -27.13 -59.67 14.61
C ALA W 599 -28.42 -59.80 13.80
N GLN W 600 -29.00 -61.00 13.75
CA GLN W 600 -30.23 -61.20 13.00
C GLN W 600 -31.40 -60.49 13.67
N ALA W 601 -31.37 -60.36 15.00
CA ALA W 601 -32.48 -59.70 15.68
C ALA W 601 -32.57 -58.22 15.31
N ILE W 602 -31.46 -57.58 14.95
CA ILE W 602 -31.44 -56.15 14.68
C ILE W 602 -30.87 -55.83 13.30
N TYR W 603 -30.87 -56.80 12.38
CA TYR W 603 -30.35 -56.54 11.05
C TYR W 603 -31.19 -55.45 10.38
N PRO W 604 -30.56 -54.52 9.64
CA PRO W 604 -29.13 -54.42 9.34
C PRO W 604 -28.33 -53.51 10.27
N ARG W 605 -28.84 -53.22 11.47
CA ARG W 605 -28.10 -52.36 12.39
C ARG W 605 -26.82 -53.07 12.84
N PRO W 606 -25.70 -52.36 12.94
CA PRO W 606 -24.43 -53.01 13.25
C PRO W 606 -24.41 -53.56 14.68
N VAL W 607 -23.67 -54.66 14.83
CA VAL W 607 -23.41 -55.27 16.13
C VAL W 607 -21.89 -55.28 16.32
N VAL W 608 -21.40 -54.46 17.24
CA VAL W 608 -19.97 -54.37 17.51
C VAL W 608 -19.65 -55.35 18.63
N VAL W 609 -19.14 -56.51 18.26
CA VAL W 609 -18.78 -57.55 19.22
C VAL W 609 -17.42 -57.23 19.81
N ARG W 610 -17.34 -57.23 21.14
CA ARG W 610 -16.08 -57.07 21.84
C ARG W 610 -15.42 -58.42 22.05
N PHE W 611 -14.12 -58.50 21.77
CA PHE W 611 -13.39 -59.73 22.01
C PHE W 611 -13.29 -59.98 23.51
N SER W 612 -12.66 -61.10 23.87
CA SER W 612 -12.61 -61.54 25.26
C SER W 612 -11.97 -60.48 26.16
N ASP W 613 -12.79 -59.91 27.05
CA ASP W 613 -12.34 -58.86 27.96
C ASP W 613 -12.02 -59.41 29.35
N PHE W 614 -11.93 -60.73 29.50
CA PHE W 614 -11.67 -61.33 30.79
C PHE W 614 -10.27 -60.97 31.30
N LYS W 615 -10.13 -60.95 32.61
CA LYS W 615 -8.83 -60.85 33.25
C LYS W 615 -8.33 -62.26 33.57
N THR W 616 -7.08 -62.36 34.04
CA THR W 616 -6.52 -63.67 34.35
C THR W 616 -7.31 -64.34 35.48
N ASN W 617 -7.66 -63.58 36.51
CA ASN W 617 -8.48 -64.13 37.58
C ASN W 617 -9.86 -64.51 37.08
N GLU W 618 -10.45 -63.71 36.19
CA GLU W 618 -11.73 -64.08 35.60
C GLU W 618 -11.59 -65.29 34.68
N TYR W 619 -10.46 -65.41 33.99
CA TYR W 619 -10.21 -66.57 33.15
C TYR W 619 -10.09 -67.83 33.98
N ARG W 620 -9.47 -67.73 35.17
CA ARG W 620 -9.35 -68.90 36.03
C ARG W 620 -10.69 -69.43 36.50
N GLY W 621 -11.74 -68.60 36.49
CA GLY W 621 -13.06 -69.07 36.83
C GLY W 621 -13.62 -70.09 35.87
N LEU W 622 -13.13 -70.09 34.63
CA LEU W 622 -13.55 -71.10 33.66
C LEU W 622 -12.97 -72.46 34.03
N LYS W 623 -13.66 -73.51 33.57
CA LYS W 623 -13.21 -74.87 33.85
C LYS W 623 -11.91 -75.16 33.10
N GLY W 624 -10.92 -75.69 33.82
CA GLY W 624 -9.65 -76.01 33.22
C GLY W 624 -8.75 -74.84 32.94
N GLY W 625 -9.11 -73.64 33.40
CA GLY W 625 -8.33 -72.45 33.15
C GLY W 625 -7.17 -72.23 34.10
N GLU W 626 -7.05 -73.03 35.15
CA GLU W 626 -5.95 -72.85 36.09
C GLU W 626 -4.60 -73.17 35.46
N LYS W 627 -4.56 -74.09 34.50
CA LYS W 627 -3.31 -74.47 33.88
C LYS W 627 -2.78 -73.43 32.90
N TYR W 628 -3.64 -72.57 32.38
CA TYR W 628 -3.26 -71.62 31.34
C TYR W 628 -3.18 -70.19 31.83
N GLU W 629 -3.66 -69.89 33.02
CA GLU W 629 -3.70 -68.52 33.53
C GLU W 629 -2.73 -68.37 34.70
N PRO W 630 -1.65 -67.62 34.55
CA PRO W 630 -0.75 -67.40 35.68
C PRO W 630 -1.37 -66.49 36.72
N GLU W 631 -0.96 -66.68 37.96
CA GLU W 631 -1.42 -65.81 39.04
C GLU W 631 -0.76 -64.45 38.91
N GLU W 632 -1.57 -63.41 38.75
CA GLU W 632 -1.04 -62.08 38.53
C GLU W 632 -1.40 -61.17 39.68
N ARG W 633 -0.41 -60.37 40.07
CA ARG W 633 -0.57 -59.37 41.12
C ARG W 633 -1.54 -58.27 40.67
N ASN W 634 -1.45 -57.80 39.43
CA ASN W 634 -2.40 -56.81 38.89
C ASN W 634 -2.93 -57.24 37.54
N PRO W 635 -3.89 -58.17 37.50
CA PRO W 635 -4.53 -58.50 36.21
C PRO W 635 -5.26 -57.33 35.59
N MET W 636 -5.68 -56.34 36.40
CA MET W 636 -6.36 -55.16 35.87
C MET W 636 -5.49 -54.45 34.84
N ILE W 637 -4.19 -54.39 35.08
CA ILE W 637 -3.25 -53.86 34.10
C ILE W 637 -2.30 -54.99 33.72
N GLY W 638 -2.79 -56.22 33.74
CA GLY W 638 -1.98 -57.38 33.45
C GLY W 638 -2.15 -57.88 32.03
N TRP W 639 -1.93 -59.18 31.86
CA TRP W 639 -2.00 -59.84 30.55
C TRP W 639 -3.46 -59.99 30.15
N ARG W 640 -3.96 -59.03 29.38
CA ARG W 640 -5.35 -59.03 28.94
C ARG W 640 -5.46 -58.23 27.66
N GLY W 641 -6.58 -58.42 26.97
CA GLY W 641 -6.84 -57.66 25.76
C GLY W 641 -5.96 -58.10 24.61
N VAL W 642 -5.54 -57.14 23.79
CA VAL W 642 -4.76 -57.44 22.60
C VAL W 642 -3.43 -58.09 22.98
N SER W 643 -2.84 -57.64 24.07
CA SER W 643 -1.60 -58.26 24.56
C SER W 643 -1.80 -59.75 24.77
N ARG W 644 -2.99 -60.18 25.18
CA ARG W 644 -3.27 -61.59 25.32
C ARG W 644 -3.48 -62.25 23.96
N TYR W 645 -4.13 -61.55 23.03
CA TYR W 645 -4.49 -62.17 21.76
C TYR W 645 -3.26 -62.47 20.92
N ILE W 646 -2.31 -61.52 20.85
CA ILE W 646 -1.12 -61.71 20.02
C ILE W 646 -0.09 -62.64 20.66
N HIS W 647 -0.23 -62.93 21.95
CA HIS W 647 0.70 -63.84 22.59
C HIS W 647 0.53 -65.25 22.04
N PRO W 648 1.62 -65.97 21.77
CA PRO W 648 1.49 -67.31 21.18
C PRO W 648 0.69 -68.28 22.03
N LYS W 649 0.69 -68.12 23.35
CA LYS W 649 -0.02 -69.06 24.22
C LYS W 649 -1.52 -68.97 24.01
N TYR W 650 -2.07 -67.76 24.00
CA TYR W 650 -3.50 -67.55 23.84
C TYR W 650 -3.90 -67.33 22.39
N GLU W 651 -2.94 -67.24 21.47
CA GLU W 651 -3.28 -67.00 20.07
C GLU W 651 -4.29 -67.98 19.49
N PRO W 652 -4.23 -69.29 19.77
CA PRO W 652 -5.29 -70.18 19.27
C PRO W 652 -6.69 -69.80 19.74
N ALA W 653 -6.84 -69.32 20.98
CA ALA W 653 -8.16 -68.92 21.45
C ALA W 653 -8.67 -67.69 20.72
N PHE W 654 -7.79 -66.71 20.48
CA PHE W 654 -8.17 -65.55 19.68
C PHE W 654 -8.53 -65.97 18.26
N ARG W 655 -7.81 -66.95 17.72
CA ARG W 655 -8.16 -67.48 16.40
C ARG W 655 -9.52 -68.15 16.41
N LEU W 656 -9.86 -68.84 17.51
CA LEU W 656 -11.21 -69.41 17.63
C LEU W 656 -12.27 -68.32 17.63
N GLU W 657 -12.02 -67.23 18.36
CA GLU W 657 -12.97 -66.13 18.38
C GLU W 657 -13.13 -65.52 16.99
N VAL W 658 -12.01 -65.32 16.27
CA VAL W 658 -12.06 -64.76 14.93
C VAL W 658 -12.78 -65.71 13.99
N ARG W 659 -12.59 -67.02 14.18
CA ARG W 659 -13.29 -68.00 13.37
C ARG W 659 -14.79 -67.95 13.61
N ALA W 660 -15.20 -67.77 14.87
CA ALA W 660 -16.62 -67.62 15.16
C ALA W 660 -17.19 -66.37 14.50
N ILE W 661 -16.46 -65.26 14.56
CA ILE W 661 -16.92 -64.04 13.90
C ILE W 661 -17.02 -64.25 12.39
N LYS W 662 -16.02 -64.92 11.80
CA LYS W 662 -16.05 -65.18 10.36
C LYS W 662 -17.21 -66.08 9.98
N LYS W 663 -17.50 -67.09 10.81
CA LYS W 663 -18.64 -67.96 10.55
C LYS W 663 -19.95 -67.18 10.60
N VAL W 664 -20.08 -66.27 11.57
CA VAL W 664 -21.28 -65.43 11.62
C VAL W 664 -21.37 -64.57 10.38
N ARG W 665 -20.25 -63.97 9.95
CA ARG W 665 -20.30 -63.03 8.84
C ARG W 665 -20.49 -63.71 7.49
N GLU W 666 -20.09 -64.98 7.37
CA GLU W 666 -20.10 -65.68 6.10
C GLU W 666 -21.14 -66.78 6.00
N GLU W 667 -21.13 -67.71 6.95
CA GLU W 667 -22.09 -68.82 6.90
C GLU W 667 -23.53 -68.32 7.02
N MET W 668 -23.76 -67.38 7.93
CA MET W 668 -25.07 -66.76 8.08
C MET W 668 -25.22 -65.49 7.26
N GLY W 669 -24.15 -65.02 6.63
CA GLY W 669 -24.23 -63.82 5.80
C GLY W 669 -24.56 -62.56 6.56
N LEU W 670 -24.32 -62.53 7.86
CA LEU W 670 -24.63 -61.35 8.68
C LEU W 670 -23.48 -60.36 8.56
N THR W 671 -23.58 -59.49 7.56
CA THR W 671 -22.52 -58.52 7.30
C THR W 671 -22.41 -57.48 8.42
N ASN W 672 -23.50 -57.22 9.12
CA ASN W 672 -23.56 -56.16 10.12
C ASN W 672 -22.71 -56.45 11.38
N VAL W 673 -21.90 -57.50 11.42
CA VAL W 673 -21.11 -57.81 12.60
C VAL W 673 -19.73 -57.18 12.45
N TRP W 674 -19.39 -56.29 13.38
CA TRP W 674 -18.08 -55.67 13.47
C TRP W 674 -17.41 -56.14 14.75
N VAL W 675 -16.11 -55.87 14.86
CA VAL W 675 -15.35 -56.30 16.04
C VAL W 675 -14.65 -55.09 16.64
N MET W 676 -14.45 -55.15 17.96
CA MET W 676 -13.64 -54.17 18.66
C MET W 676 -12.61 -54.89 19.52
N PHE W 677 -11.39 -54.36 19.51
CA PHE W 677 -10.30 -54.92 20.28
C PHE W 677 -10.25 -54.26 21.65
N PRO W 678 -10.45 -55.00 22.73
CA PRO W 678 -10.44 -54.38 24.06
C PRO W 678 -9.03 -54.21 24.60
N PHE W 679 -8.83 -53.10 25.31
CA PHE W 679 -7.61 -52.83 26.07
C PHE W 679 -6.38 -52.83 25.15
N VAL W 680 -6.41 -51.94 24.17
CA VAL W 680 -5.31 -51.79 23.22
C VAL W 680 -4.23 -50.93 23.84
N ARG W 681 -3.00 -51.41 23.80
CA ARG W 681 -1.87 -50.75 24.45
C ARG W 681 -0.92 -50.08 23.46
N THR W 682 -0.46 -50.80 22.44
CA THR W 682 0.53 -50.29 21.52
C THR W 682 0.11 -50.56 20.08
N THR W 683 0.70 -49.79 19.16
CA THR W 683 0.35 -49.92 17.75
C THR W 683 0.81 -51.24 17.17
N TRP W 684 2.01 -51.71 17.56
CA TRP W 684 2.53 -52.95 17.00
C TRP W 684 1.68 -54.14 17.42
N GLU W 685 1.18 -54.14 18.66
CA GLU W 685 0.28 -55.22 19.08
C GLU W 685 -1.02 -55.18 18.29
N LEU W 686 -1.53 -53.97 17.98
CA LEU W 686 -2.74 -53.86 17.19
C LEU W 686 -2.53 -54.38 15.77
N GLU W 687 -1.39 -54.06 15.17
CA GLU W 687 -1.11 -54.55 13.83
C GLU W 687 -0.88 -56.06 13.82
N ARG W 688 -0.29 -56.60 14.89
CA ARG W 688 -0.14 -58.06 14.98
C ARG W 688 -1.50 -58.74 15.11
N ALA W 689 -2.39 -58.17 15.91
CA ALA W 689 -3.75 -58.71 15.98
C ALA W 689 -4.47 -58.62 14.63
N LEU W 690 -4.27 -57.50 13.92
CA LEU W 690 -4.90 -57.35 12.61
C LEU W 690 -4.37 -58.37 11.61
N LYS W 691 -3.06 -58.62 11.61
CA LYS W 691 -2.53 -59.64 10.70
C LYS W 691 -2.94 -61.04 11.10
N ILE W 692 -3.11 -61.31 12.40
CA ILE W 692 -3.66 -62.59 12.82
C ILE W 692 -5.09 -62.74 12.31
N MET W 693 -5.89 -61.68 12.39
CA MET W 693 -7.25 -61.72 11.85
C MET W 693 -7.24 -61.94 10.34
N GLU W 694 -6.31 -61.29 9.64
CA GLU W 694 -6.20 -61.47 8.20
C GLU W 694 -5.83 -62.91 7.85
N GLU W 695 -4.94 -63.52 8.65
CA GLU W 695 -4.58 -64.92 8.42
C GLU W 695 -5.79 -65.83 8.55
N GLU W 696 -6.79 -65.42 9.31
CA GLU W 696 -8.03 -66.18 9.47
C GLU W 696 -9.09 -65.80 8.45
N GLY W 697 -8.77 -64.93 7.49
CA GLY W 697 -9.71 -64.52 6.48
C GLY W 697 -10.61 -63.37 6.86
N LEU W 698 -10.43 -62.79 8.05
CA LEU W 698 -11.22 -61.64 8.50
C LEU W 698 -10.40 -60.38 8.25
N LYS W 699 -10.77 -59.63 7.23
CA LYS W 699 -10.02 -58.46 6.80
C LYS W 699 -10.88 -57.20 6.91
N ARG W 700 -10.27 -56.12 7.38
CA ARG W 700 -10.95 -54.83 7.45
C ARG W 700 -11.31 -54.35 6.06
N GLY W 701 -12.54 -53.89 5.90
CA GLY W 701 -13.01 -53.44 4.60
C GLY W 701 -14.23 -52.56 4.72
N LYS W 702 -14.90 -52.38 3.59
CA LYS W 702 -16.10 -51.54 3.56
C LYS W 702 -17.25 -52.19 4.32
N ASP W 703 -17.34 -53.51 4.32
CA ASP W 703 -18.40 -54.23 4.99
C ASP W 703 -17.98 -54.76 6.37
N PHE W 704 -16.75 -54.47 6.80
CA PHE W 704 -16.25 -54.95 8.08
C PHE W 704 -15.49 -53.82 8.76
N LYS W 705 -15.96 -53.41 9.92
CA LYS W 705 -15.33 -52.34 10.69
C LYS W 705 -14.60 -52.92 11.90
N VAL W 706 -13.41 -52.39 12.17
CA VAL W 706 -12.60 -52.79 13.31
C VAL W 706 -12.41 -51.57 14.21
N TRP W 707 -12.77 -51.71 15.48
CA TRP W 707 -12.64 -50.65 16.45
C TRP W 707 -11.59 -51.02 17.50
N ALA W 708 -11.10 -50.01 18.21
CA ALA W 708 -10.16 -50.21 19.30
C ALA W 708 -10.69 -49.51 20.54
N MET W 709 -10.70 -50.22 21.66
CA MET W 709 -11.13 -49.61 22.92
C MET W 709 -10.13 -48.56 23.36
N ALA W 710 -10.63 -47.35 23.60
CA ALA W 710 -9.79 -46.24 24.06
C ALA W 710 -9.88 -46.13 25.58
N GLU W 711 -9.38 -47.18 26.25
CA GLU W 711 -9.37 -47.24 27.69
C GLU W 711 -7.97 -47.20 28.28
N VAL W 712 -6.94 -47.01 27.47
CA VAL W 712 -5.56 -46.92 27.93
C VAL W 712 -5.03 -45.54 27.59
N PRO W 713 -4.30 -44.88 28.50
CA PRO W 713 -3.80 -43.53 28.20
C PRO W 713 -2.87 -43.47 27.00
N SER W 714 -2.23 -44.58 26.63
CA SER W 714 -1.45 -44.59 25.40
C SER W 714 -2.32 -44.31 24.19
N ILE W 715 -3.56 -44.83 24.18
CA ILE W 715 -4.50 -44.49 23.12
C ILE W 715 -4.83 -43.02 23.16
N VAL W 716 -4.96 -42.45 24.36
CA VAL W 716 -5.23 -41.02 24.49
C VAL W 716 -4.11 -40.21 23.85
N LEU W 717 -2.86 -40.59 24.12
CA LEU W 717 -1.72 -39.80 23.63
C LEU W 717 -1.44 -40.03 22.15
N LEU W 718 -1.77 -41.21 21.62
CA LEU W 718 -1.44 -41.57 20.25
C LEU W 718 -2.66 -42.05 19.47
N ALA W 719 -3.81 -41.40 19.68
CA ALA W 719 -5.01 -41.80 18.94
C ALA W 719 -4.84 -41.59 17.45
N ASP W 720 -4.21 -40.49 17.05
CA ASP W 720 -3.98 -40.23 15.63
C ASP W 720 -3.08 -41.29 15.00
N LYS W 721 -2.15 -41.84 15.79
CA LYS W 721 -1.30 -42.91 15.28
C LYS W 721 -2.06 -44.23 15.19
N PHE W 722 -2.91 -44.52 16.17
CA PHE W 722 -3.70 -45.74 16.16
C PHE W 722 -4.77 -45.73 15.07
N ALA W 723 -5.18 -44.55 14.61
CA ALA W 723 -6.28 -44.46 13.65
C ALA W 723 -5.94 -45.08 12.30
N GLU W 724 -4.65 -45.26 11.98
CA GLU W 724 -4.29 -45.88 10.70
C GLU W 724 -4.62 -47.38 10.67
N TYR W 725 -4.87 -47.99 11.82
CA TYR W 725 -5.10 -49.42 11.89
C TYR W 725 -6.55 -49.80 12.10
N VAL W 726 -7.39 -48.90 12.62
CA VAL W 726 -8.77 -49.22 12.96
C VAL W 726 -9.68 -48.21 12.29
N ASP W 727 -10.94 -48.62 12.08
CA ASP W 727 -11.93 -47.73 11.49
C ASP W 727 -12.39 -46.68 12.50
N GLY W 728 -12.39 -47.01 13.79
CA GLY W 728 -12.83 -46.07 14.79
C GLY W 728 -12.39 -46.50 16.17
N PHE W 729 -12.74 -45.67 17.16
CA PHE W 729 -12.40 -45.93 18.55
C PHE W 729 -13.66 -45.95 19.40
N SER W 730 -13.65 -46.82 20.40
CA SER W 730 -14.72 -46.88 21.40
C SER W 730 -14.10 -46.53 22.75
N ILE W 731 -14.58 -45.44 23.35
CA ILE W 731 -14.01 -44.95 24.61
C ILE W 731 -14.63 -45.74 25.76
N GLY W 732 -13.83 -46.57 26.39
CA GLY W 732 -14.25 -47.29 27.58
C GLY W 732 -14.11 -46.43 28.81
N SER W 733 -15.05 -45.49 29.00
CA SER W 733 -14.93 -44.49 30.04
C SER W 733 -14.74 -45.10 31.42
N ASN W 734 -15.36 -46.26 31.68
CA ASN W 734 -15.20 -46.91 32.97
C ASN W 734 -13.74 -47.28 33.22
N ASP W 735 -13.11 -47.94 32.25
CA ASP W 735 -11.69 -48.29 32.37
C ASP W 735 -10.79 -47.11 32.09
N LEU W 736 -11.20 -46.19 31.21
CA LEU W 736 -10.38 -45.04 30.89
C LEU W 736 -10.19 -44.14 32.10
N THR W 737 -11.26 -43.91 32.86
CA THR W 737 -11.14 -43.12 34.08
C THR W 737 -10.21 -43.80 35.08
N GLN W 738 -10.35 -45.12 35.23
CA GLN W 738 -9.49 -45.86 36.15
C GLN W 738 -8.03 -45.74 35.78
N LEU W 739 -7.71 -45.87 34.49
CA LEU W 739 -6.31 -45.84 34.08
C LEU W 739 -5.75 -44.43 34.07
N ILE W 740 -6.56 -43.43 33.69
CA ILE W 740 -6.09 -42.05 33.69
C ILE W 740 -5.82 -41.58 35.11
N LEU W 741 -6.73 -41.89 36.04
CA LEU W 741 -6.54 -41.51 37.43
C LEU W 741 -5.69 -42.49 38.21
N GLY W 742 -5.39 -43.67 37.65
CA GLY W 742 -4.61 -44.65 38.38
C GLY W 742 -5.28 -45.15 39.64
N ALA W 743 -6.59 -45.36 39.59
CA ALA W 743 -7.36 -45.84 40.73
C ALA W 743 -8.27 -46.98 40.29
N ASP W 744 -8.50 -47.92 41.19
CA ASP W 744 -9.28 -49.12 40.90
C ASP W 744 -10.58 -49.07 41.70
N ARG W 745 -11.71 -49.34 41.02
CA ARG W 745 -13.02 -49.02 41.56
C ARG W 745 -13.44 -49.90 42.73
N ASP W 746 -13.14 -51.20 42.70
CA ASP W 746 -13.63 -52.09 43.75
C ASP W 746 -13.04 -51.77 45.11
N SER W 747 -11.97 -50.98 45.16
CA SER W 747 -11.45 -50.48 46.44
C SER W 747 -12.45 -49.49 47.01
N ASN W 748 -13.09 -49.86 48.12
CA ASN W 748 -14.12 -49.01 48.69
C ASN W 748 -13.57 -47.69 49.20
N ILE W 749 -12.31 -47.68 49.65
CA ILE W 749 -11.72 -46.46 50.18
C ILE W 749 -11.62 -45.40 49.07
N LEU W 750 -11.10 -45.80 47.91
CA LEU W 750 -10.98 -44.85 46.80
C LEU W 750 -12.34 -44.41 46.30
N ALA W 751 -13.31 -45.33 46.27
CA ALA W 751 -14.66 -44.97 45.83
C ALA W 751 -15.31 -43.96 46.76
N GLU W 752 -15.09 -44.11 48.07
CA GLU W 752 -15.71 -43.21 49.04
C GLU W 752 -15.21 -41.77 48.86
N MET W 753 -13.94 -41.60 48.53
CA MET W 753 -13.40 -40.26 48.34
C MET W 753 -13.93 -39.57 47.08
N GLY W 754 -14.62 -40.29 46.22
CA GLY W 754 -15.16 -39.69 45.02
C GLY W 754 -14.20 -39.60 43.86
N TYR W 755 -13.18 -40.45 43.84
CA TYR W 755 -12.21 -40.43 42.73
C TYR W 755 -12.87 -40.80 41.41
N PHE W 756 -13.76 -41.79 41.42
CA PHE W 756 -14.28 -42.37 40.19
C PHE W 756 -15.47 -41.56 39.67
N ASP W 757 -15.18 -40.29 39.42
CA ASP W 757 -16.10 -39.37 38.77
C ASP W 757 -15.63 -39.17 37.34
N GLU W 758 -16.44 -39.61 36.38
CA GLU W 758 -16.08 -39.46 34.98
C GLU W 758 -16.16 -38.01 34.51
N ARG W 759 -16.69 -37.11 35.34
CA ARG W 759 -16.64 -35.68 35.09
C ARG W 759 -15.29 -35.06 35.49
N ASP W 760 -14.31 -35.89 35.82
CA ASP W 760 -13.00 -35.37 36.22
C ASP W 760 -12.37 -34.60 35.06
N PRO W 761 -11.69 -33.50 35.34
CA PRO W 761 -11.07 -32.72 34.23
C PRO W 761 -10.06 -33.52 33.43
N ALA W 762 -9.31 -34.42 34.07
CA ALA W 762 -8.34 -35.23 33.33
C ALA W 762 -9.04 -36.18 32.36
N VAL W 763 -10.11 -36.83 32.81
CA VAL W 763 -10.83 -37.74 31.92
C VAL W 763 -11.46 -36.98 30.77
N LEU W 764 -12.02 -35.80 31.05
CA LEU W 764 -12.61 -34.99 29.98
C LEU W 764 -11.55 -34.54 28.99
N ALA W 765 -10.39 -34.13 29.47
CA ALA W 765 -9.31 -33.73 28.57
C ALA W 765 -8.84 -34.90 27.72
N GLY W 766 -8.73 -36.08 28.31
CA GLY W 766 -8.34 -37.25 27.54
C GLY W 766 -9.35 -37.60 26.48
N ILE W 767 -10.64 -37.54 26.82
CA ILE W 767 -11.70 -37.83 25.85
C ILE W 767 -11.66 -36.81 24.71
N LYS W 768 -11.48 -35.52 25.06
CA LYS W 768 -11.39 -34.49 24.04
C LYS W 768 -10.21 -34.72 23.11
N MET W 769 -9.05 -35.10 23.67
CA MET W 769 -7.88 -35.37 22.86
C MET W 769 -8.12 -36.56 21.92
N ILE W 770 -8.74 -37.63 22.45
CA ILE W 770 -9.05 -38.79 21.62
C ILE W 770 -9.95 -38.39 20.47
N ILE W 771 -11.01 -37.64 20.76
CA ILE W 771 -11.96 -37.23 19.72
C ILE W 771 -11.28 -36.37 18.67
N GLU W 772 -10.47 -35.40 19.11
CA GLU W 772 -9.80 -34.51 18.17
C GLU W 772 -8.84 -35.28 17.28
N LYS W 773 -8.03 -36.18 17.85
CA LYS W 773 -7.07 -36.93 17.06
C LYS W 773 -7.78 -37.85 16.07
N ALA W 774 -8.81 -38.58 16.54
CA ALA W 774 -9.50 -39.50 15.66
C ALA W 774 -10.20 -38.79 14.52
N HIS W 775 -10.81 -37.64 14.79
CA HIS W 775 -11.45 -36.89 13.71
C HIS W 775 -10.43 -36.20 12.80
N SER W 776 -9.24 -35.87 13.31
CA SER W 776 -8.18 -35.39 12.44
C SER W 776 -7.69 -36.48 11.51
N LYS W 777 -7.70 -37.74 11.95
CA LYS W 777 -7.33 -38.85 11.09
C LYS W 777 -8.54 -39.55 10.48
N GLY W 778 -9.73 -38.96 10.59
CA GLY W 778 -10.90 -39.50 9.93
C GLY W 778 -11.48 -40.76 10.53
N ALA W 779 -11.21 -41.02 11.81
CA ALA W 779 -11.74 -42.20 12.49
C ALA W 779 -12.93 -41.81 13.35
N THR W 780 -13.93 -42.69 13.38
CA THR W 780 -15.11 -42.47 14.21
C THR W 780 -14.78 -42.67 15.68
N VAL W 781 -15.55 -42.00 16.54
CA VAL W 781 -15.38 -42.08 17.98
C VAL W 781 -16.69 -42.51 18.60
N SER W 782 -16.63 -43.52 19.47
CA SER W 782 -17.78 -43.98 20.22
C SER W 782 -17.41 -44.06 21.70
N ILE W 783 -18.43 -44.05 22.55
CA ILE W 783 -18.24 -44.20 23.99
C ILE W 783 -19.22 -45.26 24.49
N CYS W 784 -18.72 -46.21 25.28
CA CYS W 784 -19.53 -47.30 25.83
C CYS W 784 -19.18 -47.40 27.32
N GLY W 785 -19.90 -46.64 28.14
CA GLY W 785 -19.67 -46.64 29.57
C GLY W 785 -20.88 -46.12 30.30
N GLN W 786 -20.74 -46.02 31.62
CA GLN W 786 -21.83 -45.54 32.46
C GLN W 786 -21.90 -44.02 32.55
N ALA W 787 -20.89 -43.31 32.03
CA ALA W 787 -20.91 -41.85 32.10
C ALA W 787 -22.08 -41.23 31.36
N PRO W 788 -22.38 -41.57 30.10
CA PRO W 788 -23.55 -40.97 29.45
C PRO W 788 -24.87 -41.40 30.05
N SER W 789 -24.91 -42.52 30.77
CA SER W 789 -26.17 -43.02 31.31
C SER W 789 -26.65 -42.22 32.50
N VAL W 790 -25.74 -41.61 33.27
CA VAL W 790 -26.08 -40.96 34.52
C VAL W 790 -25.86 -39.46 34.49
N TYR W 791 -24.81 -38.99 33.80
CA TYR W 791 -24.47 -37.58 33.85
C TYR W 791 -24.87 -36.89 32.54
N PRO W 792 -25.88 -36.03 32.56
CA PRO W 792 -26.24 -35.28 31.34
C PRO W 792 -25.12 -34.38 30.83
N GLU W 793 -24.32 -33.80 31.73
CA GLU W 793 -23.25 -32.91 31.30
C GLU W 793 -22.17 -33.65 30.52
N ILE W 794 -21.91 -34.91 30.85
CA ILE W 794 -21.00 -35.73 30.05
C ILE W 794 -21.54 -35.86 28.63
N VAL W 795 -22.85 -36.11 28.50
CA VAL W 795 -23.44 -36.23 27.18
C VAL W 795 -23.33 -34.91 26.42
N GLU W 796 -23.58 -33.79 27.09
CA GLU W 796 -23.48 -32.49 26.44
C GLU W 796 -22.05 -32.24 25.96
N PHE W 797 -21.06 -32.53 26.80
CA PHE W 797 -19.67 -32.34 26.41
C PHE W 797 -19.29 -33.24 25.24
N LEU W 798 -19.75 -34.50 25.26
CA LEU W 798 -19.45 -35.42 24.17
C LEU W 798 -20.05 -34.95 22.85
N VAL W 799 -21.30 -34.51 22.88
CA VAL W 799 -21.95 -34.05 21.65
C VAL W 799 -21.30 -32.77 21.15
N GLU W 800 -20.91 -31.88 22.07
CA GLU W 800 -20.21 -30.66 21.66
C GLU W 800 -18.87 -31.00 21.02
N ALA W 801 -18.14 -31.96 21.58
CA ALA W 801 -16.88 -32.38 20.99
C ALA W 801 -17.07 -33.03 19.62
N GLY W 802 -18.26 -33.53 19.32
CA GLY W 802 -18.54 -34.11 18.02
C GLY W 802 -18.37 -35.61 17.97
N ILE W 803 -18.72 -36.29 19.06
CA ILE W 803 -18.60 -37.74 19.09
C ILE W 803 -19.58 -38.36 18.11
N ASP W 804 -19.14 -39.43 17.44
CA ASP W 804 -19.94 -40.02 16.37
C ASP W 804 -21.11 -40.82 16.91
N SER W 805 -20.92 -41.56 18.00
CA SER W 805 -21.99 -42.37 18.55
C SER W 805 -21.80 -42.52 20.04
N ILE W 806 -22.90 -42.83 20.73
CA ILE W 806 -22.90 -43.06 22.17
C ILE W 806 -23.61 -44.38 22.43
N SER W 807 -22.94 -45.29 23.13
CA SER W 807 -23.49 -46.59 23.47
C SER W 807 -23.84 -46.61 24.96
N VAL W 808 -25.09 -46.89 25.27
CA VAL W 808 -25.60 -46.86 26.64
C VAL W 808 -26.33 -48.16 26.93
N ASN W 809 -26.68 -48.33 28.21
CA ASN W 809 -27.48 -49.46 28.63
C ASN W 809 -28.89 -49.35 28.05
N PRO W 810 -29.59 -50.47 27.89
CA PRO W 810 -30.94 -50.40 27.31
C PRO W 810 -31.89 -49.48 28.06
N ASP W 811 -31.92 -49.56 29.39
CA ASP W 811 -32.84 -48.74 30.17
C ASP W 811 -32.54 -47.25 30.04
N ALA W 812 -31.34 -46.89 29.58
CA ALA W 812 -30.97 -45.50 29.38
C ALA W 812 -31.00 -45.09 27.92
N VAL W 813 -31.54 -45.93 27.03
CA VAL W 813 -31.54 -45.60 25.61
C VAL W 813 -32.44 -44.41 25.33
N ILE W 814 -33.74 -44.56 25.61
CA ILE W 814 -34.73 -43.57 25.18
C ILE W 814 -34.37 -42.20 25.72
N ALA W 815 -34.12 -42.09 27.02
CA ALA W 815 -33.75 -40.81 27.61
C ALA W 815 -32.55 -40.21 26.89
N THR W 816 -31.52 -41.02 26.66
CA THR W 816 -30.34 -40.52 25.94
C THR W 816 -30.75 -39.99 24.57
N ARG W 817 -31.58 -40.75 23.85
CA ARG W 817 -32.02 -40.30 22.53
C ARG W 817 -32.72 -38.95 22.63
N ARG W 818 -33.49 -38.73 23.70
CA ARG W 818 -34.03 -37.39 23.92
C ARG W 818 -32.91 -36.41 24.20
N LEU W 819 -32.07 -36.71 25.20
CA LEU W 819 -31.10 -35.73 25.69
C LEU W 819 -30.18 -35.28 24.57
N VAL W 820 -29.54 -36.24 23.88
CA VAL W 820 -28.64 -35.90 22.79
C VAL W 820 -29.35 -34.99 21.81
N ALA W 821 -30.58 -35.35 21.42
CA ALA W 821 -31.31 -34.53 20.46
C ALA W 821 -31.38 -33.09 20.95
N SER W 822 -31.84 -32.88 22.18
CA SER W 822 -31.93 -31.53 22.71
C SER W 822 -30.58 -30.85 22.64
N ILE W 823 -29.53 -31.54 23.10
CA ILE W 823 -28.20 -30.95 23.09
C ILE W 823 -27.82 -30.54 21.68
N GLU W 824 -28.06 -31.44 20.72
CA GLU W 824 -27.75 -31.09 19.33
C GLU W 824 -28.46 -29.81 18.93
N ARG W 825 -29.76 -29.74 19.21
CA ARG W 825 -30.51 -28.53 18.89
C ARG W 825 -29.88 -27.33 19.57
N LYS W 826 -29.54 -27.47 20.86
CA LYS W 826 -28.88 -26.37 21.56
C LYS W 826 -27.60 -25.97 20.86
N ILE W 827 -26.77 -26.96 20.53
CA ILE W 827 -25.53 -26.66 19.82
C ILE W 827 -25.84 -25.96 18.51
N MET W 828 -26.88 -26.43 17.81
CA MET W 828 -27.20 -25.88 16.50
C MET W 828 -27.60 -24.42 16.62
N LEU W 829 -28.10 -24.01 17.79
CA LEU W 829 -28.26 -22.59 18.07
C LEU W 829 -26.92 -21.92 18.35
N LYS W 830 -26.17 -22.46 19.32
CA LYS W 830 -25.00 -21.76 19.84
C LYS W 830 -24.00 -21.45 18.73
N ARG W 831 -23.65 -22.47 17.94
CA ARG W 831 -22.73 -22.26 16.82
C ARG W 831 -23.18 -21.11 15.94
N LEU W 832 -24.47 -21.07 15.60
CA LEU W 832 -24.98 -19.96 14.78
C LEU W 832 -24.61 -18.62 15.40
N ASN W 833 -24.94 -18.45 16.69
CA ASN W 833 -24.57 -17.21 17.37
C ASN W 833 -23.09 -16.93 17.21
N LYS W 834 -22.24 -17.92 17.52
CA LYS W 834 -20.81 -17.72 17.38
C LYS W 834 -20.46 -17.23 15.99
N ILE W 835 -21.03 -17.87 14.97
CA ILE W 835 -20.73 -17.47 13.60
C ILE W 835 -21.05 -16.00 13.41
N MET W 836 -22.24 -15.58 13.84
CA MET W 836 -22.59 -14.16 13.71
C MET W 836 -21.57 -13.30 14.43
N ASP W 837 -21.24 -13.66 15.67
CA ASP W 837 -20.24 -12.90 16.40
C ASP W 837 -18.93 -12.90 15.65
N LYS W 838 -18.51 -14.07 15.14
CA LYS W 838 -17.30 -14.14 14.35
C LYS W 838 -17.40 -13.20 13.15
N LEU W 839 -18.54 -13.24 12.47
CA LEU W 839 -18.72 -12.37 11.30
C LEU W 839 -18.61 -10.91 11.70
N ASN W 840 -19.12 -10.56 12.89
CA ASN W 840 -18.97 -9.19 13.35
C ASN W 840 -17.51 -8.77 13.40
N LYS W 841 -16.66 -9.64 13.96
CA LYS W 841 -15.25 -9.30 14.08
C LYS W 841 -14.60 -9.13 12.71
N LEU W 842 -15.20 -9.74 11.68
CA LEU W 842 -14.66 -9.57 10.33
C LEU W 842 -14.98 -8.18 9.80
N GLU W 843 -16.15 -7.63 10.13
CA GLU W 843 -16.53 -6.35 9.55
C GLU W 843 -15.94 -5.18 10.34
N LEU W 844 -15.39 -5.45 11.52
CA LEU W 844 -14.79 -4.40 12.33
C LEU W 844 -13.32 -4.68 12.59
N SER X 522 56.54 41.46 -22.84
CA SER X 522 57.11 40.30 -22.17
C SER X 522 56.09 39.17 -22.08
N PRO X 523 55.98 38.38 -23.15
CA PRO X 523 54.95 37.33 -23.18
C PRO X 523 55.17 36.21 -22.17
N GLU X 524 56.38 36.04 -21.64
CA GLU X 524 56.67 34.88 -20.81
C GLU X 524 55.91 34.93 -19.48
N GLN X 525 55.55 36.12 -19.00
CA GLN X 525 54.71 36.19 -17.81
C GLN X 525 53.22 36.15 -18.12
N LEU X 526 52.85 36.12 -19.41
CA LEU X 526 51.44 36.05 -19.79
C LEU X 526 50.90 34.63 -19.83
N LEU X 527 51.77 33.63 -19.71
CA LEU X 527 51.30 32.24 -19.71
C LEU X 527 50.32 31.94 -18.59
N PRO X 528 50.58 32.30 -17.32
CA PRO X 528 49.61 31.97 -16.26
C PRO X 528 48.30 32.72 -16.39
N LEU X 529 48.25 33.81 -17.14
CA LEU X 529 47.04 34.61 -17.26
C LEU X 529 46.09 34.09 -18.35
N TYR X 530 46.47 33.06 -19.08
CA TYR X 530 45.59 32.50 -20.09
C TYR X 530 44.40 31.81 -19.44
N PRO X 531 43.28 31.70 -20.14
CA PRO X 531 42.09 31.08 -19.54
C PRO X 531 42.35 29.65 -19.11
N VAL X 532 41.74 29.26 -18.00
CA VAL X 532 41.89 27.93 -17.43
C VAL X 532 40.81 27.03 -18.00
N THR X 533 41.22 25.88 -18.53
CA THR X 533 40.31 24.92 -19.14
C THR X 533 40.37 23.60 -18.40
N ALA X 534 39.20 23.00 -18.16
CA ALA X 534 39.16 21.66 -17.60
C ALA X 534 39.78 20.65 -18.55
N THR X 535 39.46 20.75 -19.83
CA THR X 535 40.07 19.88 -20.83
C THR X 535 41.49 20.33 -21.13
N LYS X 536 42.43 19.38 -21.10
CA LYS X 536 43.81 19.71 -21.37
C LYS X 536 44.02 20.05 -22.84
N ILE X 537 44.76 21.13 -23.09
CA ILE X 537 45.04 21.59 -24.44
C ILE X 537 46.46 21.14 -24.78
N TYR X 538 46.58 20.10 -25.58
CA TYR X 538 47.87 19.60 -26.02
C TYR X 538 48.26 20.20 -27.36
N MET X 539 49.52 19.99 -27.73
CA MET X 539 50.07 20.54 -28.96
C MET X 539 50.67 19.42 -29.81
N ASN X 540 50.54 19.57 -31.13
CA ASN X 540 51.13 18.63 -32.08
C ASN X 540 52.47 19.17 -32.54
N LEU X 541 53.50 18.33 -32.45
CA LEU X 541 54.85 18.69 -32.83
C LEU X 541 55.42 17.64 -33.77
N GLY X 542 56.04 18.09 -34.86
CA GLY X 542 56.68 17.20 -35.79
C GLY X 542 58.18 17.40 -35.87
N GLU X 543 58.61 18.64 -35.67
CA GLU X 543 60.03 18.98 -35.70
C GLU X 543 60.49 19.33 -34.29
N PRO X 544 61.47 18.62 -33.72
CA PRO X 544 61.93 18.96 -32.37
C PRO X 544 62.45 20.38 -32.26
N ASP X 545 63.16 20.87 -33.27
CA ASP X 545 63.74 22.21 -33.21
C ASP X 545 62.67 23.30 -33.18
N ALA X 546 61.42 22.97 -33.47
CA ALA X 546 60.32 23.92 -33.39
C ALA X 546 59.77 24.06 -31.98
N ILE X 547 60.27 23.28 -31.01
CA ILE X 547 59.75 23.40 -29.65
C ILE X 547 60.12 24.74 -29.04
N GLU X 548 61.25 25.32 -29.46
CA GLU X 548 61.66 26.61 -28.92
C GLU X 548 60.82 27.76 -29.48
N LYS X 549 60.28 27.58 -30.69
CA LYS X 549 59.40 28.61 -31.25
C LYS X 549 58.09 28.69 -30.50
N TYR X 550 57.56 27.55 -30.05
CA TYR X 550 56.25 27.47 -29.43
C TYR X 550 56.32 27.26 -27.92
N LYS X 551 57.48 27.55 -27.31
CA LYS X 551 57.62 27.38 -25.86
C LYS X 551 56.75 28.35 -25.07
N ASP X 552 56.30 29.45 -25.70
CA ASP X 552 55.49 30.45 -25.03
C ASP X 552 54.00 30.27 -25.30
N LEU X 553 53.59 29.10 -25.79
CA LEU X 553 52.17 28.88 -25.98
C LEU X 553 51.56 28.20 -24.75
N PRO X 554 50.29 28.49 -24.44
CA PRO X 554 49.65 27.86 -23.27
C PRO X 554 49.13 26.46 -23.56
N PHE X 555 50.06 25.53 -23.71
CA PHE X 555 49.72 24.13 -23.94
C PHE X 555 50.11 23.30 -22.71
N ASP X 556 49.31 22.30 -22.39
CA ASP X 556 49.54 21.45 -21.25
C ASP X 556 50.45 20.28 -21.56
N GLY X 557 50.94 20.17 -22.78
CA GLY X 557 51.84 19.10 -23.16
C GLY X 557 51.80 18.88 -24.65
N ILE X 558 52.63 17.94 -25.10
CA ILE X 558 52.68 17.52 -26.48
C ILE X 558 51.86 16.24 -26.59
N GLY X 559 50.62 16.37 -27.06
CA GLY X 559 49.76 15.22 -27.22
C GLY X 559 50.09 14.35 -28.41
N LEU X 560 50.96 14.83 -29.31
CA LEU X 560 51.35 14.04 -30.48
C LEU X 560 52.71 14.53 -30.94
N MET X 561 53.74 13.73 -30.74
CA MET X 561 55.06 14.00 -31.26
C MET X 561 55.33 13.05 -32.42
N ARG X 562 55.52 13.61 -33.61
CA ARG X 562 55.76 12.83 -34.80
C ARG X 562 57.26 12.63 -34.99
N ILE X 563 57.69 11.36 -34.97
CA ILE X 563 59.10 11.04 -35.12
C ILE X 563 59.39 10.76 -36.59
N GLU X 564 58.38 10.96 -37.44
CA GLU X 564 58.59 10.77 -38.88
C GLU X 564 59.64 11.74 -39.42
N PHE X 565 59.59 12.99 -38.97
CA PHE X 565 60.57 13.98 -39.42
C PHE X 565 61.97 13.61 -38.96
N ILE X 566 62.10 13.07 -37.74
CA ILE X 566 63.42 12.69 -37.23
C ILE X 566 64.00 11.57 -38.07
N ILE X 567 63.19 10.55 -38.37
CA ILE X 567 63.69 9.42 -39.15
C ILE X 567 64.01 9.86 -40.59
N THR X 568 63.18 10.75 -41.14
CA THR X 568 63.38 11.16 -42.53
C THR X 568 64.60 12.06 -42.69
N ASP X 569 64.76 13.04 -41.81
CA ASP X 569 65.77 14.09 -42.00
C ASP X 569 66.97 13.97 -41.07
N TRP X 570 66.85 13.29 -39.94
CA TRP X 570 67.99 13.11 -39.06
C TRP X 570 68.65 11.74 -39.20
N VAL X 571 67.96 10.77 -39.79
CA VAL X 571 68.49 9.43 -40.00
C VAL X 571 68.71 9.13 -41.48
N GLN X 572 67.72 9.45 -42.32
CA GLN X 572 67.73 9.20 -43.76
C GLN X 572 67.82 7.72 -44.12
N TYR X 573 67.88 6.83 -43.14
CA TYR X 573 68.11 5.42 -43.40
C TYR X 573 67.01 4.56 -42.80
N HIS X 574 66.68 3.48 -43.51
CA HIS X 574 65.73 2.51 -43.00
C HIS X 574 66.31 1.84 -41.76
N PRO X 575 65.55 1.72 -40.67
CA PRO X 575 66.12 1.10 -39.45
C PRO X 575 66.61 -0.32 -39.67
N LEU X 576 65.90 -1.11 -40.47
CA LEU X 576 66.38 -2.45 -40.78
C LEU X 576 67.69 -2.43 -41.54
N TYR X 577 67.86 -1.46 -42.45
CA TYR X 577 69.13 -1.32 -43.15
C TYR X 577 70.26 -0.98 -42.18
N LEU X 578 69.98 -0.10 -41.21
CA LEU X 578 70.99 0.23 -40.22
C LEU X 578 71.33 -0.98 -39.35
N ILE X 579 70.33 -1.80 -39.02
CA ILE X 579 70.58 -3.03 -38.28
C ILE X 579 71.47 -3.97 -39.09
N GLU X 580 71.19 -4.10 -40.39
CA GLU X 580 72.02 -4.93 -41.24
C GLU X 580 73.45 -4.41 -41.31
N GLN X 581 73.62 -3.09 -41.40
CA GLN X 581 74.94 -2.48 -41.38
C GLN X 581 75.48 -2.31 -39.97
N GLY X 582 74.74 -2.72 -38.95
CA GLY X 582 75.19 -2.57 -37.58
C GLY X 582 75.28 -1.13 -37.11
N LYS X 583 74.31 -0.29 -37.51
CA LYS X 583 74.31 1.10 -37.11
C LYS X 583 73.04 1.45 -36.34
N GLU X 584 72.62 0.56 -35.43
CA GLU X 584 71.47 0.84 -34.58
C GLU X 584 71.72 2.05 -33.70
N SER X 585 72.99 2.29 -33.34
CA SER X 585 73.33 3.37 -32.43
C SER X 585 72.93 4.73 -33.02
N LEU X 586 73.16 4.92 -34.31
CA LEU X 586 72.81 6.20 -34.94
C LEU X 586 71.31 6.47 -34.85
N PHE X 587 70.49 5.51 -35.24
CA PHE X 587 69.04 5.67 -35.20
C PHE X 587 68.56 5.91 -33.78
N ILE X 588 69.02 5.09 -32.83
CA ILE X 588 68.59 5.22 -31.44
C ILE X 588 69.00 6.58 -30.89
N ASP X 589 70.23 7.02 -31.17
CA ASP X 589 70.73 8.27 -30.63
C ASP X 589 70.02 9.47 -31.23
N LYS X 590 69.70 9.43 -32.52
CA LYS X 590 68.97 10.55 -33.12
C LYS X 590 67.56 10.65 -32.55
N LEU X 591 66.85 9.52 -32.44
CA LEU X 591 65.54 9.56 -31.81
C LEU X 591 65.62 10.04 -30.38
N ALA X 592 66.63 9.56 -29.63
CA ALA X 592 66.78 9.97 -28.24
C ALA X 592 67.07 11.46 -28.14
N GLU X 593 67.91 11.98 -29.02
CA GLU X 593 68.22 13.41 -29.00
C GLU X 593 66.98 14.25 -29.25
N GLY X 594 66.21 13.91 -30.29
CA GLY X 594 65.01 14.67 -30.57
C GLY X 594 63.99 14.60 -29.44
N ILE X 595 63.71 13.39 -28.94
CA ILE X 595 62.70 13.23 -27.90
C ILE X 595 63.16 13.88 -26.62
N ALA X 596 64.45 13.79 -26.29
CA ALA X 596 64.97 14.41 -25.07
C ALA X 596 64.90 15.93 -25.16
N LYS X 597 65.23 16.49 -26.34
CA LYS X 597 65.09 17.93 -26.50
C LYS X 597 63.66 18.38 -26.28
N VAL X 598 62.70 17.68 -26.91
CA VAL X 598 61.30 18.07 -26.75
C VAL X 598 60.85 17.91 -25.30
N ALA X 599 61.23 16.82 -24.64
CA ALA X 599 60.78 16.56 -23.27
C ALA X 599 61.39 17.57 -22.29
N GLN X 600 62.69 17.85 -22.42
CA GLN X 600 63.34 18.79 -21.53
C GLN X 600 62.85 20.21 -21.77
N ALA X 601 62.46 20.54 -23.00
CA ALA X 601 61.99 21.89 -23.28
C ALA X 601 60.69 22.20 -22.55
N ILE X 602 59.86 21.19 -22.26
CA ILE X 602 58.56 21.42 -21.66
C ILE X 602 58.37 20.61 -20.39
N TYR X 603 59.46 20.18 -19.74
CA TYR X 603 59.33 19.42 -18.51
C TYR X 603 58.65 20.28 -17.45
N PRO X 604 57.74 19.70 -16.64
CA PRO X 604 57.33 18.29 -16.60
C PRO X 604 56.09 17.96 -17.42
N ARG X 605 55.72 18.79 -18.39
CA ARG X 605 54.54 18.50 -19.19
C ARG X 605 54.78 17.25 -20.05
N PRO X 606 53.80 16.37 -20.17
CA PRO X 606 54.03 15.10 -20.87
C PRO X 606 54.27 15.31 -22.37
N VAL X 607 55.09 14.42 -22.92
CA VAL X 607 55.35 14.35 -24.36
C VAL X 607 54.93 12.97 -24.83
N VAL X 608 53.85 12.90 -25.60
CA VAL X 608 53.33 11.63 -26.10
C VAL X 608 53.97 11.40 -27.47
N VAL X 609 55.00 10.57 -27.50
CA VAL X 609 55.71 10.24 -28.74
C VAL X 609 54.94 9.17 -29.47
N ARG X 610 54.67 9.42 -30.76
CA ARG X 610 54.05 8.43 -31.62
C ARG X 610 55.12 7.57 -32.27
N PHE X 611 54.90 6.25 -32.27
CA PHE X 611 55.82 5.35 -32.94
C PHE X 611 55.76 5.58 -34.45
N SER X 612 56.59 4.83 -35.18
CA SER X 612 56.72 5.03 -36.62
C SER X 612 55.39 4.87 -37.34
N ASP X 613 54.89 5.98 -37.89
CA ASP X 613 53.61 6.00 -38.59
C ASP X 613 53.77 5.93 -40.10
N PHE X 614 54.98 5.59 -40.58
CA PHE X 614 55.23 5.53 -42.01
C PHE X 614 54.42 4.41 -42.66
N LYS X 615 54.12 4.60 -43.94
CA LYS X 615 53.56 3.54 -44.78
C LYS X 615 54.71 2.85 -45.51
N THR X 616 54.39 1.76 -46.22
CA THR X 616 55.42 1.03 -46.93
C THR X 616 56.06 1.90 -48.03
N ASN X 617 55.22 2.66 -48.76
CA ASN X 617 55.75 3.57 -49.76
C ASN X 617 56.58 4.69 -49.12
N GLU X 618 56.14 5.19 -47.96
CA GLU X 618 56.93 6.18 -47.24
C GLU X 618 58.22 5.56 -46.69
N TYR X 619 58.16 4.30 -46.27
CA TYR X 619 59.35 3.61 -45.81
C TYR X 619 60.36 3.44 -46.93
N ARG X 620 59.88 3.16 -48.15
CA ARG X 620 60.79 3.01 -49.28
C ARG X 620 61.55 4.28 -49.59
N GLY X 621 61.04 5.44 -49.19
CA GLY X 621 61.77 6.69 -49.38
C GLY X 621 63.06 6.75 -48.61
N LEU X 622 63.18 6.00 -47.52
CA LEU X 622 64.42 5.94 -46.76
C LEU X 622 65.49 5.19 -47.55
N LYS X 623 66.74 5.51 -47.24
CA LYS X 623 67.86 4.86 -47.92
C LYS X 623 67.94 3.39 -47.53
N GLY X 624 68.05 2.52 -48.53
CA GLY X 624 68.14 1.10 -48.28
C GLY X 624 66.84 0.43 -47.90
N GLY X 625 65.71 1.14 -47.97
CA GLY X 625 64.43 0.59 -47.60
C GLY X 625 63.74 -0.23 -48.67
N GLU X 626 64.27 -0.26 -49.89
CA GLU X 626 63.62 -1.03 -50.95
C GLU X 626 63.69 -2.53 -50.68
N LYS X 627 64.74 -2.99 -50.00
CA LYS X 627 64.89 -4.42 -49.75
C LYS X 627 63.96 -4.94 -48.66
N TYR X 628 63.46 -4.06 -47.79
CA TYR X 628 62.67 -4.48 -46.65
C TYR X 628 61.19 -4.13 -46.77
N GLU X 629 60.81 -3.32 -47.74
CA GLU X 629 59.43 -2.87 -47.88
C GLU X 629 58.82 -3.47 -49.14
N PRO X 630 57.85 -4.36 -49.03
CA PRO X 630 57.19 -4.90 -50.22
C PRO X 630 56.30 -3.86 -50.87
N GLU X 631 56.13 -3.99 -52.17
CA GLU X 631 55.22 -3.11 -52.90
C GLU X 631 53.79 -3.47 -52.57
N GLU X 632 53.05 -2.53 -52.01
CA GLU X 632 51.69 -2.79 -51.57
C GLU X 632 50.70 -1.99 -52.38
N ARG X 633 49.60 -2.65 -52.74
CA ARG X 633 48.51 -2.03 -53.46
C ARG X 633 47.80 -0.99 -52.59
N ASN X 634 47.57 -1.28 -51.30
CA ASN X 634 46.99 -0.31 -50.38
C ASN X 634 47.79 -0.22 -49.09
N PRO X 635 48.93 0.48 -49.10
CA PRO X 635 49.65 0.70 -47.83
C PRO X 635 48.85 1.49 -46.81
N MET X 636 47.87 2.29 -47.27
CA MET X 636 47.04 3.05 -46.34
C MET X 636 46.34 2.13 -45.36
N ILE X 637 45.90 0.97 -45.82
CA ILE X 637 45.33 -0.04 -44.94
C ILE X 637 46.22 -1.28 -45.03
N GLY X 638 47.52 -1.06 -45.26
CA GLY X 638 48.46 -2.15 -45.42
C GLY X 638 49.24 -2.43 -44.15
N TRP X 639 50.44 -2.96 -44.35
CA TRP X 639 51.34 -3.36 -43.25
C TRP X 639 51.94 -2.11 -42.63
N ARG X 640 51.31 -1.62 -41.57
CA ARG X 640 51.76 -0.41 -40.89
C ARG X 640 51.27 -0.44 -39.45
N GLY X 641 51.87 0.41 -38.63
CA GLY X 641 51.44 0.51 -37.25
C GLY X 641 51.86 -0.69 -36.43
N VAL X 642 50.99 -1.08 -35.49
CA VAL X 642 51.31 -2.17 -34.58
C VAL X 642 51.50 -3.48 -35.35
N SER X 643 50.70 -3.68 -36.40
CA SER X 643 50.88 -4.86 -37.25
C SER X 643 52.30 -4.94 -37.78
N ARG X 644 52.94 -3.80 -38.05
CA ARG X 644 54.32 -3.80 -38.47
C ARG X 644 55.26 -4.08 -37.29
N TYR X 645 54.95 -3.54 -36.12
CA TYR X 645 55.87 -3.64 -34.99
C TYR X 645 55.99 -5.08 -34.50
N ILE X 646 54.86 -5.79 -34.38
CA ILE X 646 54.88 -7.16 -33.87
C ILE X 646 55.37 -8.17 -34.90
N HIS X 647 55.44 -7.78 -36.17
CA HIS X 647 55.94 -8.70 -37.18
C HIS X 647 57.42 -8.98 -36.96
N PRO X 648 57.86 -10.22 -37.09
CA PRO X 648 59.28 -10.53 -36.83
C PRO X 648 60.25 -9.78 -37.72
N LYS X 649 59.84 -9.42 -38.94
CA LYS X 649 60.75 -8.74 -39.86
C LYS X 649 61.09 -7.34 -39.36
N TYR X 650 60.08 -6.57 -38.95
CA TYR X 650 60.31 -5.21 -38.47
C TYR X 650 60.48 -5.14 -36.96
N GLU X 651 60.32 -6.25 -36.25
CA GLU X 651 60.44 -6.22 -34.79
C GLU X 651 61.74 -5.61 -34.29
N PRO X 652 62.91 -5.89 -34.89
CA PRO X 652 64.13 -5.19 -34.42
C PRO X 652 64.04 -3.67 -34.51
N ALA X 653 63.40 -3.13 -35.54
CA ALA X 653 63.27 -1.68 -35.65
C ALA X 653 62.37 -1.11 -34.54
N PHE X 654 61.27 -1.79 -34.25
CA PHE X 654 60.42 -1.38 -33.14
C PHE X 654 61.19 -1.47 -31.83
N ARG X 655 62.03 -2.50 -31.69
CA ARG X 655 62.86 -2.60 -30.49
C ARG X 655 63.86 -1.45 -30.41
N LEU X 656 64.39 -1.01 -31.55
CA LEU X 656 65.26 0.17 -31.55
C LEU X 656 64.50 1.41 -31.08
N GLU X 657 63.27 1.58 -31.56
CA GLU X 657 62.47 2.72 -31.13
C GLU X 657 62.19 2.65 -29.62
N VAL X 658 61.84 1.47 -29.12
CA VAL X 658 61.60 1.31 -27.69
C VAL X 658 62.86 1.56 -26.89
N ARG X 659 64.01 1.15 -27.42
CA ARG X 659 65.28 1.40 -26.76
C ARG X 659 65.58 2.90 -26.69
N ALA X 660 65.28 3.63 -27.76
CA ALA X 660 65.44 5.08 -27.74
C ALA X 660 64.55 5.71 -26.69
N ILE X 661 63.29 5.28 -26.62
CA ILE X 661 62.38 5.81 -25.60
C ILE X 661 62.89 5.49 -24.20
N LYS X 662 63.37 4.27 -23.99
CA LYS X 662 63.90 3.88 -22.69
C LYS X 662 65.13 4.70 -22.32
N LYS X 663 66.01 4.96 -23.30
CA LYS X 663 67.18 5.80 -23.05
C LYS X 663 66.77 7.21 -22.66
N VAL X 664 65.76 7.76 -23.33
CA VAL X 664 65.27 9.08 -22.95
C VAL X 664 64.71 9.06 -21.53
N ARG X 665 63.94 8.01 -21.20
CA ARG X 665 63.26 7.99 -19.91
C ARG X 665 64.22 7.69 -18.75
N GLU X 666 65.34 7.02 -19.03
CA GLU X 666 66.24 6.57 -17.98
C GLU X 666 67.57 7.30 -17.97
N GLU X 667 68.29 7.33 -19.09
CA GLU X 667 69.59 7.98 -19.13
C GLU X 667 69.46 9.48 -18.85
N MET X 668 68.46 10.12 -19.44
CA MET X 668 68.19 11.53 -19.18
C MET X 668 67.18 11.74 -18.07
N GLY X 669 66.58 10.67 -17.55
CA GLY X 669 65.62 10.80 -16.47
C GLY X 669 64.37 11.56 -16.81
N LEU X 670 64.03 11.66 -18.09
CA LEU X 670 62.84 12.41 -18.52
C LEU X 670 61.62 11.50 -18.38
N THR X 671 61.01 11.54 -17.20
CA THR X 671 59.87 10.68 -16.92
C THR X 671 58.65 11.06 -17.75
N ASN X 672 58.55 12.32 -18.15
CA ASN X 672 57.37 12.84 -18.83
C ASN X 672 57.19 12.29 -20.25
N VAL X 673 57.96 11.31 -20.71
CA VAL X 673 57.83 10.78 -22.06
C VAL X 673 56.89 9.57 -22.02
N TRP X 674 55.79 9.66 -22.75
CA TRP X 674 54.84 8.58 -22.94
C TRP X 674 54.87 8.16 -24.39
N VAL X 675 54.26 7.01 -24.69
CA VAL X 675 54.23 6.49 -26.05
C VAL X 675 52.80 6.23 -26.47
N MET X 676 52.54 6.36 -27.77
CA MET X 676 51.27 5.96 -28.35
C MET X 676 51.52 5.04 -29.53
N PHE X 677 50.70 4.00 -29.64
CA PHE X 677 50.80 3.03 -30.71
C PHE X 677 49.91 3.46 -31.86
N PRO X 678 50.45 3.76 -33.03
CA PRO X 678 49.61 4.21 -34.15
C PRO X 678 48.98 3.04 -34.89
N PHE X 679 47.74 3.26 -35.33
CA PHE X 679 47.02 2.34 -36.22
C PHE X 679 46.88 0.95 -35.58
N VAL X 680 46.23 0.94 -34.42
CA VAL X 680 45.98 -0.30 -33.69
C VAL X 680 44.77 -0.99 -34.28
N ARG X 681 44.91 -2.27 -34.60
CA ARG X 681 43.87 -3.04 -35.27
C ARG X 681 43.17 -4.04 -34.34
N THR X 682 43.92 -4.87 -33.64
CA THR X 682 43.36 -5.93 -32.83
C THR X 682 44.00 -5.94 -31.44
N THR X 683 43.29 -6.56 -30.49
CA THR X 683 43.77 -6.59 -29.11
C THR X 683 45.01 -7.45 -28.97
N TRP X 684 45.07 -8.59 -29.68
CA TRP X 684 46.22 -9.49 -29.55
C TRP X 684 47.49 -8.83 -30.08
N GLU X 685 47.38 -8.06 -31.17
CA GLU X 685 48.55 -7.33 -31.65
C GLU X 685 49.01 -6.29 -30.64
N LEU X 686 48.07 -5.63 -29.96
CA LEU X 686 48.42 -4.65 -28.95
C LEU X 686 49.12 -5.30 -27.77
N GLU X 687 48.63 -6.46 -27.34
CA GLU X 687 49.29 -7.16 -26.23
C GLU X 687 50.65 -7.70 -26.64
N ARG X 688 50.81 -8.11 -27.90
CA ARG X 688 52.13 -8.54 -28.37
C ARG X 688 53.11 -7.36 -28.40
N ALA X 689 52.65 -6.20 -28.85
CA ALA X 689 53.50 -5.01 -28.79
C ALA X 689 53.86 -4.65 -27.35
N LEU X 690 52.89 -4.77 -26.44
CA LEU X 690 53.15 -4.46 -25.03
C LEU X 690 54.17 -5.42 -24.44
N LYS X 691 54.07 -6.72 -24.74
CA LYS X 691 55.06 -7.66 -24.23
C LYS X 691 56.42 -7.47 -24.87
N ILE X 692 56.47 -7.04 -26.14
CA ILE X 692 57.75 -6.69 -26.75
C ILE X 692 58.36 -5.50 -26.03
N MET X 693 57.55 -4.49 -25.70
CA MET X 693 58.04 -3.35 -24.94
C MET X 693 58.54 -3.78 -23.56
N GLU X 694 57.81 -4.68 -22.91
CA GLU X 694 58.23 -5.18 -21.60
C GLU X 694 59.57 -5.92 -21.68
N GLU X 695 59.76 -6.70 -22.76
CA GLU X 695 61.03 -7.38 -22.95
C GLU X 695 62.19 -6.41 -23.09
N GLU X 696 61.91 -5.18 -23.50
CA GLU X 696 62.92 -4.14 -23.61
C GLU X 696 63.03 -3.30 -22.34
N GLY X 697 62.31 -3.65 -21.28
CA GLY X 697 62.36 -2.92 -20.04
C GLY X 697 61.44 -1.73 -19.96
N LEU X 698 60.61 -1.49 -20.97
CA LEU X 698 59.65 -0.39 -20.97
C LEU X 698 58.29 -0.97 -20.58
N LYS X 699 57.87 -0.69 -19.35
CA LYS X 699 56.65 -1.26 -18.81
C LYS X 699 55.66 -0.16 -18.44
N ARG X 700 54.39 -0.39 -18.74
CA ARG X 700 53.33 0.54 -18.37
C ARG X 700 53.24 0.64 -16.86
N GLY X 701 53.15 1.87 -16.36
CA GLY X 701 53.10 2.09 -14.93
C GLY X 701 52.55 3.46 -14.59
N LYS X 702 52.78 3.86 -13.34
CA LYS X 702 52.30 5.17 -12.89
C LYS X 702 53.07 6.31 -13.55
N ASP X 703 54.35 6.10 -13.85
CA ASP X 703 55.18 7.12 -14.46
C ASP X 703 55.30 6.95 -15.98
N PHE X 704 54.63 5.96 -16.55
CA PHE X 704 54.71 5.68 -17.99
C PHE X 704 53.31 5.37 -18.50
N LYS X 705 52.82 6.19 -19.42
CA LYS X 705 51.50 6.01 -20.00
C LYS X 705 51.63 5.48 -21.43
N VAL X 706 50.77 4.54 -21.79
CA VAL X 706 50.71 3.97 -23.13
C VAL X 706 49.34 4.27 -23.72
N TRP X 707 49.33 4.89 -24.89
CA TRP X 707 48.11 5.23 -25.59
C TRP X 707 47.98 4.41 -26.86
N ALA X 708 46.77 4.33 -27.39
CA ALA X 708 46.50 3.66 -28.66
C ALA X 708 45.74 4.62 -29.56
N MET X 709 46.20 4.75 -30.81
CA MET X 709 45.50 5.59 -31.76
C MET X 709 44.15 4.97 -32.12
N ALA X 710 43.09 5.76 -31.96
CA ALA X 710 41.74 5.32 -32.28
C ALA X 710 41.37 5.79 -33.69
N GLU X 711 42.10 5.26 -34.67
CA GLU X 711 41.88 5.59 -36.06
C GLU X 711 41.36 4.42 -36.88
N VAL X 712 41.07 3.29 -36.26
CA VAL X 712 40.54 2.11 -36.94
C VAL X 712 39.16 1.82 -36.38
N PRO X 713 38.18 1.49 -37.23
CA PRO X 713 36.82 1.23 -36.71
C PRO X 713 36.75 0.07 -35.73
N SER X 714 37.71 -0.86 -35.76
CA SER X 714 37.75 -1.90 -34.74
C SER X 714 37.94 -1.31 -33.36
N ILE X 715 38.75 -0.25 -33.24
CA ILE X 715 38.88 0.45 -31.97
C ILE X 715 37.56 1.08 -31.58
N VAL X 716 36.83 1.62 -32.57
CA VAL X 716 35.52 2.20 -32.29
C VAL X 716 34.58 1.16 -31.70
N LEU X 717 34.56 -0.03 -32.28
CA LEU X 717 33.62 -1.05 -31.85
C LEU X 717 34.05 -1.72 -30.55
N LEU X 718 35.35 -1.80 -30.27
CA LEU X 718 35.86 -2.52 -29.12
C LEU X 718 36.78 -1.66 -28.26
N ALA X 719 36.43 -0.38 -28.08
CA ALA X 719 37.26 0.49 -27.25
C ALA X 719 37.30 0.01 -25.81
N ASP X 720 36.17 -0.45 -25.28
CA ASP X 720 36.13 -0.96 -23.91
C ASP X 720 37.02 -2.19 -23.75
N LYS X 721 37.16 -3.00 -24.80
CA LYS X 721 38.05 -4.16 -24.74
C LYS X 721 39.50 -3.73 -24.83
N PHE X 722 39.81 -2.75 -25.68
CA PHE X 722 41.18 -2.27 -25.81
C PHE X 722 41.65 -1.52 -24.57
N ALA X 723 40.73 -0.99 -23.77
CA ALA X 723 41.12 -0.16 -22.62
C ALA X 723 41.88 -0.95 -21.56
N GLU X 724 41.77 -2.28 -21.54
CA GLU X 724 42.50 -3.06 -20.55
C GLU X 724 44.00 -3.08 -20.81
N TYR X 725 44.43 -2.69 -22.01
CA TYR X 725 45.84 -2.77 -22.38
C TYR X 725 46.54 -1.42 -22.40
N VAL X 726 45.81 -0.31 -22.52
CA VAL X 726 46.41 1.00 -22.65
C VAL X 726 45.82 1.93 -21.59
N ASP X 727 46.57 2.98 -21.27
CA ASP X 727 46.09 3.96 -20.29
C ASP X 727 45.03 4.87 -20.90
N GLY X 728 45.10 5.11 -22.21
CA GLY X 728 44.13 5.97 -22.85
C GLY X 728 44.17 5.80 -24.36
N PHE X 729 43.29 6.54 -25.02
CA PHE X 729 43.18 6.51 -26.47
C PHE X 729 43.37 7.90 -27.05
N SER X 730 44.00 7.96 -28.22
CA SER X 730 44.13 9.20 -28.98
C SER X 730 43.39 9.02 -30.29
N ILE X 731 42.37 9.85 -30.51
CA ILE X 731 41.51 9.72 -31.69
C ILE X 731 42.21 10.42 -32.86
N GLY X 732 42.66 9.63 -33.82
CA GLY X 732 43.23 10.17 -35.04
C GLY X 732 42.14 10.53 -36.03
N SER X 733 41.47 11.66 -35.80
CA SER X 733 40.29 12.01 -36.57
C SER X 733 40.55 12.04 -38.07
N ASN X 734 41.76 12.45 -38.48
CA ASN X 734 42.09 12.46 -39.89
C ASN X 734 42.01 11.06 -40.50
N ASP X 735 42.66 10.09 -39.86
CA ASP X 735 42.59 8.71 -40.33
C ASP X 735 41.29 8.03 -39.94
N LEU X 736 40.71 8.40 -38.80
CA LEU X 736 39.45 7.79 -38.37
C LEU X 736 38.32 8.10 -39.34
N THR X 737 38.24 9.35 -39.81
CA THR X 737 37.23 9.69 -40.80
C THR X 737 37.44 8.92 -42.09
N GLN X 738 38.69 8.79 -42.53
CA GLN X 738 39.01 8.07 -43.75
C GLN X 738 38.58 6.62 -43.65
N LEU X 739 38.86 5.97 -42.51
CA LEU X 739 38.54 4.56 -42.37
C LEU X 739 37.06 4.32 -42.13
N ILE X 740 36.40 5.20 -41.37
CA ILE X 740 34.97 5.06 -41.13
C ILE X 740 34.19 5.24 -42.42
N LEU X 741 34.54 6.26 -43.20
CA LEU X 741 33.87 6.51 -44.47
C LEU X 741 34.43 5.68 -45.61
N GLY X 742 35.57 5.01 -45.42
CA GLY X 742 36.15 4.24 -46.50
C GLY X 742 36.57 5.08 -47.69
N ALA X 743 37.12 6.26 -47.45
CA ALA X 743 37.55 7.17 -48.51
C ALA X 743 38.95 7.68 -48.19
N ASP X 744 39.74 7.91 -49.24
CA ASP X 744 41.13 8.33 -49.11
C ASP X 744 41.27 9.77 -49.61
N ARG X 745 41.94 10.60 -48.81
CA ARG X 745 41.88 12.05 -48.99
C ARG X 745 42.60 12.53 -50.25
N ASP X 746 43.76 11.98 -50.58
CA ASP X 746 44.53 12.51 -51.70
C ASP X 746 43.82 12.34 -53.04
N SER X 747 42.78 11.52 -53.10
CA SER X 747 41.93 11.44 -54.29
C SER X 747 41.14 12.74 -54.40
N ASN X 748 41.45 13.54 -55.42
CA ASN X 748 40.80 14.83 -55.56
C ASN X 748 39.31 14.71 -55.83
N ILE X 749 38.89 13.64 -56.49
CA ILE X 749 37.47 13.45 -56.81
C ILE X 749 36.67 13.32 -55.52
N LEU X 750 37.13 12.46 -54.61
CA LEU X 750 36.42 12.27 -53.35
C LEU X 750 36.44 13.53 -52.50
N ALA X 751 37.57 14.26 -52.52
CA ALA X 751 37.67 15.50 -51.75
C ALA X 751 36.71 16.56 -52.27
N GLU X 752 36.54 16.63 -53.59
CA GLU X 752 35.67 17.65 -54.18
C GLU X 752 34.21 17.45 -53.75
N MET X 753 33.78 16.19 -53.64
CA MET X 753 32.39 15.92 -53.23
C MET X 753 32.13 16.26 -51.77
N GLY X 754 33.16 16.55 -50.99
CA GLY X 754 32.96 16.90 -49.60
C GLY X 754 32.85 15.72 -48.66
N TYR X 755 33.38 14.57 -49.04
CA TYR X 755 33.32 13.39 -48.17
C TYR X 755 34.09 13.61 -46.88
N PHE X 756 35.26 14.25 -46.96
CA PHE X 756 36.18 14.32 -45.83
C PHE X 756 35.82 15.49 -44.92
N ASP X 757 34.60 15.42 -44.42
CA ASP X 757 34.08 16.33 -43.40
C ASP X 757 34.05 15.58 -42.08
N GLU X 758 34.86 16.02 -41.12
CA GLU X 758 34.89 15.37 -39.82
C GLU X 758 33.63 15.64 -39.01
N ARG X 759 32.76 16.52 -39.47
CA ARG X 759 31.43 16.72 -38.91
C ARG X 759 30.42 15.68 -39.39
N ASP X 760 30.89 14.65 -40.09
CA ASP X 760 29.98 13.63 -40.59
C ASP X 760 29.31 12.91 -39.43
N PRO X 761 28.03 12.57 -39.55
CA PRO X 761 27.35 11.87 -38.43
C PRO X 761 27.99 10.56 -38.05
N ALA X 762 28.52 9.81 -39.02
CA ALA X 762 29.17 8.54 -38.70
C ALA X 762 30.44 8.76 -37.88
N VAL X 763 31.25 9.74 -38.25
CA VAL X 763 32.47 10.02 -37.50
C VAL X 763 32.13 10.49 -36.09
N LEU X 764 31.11 11.35 -35.96
CA LEU X 764 30.70 11.81 -34.64
C LEU X 764 30.19 10.67 -33.78
N ALA X 765 29.40 9.77 -34.37
CA ALA X 765 28.91 8.61 -33.62
C ALA X 765 30.06 7.71 -33.18
N GLY X 766 31.04 7.50 -34.06
CA GLY X 766 32.19 6.70 -33.69
C GLY X 766 33.00 7.32 -32.56
N ILE X 767 33.21 8.64 -32.63
CA ILE X 767 33.93 9.34 -31.57
C ILE X 767 33.17 9.24 -30.25
N LYS X 768 31.85 9.43 -30.30
CA LYS X 768 31.04 9.32 -29.10
C LYS X 768 31.13 7.93 -28.50
N MET X 769 31.08 6.89 -29.34
CA MET X 769 31.19 5.52 -28.85
C MET X 769 32.55 5.27 -28.22
N ILE X 770 33.62 5.76 -28.86
CA ILE X 770 34.96 5.61 -28.30
C ILE X 770 35.03 6.26 -26.93
N ILE X 771 34.54 7.49 -26.82
CA ILE X 771 34.61 8.22 -25.55
C ILE X 771 33.81 7.50 -24.47
N GLU X 772 32.60 7.05 -24.81
CA GLU X 772 31.77 6.37 -23.82
C GLU X 772 32.41 5.08 -23.34
N LYS X 773 32.93 4.27 -24.27
CA LYS X 773 33.55 3.01 -23.87
C LYS X 773 34.80 3.25 -23.03
N ALA X 774 35.66 4.18 -23.46
CA ALA X 774 36.89 4.43 -22.72
C ALA X 774 36.60 4.95 -21.32
N HIS X 775 35.63 5.85 -21.18
CA HIS X 775 35.29 6.34 -19.85
C HIS X 775 34.55 5.31 -19.02
N SER X 776 33.83 4.38 -19.64
CA SER X 776 33.26 3.26 -18.90
C SER X 776 34.34 2.34 -18.37
N LYS X 777 35.45 2.19 -19.09
CA LYS X 777 36.57 1.40 -18.62
C LYS X 777 37.66 2.24 -17.98
N GLY X 778 37.40 3.52 -17.72
CA GLY X 778 38.34 4.36 -17.00
C GLY X 778 39.57 4.78 -17.76
N ALA X 779 39.50 4.78 -19.09
CA ALA X 779 40.62 5.19 -19.93
C ALA X 779 40.41 6.61 -20.43
N THR X 780 41.50 7.39 -20.48
CA THR X 780 41.43 8.75 -20.98
C THR X 780 41.26 8.76 -22.49
N VAL X 781 40.65 9.83 -23.00
CA VAL X 781 40.42 10.01 -24.43
C VAL X 781 41.05 11.31 -24.88
N SER X 782 41.82 11.25 -25.96
CA SER X 782 42.42 12.43 -26.57
C SER X 782 42.11 12.41 -28.06
N ILE X 783 42.20 13.58 -28.68
CA ILE X 783 42.03 13.73 -30.11
C ILE X 783 43.20 14.56 -30.66
N CYS X 784 43.81 14.07 -31.74
CA CYS X 784 44.94 14.74 -32.38
C CYS X 784 44.67 14.75 -33.89
N GLY X 785 43.99 15.79 -34.34
CA GLY X 785 43.65 15.92 -35.74
C GLY X 785 43.33 17.36 -36.08
N GLN X 786 42.94 17.56 -37.34
CA GLN X 786 42.62 18.91 -37.81
C GLN X 786 41.18 19.31 -37.51
N ALA X 787 40.35 18.38 -37.04
CA ALA X 787 38.96 18.73 -36.75
C ALA X 787 38.82 19.79 -35.68
N PRO X 788 39.46 19.70 -34.50
CA PRO X 788 39.32 20.77 -33.51
C PRO X 788 39.96 22.08 -33.93
N SER X 789 40.89 22.05 -34.88
CA SER X 789 41.59 23.26 -35.28
C SER X 789 40.73 24.19 -36.13
N VAL X 790 39.77 23.64 -36.88
CA VAL X 790 39.01 24.41 -37.85
C VAL X 790 37.53 24.50 -37.50
N TYR X 791 36.95 23.44 -36.93
CA TYR X 791 35.52 23.42 -36.69
C TYR X 791 35.22 23.64 -35.21
N PRO X 792 34.66 24.78 -34.82
CA PRO X 792 34.28 24.98 -33.41
C PRO X 792 33.23 23.99 -32.92
N GLU X 793 32.30 23.58 -33.78
CA GLU X 793 31.26 22.65 -33.37
C GLU X 793 31.83 21.28 -33.00
N ILE X 794 32.89 20.84 -33.68
CA ILE X 794 33.58 19.61 -33.29
C ILE X 794 34.11 19.75 -31.87
N VAL X 795 34.72 20.90 -31.56
CA VAL X 795 35.24 21.12 -30.21
C VAL X 795 34.11 21.11 -29.19
N GLU X 796 32.98 21.75 -29.51
CA GLU X 796 31.85 21.77 -28.60
C GLU X 796 31.33 20.36 -28.35
N PHE X 797 31.20 19.56 -29.40
CA PHE X 797 30.72 18.19 -29.25
C PHE X 797 31.70 17.35 -28.43
N LEU X 798 33.00 17.53 -28.66
CA LEU X 798 34.00 16.78 -27.92
C LEU X 798 33.96 17.12 -26.44
N VAL X 799 33.87 18.41 -26.11
CA VAL X 799 33.84 18.82 -24.72
C VAL X 799 32.55 18.36 -24.05
N GLU X 800 31.43 18.40 -24.78
CA GLU X 800 30.18 17.90 -24.23
C GLU X 800 30.27 16.40 -23.95
N ALA X 801 30.88 15.65 -24.86
CA ALA X 801 31.06 14.22 -24.64
C ALA X 801 31.97 13.93 -23.46
N GLY X 802 32.82 14.88 -23.07
CA GLY X 802 33.69 14.70 -21.93
C GLY X 802 35.08 14.20 -22.28
N ILE X 803 35.60 14.66 -23.41
CA ILE X 803 36.94 14.25 -23.82
C ILE X 803 37.96 14.80 -22.84
N ASP X 804 38.99 13.99 -22.56
CA ASP X 804 39.96 14.36 -21.53
C ASP X 804 40.93 15.44 -22.01
N SER X 805 41.37 15.37 -23.26
CA SER X 805 42.31 16.34 -23.78
C SER X 805 42.12 16.49 -25.28
N ILE X 806 42.57 17.63 -25.80
CA ILE X 806 42.51 17.94 -27.23
C ILE X 806 43.90 18.39 -27.65
N SER X 807 44.45 17.73 -28.68
CA SER X 807 45.76 18.06 -29.21
C SER X 807 45.58 18.75 -30.56
N VAL X 808 46.12 19.96 -30.69
CA VAL X 808 45.96 20.77 -31.88
C VAL X 808 47.32 21.25 -32.34
N ASN X 809 47.34 21.87 -33.53
CA ASN X 809 48.54 22.49 -34.05
C ASN X 809 48.91 23.70 -33.21
N PRO X 810 50.19 24.09 -33.20
CA PRO X 810 50.58 25.24 -32.37
C PRO X 810 49.82 26.51 -32.67
N ASP X 811 49.65 26.85 -33.96
CA ASP X 811 48.96 28.08 -34.32
C ASP X 811 47.50 28.09 -33.89
N ALA X 812 46.93 26.92 -33.60
CA ALA X 812 45.55 26.81 -33.14
C ALA X 812 45.45 26.58 -31.64
N VAL X 813 46.56 26.69 -30.90
CA VAL X 813 46.52 26.41 -29.47
C VAL X 813 45.68 27.45 -28.73
N ILE X 814 46.11 28.72 -28.80
CA ILE X 814 45.52 29.76 -27.96
C ILE X 814 44.02 29.84 -28.20
N ALA X 815 43.60 29.95 -29.47
CA ALA X 815 42.18 30.01 -29.79
C ALA X 815 41.44 28.82 -29.18
N THR X 816 41.98 27.62 -29.35
CA THR X 816 41.34 26.44 -28.77
C THR X 816 41.20 26.60 -27.26
N ARG X 817 42.28 27.05 -26.60
CA ARG X 817 42.22 27.24 -25.16
C ARG X 817 41.11 28.21 -24.79
N ARG X 818 40.89 29.25 -25.60
CA ARG X 818 39.72 30.09 -25.39
C ARG X 818 38.45 29.31 -25.63
N LEU X 819 38.32 28.70 -26.81
CA LEU X 819 37.05 28.11 -27.22
C LEU X 819 36.60 27.06 -26.22
N VAL X 820 37.47 26.08 -25.93
CA VAL X 820 37.12 25.04 -24.98
C VAL X 820 36.63 25.66 -23.68
N ALA X 821 37.36 26.66 -23.17
CA ALA X 821 36.96 27.29 -21.92
C ALA X 821 35.52 27.78 -22.01
N SER X 822 35.21 28.56 -23.05
CA SER X 822 33.86 29.06 -23.21
C SER X 822 32.87 27.91 -23.23
N ILE X 823 33.17 26.88 -24.03
CA ILE X 823 32.26 25.75 -24.14
C ILE X 823 32.05 25.13 -22.77
N GLU X 824 33.14 24.93 -22.02
CA GLU X 824 33.00 24.37 -20.69
C GLU X 824 32.05 25.22 -19.86
N ARG X 825 32.26 26.54 -19.86
CA ARG X 825 31.37 27.43 -19.11
C ARG X 825 29.94 27.25 -19.59
N LYS X 826 29.73 27.22 -20.91
CA LYS X 826 28.39 27.00 -21.44
C LYS X 826 27.82 25.69 -20.91
N ILE X 827 28.60 24.61 -21.00
CA ILE X 827 28.12 23.33 -20.49
C ILE X 827 27.80 23.45 -19.01
N MET X 828 28.64 24.17 -18.27
CA MET X 828 28.46 24.27 -16.82
C MET X 828 27.16 24.98 -16.51
N LEU X 829 26.67 25.82 -17.42
CA LEU X 829 25.32 26.36 -17.30
C LEU X 829 24.28 25.30 -17.67
N LYS X 830 24.41 24.71 -18.86
CA LYS X 830 23.35 23.88 -19.42
C LYS X 830 23.01 22.73 -18.47
N ARG X 831 24.02 21.98 -18.03
CA ARG X 831 23.80 20.88 -17.10
C ARG X 831 23.00 21.34 -15.90
N LEU X 832 23.36 22.49 -15.31
CA LEU X 832 22.60 23.00 -14.17
C LEU X 832 21.13 23.10 -14.51
N ASN X 833 20.79 23.75 -15.63
CA ASN X 833 19.39 23.84 -16.04
C ASN X 833 18.78 22.45 -16.10
N LYS X 834 19.43 21.52 -16.79
CA LYS X 834 18.89 20.17 -16.89
C LYS X 834 18.60 19.60 -15.51
N ILE X 835 19.56 19.76 -14.59
CA ILE X 835 19.37 19.23 -13.24
C ILE X 835 18.09 19.79 -12.65
N MET X 836 17.92 21.11 -12.72
CA MET X 836 16.70 21.72 -12.19
C MET X 836 15.48 21.11 -12.86
N ASP X 837 15.49 21.02 -14.19
CA ASP X 837 14.37 20.41 -14.90
C ASP X 837 14.17 18.99 -14.42
N LYS X 838 15.26 18.23 -14.32
CA LYS X 838 15.17 16.87 -13.80
C LYS X 838 14.54 16.87 -12.42
N LEU X 839 15.00 17.78 -11.56
CA LEU X 839 14.45 17.85 -10.21
C LEU X 839 12.95 18.14 -10.24
N ASN X 840 12.54 18.99 -11.19
CA ASN X 840 11.11 19.26 -11.32
C ASN X 840 10.33 17.98 -11.55
N LYS X 841 10.82 17.13 -12.45
CA LYS X 841 10.10 15.89 -12.76
C LYS X 841 10.04 14.98 -11.53
N LEU X 842 10.97 15.16 -10.59
CA LEU X 842 10.92 14.36 -9.37
C LEU X 842 9.79 14.83 -8.46
N GLU X 843 9.52 16.13 -8.41
CA GLU X 843 8.51 16.62 -7.49
C GLU X 843 7.10 16.50 -8.06
N LEU X 844 6.99 16.22 -9.35
CA LEU X 844 5.67 16.07 -9.99
C LEU X 844 5.51 14.68 -10.58
MG MG Y . 36.83 -44.29 -21.32
MG MG Z . 29.50 -1.98 53.84
MG MG AA . -29.37 50.71 18.44
MG MG BA . -8.66 50.48 -33.92
MG MG CA . 58.35 16.78 9.29
MG MG DA . 18.30 48.87 32.41
MG MG EA . -40.50 -13.58 44.13
MG MG FA . -22.02 8.39 -56.73
MG MG GA . 59.30 -7.01 14.39
MG MG HA . 32.35 -5.40 -51.94
MG MG IA . 15.03 46.21 -37.58
MG MG JA . 26.18 54.64 10.11
MG MG KA . -60.47 -10.71 -1.29
MG MG LA . 6.55 -44.41 41.92
MG MG MA . -57.18 0.96 -22.40
MG MG NA . -32.88 -49.40 -15.85
MG MG OA . -39.05 10.64 46.20
MG MG PA . -16.08 -15.21 -57.30
MG MG QA . -43.82 43.04 0.40
MG MG RA . 8.60 8.80 60.18
MG MG SA . 36.35 -49.46 2.47
MG MG TA . -11.59 -54.10 -26.68
MG MG UA . -12.92 -52.26 29.57
MG MG VA . 47.21 8.34 -38.41
#